data_5XQG
#
_entry.id   5XQG
#
_cell.length_a   167.878
_cell.length_b   171.935
_cell.length_c   342.380
_cell.angle_alpha   90.00
_cell.angle_beta   90.00
_cell.angle_gamma   90.00
#
_symmetry.space_group_name_H-M   'P 21 21 21'
#
loop_
_entity.id
_entity.type
_entity.pdbx_description
1 polymer 'Pcrglx protein'
2 branched '2,6-anhydro-3-deoxy-L-threo-hex-2-enonic acid-(1-2)-alpha-L-rhamnopyranose'
3 non-polymer 'CALCIUM ION'
4 water water
#
_entity_poly.entity_id   1
_entity_poly.type   'polypeptide(L)'
_entity_poly.pdbx_seq_one_letter_code
;FNCTSSSATVHWLGDKPTYHAGVTFGLPWPQGKYRPQETSFSLTGDTEDKSELQSWATGYWADGSLKWTAHAIAESNQIY
DQYTVTASSLGCVKSSSSSSESSAPNSSIVVTDNSDALTVNTGEVAVSFPKGGNVIIGDIKTKSGKVIGANGRLVLQSQD
SVPDNFDNRANSPIQYSNFDGNINEVFVNQTSARTLVTVRGNHTVTDGTDHDPWLPFVVRFYLYANSATIKVMHSIVFDG
DENDFITGLGIRFDVPLKGEEYYDRHIRFAGVDGGIFNEAVQGITGLRRDPGEEIRAAQFAGQKLADTETWEPRVSTRLK
WIPTWADYGLTQLTADGFGLKKRTKAGQSWVNIPSGTRAEGLAYLGGATQGGLAVGLRDFWKRYPVGLDISNAASDTGEL
TLWLYSPAAEPLDLRPFHDGLGQDGYEDQLDALEITYEDWEPGFDTPYGIARTSEVYLFAFDQTPTSDKLASLTAYMNDP
PVLVAEPKYIHETQALGEYWALPGSASPAAATLEDRLQFIFDFYKGQIEQRRWYGFLDYGDFMHTYDPDRHTWRYDVGGY
AWDNSELSPDLFFWLYFLRTGSKDAYRFAEALTRHTGEVDVYHIGDWKGLGTRHGVQHWSDSAKQARISQPQYRKYFFYL
SGGDERVGELLEELLDTDKTYGELDPQRKVRTDGWEPSPNSTVSFGLGTDWSGLAAGWLIEWERRGPRWEEAKTKLTNTI
AGIANLTNGFVTGSGLYDPVTWTLGPPPSDPGNRGNVSISHLNAVFGLPEVVSEAIAYLADDIPKGFKQAWLDYCYYYHA
SASEQKDRYGVSFSKISLLQAHSRLAAYAAYETKNKTLALRAWKDFYASDGLLPDAPWNITHVDGSDVLVPVDEAAWLAT
NDIAQYGLAVIQNLAYVSDSLDDYQS
;
_entity_poly.pdbx_strand_id   A,B,C,D,E,F,G,H
#
loop_
_chem_comp.id
_chem_comp.type
_chem_comp.name
_chem_comp.formula
CA non-polymer 'CALCIUM ION' 'Ca 2'
GAD L-saccharide '2,6-anhydro-3-deoxy-L-threo-hex-2-enonic acid' 'C6 H8 O5'
RAM L-saccharide, alpha linking alpha-L-rhamnopyranose 'C6 H12 O5'
#
# COMPACT_ATOMS: atom_id res chain seq x y z
N ASN A 2 -57.57 13.09 -17.62
CA ASN A 2 -56.94 13.96 -18.66
C ASN A 2 -55.80 14.81 -18.03
N CYS A 3 -55.58 16.05 -18.50
CA CYS A 3 -54.46 16.89 -18.04
C CYS A 3 -54.71 17.67 -16.73
N THR A 4 -53.76 17.58 -15.81
CA THR A 4 -53.73 18.31 -14.54
C THR A 4 -52.28 18.82 -14.38
N SER A 5 -52.16 20.13 -14.18
CA SER A 5 -50.88 20.79 -14.04
C SER A 5 -51.06 21.89 -13.04
N SER A 6 -50.02 22.22 -12.29
CA SER A 6 -50.06 23.32 -11.32
C SER A 6 -48.65 23.64 -10.94
N SER A 7 -48.43 24.77 -10.29
CA SER A 7 -47.08 25.26 -10.05
C SER A 7 -46.88 25.65 -8.62
N ALA A 8 -45.62 25.63 -8.18
CA ALA A 8 -45.26 26.09 -6.85
C ALA A 8 -43.91 26.77 -6.91
N THR A 9 -43.81 27.91 -6.26
CA THR A 9 -42.62 28.71 -6.24
C THR A 9 -41.87 28.41 -4.95
N VAL A 10 -40.56 28.46 -5.07
CA VAL A 10 -39.65 28.10 -4.03
C VAL A 10 -38.65 29.27 -3.97
N HIS A 11 -38.29 29.71 -2.76
CA HIS A 11 -37.45 30.90 -2.57
C HIS A 11 -36.25 30.50 -1.77
N TRP A 12 -35.19 31.30 -1.91
CA TRP A 12 -34.05 31.24 -0.99
C TRP A 12 -34.53 31.68 0.40
N LEU A 13 -34.01 30.98 1.40
CA LEU A 13 -34.38 31.14 2.80
C LEU A 13 -34.08 32.53 3.29
N GLY A 14 -32.95 33.10 2.93
CA GLY A 14 -32.73 34.53 3.23
C GLY A 14 -32.41 35.32 1.98
N ASP A 15 -31.26 36.02 1.98
CA ASP A 15 -30.78 36.72 0.79
C ASP A 15 -30.39 35.71 -0.32
N LYS A 16 -30.60 36.12 -1.56
CA LYS A 16 -30.16 35.40 -2.73
C LYS A 16 -28.65 35.08 -2.60
N PRO A 17 -28.23 33.80 -2.76
CA PRO A 17 -26.83 33.49 -2.54
C PRO A 17 -25.92 33.89 -3.69
N THR A 18 -24.65 34.06 -3.33
CA THR A 18 -23.58 34.37 -4.30
C THR A 18 -23.12 33.09 -5.01
N TYR A 19 -23.15 31.98 -4.29
CA TYR A 19 -22.72 30.69 -4.76
C TYR A 19 -23.61 29.61 -4.18
N HIS A 20 -23.95 28.62 -5.01
CA HIS A 20 -24.41 27.35 -4.46
C HIS A 20 -23.75 26.21 -5.22
N ALA A 21 -23.93 25.00 -4.69
CA ALA A 21 -23.16 23.84 -5.10
C ALA A 21 -24.12 22.70 -5.42
N GLY A 22 -25.24 23.11 -6.00
CA GLY A 22 -26.47 22.33 -6.04
C GLY A 22 -27.22 22.15 -4.75
N VAL A 23 -28.55 22.14 -4.81
CA VAL A 23 -29.38 22.08 -3.60
C VAL A 23 -30.57 21.14 -3.80
N THR A 24 -31.11 20.64 -2.70
CA THR A 24 -32.29 19.81 -2.69
C THR A 24 -33.37 20.59 -1.93
N PHE A 25 -34.63 20.45 -2.35
CA PHE A 25 -35.74 21.03 -1.62
C PHE A 25 -36.95 20.13 -1.69
N GLY A 26 -37.97 20.50 -0.92
CA GLY A 26 -39.21 19.76 -0.76
C GLY A 26 -40.29 20.54 -1.44
N LEU A 27 -41.35 19.85 -1.86
CA LEU A 27 -42.55 20.53 -2.33
C LEU A 27 -43.71 19.64 -1.91
N PRO A 28 -44.76 20.23 -1.37
CA PRO A 28 -45.97 19.52 -1.03
C PRO A 28 -47.00 19.59 -2.15
N TRP A 29 -47.93 18.65 -2.18
CA TRP A 29 -48.92 18.59 -3.28
C TRP A 29 -50.25 18.25 -2.65
N PRO A 30 -51.36 18.87 -3.12
CA PRO A 30 -52.70 18.64 -2.48
C PRO A 30 -53.23 17.21 -2.60
N GLN A 31 -53.96 16.80 -1.59
CA GLN A 31 -54.39 15.43 -1.57
C GLN A 31 -55.05 15.05 -2.89
N GLY A 32 -54.62 13.93 -3.45
CA GLY A 32 -55.29 13.25 -4.58
C GLY A 32 -55.01 13.78 -5.96
N LYS A 33 -54.08 14.71 -6.07
CA LYS A 33 -53.94 15.46 -7.28
C LYS A 33 -53.03 14.78 -8.27
N TYR A 34 -51.86 14.33 -7.79
CA TYR A 34 -50.86 13.70 -8.67
C TYR A 34 -50.48 12.30 -8.24
N ARG A 35 -50.45 11.38 -9.20
CA ARG A 35 -50.08 10.00 -8.91
C ARG A 35 -48.56 9.84 -9.02
N PRO A 36 -47.97 8.95 -8.20
CA PRO A 36 -46.53 8.68 -8.24
C PRO A 36 -46.18 7.99 -9.52
N GLN A 37 -45.03 8.35 -10.11
CA GLN A 37 -44.55 7.75 -11.37
C GLN A 37 -45.31 8.19 -12.62
N GLU A 38 -46.47 8.86 -12.49
CA GLU A 38 -47.26 9.37 -13.64
C GLU A 38 -47.27 10.91 -13.68
N THR A 39 -46.20 11.53 -13.14
CA THR A 39 -46.14 12.99 -12.89
C THR A 39 -44.77 13.58 -13.18
N SER A 40 -44.74 14.53 -14.08
CA SER A 40 -43.52 15.11 -14.54
C SER A 40 -43.35 16.55 -13.92
N PHE A 41 -42.09 16.97 -13.72
CA PHE A 41 -41.77 18.26 -13.06
C PHE A 41 -40.76 19.12 -13.87
N SER A 42 -41.03 20.40 -14.04
CA SER A 42 -40.10 21.27 -14.78
C SER A 42 -39.85 22.52 -13.99
N LEU A 43 -38.72 23.14 -14.27
CA LEU A 43 -38.18 24.22 -13.46
C LEU A 43 -38.21 25.48 -14.27
N THR A 44 -38.34 26.66 -13.63
CA THR A 44 -38.44 27.96 -14.36
C THR A 44 -37.71 29.20 -13.78
N LEU A 53 -35.79 19.24 -14.57
CA LEU A 53 -35.71 19.08 -13.10
C LEU A 53 -35.89 17.64 -12.50
N GLN A 54 -34.85 17.23 -11.77
CA GLN A 54 -34.71 15.96 -11.07
C GLN A 54 -35.60 15.78 -9.82
N SER A 55 -36.33 14.67 -9.69
CA SER A 55 -37.44 14.59 -8.71
C SER A 55 -37.79 13.19 -8.24
N TRP A 56 -38.18 13.09 -6.98
CA TRP A 56 -38.56 11.83 -6.38
C TRP A 56 -39.51 12.11 -5.21
N ALA A 57 -40.18 11.09 -4.72
CA ALA A 57 -41.21 11.24 -3.73
C ALA A 57 -40.61 11.01 -2.36
N THR A 58 -40.99 11.81 -1.35
CA THR A 58 -40.55 11.52 0.01
C THR A 58 -41.70 11.12 0.85
N GLY A 59 -42.91 11.38 0.37
CA GLY A 59 -44.12 11.03 1.09
C GLY A 59 -45.39 10.99 0.25
N TYR A 60 -46.39 10.28 0.74
CA TYR A 60 -47.61 9.99 -0.01
C TYR A 60 -48.83 10.19 0.87
N TRP A 61 -49.97 10.48 0.25
CA TRP A 61 -51.26 10.52 0.95
C TRP A 61 -51.84 9.13 1.08
N ALA A 62 -52.91 8.96 1.85
CA ALA A 62 -53.52 7.64 2.10
C ALA A 62 -53.96 6.89 0.83
N ASP A 63 -54.47 7.61 -0.16
CA ASP A 63 -54.78 7.03 -1.49
C ASP A 63 -53.61 6.88 -2.45
N GLY A 64 -52.38 7.07 -1.99
CA GLY A 64 -51.20 6.92 -2.82
C GLY A 64 -50.80 8.10 -3.71
N SER A 65 -51.52 9.21 -3.64
CA SER A 65 -51.11 10.40 -4.36
C SER A 65 -49.94 11.06 -3.62
N LEU A 66 -49.15 11.82 -4.35
CA LEU A 66 -48.00 12.45 -3.81
C LEU A 66 -48.37 13.51 -2.75
N LYS A 67 -47.78 13.35 -1.58
CA LYS A 67 -47.88 14.32 -0.49
C LYS A 67 -46.69 15.30 -0.52
N TRP A 68 -45.50 14.75 -0.65
CA TRP A 68 -44.26 15.53 -0.63
C TRP A 68 -43.29 14.89 -1.61
N THR A 69 -42.56 15.75 -2.31
CA THR A 69 -41.53 15.36 -3.24
C THR A 69 -40.24 16.07 -2.89
N ALA A 70 -39.16 15.56 -3.43
CA ALA A 70 -37.91 16.25 -3.36
C ALA A 70 -37.41 16.50 -4.72
N HIS A 71 -36.52 17.48 -4.80
CA HIS A 71 -36.07 17.99 -6.04
C HIS A 71 -34.68 18.42 -5.84
N ALA A 72 -33.90 18.32 -6.92
CA ALA A 72 -32.49 18.60 -6.85
C ALA A 72 -32.10 19.37 -8.08
N ILE A 73 -31.26 20.40 -7.88
CA ILE A 73 -30.65 21.17 -8.98
C ILE A 73 -29.11 21.11 -8.92
N ALA A 74 -28.51 21.06 -10.09
CA ALA A 74 -27.07 21.05 -10.28
C ALA A 74 -26.43 22.40 -9.91
N GLU A 75 -25.15 22.39 -9.49
CA GLU A 75 -24.36 23.64 -9.41
C GLU A 75 -24.51 24.46 -10.73
N SER A 76 -24.68 25.79 -10.58
CA SER A 76 -24.85 26.70 -11.71
C SER A 76 -24.38 28.12 -11.34
N ASN A 77 -23.61 28.78 -12.23
CA ASN A 77 -23.25 30.23 -12.08
C ASN A 77 -24.47 31.11 -12.06
N GLN A 78 -25.50 30.69 -12.78
CA GLN A 78 -26.77 31.40 -12.84
C GLN A 78 -27.61 31.05 -11.63
N ILE A 79 -28.02 32.08 -10.91
CA ILE A 79 -28.74 31.93 -9.67
C ILE A 79 -29.89 32.90 -9.71
N TYR A 80 -31.11 32.39 -9.46
CA TYR A 80 -32.35 33.18 -9.60
C TYR A 80 -32.84 33.67 -8.25
N ASP A 81 -33.78 34.62 -8.24
CA ASP A 81 -34.44 35.05 -6.99
C ASP A 81 -35.47 34.08 -6.53
N GLN A 82 -35.94 33.25 -7.46
CA GLN A 82 -36.98 32.29 -7.17
C GLN A 82 -36.99 31.25 -8.27
N TYR A 83 -37.74 30.18 -8.04
CA TYR A 83 -37.69 29.00 -8.89
C TYR A 83 -39.09 28.43 -8.87
N THR A 84 -39.67 28.20 -10.03
CA THR A 84 -40.98 27.65 -10.08
C THR A 84 -40.94 26.26 -10.67
N VAL A 85 -41.55 25.34 -9.94
CA VAL A 85 -41.70 23.97 -10.36
C VAL A 85 -43.13 23.82 -10.88
N THR A 86 -43.29 23.37 -12.14
CA THR A 86 -44.62 23.04 -12.65
C THR A 86 -44.77 21.56 -12.68
N ALA A 87 -45.77 21.03 -12.01
CA ALA A 87 -46.13 19.62 -12.12
C ALA A 87 -47.06 19.47 -13.30
N SER A 88 -46.99 18.33 -13.99
CA SER A 88 -47.90 17.96 -15.09
C SER A 88 -48.20 16.47 -15.01
N SER A 89 -49.45 16.06 -15.04
CA SER A 89 -49.77 14.63 -15.17
C SER A 89 -49.38 14.12 -16.51
N LEU A 90 -49.27 12.81 -16.59
CA LEU A 90 -48.97 12.09 -17.86
C LEU A 90 -49.97 12.42 -18.93
N GLY A 91 -51.24 12.46 -18.53
CA GLY A 91 -52.31 13.01 -19.34
C GLY A 91 -52.01 14.25 -20.16
N CYS A 92 -51.16 15.15 -19.68
CA CYS A 92 -50.85 16.37 -20.44
C CYS A 92 -50.00 16.14 -21.71
N VAL A 93 -49.14 15.12 -21.69
CA VAL A 93 -48.29 14.80 -22.86
C VAL A 93 -48.98 13.77 -23.81
N LYS A 94 -49.59 12.74 -23.21
CA LYS A 94 -50.40 11.72 -23.89
C LYS A 94 -51.69 12.23 -24.59
N SER A 95 -52.13 13.45 -24.29
CA SER A 95 -53.31 14.05 -24.94
C SER A 95 -52.96 15.03 -26.05
N SER A 96 -51.81 15.75 -25.92
CA SER A 96 -51.30 16.65 -26.99
C SER A 96 -50.60 15.82 -28.08
N SER A 97 -50.91 16.16 -29.33
CA SER A 97 -50.11 15.77 -30.49
C SER A 97 -49.29 16.99 -30.90
N SER A 98 -48.21 17.23 -30.14
CA SER A 98 -47.19 18.23 -30.44
C SER A 98 -45.84 17.50 -30.43
N SER A 99 -45.00 17.69 -31.45
CA SER A 99 -43.61 17.20 -31.36
C SER A 99 -42.85 18.14 -30.44
N SER A 100 -41.98 17.60 -29.59
CA SER A 100 -41.20 18.39 -28.66
C SER A 100 -39.76 17.81 -28.45
N GLU A 101 -38.77 18.69 -28.36
CA GLU A 101 -37.35 18.26 -28.35
C GLU A 101 -36.96 17.52 -27.07
N SER A 102 -36.03 16.59 -27.20
CA SER A 102 -35.53 15.82 -26.09
C SER A 102 -34.04 15.97 -26.12
N SER A 103 -33.46 16.70 -25.16
CA SER A 103 -31.99 16.89 -25.17
C SER A 103 -31.36 16.56 -23.84
N ALA A 104 -30.06 16.24 -23.89
CA ALA A 104 -29.30 15.93 -22.68
C ALA A 104 -29.10 17.19 -21.82
N PRO A 105 -29.06 17.03 -20.49
CA PRO A 105 -28.86 18.24 -19.68
C PRO A 105 -27.44 18.79 -19.82
N ASN A 106 -27.25 20.10 -19.56
CA ASN A 106 -25.95 20.78 -19.68
C ASN A 106 -24.85 19.96 -18.95
N SER A 107 -25.21 19.48 -17.76
CA SER A 107 -24.32 18.71 -16.89
C SER A 107 -25.07 17.52 -16.28
N SER A 108 -24.32 16.45 -15.97
CA SER A 108 -24.92 15.18 -15.54
C SER A 108 -23.90 14.19 -15.01
N ILE A 109 -24.21 13.59 -13.86
CA ILE A 109 -23.34 12.69 -13.12
C ILE A 109 -23.31 11.30 -13.78
N VAL A 110 -22.13 10.67 -13.78
CA VAL A 110 -22.00 9.26 -14.16
C VAL A 110 -21.28 8.53 -13.03
N VAL A 111 -21.65 7.27 -12.83
CA VAL A 111 -21.04 6.44 -11.78
C VAL A 111 -20.63 5.08 -12.36
N THR A 112 -19.37 4.71 -12.19
CA THR A 112 -18.83 3.43 -12.66
C THR A 112 -18.66 2.60 -11.38
N ASP A 113 -18.98 1.30 -11.45
CA ASP A 113 -19.27 0.49 -10.25
C ASP A 113 -18.74 -0.95 -10.30
N ASN A 114 -17.69 -1.27 -9.55
CA ASN A 114 -17.15 -2.66 -9.53
C ASN A 114 -16.82 -3.22 -8.14
N SER A 115 -16.49 -4.52 -8.10
CA SER A 115 -16.06 -5.25 -6.91
C SER A 115 -15.19 -4.43 -5.92
N ASP A 116 -14.18 -3.73 -6.47
CA ASP A 116 -13.17 -3.03 -5.66
C ASP A 116 -13.75 -1.74 -5.10
N ALA A 117 -14.46 -0.99 -5.93
CA ALA A 117 -14.76 0.43 -5.68
C ALA A 117 -15.81 1.06 -6.61
N LEU A 118 -16.42 2.12 -6.07
CA LEU A 118 -17.48 2.88 -6.71
C LEU A 118 -16.95 4.28 -7.00
N THR A 119 -17.14 4.77 -8.22
CA THR A 119 -16.61 6.08 -8.61
C THR A 119 -17.75 6.99 -9.08
N VAL A 120 -17.76 8.24 -8.61
CA VAL A 120 -18.81 9.22 -8.94
C VAL A 120 -18.18 10.40 -9.65
N ASN A 121 -18.59 10.64 -10.89
CA ASN A 121 -18.08 11.80 -11.65
C ASN A 121 -19.15 12.88 -11.94
N THR A 122 -18.90 14.09 -11.46
CA THR A 122 -19.85 15.20 -11.56
C THR A 122 -19.63 16.05 -12.79
N GLY A 123 -18.54 15.83 -13.52
CA GLY A 123 -18.10 16.76 -14.54
C GLY A 123 -17.03 17.70 -14.03
N GLU A 124 -17.03 17.98 -12.71
CA GLU A 124 -16.05 18.84 -12.11
C GLU A 124 -15.12 18.13 -11.12
N VAL A 125 -15.56 17.00 -10.55
CA VAL A 125 -14.67 16.05 -9.86
C VAL A 125 -15.04 14.59 -10.08
N ALA A 126 -14.07 13.71 -9.86
CA ALA A 126 -14.26 12.28 -9.91
C ALA A 126 -13.83 11.74 -8.56
N VAL A 127 -14.73 11.16 -7.78
CA VAL A 127 -14.30 10.58 -6.51
C VAL A 127 -14.68 9.09 -6.35
N SER A 128 -13.69 8.33 -5.81
CA SER A 128 -13.78 6.88 -5.63
C SER A 128 -14.06 6.53 -4.19
N PHE A 129 -14.89 5.53 -3.97
CA PHE A 129 -15.22 5.04 -2.65
C PHE A 129 -14.94 3.54 -2.62
N PRO A 130 -13.86 3.12 -1.95
CA PRO A 130 -13.68 1.69 -1.75
C PRO A 130 -14.89 1.01 -1.14
N LYS A 131 -15.05 -0.29 -1.38
CA LYS A 131 -16.19 -1.09 -0.84
C LYS A 131 -15.83 -1.85 0.39
N GLY A 132 -14.57 -1.78 0.77
CA GLY A 132 -14.07 -2.37 2.00
C GLY A 132 -12.79 -1.64 2.35
N GLY A 133 -12.22 -1.98 3.50
CA GLY A 133 -10.99 -1.35 3.91
C GLY A 133 -11.11 -0.20 4.90
N ASN A 134 -10.00 0.48 5.07
CA ASN A 134 -9.82 1.44 6.13
C ASN A 134 -9.65 2.86 5.54
N VAL A 135 -10.06 3.02 4.26
CA VAL A 135 -10.01 4.28 3.50
C VAL A 135 -11.36 4.59 2.78
N ILE A 136 -12.05 5.64 3.23
CA ILE A 136 -13.43 5.98 2.78
C ILE A 136 -13.45 6.51 1.36
N ILE A 137 -12.47 7.36 1.05
CA ILE A 137 -12.30 7.93 -0.27
C ILE A 137 -10.91 7.54 -0.74
N GLY A 138 -10.85 6.84 -1.87
CA GLY A 138 -9.60 6.43 -2.49
C GLY A 138 -8.84 7.64 -2.95
N ASP A 139 -9.45 8.40 -3.85
CA ASP A 139 -8.91 9.69 -4.31
C ASP A 139 -9.95 10.63 -4.97
N ILE A 140 -9.51 11.87 -5.22
CA ILE A 140 -10.31 12.92 -5.78
C ILE A 140 -9.51 13.51 -6.93
N LYS A 141 -10.05 13.37 -8.11
CA LYS A 141 -9.51 13.95 -9.32
C LYS A 141 -10.37 15.13 -9.77
N THR A 142 -9.73 16.14 -10.33
CA THR A 142 -10.44 17.23 -11.00
C THR A 142 -10.77 16.84 -12.45
N LYS A 143 -11.41 17.75 -13.21
CA LYS A 143 -11.79 17.56 -14.64
C LYS A 143 -10.69 16.88 -15.43
N SER A 144 -9.49 17.52 -15.39
CA SER A 144 -8.33 17.13 -16.20
C SER A 144 -7.87 15.69 -15.91
N GLY A 145 -8.14 15.17 -14.70
CA GLY A 145 -7.70 13.84 -14.28
C GLY A 145 -6.64 13.89 -13.19
N LYS A 146 -6.22 15.13 -12.88
CA LYS A 146 -5.28 15.44 -11.81
C LYS A 146 -5.80 15.03 -10.42
N VAL A 147 -5.12 14.08 -9.79
CA VAL A 147 -5.40 13.74 -8.40
C VAL A 147 -5.03 14.90 -7.48
N ILE A 148 -6.02 15.38 -6.73
CA ILE A 148 -5.82 16.48 -5.79
C ILE A 148 -5.98 16.11 -4.31
N GLY A 149 -6.49 14.92 -4.02
CA GLY A 149 -6.46 14.45 -2.65
C GLY A 149 -6.73 12.97 -2.65
N ALA A 150 -6.26 12.27 -1.62
CA ALA A 150 -6.36 10.81 -1.58
C ALA A 150 -6.59 10.31 -0.19
N ASN A 151 -6.93 9.03 -0.11
CA ASN A 151 -7.10 8.27 1.16
C ASN A 151 -7.80 9.05 2.23
N GLY A 152 -8.88 9.69 1.84
CA GLY A 152 -9.80 10.17 2.85
C GLY A 152 -10.08 9.03 3.81
N ARG A 153 -9.97 9.31 5.10
CA ARG A 153 -10.18 8.29 6.11
C ARG A 153 -10.67 8.92 7.41
N LEU A 154 -11.34 8.13 8.22
CA LEU A 154 -11.77 8.58 9.53
C LEU A 154 -10.70 8.24 10.52
N VAL A 155 -10.52 9.12 11.51
CA VAL A 155 -9.67 8.85 12.66
C VAL A 155 -10.46 8.98 13.97
N LEU A 156 -10.05 8.14 14.92
CA LEU A 156 -10.59 8.20 16.26
C LEU A 156 -9.43 7.94 17.19
N GLN A 157 -9.43 8.59 18.32
CA GLN A 157 -8.39 8.35 19.31
C GLN A 157 -9.07 8.38 20.64
N SER A 158 -8.59 7.59 21.60
CA SER A 158 -9.21 7.46 22.90
C SER A 158 -8.20 7.10 23.96
N GLN A 159 -8.66 7.05 25.21
CA GLN A 159 -7.83 6.59 26.32
C GLN A 159 -8.64 5.77 27.29
N ASP A 160 -7.94 4.91 28.01
CA ASP A 160 -8.50 3.81 28.83
C ASP A 160 -8.93 4.31 30.21
N SER A 161 -8.43 5.48 30.62
CA SER A 161 -8.80 6.05 31.90
C SER A 161 -8.40 7.50 31.97
N VAL A 162 -8.75 8.13 33.08
CA VAL A 162 -8.54 9.55 33.29
C VAL A 162 -7.99 9.79 34.70
N PRO A 163 -6.99 10.68 34.84
CA PRO A 163 -6.54 11.00 36.20
C PRO A 163 -7.57 11.84 36.97
N ASP A 164 -7.62 11.67 38.29
CA ASP A 164 -8.54 12.44 39.13
C ASP A 164 -8.35 13.97 38.97
N ASN A 165 -7.10 14.38 38.72
CA ASN A 165 -6.75 15.79 38.57
C ASN A 165 -5.36 15.86 37.94
N PHE A 166 -4.80 17.05 37.78
CA PHE A 166 -3.54 17.24 37.03
C PHE A 166 -2.36 16.62 37.78
N ASP A 167 -2.33 16.84 39.10
CA ASP A 167 -1.39 16.17 40.01
C ASP A 167 -1.38 14.63 39.91
N ASN A 168 -2.53 14.02 39.67
CA ASN A 168 -2.64 12.56 39.62
C ASN A 168 -1.99 11.95 38.34
N ARG A 169 -1.60 12.76 37.36
CA ARG A 169 -0.96 12.24 36.15
C ARG A 169 0.28 11.40 36.48
N ALA A 170 1.07 11.89 37.43
CA ALA A 170 2.28 11.22 37.93
C ALA A 170 2.06 9.82 38.48
N ASN A 171 0.86 9.55 38.99
CA ASN A 171 0.52 8.31 39.67
C ASN A 171 -0.62 7.58 39.01
N SER A 172 -0.96 7.93 37.78
CA SER A 172 -2.19 7.42 37.12
C SER A 172 -1.95 7.31 35.63
N PRO A 173 -1.31 6.22 35.22
CA PRO A 173 -0.82 6.22 33.86
C PRO A 173 -2.02 6.11 32.92
N ILE A 174 -1.85 6.63 31.70
CA ILE A 174 -2.89 6.70 30.65
C ILE A 174 -2.43 5.85 29.44
N GLN A 175 -3.22 4.88 28.96
CA GLN A 175 -2.92 4.09 27.72
C GLN A 175 -3.69 4.65 26.47
N TYR A 176 -2.97 5.33 25.58
CA TYR A 176 -3.59 5.89 24.39
C TYR A 176 -3.76 4.83 23.32
N SER A 177 -4.88 4.89 22.60
CA SER A 177 -5.18 4.04 21.44
C SER A 177 -5.61 4.91 20.23
N ASN A 178 -5.28 4.47 19.01
CA ASN A 178 -5.72 5.07 17.77
C ASN A 178 -6.60 4.08 16.96
N PHE A 179 -7.61 4.59 16.28
CA PHE A 179 -8.54 3.82 15.46
C PHE A 179 -8.78 4.44 14.09
N ASP A 180 -9.28 3.59 13.21
CA ASP A 180 -9.41 3.82 11.76
C ASP A 180 -10.89 3.58 11.47
N GLY A 181 -11.44 4.28 10.50
CA GLY A 181 -12.76 3.94 10.02
C GLY A 181 -12.71 2.73 9.14
N ASN A 182 -13.42 1.69 9.52
CA ASN A 182 -13.46 0.43 8.75
C ASN A 182 -14.81 0.23 8.03
N ILE A 183 -14.79 0.22 6.69
CA ILE A 183 -15.98 0.11 5.84
C ILE A 183 -16.62 -1.31 5.81
N ASN A 184 -17.93 -1.39 6.01
CA ASN A 184 -18.67 -2.66 5.94
C ASN A 184 -19.62 -2.72 4.75
N GLU A 185 -20.30 -1.61 4.48
CA GLU A 185 -21.25 -1.50 3.37
C GLU A 185 -21.10 -0.17 2.71
N VAL A 186 -21.43 -0.09 1.43
CA VAL A 186 -21.50 1.16 0.71
C VAL A 186 -22.75 1.12 -0.14
N PHE A 187 -23.51 2.22 -0.19
CA PHE A 187 -24.74 2.32 -0.99
C PHE A 187 -24.72 3.51 -1.92
N VAL A 188 -25.60 3.52 -2.89
CA VAL A 188 -25.67 4.66 -3.80
C VAL A 188 -27.11 4.95 -4.08
N ASN A 189 -27.45 6.23 -4.09
CA ASN A 189 -28.69 6.73 -4.61
C ASN A 189 -28.27 7.66 -5.69
N GLN A 190 -28.14 7.10 -6.88
CA GLN A 190 -27.70 7.81 -8.07
C GLN A 190 -28.85 8.52 -8.79
N THR A 191 -28.67 9.82 -9.07
CA THR A 191 -29.45 10.50 -10.10
C THR A 191 -28.49 11.37 -10.85
N SER A 192 -28.95 11.75 -12.04
CA SER A 192 -28.26 12.63 -12.96
C SER A 192 -27.76 13.97 -12.34
N ALA A 193 -28.59 14.59 -11.49
CA ALA A 193 -28.29 15.93 -10.93
C ALA A 193 -27.67 15.83 -9.55
N ARG A 194 -28.07 14.85 -8.75
CA ARG A 194 -27.24 14.53 -7.60
C ARG A 194 -27.17 13.07 -7.25
N THR A 195 -26.05 12.74 -6.60
CA THR A 195 -25.78 11.37 -6.19
C THR A 195 -25.36 11.35 -4.74
N LEU A 196 -25.87 10.36 -4.03
CA LEU A 196 -25.62 10.15 -2.64
C LEU A 196 -24.96 8.78 -2.41
N VAL A 197 -23.72 8.82 -1.91
CA VAL A 197 -22.99 7.64 -1.45
C VAL A 197 -23.12 7.59 0.04
N THR A 198 -23.74 6.54 0.55
CA THR A 198 -23.84 6.27 1.97
C THR A 198 -22.85 5.15 2.33
N VAL A 199 -22.00 5.43 3.33
CA VAL A 199 -20.94 4.52 3.72
C VAL A 199 -21.14 4.25 5.19
N ARG A 200 -21.32 2.96 5.50
CA ARG A 200 -21.47 2.48 6.89
C ARG A 200 -20.27 1.63 7.36
N GLY A 201 -19.90 1.83 8.62
CA GLY A 201 -18.81 1.13 9.23
C GLY A 201 -18.69 1.25 10.73
N ASN A 202 -17.44 1.03 11.13
CA ASN A 202 -16.94 0.79 12.48
C ASN A 202 -15.61 1.42 12.62
N HIS A 203 -15.21 1.66 13.86
CA HIS A 203 -13.84 2.01 14.11
C HIS A 203 -13.03 0.80 14.69
N THR A 204 -11.91 0.48 14.05
CA THR A 204 -11.00 -0.59 14.49
C THR A 204 -9.61 -0.05 14.81
N VAL A 205 -8.91 -0.80 15.68
CA VAL A 205 -7.63 -0.41 16.21
C VAL A 205 -6.55 -0.39 15.11
N THR A 206 -5.75 0.70 15.09
CA THR A 206 -4.47 0.77 14.37
C THR A 206 -3.26 0.77 15.30
N ASP A 207 -3.32 1.47 16.45
CA ASP A 207 -2.20 1.54 17.42
C ASP A 207 -2.73 1.46 18.85
N GLY A 208 -2.26 0.49 19.63
CA GLY A 208 -2.65 0.33 21.04
C GLY A 208 -3.10 -1.11 21.27
N THR A 209 -3.57 -1.41 22.48
CA THR A 209 -3.98 -2.79 22.80
C THR A 209 -5.28 -3.15 22.07
N ASP A 210 -5.54 -4.45 21.97
CA ASP A 210 -6.74 -5.00 21.37
C ASP A 210 -7.88 -4.29 22.01
N HIS A 211 -8.81 -3.89 21.15
CA HIS A 211 -10.02 -3.19 21.51
C HIS A 211 -11.03 -3.65 20.49
N ASP A 212 -12.19 -4.06 20.98
CA ASP A 212 -13.26 -4.49 20.10
C ASP A 212 -13.64 -3.36 19.13
N PRO A 213 -14.05 -3.71 17.92
CA PRO A 213 -14.57 -2.63 17.08
C PRO A 213 -15.71 -1.88 17.75
N TRP A 214 -15.73 -0.57 17.62
CA TRP A 214 -16.74 0.26 18.29
C TRP A 214 -16.95 1.56 17.49
N LEU A 215 -17.76 2.46 18.08
CA LEU A 215 -18.11 3.74 17.52
C LEU A 215 -18.70 3.69 16.09
N PRO A 216 -19.82 2.95 15.96
CA PRO A 216 -20.46 2.78 14.63
C PRO A 216 -20.73 4.11 13.97
N PHE A 217 -20.44 4.19 12.67
CA PHE A 217 -20.57 5.43 11.88
C PHE A 217 -21.38 5.23 10.64
N VAL A 218 -21.88 6.33 10.13
CA VAL A 218 -22.45 6.33 8.80
C VAL A 218 -22.10 7.69 8.24
N VAL A 219 -21.53 7.71 7.04
CA VAL A 219 -21.06 8.97 6.44
C VAL A 219 -21.72 9.08 5.08
N ARG A 220 -22.31 10.24 4.77
CA ARG A 220 -23.12 10.40 3.56
C ARG A 220 -22.47 11.48 2.74
N PHE A 221 -22.22 11.20 1.46
CA PHE A 221 -21.57 12.15 0.61
C PHE A 221 -22.61 12.59 -0.40
N TYR A 222 -22.88 13.89 -0.49
CA TYR A 222 -23.82 14.43 -1.49
C TYR A 222 -22.99 15.10 -2.56
N LEU A 223 -23.01 14.54 -3.76
CA LEU A 223 -22.35 15.14 -4.90
C LEU A 223 -23.40 15.55 -5.91
N TYR A 224 -23.11 16.68 -6.56
CA TYR A 224 -24.05 17.36 -7.41
C TYR A 224 -23.39 17.65 -8.76
N ALA A 225 -24.21 17.65 -9.80
CA ALA A 225 -23.68 17.82 -11.13
C ALA A 225 -23.01 19.20 -11.20
N ASN A 226 -21.88 19.26 -11.89
CA ASN A 226 -21.18 20.48 -12.16
C ASN A 226 -20.57 21.14 -10.88
N SER A 227 -20.34 20.32 -9.85
CA SER A 227 -19.87 20.78 -8.54
C SER A 227 -18.59 20.02 -8.11
N ALA A 228 -17.62 20.79 -7.63
CA ALA A 228 -16.40 20.27 -6.98
C ALA A 228 -16.53 20.41 -5.46
N THR A 229 -17.76 20.66 -5.00
CA THR A 229 -18.09 20.80 -3.58
C THR A 229 -18.93 19.58 -3.15
N ILE A 230 -18.48 18.90 -2.12
CA ILE A 230 -19.12 17.69 -1.66
C ILE A 230 -19.56 17.92 -0.24
N LYS A 231 -20.77 17.60 0.07
CA LYS A 231 -21.32 17.84 1.39
C LYS A 231 -21.34 16.49 2.05
N VAL A 232 -21.08 16.47 3.36
CA VAL A 232 -20.74 15.25 4.10
C VAL A 232 -21.51 15.21 5.41
N MET A 233 -22.44 14.28 5.55
CA MET A 233 -23.11 14.10 6.82
C MET A 233 -22.53 12.91 7.59
N HIS A 234 -21.62 13.27 8.52
CA HIS A 234 -20.87 12.35 9.40
C HIS A 234 -21.68 12.08 10.65
N SER A 235 -22.18 10.85 10.80
CA SER A 235 -22.97 10.45 11.97
C SER A 235 -22.28 9.28 12.68
N ILE A 236 -22.15 9.38 14.01
CA ILE A 236 -21.54 8.35 14.87
C ILE A 236 -22.43 8.06 16.08
N VAL A 237 -22.36 6.82 16.57
CA VAL A 237 -23.13 6.39 17.74
C VAL A 237 -22.17 5.97 18.84
N PHE A 238 -22.46 6.40 20.07
CA PHE A 238 -21.56 6.22 21.21
C PHE A 238 -21.86 4.93 21.96
N ASP A 239 -21.12 3.88 21.61
CA ASP A 239 -21.24 2.55 22.23
C ASP A 239 -20.02 2.21 23.09
N GLY A 240 -19.40 3.23 23.70
CA GLY A 240 -18.24 3.02 24.54
C GLY A 240 -18.75 2.48 25.86
N ASP A 241 -17.85 2.25 26.83
CA ASP A 241 -18.24 2.09 28.27
C ASP A 241 -17.56 3.14 29.18
N GLU A 242 -17.75 3.00 30.50
CA GLU A 242 -17.03 3.77 31.55
C GLU A 242 -15.53 3.93 31.25
N ASN A 243 -14.89 2.95 30.61
CA ASN A 243 -13.45 2.97 30.34
C ASN A 243 -13.01 3.63 29.01
N ASP A 244 -13.95 3.91 28.09
CA ASP A 244 -13.61 4.50 26.78
C ASP A 244 -13.73 6.03 26.80
N PHE A 245 -12.63 6.77 26.85
CA PHE A 245 -12.69 8.26 26.83
C PHE A 245 -12.24 8.78 25.48
N ILE A 246 -13.19 9.23 24.66
CA ILE A 246 -12.80 9.78 23.34
C ILE A 246 -11.88 10.98 23.55
N THR A 247 -10.86 11.05 22.73
CA THR A 247 -9.79 12.02 22.84
C THR A 247 -9.61 12.88 21.58
N GLY A 248 -10.15 12.40 20.47
CA GLY A 248 -9.79 12.87 19.18
C GLY A 248 -10.69 12.15 18.19
N LEU A 249 -11.27 12.92 17.29
CA LEU A 249 -12.22 12.43 16.33
C LEU A 249 -12.10 13.31 15.11
N GLY A 250 -11.78 12.72 13.96
CA GLY A 250 -11.43 13.48 12.76
C GLY A 250 -11.73 12.83 11.42
N ILE A 251 -11.42 13.62 10.40
CA ILE A 251 -11.46 13.27 8.98
C ILE A 251 -10.16 13.79 8.32
N ARG A 252 -9.44 12.87 7.70
CA ARG A 252 -8.09 13.14 7.25
C ARG A 252 -7.97 12.80 5.77
N PHE A 253 -7.36 13.71 5.01
CA PHE A 253 -6.91 13.45 3.63
C PHE A 253 -5.39 13.64 3.49
N ASP A 254 -4.81 12.93 2.52
CA ASP A 254 -3.46 13.13 1.99
C ASP A 254 -3.63 14.03 0.82
N VAL A 255 -2.69 14.95 0.65
CA VAL A 255 -2.64 15.87 -0.47
C VAL A 255 -1.24 15.71 -1.10
N PRO A 256 -1.17 15.31 -2.38
CA PRO A 256 0.13 15.08 -2.96
C PRO A 256 0.73 16.36 -3.48
N LEU A 257 1.85 16.72 -2.87
CA LEU A 257 2.64 17.92 -3.18
C LEU A 257 3.96 17.64 -4.00
N LYS A 258 4.40 16.36 -4.06
CA LYS A 258 5.58 15.93 -4.85
C LYS A 258 5.53 16.64 -6.15
N GLY A 259 6.47 17.55 -6.35
CA GLY A 259 6.57 18.25 -7.63
C GLY A 259 6.36 19.72 -7.53
N GLU A 260 5.78 20.19 -6.44
CA GLU A 260 5.61 21.61 -6.20
C GLU A 260 6.77 22.08 -5.42
N GLU A 261 7.41 23.11 -5.95
CA GLU A 261 8.41 23.86 -5.22
C GLU A 261 7.75 24.32 -3.93
N TYR A 262 8.51 24.29 -2.83
CA TYR A 262 8.01 24.69 -1.53
C TYR A 262 7.34 26.09 -1.55
N TYR A 263 7.92 27.02 -2.30
CA TYR A 263 7.39 28.40 -2.41
C TYR A 263 6.07 28.53 -3.24
N ASP A 264 5.66 27.46 -3.91
CA ASP A 264 4.36 27.33 -4.60
C ASP A 264 3.36 26.37 -3.86
N ARG A 265 3.65 25.98 -2.61
CA ARG A 265 2.73 25.18 -1.83
C ARG A 265 2.03 26.13 -0.89
N HIS A 266 0.73 26.00 -0.75
CA HIS A 266 -0.04 26.99 -0.04
C HIS A 266 -0.85 26.48 1.16
N ILE A 267 -0.97 27.33 2.17
CA ILE A 267 -1.71 27.02 3.38
C ILE A 267 -2.68 28.13 3.55
N ARG A 268 -3.95 27.81 3.73
CA ARG A 268 -4.93 28.82 4.12
C ARG A 268 -5.82 28.30 5.23
N PHE A 269 -6.08 29.19 6.19
CA PHE A 269 -7.07 28.95 7.23
C PHE A 269 -8.08 30.07 7.16
N ALA A 270 -9.35 29.74 7.31
CA ALA A 270 -10.35 30.77 7.51
C ALA A 270 -10.24 31.30 8.92
N GLY A 271 -10.32 32.62 9.03
CA GLY A 271 -10.26 33.34 10.29
C GLY A 271 -11.63 33.80 10.79
N VAL A 272 -11.66 35.06 11.29
CA VAL A 272 -12.84 35.69 11.85
C VAL A 272 -13.54 36.48 10.77
N ASP A 273 -14.86 36.41 10.76
CA ASP A 273 -15.74 37.14 9.83
C ASP A 273 -15.18 37.41 8.41
N GLY A 274 -15.08 36.38 7.57
CA GLY A 274 -14.60 36.57 6.18
C GLY A 274 -13.10 36.70 6.01
N GLY A 275 -12.34 36.51 7.10
CA GLY A 275 -10.89 36.62 7.09
C GLY A 275 -10.23 35.38 6.55
N ILE A 276 -9.05 35.55 5.97
CA ILE A 276 -8.24 34.39 5.56
C ILE A 276 -6.76 34.61 5.85
N PHE A 277 -6.20 33.62 6.54
CA PHE A 277 -4.77 33.47 6.75
C PHE A 277 -4.12 32.90 5.46
N ASN A 278 -3.07 33.57 4.96
CA ASN A 278 -2.47 33.32 3.62
C ASN A 278 -0.94 33.15 3.68
N GLU A 279 -0.53 31.89 3.71
CA GLU A 279 0.89 31.56 3.77
C GLU A 279 1.33 30.44 2.85
N ALA A 280 2.65 30.44 2.63
CA ALA A 280 3.33 29.47 1.79
C ALA A 280 4.20 28.57 2.65
N VAL A 281 4.44 27.35 2.19
CA VAL A 281 5.34 26.46 2.91
C VAL A 281 6.74 27.08 3.01
N GLN A 282 7.21 27.74 1.95
CA GLN A 282 8.46 28.49 1.94
C GLN A 282 8.14 29.94 1.55
N GLY A 283 8.28 30.85 2.52
CA GLY A 283 7.82 32.22 2.38
C GLY A 283 8.89 33.08 1.75
N ILE A 284 8.46 33.81 0.72
CA ILE A 284 9.32 34.64 -0.09
C ILE A 284 9.12 36.11 0.24
N THR A 285 8.11 36.38 1.08
CA THR A 285 7.71 37.73 1.55
C THR A 285 8.32 38.04 2.91
N GLY A 286 8.64 39.32 3.12
CA GLY A 286 9.23 39.80 4.40
C GLY A 286 10.62 39.30 4.77
N LEU A 287 11.41 38.99 3.75
CA LEU A 287 12.79 38.63 3.88
C LEU A 287 13.56 39.91 3.79
N ARG A 288 14.84 39.82 4.12
CA ARG A 288 15.78 40.97 4.10
C ARG A 288 16.01 41.55 2.71
N ARG A 289 15.92 40.67 1.70
CA ARG A 289 16.01 41.00 0.26
C ARG A 289 14.72 40.65 -0.51
N ASP A 290 14.46 41.44 -1.53
CA ASP A 290 13.20 41.43 -2.26
C ASP A 290 13.41 40.62 -3.55
N PRO A 291 12.70 39.48 -3.75
CA PRO A 291 12.94 38.79 -5.03
C PRO A 291 12.32 39.54 -6.18
N GLY A 292 11.45 40.51 -5.89
CA GLY A 292 10.69 41.27 -6.87
C GLY A 292 9.23 41.38 -6.43
N GLU A 293 8.68 42.57 -6.61
CA GLU A 293 7.32 42.89 -6.23
C GLU A 293 6.33 41.89 -6.83
N GLU A 294 6.41 41.65 -8.13
CA GLU A 294 5.47 40.74 -8.80
C GLU A 294 5.48 39.36 -8.15
N ILE A 295 6.67 38.90 -7.80
CA ILE A 295 6.88 37.56 -7.23
C ILE A 295 6.25 37.40 -5.84
N ARG A 296 6.40 38.42 -5.00
CA ARG A 296 5.75 38.48 -3.69
C ARG A 296 4.24 38.55 -3.82
N ALA A 297 3.76 39.48 -4.65
CA ALA A 297 2.33 39.58 -4.93
C ALA A 297 1.80 38.25 -5.43
N ALA A 298 2.46 37.67 -6.41
CA ALA A 298 2.08 36.33 -6.87
C ALA A 298 1.98 35.27 -5.76
N GLN A 299 2.90 35.28 -4.77
CA GLN A 299 2.85 34.26 -3.69
C GLN A 299 1.69 34.42 -2.73
N PHE A 300 1.42 35.66 -2.39
CA PHE A 300 0.29 36.00 -1.54
C PHE A 300 -1.02 35.65 -2.27
N ALA A 301 -1.01 35.72 -3.59
CA ALA A 301 -2.18 35.42 -4.41
C ALA A 301 -2.39 33.93 -4.62
N GLY A 302 -1.38 33.12 -4.27
CA GLY A 302 -1.39 31.67 -4.47
C GLY A 302 -1.05 31.23 -5.88
N GLN A 303 -0.37 32.09 -6.64
CA GLN A 303 -0.01 31.79 -8.04
C GLN A 303 1.36 31.12 -8.03
N LYS A 304 1.63 30.37 -9.09
CA LYS A 304 2.96 29.80 -9.33
C LYS A 304 3.98 30.93 -9.55
N LEU A 305 5.13 30.86 -8.88
CA LEU A 305 6.14 31.90 -9.06
C LEU A 305 6.95 31.75 -10.35
N ALA A 306 7.43 32.89 -10.85
CA ALA A 306 8.27 32.90 -12.03
C ALA A 306 9.57 32.06 -11.83
N ASP A 307 10.24 31.75 -12.94
CA ASP A 307 11.50 30.98 -12.86
C ASP A 307 12.51 31.70 -11.97
N THR A 308 13.13 30.94 -11.06
CA THR A 308 14.22 31.42 -10.18
C THR A 308 15.35 32.28 -10.85
N GLU A 309 15.62 32.04 -12.16
CA GLU A 309 16.55 32.89 -12.96
C GLU A 309 16.10 34.34 -13.10
N THR A 310 14.83 34.62 -12.85
CA THR A 310 14.30 35.96 -13.06
C THR A 310 14.22 36.77 -11.76
N TRP A 311 14.46 36.12 -10.63
CA TRP A 311 14.39 36.83 -9.36
C TRP A 311 15.65 37.64 -9.24
N GLU A 312 15.62 38.59 -8.32
CA GLU A 312 16.83 39.18 -7.77
C GLU A 312 17.68 38.06 -7.11
N PRO A 313 18.90 37.81 -7.62
CA PRO A 313 19.69 36.62 -7.22
C PRO A 313 20.14 36.49 -5.75
N ARG A 314 20.15 37.59 -4.98
CA ARG A 314 20.45 37.49 -3.55
C ARG A 314 19.38 36.76 -2.74
N VAL A 315 18.32 36.28 -3.41
CA VAL A 315 17.28 35.43 -2.80
C VAL A 315 17.30 33.99 -3.30
N SER A 316 17.38 33.76 -4.61
CA SER A 316 17.35 32.39 -5.18
C SER A 316 18.54 31.54 -4.72
N THR A 317 19.67 32.20 -4.55
CA THR A 317 20.89 31.57 -4.04
C THR A 317 20.72 31.05 -2.59
N ARG A 318 19.91 31.75 -1.78
CA ARG A 318 19.71 31.48 -0.36
C ARG A 318 18.34 30.87 0.06
N LEU A 319 17.62 30.25 -0.86
CA LEU A 319 16.42 29.47 -0.50
C LEU A 319 16.75 28.39 0.53
N LYS A 320 17.91 27.73 0.37
CA LYS A 320 18.47 26.80 1.39
C LYS A 320 18.32 27.36 2.82
N TRP A 321 18.42 28.68 3.01
CA TRP A 321 18.42 29.30 4.35
C TRP A 321 17.09 29.87 4.83
N ILE A 322 16.07 29.75 4.01
CA ILE A 322 14.74 30.16 4.39
C ILE A 322 13.98 28.92 4.89
N PRO A 323 13.48 28.96 6.13
CA PRO A 323 12.87 27.73 6.64
C PRO A 323 11.65 27.29 5.87
N THR A 324 11.21 26.11 6.20
CA THR A 324 10.24 25.38 5.45
C THR A 324 9.24 25.05 6.52
N TRP A 325 7.97 25.25 6.29
CA TRP A 325 6.97 25.07 7.37
C TRP A 325 6.07 23.91 7.09
N ALA A 326 6.38 22.77 7.68
CA ALA A 326 5.69 21.52 7.38
C ALA A 326 4.35 21.35 8.08
N ASP A 327 4.25 21.71 9.37
CA ASP A 327 3.05 21.45 10.17
C ASP A 327 2.36 22.76 10.60
N TYR A 328 1.01 22.77 10.58
CA TYR A 328 0.19 23.96 10.99
C TYR A 328 -1.00 23.52 11.84
N GLY A 329 -1.28 24.23 12.92
CA GLY A 329 -2.36 23.80 13.81
C GLY A 329 -3.23 24.92 14.29
N LEU A 330 -4.49 24.88 13.89
CA LEU A 330 -5.55 25.72 14.49
C LEU A 330 -6.37 24.90 15.50
N THR A 331 -6.46 25.36 16.74
CA THR A 331 -7.22 24.69 17.79
C THR A 331 -8.23 25.68 18.36
N GLN A 332 -9.51 25.29 18.38
CA GLN A 332 -10.57 26.12 18.91
C GLN A 332 -11.15 25.31 20.07
N LEU A 333 -10.56 25.52 21.24
CA LEU A 333 -10.87 24.72 22.42
C LEU A 333 -11.93 25.34 23.32
N THR A 334 -12.33 26.57 23.00
CA THR A 334 -13.53 27.21 23.61
C THR A 334 -14.30 27.84 22.48
N ALA A 335 -15.52 28.26 22.80
CA ALA A 335 -16.38 28.99 21.85
C ALA A 335 -15.89 30.38 21.49
N ASP A 336 -14.90 30.89 22.21
CA ASP A 336 -14.49 32.27 22.19
C ASP A 336 -13.08 32.60 21.74
N GLY A 337 -12.21 31.59 21.64
CA GLY A 337 -10.81 31.83 21.27
C GLY A 337 -10.20 30.67 20.56
N PHE A 338 -9.38 30.94 19.55
CA PHE A 338 -8.62 29.86 18.90
C PHE A 338 -7.13 30.16 18.92
N GLY A 339 -6.31 29.12 18.95
CA GLY A 339 -4.85 29.26 18.87
C GLY A 339 -4.46 28.84 17.49
N LEU A 340 -3.32 29.32 17.02
CA LEU A 340 -2.83 28.97 15.70
C LEU A 340 -1.33 28.91 15.79
N LYS A 341 -0.72 27.82 15.31
CA LYS A 341 0.75 27.70 15.35
C LYS A 341 1.28 26.88 14.18
N LYS A 342 2.55 27.09 13.86
CA LYS A 342 3.23 26.27 12.86
C LYS A 342 4.61 25.82 13.33
N ARG A 343 5.15 24.79 12.68
CA ARG A 343 6.51 24.39 12.94
C ARG A 343 7.23 23.79 11.76
N THR A 344 8.56 23.92 11.79
CA THR A 344 9.43 23.38 10.74
C THR A 344 9.28 21.86 10.57
N LYS A 345 9.32 21.13 11.68
CA LYS A 345 9.07 19.69 11.72
C LYS A 345 9.23 19.16 13.13
N ALA A 346 8.80 17.91 13.35
CA ALA A 346 8.84 17.34 14.68
C ALA A 346 10.27 17.35 15.23
N GLY A 347 10.37 17.46 16.55
CA GLY A 347 11.65 17.70 17.20
C GLY A 347 12.04 19.17 17.35
N GLN A 348 11.31 20.06 16.69
CA GLN A 348 11.43 21.49 16.92
C GLN A 348 10.23 21.98 17.66
N SER A 349 10.39 23.14 18.29
CA SER A 349 9.26 23.84 18.89
C SER A 349 8.29 24.36 17.81
N TRP A 350 7.06 24.65 18.23
CA TRP A 350 6.13 25.41 17.39
C TRP A 350 6.41 26.89 17.55
N VAL A 351 6.15 27.63 16.48
CA VAL A 351 6.10 29.07 16.52
C VAL A 351 4.63 29.46 16.55
N ASN A 352 4.29 30.37 17.45
CA ASN A 352 2.93 30.89 17.60
C ASN A 352 2.64 31.93 16.54
N ILE A 353 1.36 31.97 16.12
CA ILE A 353 0.86 32.84 15.04
C ILE A 353 -0.26 33.73 15.60
N PRO A 354 -0.35 35.00 15.17
CA PRO A 354 -1.42 35.88 15.66
C PRO A 354 -2.82 35.30 15.42
N SER A 355 -3.58 35.11 16.49
CA SER A 355 -4.83 34.35 16.42
C SER A 355 -6.04 35.27 16.73
N GLY A 356 -7.17 34.69 17.07
CA GLY A 356 -8.25 35.48 17.54
C GLY A 356 -9.38 34.69 18.13
N THR A 357 -10.59 35.23 17.94
CA THR A 357 -11.79 34.78 18.63
C THR A 357 -12.41 33.55 17.99
N ARG A 358 -13.06 33.71 16.83
CA ARG A 358 -13.88 32.61 16.28
C ARG A 358 -13.52 32.27 14.85
N ALA A 359 -12.87 31.12 14.67
CA ALA A 359 -12.39 30.75 13.36
C ALA A 359 -13.54 30.12 12.62
N GLU A 360 -13.73 30.48 11.36
CA GLU A 360 -14.89 29.99 10.66
C GLU A 360 -14.78 28.57 10.10
N GLY A 361 -13.67 27.89 10.32
CA GLY A 361 -13.63 26.42 10.24
C GLY A 361 -13.24 25.73 8.95
N LEU A 362 -12.46 26.41 8.13
CA LEU A 362 -11.98 25.86 6.88
C LEU A 362 -10.49 25.97 6.85
N ALA A 363 -9.86 24.96 6.24
CA ALA A 363 -8.43 24.94 5.95
C ALA A 363 -8.20 24.41 4.54
N TYR A 364 -7.13 24.86 3.91
CA TYR A 364 -6.79 24.41 2.58
C TYR A 364 -5.33 24.08 2.53
N LEU A 365 -5.00 22.96 1.87
CA LEU A 365 -3.62 22.57 1.54
C LEU A 365 -3.55 22.24 0.08
N GLY A 366 -2.62 22.84 -0.65
CA GLY A 366 -2.39 22.50 -2.04
C GLY A 366 -1.31 23.36 -2.66
N GLY A 367 -1.28 23.40 -4.00
CA GLY A 367 -0.33 24.20 -4.74
C GLY A 367 -0.84 24.78 -6.04
N ALA A 368 -0.12 25.77 -6.56
CA ALA A 368 -0.44 26.47 -7.83
C ALA A 368 -0.54 25.59 -9.10
N THR A 369 0.17 24.47 -9.02
CA THR A 369 0.36 23.51 -10.09
C THR A 369 -0.24 22.15 -9.73
N GLN A 370 -0.03 21.68 -8.48
CA GLN A 370 -0.55 20.35 -8.11
CA GLN A 370 -0.51 20.37 -8.04
C GLN A 370 -2.02 20.41 -7.76
N GLY A 371 -2.56 21.61 -7.54
CA GLY A 371 -3.90 21.74 -7.02
C GLY A 371 -3.91 21.38 -5.54
N GLY A 372 -5.10 21.16 -5.00
CA GLY A 372 -5.24 20.77 -3.61
C GLY A 372 -6.68 20.70 -3.15
N LEU A 373 -6.84 20.71 -1.83
CA LEU A 373 -8.07 20.32 -1.16
C LEU A 373 -8.36 21.20 0.04
N ALA A 374 -9.61 21.59 0.16
CA ALA A 374 -10.06 22.28 1.35
C ALA A 374 -11.16 21.44 2.02
N VAL A 375 -11.14 21.51 3.35
CA VAL A 375 -12.03 20.76 4.18
C VAL A 375 -12.54 21.76 5.21
N GLY A 376 -13.76 21.56 5.65
CA GLY A 376 -14.28 22.33 6.76
C GLY A 376 -15.52 21.79 7.42
N LEU A 377 -15.78 22.34 8.61
CA LEU A 377 -16.93 22.00 9.46
C LEU A 377 -17.89 23.19 9.59
N ARG A 378 -19.13 22.98 9.19
CA ARG A 378 -20.13 24.00 9.34
C ARG A 378 -20.30 24.19 10.79
N ASP A 379 -20.43 25.44 11.22
CA ASP A 379 -20.67 25.80 12.61
C ASP A 379 -19.45 25.54 13.53
N PHE A 380 -18.28 25.33 12.93
CA PHE A 380 -17.00 25.05 13.63
C PHE A 380 -16.91 25.45 15.10
N TRP A 381 -16.73 26.75 15.38
CA TRP A 381 -16.52 27.22 16.77
C TRP A 381 -17.70 26.92 17.67
N LYS A 382 -18.89 26.81 17.11
CA LYS A 382 -20.06 26.50 17.91
C LYS A 382 -20.08 25.10 18.40
N ARG A 383 -19.20 24.26 17.84
CA ARG A 383 -19.19 22.83 18.14
C ARG A 383 -17.87 22.40 18.78
N TYR A 384 -17.30 23.34 19.54
CA TYR A 384 -15.96 23.20 20.12
C TYR A 384 -16.00 21.99 21.06
N PRO A 385 -14.87 21.36 21.36
CA PRO A 385 -13.53 21.73 20.87
C PRO A 385 -13.19 21.04 19.57
N VAL A 386 -12.68 21.83 18.62
CA VAL A 386 -12.40 21.41 17.26
C VAL A 386 -11.01 21.90 16.78
N GLY A 387 -10.56 21.39 15.64
CA GLY A 387 -9.32 21.90 15.05
C GLY A 387 -9.09 21.57 13.58
N LEU A 388 -8.09 22.21 13.02
CA LEU A 388 -7.66 21.93 11.65
C LEU A 388 -6.13 21.78 11.65
N ASP A 389 -5.60 20.67 11.11
CA ASP A 389 -4.15 20.47 10.98
C ASP A 389 -3.74 20.21 9.56
N ILE A 390 -2.74 20.97 9.11
CA ILE A 390 -1.88 20.62 7.98
C ILE A 390 -0.67 19.87 8.57
N SER A 391 -0.27 18.77 7.94
CA SER A 391 0.94 18.04 8.34
C SER A 391 1.82 17.77 7.15
N ASN A 392 3.14 17.85 7.36
CA ASN A 392 4.16 17.35 6.40
C ASN A 392 4.03 18.00 5.01
N ALA A 393 3.82 19.30 5.01
CA ALA A 393 3.63 20.03 3.78
C ALA A 393 4.96 20.33 3.12
N ALA A 394 6.06 19.86 3.69
CA ALA A 394 7.38 19.90 3.02
C ALA A 394 7.83 18.55 2.44
N SER A 395 6.91 17.59 2.36
CA SER A 395 7.18 16.24 1.92
C SER A 395 6.50 16.02 0.58
N ASP A 396 6.67 14.82 0.05
CA ASP A 396 5.88 14.39 -1.12
C ASP A 396 4.35 14.29 -0.88
N THR A 397 3.96 14.16 0.38
CA THR A 397 2.55 13.94 0.73
C THR A 397 2.25 14.70 2.00
N GLY A 398 1.36 15.68 1.84
CA GLY A 398 0.77 16.43 2.95
C GLY A 398 -0.45 15.72 3.49
N GLU A 399 -0.77 15.97 4.74
CA GLU A 399 -2.01 15.49 5.31
C GLU A 399 -2.80 16.75 5.71
N LEU A 400 -4.09 16.76 5.38
CA LEU A 400 -5.03 17.77 5.86
C LEU A 400 -6.03 17.07 6.74
N THR A 401 -6.23 17.56 7.94
CA THR A 401 -7.11 16.92 8.90
C THR A 401 -8.06 17.96 9.55
N LEU A 402 -9.36 17.66 9.50
CA LEU A 402 -10.37 18.35 10.33
C LEU A 402 -10.61 17.50 11.58
N TRP A 403 -10.57 18.15 12.75
CA TRP A 403 -10.82 17.44 14.01
C TRP A 403 -12.20 17.81 14.57
N LEU A 404 -13.14 16.89 14.49
CA LEU A 404 -14.46 17.09 15.04
C LEU A 404 -14.45 17.16 16.54
N TYR A 405 -13.45 16.49 17.11
CA TYR A 405 -13.11 16.65 18.51
C TYR A 405 -11.60 16.75 18.64
N SER A 406 -11.11 17.82 19.25
CA SER A 406 -9.66 18.06 19.31
C SER A 406 -9.03 17.29 20.42
N PRO A 407 -7.89 16.61 20.14
CA PRO A 407 -6.98 16.07 21.16
C PRO A 407 -6.34 17.10 22.06
N ALA A 408 -6.26 18.36 21.61
CA ALA A 408 -5.80 19.48 22.47
C ALA A 408 -6.80 19.82 23.53
N ALA A 409 -7.99 19.25 23.44
CA ALA A 409 -8.93 19.34 24.51
C ALA A 409 -8.73 18.27 25.56
N GLU A 410 -9.39 18.51 26.67
CA GLU A 410 -9.48 17.56 27.75
C GLU A 410 -10.27 16.43 27.11
N PRO A 411 -10.08 15.19 27.56
CA PRO A 411 -10.83 14.14 26.90
C PRO A 411 -12.33 14.20 27.17
N LEU A 412 -13.10 13.64 26.25
CA LEU A 412 -14.55 13.64 26.35
C LEU A 412 -15.01 12.58 27.38
N ASP A 413 -15.54 13.07 28.49
CA ASP A 413 -16.01 12.28 29.61
C ASP A 413 -17.55 12.31 29.70
N LEU A 414 -18.20 11.21 29.29
CA LEU A 414 -19.67 11.09 29.27
C LEU A 414 -20.28 10.32 30.46
N ARG A 415 -19.49 10.11 31.50
CA ARG A 415 -19.90 9.33 32.65
C ARG A 415 -20.88 10.15 33.49
N PRO A 416 -21.55 9.49 34.43
CA PRO A 416 -22.49 10.20 35.29
C PRO A 416 -21.83 11.36 36.00
N PHE A 417 -22.53 12.51 36.05
CA PHE A 417 -22.08 13.66 36.83
C PHE A 417 -22.16 13.46 38.36
N HIS A 418 -22.90 12.45 38.82
CA HIS A 418 -22.87 12.07 40.27
C HIS A 418 -22.98 10.57 40.59
N ASP A 419 -22.67 10.19 41.82
CA ASP A 419 -22.72 8.77 42.20
C ASP A 419 -24.07 8.25 42.62
N GLY A 420 -25.05 9.13 42.78
CA GLY A 420 -26.41 8.75 43.14
C GLY A 420 -26.74 9.18 44.55
N LEU A 421 -25.73 9.64 45.29
CA LEU A 421 -25.88 10.28 46.57
C LEU A 421 -26.47 9.35 47.63
N GLY A 422 -26.30 8.04 47.45
CA GLY A 422 -26.85 7.05 48.38
C GLY A 422 -28.35 6.82 48.29
N GLN A 423 -28.92 7.13 47.14
CA GLN A 423 -30.27 6.80 46.87
C GLN A 423 -30.29 5.33 46.67
N ASP A 424 -31.21 4.67 47.38
CA ASP A 424 -31.36 3.23 47.37
C ASP A 424 -32.85 2.94 47.19
N GLY A 425 -33.26 2.84 45.93
CA GLY A 425 -34.62 2.47 45.57
C GLY A 425 -35.57 3.60 45.16
N TYR A 426 -36.73 3.20 44.67
CA TYR A 426 -37.74 4.13 44.14
C TYR A 426 -38.14 5.24 45.11
N GLU A 427 -38.27 4.91 46.38
CA GLU A 427 -38.74 5.84 47.37
C GLU A 427 -37.71 6.97 47.52
N ASP A 428 -36.43 6.61 47.62
CA ASP A 428 -35.37 7.63 47.71
C ASP A 428 -35.28 8.44 46.39
N GLN A 429 -35.45 7.77 45.26
CA GLN A 429 -35.38 8.43 43.96
C GLN A 429 -36.47 9.47 43.76
N LEU A 430 -37.71 9.15 44.11
CA LEU A 430 -38.80 10.10 43.97
C LEU A 430 -38.79 11.18 45.04
N ASP A 431 -38.09 10.93 46.14
CA ASP A 431 -37.85 11.96 47.15
C ASP A 431 -36.85 13.01 46.64
N ALA A 432 -35.88 12.57 45.83
CA ALA A 432 -34.89 13.48 45.26
C ALA A 432 -35.55 14.27 44.12
N LEU A 433 -36.45 13.60 43.40
CA LEU A 433 -37.33 14.26 42.42
C LEU A 433 -37.98 15.48 43.00
N GLU A 434 -38.45 15.38 44.24
CA GLU A 434 -39.12 16.48 44.92
C GLU A 434 -38.30 17.75 45.13
N ILE A 435 -36.96 17.67 45.10
CA ILE A 435 -36.11 18.85 45.34
C ILE A 435 -35.26 19.35 44.16
N THR A 436 -34.60 18.46 43.42
CA THR A 436 -33.87 18.88 42.20
C THR A 436 -34.66 18.70 40.89
N TYR A 437 -35.85 18.08 40.94
CA TYR A 437 -36.61 17.60 39.74
C TYR A 437 -35.86 16.54 38.90
N GLU A 438 -34.87 15.85 39.45
CA GLU A 438 -34.21 14.74 38.77
C GLU A 438 -34.83 13.40 39.18
N ASP A 439 -34.97 12.48 38.24
CA ASP A 439 -35.48 11.16 38.58
C ASP A 439 -34.36 10.18 38.29
N TRP A 440 -33.50 10.00 39.28
CA TRP A 440 -32.30 9.20 39.12
C TRP A 440 -32.57 7.67 39.32
N GLU A 441 -31.76 6.86 38.65
CA GLU A 441 -31.75 5.43 38.91
C GLU A 441 -30.40 4.85 38.48
N PRO A 442 -29.85 3.93 39.32
CA PRO A 442 -28.54 3.32 39.03
C PRO A 442 -28.51 2.70 37.63
N GLY A 443 -27.46 2.94 36.84
CA GLY A 443 -27.37 2.40 35.48
C GLY A 443 -28.22 3.11 34.40
N PHE A 444 -29.12 4.03 34.80
CA PHE A 444 -29.94 4.76 33.83
C PHE A 444 -29.24 6.03 33.29
N ASP A 445 -28.24 6.48 34.02
CA ASP A 445 -27.49 7.69 33.68
C ASP A 445 -26.37 7.37 32.68
N THR A 446 -26.72 6.78 31.54
CA THR A 446 -25.70 6.25 30.61
C THR A 446 -25.88 6.91 29.26
N PRO A 447 -24.75 7.24 28.61
CA PRO A 447 -24.80 7.79 27.27
C PRO A 447 -24.76 6.72 26.20
N TYR A 448 -24.94 5.46 26.60
CA TYR A 448 -24.80 4.35 25.67
C TYR A 448 -25.89 4.36 24.61
N GLY A 449 -25.49 4.58 23.38
CA GLY A 449 -26.43 4.62 22.24
C GLY A 449 -26.84 5.99 21.72
N ILE A 450 -26.29 7.07 22.27
CA ILE A 450 -26.58 8.41 21.78
C ILE A 450 -25.77 8.57 20.49
N ALA A 451 -26.11 9.57 19.69
CA ALA A 451 -25.46 9.81 18.42
C ALA A 451 -25.27 11.32 18.25
N ARG A 452 -24.43 11.65 17.27
CA ARG A 452 -24.25 13.00 16.85
C ARG A 452 -23.89 13.03 15.38
N THR A 453 -24.55 13.90 14.62
CA THR A 453 -24.26 14.12 13.21
C THR A 453 -23.57 15.45 13.04
N SER A 454 -22.56 15.51 12.16
CA SER A 454 -21.73 16.69 11.92
C SER A 454 -21.77 16.96 10.43
N GLU A 455 -21.93 18.23 10.04
CA GLU A 455 -22.04 18.57 8.61
C GLU A 455 -20.69 19.07 8.13
N VAL A 456 -20.05 18.30 7.26
CA VAL A 456 -18.72 18.60 6.74
C VAL A 456 -18.81 18.93 5.25
N TYR A 457 -17.85 19.74 4.78
CA TYR A 457 -17.72 20.03 3.39
C TYR A 457 -16.29 19.77 2.92
N LEU A 458 -16.18 19.36 1.63
CA LEU A 458 -14.91 19.10 0.91
C LEU A 458 -14.92 19.91 -0.38
N PHE A 459 -13.83 20.63 -0.63
CA PHE A 459 -13.67 21.45 -1.83
C PHE A 459 -12.39 21.05 -2.61
N ALA A 460 -12.56 20.59 -3.84
CA ALA A 460 -11.46 20.27 -4.72
C ALA A 460 -11.11 21.47 -5.59
N PHE A 461 -9.82 21.61 -5.89
CA PHE A 461 -9.31 22.70 -6.69
C PHE A 461 -8.22 22.19 -7.59
N ASP A 462 -8.31 22.51 -8.88
CA ASP A 462 -7.24 22.23 -9.84
C ASP A 462 -5.95 23.00 -9.49
N GLN A 463 -6.09 24.10 -8.74
CA GLN A 463 -4.97 24.99 -8.40
C GLN A 463 -5.37 25.85 -7.21
N THR A 464 -4.40 26.34 -6.45
CA THR A 464 -4.71 27.14 -5.27
C THR A 464 -5.63 28.28 -5.73
N PRO A 465 -6.81 28.39 -5.12
CA PRO A 465 -7.80 29.38 -5.53
C PRO A 465 -7.54 30.73 -4.88
N THR A 466 -8.29 31.74 -5.27
CA THR A 466 -8.13 33.05 -4.65
C THR A 466 -8.62 32.98 -3.19
N SER A 467 -8.19 33.93 -2.39
CA SER A 467 -8.64 34.03 -1.00
C SER A 467 -10.11 34.49 -0.95
N ASP A 468 -10.49 35.47 -1.76
CA ASP A 468 -11.91 35.75 -2.03
C ASP A 468 -12.74 34.48 -2.29
N LYS A 469 -12.22 33.49 -3.03
CA LYS A 469 -12.96 32.24 -3.30
C LYS A 469 -13.09 31.43 -2.01
N LEU A 470 -12.01 31.37 -1.24
CA LEU A 470 -12.01 30.60 -0.01
C LEU A 470 -12.99 31.14 1.02
N ALA A 471 -12.96 32.47 1.18
CA ALA A 471 -13.86 33.17 2.10
C ALA A 471 -15.30 32.97 1.70
N SER A 472 -15.53 33.08 0.40
CA SER A 472 -16.83 32.81 -0.18
C SER A 472 -17.30 31.35 0.03
N LEU A 473 -16.41 30.38 -0.07
CA LEU A 473 -16.78 29.01 0.26
C LEU A 473 -16.95 28.77 1.77
N THR A 474 -16.15 29.45 2.58
CA THR A 474 -16.32 29.36 4.03
C THR A 474 -17.74 29.82 4.41
N ALA A 475 -18.13 30.97 3.89
CA ALA A 475 -19.48 31.54 4.10
C ALA A 475 -20.55 30.55 3.58
N TYR A 476 -20.38 30.01 2.36
CA TYR A 476 -21.25 28.95 1.85
C TYR A 476 -21.42 27.85 2.91
N MET A 477 -20.31 27.26 3.29
CA MET A 477 -20.30 26.19 4.28
C MET A 477 -21.02 26.53 5.60
N ASN A 478 -20.82 27.74 6.10
CA ASN A 478 -21.48 28.16 7.35
C ASN A 478 -22.92 28.63 7.20
N ASP A 479 -23.38 28.81 5.97
CA ASP A 479 -24.76 29.22 5.70
C ASP A 479 -25.23 28.55 4.39
N PRO A 480 -25.46 27.20 4.43
CA PRO A 480 -25.83 26.46 3.22
C PRO A 480 -27.13 27.00 2.66
N PRO A 481 -27.14 27.39 1.39
CA PRO A 481 -28.40 27.85 0.84
C PRO A 481 -29.53 26.80 0.85
N VAL A 482 -30.72 27.29 1.14
CA VAL A 482 -31.91 26.49 1.30
C VAL A 482 -32.99 27.11 0.42
N LEU A 483 -33.70 26.24 -0.29
CA LEU A 483 -34.88 26.62 -1.05
C LEU A 483 -36.09 26.07 -0.31
N VAL A 484 -37.08 26.93 -0.03
CA VAL A 484 -38.31 26.49 0.65
C VAL A 484 -39.52 26.90 -0.10
N ALA A 485 -40.61 26.16 0.09
CA ALA A 485 -41.85 26.54 -0.55
C ALA A 485 -42.46 27.72 0.21
N GLU A 486 -43.43 28.40 -0.39
CA GLU A 486 -44.12 29.52 0.24
C GLU A 486 -44.98 29.04 1.42
N PRO A 487 -45.01 29.80 2.54
CA PRO A 487 -45.93 29.39 3.64
C PRO A 487 -47.39 29.18 3.22
N LYS A 488 -47.91 30.10 2.42
CA LYS A 488 -49.28 30.01 1.90
C LYS A 488 -49.50 28.69 1.21
N TYR A 489 -48.59 28.32 0.32
CA TYR A 489 -48.69 27.08 -0.40
C TYR A 489 -48.63 25.87 0.55
N ILE A 490 -47.69 25.89 1.49
CA ILE A 490 -47.59 24.74 2.39
C ILE A 490 -48.92 24.57 3.13
N HIS A 491 -49.44 25.68 3.65
CA HIS A 491 -50.69 25.68 4.36
C HIS A 491 -51.86 25.15 3.52
N GLU A 492 -51.96 25.66 2.30
CA GLU A 492 -53.05 25.33 1.37
C GLU A 492 -53.11 23.86 1.03
N THR A 493 -51.95 23.23 0.84
CA THR A 493 -51.86 21.79 0.61
C THR A 493 -52.25 20.92 1.80
N GLN A 494 -52.16 21.46 3.01
CA GLN A 494 -52.50 20.71 4.22
C GLN A 494 -51.62 19.47 4.35
N ALA A 495 -50.37 19.58 3.93
CA ALA A 495 -49.47 18.43 3.87
C ALA A 495 -48.49 18.38 5.04
N LEU A 496 -48.64 19.35 5.93
CA LEU A 496 -47.89 19.41 7.16
C LEU A 496 -48.79 19.88 8.32
N GLY A 497 -49.97 19.26 8.42
CA GLY A 497 -50.93 19.53 9.48
C GLY A 497 -51.86 20.71 9.25
N GLU A 498 -53.04 20.64 9.88
CA GLU A 498 -54.08 21.70 9.79
C GLU A 498 -54.10 22.66 10.96
N TYR A 499 -53.24 22.44 11.95
CA TYR A 499 -53.31 23.11 13.26
C TYR A 499 -52.43 24.40 13.32
N TRP A 500 -52.15 24.99 12.16
CA TRP A 500 -51.42 26.27 12.10
C TRP A 500 -51.86 26.97 10.86
N ALA A 501 -51.59 28.25 10.82
CA ALA A 501 -52.02 29.10 9.74
C ALA A 501 -51.19 30.37 9.73
N LEU A 502 -51.26 31.10 8.63
CA LEU A 502 -50.47 32.33 8.43
C LEU A 502 -50.94 33.40 9.41
N PRO A 503 -50.07 34.39 9.74
CA PRO A 503 -50.40 35.60 10.54
C PRO A 503 -51.17 36.65 9.77
N SER A 505 -54.61 38.04 10.11
CA SER A 505 -55.66 38.61 10.97
C SER A 505 -55.50 40.08 11.44
N ALA A 506 -56.58 40.84 11.39
CA ALA A 506 -56.55 42.28 11.71
C ALA A 506 -56.85 42.63 13.18
N SER A 507 -57.19 41.63 14.00
CA SER A 507 -57.45 41.88 15.42
C SER A 507 -56.20 42.48 16.12
N PRO A 508 -56.34 43.61 16.83
CA PRO A 508 -55.16 44.12 17.53
C PRO A 508 -54.64 43.14 18.58
N ALA A 509 -55.53 42.33 19.15
CA ALA A 509 -55.11 41.25 20.08
C ALA A 509 -54.21 40.26 19.36
N ALA A 510 -54.63 39.76 18.21
CA ALA A 510 -53.79 38.83 17.39
C ALA A 510 -52.44 39.41 17.06
N ALA A 511 -52.42 40.70 16.78
CA ALA A 511 -51.17 41.38 16.51
C ALA A 511 -50.28 41.43 17.78
N THR A 512 -50.84 41.62 18.99
CA THR A 512 -49.94 41.53 20.17
C THR A 512 -49.44 40.08 20.44
N LEU A 513 -50.23 39.07 20.07
CA LEU A 513 -49.74 37.69 20.07
C LEU A 513 -48.56 37.47 19.13
N GLU A 514 -48.66 38.00 17.92
CA GLU A 514 -47.54 37.88 16.97
C GLU A 514 -46.24 38.51 17.49
N ASP A 515 -46.35 39.70 18.09
CA ASP A 515 -45.18 40.40 18.64
C ASP A 515 -44.59 39.65 19.82
N ARG A 516 -45.46 39.00 20.58
CA ARG A 516 -45.02 38.12 21.67
C ARG A 516 -44.32 36.85 21.26
N LEU A 517 -44.78 36.20 20.19
CA LEU A 517 -44.00 35.09 19.63
C LEU A 517 -42.63 35.55 19.13
N GLN A 518 -42.57 36.71 18.49
CA GLN A 518 -41.34 37.33 18.03
C GLN A 518 -40.39 37.63 19.22
N PHE A 519 -40.97 38.05 20.36
CA PHE A 519 -40.20 38.39 21.56
C PHE A 519 -39.53 37.13 22.12
N ILE A 520 -40.36 36.12 22.35
CA ILE A 520 -39.92 34.77 22.70
C ILE A 520 -38.79 34.24 21.80
N PHE A 521 -38.91 34.36 20.47
CA PHE A 521 -37.92 33.79 19.58
C PHE A 521 -36.60 34.51 19.75
N ASP A 522 -36.70 35.84 19.70
CA ASP A 522 -35.53 36.74 19.80
C ASP A 522 -34.76 36.51 21.07
N PHE A 523 -35.49 36.32 22.16
CA PHE A 523 -34.86 36.00 23.42
C PHE A 523 -34.13 34.61 23.41
N TYR A 524 -34.84 33.55 23.04
CA TYR A 524 -34.23 32.25 22.93
C TYR A 524 -33.00 32.30 22.00
N LYS A 525 -33.08 33.01 20.86
CA LYS A 525 -31.90 33.12 19.99
C LYS A 525 -30.69 33.78 20.63
N GLY A 526 -30.93 34.83 21.39
CA GLY A 526 -29.84 35.53 22.09
C GLY A 526 -29.27 34.72 23.24
N GLN A 527 -30.10 33.91 23.90
CA GLN A 527 -29.62 33.16 25.06
C GLN A 527 -28.55 32.17 24.67
N ILE A 528 -28.66 31.61 23.47
CA ILE A 528 -27.66 30.70 22.92
C ILE A 528 -26.24 31.24 22.84
N GLU A 529 -26.11 32.48 22.45
CA GLU A 529 -24.88 33.23 22.49
C GLU A 529 -24.55 33.67 23.92
N GLN A 530 -25.47 34.34 24.59
CA GLN A 530 -25.11 34.93 25.88
C GLN A 530 -24.67 33.92 26.91
N ARG A 531 -25.39 32.82 26.93
CA ARG A 531 -25.16 31.74 27.86
C ARG A 531 -24.25 30.65 27.27
N ARG A 532 -23.73 30.85 26.07
CA ARG A 532 -22.69 29.95 25.48
C ARG A 532 -23.10 28.51 25.38
N TRP A 533 -24.33 28.29 24.95
CA TRP A 533 -24.83 26.95 24.72
C TRP A 533 -24.29 26.41 23.38
N TYR A 534 -22.99 26.19 23.39
CA TYR A 534 -22.23 25.76 22.22
C TYR A 534 -21.55 24.50 22.72
N GLY A 535 -21.11 23.67 21.80
CA GLY A 535 -20.31 22.47 22.14
C GLY A 535 -20.49 21.34 21.15
N PHE A 536 -19.48 20.49 21.04
CA PHE A 536 -19.60 19.22 20.29
C PHE A 536 -20.96 18.54 20.44
N LEU A 537 -21.39 18.27 21.66
CA LEU A 537 -22.72 17.70 21.90
C LEU A 537 -23.82 18.70 22.24
N ASP A 538 -23.51 19.84 22.87
CA ASP A 538 -24.59 20.70 23.38
C ASP A 538 -25.24 21.58 22.31
N TYR A 539 -24.46 22.12 21.38
CA TYR A 539 -24.99 23.06 20.39
C TYR A 539 -26.27 22.52 19.84
N GLY A 540 -27.36 23.29 20.02
CA GLY A 540 -28.65 23.00 19.46
C GLY A 540 -29.74 22.93 20.49
N ASP A 541 -29.38 22.67 21.73
CA ASP A 541 -30.31 22.54 22.83
C ASP A 541 -30.20 23.79 23.68
N PHE A 542 -31.16 23.95 24.57
CA PHE A 542 -31.24 25.12 25.45
C PHE A 542 -31.79 24.63 26.79
N MET A 543 -31.79 25.48 27.80
CA MET A 543 -32.18 25.02 29.13
C MET A 543 -33.65 25.23 29.46
N HIS A 544 -34.04 24.80 30.66
CA HIS A 544 -35.43 24.46 31.02
C HIS A 544 -36.03 25.52 31.93
N THR A 545 -35.40 25.78 33.07
CA THR A 545 -35.88 26.77 34.04
C THR A 545 -34.73 27.61 34.53
N TYR A 546 -35.05 28.80 34.99
CA TYR A 546 -34.07 29.83 35.36
C TYR A 546 -33.91 29.92 36.86
N ASP A 547 -32.73 30.41 37.27
CA ASP A 547 -32.37 30.67 38.68
C ASP A 547 -32.27 32.16 38.80
N PRO A 548 -33.34 32.82 39.30
CA PRO A 548 -33.42 34.29 39.38
C PRO A 548 -32.39 34.92 40.34
N ASP A 549 -31.92 34.19 41.35
CA ASP A 549 -30.94 34.74 42.33
C ASP A 549 -29.53 34.73 41.73
N ARG A 550 -29.09 33.59 41.22
CA ARG A 550 -27.79 33.48 40.58
C ARG A 550 -27.73 34.13 39.18
N HIS A 551 -28.90 34.40 38.57
CA HIS A 551 -29.01 34.97 37.25
C HIS A 551 -28.36 34.07 36.21
N THR A 552 -28.70 32.77 36.24
CA THR A 552 -28.33 31.72 35.25
C THR A 552 -29.48 30.76 35.08
N TRP A 553 -29.45 30.04 33.94
CA TRP A 553 -30.31 28.87 33.79
C TRP A 553 -29.75 27.79 34.71
N ARG A 554 -30.63 26.89 35.16
CA ARG A 554 -30.29 25.90 36.17
C ARG A 554 -29.49 24.70 35.61
N TYR A 555 -28.26 25.02 35.21
CA TYR A 555 -27.38 24.09 34.52
C TYR A 555 -26.95 22.91 35.43
N ASP A 556 -27.10 23.11 36.73
CA ASP A 556 -26.51 22.25 37.74
C ASP A 556 -27.54 21.69 38.71
N VAL A 557 -28.81 21.71 38.35
CA VAL A 557 -29.88 21.26 39.22
C VAL A 557 -30.84 20.39 38.43
N GLY A 558 -30.70 19.08 38.63
CA GLY A 558 -31.54 18.03 38.07
C GLY A 558 -32.25 18.31 36.78
N GLY A 559 -33.57 18.28 36.85
CA GLY A 559 -34.39 18.41 35.64
C GLY A 559 -34.48 19.80 35.05
N TYR A 560 -33.82 20.78 35.67
CA TYR A 560 -33.91 22.15 35.23
C TYR A 560 -32.84 22.63 34.25
N ALA A 561 -32.01 21.73 33.76
CA ALA A 561 -30.89 22.11 32.93
C ALA A 561 -31.22 21.93 31.41
N TRP A 562 -30.52 21.05 30.67
CA TRP A 562 -30.82 20.88 29.26
C TRP A 562 -32.27 20.43 29.10
N ASP A 563 -32.93 21.03 28.12
CA ASP A 563 -34.39 20.97 28.02
C ASP A 563 -34.91 19.68 27.36
N ASN A 564 -34.20 19.19 26.36
CA ASN A 564 -34.45 17.88 25.74
C ASN A 564 -35.90 17.77 25.28
N SER A 565 -36.36 18.79 24.56
CA SER A 565 -37.67 18.80 24.01
C SER A 565 -38.81 18.67 25.03
N GLU A 566 -38.63 19.11 26.26
CA GLU A 566 -39.74 19.05 27.23
C GLU A 566 -40.84 20.05 26.84
N LEU A 567 -42.08 19.60 26.89
CA LEU A 567 -43.27 20.32 26.41
C LEU A 567 -43.20 20.80 24.96
N SER A 568 -42.55 20.00 24.13
CA SER A 568 -42.60 20.17 22.69
C SER A 568 -42.14 21.53 22.18
N PRO A 569 -40.97 22.01 22.60
CA PRO A 569 -40.47 23.20 21.93
C PRO A 569 -40.12 22.98 20.48
N ASP A 570 -39.79 21.75 20.11
CA ASP A 570 -39.49 21.46 18.72
C ASP A 570 -40.68 21.81 17.82
N LEU A 571 -41.92 21.58 18.28
CA LEU A 571 -43.13 21.92 17.52
C LEU A 571 -43.40 23.44 17.44
N PHE A 572 -43.29 24.14 18.55
CA PHE A 572 -43.43 25.55 18.49
C PHE A 572 -42.46 26.15 17.47
N PHE A 573 -41.17 25.86 17.60
CA PHE A 573 -40.20 26.47 16.71
C PHE A 573 -40.33 26.08 15.26
N TRP A 574 -40.71 24.84 15.00
CA TRP A 574 -41.01 24.45 13.62
C TRP A 574 -42.27 25.09 13.08
N LEU A 575 -43.37 25.11 13.84
CA LEU A 575 -44.56 25.78 13.36
C LEU A 575 -44.31 27.28 13.23
N TYR A 576 -43.47 27.85 14.10
CA TYR A 576 -43.10 29.23 13.97
C TYR A 576 -42.38 29.45 12.61
N PHE A 577 -41.53 28.54 12.18
CA PHE A 577 -40.96 28.69 10.83
C PHE A 577 -41.99 28.59 9.70
N LEU A 578 -42.88 27.61 9.79
CA LEU A 578 -43.84 27.38 8.72
C LEU A 578 -44.73 28.60 8.45
N ARG A 579 -45.18 29.23 9.54
CA ARG A 579 -46.08 30.37 9.47
C ARG A 579 -45.42 31.58 8.85
N THR A 580 -44.12 31.70 9.05
CA THR A 580 -43.40 32.96 8.75
C THR A 580 -42.39 32.91 7.59
N GLY A 581 -41.72 31.76 7.38
CA GLY A 581 -40.62 31.67 6.43
C GLY A 581 -39.30 32.31 6.88
N SER A 582 -39.20 32.71 8.14
CA SER A 582 -37.98 33.34 8.65
C SER A 582 -36.76 32.42 8.65
N LYS A 583 -35.67 32.91 8.07
CA LYS A 583 -34.38 32.24 8.10
C LYS A 583 -33.87 31.92 9.51
N ASP A 584 -33.83 32.91 10.40
CA ASP A 584 -33.44 32.74 11.79
C ASP A 584 -34.26 31.63 12.43
N ALA A 585 -35.54 31.64 12.11
CA ALA A 585 -36.45 30.65 12.65
C ALA A 585 -36.13 29.23 12.15
N TYR A 586 -35.92 29.07 10.85
CA TYR A 586 -35.40 27.82 10.30
C TYR A 586 -34.09 27.36 10.95
N ARG A 587 -33.13 28.27 11.08
CA ARG A 587 -31.84 27.93 11.69
C ARG A 587 -31.93 27.51 13.13
N PHE A 588 -32.70 28.25 13.89
CA PHE A 588 -32.86 27.91 15.27
C PHE A 588 -33.39 26.49 15.35
N ALA A 589 -34.41 26.20 14.56
CA ALA A 589 -35.12 24.94 14.60
C ALA A 589 -34.30 23.78 14.10
N GLU A 590 -33.63 24.00 12.98
CA GLU A 590 -32.72 22.99 12.39
C GLU A 590 -31.66 22.52 13.40
N ALA A 591 -31.03 23.46 14.05
CA ALA A 591 -30.01 23.16 14.99
C ALA A 591 -30.59 22.38 16.20
N LEU A 592 -31.77 22.82 16.64
CA LEU A 592 -32.55 22.14 17.66
C LEU A 592 -32.76 20.66 17.28
N THR A 593 -33.24 20.46 16.08
CA THR A 593 -33.60 19.17 15.62
C THR A 593 -32.37 18.25 15.44
N ARG A 594 -31.29 18.83 14.95
CA ARG A 594 -30.01 18.09 14.84
C ARG A 594 -29.45 17.65 16.19
N HIS A 595 -29.85 18.33 17.27
CA HIS A 595 -29.43 17.93 18.63
C HIS A 595 -30.35 16.90 19.28
N THR A 596 -31.58 17.32 19.31
CA THR A 596 -32.61 16.72 20.08
C THR A 596 -32.81 15.28 19.62
N GLY A 597 -32.73 15.09 18.31
CA GLY A 597 -33.14 13.86 17.69
C GLY A 597 -32.02 12.85 17.59
N GLU A 598 -30.80 13.34 17.84
CA GLU A 598 -29.55 12.56 17.83
C GLU A 598 -29.00 12.38 19.22
N VAL A 599 -28.79 13.46 19.96
CA VAL A 599 -28.08 13.38 21.23
C VAL A 599 -29.01 12.95 22.35
N ASP A 600 -30.23 13.45 22.33
CA ASP A 600 -31.22 13.16 23.36
C ASP A 600 -31.96 11.85 23.18
N VAL A 601 -31.59 11.05 22.17
CA VAL A 601 -32.24 9.74 22.01
C VAL A 601 -31.24 8.57 21.81
N TYR A 602 -31.63 7.38 22.25
CA TYR A 602 -30.82 6.20 22.03
C TYR A 602 -31.17 5.50 20.70
N HIS A 603 -30.14 5.15 19.93
CA HIS A 603 -30.30 4.49 18.62
C HIS A 603 -29.90 3.01 18.55
N ILE A 604 -29.39 2.45 19.66
CA ILE A 604 -29.13 0.99 19.82
C ILE A 604 -29.41 0.57 21.23
N GLY A 605 -29.42 -0.73 21.44
CA GLY A 605 -29.56 -1.34 22.77
C GLY A 605 -31.02 -1.61 23.12
N ASP A 606 -31.23 -1.91 24.40
CA ASP A 606 -32.56 -2.28 24.93
C ASP A 606 -33.51 -1.13 24.95
N TRP A 607 -32.99 0.07 25.16
CA TRP A 607 -33.85 1.26 25.20
C TRP A 607 -33.83 1.99 23.88
N LYS A 608 -33.40 1.32 22.78
CA LYS A 608 -33.49 1.90 21.44
C LYS A 608 -34.87 2.46 21.12
N GLY A 609 -34.87 3.70 20.65
CA GLY A 609 -36.06 4.45 20.36
C GLY A 609 -36.70 5.26 21.47
N LEU A 610 -36.14 5.19 22.66
CA LEU A 610 -36.48 6.13 23.70
C LEU A 610 -35.49 7.28 23.70
N GLY A 611 -35.88 8.35 24.35
CA GLY A 611 -35.02 9.50 24.55
C GLY A 611 -35.04 9.78 26.03
N THR A 612 -34.17 10.68 26.46
CA THR A 612 -33.99 10.96 27.88
C THR A 612 -34.61 12.29 28.32
N ARG A 613 -35.32 12.26 29.44
CA ARG A 613 -35.93 13.46 30.02
C ARG A 613 -34.89 14.50 30.41
N HIS A 614 -35.27 15.77 30.25
CA HIS A 614 -34.51 16.94 30.69
C HIS A 614 -33.64 16.74 31.93
N GLY A 615 -32.33 16.95 31.77
CA GLY A 615 -31.44 16.97 32.91
C GLY A 615 -30.14 17.70 32.72
N VAL A 616 -29.32 17.60 33.76
CA VAL A 616 -27.96 18.18 33.84
C VAL A 616 -27.04 17.64 32.75
N GLN A 617 -27.13 16.35 32.48
CA GLN A 617 -26.58 15.83 31.24
C GLN A 617 -27.79 15.51 30.33
N HIS A 618 -27.50 15.37 29.03
CA HIS A 618 -28.51 15.03 28.03
C HIS A 618 -29.03 13.59 28.18
N TRP A 619 -28.35 12.79 28.98
CA TRP A 619 -28.69 11.42 29.18
C TRP A 619 -28.67 11.08 30.68
N SER A 620 -28.68 12.06 31.59
CA SER A 620 -28.55 11.77 33.04
C SER A 620 -29.79 11.13 33.69
N ASP A 621 -30.96 11.42 33.19
CA ASP A 621 -32.21 11.14 33.93
C ASP A 621 -32.71 9.74 33.60
N SER A 622 -33.48 9.16 34.51
CA SER A 622 -33.96 7.79 34.34
C SER A 622 -35.26 7.66 33.60
N ALA A 623 -36.00 8.75 33.42
CA ALA A 623 -37.19 8.71 32.59
C ALA A 623 -36.76 8.55 31.14
N LYS A 624 -36.86 7.33 30.63
CA LYS A 624 -36.56 7.03 29.24
C LYS A 624 -37.88 6.78 28.54
N GLN A 625 -38.20 7.70 27.65
CA GLN A 625 -39.53 7.80 27.16
C GLN A 625 -39.59 8.21 25.71
N ALA A 626 -40.63 7.67 25.05
CA ALA A 626 -40.95 7.98 23.66
C ALA A 626 -41.41 9.39 23.44
N ARG A 627 -41.77 10.12 24.48
CA ARG A 627 -42.14 11.51 24.29
C ARG A 627 -40.93 12.41 23.98
N ILE A 628 -39.73 11.92 24.26
CA ILE A 628 -38.54 12.63 23.85
C ILE A 628 -38.22 12.22 22.43
N SER A 629 -38.20 10.91 22.14
CA SER A 629 -37.88 10.49 20.78
C SER A 629 -38.95 10.94 19.77
N GLN A 630 -40.17 11.11 20.24
CA GLN A 630 -41.31 11.68 19.48
C GLN A 630 -41.03 12.11 18.03
N PRO A 631 -41.20 11.21 17.05
CA PRO A 631 -40.83 11.54 15.66
C PRO A 631 -41.61 12.68 15.02
N GLN A 632 -42.77 13.04 15.58
CA GLN A 632 -43.45 14.24 15.15
C GLN A 632 -42.54 15.46 15.22
N TYR A 633 -41.64 15.49 16.20
CA TYR A 633 -40.65 16.56 16.28
C TYR A 633 -39.64 16.72 15.10
N ARG A 634 -39.52 15.69 14.27
CA ARG A 634 -38.60 15.67 13.13
C ARG A 634 -39.28 15.71 11.75
N LYS A 635 -40.61 15.59 11.74
CA LYS A 635 -41.38 15.40 10.52
C LYS A 635 -41.32 16.58 9.66
N TYR A 636 -41.41 17.74 10.26
CA TYR A 636 -41.51 18.97 9.51
C TYR A 636 -40.19 19.20 8.84
N PHE A 637 -39.11 18.95 9.56
CA PHE A 637 -37.78 19.00 8.92
C PHE A 637 -37.54 17.88 7.93
N PHE A 638 -38.06 16.69 8.20
CA PHE A 638 -37.82 15.62 7.28
C PHE A 638 -38.34 16.02 5.91
N TYR A 639 -39.53 16.58 5.88
CA TYR A 639 -40.16 16.94 4.60
C TYR A 639 -39.60 18.20 3.93
N LEU A 640 -39.29 19.22 4.72
CA LEU A 640 -38.82 20.53 4.21
C LEU A 640 -37.41 20.52 3.65
N SER A 641 -36.60 19.58 4.12
CA SER A 641 -35.22 19.43 3.69
C SER A 641 -35.11 18.66 2.42
N GLY A 642 -36.23 18.08 1.98
CA GLY A 642 -36.21 17.18 0.85
C GLY A 642 -35.86 15.77 1.27
N GLY A 643 -36.42 15.34 2.39
CA GLY A 643 -36.22 13.98 2.85
C GLY A 643 -34.81 13.71 3.30
N ASP A 644 -34.23 14.63 4.09
CA ASP A 644 -32.88 14.43 4.64
C ASP A 644 -32.74 12.98 5.13
N GLU A 645 -31.72 12.32 4.61
CA GLU A 645 -31.60 10.87 4.73
C GLU A 645 -31.23 10.40 6.12
N ARG A 646 -30.49 11.20 6.85
CA ARG A 646 -30.10 10.79 8.19
C ARG A 646 -31.31 10.81 9.12
N VAL A 647 -32.07 11.91 9.12
CA VAL A 647 -33.37 11.98 9.85
C VAL A 647 -34.29 10.87 9.34
N GLY A 648 -34.30 10.70 8.01
CA GLY A 648 -34.92 9.52 7.38
C GLY A 648 -34.66 8.23 8.17
N GLU A 649 -33.40 7.86 8.26
CA GLU A 649 -32.87 6.72 9.00
C GLU A 649 -33.37 6.72 10.45
N LEU A 650 -33.25 7.87 11.11
CA LEU A 650 -33.65 8.02 12.50
C LEU A 650 -35.10 7.71 12.73
N LEU A 651 -35.97 8.22 11.84
CA LEU A 651 -37.43 7.93 11.88
C LEU A 651 -37.76 6.43 11.76
N GLU A 652 -36.88 5.69 11.07
CA GLU A 652 -37.03 4.23 10.92
C GLU A 652 -36.65 3.51 12.22
N GLU A 653 -35.57 3.97 12.87
CA GLU A 653 -35.13 3.33 14.09
C GLU A 653 -36.25 3.35 15.11
N LEU A 654 -37.00 4.43 15.11
CA LEU A 654 -38.06 4.65 16.08
C LEU A 654 -39.23 3.69 15.98
N LEU A 655 -39.35 3.01 14.83
CA LEU A 655 -40.36 1.95 14.64
C LEU A 655 -40.15 0.78 15.58
N ASP A 656 -38.92 0.61 16.07
CA ASP A 656 -38.62 -0.34 17.17
C ASP A 656 -38.89 0.14 18.60
N THR A 657 -39.50 1.31 18.72
CA THR A 657 -39.81 1.88 20.02
C THR A 657 -40.75 0.97 20.81
N ASP A 658 -41.78 0.39 20.17
CA ASP A 658 -42.78 -0.43 20.87
C ASP A 658 -42.25 -1.68 21.59
N LYS A 659 -41.14 -2.20 21.10
CA LYS A 659 -40.43 -3.28 21.79
C LYS A 659 -39.91 -2.92 23.17
N THR A 660 -39.48 -1.67 23.40
CA THR A 660 -39.02 -1.19 24.73
C THR A 660 -39.96 -1.55 25.90
N TYR A 661 -41.27 -1.53 25.67
CA TYR A 661 -42.21 -1.63 26.81
C TYR A 661 -42.16 -2.99 27.51
N GLY A 662 -41.57 -3.98 26.84
CA GLY A 662 -41.22 -5.26 27.42
C GLY A 662 -39.92 -5.26 28.22
N GLU A 663 -38.96 -4.40 27.82
CA GLU A 663 -37.71 -4.15 28.61
C GLU A 663 -37.81 -3.05 29.69
N LEU A 664 -38.72 -2.08 29.53
CA LEU A 664 -38.81 -0.95 30.46
C LEU A 664 -40.22 -0.37 30.60
N ASP A 665 -40.70 -0.27 31.83
CA ASP A 665 -41.92 0.47 32.13
C ASP A 665 -41.55 1.91 32.56
N PRO A 666 -42.09 2.93 31.84
CA PRO A 666 -41.88 4.30 32.26
C PRO A 666 -42.62 4.65 33.54
N GLN A 667 -43.68 3.87 33.83
CA GLN A 667 -44.48 4.03 35.06
C GLN A 667 -44.07 3.18 36.25
N ARG A 668 -42.94 2.52 36.13
CA ARG A 668 -42.45 1.57 37.14
C ARG A 668 -42.43 2.07 38.57
N LYS A 669 -42.10 3.34 38.78
CA LYS A 669 -41.92 3.90 40.15
C LYS A 669 -43.19 4.48 40.78
N VAL A 670 -44.24 4.68 39.96
CA VAL A 670 -45.44 5.44 40.39
C VAL A 670 -46.76 4.68 40.22
N ARG A 671 -46.85 3.87 39.18
CA ARG A 671 -47.92 2.90 38.95
C ARG A 671 -48.42 2.27 40.24
N THR A 672 -49.72 2.10 40.41
CA THR A 672 -50.26 1.51 41.69
C THR A 672 -50.90 0.12 41.56
N ASP A 673 -50.85 -0.48 40.38
CA ASP A 673 -51.65 -1.65 40.06
C ASP A 673 -50.89 -3.01 40.12
N GLY A 674 -49.67 -2.99 40.68
CA GLY A 674 -48.81 -4.16 40.84
C GLY A 674 -48.24 -4.80 39.57
N TRP A 675 -48.40 -4.13 38.43
CA TRP A 675 -48.01 -4.72 37.16
C TRP A 675 -46.51 -4.51 36.93
N GLU A 676 -45.88 -5.50 36.28
CA GLU A 676 -44.53 -5.38 35.74
C GLU A 676 -44.50 -6.04 34.39
N PRO A 677 -43.54 -5.66 33.53
CA PRO A 677 -43.36 -6.48 32.31
C PRO A 677 -42.92 -7.91 32.66
N SER A 678 -43.38 -8.85 31.90
CA SER A 678 -42.91 -10.21 32.06
C SER A 678 -42.75 -10.81 30.66
N PRO A 679 -42.00 -11.91 30.52
CA PRO A 679 -41.78 -12.39 29.14
C PRO A 679 -43.05 -12.89 28.40
N ASN A 680 -43.01 -12.73 27.08
CA ASN A 680 -44.08 -13.09 26.15
C ASN A 680 -45.46 -12.61 26.57
N SER A 681 -45.50 -11.42 27.15
CA SER A 681 -46.71 -10.89 27.79
C SER A 681 -47.10 -9.59 27.13
N THR A 682 -48.35 -9.19 27.36
CA THR A 682 -48.81 -7.88 26.91
C THR A 682 -47.99 -6.84 27.65
N VAL A 683 -47.67 -5.75 26.97
CA VAL A 683 -46.87 -4.66 27.57
C VAL A 683 -47.73 -3.42 27.84
N SER A 684 -47.35 -2.65 28.85
CA SER A 684 -48.08 -1.44 29.23
C SER A 684 -47.43 -0.17 28.66
N PHE A 685 -48.26 0.68 28.07
CA PHE A 685 -47.86 2.04 27.70
C PHE A 685 -49.01 3.04 27.82
N GLY A 686 -48.67 4.32 27.94
CA GLY A 686 -49.64 5.42 28.10
C GLY A 686 -50.32 5.76 26.78
N LEU A 687 -51.57 6.21 26.83
CA LEU A 687 -52.32 6.59 25.63
C LEU A 687 -52.06 8.05 25.22
N GLY A 688 -51.39 8.82 26.06
CA GLY A 688 -51.10 10.19 25.71
C GLY A 688 -49.65 10.37 25.33
N THR A 689 -48.77 10.39 26.35
CA THR A 689 -47.39 10.64 26.08
C THR A 689 -46.83 9.53 25.16
N ASP A 690 -46.73 8.31 25.66
CA ASP A 690 -46.07 7.20 24.93
C ASP A 690 -46.75 6.93 23.56
N TRP A 691 -48.07 6.76 23.54
CA TRP A 691 -48.75 6.47 22.31
C TRP A 691 -48.59 7.53 21.24
N SER A 692 -48.63 8.81 21.61
CA SER A 692 -48.39 9.87 20.66
C SER A 692 -47.00 9.74 20.02
N GLY A 693 -46.02 9.24 20.77
CA GLY A 693 -44.73 8.90 20.18
C GLY A 693 -44.85 7.79 19.17
N LEU A 694 -45.49 6.72 19.58
CA LEU A 694 -45.63 5.54 18.73
C LEU A 694 -46.40 5.85 17.46
N ALA A 695 -47.59 6.42 17.62
CA ALA A 695 -48.46 6.72 16.51
C ALA A 695 -47.77 7.58 15.50
N ALA A 696 -47.03 8.57 15.96
CA ALA A 696 -46.36 9.46 15.04
C ALA A 696 -45.36 8.70 14.15
N GLY A 697 -44.61 7.76 14.75
CA GLY A 697 -43.62 6.97 14.01
C GLY A 697 -44.26 6.05 13.00
N TRP A 698 -45.37 5.43 13.37
CA TRP A 698 -46.14 4.59 12.47
C TRP A 698 -46.80 5.40 11.35
N LEU A 699 -47.41 6.53 11.69
CA LEU A 699 -48.02 7.37 10.67
C LEU A 699 -46.98 7.76 9.63
N ILE A 700 -45.76 8.07 10.07
CA ILE A 700 -44.74 8.56 9.15
C ILE A 700 -44.30 7.46 8.24
N GLU A 701 -44.09 6.24 8.78
CA GLU A 701 -43.70 5.08 7.93
C GLU A 701 -44.77 4.76 6.94
N TRP A 702 -46.03 4.82 7.36
CA TRP A 702 -47.16 4.71 6.44
C TRP A 702 -47.06 5.78 5.32
N GLU A 703 -46.94 7.05 5.68
CA GLU A 703 -46.82 8.15 4.67
C GLU A 703 -45.64 7.98 3.71
N ARG A 704 -44.55 7.37 4.20
CA ARG A 704 -43.35 7.15 3.39
C ARG A 704 -43.40 5.90 2.50
N ARG A 705 -44.39 5.03 2.75
CA ARG A 705 -44.44 3.73 2.13
C ARG A 705 -43.04 3.07 2.18
N GLY A 706 -42.46 3.12 3.37
CA GLY A 706 -41.18 2.48 3.63
C GLY A 706 -41.38 0.99 3.89
N PRO A 707 -40.26 0.27 4.02
CA PRO A 707 -40.28 -1.21 4.19
C PRO A 707 -41.14 -1.75 5.35
N ARG A 708 -41.62 -0.90 6.24
CA ARG A 708 -42.50 -1.38 7.29
C ARG A 708 -43.87 -0.74 7.26
N TRP A 709 -44.29 -0.21 6.11
CA TRP A 709 -45.50 0.61 6.09
C TRP A 709 -46.78 -0.15 6.37
N GLU A 710 -46.86 -1.37 5.89
CA GLU A 710 -48.03 -2.22 6.15
C GLU A 710 -48.16 -2.53 7.64
N GLU A 711 -47.01 -2.81 8.27
CA GLU A 711 -46.90 -2.95 9.73
C GLU A 711 -47.33 -1.70 10.49
N ALA A 712 -46.77 -0.59 10.04
CA ALA A 712 -47.05 0.69 10.62
C ALA A 712 -48.54 1.01 10.51
N LYS A 713 -49.10 0.78 9.33
CA LYS A 713 -50.53 1.06 9.10
C LYS A 713 -51.38 0.24 10.08
N THR A 714 -51.02 -1.03 10.23
CA THR A 714 -51.72 -1.97 11.10
C THR A 714 -51.64 -1.62 12.58
N LYS A 715 -50.47 -1.24 13.07
CA LYS A 715 -50.33 -0.88 14.47
C LYS A 715 -51.12 0.38 14.82
N LEU A 716 -51.07 1.34 13.91
CA LEU A 716 -51.73 2.63 14.09
C LEU A 716 -53.23 2.42 14.08
N THR A 717 -53.73 1.75 13.04
CA THR A 717 -55.16 1.47 12.94
C THR A 717 -55.65 0.67 14.13
N ASN A 718 -54.95 -0.41 14.49
CA ASN A 718 -55.38 -1.28 15.58
C ASN A 718 -55.38 -0.56 16.92
N THR A 719 -54.34 0.19 17.22
CA THR A 719 -54.25 0.89 18.49
C THR A 719 -55.31 2.02 18.55
N ILE A 720 -55.53 2.72 17.43
CA ILE A 720 -56.59 3.70 17.34
C ILE A 720 -57.92 3.03 17.68
N ALA A 721 -58.17 1.90 17.04
CA ALA A 721 -59.40 1.14 17.25
C ALA A 721 -59.50 0.65 18.69
N GLY A 722 -58.39 0.21 19.24
CA GLY A 722 -58.32 -0.14 20.63
C GLY A 722 -58.65 0.98 21.59
N ILE A 723 -58.19 2.20 21.31
CA ILE A 723 -58.53 3.34 22.17
C ILE A 723 -60.04 3.61 22.09
N ALA A 724 -60.56 3.61 20.86
CA ALA A 724 -62.01 3.74 20.61
C ALA A 724 -62.82 2.77 21.44
N ASN A 725 -62.34 1.53 21.54
CA ASN A 725 -63.05 0.46 22.27
C ASN A 725 -62.93 0.54 23.77
N LEU A 726 -61.99 1.32 24.30
CA LEU A 726 -61.93 1.51 25.75
C LEU A 726 -63.10 2.35 26.14
N THR A 727 -63.69 2.02 27.27
CA THR A 727 -64.96 2.60 27.72
C THR A 727 -64.80 4.09 27.98
N ASN A 728 -63.69 4.47 28.59
CA ASN A 728 -63.40 5.88 28.84
C ASN A 728 -62.40 6.49 27.84
N GLY A 729 -62.11 5.74 26.77
CA GLY A 729 -61.23 6.20 25.69
C GLY A 729 -59.88 6.68 26.19
N PHE A 730 -59.53 7.92 25.84
CA PHE A 730 -58.27 8.52 26.31
C PHE A 730 -58.20 8.75 27.81
N VAL A 731 -59.33 8.87 28.47
CA VAL A 731 -59.36 9.14 29.88
C VAL A 731 -58.91 8.01 30.77
N THR A 732 -58.76 6.85 30.15
CA THR A 732 -58.34 5.63 30.76
C THR A 732 -56.94 5.73 31.18
N GLY A 733 -56.13 6.33 30.35
CA GLY A 733 -54.75 6.50 30.69
C GLY A 733 -53.76 5.63 30.00
N SER A 734 -53.98 4.34 30.06
CA SER A 734 -53.08 3.39 29.49
C SER A 734 -53.76 2.15 29.03
N GLY A 735 -52.97 1.26 28.50
CA GLY A 735 -53.46 0.02 27.99
C GLY A 735 -52.40 -1.03 27.93
N LEU A 736 -52.81 -2.19 27.48
CA LEU A 736 -51.97 -3.35 27.36
C LEU A 736 -51.95 -3.67 25.91
N TYR A 737 -50.76 -3.62 25.34
CA TYR A 737 -50.50 -3.90 23.91
C TYR A 737 -49.96 -5.34 23.77
N ASP A 738 -50.41 -6.03 22.70
CA ASP A 738 -49.92 -7.36 22.37
C ASP A 738 -48.85 -7.16 21.35
N PRO A 739 -47.62 -7.54 21.66
CA PRO A 739 -46.56 -7.38 20.63
C PRO A 739 -46.64 -8.35 19.42
N VAL A 740 -47.45 -9.43 19.52
CA VAL A 740 -47.61 -10.36 18.39
C VAL A 740 -48.88 -10.01 17.58
N THR A 741 -50.05 -9.79 18.24
CA THR A 741 -51.27 -9.43 17.51
C THR A 741 -51.40 -7.96 17.21
N TRP A 742 -50.56 -7.10 17.82
CA TRP A 742 -50.57 -5.64 17.58
C TRP A 742 -51.94 -5.03 17.89
N THR A 743 -52.43 -5.31 19.09
CA THR A 743 -53.74 -4.83 19.55
C THR A 743 -53.58 -4.17 20.92
N LEU A 744 -54.62 -3.43 21.30
CA LEU A 744 -54.60 -2.57 22.50
C LEU A 744 -55.88 -2.84 23.27
N GLY A 745 -55.73 -3.44 24.44
CA GLY A 745 -56.85 -3.73 25.30
C GLY A 745 -56.69 -2.88 26.52
N PRO A 746 -57.60 -3.03 27.49
CA PRO A 746 -57.62 -2.22 28.71
C PRO A 746 -56.42 -2.40 29.63
N PRO A 747 -56.28 -1.53 30.67
CA PRO A 747 -55.16 -1.63 31.60
C PRO A 747 -55.28 -2.76 32.59
N PRO A 748 -54.19 -3.04 33.33
CA PRO A 748 -54.24 -4.18 34.25
C PRO A 748 -55.32 -4.07 35.34
N SER A 749 -55.63 -2.86 35.83
CA SER A 749 -56.73 -2.70 36.81
C SER A 749 -58.17 -2.85 36.25
N ASP A 750 -58.34 -2.89 34.94
CA ASP A 750 -59.69 -2.90 34.33
C ASP A 750 -59.78 -3.95 33.21
N PRO A 751 -59.45 -5.25 33.51
CA PRO A 751 -59.56 -6.34 32.49
C PRO A 751 -60.96 -6.47 31.80
N GLY A 752 -62.07 -6.24 32.52
CA GLY A 752 -63.44 -6.24 31.93
C GLY A 752 -63.89 -5.06 31.05
N ASN A 753 -63.02 -4.05 30.92
CA ASN A 753 -63.32 -2.78 30.29
C ASN A 753 -64.52 -2.08 30.89
N ARG A 754 -64.67 -2.16 32.21
CA ARG A 754 -65.86 -1.60 32.87
C ARG A 754 -65.79 -0.04 32.88
N GLY A 755 -64.57 0.49 32.95
CA GLY A 755 -64.31 1.94 32.97
C GLY A 755 -63.17 2.32 33.91
N ASN A 756 -62.15 3.01 33.40
CA ASN A 756 -61.01 3.45 34.22
C ASN A 756 -60.73 4.93 34.00
N VAL A 757 -60.18 5.60 35.01
CA VAL A 757 -59.91 7.02 34.93
C VAL A 757 -58.57 7.38 35.53
N SER A 758 -57.67 7.82 34.67
CA SER A 758 -56.33 8.22 35.04
C SER A 758 -55.90 9.39 34.14
N ILE A 759 -55.81 10.58 34.74
CA ILE A 759 -55.58 11.83 34.00
C ILE A 759 -54.18 12.33 34.26
N SER A 760 -53.54 12.86 33.23
CA SER A 760 -52.27 13.50 33.41
C SER A 760 -52.16 14.74 32.57
N HIS A 761 -51.66 15.80 33.21
CA HIS A 761 -51.44 17.07 32.57
C HIS A 761 -50.43 16.91 31.43
N LEU A 762 -49.59 15.88 31.51
CA LEU A 762 -48.59 15.68 30.45
C LEU A 762 -49.12 15.08 29.14
N ASN A 763 -50.27 14.40 29.18
CA ASN A 763 -50.67 13.57 28.02
C ASN A 763 -50.86 14.26 26.67
N ALA A 764 -51.35 15.50 26.67
CA ALA A 764 -51.65 16.20 25.44
C ALA A 764 -50.49 17.05 24.87
N VAL A 765 -49.47 17.31 25.66
CA VAL A 765 -48.51 18.40 25.36
C VAL A 765 -47.18 17.92 24.70
N PHE A 766 -47.09 16.64 24.35
CA PHE A 766 -45.94 16.10 23.64
C PHE A 766 -46.32 15.60 22.24
N GLY A 767 -47.33 16.19 21.62
CA GLY A 767 -47.63 15.94 20.24
C GLY A 767 -48.96 15.24 19.98
N LEU A 768 -49.68 14.86 21.04
CA LEU A 768 -50.98 14.17 20.89
C LEU A 768 -51.96 14.83 19.92
N PRO A 769 -52.35 16.12 20.14
CA PRO A 769 -53.32 16.75 19.20
C PRO A 769 -52.88 16.83 17.76
N GLU A 770 -51.58 16.99 17.56
CA GLU A 770 -50.99 17.02 16.22
C GLU A 770 -51.04 15.62 15.51
N VAL A 771 -50.62 14.56 16.19
CA VAL A 771 -50.63 13.22 15.60
C VAL A 771 -52.06 12.85 15.36
N VAL A 772 -52.90 12.97 16.37
CA VAL A 772 -54.28 12.57 16.26
C VAL A 772 -54.94 13.26 15.06
N SER A 773 -54.79 14.58 14.87
CA SER A 773 -55.52 15.22 13.76
C SER A 773 -55.02 14.76 12.40
N GLU A 774 -53.72 14.67 12.29
CA GLU A 774 -53.10 14.10 11.10
C GLU A 774 -53.59 12.65 10.92
N ALA A 775 -53.47 11.83 11.94
CA ALA A 775 -54.02 10.47 11.90
C ALA A 775 -55.43 10.43 11.37
N ILE A 776 -56.29 11.30 11.88
CA ILE A 776 -57.72 11.34 11.50
C ILE A 776 -57.89 11.67 10.02
N ALA A 777 -57.14 12.65 9.53
CA ALA A 777 -57.30 13.05 8.13
C ALA A 777 -56.79 11.95 7.25
N TYR A 778 -55.81 11.16 7.72
CA TYR A 778 -55.15 10.14 6.90
C TYR A 778 -56.04 8.95 6.68
N LEU A 779 -56.73 8.51 7.73
CA LEU A 779 -57.67 7.38 7.65
C LEU A 779 -58.95 7.72 6.89
N ALA A 780 -59.45 8.94 7.07
CA ALA A 780 -60.70 9.37 6.42
C ALA A 780 -61.80 8.32 6.70
N ASP A 781 -62.47 7.77 5.67
CA ASP A 781 -63.62 6.87 5.85
C ASP A 781 -63.30 5.52 6.48
N ASP A 782 -62.02 5.15 6.56
CA ASP A 782 -61.59 3.94 7.31
C ASP A 782 -61.27 4.19 8.81
N ILE A 783 -61.46 5.41 9.31
CA ILE A 783 -61.30 5.73 10.75
C ILE A 783 -62.14 4.75 11.61
N PRO A 784 -61.55 4.09 12.59
CA PRO A 784 -62.41 3.24 13.41
C PRO A 784 -63.54 3.95 14.14
N LYS A 785 -64.68 3.26 14.21
CA LYS A 785 -65.92 3.80 14.79
C LYS A 785 -65.61 4.36 16.18
N GLY A 786 -66.05 5.59 16.47
CA GLY A 786 -65.94 6.19 17.80
C GLY A 786 -64.57 6.70 18.24
N PHE A 787 -63.60 6.84 17.32
CA PHE A 787 -62.29 7.34 17.72
C PHE A 787 -62.27 8.87 17.80
N LYS A 788 -62.79 9.51 16.76
CA LYS A 788 -62.95 10.97 16.79
C LYS A 788 -63.75 11.43 18.00
N GLN A 789 -64.82 10.71 18.32
CA GLN A 789 -65.61 11.05 19.49
C GLN A 789 -64.84 10.91 20.81
N ALA A 790 -64.01 9.89 20.93
CA ALA A 790 -63.17 9.69 22.12
C ALA A 790 -62.18 10.85 22.28
N TRP A 791 -61.60 11.25 21.15
CA TRP A 791 -60.67 12.38 21.11
C TRP A 791 -61.35 13.72 21.43
N LEU A 792 -62.56 13.90 20.90
CA LEU A 792 -63.36 15.08 21.26
C LEU A 792 -63.73 15.02 22.73
N ASP A 793 -64.07 13.83 23.22
CA ASP A 793 -64.42 13.66 24.62
C ASP A 793 -63.28 14.24 25.48
N TYR A 794 -62.04 13.91 25.16
CA TYR A 794 -60.90 14.33 25.96
C TYR A 794 -60.69 15.83 25.87
N CYS A 795 -60.79 16.37 24.65
CA CYS A 795 -60.61 17.82 24.43
C CYS A 795 -61.64 18.64 25.21
N TYR A 796 -62.88 18.17 25.24
CA TYR A 796 -63.96 18.87 25.89
C TYR A 796 -63.95 18.69 27.42
N TYR A 797 -63.81 17.45 27.90
CA TYR A 797 -63.92 17.20 29.36
C TYR A 797 -62.71 17.63 30.18
N TYR A 798 -61.53 17.74 29.54
CA TYR A 798 -60.29 18.15 30.23
C TYR A 798 -60.49 19.35 31.13
N HIS A 799 -61.12 20.39 30.61
CA HIS A 799 -61.41 21.56 31.44
C HIS A 799 -62.86 21.99 31.30
N ALA A 800 -63.76 21.03 31.32
CA ALA A 800 -65.16 21.28 31.63
C ALA A 800 -65.29 21.35 33.15
N SER A 801 -66.50 21.49 33.66
CA SER A 801 -66.71 21.58 35.10
C SER A 801 -66.51 20.22 35.79
N ALA A 802 -66.26 20.25 37.09
CA ALA A 802 -66.05 19.04 37.88
C ALA A 802 -67.29 18.13 37.84
N SER A 803 -68.47 18.75 37.92
CA SER A 803 -69.75 18.06 37.74
C SER A 803 -69.84 17.34 36.40
N GLU A 804 -69.55 18.06 35.32
CA GLU A 804 -69.59 17.49 33.96
C GLU A 804 -68.67 16.28 33.84
N GLN A 805 -67.44 16.44 34.33
CA GLN A 805 -66.47 15.31 34.37
C GLN A 805 -67.06 14.16 35.17
N LYS A 806 -67.47 14.44 36.42
CA LYS A 806 -68.12 13.41 37.30
C LYS A 806 -69.33 12.74 36.59
N ASP A 807 -70.10 13.54 35.83
CA ASP A 807 -71.26 13.04 35.12
C ASP A 807 -70.90 12.00 34.04
N ARG A 808 -69.78 12.19 33.36
CA ARG A 808 -69.40 11.31 32.25
C ARG A 808 -68.57 10.14 32.70
N TYR A 809 -67.77 10.31 33.73
CA TYR A 809 -66.71 9.36 34.06
C TYR A 809 -66.70 8.86 35.51
N GLY A 810 -67.62 9.34 36.35
CA GLY A 810 -67.72 8.91 37.74
C GLY A 810 -66.99 9.72 38.79
N VAL A 811 -65.91 10.42 38.41
CA VAL A 811 -65.19 11.32 39.32
C VAL A 811 -64.74 12.61 38.62
N SER A 812 -64.59 13.70 39.38
CA SER A 812 -63.99 14.89 38.82
C SER A 812 -62.52 14.58 38.53
N PHE A 813 -61.89 15.44 37.72
CA PHE A 813 -60.48 15.29 37.34
C PHE A 813 -59.59 16.03 38.33
N SER A 814 -58.87 15.26 39.14
CA SER A 814 -58.02 15.79 40.21
C SER A 814 -56.95 16.85 39.81
N LYS A 815 -55.82 16.38 39.24
CA LYS A 815 -54.60 17.20 39.16
C LYS A 815 -54.40 17.78 37.74
N ILE A 816 -55.47 18.37 37.20
CA ILE A 816 -55.43 19.09 35.90
C ILE A 816 -54.70 20.41 36.03
N SER A 817 -53.64 20.58 35.24
CA SER A 817 -52.93 21.84 35.21
C SER A 817 -52.62 22.09 33.73
N LEU A 818 -51.73 23.01 33.42
CA LEU A 818 -51.41 23.40 32.06
C LEU A 818 -52.68 23.81 31.27
N LEU A 819 -53.48 24.65 31.91
CA LEU A 819 -54.71 25.13 31.31
C LEU A 819 -54.45 25.94 30.04
N GLN A 820 -53.42 26.78 30.02
CA GLN A 820 -53.05 27.53 28.82
C GLN A 820 -52.66 26.58 27.70
N ALA A 821 -51.78 25.65 28.05
CA ALA A 821 -51.33 24.61 27.16
C ALA A 821 -52.47 23.86 26.55
N HIS A 822 -53.46 23.48 27.35
CA HIS A 822 -54.58 22.70 26.81
C HIS A 822 -55.67 23.52 26.16
N SER A 823 -55.53 24.84 26.18
CA SER A 823 -56.56 25.70 25.59
C SER A 823 -56.75 25.33 24.13
N ARG A 824 -55.67 24.98 23.48
CA ARG A 824 -55.73 24.50 22.12
C ARG A 824 -56.57 23.27 21.84
N LEU A 825 -56.77 22.41 22.82
CA LEU A 825 -57.62 21.25 22.62
C LEU A 825 -59.07 21.69 22.53
N ALA A 826 -59.49 22.60 23.43
CA ALA A 826 -60.82 23.19 23.35
C ALA A 826 -61.02 23.89 22.00
N ALA A 827 -59.95 24.56 21.54
CA ALA A 827 -59.95 25.24 20.25
C ALA A 827 -60.22 24.28 19.12
N TYR A 828 -59.52 23.16 19.12
CA TYR A 828 -59.76 22.14 18.14
C TYR A 828 -61.21 21.61 18.14
N ALA A 829 -61.70 21.26 19.31
CA ALA A 829 -63.05 20.74 19.42
C ALA A 829 -64.07 21.77 19.03
N ALA A 830 -63.84 23.02 19.43
CA ALA A 830 -64.67 24.16 19.03
C ALA A 830 -64.81 24.27 17.51
N TYR A 831 -63.69 24.22 16.81
CA TYR A 831 -63.69 24.20 15.34
C TYR A 831 -64.52 23.08 14.71
N GLU A 832 -64.41 21.91 15.32
CA GLU A 832 -64.95 20.67 14.80
C GLU A 832 -66.44 20.48 15.14
N THR A 833 -66.89 21.04 16.26
CA THR A 833 -68.29 21.06 16.64
C THR A 833 -69.00 22.38 16.27
N LYS A 834 -68.24 23.36 15.77
CA LYS A 834 -68.77 24.69 15.43
C LYS A 834 -69.49 25.33 16.63
N ASN A 835 -68.88 25.20 17.79
CA ASN A 835 -69.44 25.69 19.04
C ASN A 835 -68.68 26.92 19.52
N LYS A 836 -69.35 28.05 19.44
CA LYS A 836 -68.80 29.35 19.76
C LYS A 836 -68.47 29.47 21.24
N THR A 837 -69.31 28.88 22.09
CA THR A 837 -69.09 28.94 23.55
C THR A 837 -67.81 28.23 23.96
N LEU A 838 -67.55 27.11 23.32
CA LEU A 838 -66.32 26.34 23.50
C LEU A 838 -65.13 27.10 22.97
N ALA A 839 -65.24 27.67 21.78
CA ALA A 839 -64.18 28.53 21.27
C ALA A 839 -63.82 29.61 22.29
N LEU A 840 -64.85 30.19 22.94
CA LEU A 840 -64.63 31.23 23.93
C LEU A 840 -63.94 30.69 25.16
N ARG A 841 -64.19 29.44 25.49
CA ARG A 841 -63.43 28.80 26.56
C ARG A 841 -61.93 28.72 26.22
N ALA A 842 -61.63 28.39 24.97
CA ALA A 842 -60.28 28.24 24.58
C ALA A 842 -59.59 29.55 24.83
N TRP A 843 -60.11 30.68 24.33
CA TRP A 843 -59.46 31.97 24.60
C TRP A 843 -59.39 32.42 26.09
N LYS A 844 -60.42 32.12 26.87
CA LYS A 844 -60.36 32.35 28.30
C LYS A 844 -59.19 31.59 28.97
N ASP A 845 -59.04 30.31 28.72
CA ASP A 845 -57.89 29.57 29.27
C ASP A 845 -56.53 30.09 28.79
N PHE A 846 -56.52 30.64 27.57
CA PHE A 846 -55.32 31.24 27.08
C PHE A 846 -54.94 32.54 27.81
N TYR A 847 -55.90 33.46 27.99
CA TYR A 847 -55.64 34.81 28.57
C TYR A 847 -55.77 34.84 30.10
N ALA A 848 -56.41 33.87 30.70
CA ALA A 848 -56.79 33.99 32.10
C ALA A 848 -56.82 32.63 32.81
N SER A 849 -55.78 31.81 32.61
CA SER A 849 -55.49 30.74 33.54
C SER A 849 -54.02 30.80 34.02
N ASP A 850 -53.15 29.95 33.46
CA ASP A 850 -51.78 29.83 33.90
C ASP A 850 -50.85 30.04 32.68
N GLY A 851 -49.62 29.54 32.75
CA GLY A 851 -48.63 29.81 31.73
C GLY A 851 -48.18 31.27 31.79
N LEU A 852 -48.05 31.88 30.61
CA LEU A 852 -47.75 33.28 30.53
C LEU A 852 -49.02 34.08 30.39
N LEU A 853 -49.41 34.76 31.46
CA LEU A 853 -50.56 35.70 31.44
C LEU A 853 -50.29 36.95 30.61
N PRO A 854 -51.34 37.54 30.01
CA PRO A 854 -51.18 38.73 29.14
C PRO A 854 -50.55 39.97 29.83
N ASP A 855 -50.72 40.08 31.14
CA ASP A 855 -50.10 41.15 31.93
C ASP A 855 -48.83 40.70 32.67
N ALA A 856 -48.17 39.64 32.22
CA ALA A 856 -46.84 39.27 32.71
C ALA A 856 -45.80 40.32 32.31
N PRO A 857 -44.61 40.27 32.87
CA PRO A 857 -43.77 41.44 32.54
C PRO A 857 -43.57 41.69 31.04
N TRP A 858 -43.37 40.62 30.27
CA TRP A 858 -43.26 40.71 28.80
C TRP A 858 -42.12 41.64 28.38
N ASN A 859 -40.93 41.44 28.95
CA ASN A 859 -39.70 42.18 28.63
C ASN A 859 -38.48 41.48 29.20
N ILE A 860 -37.30 41.99 28.88
CA ILE A 860 -36.03 41.47 29.41
C ILE A 860 -35.42 42.51 30.34
N THR A 861 -34.70 42.02 31.36
CA THR A 861 -33.93 42.87 32.27
C THR A 861 -32.47 42.56 31.99
N HIS A 862 -31.63 43.58 31.88
CA HIS A 862 -30.15 43.40 31.74
C HIS A 862 -29.49 43.34 33.12
N VAL A 863 -28.58 42.38 33.27
CA VAL A 863 -27.83 42.18 34.49
C VAL A 863 -26.33 42.22 34.20
N ASP A 864 -25.56 42.84 35.08
CA ASP A 864 -24.11 43.01 34.83
C ASP A 864 -23.39 43.35 36.14
N GLY A 865 -22.14 43.81 36.09
CA GLY A 865 -21.29 43.90 37.27
C GLY A 865 -21.05 42.58 38.03
N SER A 866 -20.80 42.73 39.32
CA SER A 866 -20.36 41.67 40.16
C SER A 866 -21.43 40.62 40.46
N ASP A 867 -22.62 40.73 39.88
CA ASP A 867 -23.63 39.71 40.11
C ASP A 867 -23.45 38.50 39.26
N VAL A 868 -22.72 38.68 38.16
CA VAL A 868 -22.64 37.63 37.12
C VAL A 868 -21.29 37.65 36.43
N LEU A 869 -20.99 36.51 35.81
CA LEU A 869 -19.71 36.31 35.18
C LEU A 869 -19.55 37.23 33.98
N VAL A 870 -20.53 37.17 33.08
CA VAL A 870 -20.60 38.05 31.93
C VAL A 870 -21.95 38.78 31.98
N PRO A 871 -22.09 39.89 31.27
CA PRO A 871 -23.45 40.50 31.23
C PRO A 871 -24.48 39.60 30.52
N VAL A 872 -25.71 39.57 31.04
CA VAL A 872 -26.80 38.79 30.47
C VAL A 872 -28.17 39.52 30.49
N ASP A 873 -28.99 39.17 29.49
CA ASP A 873 -30.43 39.50 29.47
C ASP A 873 -31.18 38.34 30.09
N GLU A 874 -32.12 38.63 30.97
CA GLU A 874 -32.91 37.58 31.57
C GLU A 874 -34.40 37.86 31.45
N ALA A 875 -35.19 36.78 31.51
CA ALA A 875 -36.65 36.85 31.63
C ALA A 875 -37.17 35.96 32.75
N ALA A 876 -36.81 36.26 33.99
CA ALA A 876 -37.05 35.33 35.13
C ALA A 876 -38.49 34.87 35.24
N TRP A 877 -39.40 35.68 34.69
CA TRP A 877 -40.84 35.46 34.69
C TRP A 877 -41.30 34.35 33.77
N LEU A 878 -40.41 33.82 32.94
CA LEU A 878 -40.72 32.60 32.15
C LEU A 878 -39.74 31.45 32.33
N ALA A 879 -40.22 30.26 31.97
CA ALA A 879 -39.44 29.06 31.72
C ALA A 879 -39.78 28.47 30.34
N THR A 880 -38.98 27.52 29.87
CA THR A 880 -39.16 26.95 28.53
C THR A 880 -40.52 26.21 28.40
N ASN A 881 -40.96 25.58 29.47
CA ASN A 881 -42.25 24.93 29.48
C ASN A 881 -43.36 25.90 29.11
N ASP A 882 -43.25 27.12 29.59
CA ASP A 882 -44.24 28.14 29.38
C ASP A 882 -44.25 28.60 27.97
N ILE A 883 -43.08 28.93 27.41
CA ILE A 883 -42.99 29.49 26.06
C ILE A 883 -43.29 28.52 24.96
N ALA A 884 -42.98 27.26 25.16
CA ALA A 884 -43.33 26.27 24.17
C ALA A 884 -44.82 26.11 24.04
N GLN A 885 -45.49 25.99 25.17
CA GLN A 885 -46.92 25.79 25.11
C GLN A 885 -47.64 27.09 24.85
N TYR A 886 -47.15 28.22 25.34
CA TYR A 886 -47.80 29.51 25.02
C TYR A 886 -47.84 29.69 23.53
N GLY A 887 -46.69 29.41 22.91
CA GLY A 887 -46.54 29.59 21.47
C GLY A 887 -47.34 28.60 20.64
N LEU A 888 -47.47 27.37 21.11
CA LEU A 888 -48.33 26.42 20.42
C LEU A 888 -49.79 26.84 20.52
N ALA A 889 -50.21 27.23 21.72
CA ALA A 889 -51.56 27.76 21.96
C ALA A 889 -51.90 28.92 21.06
N VAL A 890 -51.00 29.89 20.97
CA VAL A 890 -51.18 31.01 20.08
C VAL A 890 -51.43 30.51 18.70
N ILE A 891 -50.53 29.67 18.21
CA ILE A 891 -50.57 29.21 16.82
C ILE A 891 -51.84 28.43 16.57
N GLN A 892 -52.10 27.45 17.39
CA GLN A 892 -53.29 26.62 17.19
C GLN A 892 -54.59 27.32 17.50
N ASN A 893 -54.64 28.23 18.48
CA ASN A 893 -55.90 28.97 18.77
C ASN A 893 -56.22 29.90 17.58
N LEU A 894 -55.20 30.58 17.09
CA LEU A 894 -55.42 31.40 15.90
C LEU A 894 -55.94 30.59 14.74
N ALA A 895 -55.37 29.41 14.51
CA ALA A 895 -55.79 28.62 13.35
C ALA A 895 -57.22 28.10 13.47
N TYR A 896 -57.62 27.68 14.64
CA TYR A 896 -58.94 27.08 14.82
C TYR A 896 -60.05 28.09 15.17
N VAL A 897 -59.75 29.09 15.99
CA VAL A 897 -60.78 29.92 16.61
C VAL A 897 -60.53 31.45 16.57
N SER A 898 -59.75 31.93 15.60
CA SER A 898 -59.63 33.41 15.46
C SER A 898 -60.94 34.15 15.14
N ASP A 899 -61.92 33.50 14.51
CA ASP A 899 -63.26 34.08 14.30
C ASP A 899 -63.89 34.46 15.61
N SER A 900 -63.52 33.74 16.66
CA SER A 900 -64.03 33.98 18.00
C SER A 900 -63.14 34.90 18.88
N LEU A 901 -62.03 35.45 18.33
CA LEU A 901 -61.03 36.22 19.16
C LEU A 901 -61.46 37.65 19.53
N ASP A 902 -61.78 38.42 18.51
CA ASP A 902 -62.39 39.74 18.71
C ASP A 902 -63.60 39.56 19.61
N ASP A 903 -64.41 38.55 19.29
CA ASP A 903 -65.62 38.24 20.08
C ASP A 903 -65.29 38.14 21.59
N TYR A 904 -64.18 37.48 21.94
CA TYR A 904 -63.73 37.32 23.33
C TYR A 904 -63.33 38.65 23.92
N GLN A 905 -62.54 39.41 23.15
CA GLN A 905 -62.03 40.71 23.58
C GLN A 905 -63.10 41.75 23.84
N SER A 906 -64.36 41.53 23.46
CA SER A 906 -65.50 42.40 23.87
C SER A 906 -66.54 41.74 24.81
N ASN B 2 56.45 -11.97 -20.15
CA ASN B 2 55.67 -12.71 -21.20
C ASN B 2 54.55 -13.56 -20.52
N CYS B 3 54.25 -14.78 -21.03
CA CYS B 3 53.11 -15.56 -20.51
C CYS B 3 53.42 -16.36 -19.24
N THR B 4 52.42 -16.45 -18.35
CA THR B 4 52.50 -17.12 -17.04
C THR B 4 51.14 -17.71 -16.75
N SER B 5 51.08 -19.02 -16.64
CA SER B 5 49.82 -19.69 -16.43
C SER B 5 50.06 -20.92 -15.54
N SER B 6 49.12 -21.22 -14.68
CA SER B 6 49.17 -22.39 -13.86
C SER B 6 47.77 -22.72 -13.51
N SER B 7 47.55 -23.89 -12.92
CA SER B 7 46.21 -24.36 -12.63
C SER B 7 46.16 -24.89 -11.22
N ALA B 8 45.01 -24.78 -10.56
CA ALA B 8 44.76 -25.47 -9.32
C ALA B 8 43.39 -26.12 -9.38
N THR B 9 43.25 -27.25 -8.72
CA THR B 9 42.06 -28.04 -8.78
C THR B 9 41.38 -27.92 -7.43
N VAL B 10 40.09 -28.10 -7.45
CA VAL B 10 39.32 -27.82 -6.31
C VAL B 10 38.32 -28.97 -6.26
N HIS B 11 38.01 -29.43 -5.06
CA HIS B 11 37.23 -30.63 -4.86
C HIS B 11 36.07 -30.32 -3.93
N TRP B 12 35.05 -31.18 -3.97
CA TRP B 12 33.96 -31.06 -3.00
C TRP B 12 34.50 -31.55 -1.69
N LEU B 13 33.96 -31.02 -0.62
CA LEU B 13 34.41 -31.32 0.74
C LEU B 13 34.31 -32.81 1.08
N GLY B 14 33.20 -33.44 0.72
CA GLY B 14 33.07 -34.88 0.82
C GLY B 14 32.52 -35.43 -0.48
N ASP B 15 31.41 -36.16 -0.37
CA ASP B 15 30.71 -36.73 -1.51
C ASP B 15 30.25 -35.63 -2.47
N LYS B 16 30.33 -35.93 -3.75
CA LYS B 16 29.85 -35.06 -4.81
C LYS B 16 28.35 -34.77 -4.58
N PRO B 17 27.96 -33.49 -4.53
CA PRO B 17 26.57 -33.18 -4.21
C PRO B 17 25.64 -33.50 -5.37
N THR B 18 24.41 -33.90 -5.05
CA THR B 18 23.35 -34.07 -6.06
C THR B 18 22.74 -32.71 -6.44
N TYR B 19 22.99 -31.67 -5.66
CA TYR B 19 22.50 -30.34 -5.94
C TYR B 19 23.36 -29.24 -5.31
N HIS B 20 23.58 -28.17 -6.08
CA HIS B 20 24.08 -26.91 -5.53
C HIS B 20 23.31 -25.74 -6.09
N ALA B 21 23.51 -24.59 -5.44
CA ALA B 21 22.77 -23.39 -5.74
C ALA B 21 23.75 -22.29 -6.08
N GLY B 22 24.84 -22.72 -6.70
CA GLY B 22 26.05 -21.93 -6.85
C GLY B 22 26.90 -21.79 -5.62
N VAL B 23 28.22 -21.67 -5.83
CA VAL B 23 29.16 -21.72 -4.70
C VAL B 23 30.36 -20.80 -4.87
N THR B 24 30.81 -20.20 -3.76
CA THR B 24 32.00 -19.42 -3.77
C THR B 24 33.10 -20.32 -3.21
N PHE B 25 34.30 -20.23 -3.77
CA PHE B 25 35.46 -20.87 -3.13
C PHE B 25 36.65 -19.99 -3.23
N GLY B 26 37.72 -20.41 -2.54
CA GLY B 26 38.99 -19.69 -2.52
C GLY B 26 40.13 -20.44 -3.16
N LEU B 27 41.04 -19.71 -3.81
CA LEU B 27 42.31 -20.28 -4.27
C LEU B 27 43.48 -19.44 -3.80
N PRO B 28 44.57 -20.09 -3.42
CA PRO B 28 45.83 -19.42 -3.13
C PRO B 28 46.76 -19.37 -4.32
N TRP B 29 47.69 -18.42 -4.31
CA TRP B 29 48.67 -18.28 -5.41
C TRP B 29 50.05 -18.00 -4.86
N PRO B 30 51.09 -18.59 -5.48
CA PRO B 30 52.44 -18.34 -4.99
C PRO B 30 52.87 -16.89 -5.05
N GLN B 31 53.65 -16.50 -4.05
CA GLN B 31 54.16 -15.16 -3.95
C GLN B 31 54.75 -14.65 -5.28
N GLY B 32 54.23 -13.52 -5.73
CA GLY B 32 54.78 -12.74 -6.84
C GLY B 32 54.48 -13.24 -8.23
N LYS B 33 53.63 -14.22 -8.36
CA LYS B 33 53.41 -14.81 -9.65
C LYS B 33 52.38 -14.03 -10.44
N TYR B 34 51.26 -13.64 -9.82
CA TYR B 34 50.17 -12.98 -10.56
C TYR B 34 49.78 -11.58 -10.09
N ARG B 35 49.76 -10.62 -11.00
CA ARG B 35 49.36 -9.25 -10.62
C ARG B 35 47.85 -9.13 -10.64
N PRO B 36 47.24 -8.39 -9.68
CA PRO B 36 45.77 -8.18 -9.79
C PRO B 36 45.44 -7.29 -10.98
N GLN B 37 44.28 -7.53 -11.57
CA GLN B 37 43.83 -6.88 -12.81
C GLN B 37 44.54 -7.36 -14.07
N GLU B 38 45.64 -8.11 -13.95
CA GLU B 38 46.39 -8.56 -15.12
C GLU B 38 46.35 -10.08 -15.20
N THR B 39 45.21 -10.67 -14.77
CA THR B 39 45.10 -12.12 -14.62
C THR B 39 43.67 -12.65 -14.84
N SER B 40 43.47 -13.39 -15.92
CA SER B 40 42.20 -14.08 -16.18
C SER B 40 42.15 -15.43 -15.47
N PHE B 41 40.94 -15.96 -15.35
CA PHE B 41 40.71 -17.24 -14.70
C PHE B 41 39.65 -18.00 -15.46
N SER B 42 40.01 -19.15 -16.02
CA SER B 42 39.14 -20.06 -16.74
C SER B 42 38.76 -21.24 -15.88
N LEU B 43 37.58 -21.81 -16.10
CA LEU B 43 37.15 -23.03 -15.37
C LEU B 43 37.17 -24.28 -16.24
N THR B 44 37.42 -25.46 -15.65
CA THR B 44 37.47 -26.77 -16.36
C THR B 44 36.95 -28.02 -15.59
N LEU B 53 34.80 -18.14 -15.77
CA LEU B 53 34.78 -18.04 -14.28
C LEU B 53 34.87 -16.65 -13.57
N GLN B 54 33.88 -16.40 -12.73
CA GLN B 54 33.84 -15.20 -11.91
C GLN B 54 34.89 -15.11 -10.79
N SER B 55 35.73 -14.07 -10.78
CA SER B 55 36.90 -14.02 -9.86
C SER B 55 37.22 -12.65 -9.26
N TRP B 56 37.48 -12.60 -7.97
CA TRP B 56 37.98 -11.41 -7.33
C TRP B 56 39.09 -11.73 -6.34
N ALA B 57 39.76 -10.68 -5.88
CA ALA B 57 40.82 -10.78 -4.91
C ALA B 57 40.26 -10.68 -3.49
N THR B 58 40.78 -11.53 -2.60
CA THR B 58 40.49 -11.44 -1.14
C THR B 58 41.71 -11.10 -0.30
N GLY B 59 42.90 -11.40 -0.80
CA GLY B 59 44.11 -10.99 -0.12
C GLY B 59 45.32 -10.97 -1.02
N TYR B 60 46.38 -10.26 -0.59
CA TYR B 60 47.56 -9.94 -1.41
C TYR B 60 48.88 -10.16 -0.69
N TRP B 61 49.95 -10.33 -1.46
CA TRP B 61 51.31 -10.45 -0.90
C TRP B 61 51.84 -9.06 -0.66
N ALA B 62 52.96 -8.96 0.04
CA ALA B 62 53.54 -7.64 0.36
C ALA B 62 53.90 -6.83 -0.92
N ASP B 63 54.33 -7.54 -1.96
CA ASP B 63 54.59 -6.93 -3.27
C ASP B 63 53.35 -6.60 -4.10
N GLY B 64 52.15 -6.84 -3.58
CA GLY B 64 50.91 -6.54 -4.28
C GLY B 64 50.38 -7.61 -5.24
N SER B 65 51.12 -8.70 -5.38
CA SER B 65 50.63 -9.86 -6.14
C SER B 65 49.52 -10.59 -5.37
N LEU B 66 48.78 -11.44 -6.08
CA LEU B 66 47.64 -12.10 -5.54
C LEU B 66 48.07 -13.25 -4.61
N LYS B 67 47.53 -13.22 -3.40
CA LYS B 67 47.79 -14.23 -2.39
C LYS B 67 46.63 -15.20 -2.32
N TRP B 68 45.44 -14.63 -2.10
CA TRP B 68 44.17 -15.37 -2.18
C TRP B 68 43.18 -14.68 -3.10
N THR B 69 42.39 -15.51 -3.77
CA THR B 69 41.27 -15.09 -4.58
C THR B 69 40.04 -15.86 -4.19
N ALA B 70 38.90 -15.34 -4.64
CA ALA B 70 37.65 -16.05 -4.54
C ALA B 70 37.02 -16.19 -5.90
N HIS B 71 36.13 -17.15 -6.02
CA HIS B 71 35.51 -17.52 -7.28
C HIS B 71 34.12 -17.98 -7.02
N ALA B 72 33.27 -17.75 -8.02
CA ALA B 72 31.88 -18.09 -7.88
C ALA B 72 31.42 -18.78 -9.15
N ILE B 73 30.67 -19.87 -8.96
CA ILE B 73 30.00 -20.55 -10.06
C ILE B 73 28.49 -20.46 -9.87
N ALA B 74 27.82 -20.23 -10.97
CA ALA B 74 26.39 -20.30 -11.07
C ALA B 74 25.79 -21.67 -10.67
N GLU B 75 24.54 -21.69 -10.17
CA GLU B 75 23.78 -22.95 -10.07
C GLU B 75 23.72 -23.65 -11.44
N SER B 76 23.88 -24.98 -11.40
CA SER B 76 23.87 -25.83 -12.58
C SER B 76 23.54 -27.25 -12.17
N ASN B 77 22.76 -27.96 -12.97
CA ASN B 77 22.49 -29.39 -12.68
C ASN B 77 23.49 -30.30 -13.35
N GLN B 78 24.47 -29.74 -14.06
CA GLN B 78 25.69 -30.49 -14.37
C GLN B 78 26.70 -30.18 -13.27
N ILE B 79 27.12 -31.24 -12.61
CA ILE B 79 27.93 -31.17 -11.42
C ILE B 79 29.09 -32.12 -11.60
N TYR B 80 30.32 -31.58 -11.63
CA TYR B 80 31.54 -32.38 -11.90
C TYR B 80 32.16 -32.85 -10.60
N ASP B 81 33.05 -33.84 -10.69
CA ASP B 81 33.75 -34.41 -9.51
C ASP B 81 34.81 -33.48 -8.99
N GLN B 82 35.36 -32.70 -9.91
CA GLN B 82 36.43 -31.78 -9.62
C GLN B 82 36.33 -30.64 -10.60
N TYR B 83 37.03 -29.56 -10.28
CA TYR B 83 36.93 -28.33 -11.02
C TYR B 83 38.32 -27.72 -11.02
N THR B 84 38.77 -27.30 -12.18
CA THR B 84 40.12 -26.82 -12.33
C THR B 84 40.10 -25.40 -12.82
N VAL B 85 40.72 -24.51 -12.07
CA VAL B 85 40.82 -23.10 -12.43
C VAL B 85 42.19 -22.95 -13.03
N THR B 86 42.30 -22.33 -14.20
CA THR B 86 43.60 -22.04 -14.82
C THR B 86 43.75 -20.55 -14.82
N ALA B 87 44.81 -20.04 -14.22
CA ALA B 87 45.10 -18.63 -14.28
C ALA B 87 46.05 -18.36 -15.43
N SER B 88 45.89 -17.20 -16.10
CA SER B 88 46.79 -16.73 -17.18
C SER B 88 47.04 -15.25 -16.97
N SER B 89 48.27 -14.80 -17.17
CA SER B 89 48.58 -13.39 -17.10
C SER B 89 48.13 -12.77 -18.40
N LEU B 90 47.98 -11.45 -18.36
CA LEU B 90 47.74 -10.65 -19.56
C LEU B 90 48.74 -10.98 -20.66
N GLY B 91 50.02 -11.16 -20.30
CA GLY B 91 51.06 -11.54 -21.27
C GLY B 91 50.66 -12.65 -22.24
N CYS B 92 49.89 -13.62 -21.76
CA CYS B 92 49.47 -14.77 -22.58
C CYS B 92 48.56 -14.36 -23.73
N VAL B 93 47.57 -13.56 -23.40
CA VAL B 93 46.61 -13.06 -24.40
C VAL B 93 47.24 -11.99 -25.31
N LYS B 94 47.94 -11.04 -24.69
CA LYS B 94 48.63 -9.91 -25.36
C LYS B 94 49.75 -10.22 -26.34
N SER B 95 50.29 -11.43 -26.36
CA SER B 95 51.32 -11.78 -27.35
C SER B 95 51.08 -13.10 -28.10
N SER B 96 49.85 -13.61 -28.06
CA SER B 96 49.33 -14.55 -29.06
C SER B 96 48.60 -13.67 -30.09
N SER B 97 48.84 -13.89 -31.39
CA SER B 97 47.90 -13.45 -32.44
C SER B 97 47.07 -14.66 -32.90
N SER B 98 46.01 -14.91 -32.12
CA SER B 98 44.84 -15.71 -32.56
C SER B 98 43.53 -15.00 -32.12
N SER B 99 42.39 -15.56 -32.53
CA SER B 99 41.12 -14.93 -32.26
C SER B 99 40.26 -15.79 -31.32
N SER B 100 40.09 -15.32 -30.08
CA SER B 100 39.16 -15.93 -29.12
C SER B 100 37.72 -15.45 -29.41
N GLU B 101 36.76 -16.38 -29.54
CA GLU B 101 35.35 -15.98 -29.54
C GLU B 101 35.04 -15.35 -28.19
N SER B 102 34.36 -14.20 -28.18
CA SER B 102 33.87 -13.57 -26.96
C SER B 102 32.39 -13.91 -26.92
N SER B 103 31.91 -14.42 -25.79
CA SER B 103 30.60 -15.06 -25.72
C SER B 103 29.82 -14.70 -24.47
N ALA B 104 28.50 -14.58 -24.56
CA ALA B 104 27.68 -14.27 -23.36
C ALA B 104 27.52 -15.52 -22.46
N PRO B 105 27.73 -15.39 -21.13
CA PRO B 105 27.63 -16.61 -20.32
C PRO B 105 26.20 -17.17 -20.31
N ASN B 106 26.05 -18.46 -19.99
CA ASN B 106 24.78 -19.20 -20.13
C ASN B 106 23.60 -18.47 -19.44
N SER B 107 23.86 -18.02 -18.21
CA SER B 107 22.94 -17.12 -17.45
C SER B 107 23.78 -16.14 -16.65
N SER B 108 23.14 -15.04 -16.28
CA SER B 108 23.84 -13.90 -15.74
C SER B 108 22.90 -12.97 -14.97
N ILE B 109 23.20 -12.70 -13.70
CA ILE B 109 22.37 -11.85 -12.85
C ILE B 109 22.32 -10.41 -13.41
N VAL B 110 21.13 -9.81 -13.42
CA VAL B 110 21.01 -8.39 -13.76
C VAL B 110 20.35 -7.71 -12.56
N VAL B 111 20.85 -6.54 -12.18
CA VAL B 111 20.25 -5.79 -11.08
C VAL B 111 19.84 -4.41 -11.58
N THR B 112 18.60 -4.04 -11.32
CA THR B 112 18.06 -2.74 -11.66
C THR B 112 18.03 -1.96 -10.36
N ASP B 113 18.45 -0.71 -10.42
CA ASP B 113 18.66 0.14 -9.25
C ASP B 113 17.78 1.39 -9.38
N ASN B 114 17.02 1.70 -8.33
CA ASN B 114 16.43 3.05 -8.18
C ASN B 114 16.22 3.38 -6.71
N SER B 115 15.93 4.65 -6.43
CA SER B 115 15.88 5.18 -5.04
C SER B 115 14.89 4.45 -4.12
N ASP B 116 13.82 3.86 -4.67
CA ASP B 116 12.95 3.01 -3.86
C ASP B 116 13.66 1.69 -3.45
N ALA B 117 14.27 0.97 -4.39
CA ALA B 117 14.67 -0.42 -4.16
C ALA B 117 15.62 -1.05 -5.21
N LEU B 118 16.57 -1.92 -4.75
CA LEU B 118 17.31 -2.88 -5.65
C LEU B 118 16.38 -3.98 -6.10
N THR B 119 16.56 -4.45 -7.31
CA THR B 119 15.97 -5.71 -7.69
C THR B 119 17.10 -6.54 -8.29
N VAL B 120 17.19 -7.79 -7.85
CA VAL B 120 18.23 -8.70 -8.31
C VAL B 120 17.52 -9.81 -9.05
N ASN B 121 17.78 -9.92 -10.34
CA ASN B 121 17.22 -11.00 -11.13
C ASN B 121 18.29 -12.00 -11.49
N THR B 122 18.10 -13.26 -11.12
CA THR B 122 19.10 -14.30 -11.35
C THR B 122 18.87 -15.09 -12.61
N GLY B 123 17.68 -14.92 -13.22
CA GLY B 123 17.20 -15.81 -14.29
C GLY B 123 16.13 -16.74 -13.79
N GLU B 124 16.17 -17.14 -12.51
CA GLU B 124 15.10 -17.95 -11.89
C GLU B 124 14.28 -17.26 -10.82
N VAL B 125 14.77 -16.14 -10.26
CA VAL B 125 13.97 -15.30 -9.38
C VAL B 125 14.36 -13.84 -9.48
N ALA B 126 13.41 -12.99 -9.13
CA ALA B 126 13.59 -11.55 -9.06
C ALA B 126 13.26 -11.15 -7.63
N VAL B 127 14.26 -10.67 -6.88
CA VAL B 127 14.06 -10.30 -5.49
C VAL B 127 14.30 -8.81 -5.36
N SER B 128 13.37 -8.15 -4.68
CA SER B 128 13.35 -6.71 -4.50
C SER B 128 13.80 -6.34 -3.07
N PHE B 129 14.69 -5.38 -2.95
CA PHE B 129 15.26 -4.98 -1.65
C PHE B 129 15.03 -3.50 -1.40
N PRO B 130 13.95 -3.14 -0.68
CA PRO B 130 13.74 -1.75 -0.30
C PRO B 130 15.00 -1.08 0.29
N LYS B 131 15.16 0.22 0.03
CA LYS B 131 16.31 1.01 0.53
C LYS B 131 16.05 1.71 1.84
N GLY B 132 14.84 1.52 2.39
CA GLY B 132 14.42 2.06 3.70
C GLY B 132 13.10 1.41 4.12
N GLY B 133 12.74 1.58 5.37
CA GLY B 133 11.41 1.10 5.81
C GLY B 133 11.58 -0.20 6.55
N ASN B 134 10.46 -0.90 6.73
CA ASN B 134 10.42 -2.09 7.59
C ASN B 134 10.18 -3.40 6.86
N VAL B 135 10.44 -3.41 5.56
CA VAL B 135 10.36 -4.62 4.74
C VAL B 135 11.73 -4.80 4.11
N ILE B 136 12.41 -5.90 4.41
CA ILE B 136 13.75 -6.21 3.87
C ILE B 136 13.60 -6.61 2.43
N ILE B 137 12.64 -7.52 2.17
CA ILE B 137 12.31 -8.00 0.81
C ILE B 137 10.89 -7.62 0.38
N GLY B 138 10.76 -6.79 -0.65
CA GLY B 138 9.44 -6.36 -1.12
C GLY B 138 8.65 -7.53 -1.68
N ASP B 139 9.20 -8.19 -2.69
CA ASP B 139 8.63 -9.42 -3.17
C ASP B 139 9.66 -10.35 -3.86
N ILE B 140 9.23 -11.58 -4.11
CA ILE B 140 10.01 -12.61 -4.78
C ILE B 140 9.14 -13.14 -5.91
N LYS B 141 9.65 -13.03 -7.13
CA LYS B 141 8.97 -13.47 -8.33
C LYS B 141 9.77 -14.58 -9.00
N THR B 142 9.07 -15.46 -9.69
CA THR B 142 9.65 -16.49 -10.56
C THR B 142 9.91 -15.96 -12.00
N LYS B 143 10.57 -16.79 -12.83
CA LYS B 143 10.73 -16.55 -14.28
C LYS B 143 9.48 -15.91 -14.87
N SER B 144 8.35 -16.61 -14.71
CA SER B 144 7.06 -16.18 -15.28
C SER B 144 6.50 -14.88 -14.67
N GLY B 145 7.31 -14.11 -13.94
CA GLY B 145 6.89 -12.83 -13.32
C GLY B 145 5.94 -12.91 -12.15
N LYS B 146 5.62 -14.12 -11.69
CA LYS B 146 4.60 -14.34 -10.66
C LYS B 146 5.14 -14.16 -9.24
N VAL B 147 4.52 -13.26 -8.48
CA VAL B 147 4.87 -13.09 -7.08
C VAL B 147 4.56 -14.38 -6.32
N ILE B 148 5.57 -14.96 -5.69
CA ILE B 148 5.39 -16.12 -4.82
C ILE B 148 5.72 -15.85 -3.38
N GLY B 149 6.28 -14.69 -3.04
CA GLY B 149 6.34 -14.30 -1.63
C GLY B 149 6.59 -12.81 -1.49
N ALA B 150 6.11 -12.21 -0.41
CA ALA B 150 6.22 -10.76 -0.24
C ALA B 150 6.52 -10.33 1.16
N ASN B 151 6.95 -9.09 1.27
CA ASN B 151 7.19 -8.44 2.52
C ASN B 151 8.03 -9.31 3.49
N GLY B 152 9.17 -9.81 3.02
CA GLY B 152 10.16 -10.37 3.91
C GLY B 152 10.45 -9.31 4.97
N ARG B 153 10.45 -9.73 6.24
CA ARG B 153 10.66 -8.82 7.37
C ARG B 153 11.25 -9.55 8.61
N LEU B 154 12.15 -8.88 9.32
CA LEU B 154 12.63 -9.40 10.61
C LEU B 154 11.57 -9.25 11.70
N VAL B 155 11.61 -10.12 12.71
CA VAL B 155 10.71 -10.05 13.85
C VAL B 155 11.50 -10.31 15.11
N LEU B 156 11.13 -9.55 16.13
CA LEU B 156 11.78 -9.63 17.42
C LEU B 156 10.72 -9.32 18.43
N GLN B 157 10.81 -9.98 19.57
CA GLN B 157 9.85 -9.80 20.64
C GLN B 157 10.57 -9.94 21.94
N SER B 158 10.38 -9.02 22.86
CA SER B 158 11.06 -9.06 24.15
C SER B 158 10.07 -8.81 25.27
N GLN B 159 10.46 -9.12 26.50
CA GLN B 159 9.74 -8.67 27.71
C GLN B 159 10.75 -7.84 28.51
N ASP B 160 10.23 -7.19 29.56
CA ASP B 160 10.97 -6.19 30.38
C ASP B 160 11.30 -6.66 31.80
N SER B 161 10.71 -7.77 32.20
CA SER B 161 11.09 -8.43 33.43
C SER B 161 10.74 -9.89 33.27
N VAL B 162 11.18 -10.70 34.22
CA VAL B 162 10.89 -12.12 34.24
C VAL B 162 10.56 -12.52 35.71
N PRO B 163 9.58 -13.38 35.94
CA PRO B 163 9.36 -13.64 37.38
C PRO B 163 10.40 -14.59 37.98
N ASP B 164 10.55 -14.51 39.29
CA ASP B 164 11.40 -15.41 40.07
C ASP B 164 11.21 -16.91 39.71
N ASN B 165 9.94 -17.30 39.56
CA ASN B 165 9.58 -18.70 39.35
C ASN B 165 8.17 -18.71 38.81
N PHE B 166 7.69 -19.89 38.45
CA PHE B 166 6.33 -20.07 37.90
C PHE B 166 5.22 -19.50 38.81
N ASP B 167 5.32 -19.78 40.11
CA ASP B 167 4.38 -19.26 41.12
C ASP B 167 4.29 -17.71 41.14
N ASN B 168 5.40 -17.04 40.87
CA ASN B 168 5.52 -15.59 40.93
C ASN B 168 4.83 -14.85 39.75
N ARG B 169 4.38 -15.57 38.72
CA ARG B 169 3.72 -14.91 37.59
C ARG B 169 2.47 -14.17 38.06
N ALA B 170 1.80 -14.76 39.03
CA ALA B 170 0.67 -14.15 39.69
C ALA B 170 0.98 -12.77 40.31
N ASN B 171 2.19 -12.57 40.80
CA ASN B 171 2.56 -11.35 41.50
C ASN B 171 3.53 -10.49 40.76
N SER B 172 3.94 -10.86 39.55
CA SER B 172 5.04 -10.19 38.84
C SER B 172 4.66 -9.97 37.37
N PRO B 173 4.19 -8.77 37.05
CA PRO B 173 3.70 -8.50 35.69
C PRO B 173 4.81 -8.45 34.63
N ILE B 174 4.48 -9.04 33.49
CA ILE B 174 5.37 -9.12 32.35
C ILE B 174 4.77 -8.15 31.32
N GLN B 175 5.61 -7.30 30.74
CA GLN B 175 5.19 -6.42 29.65
C GLN B 175 5.91 -6.73 28.33
N TYR B 176 5.14 -7.09 27.31
CA TYR B 176 5.67 -7.58 26.07
C TYR B 176 5.81 -6.44 25.07
N SER B 177 6.78 -6.56 24.18
CA SER B 177 6.99 -5.66 23.02
C SER B 177 7.28 -6.47 21.77
N ASN B 178 6.78 -6.03 20.63
CA ASN B 178 7.12 -6.63 19.36
C ASN B 178 7.91 -5.57 18.61
N PHE B 179 8.84 -5.99 17.77
CA PHE B 179 9.65 -5.11 16.95
C PHE B 179 9.79 -5.75 15.57
N ASP B 180 9.96 -4.98 14.53
N ASP B 180 9.96 -4.91 14.56
CA ASP B 180 10.30 -5.58 13.26
CA ASP B 180 10.31 -5.36 13.22
C ASP B 180 11.51 -4.72 12.79
C ASP B 180 11.65 -4.73 12.87
N GLY B 181 12.22 -5.16 11.76
CA GLY B 181 13.55 -4.67 11.40
C GLY B 181 13.51 -3.46 10.51
N ASN B 182 14.19 -2.40 10.89
CA ASN B 182 14.16 -1.13 10.21
C ASN B 182 15.43 -0.91 9.38
N ILE B 183 15.28 -0.83 8.06
CA ILE B 183 16.41 -0.66 7.20
C ILE B 183 17.00 0.75 7.32
N ASN B 184 18.32 0.83 7.43
N ASN B 184 18.32 0.78 7.48
CA ASN B 184 19.00 2.10 7.47
CA ASN B 184 19.15 1.98 7.59
C ASN B 184 19.97 2.28 6.27
C ASN B 184 19.86 2.21 6.25
N GLU B 185 20.59 1.19 5.81
CA GLU B 185 21.38 1.25 4.57
C GLU B 185 21.45 -0.09 3.83
N VAL B 186 21.53 -0.01 2.51
CA VAL B 186 21.58 -1.15 1.64
C VAL B 186 22.78 -1.02 0.71
N PHE B 187 23.49 -2.14 0.53
CA PHE B 187 24.76 -2.21 -0.23
C PHE B 187 24.69 -3.37 -1.22
N VAL B 188 25.49 -3.32 -2.28
CA VAL B 188 25.49 -4.40 -3.26
C VAL B 188 26.86 -4.70 -3.83
N ASN B 189 27.21 -5.98 -3.91
CA ASN B 189 28.40 -6.41 -4.64
C ASN B 189 27.89 -7.24 -5.78
N GLN B 190 27.73 -6.61 -6.92
CA GLN B 190 27.11 -7.27 -8.06
C GLN B 190 28.22 -7.91 -8.86
N THR B 191 28.02 -9.16 -9.27
CA THR B 191 28.77 -9.77 -10.35
C THR B 191 27.77 -10.62 -11.10
N SER B 192 28.10 -11.05 -12.31
CA SER B 192 27.11 -11.74 -13.11
C SER B 192 26.81 -13.15 -12.55
N ALA B 193 27.78 -13.79 -11.93
CA ALA B 193 27.57 -15.14 -11.39
C ALA B 193 26.99 -15.06 -10.00
N ARG B 194 27.44 -14.09 -9.22
CA ARG B 194 26.95 -13.97 -7.85
C ARG B 194 26.81 -12.54 -7.45
N THR B 195 25.70 -12.26 -6.74
CA THR B 195 25.42 -10.91 -6.29
C THR B 195 25.04 -10.98 -4.85
N LEU B 196 25.58 -10.06 -4.08
CA LEU B 196 25.40 -10.00 -2.64
C LEU B 196 24.82 -8.64 -2.23
N VAL B 197 23.70 -8.69 -1.51
CA VAL B 197 23.01 -7.54 -0.97
C VAL B 197 23.12 -7.60 0.52
N THR B 198 23.63 -6.52 1.10
CA THR B 198 23.88 -6.39 2.53
C THR B 198 22.94 -5.32 3.09
N VAL B 199 22.14 -5.70 4.07
CA VAL B 199 21.14 -4.80 4.59
C VAL B 199 21.43 -4.62 6.04
N ARG B 200 21.52 -3.34 6.44
CA ARG B 200 21.85 -2.97 7.83
C ARG B 200 20.76 -2.15 8.50
N GLY B 201 20.59 -2.34 9.81
CA GLY B 201 19.53 -1.72 10.56
C GLY B 201 19.37 -2.09 12.02
N ASN B 202 18.20 -1.74 12.53
CA ASN B 202 17.87 -1.76 13.94
C ASN B 202 16.60 -2.53 14.03
N HIS B 203 16.26 -2.98 15.23
CA HIS B 203 14.91 -3.40 15.47
C HIS B 203 14.20 -2.22 16.11
N THR B 204 13.13 -1.77 15.45
CA THR B 204 12.23 -0.72 15.98
C THR B 204 10.92 -1.32 16.43
N VAL B 205 10.41 -0.71 17.48
CA VAL B 205 9.20 -1.16 18.13
C VAL B 205 8.00 -0.97 17.21
N THR B 206 7.09 -1.96 17.26
CA THR B 206 5.80 -1.89 16.58
C THR B 206 4.68 -1.88 17.64
N ASP B 207 4.22 -3.05 18.03
CA ASP B 207 3.18 -3.21 19.07
C ASP B 207 3.84 -3.36 20.44
N GLY B 208 3.04 -3.18 21.48
CA GLY B 208 3.47 -3.39 22.86
C GLY B 208 3.97 -2.12 23.49
N THR B 209 4.69 -2.28 24.60
CA THR B 209 5.11 -1.14 25.40
C THR B 209 6.33 -0.50 24.73
N ASP B 210 6.40 0.83 24.75
CA ASP B 210 7.46 1.51 24.02
C ASP B 210 8.84 1.04 24.48
N HIS B 211 9.77 1.07 23.53
CA HIS B 211 11.14 0.65 23.71
C HIS B 211 11.97 1.33 22.64
N ASP B 212 13.10 1.92 23.03
CA ASP B 212 13.99 2.55 22.05
C ASP B 212 14.49 1.52 21.06
N PRO B 213 14.95 1.97 19.88
CA PRO B 213 15.56 1.04 18.92
C PRO B 213 16.76 0.30 19.49
N TRP B 214 16.88 -0.98 19.13
CA TRP B 214 17.96 -1.81 19.67
C TRP B 214 18.17 -3.02 18.76
N LEU B 215 19.10 -3.90 19.16
CA LEU B 215 19.46 -5.13 18.46
C LEU B 215 19.83 -4.89 17.00
N PRO B 216 20.98 -4.22 16.79
CA PRO B 216 21.39 -3.91 15.42
C PRO B 216 21.71 -5.16 14.70
N PHE B 217 21.36 -5.18 13.42
CA PHE B 217 21.44 -6.40 12.61
C PHE B 217 22.18 -6.12 11.36
N VAL B 218 22.67 -7.18 10.75
CA VAL B 218 23.02 -7.07 9.36
C VAL B 218 22.68 -8.39 8.72
N VAL B 219 22.09 -8.34 7.51
CA VAL B 219 21.55 -9.53 6.87
C VAL B 219 22.05 -9.49 5.47
N ARG B 220 22.67 -10.59 5.04
CA ARG B 220 23.38 -10.65 3.78
C ARG B 220 22.64 -11.65 2.92
N PHE B 221 22.44 -11.30 1.65
CA PHE B 221 21.66 -12.16 0.76
C PHE B 221 22.57 -12.59 -0.36
N TYR B 222 22.85 -13.89 -0.47
CA TYR B 222 23.73 -14.33 -1.55
C TYR B 222 22.83 -14.93 -2.62
N LEU B 223 22.88 -14.36 -3.82
CA LEU B 223 22.08 -14.80 -4.96
C LEU B 223 23.03 -15.19 -6.03
N TYR B 224 22.67 -16.23 -6.75
CA TYR B 224 23.55 -16.79 -7.74
C TYR B 224 22.78 -16.97 -9.06
N ALA B 225 23.52 -17.01 -10.15
CA ALA B 225 22.88 -17.12 -11.43
C ALA B 225 22.24 -18.49 -11.58
N ASN B 226 21.09 -18.49 -12.26
CA ASN B 226 20.34 -19.68 -12.54
C ASN B 226 19.77 -20.36 -11.28
N SER B 227 19.66 -19.59 -10.20
CA SER B 227 19.25 -20.13 -8.87
C SER B 227 18.07 -19.40 -8.24
N ALA B 228 17.09 -20.19 -7.84
CA ALA B 228 15.96 -19.72 -7.01
C ALA B 228 16.17 -20.05 -5.54
N THR B 229 17.44 -20.31 -5.17
CA THR B 229 17.87 -20.53 -3.80
C THR B 229 18.65 -19.30 -3.34
N ILE B 230 18.31 -18.79 -2.14
CA ILE B 230 18.99 -17.65 -1.58
C ILE B 230 19.55 -17.96 -0.21
N LYS B 231 20.87 -17.90 -0.10
CA LYS B 231 21.52 -18.07 1.18
C LYS B 231 21.44 -16.70 1.86
N VAL B 232 21.14 -16.73 3.17
CA VAL B 232 20.87 -15.56 4.04
C VAL B 232 21.69 -15.64 5.34
N MET B 233 22.75 -14.83 5.46
CA MET B 233 23.47 -14.69 6.73
C MET B 233 22.95 -13.51 7.59
N HIS B 234 22.18 -13.86 8.62
CA HIS B 234 21.53 -12.96 9.62
C HIS B 234 22.38 -12.85 10.88
N SER B 235 22.91 -11.64 11.12
CA SER B 235 23.81 -11.35 12.22
C SER B 235 23.20 -10.30 13.14
N ILE B 236 23.18 -10.55 14.45
CA ILE B 236 22.74 -9.57 15.44
C ILE B 236 23.77 -9.32 16.55
N VAL B 237 23.87 -8.06 17.00
CA VAL B 237 24.64 -7.67 18.19
C VAL B 237 23.67 -7.43 19.37
N PHE B 238 23.91 -8.03 20.53
CA PHE B 238 23.03 -7.87 21.64
C PHE B 238 23.39 -6.59 22.38
N ASP B 239 22.51 -5.62 22.16
CA ASP B 239 22.55 -4.21 22.53
C ASP B 239 21.90 -4.03 23.91
N GLY B 240 21.11 -4.99 24.35
CA GLY B 240 20.21 -4.81 25.46
C GLY B 240 20.93 -4.70 26.77
N ASP B 241 20.16 -4.34 27.80
CA ASP B 241 20.59 -4.38 29.20
C ASP B 241 19.91 -5.56 29.99
N GLU B 242 20.00 -5.52 31.31
CA GLU B 242 19.47 -6.56 32.21
C GLU B 242 17.97 -6.62 32.22
N ASN B 243 17.31 -5.60 31.65
CA ASN B 243 15.85 -5.54 31.61
C ASN B 243 15.31 -6.01 30.28
N ASP B 244 16.18 -6.32 29.32
CA ASP B 244 15.74 -6.77 28.00
C ASP B 244 15.89 -8.27 27.91
N PHE B 245 14.77 -8.99 27.91
CA PHE B 245 14.76 -10.45 27.76
C PHE B 245 14.20 -10.84 26.38
N ILE B 246 15.06 -11.29 25.46
CA ILE B 246 14.56 -11.65 24.14
C ILE B 246 13.62 -12.83 24.36
N THR B 247 12.55 -12.87 23.59
CA THR B 247 11.45 -13.81 23.78
C THR B 247 11.11 -14.59 22.53
N GLY B 248 11.23 -13.92 21.38
CA GLY B 248 11.16 -14.52 20.05
C GLY B 248 12.02 -13.69 19.09
N LEU B 249 12.54 -14.34 18.07
CA LEU B 249 13.39 -13.72 17.07
C LEU B 249 13.23 -14.53 15.83
N GLY B 250 13.11 -13.82 14.72
CA GLY B 250 12.47 -14.40 13.53
C GLY B 250 12.68 -13.66 12.23
N ILE B 251 12.31 -14.34 11.16
CA ILE B 251 12.32 -13.83 9.81
C ILE B 251 11.03 -14.34 9.24
N ARG B 252 10.22 -13.41 8.73
CA ARG B 252 8.83 -13.70 8.32
C ARG B 252 8.53 -13.26 6.89
N PHE B 253 7.80 -14.11 6.14
CA PHE B 253 7.30 -13.78 4.78
C PHE B 253 5.78 -13.96 4.61
N ASP B 254 5.16 -13.11 3.80
CA ASP B 254 3.77 -13.28 3.32
C ASP B 254 3.76 -14.15 2.08
N VAL B 255 2.79 -15.06 1.95
CA VAL B 255 2.65 -15.93 0.79
C VAL B 255 1.25 -15.71 0.23
N PRO B 256 1.12 -15.31 -1.06
CA PRO B 256 -0.14 -15.01 -1.69
C PRO B 256 -1.28 -15.99 -1.50
N LEU B 257 -1.38 -17.12 -2.17
CA LEU B 257 -2.57 -18.04 -1.89
C LEU B 257 -4.00 -17.60 -2.37
N LYS B 258 -4.33 -16.31 -2.38
CA LYS B 258 -5.60 -15.87 -2.98
C LYS B 258 -5.78 -16.40 -4.40
N GLY B 259 -6.86 -17.14 -4.61
CA GLY B 259 -7.07 -17.82 -5.87
C GLY B 259 -6.86 -19.31 -5.83
N GLU B 260 -6.10 -19.82 -4.87
CA GLU B 260 -5.95 -21.27 -4.75
C GLU B 260 -7.06 -21.77 -3.90
N GLU B 261 -7.73 -22.80 -4.41
CA GLU B 261 -8.71 -23.54 -3.68
C GLU B 261 -7.93 -24.14 -2.50
N TYR B 262 -8.57 -24.16 -1.33
CA TYR B 262 -7.98 -24.72 -0.12
C TYR B 262 -7.33 -26.13 -0.28
N TYR B 263 -7.93 -26.97 -1.13
CA TYR B 263 -7.43 -28.31 -1.40
C TYR B 263 -6.19 -28.32 -2.29
N ASP B 264 -5.89 -27.18 -2.94
CA ASP B 264 -4.68 -27.01 -3.75
C ASP B 264 -3.59 -26.19 -2.99
N ARG B 265 -3.81 -25.86 -1.72
CA ARG B 265 -2.84 -25.18 -0.87
C ARG B 265 -2.07 -26.19 -0.01
N HIS B 266 -0.76 -26.04 0.07
CA HIS B 266 0.04 -27.07 0.66
C HIS B 266 1.00 -26.62 1.77
N ILE B 267 1.20 -27.55 2.68
CA ILE B 267 2.03 -27.36 3.81
C ILE B 267 3.04 -28.47 3.77
N ARG B 268 4.30 -28.13 3.97
CA ARG B 268 5.29 -29.16 4.25
C ARG B 268 6.23 -28.70 5.34
N PHE B 269 6.51 -29.62 6.25
CA PHE B 269 7.60 -29.49 7.20
C PHE B 269 8.55 -30.63 7.00
N ALA B 270 9.85 -30.33 7.02
CA ALA B 270 10.87 -31.35 7.09
C ALA B 270 10.83 -31.98 8.47
N GLY B 271 10.93 -33.31 8.48
CA GLY B 271 11.05 -34.13 9.69
C GLY B 271 12.47 -34.65 10.02
N VAL B 272 12.54 -35.94 10.34
CA VAL B 272 13.73 -36.58 10.86
C VAL B 272 14.34 -37.31 9.68
N ASP B 273 15.68 -37.24 9.58
CA ASP B 273 16.48 -38.04 8.64
C ASP B 273 15.77 -38.20 7.27
N GLY B 274 15.48 -37.10 6.59
CA GLY B 274 15.01 -37.16 5.17
C GLY B 274 13.51 -37.23 4.99
N GLY B 275 12.79 -37.14 6.11
CA GLY B 275 11.37 -37.13 6.17
C GLY B 275 10.74 -35.81 5.79
N ILE B 276 9.50 -35.90 5.29
CA ILE B 276 8.65 -34.75 5.03
C ILE B 276 7.21 -35.05 5.45
N PHE B 277 6.67 -34.10 6.22
CA PHE B 277 5.25 -33.92 6.54
C PHE B 277 4.52 -33.26 5.36
N ASN B 278 3.47 -33.91 4.86
CA ASN B 278 2.79 -33.52 3.58
C ASN B 278 1.28 -33.34 3.84
N GLU B 279 0.85 -32.09 3.93
CA GLU B 279 -0.57 -31.81 4.10
C GLU B 279 -1.14 -30.68 3.28
N ALA B 280 -2.45 -30.71 3.11
CA ALA B 280 -3.21 -29.67 2.44
C ALA B 280 -4.00 -28.85 3.47
N VAL B 281 -4.22 -27.58 3.16
CA VAL B 281 -5.04 -26.74 4.02
C VAL B 281 -6.46 -27.33 4.17
N GLN B 282 -7.03 -27.82 3.07
CA GLN B 282 -8.29 -28.55 3.14
C GLN B 282 -7.97 -29.91 2.57
N GLY B 283 -7.92 -30.90 3.46
CA GLY B 283 -7.48 -32.26 3.13
C GLY B 283 -8.61 -33.08 2.57
N ILE B 284 -8.29 -33.84 1.53
CA ILE B 284 -9.27 -34.59 0.74
C ILE B 284 -9.09 -36.09 0.82
N THR B 285 -8.03 -36.51 1.51
CA THR B 285 -7.72 -37.90 1.89
C THR B 285 -8.21 -38.25 3.32
N GLY B 286 -8.44 -39.53 3.56
CA GLY B 286 -8.93 -40.03 4.86
C GLY B 286 -10.34 -39.63 5.28
N LEU B 287 -11.18 -39.32 4.31
CA LEU B 287 -12.58 -38.95 4.54
C LEU B 287 -13.38 -40.23 4.43
N ARG B 288 -14.66 -40.15 4.83
CA ARG B 288 -15.58 -41.29 4.81
C ARG B 288 -15.82 -41.84 3.42
N ARG B 289 -15.77 -40.90 2.45
CA ARG B 289 -16.01 -41.12 1.03
C ARG B 289 -14.79 -40.66 0.24
N ASP B 290 -14.54 -41.40 -0.82
CA ASP B 290 -13.33 -41.29 -1.59
C ASP B 290 -13.66 -40.48 -2.83
N PRO B 291 -12.97 -39.34 -3.04
CA PRO B 291 -13.30 -38.56 -4.24
C PRO B 291 -12.75 -39.20 -5.52
N GLY B 292 -11.85 -40.16 -5.35
CA GLY B 292 -11.15 -40.79 -6.44
C GLY B 292 -9.70 -40.97 -6.05
N GLU B 293 -9.16 -42.12 -6.41
CA GLU B 293 -7.79 -42.45 -6.16
C GLU B 293 -6.78 -41.50 -6.81
N GLU B 294 -7.03 -41.03 -8.01
CA GLU B 294 -6.05 -40.19 -8.72
C GLU B 294 -6.01 -38.80 -8.04
N ILE B 295 -7.17 -38.40 -7.53
CA ILE B 295 -7.37 -37.11 -6.91
C ILE B 295 -6.68 -37.08 -5.56
N ARG B 296 -6.84 -38.16 -4.80
CA ARG B 296 -6.08 -38.32 -3.57
C ARG B 296 -4.58 -38.33 -3.84
N ALA B 297 -4.11 -39.11 -4.82
CA ALA B 297 -2.66 -39.14 -5.10
C ALA B 297 -2.18 -37.76 -5.46
N ALA B 298 -2.93 -37.07 -6.30
CA ALA B 298 -2.57 -35.73 -6.71
C ALA B 298 -2.37 -34.75 -5.54
N GLN B 299 -3.22 -34.85 -4.50
CA GLN B 299 -3.13 -33.92 -3.36
C GLN B 299 -1.87 -34.18 -2.54
N PHE B 300 -1.64 -35.45 -2.28
CA PHE B 300 -0.45 -35.87 -1.60
C PHE B 300 0.77 -35.44 -2.40
N ALA B 301 0.69 -35.49 -3.73
CA ALA B 301 1.85 -35.14 -4.57
C ALA B 301 2.10 -33.62 -4.67
N GLY B 302 1.11 -32.81 -4.29
CA GLY B 302 1.15 -31.35 -4.34
C GLY B 302 0.61 -30.78 -5.63
N GLN B 303 -0.25 -31.53 -6.32
CA GLN B 303 -0.71 -31.10 -7.64
C GLN B 303 -2.06 -30.40 -7.60
N LYS B 304 -2.35 -29.60 -8.60
CA LYS B 304 -3.70 -29.11 -8.80
C LYS B 304 -4.60 -30.33 -8.98
N LEU B 305 -5.71 -30.35 -8.24
CA LEU B 305 -6.70 -31.40 -8.36
C LEU B 305 -7.62 -31.16 -9.56
N ALA B 306 -8.10 -32.26 -10.15
CA ALA B 306 -9.12 -32.21 -11.20
C ALA B 306 -10.33 -31.37 -10.79
N ASP B 307 -11.11 -30.99 -11.78
CA ASP B 307 -12.23 -30.10 -11.56
C ASP B 307 -13.29 -30.83 -10.71
N THR B 308 -13.88 -30.12 -9.75
CA THR B 308 -14.89 -30.67 -8.82
C THR B 308 -16.04 -31.47 -9.48
N GLU B 309 -16.39 -31.15 -10.73
CA GLU B 309 -17.36 -31.95 -11.54
C GLU B 309 -16.96 -33.41 -11.75
N THR B 310 -15.66 -33.73 -11.73
CA THR B 310 -15.16 -35.07 -12.01
C THR B 310 -15.02 -35.94 -10.77
N TRP B 311 -15.22 -35.36 -9.60
CA TRP B 311 -15.09 -36.14 -8.37
C TRP B 311 -16.34 -36.92 -8.15
N GLU B 312 -16.20 -38.01 -7.39
CA GLU B 312 -17.34 -38.67 -6.76
C GLU B 312 -18.11 -37.58 -5.96
N PRO B 313 -19.40 -37.36 -6.28
CA PRO B 313 -20.11 -36.17 -5.78
C PRO B 313 -20.50 -36.16 -4.30
N ARG B 314 -20.57 -37.30 -3.65
CA ARG B 314 -20.77 -37.27 -2.19
C ARG B 314 -19.60 -36.62 -1.41
N VAL B 315 -18.54 -36.17 -2.10
CA VAL B 315 -17.45 -35.34 -1.54
C VAL B 315 -17.56 -33.85 -1.87
N SER B 316 -17.62 -33.50 -3.15
CA SER B 316 -17.62 -32.09 -3.60
C SER B 316 -18.79 -31.26 -3.05
N THR B 317 -19.94 -31.91 -2.84
CA THR B 317 -21.12 -31.36 -2.17
C THR B 317 -20.93 -31.07 -0.65
N ARG B 318 -19.86 -31.63 -0.06
CA ARG B 318 -19.63 -31.57 1.37
C ARG B 318 -18.28 -30.96 1.79
N LEU B 319 -17.58 -30.30 0.86
CA LEU B 319 -16.39 -29.55 1.21
C LEU B 319 -16.65 -28.54 2.33
N LYS B 320 -17.80 -27.86 2.33
CA LYS B 320 -18.22 -26.96 3.44
C LYS B 320 -17.95 -27.59 4.79
N TRP B 321 -18.22 -28.90 4.94
CA TRP B 321 -18.10 -29.59 6.22
C TRP B 321 -16.71 -30.20 6.51
N ILE B 322 -15.77 -30.00 5.62
CA ILE B 322 -14.42 -30.40 5.85
C ILE B 322 -13.64 -29.20 6.39
N PRO B 323 -13.05 -29.37 7.59
CA PRO B 323 -12.36 -28.28 8.22
C PRO B 323 -11.22 -27.75 7.38
N THR B 324 -10.71 -26.64 7.81
CA THR B 324 -9.82 -25.88 7.00
C THR B 324 -8.80 -25.38 8.00
N TRP B 325 -7.54 -25.82 7.82
CA TRP B 325 -6.47 -25.63 8.81
C TRP B 325 -5.64 -24.46 8.39
N ALA B 326 -5.82 -23.35 9.08
CA ALA B 326 -5.10 -22.13 8.81
C ALA B 326 -3.69 -22.15 9.40
N ASP B 327 -3.50 -22.64 10.64
CA ASP B 327 -2.24 -22.40 11.38
C ASP B 327 -1.53 -23.72 11.68
N TYR B 328 -0.21 -23.67 11.64
CA TYR B 328 0.60 -24.83 11.83
C TYR B 328 1.84 -24.41 12.59
N GLY B 329 2.23 -25.16 13.62
CA GLY B 329 3.40 -24.80 14.43
C GLY B 329 4.27 -25.99 14.78
N LEU B 330 5.51 -25.98 14.27
CA LEU B 330 6.57 -26.87 14.74
C LEU B 330 7.44 -26.14 15.80
N THR B 331 7.67 -26.74 16.95
CA THR B 331 8.50 -26.13 17.99
C THR B 331 9.54 -27.13 18.49
N GLN B 332 10.79 -26.68 18.50
CA GLN B 332 11.95 -27.48 18.81
C GLN B 332 12.66 -26.76 19.97
N LEU B 333 12.18 -27.03 21.18
CA LEU B 333 12.57 -26.30 22.35
C LEU B 333 13.64 -27.04 23.15
N THR B 334 13.97 -28.24 22.69
CA THR B 334 15.17 -28.97 23.15
C THR B 334 15.93 -29.54 21.94
N ALA B 335 17.15 -29.98 22.15
CA ALA B 335 17.90 -30.63 21.07
C ALA B 335 17.44 -32.05 20.77
N ASP B 336 16.52 -32.62 21.55
CA ASP B 336 16.10 -34.02 21.37
C ASP B 336 14.66 -34.30 21.04
N GLY B 337 13.78 -33.30 21.15
CA GLY B 337 12.34 -33.44 20.80
C GLY B 337 11.65 -32.21 20.20
N PHE B 338 10.71 -32.46 19.27
CA PHE B 338 9.86 -31.40 18.75
C PHE B 338 8.40 -31.74 18.84
N GLY B 339 7.60 -30.71 19.00
CA GLY B 339 6.16 -30.84 18.97
C GLY B 339 5.67 -30.18 17.68
N LEU B 340 4.50 -30.59 17.23
CA LEU B 340 3.95 -30.12 15.99
C LEU B 340 2.44 -30.19 16.12
N LYS B 341 1.77 -29.17 15.62
CA LYS B 341 0.30 -29.00 15.87
C LYS B 341 -0.38 -28.10 14.83
N LYS B 342 -1.67 -28.32 14.61
CA LYS B 342 -2.42 -27.42 13.75
C LYS B 342 -3.74 -26.99 14.38
N ARG B 343 -4.25 -25.91 13.81
CA ARG B 343 -5.41 -25.21 14.33
C ARG B 343 -6.28 -24.75 13.16
N THR B 344 -7.61 -24.84 13.31
CA THR B 344 -8.52 -24.29 12.28
C THR B 344 -8.38 -22.76 12.15
N LYS B 345 -8.38 -22.08 13.30
CA LYS B 345 -8.76 -20.69 13.43
C LYS B 345 -8.36 -20.24 14.85
N ALA B 346 -7.82 -19.03 15.02
CA ALA B 346 -7.66 -18.49 16.39
C ALA B 346 -8.99 -18.56 17.12
N GLY B 347 -8.96 -18.84 18.42
CA GLY B 347 -10.18 -19.05 19.22
C GLY B 347 -10.66 -20.50 19.32
N GLN B 348 -9.92 -21.42 18.71
CA GLN B 348 -10.18 -22.83 18.80
C GLN B 348 -8.92 -23.44 19.34
N SER B 349 -9.04 -24.66 19.82
CA SER B 349 -7.90 -25.40 20.30
C SER B 349 -7.02 -25.87 19.11
N TRP B 350 -5.77 -26.20 19.44
CA TRP B 350 -4.83 -26.80 18.50
C TRP B 350 -5.03 -28.29 18.58
N VAL B 351 -4.86 -28.97 17.46
CA VAL B 351 -4.84 -30.42 17.39
C VAL B 351 -3.40 -30.85 17.26
N ASN B 352 -3.00 -31.80 18.10
CA ASN B 352 -1.63 -32.23 18.13
C ASN B 352 -1.37 -33.18 16.97
N ILE B 353 -0.14 -33.15 16.44
CA ILE B 353 0.24 -33.93 15.25
C ILE B 353 1.36 -34.92 15.64
N PRO B 354 1.38 -36.11 15.02
CA PRO B 354 2.49 -37.01 15.33
C PRO B 354 3.87 -36.38 14.96
N SER B 355 4.70 -36.16 16.00
CA SER B 355 6.00 -35.51 15.88
C SER B 355 7.17 -36.52 16.13
N GLY B 356 8.35 -36.00 16.46
CA GLY B 356 9.39 -36.85 17.01
C GLY B 356 10.60 -36.09 17.52
N THR B 357 11.77 -36.58 17.13
CA THR B 357 13.03 -36.27 17.76
C THR B 357 13.58 -34.92 17.30
N ARG B 358 14.08 -34.88 16.06
CA ARG B 358 14.86 -33.74 15.57
C ARG B 358 14.42 -33.32 14.17
N ALA B 359 13.72 -32.19 14.08
CA ALA B 359 13.23 -31.71 12.79
C ALA B 359 14.38 -31.08 12.05
N GLU B 360 14.54 -31.40 10.78
CA GLU B 360 15.66 -30.89 10.02
C GLU B 360 15.48 -29.42 9.59
N GLY B 361 14.33 -28.81 9.88
CA GLY B 361 14.22 -27.35 9.92
C GLY B 361 13.84 -26.57 8.68
N LEU B 362 12.94 -27.09 7.88
CA LEU B 362 12.45 -26.43 6.71
C LEU B 362 10.95 -26.49 6.77
N ALA B 363 10.31 -25.44 6.25
CA ALA B 363 8.85 -25.32 6.16
C ALA B 363 8.51 -24.72 4.84
N TYR B 364 7.45 -25.20 4.21
CA TYR B 364 6.95 -24.66 2.93
C TYR B 364 5.48 -24.29 3.08
N LEU B 365 5.10 -23.20 2.41
CA LEU B 365 3.71 -22.77 2.27
C LEU B 365 3.52 -22.24 0.85
N GLY B 366 2.47 -22.69 0.20
CA GLY B 366 2.25 -22.39 -1.20
C GLY B 366 1.09 -23.18 -1.80
N GLY B 367 1.05 -23.22 -3.12
CA GLY B 367 -0.01 -23.96 -3.86
C GLY B 367 0.41 -24.40 -5.25
N ALA B 368 -0.36 -25.33 -5.81
CA ALA B 368 -0.06 -25.86 -7.16
C ALA B 368 -0.17 -24.86 -8.33
N THR B 369 -0.75 -23.70 -8.08
CA THR B 369 -1.03 -22.67 -9.05
C THR B 369 -0.45 -21.33 -8.61
N GLN B 370 -0.67 -20.97 -7.32
CA GLN B 370 -0.11 -19.71 -6.80
C GLN B 370 1.40 -19.74 -6.58
N GLY B 371 2.01 -20.92 -6.60
CA GLY B 371 3.40 -21.10 -6.21
C GLY B 371 3.57 -21.01 -4.70
N GLY B 372 4.78 -20.70 -4.24
CA GLY B 372 5.03 -20.45 -2.82
C GLY B 372 6.49 -20.49 -2.44
N LEU B 373 6.72 -20.61 -1.15
CA LEU B 373 8.00 -20.31 -0.54
C LEU B 373 8.33 -21.33 0.55
N ALA B 374 9.60 -21.73 0.57
CA ALA B 374 10.16 -22.51 1.68
C ALA B 374 11.25 -21.71 2.38
N VAL B 375 11.30 -21.85 3.69
CA VAL B 375 12.27 -21.15 4.48
C VAL B 375 12.86 -22.21 5.39
N GLY B 376 14.15 -22.10 5.68
CA GLY B 376 14.75 -23.01 6.62
C GLY B 376 15.93 -22.44 7.35
N LEU B 377 16.34 -23.14 8.40
CA LEU B 377 17.53 -22.82 9.20
C LEU B 377 18.58 -23.97 9.21
N ARG B 378 19.79 -23.66 8.72
CA ARG B 378 20.90 -24.60 8.81
C ARG B 378 21.12 -24.97 10.26
N ASP B 379 21.30 -26.27 10.54
CA ASP B 379 21.58 -26.80 11.87
C ASP B 379 20.44 -26.49 12.84
N PHE B 380 19.22 -26.45 12.33
CA PHE B 380 18.01 -26.07 13.07
C PHE B 380 17.94 -26.50 14.54
N TRP B 381 17.88 -27.81 14.77
CA TRP B 381 17.73 -28.37 16.13
C TRP B 381 19.00 -28.20 16.98
N LYS B 382 20.14 -28.06 16.30
CA LYS B 382 21.39 -27.82 16.99
C LYS B 382 21.43 -26.46 17.59
N ARG B 383 20.48 -25.61 17.19
CA ARG B 383 20.43 -24.18 17.57
C ARG B 383 19.15 -23.80 18.37
N TYR B 384 18.57 -24.82 19.02
CA TYR B 384 17.34 -24.73 19.76
C TYR B 384 17.48 -23.62 20.82
N PRO B 385 16.38 -23.05 21.33
CA PRO B 385 15.04 -23.34 20.92
C PRO B 385 14.65 -22.61 19.67
N VAL B 386 14.14 -23.33 18.67
CA VAL B 386 13.75 -22.78 17.37
C VAL B 386 12.34 -23.23 16.97
N GLY B 387 11.85 -22.68 15.86
CA GLY B 387 10.47 -22.95 15.41
C GLY B 387 10.19 -22.62 13.97
N LEU B 388 9.08 -23.18 13.47
CA LEU B 388 8.51 -22.85 12.16
C LEU B 388 6.99 -22.72 12.28
N ASP B 389 6.46 -21.65 11.72
CA ASP B 389 5.02 -21.35 11.76
C ASP B 389 4.50 -20.98 10.37
N ILE B 390 3.43 -21.65 9.95
CA ILE B 390 2.56 -21.26 8.86
C ILE B 390 1.36 -20.64 9.55
N SER B 391 0.79 -19.63 8.90
CA SER B 391 -0.14 -18.73 9.55
C SER B 391 -1.20 -18.23 8.55
N ASN B 392 -2.49 -18.35 8.91
CA ASN B 392 -3.62 -17.83 8.04
C ASN B 392 -3.63 -18.41 6.58
N ALA B 393 -3.42 -19.72 6.45
CA ALA B 393 -3.40 -20.39 5.16
C ALA B 393 -4.79 -20.66 4.62
N ALA B 394 -5.83 -20.30 5.38
CA ALA B 394 -7.21 -20.22 4.85
C ALA B 394 -7.66 -18.81 4.38
N SER B 395 -6.71 -17.89 4.22
CA SER B 395 -6.91 -16.49 3.85
C SER B 395 -6.21 -16.15 2.55
N ASP B 396 -6.57 -14.98 2.04
CA ASP B 396 -5.94 -14.36 0.89
C ASP B 396 -4.44 -14.31 0.96
N THR B 397 -3.90 -14.16 2.18
CA THR B 397 -2.46 -14.10 2.41
C THR B 397 -2.07 -14.99 3.59
N GLY B 398 -1.14 -15.93 3.29
CA GLY B 398 -0.46 -16.76 4.30
C GLY B 398 0.74 -16.07 4.88
N GLU B 399 1.14 -16.44 6.09
CA GLU B 399 2.47 -16.07 6.59
C GLU B 399 3.26 -17.36 6.88
N LEU B 400 4.55 -17.31 6.52
CA LEU B 400 5.52 -18.37 6.79
C LEU B 400 6.63 -17.71 7.59
N THR B 401 6.93 -18.25 8.77
CA THR B 401 7.83 -17.64 9.71
C THR B 401 8.80 -18.66 10.27
N LEU B 402 10.10 -18.36 10.18
CA LEU B 402 11.15 -19.14 10.83
C LEU B 402 11.51 -18.41 12.11
N TRP B 403 11.43 -19.11 13.24
CA TRP B 403 11.80 -18.55 14.52
C TRP B 403 13.21 -18.97 14.87
N LEU B 404 14.14 -18.02 14.87
CA LEU B 404 15.52 -18.30 15.29
C LEU B 404 15.61 -18.46 16.79
N TYR B 405 14.63 -17.90 17.50
CA TYR B 405 14.44 -18.14 18.93
C TYR B 405 12.96 -18.23 19.14
N SER B 406 12.48 -19.34 19.71
CA SER B 406 11.05 -19.62 19.76
C SER B 406 10.47 -18.97 20.95
N PRO B 407 9.30 -18.31 20.77
CA PRO B 407 8.49 -17.82 21.90
C PRO B 407 7.91 -18.86 22.81
N ALA B 408 7.80 -20.12 22.35
CA ALA B 408 7.40 -21.27 23.21
C ALA B 408 8.50 -21.71 24.20
N ALA B 409 9.70 -21.18 24.03
CA ALA B 409 10.74 -21.35 25.01
C ALA B 409 10.61 -20.35 26.17
N GLU B 410 11.38 -20.60 27.20
CA GLU B 410 11.50 -19.68 28.32
C GLU B 410 12.28 -18.48 27.76
N PRO B 411 12.02 -17.28 28.27
CA PRO B 411 12.74 -16.14 27.71
C PRO B 411 14.28 -16.24 27.76
N LEU B 412 14.98 -15.57 26.84
CA LEU B 412 16.44 -15.65 26.83
C LEU B 412 17.01 -14.71 27.86
N ASP B 413 17.60 -15.28 28.92
CA ASP B 413 18.19 -14.55 30.06
C ASP B 413 19.74 -14.54 29.96
N LEU B 414 20.31 -13.41 29.58
CA LEU B 414 21.77 -13.29 29.44
C LEU B 414 22.51 -12.66 30.63
N ARG B 415 21.83 -12.55 31.76
CA ARG B 415 22.35 -11.87 32.96
C ARG B 415 23.34 -12.72 33.76
N PRO B 416 24.13 -12.09 34.63
CA PRO B 416 25.06 -12.92 35.42
C PRO B 416 24.42 -14.12 36.10
N PHE B 417 25.13 -15.25 36.07
CA PHE B 417 24.68 -16.45 36.75
C PHE B 417 24.90 -16.35 38.26
N HIS B 418 25.79 -15.43 38.70
CA HIS B 418 25.87 -15.06 40.14
C HIS B 418 26.07 -13.55 40.53
N ASP B 419 25.78 -13.26 41.80
CA ASP B 419 25.86 -11.87 42.34
C ASP B 419 27.27 -11.41 42.78
N GLY B 420 28.21 -12.35 42.85
CA GLY B 420 29.61 -12.08 43.12
C GLY B 420 29.96 -12.64 44.49
N LEU B 421 28.97 -13.19 45.20
CA LEU B 421 29.22 -14.02 46.36
C LEU B 421 29.86 -13.29 47.54
N GLY B 422 29.81 -11.96 47.53
CA GLY B 422 30.44 -11.07 48.53
C GLY B 422 31.84 -10.57 48.19
N GLN B 423 32.25 -10.77 46.96
CA GLN B 423 33.55 -10.35 46.53
C GLN B 423 33.56 -8.84 46.54
N ASP B 424 34.58 -8.26 47.19
CA ASP B 424 34.76 -6.81 47.31
C ASP B 424 36.23 -6.43 47.02
N GLY B 425 36.54 -6.26 45.74
CA GLY B 425 37.88 -5.85 45.30
C GLY B 425 38.81 -6.91 44.71
N TYR B 426 39.94 -6.46 44.15
CA TYR B 426 40.87 -7.35 43.47
C TYR B 426 41.33 -8.55 44.33
N GLU B 427 41.52 -8.32 45.61
CA GLU B 427 42.08 -9.34 46.44
C GLU B 427 41.09 -10.51 46.64
N ASP B 428 39.82 -10.22 46.96
CA ASP B 428 38.77 -11.25 47.03
C ASP B 428 38.56 -11.94 45.66
N GLN B 429 38.63 -11.15 44.59
CA GLN B 429 38.45 -11.67 43.25
C GLN B 429 39.52 -12.70 42.89
N LEU B 430 40.78 -12.39 43.17
CA LEU B 430 41.90 -13.32 42.91
C LEU B 430 41.90 -14.47 43.86
N ASP B 431 41.33 -14.28 45.03
CA ASP B 431 41.20 -15.37 45.95
C ASP B 431 40.18 -16.40 45.44
N ALA B 432 39.08 -15.93 44.87
CA ALA B 432 38.10 -16.83 44.28
C ALA B 432 38.67 -17.51 43.03
N LEU B 433 39.51 -16.79 42.28
CA LEU B 433 40.23 -17.38 41.14
C LEU B 433 41.01 -18.62 41.55
N GLU B 434 41.57 -18.62 42.76
CA GLU B 434 42.26 -19.80 43.29
C GLU B 434 41.41 -21.06 43.47
N ILE B 435 40.07 -20.95 43.59
CA ILE B 435 39.24 -22.16 43.83
C ILE B 435 38.30 -22.59 42.70
N THR B 436 37.73 -21.64 41.99
CA THR B 436 36.91 -21.97 40.80
C THR B 436 37.54 -21.57 39.48
N TYR B 437 38.76 -21.03 39.49
CA TYR B 437 39.41 -20.56 38.26
C TYR B 437 38.62 -19.45 37.49
N GLU B 438 37.71 -18.76 38.19
CA GLU B 438 37.02 -17.60 37.65
C GLU B 438 37.68 -16.31 38.14
N ASP B 439 37.92 -15.36 37.24
CA ASP B 439 38.33 -14.01 37.64
C ASP B 439 37.10 -13.06 37.59
N TRP B 440 36.33 -12.97 38.66
CA TRP B 440 35.12 -12.13 38.61
C TRP B 440 35.38 -10.62 38.82
N GLU B 441 34.58 -9.78 38.19
CA GLU B 441 34.59 -8.36 38.52
C GLU B 441 33.19 -7.70 38.29
N PRO B 442 32.69 -6.91 39.27
CA PRO B 442 31.41 -6.22 39.13
C PRO B 442 31.29 -5.50 37.81
N GLY B 443 30.16 -5.65 37.10
CA GLY B 443 29.97 -5.05 35.77
C GLY B 443 30.73 -5.70 34.59
N PHE B 444 31.57 -6.71 34.82
CA PHE B 444 32.29 -7.36 33.74
C PHE B 444 31.56 -8.59 33.20
N ASP B 445 30.63 -9.10 33.98
CA ASP B 445 29.89 -10.30 33.64
C ASP B 445 28.71 -9.93 32.77
N THR B 446 28.98 -9.26 31.64
CA THR B 446 27.95 -8.64 30.84
C THR B 446 28.00 -9.15 29.39
N PRO B 447 26.80 -9.37 28.79
CA PRO B 447 26.65 -9.82 27.41
C PRO B 447 26.59 -8.71 26.39
N TYR B 448 26.66 -7.47 26.86
CA TYR B 448 26.51 -6.28 26.02
C TYR B 448 27.55 -6.30 24.93
N GLY B 449 27.07 -6.43 23.70
CA GLY B 449 27.88 -6.25 22.50
C GLY B 449 28.32 -7.56 21.89
N ILE B 450 27.83 -8.69 22.42
CA ILE B 450 28.11 -9.97 21.79
C ILE B 450 27.23 -10.10 20.57
N ALA B 451 27.61 -10.97 19.65
CA ALA B 451 26.86 -11.17 18.44
C ALA B 451 26.60 -12.64 18.22
N ARG B 452 25.74 -12.91 17.25
CA ARG B 452 25.52 -14.25 16.73
C ARG B 452 25.01 -14.21 15.28
N THR B 453 25.58 -15.05 14.42
CA THR B 453 25.21 -15.13 12.99
C THR B 453 24.51 -16.46 12.76
N SER B 454 23.38 -16.43 12.06
CA SER B 454 22.51 -17.58 11.79
C SER B 454 22.50 -17.78 10.27
N GLU B 455 22.50 -19.02 9.80
CA GLU B 455 22.59 -19.30 8.37
C GLU B 455 21.25 -19.82 7.87
N VAL B 456 20.61 -19.03 7.00
CA VAL B 456 19.21 -19.24 6.62
C VAL B 456 19.10 -19.36 5.11
N TYR B 457 18.17 -20.19 4.66
CA TYR B 457 17.88 -20.36 3.26
C TYR B 457 16.40 -20.04 2.92
N LEU B 458 16.22 -19.42 1.75
CA LEU B 458 14.92 -19.14 1.13
C LEU B 458 14.92 -19.84 -0.19
N PHE B 459 13.79 -20.47 -0.52
CA PHE B 459 13.62 -21.24 -1.74
C PHE B 459 12.27 -20.83 -2.39
N ALA B 460 12.33 -20.28 -3.61
CA ALA B 460 11.14 -19.87 -4.34
C ALA B 460 10.75 -21.00 -5.22
N PHE B 461 9.44 -21.25 -5.30
CA PHE B 461 8.85 -22.26 -6.22
C PHE B 461 7.69 -21.66 -7.02
N ASP B 462 7.68 -21.97 -8.31
CA ASP B 462 6.59 -21.60 -9.22
C ASP B 462 5.28 -22.35 -8.93
N GLN B 463 5.42 -23.50 -8.27
CA GLN B 463 4.32 -24.36 -7.81
C GLN B 463 4.86 -25.31 -6.69
N THR B 464 3.92 -25.91 -5.94
CA THR B 464 4.25 -26.88 -4.89
C THR B 464 5.11 -27.96 -5.54
N PRO B 465 6.34 -28.15 -5.03
CA PRO B 465 7.26 -29.08 -5.60
C PRO B 465 7.05 -30.43 -4.99
N THR B 466 7.78 -31.41 -5.49
CA THR B 466 7.74 -32.77 -4.95
C THR B 466 8.30 -32.79 -3.51
N SER B 467 7.90 -33.77 -2.74
CA SER B 467 8.47 -33.98 -1.43
C SER B 467 9.98 -34.32 -1.54
N ASP B 468 10.34 -35.14 -2.50
CA ASP B 468 11.76 -35.39 -2.83
C ASP B 468 12.59 -34.12 -3.08
N LYS B 469 12.04 -33.12 -3.76
CA LYS B 469 12.77 -31.84 -3.93
C LYS B 469 12.98 -31.15 -2.55
N LEU B 470 11.96 -31.13 -1.71
CA LEU B 470 12.05 -30.45 -0.43
C LEU B 470 13.04 -31.14 0.49
N ALA B 471 13.08 -32.48 0.41
CA ALA B 471 14.00 -33.29 1.23
C ALA B 471 15.41 -33.03 0.79
N SER B 472 15.60 -33.05 -0.52
CA SER B 472 16.85 -32.70 -1.13
C SER B 472 17.36 -31.32 -0.72
N LEU B 473 16.45 -30.37 -0.62
CA LEU B 473 16.86 -29.01 -0.30
C LEU B 473 17.09 -28.87 1.23
N THR B 474 16.32 -29.61 2.04
CA THR B 474 16.59 -29.70 3.48
C THR B 474 18.02 -30.22 3.69
N ALA B 475 18.36 -31.29 2.99
CA ALA B 475 19.71 -31.87 3.01
C ALA B 475 20.79 -30.87 2.55
N TYR B 476 20.59 -30.26 1.37
CA TYR B 476 21.42 -29.18 0.88
C TYR B 476 21.62 -28.14 2.01
N MET B 477 20.52 -27.60 2.50
CA MET B 477 20.56 -26.53 3.47
C MET B 477 21.39 -26.91 4.69
N ASN B 478 21.19 -28.14 5.16
CA ASN B 478 21.90 -28.64 6.37
C ASN B 478 23.32 -29.12 6.09
N ASP B 479 23.73 -29.13 4.83
CA ASP B 479 25.07 -29.52 4.50
C ASP B 479 25.52 -28.83 3.18
N PRO B 480 25.66 -27.49 3.22
CA PRO B 480 25.91 -26.77 1.98
C PRO B 480 27.21 -27.25 1.33
N PRO B 481 27.17 -27.52 0.03
CA PRO B 481 28.37 -27.89 -0.65
C PRO B 481 29.45 -26.80 -0.63
N VAL B 482 30.69 -27.29 -0.58
CA VAL B 482 31.86 -26.52 -0.38
C VAL B 482 32.98 -27.07 -1.27
N LEU B 483 33.58 -26.16 -2.03
CA LEU B 483 34.76 -26.41 -2.81
C LEU B 483 35.99 -25.85 -2.08
N VAL B 484 37.02 -26.69 -2.02
CA VAL B 484 38.31 -26.34 -1.43
C VAL B 484 39.45 -26.81 -2.27
N ALA B 485 40.56 -26.10 -2.15
CA ALA B 485 41.78 -26.50 -2.82
C ALA B 485 42.39 -27.76 -2.19
N GLU B 486 43.25 -28.46 -2.96
CA GLU B 486 44.05 -29.62 -2.50
C GLU B 486 44.95 -29.14 -1.35
N PRO B 487 45.04 -29.91 -0.25
CA PRO B 487 45.99 -29.54 0.83
C PRO B 487 47.41 -29.30 0.33
N LYS B 488 47.84 -30.13 -0.62
CA LYS B 488 49.19 -30.05 -1.17
C LYS B 488 49.42 -28.67 -1.76
N TYR B 489 48.46 -28.24 -2.57
CA TYR B 489 48.54 -26.95 -3.23
C TYR B 489 48.50 -25.83 -2.23
N ILE B 490 47.63 -25.94 -1.23
CA ILE B 490 47.56 -24.87 -0.24
C ILE B 490 48.92 -24.74 0.51
N HIS B 491 49.52 -25.86 0.84
CA HIS B 491 50.83 -25.89 1.45
C HIS B 491 51.97 -25.31 0.59
N GLU B 492 51.89 -25.59 -0.70
CA GLU B 492 52.93 -25.27 -1.68
C GLU B 492 53.04 -23.77 -1.92
N THR B 493 51.91 -23.07 -1.90
CA THR B 493 51.85 -21.60 -2.07
C THR B 493 52.28 -20.82 -0.82
N GLN B 494 52.32 -21.50 0.32
CA GLN B 494 52.71 -20.90 1.57
C GLN B 494 51.80 -19.72 1.89
N ALA B 495 50.57 -19.76 1.39
CA ALA B 495 49.64 -18.66 1.57
C ALA B 495 48.83 -18.73 2.86
N LEU B 496 48.95 -19.84 3.60
CA LEU B 496 48.27 -19.97 4.88
C LEU B 496 49.22 -20.48 5.93
N GLY B 497 50.39 -19.86 6.00
CA GLY B 497 51.39 -20.19 6.98
C GLY B 497 52.31 -21.37 6.62
N GLU B 498 53.55 -21.31 7.11
CA GLU B 498 54.58 -22.34 6.86
C GLU B 498 54.73 -23.35 8.02
N TYR B 499 53.94 -23.21 9.07
CA TYR B 499 54.10 -23.97 10.30
C TYR B 499 53.23 -25.24 10.29
N TRP B 500 52.95 -25.76 9.10
CA TRP B 500 52.21 -27.01 8.97
C TRP B 500 52.57 -27.63 7.65
N ALA B 501 52.40 -28.95 7.59
CA ALA B 501 52.75 -29.74 6.44
C ALA B 501 51.79 -30.92 6.35
N LEU B 502 51.79 -31.63 5.22
CA LEU B 502 50.94 -32.82 5.08
C LEU B 502 51.43 -33.99 5.92
N PRO B 503 50.55 -34.96 6.24
CA PRO B 503 50.95 -36.21 6.93
C PRO B 503 51.44 -37.30 5.98
N SER B 505 55.57 -38.63 5.98
CA SER B 505 56.59 -39.22 6.88
C SER B 505 56.32 -40.68 7.24
N ALA B 506 57.29 -41.56 6.96
CA ALA B 506 57.16 -43.01 7.18
C ALA B 506 57.59 -43.47 8.59
N SER B 507 58.06 -42.53 9.41
CA SER B 507 58.45 -42.83 10.78
C SER B 507 57.29 -43.44 11.51
N PRO B 508 57.45 -44.63 12.07
CA PRO B 508 56.37 -45.24 12.87
C PRO B 508 55.81 -44.33 13.97
N ALA B 509 56.69 -43.51 14.55
CA ALA B 509 56.31 -42.48 15.54
C ALA B 509 55.36 -41.48 14.92
N ALA B 510 55.73 -40.90 13.79
CA ALA B 510 54.84 -39.93 13.11
C ALA B 510 53.47 -40.52 12.87
N ALA B 511 53.43 -41.80 12.51
CA ALA B 511 52.15 -42.46 12.26
C ALA B 511 51.30 -42.59 13.53
N THR B 512 51.94 -42.81 14.68
CA THR B 512 51.14 -42.89 15.91
C THR B 512 50.72 -41.50 16.38
N LEU B 513 51.47 -40.46 16.02
CA LEU B 513 51.02 -39.07 16.25
C LEU B 513 49.79 -38.76 15.42
N GLU B 514 49.78 -39.20 14.16
CA GLU B 514 48.60 -39.04 13.29
C GLU B 514 47.37 -39.80 13.86
N ASP B 515 47.53 -41.06 14.24
CA ASP B 515 46.44 -41.80 14.91
C ASP B 515 45.95 -41.06 16.16
N ARG B 516 46.87 -40.46 16.90
CA ARG B 516 46.54 -39.71 18.13
C ARG B 516 45.80 -38.37 17.94
N LEU B 517 46.09 -37.67 16.85
CA LEU B 517 45.31 -36.48 16.50
C LEU B 517 43.89 -36.85 16.09
N GLN B 518 43.75 -37.95 15.34
CA GLN B 518 42.46 -38.56 14.96
C GLN B 518 41.64 -38.94 16.18
N PHE B 519 42.31 -39.50 17.20
CA PHE B 519 41.65 -39.88 18.42
C PHE B 519 41.12 -38.62 19.14
N ILE B 520 41.94 -37.60 19.25
CA ILE B 520 41.49 -36.32 19.78
C ILE B 520 40.30 -35.74 18.96
N PHE B 521 40.38 -35.76 17.63
CA PHE B 521 39.32 -35.18 16.87
C PHE B 521 38.00 -35.91 17.11
N ASP B 522 38.07 -37.23 17.05
CA ASP B 522 36.86 -38.06 17.14
C ASP B 522 36.20 -37.94 18.47
N PHE B 523 36.99 -37.83 19.53
CA PHE B 523 36.45 -37.73 20.87
C PHE B 523 35.69 -36.39 21.00
N TYR B 524 36.39 -35.30 20.66
CA TYR B 524 35.82 -33.97 20.67
C TYR B 524 34.53 -33.88 19.83
N LYS B 525 34.56 -34.42 18.60
CA LYS B 525 33.34 -34.47 17.75
C LYS B 525 32.16 -35.15 18.40
N GLY B 526 32.42 -36.29 19.06
CA GLY B 526 31.38 -37.07 19.72
C GLY B 526 30.87 -36.42 20.99
N GLN B 527 31.73 -35.63 21.65
CA GLN B 527 31.35 -35.04 22.90
C GLN B 527 30.26 -33.98 22.65
N ILE B 528 30.28 -33.34 21.48
CA ILE B 528 29.28 -32.34 21.12
C ILE B 528 27.86 -32.88 21.19
N GLU B 529 27.69 -34.09 20.69
CA GLU B 529 26.44 -34.81 20.74
C GLU B 529 26.24 -35.34 22.14
N GLN B 530 27.23 -35.97 22.74
CA GLN B 530 26.94 -36.70 24.00
C GLN B 530 26.59 -35.82 25.19
N ARG B 531 27.28 -34.70 25.23
CA ARG B 531 27.11 -33.70 26.22
C ARG B 531 26.15 -32.59 25.78
N ARG B 532 25.58 -32.75 24.59
CA ARG B 532 24.52 -31.85 24.07
C ARG B 532 24.95 -30.39 24.09
N TRP B 533 26.12 -30.10 23.50
CA TRP B 533 26.63 -28.71 23.36
C TRP B 533 25.99 -28.08 22.09
N TYR B 534 24.69 -27.90 22.23
CA TYR B 534 23.85 -27.32 21.23
C TYR B 534 23.15 -26.12 21.88
N GLY B 535 22.56 -25.28 21.03
CA GLY B 535 21.76 -24.13 21.47
C GLY B 535 22.01 -22.87 20.69
N PHE B 536 21.09 -21.92 20.82
CA PHE B 536 21.10 -20.65 20.06
C PHE B 536 22.47 -20.00 20.17
N LEU B 537 22.96 -19.83 21.39
CA LEU B 537 24.31 -19.26 21.57
C LEU B 537 25.41 -20.31 21.69
N ASP B 538 25.14 -21.43 22.38
CA ASP B 538 26.19 -22.42 22.74
C ASP B 538 26.79 -23.18 21.56
N TYR B 539 25.96 -23.48 20.56
CA TYR B 539 26.36 -24.42 19.51
C TYR B 539 27.60 -23.92 18.82
N GLY B 540 28.65 -24.73 18.85
CA GLY B 540 29.95 -24.40 18.26
C GLY B 540 31.09 -24.54 19.24
N ASP B 541 30.83 -24.33 20.51
CA ASP B 541 31.87 -24.24 21.53
C ASP B 541 31.88 -25.58 22.26
N PHE B 542 32.91 -25.79 23.09
CA PHE B 542 33.05 -27.00 23.87
C PHE B 542 33.69 -26.56 25.15
N MET B 543 33.88 -27.47 26.08
CA MET B 543 34.28 -27.09 27.41
C MET B 543 35.74 -27.39 27.72
N HIS B 544 36.18 -26.92 28.88
CA HIS B 544 37.58 -26.68 29.16
C HIS B 544 38.25 -27.84 29.90
N THR B 545 37.64 -28.28 31.01
CA THR B 545 38.19 -29.32 31.86
C THR B 545 37.10 -30.21 32.43
N TYR B 546 37.44 -31.48 32.63
CA TYR B 546 36.52 -32.51 33.08
C TYR B 546 36.48 -32.70 34.58
N ASP B 547 35.31 -33.06 35.10
CA ASP B 547 35.09 -33.45 36.52
C ASP B 547 34.99 -34.98 36.54
N PRO B 548 36.03 -35.67 37.01
CA PRO B 548 36.01 -37.16 36.95
C PRO B 548 35.09 -37.84 37.94
N ASP B 549 34.65 -37.16 38.98
CA ASP B 549 33.79 -37.76 39.99
C ASP B 549 32.37 -37.79 39.49
N ARG B 550 31.91 -36.66 38.96
CA ARG B 550 30.55 -36.54 38.44
C ARG B 550 30.48 -37.05 36.98
N HIS B 551 31.64 -37.30 36.38
CA HIS B 551 31.72 -37.70 34.98
C HIS B 551 30.98 -36.67 34.14
N THR B 552 31.36 -35.41 34.30
CA THR B 552 30.74 -34.29 33.56
C THR B 552 31.84 -33.25 33.27
N TRP B 553 31.78 -32.56 32.13
CA TRP B 553 32.64 -31.43 31.94
C TRP B 553 32.18 -30.42 33.01
N ARG B 554 33.09 -29.54 33.46
CA ARG B 554 32.78 -28.63 34.56
C ARG B 554 31.97 -27.37 34.14
N TYR B 555 30.74 -27.64 33.68
CA TYR B 555 29.80 -26.62 33.24
C TYR B 555 29.48 -25.56 34.31
N ASP B 556 29.50 -25.98 35.56
CA ASP B 556 29.15 -25.12 36.68
C ASP B 556 30.33 -24.58 37.54
N VAL B 557 31.58 -24.66 37.09
CA VAL B 557 32.74 -24.22 37.94
C VAL B 557 33.61 -23.26 37.12
N GLY B 558 33.43 -21.99 37.43
CA GLY B 558 34.22 -20.91 36.92
C GLY B 558 34.87 -21.14 35.60
N GLY B 559 36.20 -21.18 35.57
CA GLY B 559 36.94 -21.15 34.32
C GLY B 559 36.98 -22.46 33.57
N TYR B 560 36.35 -23.48 34.09
CA TYR B 560 36.51 -24.80 33.55
C TYR B 560 35.36 -25.20 32.64
N ALA B 561 34.37 -24.32 32.53
CA ALA B 561 33.21 -24.56 31.66
C ALA B 561 33.47 -24.19 30.14
N TRP B 562 32.77 -23.21 29.54
CA TRP B 562 32.93 -22.93 28.10
C TRP B 562 34.34 -22.45 27.75
N ASP B 563 34.92 -23.07 26.73
CA ASP B 563 36.40 -23.03 26.55
C ASP B 563 36.85 -21.70 25.95
N ASN B 564 36.05 -21.15 25.04
CA ASN B 564 36.26 -19.81 24.53
C ASN B 564 37.65 -19.64 23.96
N SER B 565 38.03 -20.54 23.10
CA SER B 565 39.30 -20.48 22.40
C SER B 565 40.50 -20.44 23.34
N GLU B 566 40.37 -20.94 24.57
CA GLU B 566 41.54 -20.96 25.45
C GLU B 566 42.57 -21.98 25.00
N LEU B 567 43.81 -21.50 24.95
CA LEU B 567 44.98 -22.20 24.37
C LEU B 567 44.84 -22.58 22.90
N SER B 568 44.11 -21.74 22.14
CA SER B 568 44.10 -21.79 20.69
C SER B 568 43.65 -23.09 20.06
N PRO B 569 42.59 -23.75 20.58
CA PRO B 569 41.98 -24.88 19.86
C PRO B 569 41.54 -24.54 18.41
N ASP B 570 41.16 -23.30 18.16
CA ASP B 570 40.82 -22.90 16.77
C ASP B 570 41.99 -23.12 15.80
N LEU B 571 43.23 -22.89 16.24
CA LEU B 571 44.39 -23.15 15.40
C LEU B 571 44.59 -24.65 15.17
N PHE B 572 44.49 -25.46 16.22
CA PHE B 572 44.66 -26.90 16.06
C PHE B 572 43.62 -27.48 15.08
N PHE B 573 42.36 -27.21 15.34
CA PHE B 573 41.31 -27.64 14.43
C PHE B 573 41.42 -27.11 13.02
N TRP B 574 41.82 -25.86 12.84
CA TRP B 574 41.97 -25.34 11.47
C TRP B 574 43.17 -25.94 10.78
N LEU B 575 44.30 -26.05 11.48
CA LEU B 575 45.47 -26.70 10.85
C LEU B 575 45.20 -28.18 10.63
N TYR B 576 44.44 -28.81 11.52
CA TYR B 576 44.00 -30.17 11.30
C TYR B 576 43.22 -30.30 9.97
N PHE B 577 42.22 -29.47 9.75
CA PHE B 577 41.56 -29.51 8.45
C PHE B 577 42.54 -29.30 7.29
N LEU B 578 43.43 -28.35 7.44
CA LEU B 578 44.30 -28.01 6.33
C LEU B 578 45.13 -29.19 5.88
N ARG B 579 45.69 -29.93 6.83
CA ARG B 579 46.64 -31.00 6.50
C ARG B 579 45.91 -32.20 5.87
N THR B 580 44.67 -32.43 6.32
CA THR B 580 43.91 -33.62 5.95
C THR B 580 42.90 -33.37 4.81
N GLY B 581 42.27 -32.20 4.73
CA GLY B 581 41.13 -32.02 3.83
C GLY B 581 39.83 -32.71 4.25
N SER B 582 39.76 -33.21 5.48
CA SER B 582 38.56 -33.90 6.00
C SER B 582 37.32 -32.98 6.14
N LYS B 583 36.20 -33.44 5.64
CA LYS B 583 34.97 -32.71 5.74
C LYS B 583 34.54 -32.51 7.21
N ASP B 584 34.50 -33.60 7.96
CA ASP B 584 34.22 -33.54 9.39
C ASP B 584 35.05 -32.48 10.09
N ALA B 585 36.34 -32.45 9.77
CA ALA B 585 37.22 -31.49 10.41
C ALA B 585 36.95 -30.04 9.97
N TYR B 586 36.58 -29.85 8.71
CA TYR B 586 36.09 -28.56 8.24
C TYR B 586 34.78 -28.13 9.00
N ARG B 587 33.82 -29.03 9.14
CA ARG B 587 32.59 -28.73 9.87
C ARG B 587 32.81 -28.40 11.35
N PHE B 588 33.53 -29.26 12.05
CA PHE B 588 33.81 -29.02 13.45
C PHE B 588 34.38 -27.59 13.60
N ALA B 589 35.36 -27.23 12.76
CA ALA B 589 36.07 -25.95 12.87
C ALA B 589 35.26 -24.76 12.43
N GLU B 590 34.50 -24.95 11.36
CA GLU B 590 33.57 -23.91 10.88
C GLU B 590 32.61 -23.46 11.98
N ALA B 591 32.02 -24.45 12.65
CA ALA B 591 31.10 -24.22 13.72
C ALA B 591 31.76 -23.59 14.95
N LEU B 592 33.02 -23.98 15.22
CA LEU B 592 33.82 -23.34 16.29
C LEU B 592 33.97 -21.87 15.92
N THR B 593 34.40 -21.59 14.70
CA THR B 593 34.64 -20.25 14.30
C THR B 593 33.37 -19.37 14.34
N ARG B 594 32.24 -19.93 13.91
CA ARG B 594 31.00 -19.19 13.91
C ARG B 594 30.54 -18.94 15.34
N HIS B 595 30.93 -19.80 16.27
CA HIS B 595 30.69 -19.50 17.69
C HIS B 595 31.66 -18.49 18.34
N THR B 596 32.92 -18.78 18.20
CA THR B 596 33.93 -18.25 19.05
C THR B 596 34.23 -16.77 18.67
N GLY B 597 34.16 -16.46 17.37
CA GLY B 597 34.48 -15.14 16.89
C GLY B 597 33.32 -14.16 16.98
N GLU B 598 32.13 -14.70 17.31
CA GLU B 598 30.88 -13.95 17.36
C GLU B 598 30.37 -13.83 18.79
N VAL B 599 30.16 -14.95 19.47
CA VAL B 599 29.56 -14.98 20.81
C VAL B 599 30.58 -14.61 21.90
N ASP B 600 31.81 -15.09 21.73
CA ASP B 600 32.85 -14.91 22.75
C ASP B 600 33.67 -13.63 22.55
N VAL B 601 33.23 -12.75 21.65
CA VAL B 601 33.85 -11.43 21.52
C VAL B 601 32.78 -10.31 21.50
N TYR B 602 33.20 -9.13 21.97
CA TYR B 602 32.38 -7.92 21.94
C TYR B 602 32.64 -7.10 20.67
N HIS B 603 31.55 -6.65 20.04
CA HIS B 603 31.56 -5.95 18.76
C HIS B 603 31.16 -4.48 18.83
N ILE B 604 30.66 -4.02 19.99
CA ILE B 604 30.47 -2.57 20.30
C ILE B 604 30.90 -2.22 21.72
N GLY B 605 30.96 -0.93 21.98
CA GLY B 605 31.26 -0.42 23.31
C GLY B 605 32.74 -0.15 23.54
N ASP B 606 33.04 0.03 24.83
CA ASP B 606 34.39 0.38 25.33
C ASP B 606 35.33 -0.77 25.15
N TRP B 607 34.82 -1.98 25.38
CA TRP B 607 35.60 -3.20 25.22
C TRP B 607 35.42 -3.84 23.84
N LYS B 608 34.98 -3.07 22.84
CA LYS B 608 34.94 -3.56 21.45
C LYS B 608 36.28 -4.05 20.94
N GLY B 609 36.33 -5.30 20.51
CA GLY B 609 37.56 -5.90 20.00
C GLY B 609 38.29 -6.81 20.95
N LEU B 610 37.81 -6.88 22.18
CA LEU B 610 38.18 -7.91 23.16
C LEU B 610 37.15 -9.04 23.24
N GLY B 611 37.64 -10.19 23.68
CA GLY B 611 36.82 -11.36 23.91
C GLY B 611 36.95 -11.76 25.36
N THR B 612 36.12 -12.73 25.76
CA THR B 612 36.02 -13.08 27.16
C THR B 612 36.65 -14.46 27.45
N ARG B 613 37.46 -14.51 28.49
CA ARG B 613 38.06 -15.74 28.96
C ARG B 613 37.01 -16.78 29.34
N HIS B 614 37.37 -18.03 29.09
CA HIS B 614 36.63 -19.25 29.49
C HIS B 614 35.91 -19.14 30.81
N GLY B 615 34.61 -19.47 30.73
CA GLY B 615 33.72 -19.38 31.87
C GLY B 615 32.39 -20.08 31.75
N VAL B 616 31.65 -20.12 32.86
CA VAL B 616 30.31 -20.72 32.98
C VAL B 616 29.30 -20.10 32.06
N GLN B 617 29.38 -18.79 31.88
CA GLN B 617 28.75 -18.15 30.71
C GLN B 617 29.88 -17.82 29.75
N HIS B 618 29.52 -17.60 28.49
CA HIS B 618 30.45 -17.19 27.47
C HIS B 618 30.94 -15.75 27.66
N TRP B 619 30.33 -14.97 28.56
CA TRP B 619 30.71 -13.57 28.84
C TRP B 619 30.89 -13.36 30.37
N SER B 620 30.95 -14.42 31.17
CA SER B 620 30.95 -14.27 32.63
C SER B 620 32.22 -13.69 33.23
N ASP B 621 33.37 -13.95 32.63
CA ASP B 621 34.65 -13.70 33.29
C ASP B 621 35.10 -12.28 33.06
N SER B 622 35.80 -11.69 34.02
CA SER B 622 36.36 -10.32 33.90
C SER B 622 37.64 -10.22 33.09
N ALA B 623 38.27 -11.32 32.71
CA ALA B 623 39.42 -11.23 31.81
C ALA B 623 38.95 -10.93 30.39
N LYS B 624 38.79 -9.65 30.08
CA LYS B 624 38.51 -9.22 28.71
C LYS B 624 39.82 -8.94 27.96
N GLN B 625 40.14 -9.76 26.96
CA GLN B 625 41.48 -9.70 26.35
C GLN B 625 41.40 -9.99 24.89
N ALA B 626 42.46 -9.57 24.19
CA ALA B 626 42.58 -9.78 22.76
C ALA B 626 43.03 -11.16 22.33
N ARG B 627 43.44 -12.01 23.29
CA ARG B 627 43.83 -13.40 22.95
C ARG B 627 42.60 -14.26 22.61
N ILE B 628 41.42 -13.83 23.04
CA ILE B 628 40.19 -14.51 22.70
C ILE B 628 39.76 -14.06 21.29
N SER B 629 39.75 -12.75 21.03
CA SER B 629 39.30 -12.21 19.72
C SER B 629 40.27 -12.46 18.62
N GLN B 630 41.55 -12.57 19.00
CA GLN B 630 42.68 -13.04 18.16
C GLN B 630 42.30 -13.36 16.73
N PRO B 631 42.43 -12.38 15.84
CA PRO B 631 41.98 -12.53 14.44
C PRO B 631 42.61 -13.66 13.65
N GLN B 632 43.76 -14.16 14.12
CA GLN B 632 44.43 -15.31 13.53
C GLN B 632 43.55 -16.54 13.53
N TYR B 633 42.73 -16.67 14.56
CA TYR B 633 41.80 -17.80 14.70
C TYR B 633 40.76 -17.86 13.56
N ARG B 634 40.54 -16.73 12.88
CA ARG B 634 39.57 -16.60 11.79
C ARG B 634 40.17 -16.50 10.39
N LYS B 635 41.48 -16.46 10.28
CA LYS B 635 42.15 -16.14 9.03
C LYS B 635 42.02 -17.28 8.06
N TYR B 636 42.23 -18.49 8.55
CA TYR B 636 42.14 -19.71 7.74
C TYR B 636 40.73 -19.84 7.14
N PHE B 637 39.72 -19.66 7.99
CA PHE B 637 38.36 -19.64 7.48
C PHE B 637 38.07 -18.49 6.55
N PHE B 638 38.51 -17.30 6.88
CA PHE B 638 38.23 -16.17 6.00
C PHE B 638 38.68 -16.45 4.54
N TYR B 639 39.87 -17.03 4.37
CA TYR B 639 40.38 -17.24 3.05
C TYR B 639 39.80 -18.46 2.37
N LEU B 640 39.71 -19.58 3.06
CA LEU B 640 39.23 -20.85 2.43
C LEU B 640 37.80 -20.76 1.92
N SER B 641 36.98 -19.95 2.59
CA SER B 641 35.56 -19.75 2.29
C SER B 641 35.31 -18.72 1.17
N GLY B 642 36.38 -18.14 0.64
CA GLY B 642 36.24 -17.11 -0.37
C GLY B 642 35.91 -15.74 0.19
N GLY B 643 36.50 -15.41 1.32
CA GLY B 643 36.33 -14.10 1.91
C GLY B 643 34.97 -13.92 2.52
N ASP B 644 34.44 -14.94 3.16
CA ASP B 644 33.17 -14.85 3.83
C ASP B 644 33.06 -13.45 4.41
N GLU B 645 32.04 -12.71 3.98
CA GLU B 645 31.99 -11.28 4.18
C GLU B 645 31.64 -10.89 5.60
N ARG B 646 30.88 -11.71 6.31
CA ARG B 646 30.60 -11.40 7.69
C ARG B 646 31.87 -11.43 8.52
N VAL B 647 32.63 -12.52 8.42
CA VAL B 647 33.92 -12.69 9.13
C VAL B 647 34.84 -11.57 8.71
N GLY B 648 34.93 -11.36 7.39
CA GLY B 648 35.57 -10.16 6.81
C GLY B 648 35.33 -8.88 7.62
N GLU B 649 34.07 -8.66 7.93
CA GLU B 649 33.64 -7.51 8.71
C GLU B 649 34.05 -7.61 10.19
N LEU B 650 33.92 -8.79 10.77
CA LEU B 650 34.41 -9.01 12.11
C LEU B 650 35.92 -8.73 12.22
N LEU B 651 36.70 -9.10 11.20
CA LEU B 651 38.13 -8.78 11.18
C LEU B 651 38.43 -7.29 11.19
N GLU B 652 37.63 -6.53 10.46
CA GLU B 652 37.76 -5.06 10.54
C GLU B 652 37.43 -4.50 11.94
N GLU B 653 36.45 -5.04 12.63
CA GLU B 653 36.12 -4.53 13.97
C GLU B 653 37.33 -4.58 14.90
N LEU B 654 38.12 -5.65 14.75
CA LEU B 654 39.30 -5.89 15.58
C LEU B 654 40.44 -4.89 15.42
N LEU B 655 40.43 -4.13 14.34
CA LEU B 655 41.36 -3.02 14.13
C LEU B 655 41.25 -1.90 15.16
N ASP B 656 40.13 -1.82 15.88
CA ASP B 656 40.02 -0.95 17.07
C ASP B 656 40.48 -1.55 18.41
N THR B 657 41.06 -2.75 18.38
CA THR B 657 41.43 -3.48 19.61
C THR B 657 42.44 -2.67 20.44
N ASP B 658 43.40 -2.01 19.77
CA ASP B 658 44.35 -1.15 20.46
C ASP B 658 43.76 -0.02 21.32
N LYS B 659 42.60 0.51 20.95
CA LYS B 659 41.99 1.55 21.77
C LYS B 659 41.52 1.08 23.12
N THR B 660 41.32 -0.23 23.31
CA THR B 660 40.82 -0.76 24.60
C THR B 660 41.83 -0.56 25.78
N TYR B 661 43.11 -0.42 25.45
CA TYR B 661 44.14 -0.34 26.48
C TYR B 661 44.12 0.99 27.19
N GLY B 662 43.45 1.97 26.61
CA GLY B 662 43.10 3.23 27.27
C GLY B 662 41.91 3.14 28.19
N GLU B 663 40.94 2.27 27.87
CA GLU B 663 39.76 2.01 28.74
C GLU B 663 39.97 0.88 29.77
N LEU B 664 40.79 -0.13 29.44
CA LEU B 664 40.96 -1.30 30.32
C LEU B 664 42.34 -1.93 30.28
N ASP B 665 42.91 -2.15 31.48
CA ASP B 665 44.15 -2.90 31.68
C ASP B 665 43.85 -4.39 31.95
N PRO B 666 44.33 -5.29 31.07
CA PRO B 666 44.19 -6.70 31.42
C PRO B 666 45.05 -7.12 32.65
N GLN B 667 46.13 -6.37 32.93
CA GLN B 667 47.02 -6.63 34.08
C GLN B 667 46.65 -5.96 35.37
N ARG B 668 45.58 -5.16 35.37
CA ARG B 668 45.18 -4.32 36.51
C ARG B 668 45.25 -4.99 37.87
N LYS B 669 44.89 -6.28 37.93
CA LYS B 669 44.81 -6.95 39.24
C LYS B 669 46.15 -7.52 39.71
N VAL B 670 47.16 -7.54 38.84
CA VAL B 670 48.40 -8.29 39.12
C VAL B 670 49.73 -7.56 38.87
N ARG B 671 49.76 -6.58 37.97
CA ARG B 671 50.97 -5.75 37.84
C ARG B 671 51.35 -5.13 39.20
N THR B 672 52.65 -5.02 39.40
CA THR B 672 53.24 -4.61 40.67
C THR B 672 53.90 -3.21 40.57
N ASP B 673 53.87 -2.63 39.37
CA ASP B 673 54.53 -1.38 39.03
C ASP B 673 53.62 -0.15 39.22
N GLY B 674 52.46 -0.35 39.87
CA GLY B 674 51.55 0.75 40.23
C GLY B 674 51.03 1.62 39.10
N TRP B 675 51.17 1.17 37.83
CA TRP B 675 50.75 1.93 36.65
C TRP B 675 49.23 1.76 36.47
N GLU B 676 48.59 2.80 35.91
CA GLU B 676 47.19 2.77 35.51
C GLU B 676 47.00 3.60 34.23
N PRO B 677 45.93 3.34 33.47
CA PRO B 677 45.73 4.18 32.30
C PRO B 677 45.21 5.52 32.71
N SER B 678 45.68 6.55 32.02
CA SER B 678 45.21 7.90 32.23
C SER B 678 44.99 8.49 30.84
N PRO B 679 44.18 9.54 30.75
CA PRO B 679 43.87 10.10 29.44
C PRO B 679 45.07 10.67 28.72
N ASN B 680 45.07 10.55 27.39
CA ASN B 680 46.10 11.11 26.48
C ASN B 680 47.53 10.63 26.76
N SER B 681 47.64 9.52 27.48
CA SER B 681 48.92 8.91 27.83
C SER B 681 49.14 7.64 27.01
N THR B 682 50.36 7.15 27.10
CA THR B 682 50.72 5.87 26.57
C THR B 682 49.96 4.78 27.34
N VAL B 683 49.80 3.63 26.69
CA VAL B 683 48.97 2.54 27.23
C VAL B 683 49.72 1.20 27.32
N SER B 684 49.36 0.40 28.32
CA SER B 684 50.12 -0.80 28.57
C SER B 684 49.46 -2.00 27.93
N PHE B 685 50.25 -2.72 27.16
CA PHE B 685 49.87 -4.02 26.70
C PHE B 685 51.05 -4.99 26.66
N GLY B 686 50.69 -6.27 26.62
CA GLY B 686 51.64 -7.37 26.67
C GLY B 686 52.18 -7.73 25.31
N LEU B 687 53.43 -8.20 25.28
CA LEU B 687 54.10 -8.54 24.03
C LEU B 687 53.78 -9.93 23.53
N GLY B 688 53.14 -10.77 24.34
CA GLY B 688 52.81 -12.11 23.90
C GLY B 688 51.35 -12.23 23.58
N THR B 689 50.54 -12.45 24.62
CA THR B 689 49.11 -12.61 24.50
C THR B 689 48.52 -11.43 23.70
N ASP B 690 48.54 -10.23 24.27
CA ASP B 690 47.89 -9.05 23.66
C ASP B 690 48.44 -8.73 22.25
N TRP B 691 49.73 -8.41 22.13
CA TRP B 691 50.32 -8.16 20.81
C TRP B 691 50.08 -9.25 19.75
N SER B 692 50.13 -10.54 20.11
CA SER B 692 49.83 -11.59 19.12
C SER B 692 48.43 -11.32 18.51
N GLY B 693 47.46 -10.97 19.36
CA GLY B 693 46.16 -10.43 18.91
C GLY B 693 46.22 -9.22 17.99
N LEU B 694 46.88 -8.15 18.43
CA LEU B 694 46.95 -6.93 17.61
C LEU B 694 47.65 -7.14 16.27
N ALA B 695 48.80 -7.81 16.29
CA ALA B 695 49.64 -8.00 15.08
C ALA B 695 48.90 -8.74 14.03
N ALA B 696 48.14 -9.73 14.46
CA ALA B 696 47.36 -10.56 13.56
C ALA B 696 46.28 -9.75 12.83
N GLY B 697 45.57 -8.88 13.56
CA GLY B 697 44.55 -7.99 12.98
C GLY B 697 45.17 -7.10 11.93
N TRP B 698 46.28 -6.49 12.31
CA TRP B 698 46.99 -5.57 11.44
C TRP B 698 47.50 -6.25 10.20
N LEU B 699 48.14 -7.40 10.36
CA LEU B 699 48.72 -8.11 9.22
C LEU B 699 47.63 -8.51 8.26
N ILE B 700 46.46 -8.86 8.76
CA ILE B 700 45.37 -9.31 7.89
C ILE B 700 44.83 -8.16 7.07
N GLU B 701 44.65 -6.97 7.69
CA GLU B 701 44.18 -5.76 6.98
C GLU B 701 45.17 -5.33 5.94
N TRP B 702 46.44 -5.41 6.29
CA TRP B 702 47.50 -5.19 5.34
C TRP B 702 47.35 -6.19 4.15
N GLU B 703 47.21 -7.49 4.41
CA GLU B 703 47.00 -8.50 3.32
C GLU B 703 45.79 -8.21 2.44
N ARG B 704 44.75 -7.69 3.07
CA ARG B 704 43.52 -7.36 2.35
C ARG B 704 43.54 -6.08 1.53
N ARG B 705 44.46 -5.17 1.87
CA ARG B 705 44.49 -3.82 1.31
C ARG B 705 43.15 -3.08 1.51
N GLY B 706 42.61 -3.26 2.70
CA GLY B 706 41.40 -2.62 3.10
C GLY B 706 41.59 -1.16 3.46
N PRO B 707 40.45 -0.50 3.78
CA PRO B 707 40.37 0.95 4.10
C PRO B 707 41.46 1.48 5.09
N ARG B 708 41.94 0.60 5.99
CA ARG B 708 42.93 0.98 6.99
C ARG B 708 44.26 0.21 6.82
N TRP B 709 44.57 -0.20 5.59
CA TRP B 709 45.81 -0.96 5.37
C TRP B 709 47.11 -0.22 5.63
N GLU B 710 47.20 1.06 5.29
CA GLU B 710 48.43 1.82 5.55
C GLU B 710 48.59 1.99 7.08
N GLU B 711 47.47 2.28 7.75
CA GLU B 711 47.50 2.31 9.21
C GLU B 711 48.02 0.99 9.82
N ALA B 712 47.38 -0.10 9.42
CA ALA B 712 47.72 -1.42 9.93
C ALA B 712 49.17 -1.78 9.63
N LYS B 713 49.64 -1.42 8.45
CA LYS B 713 51.01 -1.72 8.10
C LYS B 713 51.97 -1.06 9.07
N THR B 714 51.66 0.19 9.37
CA THR B 714 52.54 1.05 10.13
C THR B 714 52.53 0.60 11.59
N LYS B 715 51.36 0.27 12.13
CA LYS B 715 51.34 -0.21 13.51
C LYS B 715 52.13 -1.52 13.65
N LEU B 716 51.96 -2.45 12.70
CA LEU B 716 52.72 -3.68 12.70
C LEU B 716 54.21 -3.39 12.65
N THR B 717 54.65 -2.63 11.64
CA THR B 717 56.06 -2.34 11.45
C THR B 717 56.61 -1.65 12.69
N ASN B 718 55.95 -0.60 13.14
CA ASN B 718 56.46 0.17 14.27
C ASN B 718 56.59 -0.63 15.52
N THR B 719 55.63 -1.52 15.76
CA THR B 719 55.63 -2.29 17.00
C THR B 719 56.61 -3.44 16.94
N ILE B 720 56.77 -4.04 15.76
CA ILE B 720 57.86 -4.97 15.53
C ILE B 720 59.21 -4.28 15.86
N ALA B 721 59.40 -3.12 15.27
CA ALA B 721 60.58 -2.32 15.46
C ALA B 721 60.76 -1.94 16.93
N GLY B 722 59.67 -1.61 17.57
CA GLY B 722 59.65 -1.28 19.00
C GLY B 722 60.15 -2.43 19.84
N ILE B 723 59.63 -3.63 19.58
CA ILE B 723 60.02 -4.85 20.30
C ILE B 723 61.51 -5.14 20.07
N ALA B 724 61.97 -4.99 18.83
CA ALA B 724 63.41 -5.15 18.51
C ALA B 724 64.25 -4.27 19.36
N ASN B 725 63.78 -3.04 19.60
CA ASN B 725 64.57 -2.00 20.25
C ASN B 725 64.60 -2.11 21.77
N LEU B 726 63.74 -2.97 22.34
CA LEU B 726 63.78 -3.32 23.79
C LEU B 726 65.00 -4.18 24.05
N THR B 727 65.66 -3.93 25.18
CA THR B 727 66.93 -4.57 25.50
C THR B 727 66.75 -6.06 25.59
N ASN B 728 65.67 -6.50 26.21
CA ASN B 728 65.42 -7.92 26.32
C ASN B 728 64.35 -8.42 25.35
N GLY B 729 63.95 -7.59 24.40
CA GLY B 729 63.07 -8.02 23.32
C GLY B 729 61.77 -8.58 23.85
N PHE B 730 61.41 -9.81 23.45
CA PHE B 730 60.17 -10.39 23.93
C PHE B 730 60.19 -10.76 25.39
N VAL B 731 61.37 -10.97 25.94
CA VAL B 731 61.50 -11.31 27.38
C VAL B 731 61.00 -10.15 28.29
N THR B 732 60.99 -8.94 27.72
CA THR B 732 60.49 -7.76 28.38
C THR B 732 59.11 -7.98 28.97
N GLY B 733 58.22 -8.65 28.24
CA GLY B 733 56.89 -8.95 28.76
C GLY B 733 55.80 -7.98 28.33
N SER B 734 56.10 -6.69 28.38
CA SER B 734 55.08 -5.68 28.09
C SER B 734 55.74 -4.40 27.69
N GLY B 735 54.94 -3.50 27.16
CA GLY B 735 55.41 -2.23 26.67
C GLY B 735 54.38 -1.18 26.94
N LEU B 736 54.68 0.01 26.43
CA LEU B 736 53.79 1.18 26.45
C LEU B 736 53.66 1.65 25.03
N TYR B 737 52.42 1.85 24.60
CA TYR B 737 52.10 2.21 23.22
C TYR B 737 51.58 3.65 23.10
N ASP B 738 52.08 4.42 22.13
CA ASP B 738 51.53 5.74 21.86
C ASP B 738 50.35 5.58 20.88
N PRO B 739 49.14 6.00 21.30
CA PRO B 739 47.99 5.89 20.41
C PRO B 739 47.97 6.93 19.26
N VAL B 740 48.80 7.98 19.33
CA VAL B 740 48.87 8.98 18.24
C VAL B 740 50.09 8.75 17.31
N THR B 741 51.23 8.38 17.88
CA THR B 741 52.41 8.15 17.05
C THR B 741 52.53 6.70 16.61
N TRP B 742 51.84 5.79 17.30
CA TRP B 742 51.80 4.37 16.93
C TRP B 742 53.19 3.74 17.10
N THR B 743 53.81 3.99 18.25
CA THR B 743 55.15 3.48 18.57
C THR B 743 55.07 2.70 19.89
N LEU B 744 56.06 1.84 20.13
CA LEU B 744 56.11 0.97 21.32
C LEU B 744 57.42 1.18 22.03
N GLY B 745 57.36 1.54 23.30
CA GLY B 745 58.55 1.67 24.12
C GLY B 745 58.52 0.82 25.36
N PRO B 746 59.61 0.84 26.13
CA PRO B 746 59.70 0.01 27.33
C PRO B 746 58.59 0.23 28.34
N PRO B 747 58.37 -0.74 29.22
CA PRO B 747 57.28 -0.69 30.21
C PRO B 747 57.49 0.34 31.32
N PRO B 748 56.52 0.50 32.23
CA PRO B 748 56.56 1.58 33.22
C PRO B 748 57.77 1.55 34.16
N SER B 749 58.20 0.34 34.55
CA SER B 749 59.32 0.15 35.47
C SER B 749 60.72 0.23 34.84
N ASP B 750 60.82 0.47 33.53
CA ASP B 750 62.10 0.45 32.79
C ASP B 750 62.14 1.54 31.71
N PRO B 751 61.78 2.79 32.07
CA PRO B 751 61.85 3.97 31.12
C PRO B 751 63.18 4.14 30.36
N GLY B 752 64.30 3.86 31.03
CA GLY B 752 65.63 3.91 30.42
C GLY B 752 65.96 2.78 29.45
N ASN B 753 65.04 1.79 29.33
CA ASN B 753 65.28 0.60 28.53
C ASN B 753 66.60 -0.07 28.96
N ARG B 754 66.81 -0.17 30.28
CA ARG B 754 68.01 -0.82 30.87
C ARG B 754 67.90 -2.38 30.77
N GLY B 755 66.66 -2.88 30.64
CA GLY B 755 66.37 -4.30 30.56
C GLY B 755 65.35 -4.71 31.62
N ASN B 756 64.37 -5.51 31.22
CA ASN B 756 63.33 -5.99 32.11
C ASN B 756 63.11 -7.49 31.84
N VAL B 757 62.64 -8.24 32.83
CA VAL B 757 62.34 -9.66 32.64
C VAL B 757 61.02 -10.07 33.28
N SER B 758 60.05 -10.39 32.42
CA SER B 758 58.73 -10.79 32.85
C SER B 758 58.23 -11.87 31.89
N ILE B 759 58.08 -13.09 32.41
CA ILE B 759 57.77 -14.27 31.61
C ILE B 759 56.37 -14.78 31.94
N SER B 760 55.65 -15.22 30.92
CA SER B 760 54.39 -15.94 31.11
C SER B 760 54.41 -17.17 30.23
N HIS B 761 54.03 -18.30 30.83
CA HIS B 761 53.66 -19.50 30.04
C HIS B 761 52.64 -19.20 28.92
N LEU B 762 51.77 -18.21 29.14
CA LEU B 762 50.72 -17.86 28.21
C LEU B 762 51.19 -17.09 26.99
N ASN B 763 52.31 -16.38 27.07
CA ASN B 763 52.70 -15.51 25.94
C ASN B 763 52.78 -16.12 24.54
N ALA B 764 53.18 -17.38 24.41
CA ALA B 764 53.32 -17.94 23.07
C ALA B 764 52.19 -18.84 22.59
N VAL B 765 51.20 -19.14 23.43
CA VAL B 765 50.23 -20.23 23.11
C VAL B 765 48.87 -19.75 22.53
N PHE B 766 48.73 -18.46 22.30
CA PHE B 766 47.54 -17.85 21.70
C PHE B 766 47.84 -17.16 20.34
N GLY B 767 48.66 -17.76 19.50
CA GLY B 767 48.83 -17.27 18.14
C GLY B 767 50.19 -16.68 17.81
N LEU B 768 51.02 -16.40 18.82
CA LEU B 768 52.29 -15.68 18.63
C LEU B 768 53.24 -16.25 17.61
N PRO B 769 53.64 -17.53 17.72
CA PRO B 769 54.62 -18.01 16.74
C PRO B 769 54.07 -18.02 15.33
N GLU B 770 52.75 -18.17 15.22
CA GLU B 770 52.10 -18.20 13.91
C GLU B 770 52.11 -16.78 13.28
N VAL B 771 51.70 -15.79 14.06
CA VAL B 771 51.64 -14.41 13.60
C VAL B 771 53.04 -13.93 13.26
N VAL B 772 53.96 -14.13 14.20
CA VAL B 772 55.35 -13.73 14.03
C VAL B 772 55.95 -14.33 12.72
N SER B 773 55.77 -15.63 12.45
CA SER B 773 56.35 -16.21 11.23
C SER B 773 55.72 -15.61 10.00
N GLU B 774 54.39 -15.57 9.94
CA GLU B 774 53.68 -14.91 8.80
C GLU B 774 54.20 -13.49 8.54
N ALA B 775 54.35 -12.76 9.63
CA ALA B 775 54.81 -11.39 9.60
C ALA B 775 56.20 -11.25 9.14
N ILE B 776 57.11 -12.10 9.62
CA ILE B 776 58.51 -12.07 9.16
C ILE B 776 58.58 -12.22 7.62
N ALA B 777 57.82 -13.18 7.08
CA ALA B 777 57.77 -13.45 5.64
C ALA B 777 57.18 -12.27 4.86
N TYR B 778 56.14 -11.63 5.42
CA TYR B 778 55.46 -10.51 4.76
C TYR B 778 56.40 -9.33 4.67
N LEU B 779 56.98 -8.99 5.81
CA LEU B 779 58.02 -7.95 5.86
C LEU B 779 59.26 -8.17 4.99
N ALA B 780 59.68 -9.40 4.72
CA ALA B 780 60.80 -9.67 3.81
C ALA B 780 62.03 -8.79 4.16
N ASP B 781 62.57 -8.00 3.20
CA ASP B 781 63.74 -7.15 3.44
C ASP B 781 63.46 -5.86 4.20
N ASP B 782 62.20 -5.56 4.49
CA ASP B 782 61.84 -4.40 5.32
C ASP B 782 61.63 -4.75 6.79
N ILE B 783 61.98 -5.97 7.17
CA ILE B 783 61.94 -6.38 8.57
C ILE B 783 62.85 -5.41 9.35
N PRO B 784 62.39 -4.82 10.45
CA PRO B 784 63.30 -3.99 11.24
C PRO B 784 64.47 -4.79 11.84
N LYS B 785 65.65 -4.15 11.96
CA LYS B 785 66.89 -4.83 12.35
C LYS B 785 66.73 -5.41 13.76
N GLY B 786 67.23 -6.63 13.96
CA GLY B 786 67.30 -7.24 15.29
C GLY B 786 66.03 -7.87 15.86
N PHE B 787 64.98 -7.94 15.02
CA PHE B 787 63.71 -8.46 15.43
C PHE B 787 63.68 -9.98 15.31
N LYS B 788 64.01 -10.46 14.12
CA LYS B 788 64.21 -11.90 13.91
C LYS B 788 65.06 -12.56 15.03
N GLN B 789 66.11 -11.86 15.49
CA GLN B 789 66.96 -12.36 16.55
C GLN B 789 66.27 -12.35 17.88
N ALA B 790 65.50 -11.32 18.18
CA ALA B 790 64.70 -11.27 19.44
C ALA B 790 63.75 -12.46 19.58
N TRP B 791 63.17 -12.86 18.43
CA TRP B 791 62.19 -13.95 18.38
C TRP B 791 62.87 -15.29 18.64
N LEU B 792 63.99 -15.52 17.93
CA LEU B 792 64.85 -16.66 18.20
C LEU B 792 65.33 -16.67 19.66
N ASP B 793 65.68 -15.50 20.18
CA ASP B 793 66.09 -15.41 21.57
C ASP B 793 64.97 -16.06 22.43
N TYR B 794 63.72 -15.63 22.24
CA TYR B 794 62.62 -16.11 23.09
C TYR B 794 62.46 -17.62 22.93
N CYS B 795 62.53 -18.10 21.67
CA CYS B 795 62.30 -19.54 21.33
C CYS B 795 63.33 -20.44 21.98
N TYR B 796 64.57 -19.98 21.94
CA TYR B 796 65.70 -20.67 22.49
C TYR B 796 65.79 -20.55 24.00
N TYR B 797 65.73 -19.36 24.56
CA TYR B 797 65.97 -19.23 25.99
C TYR B 797 64.83 -19.79 26.84
N TYR B 798 63.63 -19.91 26.28
CA TYR B 798 62.45 -20.38 27.06
C TYR B 798 62.69 -21.68 27.85
N HIS B 799 63.35 -22.65 27.24
CA HIS B 799 63.71 -23.88 27.92
C HIS B 799 65.12 -24.30 27.59
N ALA B 800 66.02 -23.33 27.65
CA ALA B 800 67.43 -23.60 27.79
C ALA B 800 67.68 -23.71 29.31
N SER B 801 68.93 -23.82 29.75
CA SER B 801 69.18 -23.98 31.20
C SER B 801 68.89 -22.69 32.00
N ALA B 802 68.76 -22.84 33.30
CA ALA B 802 68.60 -21.71 34.18
C ALA B 802 69.83 -20.80 34.14
N SER B 803 71.00 -21.43 34.02
CA SER B 803 72.25 -20.71 33.81
C SER B 803 72.27 -19.91 32.53
N GLU B 804 71.87 -20.53 31.42
CA GLU B 804 71.79 -19.83 30.13
C GLU B 804 70.88 -18.61 30.20
N GLN B 805 69.72 -18.79 30.84
CA GLN B 805 68.80 -17.68 31.04
C GLN B 805 69.50 -16.55 31.86
N LYS B 806 70.06 -16.88 33.03
CA LYS B 806 70.82 -15.90 33.90
C LYS B 806 71.97 -15.23 33.14
N ASP B 807 72.63 -15.97 32.24
CA ASP B 807 73.76 -15.43 31.48
C ASP B 807 73.30 -14.29 30.55
N ARG B 808 72.23 -14.54 29.79
CA ARG B 808 71.69 -13.57 28.82
C ARG B 808 70.81 -12.47 29.44
N TYR B 809 70.10 -12.77 30.51
CA TYR B 809 69.07 -11.87 31.03
C TYR B 809 69.18 -11.41 32.49
N GLY B 810 70.16 -11.94 33.24
CA GLY B 810 70.34 -11.63 34.65
C GLY B 810 69.59 -12.48 35.68
N VAL B 811 68.50 -13.14 35.30
CA VAL B 811 67.83 -14.15 36.16
C VAL B 811 67.38 -15.37 35.35
N SER B 812 67.39 -16.53 35.98
CA SER B 812 66.78 -17.71 35.40
C SER B 812 65.31 -17.43 35.26
N PHE B 813 64.59 -18.26 34.51
CA PHE B 813 63.15 -18.06 34.29
C PHE B 813 62.39 -18.88 35.30
N SER B 814 61.75 -18.22 36.24
CA SER B 814 61.12 -18.94 37.37
C SER B 814 59.91 -19.79 36.92
N LYS B 815 58.83 -19.10 36.54
CA LYS B 815 57.52 -19.76 36.35
C LYS B 815 57.28 -20.31 34.91
N ILE B 816 58.29 -20.97 34.32
CA ILE B 816 58.08 -21.66 33.04
C ILE B 816 57.26 -22.93 33.21
N SER B 817 56.21 -23.05 32.39
CA SER B 817 55.46 -24.29 32.25
C SER B 817 54.92 -24.37 30.80
N LEU B 818 54.03 -25.33 30.54
CA LEU B 818 53.58 -25.70 29.19
C LEU B 818 54.74 -26.01 28.26
N LEU B 819 55.61 -26.89 28.72
CA LEU B 819 56.83 -27.24 27.97
C LEU B 819 56.58 -28.00 26.66
N GLN B 820 55.59 -28.88 26.67
CA GLN B 820 55.12 -29.58 25.47
C GLN B 820 54.59 -28.55 24.50
N ALA B 821 53.72 -27.67 25.00
CA ALA B 821 53.17 -26.60 24.18
C ALA B 821 54.27 -25.74 23.53
N HIS B 822 55.32 -25.41 24.28
CA HIS B 822 56.39 -24.57 23.72
C HIS B 822 57.44 -25.32 22.92
N SER B 823 57.38 -26.64 22.86
CA SER B 823 58.37 -27.38 22.06
C SER B 823 58.40 -26.89 20.60
N ARG B 824 57.25 -26.61 20.03
CA ARG B 824 57.20 -26.00 18.72
C ARG B 824 57.99 -24.71 18.56
N LEU B 825 58.23 -23.95 19.62
CA LEU B 825 59.06 -22.75 19.49
C LEU B 825 60.50 -23.18 19.22
N ALA B 826 60.99 -24.13 20.01
CA ALA B 826 62.29 -24.73 19.75
C ALA B 826 62.40 -25.38 18.35
N ALA B 827 61.34 -26.05 17.91
CA ALA B 827 61.26 -26.57 16.55
C ALA B 827 61.49 -25.51 15.48
N TYR B 828 60.72 -24.41 15.54
CA TYR B 828 60.93 -23.22 14.68
C TYR B 828 62.40 -22.81 14.70
N ALA B 829 62.93 -22.54 15.88
CA ALA B 829 64.26 -22.02 15.94
C ALA B 829 65.26 -23.04 15.40
N ALA B 830 65.04 -24.34 15.67
CA ALA B 830 65.87 -25.42 15.18
C ALA B 830 65.91 -25.44 13.66
N TYR B 831 64.75 -25.26 13.05
CA TYR B 831 64.64 -25.13 11.59
C TYR B 831 65.35 -23.92 11.03
N GLU B 832 65.35 -22.81 11.75
CA GLU B 832 65.91 -21.55 11.24
C GLU B 832 67.42 -21.46 11.42
N THR B 833 67.94 -22.07 12.48
CA THR B 833 69.37 -22.17 12.73
C THR B 833 70.04 -23.45 12.24
N LYS B 834 69.28 -24.38 11.68
CA LYS B 834 69.78 -25.65 11.11
C LYS B 834 70.52 -26.45 12.19
N ASN B 835 69.98 -26.40 13.41
CA ASN B 835 70.63 -26.94 14.59
C ASN B 835 69.91 -28.17 15.09
N LYS B 836 70.55 -29.30 14.82
CA LYS B 836 70.07 -30.62 15.15
C LYS B 836 69.89 -30.86 16.65
N THR B 837 70.76 -30.28 17.48
CA THR B 837 70.69 -30.47 18.95
C THR B 837 69.42 -29.82 19.47
N LEU B 838 69.20 -28.59 19.04
CA LEU B 838 67.95 -27.86 19.30
C LEU B 838 66.68 -28.56 18.79
N ALA B 839 66.73 -29.19 17.62
CA ALA B 839 65.61 -30.01 17.14
C ALA B 839 65.27 -31.15 18.13
N LEU B 840 66.31 -31.84 18.61
CA LEU B 840 66.12 -32.90 19.60
C LEU B 840 65.54 -32.38 20.89
N ARG B 841 65.83 -31.15 21.28
CA ARG B 841 65.11 -30.53 22.39
C ARG B 841 63.62 -30.45 22.15
N ALA B 842 63.22 -30.05 20.95
CA ALA B 842 61.84 -29.93 20.64
C ALA B 842 61.17 -31.27 20.88
N TRP B 843 61.64 -32.33 20.23
CA TRP B 843 61.11 -33.67 20.48
C TRP B 843 61.22 -34.17 21.93
N LYS B 844 62.34 -33.90 22.61
CA LYS B 844 62.42 -34.26 24.05
C LYS B 844 61.26 -33.63 24.85
N ASP B 845 60.98 -32.32 24.64
CA ASP B 845 59.92 -31.66 25.39
C ASP B 845 58.53 -32.09 24.93
N PHE B 846 58.42 -32.49 23.66
CA PHE B 846 57.20 -33.10 23.19
C PHE B 846 56.89 -34.44 23.85
N TYR B 847 57.86 -35.37 23.89
CA TYR B 847 57.65 -36.72 24.44
C TYR B 847 57.88 -36.89 25.96
N ALA B 848 58.72 -36.05 26.54
CA ALA B 848 59.20 -36.21 27.91
C ALA B 848 59.12 -34.92 28.71
N SER B 849 57.99 -34.21 28.69
CA SER B 849 57.77 -33.18 29.71
C SER B 849 56.37 -33.20 30.30
N ASP B 850 55.51 -32.29 29.84
CA ASP B 850 54.18 -32.10 30.42
C ASP B 850 53.14 -32.30 29.30
N GLY B 851 51.91 -31.80 29.47
CA GLY B 851 50.84 -32.07 28.53
C GLY B 851 50.42 -33.55 28.47
N LEU B 852 50.21 -34.06 27.27
CA LEU B 852 49.86 -35.45 27.12
C LEU B 852 51.12 -36.24 26.85
N LEU B 853 51.52 -37.02 27.84
CA LEU B 853 52.69 -37.91 27.70
C LEU B 853 52.36 -39.06 26.76
N PRO B 854 53.36 -39.63 26.07
CA PRO B 854 53.08 -40.77 25.11
C PRO B 854 52.54 -42.05 25.78
N ASP B 855 52.87 -42.28 27.05
CA ASP B 855 52.34 -43.45 27.84
C ASP B 855 51.08 -43.10 28.68
N ALA B 856 50.41 -41.98 28.37
CA ALA B 856 49.10 -41.64 28.89
C ALA B 856 48.10 -42.67 28.39
N PRO B 857 46.92 -42.75 29.02
CA PRO B 857 46.01 -43.83 28.69
C PRO B 857 45.68 -43.91 27.23
N TRP B 858 45.35 -42.78 26.62
CA TRP B 858 45.05 -42.75 25.17
C TRP B 858 43.89 -43.67 24.83
N ASN B 859 42.86 -43.62 25.67
CA ASN B 859 41.62 -44.34 25.37
C ASN B 859 40.46 -43.65 26.10
N ILE B 860 39.26 -43.96 25.64
CA ILE B 860 38.06 -43.45 26.23
C ILE B 860 37.53 -44.59 27.08
N THR B 861 36.93 -44.19 28.21
CA THR B 861 36.20 -45.07 29.11
C THR B 861 34.70 -44.73 29.03
N HIS B 862 33.85 -45.74 28.99
CA HIS B 862 32.38 -45.55 28.89
C HIS B 862 31.76 -45.58 30.31
N VAL B 863 30.87 -44.65 30.58
CA VAL B 863 30.18 -44.61 31.87
C VAL B 863 28.68 -44.65 31.65
N ASP B 864 27.99 -45.44 32.47
CA ASP B 864 26.53 -45.59 32.39
C ASP B 864 25.90 -45.96 33.75
N GLY B 865 24.66 -46.43 33.72
CA GLY B 865 23.89 -46.68 34.93
C GLY B 865 23.65 -45.42 35.74
N SER B 866 23.60 -45.60 37.05
CA SER B 866 23.25 -44.55 37.97
C SER B 866 24.38 -43.55 38.32
N ASP B 867 25.53 -43.55 37.65
CA ASP B 867 26.57 -42.53 37.93
C ASP B 867 26.34 -41.21 37.20
N VAL B 868 25.55 -41.29 36.14
CA VAL B 868 25.37 -40.22 35.18
C VAL B 868 23.96 -40.27 34.65
N LEU B 869 23.52 -39.13 34.14
CA LEU B 869 22.17 -38.92 33.62
C LEU B 869 22.00 -39.70 32.33
N VAL B 870 22.95 -39.56 31.42
CA VAL B 870 22.96 -40.38 30.19
C VAL B 870 24.26 -41.12 30.02
N PRO B 871 24.23 -42.18 29.26
CA PRO B 871 25.51 -42.82 28.99
C PRO B 871 26.48 -41.88 28.26
N VAL B 872 27.73 -41.85 28.71
CA VAL B 872 28.75 -41.00 28.13
C VAL B 872 30.14 -41.65 28.07
N ASP B 873 30.91 -41.22 27.07
CA ASP B 873 32.32 -41.57 26.95
C ASP B 873 33.19 -40.46 27.55
N GLU B 874 34.22 -40.84 28.31
CA GLU B 874 35.13 -39.86 28.92
C GLU B 874 36.60 -40.16 28.72
N ALA B 875 37.42 -39.10 28.80
CA ALA B 875 38.88 -39.17 28.79
C ALA B 875 39.40 -38.28 29.89
N ALA B 876 39.18 -38.70 31.13
CA ALA B 876 39.43 -37.83 32.28
C ALA B 876 40.89 -37.39 32.38
N TRP B 877 41.74 -38.12 31.66
CA TRP B 877 43.18 -37.96 31.61
C TRP B 877 43.60 -36.79 30.75
N LEU B 878 42.65 -36.17 30.05
CA LEU B 878 42.97 -34.94 29.29
C LEU B 878 42.05 -33.79 29.64
N ALA B 879 42.48 -32.62 29.22
CA ALA B 879 41.69 -31.42 29.22
C ALA B 879 41.90 -30.69 27.86
N THR B 880 41.09 -29.68 27.59
CA THR B 880 41.14 -29.01 26.28
C THR B 880 42.46 -28.26 26.06
N ASN B 881 43.09 -27.76 27.12
CA ASN B 881 44.39 -27.07 26.98
C ASN B 881 45.43 -28.06 26.46
N ASP B 882 45.35 -29.28 26.96
CA ASP B 882 46.28 -30.33 26.61
C ASP B 882 46.20 -30.65 25.13
N ILE B 883 44.97 -30.87 24.63
CA ILE B 883 44.78 -31.33 23.25
C ILE B 883 45.04 -30.26 22.21
N ALA B 884 44.65 -29.03 22.49
CA ALA B 884 44.91 -27.94 21.60
C ALA B 884 46.41 -27.78 21.36
N GLN B 885 47.17 -27.81 22.44
CA GLN B 885 48.58 -27.54 22.33
C GLN B 885 49.34 -28.76 21.91
N TYR B 886 48.85 -29.96 22.28
CA TYR B 886 49.47 -31.21 21.81
C TYR B 886 49.40 -31.33 20.29
N GLY B 887 48.21 -31.03 19.74
CA GLY B 887 48.01 -31.07 18.30
C GLY B 887 48.77 -29.97 17.55
N LEU B 888 48.83 -28.77 18.13
CA LEU B 888 49.73 -27.75 17.58
C LEU B 888 51.15 -28.26 17.58
N ALA B 889 51.62 -28.81 18.68
CA ALA B 889 52.99 -29.31 18.73
C ALA B 889 53.29 -30.40 17.71
N VAL B 890 52.37 -31.35 17.55
CA VAL B 890 52.56 -32.46 16.62
C VAL B 890 52.71 -31.86 15.26
N ILE B 891 51.74 -31.00 14.93
CA ILE B 891 51.66 -30.43 13.59
C ILE B 891 52.91 -29.60 13.30
N GLN B 892 53.30 -28.79 14.25
CA GLN B 892 54.38 -27.85 14.05
C GLN B 892 55.73 -28.54 14.09
N ASN B 893 55.90 -29.46 15.05
CA ASN B 893 57.11 -30.22 15.15
C ASN B 893 57.34 -31.11 13.92
N LEU B 894 56.27 -31.64 13.35
CA LEU B 894 56.43 -32.39 12.12
C LEU B 894 56.90 -31.48 11.01
N ALA B 895 56.32 -30.30 10.92
CA ALA B 895 56.61 -29.42 9.80
C ALA B 895 58.05 -28.90 9.85
N TYR B 896 58.48 -28.49 11.03
CA TYR B 896 59.83 -27.96 11.15
C TYR B 896 60.95 -29.00 11.33
N VAL B 897 60.72 -30.06 12.11
CA VAL B 897 61.81 -30.92 12.54
C VAL B 897 61.50 -32.41 12.50
N SER B 898 60.70 -32.84 11.54
CA SER B 898 60.52 -34.29 11.32
C SER B 898 61.80 -34.98 10.85
N ASP B 899 62.71 -34.31 10.16
CA ASP B 899 64.00 -34.95 9.74
C ASP B 899 64.88 -35.36 10.96
N SER B 900 64.66 -34.72 12.11
CA SER B 900 65.22 -35.12 13.41
C SER B 900 64.39 -36.16 14.25
N LEU B 901 63.25 -36.66 13.77
CA LEU B 901 62.28 -37.46 14.60
C LEU B 901 62.73 -38.87 14.89
N ASP B 902 63.07 -39.57 13.82
CA ASP B 902 63.69 -40.88 13.93
C ASP B 902 65.03 -40.79 14.67
N ASP B 903 65.77 -39.71 14.41
CA ASP B 903 67.01 -39.45 15.11
C ASP B 903 66.75 -39.51 16.62
N TYR B 904 65.69 -38.83 17.08
CA TYR B 904 65.28 -38.81 18.50
C TYR B 904 64.89 -40.17 18.96
N GLN B 905 64.12 -40.88 18.16
CA GLN B 905 63.64 -42.20 18.59
C GLN B 905 64.75 -43.28 18.80
N SER B 906 66.06 -42.95 18.69
CA SER B 906 67.18 -43.95 18.79
C SER B 906 68.37 -43.53 19.67
N PHE C 1 -18.12 -79.40 62.58
CA PHE C 1 -18.75 -79.73 61.30
C PHE C 1 -17.68 -80.06 60.26
N ASN C 2 -18.11 -80.23 59.01
CA ASN C 2 -17.19 -80.46 57.91
C ASN C 2 -16.29 -79.27 57.57
N CYS C 3 -15.28 -79.56 56.76
CA CYS C 3 -14.33 -78.58 56.25
C CYS C 3 -14.38 -78.55 54.73
N THR C 4 -14.41 -77.32 54.21
CA THR C 4 -14.20 -77.05 52.80
C THR C 4 -12.99 -76.12 52.73
N SER C 5 -11.93 -76.56 52.05
CA SER C 5 -10.66 -75.84 51.92
C SER C 5 -10.09 -76.01 50.52
N SER C 6 -9.39 -75.00 50.04
CA SER C 6 -8.72 -75.04 48.76
C SER C 6 -7.67 -73.94 48.67
N SER C 7 -6.88 -74.03 47.60
CA SER C 7 -5.75 -73.19 47.39
C SER C 7 -5.85 -72.49 46.06
N ALA C 8 -5.11 -71.38 45.99
CA ALA C 8 -4.97 -70.56 44.81
C ALA C 8 -3.68 -69.77 44.91
N THR C 9 -3.00 -69.70 43.78
CA THR C 9 -1.63 -69.26 43.74
C THR C 9 -1.52 -68.02 42.88
N VAL C 10 -0.79 -67.03 43.38
CA VAL C 10 -0.44 -65.87 42.55
C VAL C 10 1.03 -65.80 42.24
N HIS C 11 1.29 -65.42 40.99
CA HIS C 11 2.64 -65.31 40.45
CA HIS C 11 2.63 -65.28 40.42
C HIS C 11 2.85 -63.82 40.14
N TRP C 12 4.11 -63.42 39.90
CA TRP C 12 4.45 -62.05 39.51
C TRP C 12 4.09 -61.91 38.08
N LEU C 13 3.58 -60.74 37.72
CA LEU C 13 3.34 -60.42 36.34
C LEU C 13 4.71 -60.22 35.80
N GLY C 14 5.07 -61.05 34.83
CA GLY C 14 6.43 -61.07 34.28
C GLY C 14 7.48 -61.56 35.26
N ASP C 15 8.59 -60.81 35.31
CA ASP C 15 9.76 -61.18 36.08
C ASP C 15 9.56 -60.87 37.53
N LYS C 16 9.95 -61.81 38.38
CA LYS C 16 10.12 -61.58 39.81
C LYS C 16 10.90 -60.26 40.03
N PRO C 17 10.41 -59.39 40.92
CA PRO C 17 11.09 -58.14 41.15
C PRO C 17 12.19 -58.27 42.19
N THR C 18 13.10 -57.31 42.15
CA THR C 18 14.16 -57.19 43.12
C THR C 18 13.69 -56.39 44.35
N TYR C 19 12.68 -55.53 44.15
CA TYR C 19 12.01 -54.78 45.21
C TYR C 19 10.46 -54.67 45.03
N HIS C 20 9.77 -54.60 46.16
CA HIS C 20 8.35 -54.22 46.20
C HIS C 20 8.00 -53.60 47.55
N ALA C 21 7.02 -52.70 47.55
CA ALA C 21 6.73 -51.79 48.65
C ALA C 21 5.37 -52.10 49.28
N GLY C 22 5.05 -53.37 49.27
CA GLY C 22 3.71 -53.87 49.44
C GLY C 22 2.86 -53.97 48.18
N VAL C 23 2.08 -55.05 48.10
CA VAL C 23 1.13 -55.25 47.03
C VAL C 23 -0.26 -55.72 47.47
N THR C 24 -1.23 -55.32 46.65
CA THR C 24 -2.61 -55.70 46.77
C THR C 24 -2.91 -56.53 45.52
N PHE C 25 -3.53 -57.68 45.71
CA PHE C 25 -3.90 -58.53 44.59
C PHE C 25 -5.32 -59.07 44.74
N GLY C 26 -5.85 -59.62 43.65
CA GLY C 26 -7.18 -60.23 43.68
C GLY C 26 -7.08 -61.74 43.51
N LEU C 27 -8.16 -62.43 43.88
CA LEU C 27 -8.30 -63.87 43.68
C LEU C 27 -9.76 -64.14 43.48
N PRO C 28 -10.14 -64.88 42.43
CA PRO C 28 -11.52 -65.35 42.30
C PRO C 28 -11.78 -66.64 43.09
N TRP C 29 -13.06 -66.94 43.27
CA TRP C 29 -13.49 -68.12 44.02
C TRP C 29 -14.74 -68.71 43.37
N PRO C 30 -14.86 -70.06 43.38
CA PRO C 30 -15.97 -70.68 42.67
C PRO C 30 -17.28 -70.37 43.35
N GLN C 31 -18.34 -70.40 42.55
CA GLN C 31 -19.68 -70.16 43.05
C GLN C 31 -20.05 -71.14 44.20
N GLY C 32 -20.54 -70.57 45.29
CA GLY C 32 -21.05 -71.29 46.45
C GLY C 32 -20.05 -71.75 47.48
N LYS C 33 -18.75 -71.50 47.27
CA LYS C 33 -17.75 -72.26 48.02
C LYS C 33 -17.43 -71.70 49.40
N TYR C 34 -17.24 -70.38 49.49
CA TYR C 34 -16.89 -69.74 50.77
C TYR C 34 -17.89 -68.66 51.22
N ARG C 35 -18.27 -68.66 52.50
CA ARG C 35 -19.14 -67.60 53.05
C ARG C 35 -18.23 -66.46 53.45
N PRO C 36 -18.60 -65.20 53.12
CA PRO C 36 -17.83 -64.06 53.63
C PRO C 36 -17.89 -63.97 55.16
N GLN C 37 -16.83 -63.44 55.76
CA GLN C 37 -16.65 -63.31 57.22
C GLN C 37 -16.31 -64.60 57.98
N GLU C 38 -16.73 -65.76 57.49
CA GLU C 38 -16.48 -67.08 58.10
C GLU C 38 -15.35 -67.87 57.47
N THR C 39 -14.85 -67.40 56.36
CA THR C 39 -13.79 -68.07 55.67
C THR C 39 -12.52 -67.43 56.18
N SER C 40 -11.52 -68.22 56.53
CA SER C 40 -10.21 -67.66 56.91
C SER C 40 -9.17 -67.94 55.83
N PHE C 41 -8.09 -67.16 55.86
CA PHE C 41 -7.15 -67.06 54.74
C PHE C 41 -5.70 -67.07 55.25
N SER C 42 -4.86 -67.85 54.54
CA SER C 42 -3.43 -67.99 54.87
C SER C 42 -2.56 -67.86 53.65
N LEU C 43 -1.37 -67.29 53.85
CA LEU C 43 -0.37 -67.04 52.82
C LEU C 43 0.83 -67.97 53.00
N THR C 44 1.51 -68.29 51.90
CA THR C 44 2.77 -69.08 51.93
C THR C 44 3.95 -68.43 51.14
N SER C 51 1.61 -67.99 57.32
CA SER C 51 1.14 -66.78 58.03
C SER C 51 -0.32 -66.20 57.69
N GLU C 52 -0.92 -65.52 58.69
CA GLU C 52 -2.22 -64.82 58.54
C GLU C 52 -2.12 -63.75 57.45
N LEU C 53 -3.23 -63.50 56.75
CA LEU C 53 -3.25 -62.66 55.50
C LEU C 53 -4.39 -61.61 55.50
N GLN C 54 -4.02 -60.36 55.25
CA GLN C 54 -5.01 -59.30 55.11
C GLN C 54 -5.92 -59.59 53.92
N SER C 55 -7.20 -59.86 54.20
CA SER C 55 -8.17 -60.27 53.19
C SER C 55 -9.46 -59.50 53.32
N TRP C 56 -10.07 -59.19 52.18
CA TRP C 56 -11.41 -58.60 52.17
C TRP C 56 -12.09 -58.92 50.87
N ALA C 57 -13.41 -58.84 50.85
CA ALA C 57 -14.24 -59.22 49.69
C ALA C 57 -14.37 -58.02 48.79
N THR C 58 -14.30 -58.23 47.47
CA THR C 58 -14.62 -57.16 46.51
C THR C 58 -15.83 -57.50 45.63
N GLY C 59 -16.12 -58.80 45.49
CA GLY C 59 -17.28 -59.24 44.72
C GLY C 59 -17.90 -60.46 45.34
N TYR C 60 -19.20 -60.58 45.17
CA TYR C 60 -19.99 -61.64 45.77
C TYR C 60 -20.80 -62.34 44.68
N TRP C 61 -21.01 -63.66 44.81
CA TRP C 61 -21.95 -64.38 43.94
C TRP C 61 -23.37 -64.04 44.37
N ALA C 62 -24.36 -64.44 43.57
CA ALA C 62 -25.78 -64.13 43.88
C ALA C 62 -26.27 -64.77 45.20
N ASP C 63 -25.71 -65.92 45.55
CA ASP C 63 -26.06 -66.54 46.82
C ASP C 63 -25.33 -65.93 48.01
N GLY C 64 -24.55 -64.89 47.79
CA GLY C 64 -23.82 -64.21 48.88
C GLY C 64 -22.42 -64.75 49.14
N SER C 65 -22.03 -65.84 48.47
CA SER C 65 -20.68 -66.38 48.61
C SER C 65 -19.65 -65.48 47.89
N LEU C 66 -18.37 -65.74 48.17
CA LEU C 66 -17.27 -64.92 47.67
C LEU C 66 -16.99 -65.17 46.19
N LYS C 67 -17.06 -64.10 45.39
CA LYS C 67 -16.73 -64.18 43.97
C LYS C 67 -15.29 -63.70 43.79
N TRP C 68 -14.97 -62.49 44.28
CA TRP C 68 -13.61 -61.94 44.24
C TRP C 68 -13.26 -61.40 45.59
N THR C 69 -12.10 -61.81 46.11
CA THR C 69 -11.46 -61.22 47.28
C THR C 69 -10.34 -60.30 46.87
N ALA C 70 -9.84 -59.54 47.83
CA ALA C 70 -8.60 -58.80 47.71
C ALA C 70 -7.74 -59.10 48.90
N HIS C 71 -6.43 -59.00 48.70
CA HIS C 71 -5.41 -59.38 49.66
C HIS C 71 -4.21 -58.41 49.67
N ALA C 72 -3.67 -58.09 50.84
CA ALA C 72 -2.45 -57.29 50.90
C ALA C 72 -1.31 -57.93 51.69
N ILE C 73 -0.11 -57.69 51.17
CA ILE C 73 1.10 -58.07 51.86
C ILE C 73 1.97 -56.83 52.10
N ALA C 74 2.61 -56.80 53.27
CA ALA C 74 3.58 -55.75 53.60
C ALA C 74 4.84 -55.76 52.69
N GLU C 75 5.54 -54.63 52.62
CA GLU C 75 6.88 -54.65 52.03
C GLU C 75 7.72 -55.70 52.77
N SER C 76 8.54 -56.41 52.00
CA SER C 76 9.40 -57.47 52.58
C SER C 76 10.64 -57.60 51.75
N ASN C 77 11.78 -57.76 52.43
CA ASN C 77 13.02 -58.23 51.75
C ASN C 77 12.86 -59.61 51.13
N GLN C 78 12.08 -60.50 51.75
CA GLN C 78 11.93 -61.86 51.23
C GLN C 78 10.87 -61.81 50.13
N ILE C 79 11.25 -62.29 48.94
CA ILE C 79 10.42 -62.19 47.72
C ILE C 79 10.40 -63.54 46.99
N TYR C 80 9.22 -64.12 46.86
CA TYR C 80 9.04 -65.51 46.46
C TYR C 80 8.57 -65.60 45.03
N ASP C 81 8.61 -66.80 44.46
CA ASP C 81 8.21 -66.98 43.06
C ASP C 81 6.68 -67.05 42.90
N GLN C 82 6.08 -67.72 43.87
CA GLN C 82 4.65 -67.88 43.96
C GLN C 82 4.18 -67.69 45.40
N TYR C 83 2.95 -67.20 45.54
CA TYR C 83 2.35 -66.83 46.83
C TYR C 83 1.08 -67.59 46.88
N THR C 84 0.93 -68.47 47.85
CA THR C 84 -0.19 -69.44 47.83
C THR C 84 -1.24 -69.14 48.91
N VAL C 85 -2.40 -68.65 48.49
CA VAL C 85 -3.51 -68.37 49.42
C VAL C 85 -4.37 -69.62 49.66
N THR C 86 -4.37 -70.10 50.89
CA THR C 86 -5.29 -71.15 51.33
C THR C 86 -6.51 -70.51 52.04
N ALA C 87 -7.70 -70.98 51.69
CA ALA C 87 -8.98 -70.48 52.20
C ALA C 87 -9.73 -71.63 52.86
N SER C 88 -10.20 -71.42 54.07
CA SER C 88 -10.81 -72.49 54.85
C SER C 88 -12.14 -72.01 55.38
N SER C 89 -13.14 -72.89 55.30
CA SER C 89 -14.46 -72.65 55.88
C SER C 89 -14.43 -72.68 57.41
N LEU C 90 -15.60 -72.60 58.02
CA LEU C 90 -15.71 -72.29 59.43
C LEU C 90 -15.37 -73.52 60.27
N GLY C 91 -15.71 -74.70 59.77
CA GLY C 91 -15.55 -75.93 60.54
C GLY C 91 -14.18 -76.59 60.51
N CYS C 92 -13.18 -75.93 59.91
CA CYS C 92 -11.81 -76.44 59.79
C CYS C 92 -10.91 -76.08 61.00
N VAL C 93 -9.67 -76.61 61.01
CA VAL C 93 -8.63 -76.51 62.08
C VAL C 93 -9.10 -77.28 63.33
N SER C 107 4.23 -57.44 61.85
CA SER C 107 4.28 -55.99 61.65
C SER C 107 2.93 -55.35 61.20
N SER C 108 2.47 -54.38 62.00
CA SER C 108 1.19 -53.70 61.79
C SER C 108 1.40 -52.21 61.63
N ILE C 109 0.62 -51.60 60.74
CA ILE C 109 0.44 -50.14 60.69
C ILE C 109 -0.28 -49.67 61.97
N VAL C 110 0.22 -48.58 62.54
CA VAL C 110 -0.40 -47.88 63.64
C VAL C 110 -0.98 -46.57 63.12
N VAL C 111 -2.30 -46.36 63.27
CA VAL C 111 -2.88 -45.01 62.97
C VAL C 111 -3.38 -44.32 64.26
N THR C 112 -2.97 -43.09 64.45
CA THR C 112 -3.25 -42.38 65.67
C THR C 112 -4.02 -41.16 65.21
N ASP C 113 -5.03 -40.80 66.01
CA ASP C 113 -5.96 -39.73 65.72
C ASP C 113 -5.75 -38.61 66.76
N ASN C 114 -5.43 -37.41 66.27
CA ASN C 114 -5.46 -36.20 67.08
C ASN C 114 -6.62 -35.34 66.59
N SER C 115 -6.79 -34.17 67.18
CA SER C 115 -7.92 -33.33 66.83
C SER C 115 -7.88 -32.95 65.37
N ASP C 116 -6.79 -32.27 65.00
CA ASP C 116 -6.68 -31.58 63.71
C ASP C 116 -6.09 -32.45 62.57
N ALA C 117 -5.68 -33.68 62.90
CA ALA C 117 -4.85 -34.49 62.00
C ALA C 117 -4.79 -35.97 62.40
N LEU C 118 -4.67 -36.79 61.37
CA LEU C 118 -4.63 -38.25 61.48
C LEU C 118 -3.22 -38.70 61.07
N THR C 119 -2.58 -39.53 61.89
CA THR C 119 -1.21 -40.01 61.56
C THR C 119 -1.18 -41.51 61.21
N VAL C 120 -0.54 -41.88 60.12
CA VAL C 120 -0.37 -43.28 59.75
C VAL C 120 1.12 -43.62 59.90
N ASN C 121 1.44 -44.66 60.70
CA ASN C 121 2.82 -45.10 60.93
C ASN C 121 2.99 -46.51 60.44
N THR C 122 3.92 -46.74 59.50
CA THR C 122 4.08 -48.08 58.94
C THR C 122 5.16 -48.95 59.64
N GLY C 123 5.91 -48.36 60.55
CA GLY C 123 7.19 -48.95 60.98
C GLY C 123 8.41 -48.31 60.32
N GLU C 124 8.30 -47.94 59.04
CA GLU C 124 9.39 -47.23 58.33
C GLU C 124 9.15 -45.74 58.21
N VAL C 125 7.89 -45.32 58.24
CA VAL C 125 7.54 -43.92 57.92
C VAL C 125 6.26 -43.53 58.69
N ALA C 126 6.15 -42.25 59.03
CA ALA C 126 4.98 -41.72 59.73
C ALA C 126 4.51 -40.47 59.03
N VAL C 127 3.30 -40.53 58.47
CA VAL C 127 2.73 -39.44 57.68
C VAL C 127 1.50 -38.93 58.38
N SER C 128 1.39 -37.64 58.53
CA SER C 128 0.25 -36.99 59.19
C SER C 128 -0.60 -36.34 58.11
N PHE C 129 -1.90 -36.68 58.08
CA PHE C 129 -2.88 -36.12 57.13
C PHE C 129 -3.83 -35.19 57.86
N PRO C 130 -3.71 -33.84 57.69
CA PRO C 130 -4.66 -32.90 58.30
C PRO C 130 -6.07 -33.12 57.85
N LYS C 131 -7.03 -32.78 58.73
CA LYS C 131 -8.46 -33.10 58.53
C LYS C 131 -9.21 -31.99 57.84
N GLY C 132 -8.61 -30.81 57.81
CA GLY C 132 -9.00 -29.73 56.91
C GLY C 132 -7.82 -28.79 56.58
N GLY C 133 -8.11 -27.75 55.79
CA GLY C 133 -7.11 -26.73 55.39
C GLY C 133 -6.49 -26.95 54.01
N ASN C 134 -5.38 -26.29 53.78
CA ASN C 134 -4.70 -26.22 52.49
C ASN C 134 -3.37 -27.02 52.40
N VAL C 135 -3.16 -27.93 53.37
CA VAL C 135 -2.02 -28.83 53.42
C VAL C 135 -2.53 -30.30 53.42
N ILE C 136 -2.19 -31.07 52.38
CA ILE C 136 -2.68 -32.47 52.25
C ILE C 136 -1.97 -33.42 53.21
N ILE C 137 -0.66 -33.18 53.37
CA ILE C 137 0.23 -33.93 54.26
C ILE C 137 0.94 -32.95 55.19
N GLY C 138 0.83 -33.21 56.50
CA GLY C 138 1.38 -32.33 57.54
C GLY C 138 2.87 -32.51 57.65
N ASP C 139 3.31 -33.75 57.90
CA ASP C 139 4.75 -34.09 57.81
C ASP C 139 5.02 -35.57 57.61
N ILE C 140 6.28 -35.89 57.30
CA ILE C 140 6.76 -37.24 57.01
C ILE C 140 8.01 -37.50 57.85
N LYS C 141 7.93 -38.48 58.74
CA LYS C 141 9.05 -38.86 59.60
C LYS C 141 9.50 -40.25 59.25
N THR C 142 10.78 -40.51 59.49
CA THR C 142 11.37 -41.87 59.36
C THR C 142 11.33 -42.54 60.72
N LYS C 143 11.65 -43.84 60.83
CA LYS C 143 11.51 -44.55 62.15
C LYS C 143 12.28 -43.94 63.29
N SER C 144 13.40 -43.29 62.96
CA SER C 144 14.21 -42.52 63.93
C SER C 144 13.52 -41.28 64.48
N GLY C 145 12.48 -40.80 63.79
CA GLY C 145 11.65 -39.63 64.21
C GLY C 145 11.91 -38.32 63.45
N LYS C 146 12.93 -38.31 62.56
CA LYS C 146 13.32 -37.04 61.93
C LYS C 146 12.33 -36.67 60.81
N VAL C 147 11.93 -35.40 60.81
CA VAL C 147 11.12 -34.86 59.74
C VAL C 147 12.02 -34.79 58.48
N ILE C 148 11.63 -35.54 57.46
CA ILE C 148 12.31 -35.51 56.17
C ILE C 148 11.48 -34.77 55.11
N GLY C 149 10.29 -34.33 55.49
CA GLY C 149 9.40 -33.69 54.53
C GLY C 149 8.13 -33.19 55.17
N ALA C 150 7.58 -32.10 54.65
CA ALA C 150 6.49 -31.40 55.31
C ALA C 150 5.62 -30.61 54.35
N ASN C 151 4.40 -30.34 54.80
CA ASN C 151 3.45 -29.53 54.03
C ASN C 151 3.19 -30.04 52.62
N GLY C 152 2.85 -31.31 52.49
CA GLY C 152 2.39 -31.79 51.20
C GLY C 152 1.19 -30.93 50.78
N ARG C 153 1.22 -30.41 49.57
CA ARG C 153 0.20 -29.51 49.06
C ARG C 153 0.01 -29.62 47.55
N LEU C 154 -1.22 -29.43 47.09
CA LEU C 154 -1.54 -29.45 45.67
C LEU C 154 -1.27 -28.06 45.12
N VAL C 155 -0.78 -27.93 43.88
CA VAL C 155 -0.73 -26.61 43.24
C VAL C 155 -1.46 -26.62 41.89
N LEU C 156 -2.12 -25.49 41.61
CA LEU C 156 -2.77 -25.25 40.34
C LEU C 156 -2.54 -23.80 39.94
N GLN C 157 -2.22 -23.57 38.67
CA GLN C 157 -2.10 -22.20 38.15
CA GLN C 157 -2.02 -22.25 38.13
C GLN C 157 -2.88 -22.21 36.86
N SER C 158 -3.55 -21.08 36.59
CA SER C 158 -4.39 -20.93 35.40
C SER C 158 -4.33 -19.51 34.91
N GLN C 159 -4.67 -19.28 33.64
CA GLN C 159 -4.83 -17.91 33.09
C GLN C 159 -6.21 -17.78 32.50
N ASP C 160 -6.69 -16.55 32.41
CA ASP C 160 -8.10 -16.25 32.02
C ASP C 160 -8.35 -15.95 30.51
N SER C 161 -7.31 -15.83 29.73
CA SER C 161 -7.43 -15.74 28.28
C SER C 161 -6.14 -16.33 27.72
N VAL C 162 -6.13 -16.49 26.40
CA VAL C 162 -4.93 -16.86 25.71
C VAL C 162 -4.83 -15.90 24.53
N PRO C 163 -3.64 -15.38 24.26
CA PRO C 163 -3.45 -14.68 23.00
C PRO C 163 -3.58 -15.61 21.77
N ASP C 164 -3.87 -15.03 20.61
CA ASP C 164 -4.10 -15.80 19.37
C ASP C 164 -2.87 -16.47 18.78
N ASN C 165 -1.73 -15.82 18.98
CA ASN C 165 -0.46 -16.23 18.45
C ASN C 165 0.63 -15.50 19.20
N PHE C 166 1.89 -15.70 18.82
CA PHE C 166 2.97 -15.13 19.62
C PHE C 166 2.95 -13.61 19.53
N ASP C 167 2.76 -13.08 18.34
CA ASP C 167 2.66 -11.62 18.13
C ASP C 167 1.57 -10.92 18.96
N ASN C 168 0.48 -11.63 19.22
CA ASN C 168 -0.69 -11.12 19.92
C ASN C 168 -0.50 -10.97 21.43
N ARG C 169 0.55 -11.53 22.00
CA ARG C 169 0.82 -11.34 23.42
C ARG C 169 1.00 -9.87 23.80
N ALA C 170 1.61 -9.11 22.91
CA ALA C 170 1.81 -7.68 23.13
C ALA C 170 0.47 -6.91 23.24
N ASN C 171 -0.57 -7.42 22.60
CA ASN C 171 -1.87 -6.74 22.57
C ASN C 171 -3.04 -7.49 23.22
N SER C 172 -2.83 -8.66 23.83
CA SER C 172 -3.93 -9.37 24.50
C SER C 172 -3.43 -9.74 25.88
N PRO C 173 -3.77 -8.93 26.91
CA PRO C 173 -3.23 -9.21 28.25
C PRO C 173 -3.64 -10.56 28.82
N ILE C 174 -2.82 -11.05 29.75
CA ILE C 174 -3.01 -12.33 30.43
C ILE C 174 -3.08 -12.07 31.94
N GLN C 175 -4.06 -12.66 32.61
CA GLN C 175 -4.11 -12.61 34.06
C GLN C 175 -3.93 -14.01 34.67
N TYR C 176 -2.91 -14.12 35.51
CA TYR C 176 -2.57 -15.38 36.16
C TYR C 176 -3.25 -15.52 37.51
N SER C 177 -3.61 -16.75 37.84
CA SER C 177 -4.14 -17.11 39.15
C SER C 177 -3.48 -18.39 39.71
N ASN C 178 -3.05 -18.38 40.95
CA ASN C 178 -2.56 -19.57 41.63
C ASN C 178 -3.64 -20.08 42.58
N PHE C 179 -3.60 -21.40 42.82
CA PHE C 179 -4.58 -22.14 43.63
C PHE C 179 -3.89 -23.26 44.42
N ASP C 180 -4.62 -23.71 45.43
CA ASP C 180 -4.23 -24.65 46.46
C ASP C 180 -5.27 -25.74 46.52
N GLY C 181 -4.88 -26.93 46.94
CA GLY C 181 -5.82 -27.94 47.29
C GLY C 181 -6.42 -27.63 48.64
N ASN C 182 -7.73 -27.37 48.68
CA ASN C 182 -8.46 -27.17 49.91
C ASN C 182 -9.21 -28.46 50.28
N ILE C 183 -9.01 -28.93 51.50
CA ILE C 183 -9.59 -30.18 52.00
C ILE C 183 -11.02 -29.96 52.52
N ASN C 184 -11.92 -30.89 52.15
CA ASN C 184 -13.31 -30.94 52.62
C ASN C 184 -13.58 -32.20 53.45
N GLU C 185 -13.14 -33.36 52.97
CA GLU C 185 -13.26 -34.60 53.73
C GLU C 185 -12.01 -35.49 53.64
N VAL C 186 -11.76 -36.26 54.70
CA VAL C 186 -10.72 -37.28 54.73
C VAL C 186 -11.31 -38.57 55.18
N PHE C 187 -11.02 -39.65 54.47
CA PHE C 187 -11.39 -41.03 54.92
C PHE C 187 -10.13 -41.88 55.13
N VAL C 188 -10.31 -43.01 55.80
CA VAL C 188 -9.21 -43.90 56.16
C VAL C 188 -9.75 -45.29 56.07
N ASN C 189 -9.03 -46.11 55.33
CA ASN C 189 -9.25 -47.56 55.34
C ASN C 189 -8.02 -48.25 55.97
N GLN C 190 -8.03 -48.31 57.30
CA GLN C 190 -6.98 -48.90 58.09
C GLN C 190 -7.19 -50.39 58.13
N THR C 191 -6.16 -51.11 57.67
CA THR C 191 -5.87 -52.49 58.05
C THR C 191 -4.41 -52.64 58.57
N SER C 192 -3.99 -53.86 58.88
CA SER C 192 -2.60 -54.07 59.35
C SER C 192 -1.56 -53.85 58.31
N ALA C 193 -1.84 -54.41 57.15
CA ALA C 193 -0.86 -54.56 56.08
C ALA C 193 -0.88 -53.29 55.26
N ARG C 194 -2.06 -52.72 55.10
CA ARG C 194 -2.28 -51.62 54.18
C ARG C 194 -3.23 -50.59 54.76
N THR C 195 -2.83 -49.32 54.72
CA THR C 195 -3.73 -48.25 55.06
C THR C 195 -3.88 -47.25 53.90
N LEU C 196 -5.14 -47.02 53.50
CA LEU C 196 -5.48 -46.12 52.39
C LEU C 196 -6.16 -44.88 52.90
N VAL C 197 -5.53 -43.72 52.73
CA VAL C 197 -6.09 -42.46 53.15
C VAL C 197 -6.66 -41.76 51.93
N THR C 198 -7.96 -41.46 51.91
CA THR C 198 -8.61 -40.79 50.78
C THR C 198 -8.91 -39.33 51.15
N VAL C 199 -8.38 -38.36 50.40
CA VAL C 199 -8.59 -36.94 50.68
C VAL C 199 -9.28 -36.28 49.50
N ARG C 200 -10.46 -35.69 49.72
CA ARG C 200 -11.24 -34.96 48.67
C ARG C 200 -11.37 -33.45 48.87
N GLY C 201 -11.47 -32.72 47.77
CA GLY C 201 -11.54 -31.30 47.86
C GLY C 201 -11.66 -30.59 46.55
N ASN C 202 -11.15 -29.37 46.58
CA ASN C 202 -11.24 -28.34 45.55
C ASN C 202 -9.94 -27.60 45.50
N HIS C 203 -9.73 -26.89 44.42
CA HIS C 203 -8.67 -25.93 44.37
C HIS C 203 -9.27 -24.55 44.58
N THR C 204 -8.84 -23.86 45.62
CA THR C 204 -9.32 -22.52 45.91
C THR C 204 -8.18 -21.53 45.70
N VAL C 205 -8.53 -20.33 45.25
CA VAL C 205 -7.55 -19.33 44.85
C VAL C 205 -6.61 -18.95 45.99
N THR C 206 -5.36 -18.59 45.67
CA THR C 206 -4.39 -18.07 46.66
C THR C 206 -3.82 -16.73 46.24
N ASP C 207 -2.91 -16.70 45.28
CA ASP C 207 -2.36 -15.43 44.75
C ASP C 207 -3.04 -15.10 43.40
N GLY C 208 -2.80 -13.91 42.87
CA GLY C 208 -3.28 -13.53 41.54
C GLY C 208 -4.77 -13.16 41.47
N THR C 209 -5.34 -13.22 40.25
CA THR C 209 -6.72 -12.80 40.01
C THR C 209 -7.73 -13.71 40.74
N ASP C 210 -8.74 -13.10 41.35
CA ASP C 210 -9.75 -13.84 42.06
C ASP C 210 -10.56 -14.74 41.07
N HIS C 211 -11.02 -15.88 41.59
CA HIS C 211 -11.68 -16.94 40.84
C HIS C 211 -12.43 -17.90 41.81
N ASP C 212 -13.59 -18.44 41.41
CA ASP C 212 -14.34 -19.36 42.30
C ASP C 212 -13.63 -20.69 42.45
N PRO C 213 -13.88 -21.39 43.59
CA PRO C 213 -13.34 -22.73 43.73
C PRO C 213 -13.74 -23.63 42.59
N TRP C 214 -12.78 -24.46 42.14
CA TRP C 214 -12.93 -25.41 41.03
C TRP C 214 -11.95 -26.56 41.02
N LEU C 215 -12.00 -27.36 39.97
CA LEU C 215 -11.10 -28.47 39.76
C LEU C 215 -11.08 -29.39 40.96
N PRO C 216 -12.21 -30.06 41.17
CA PRO C 216 -12.27 -30.95 42.30
C PRO C 216 -11.22 -32.04 42.19
N PHE C 217 -10.74 -32.52 43.33
CA PHE C 217 -9.79 -33.60 43.36
C PHE C 217 -10.19 -34.67 44.33
N VAL C 218 -9.53 -35.82 44.14
CA VAL C 218 -9.41 -36.81 45.19
C VAL C 218 -8.03 -37.45 45.07
N VAL C 219 -7.31 -37.47 46.17
CA VAL C 219 -5.96 -38.05 46.27
C VAL C 219 -6.05 -39.25 47.19
N ARG C 220 -5.53 -40.39 46.76
CA ARG C 220 -5.53 -41.60 47.57
C ARG C 220 -4.07 -41.97 47.93
N PHE C 221 -3.83 -42.30 49.19
CA PHE C 221 -2.51 -42.55 49.63
C PHE C 221 -2.47 -43.95 50.13
N TYR C 222 -1.68 -44.78 49.48
CA TYR C 222 -1.60 -46.15 49.89
C TYR C 222 -0.29 -46.34 50.65
N LEU C 223 -0.45 -46.71 51.93
CA LEU C 223 0.64 -47.00 52.81
C LEU C 223 0.59 -48.48 53.12
N TYR C 224 1.76 -49.12 53.08
CA TYR C 224 1.90 -50.49 53.48
C TYR C 224 2.85 -50.62 54.67
N ALA C 225 2.63 -51.69 55.41
CA ALA C 225 3.42 -51.98 56.56
C ALA C 225 4.83 -52.22 56.07
N ASN C 226 5.77 -51.69 56.85
CA ASN C 226 7.21 -51.88 56.65
C ASN C 226 7.73 -51.17 55.39
N SER C 227 6.98 -50.16 54.91
CA SER C 227 7.35 -49.43 53.74
C SER C 227 7.49 -47.95 53.97
N ALA C 228 8.50 -47.37 53.31
CA ALA C 228 8.74 -45.91 53.22
C ALA C 228 8.40 -45.37 51.82
N THR C 229 7.57 -46.12 51.11
CA THR C 229 7.13 -45.80 49.75
C THR C 229 5.64 -45.63 49.86
N ILE C 230 5.16 -44.52 49.32
CA ILE C 230 3.76 -44.21 49.25
C ILE C 230 3.32 -44.07 47.79
N LYS C 231 2.28 -44.79 47.43
CA LYS C 231 1.66 -44.65 46.14
C LYS C 231 0.55 -43.64 46.33
N VAL C 232 0.42 -42.72 45.37
CA VAL C 232 -0.48 -41.55 45.39
C VAL C 232 -1.30 -41.50 44.07
N MET C 233 -2.56 -41.91 44.11
CA MET C 233 -3.44 -41.80 42.95
C MET C 233 -4.14 -40.47 43.05
N HIS C 234 -3.73 -39.54 42.20
CA HIS C 234 -4.19 -38.17 42.15
C HIS C 234 -5.17 -38.09 41.00
N SER C 235 -6.43 -37.84 41.28
CA SER C 235 -7.51 -37.76 40.25
C SER C 235 -8.08 -36.34 40.32
N ILE C 236 -8.36 -35.78 39.15
CA ILE C 236 -9.06 -34.51 39.06
C ILE C 236 -10.17 -34.54 37.98
N VAL C 237 -11.18 -33.69 38.19
CA VAL C 237 -12.31 -33.52 37.28
C VAL C 237 -12.18 -32.08 36.81
N PHE C 238 -12.16 -31.87 35.49
N PHE C 238 -12.26 -31.89 35.50
CA PHE C 238 -12.12 -30.52 34.91
CA PHE C 238 -12.10 -30.59 34.87
C PHE C 238 -13.53 -30.02 34.91
C PHE C 238 -13.47 -29.91 34.79
N ASP C 239 -13.79 -29.02 35.75
CA ASP C 239 -15.12 -28.35 35.80
C ASP C 239 -15.04 -26.91 35.36
N GLY C 240 -13.95 -26.54 34.67
CA GLY C 240 -13.76 -25.17 34.24
C GLY C 240 -14.52 -24.95 32.95
N ASP C 241 -14.66 -23.68 32.59
CA ASP C 241 -15.28 -23.24 31.32
C ASP C 241 -14.21 -22.87 30.24
N GLU C 242 -14.60 -22.16 29.16
CA GLU C 242 -13.69 -21.80 28.06
C GLU C 242 -12.78 -20.63 28.38
N ASN C 243 -12.93 -20.01 29.54
CA ASN C 243 -11.98 -18.98 29.99
C ASN C 243 -10.98 -19.50 30.99
N ASP C 244 -11.02 -20.78 31.30
CA ASP C 244 -10.06 -21.34 32.23
C ASP C 244 -9.02 -22.13 31.46
N PHE C 245 -7.79 -21.66 31.51
CA PHE C 245 -6.69 -22.33 30.85
C PHE C 245 -5.69 -22.80 31.88
N ILE C 246 -5.70 -24.12 32.15
CA ILE C 246 -4.72 -24.70 33.08
C ILE C 246 -3.29 -24.41 32.59
N THR C 247 -2.44 -24.03 33.52
CA THR C 247 -1.12 -23.56 33.23
C THR C 247 -0.04 -24.44 33.95
N GLY C 248 -0.32 -24.75 35.21
CA GLY C 248 0.46 -25.67 35.99
C GLY C 248 -0.44 -26.50 36.91
N LEU C 249 -0.04 -27.73 37.13
CA LEU C 249 -0.75 -28.60 38.03
C LEU C 249 0.33 -29.41 38.70
N GLY C 250 0.25 -29.57 40.01
CA GLY C 250 1.34 -30.25 40.70
C GLY C 250 1.13 -30.63 42.12
N ILE C 251 2.19 -31.19 42.67
CA ILE C 251 2.26 -31.62 44.07
C ILE C 251 3.58 -31.08 44.54
N ARG C 252 3.62 -30.66 45.80
CA ARG C 252 4.79 -29.99 46.32
C ARG C 252 4.97 -30.27 47.81
N PHE C 253 6.22 -30.43 48.25
CA PHE C 253 6.54 -30.61 49.68
C PHE C 253 7.70 -29.73 50.02
N ASP C 254 7.76 -29.23 51.25
CA ASP C 254 8.96 -28.55 51.78
C ASP C 254 9.91 -29.68 52.24
N VAL C 255 11.23 -29.51 52.08
CA VAL C 255 12.21 -30.42 52.69
C VAL C 255 13.00 -29.61 53.67
N PRO C 256 13.01 -30.00 54.96
CA PRO C 256 13.74 -29.14 55.91
C PRO C 256 15.27 -29.41 55.85
N LEU C 257 16.06 -28.37 55.61
CA LEU C 257 17.50 -28.54 55.35
C LEU C 257 18.43 -27.86 56.32
N LYS C 258 17.93 -26.84 57.04
CA LYS C 258 18.70 -26.10 58.07
C LYS C 258 19.50 -27.07 58.93
N GLY C 259 20.78 -26.73 59.14
CA GLY C 259 21.75 -27.61 59.82
C GLY C 259 22.55 -28.60 58.98
N GLU C 260 22.24 -28.75 57.68
CA GLU C 260 23.15 -29.40 56.72
C GLU C 260 24.07 -28.37 56.20
N GLU C 261 25.33 -28.74 56.09
CA GLU C 261 26.27 -27.96 55.37
C GLU C 261 25.76 -27.96 53.92
N TYR C 262 25.93 -26.87 53.20
CA TYR C 262 25.60 -26.81 51.77
C TYR C 262 26.17 -28.01 50.98
N TYR C 263 27.42 -28.39 51.28
CA TYR C 263 28.10 -29.52 50.60
C TYR C 263 27.64 -30.90 51.02
N ASP C 264 26.71 -31.00 51.97
CA ASP C 264 26.08 -32.27 52.38
C ASP C 264 24.59 -32.32 51.97
N ARG C 265 24.15 -31.35 51.16
CA ARG C 265 22.80 -31.28 50.58
C ARG C 265 22.83 -31.77 49.14
N HIS C 266 21.95 -32.72 48.82
CA HIS C 266 22.07 -33.46 47.59
C HIS C 266 20.81 -33.37 46.74
N ILE C 267 21.06 -33.21 45.44
CA ILE C 267 20.05 -33.21 44.42
C ILE C 267 20.31 -34.43 43.58
N ARG C 268 19.26 -35.11 43.17
CA ARG C 268 19.38 -36.16 42.16
C ARG C 268 18.15 -36.07 41.28
N PHE C 269 18.35 -36.30 39.99
CA PHE C 269 17.23 -36.53 39.07
C PHE C 269 17.45 -37.84 38.34
N ALA C 270 16.38 -38.57 38.10
CA ALA C 270 16.40 -39.66 37.14
C ALA C 270 16.51 -39.14 35.69
N GLY C 271 17.32 -39.85 34.91
CA GLY C 271 17.66 -39.49 33.55
C GLY C 271 17.11 -40.59 32.68
N VAL C 272 17.88 -40.96 31.66
CA VAL C 272 17.46 -41.87 30.66
C VAL C 272 17.85 -43.28 31.09
N ASP C 273 16.88 -44.23 31.06
CA ASP C 273 17.12 -45.67 31.31
C ASP C 273 18.05 -46.01 32.50
N GLY C 274 17.63 -45.98 33.75
CA GLY C 274 18.58 -46.27 34.82
C GLY C 274 19.62 -45.20 35.10
N GLY C 275 19.59 -44.06 34.40
CA GLY C 275 20.48 -42.94 34.69
C GLY C 275 20.08 -42.14 35.92
N ILE C 276 21.05 -41.66 36.67
CA ILE C 276 20.81 -40.66 37.72
C ILE C 276 21.77 -39.44 37.62
N PHE C 277 21.21 -38.24 37.66
CA PHE C 277 22.00 -37.02 37.79
C PHE C 277 22.38 -36.93 39.26
N ASN C 278 23.62 -36.55 39.60
CA ASN C 278 24.12 -36.57 41.02
C ASN C 278 24.86 -35.33 41.39
N GLU C 279 24.20 -34.46 42.14
CA GLU C 279 24.89 -33.25 42.52
C GLU C 279 24.64 -32.82 43.96
N ALA C 280 25.48 -31.87 44.34
CA ALA C 280 25.40 -31.25 45.62
C ALA C 280 25.06 -29.75 45.46
N VAL C 281 24.37 -29.21 46.45
CA VAL C 281 24.03 -27.78 46.46
C VAL C 281 25.31 -26.92 46.43
N GLN C 282 26.36 -27.38 47.13
CA GLN C 282 27.71 -26.83 47.00
C GLN C 282 28.73 -27.94 46.68
N GLY C 283 29.03 -28.06 45.39
CA GLY C 283 29.98 -29.00 44.84
C GLY C 283 31.44 -28.70 45.20
N ILE C 284 32.12 -29.77 45.56
CA ILE C 284 33.51 -29.83 45.97
C ILE C 284 34.42 -30.66 44.98
N THR C 285 33.78 -31.30 44.01
CA THR C 285 34.41 -31.97 42.92
C THR C 285 34.61 -30.95 41.83
N GLY C 286 35.54 -31.23 40.93
CA GLY C 286 35.84 -30.40 39.77
C GLY C 286 36.33 -29.00 40.03
N LEU C 287 36.88 -28.78 41.21
CA LEU C 287 37.45 -27.46 41.57
C LEU C 287 38.90 -27.42 41.19
N ARG C 288 39.46 -26.23 41.24
CA ARG C 288 40.87 -26.01 40.94
C ARG C 288 41.75 -26.69 41.96
N ARG C 289 41.21 -26.93 43.16
CA ARG C 289 41.91 -27.57 44.24
C ARG C 289 41.17 -28.81 44.74
N ASP C 290 41.97 -29.78 45.16
CA ASP C 290 41.46 -31.04 45.63
C ASP C 290 41.33 -31.00 47.14
N PRO C 291 40.08 -31.03 47.67
CA PRO C 291 40.00 -31.12 49.15
C PRO C 291 40.56 -32.48 49.65
N GLY C 292 40.42 -33.52 48.82
CA GLY C 292 40.88 -34.87 49.08
C GLY C 292 40.02 -35.86 48.33
N GLU C 293 40.60 -36.84 47.68
CA GLU C 293 39.84 -37.84 46.93
C GLU C 293 38.71 -38.54 47.74
N GLU C 294 38.94 -38.89 49.00
CA GLU C 294 37.92 -39.62 49.77
C GLU C 294 36.73 -38.66 50.03
N ILE C 295 37.00 -37.36 50.18
CA ILE C 295 36.00 -36.36 50.43
C ILE C 295 35.11 -36.14 49.19
N ARG C 296 35.76 -35.95 48.03
CA ARG C 296 35.12 -35.88 46.74
C ARG C 296 34.27 -37.10 46.39
N ALA C 297 34.74 -38.30 46.64
CA ALA C 297 33.95 -39.52 46.33
C ALA C 297 32.76 -39.71 47.28
N ALA C 298 32.93 -39.21 48.51
CA ALA C 298 31.85 -39.16 49.47
C ALA C 298 30.70 -38.20 49.03
N GLN C 299 31.05 -37.02 48.49
CA GLN C 299 30.03 -36.10 47.96
C GLN C 299 29.20 -36.71 46.83
N PHE C 300 29.91 -37.29 45.89
CA PHE C 300 29.28 -37.89 44.76
C PHE C 300 28.35 -39.04 45.17
N ALA C 301 28.75 -39.75 46.22
CA ALA C 301 28.00 -40.89 46.76
C ALA C 301 26.86 -40.47 47.67
N GLY C 302 26.77 -39.19 48.01
CA GLY C 302 25.71 -38.68 48.90
C GLY C 302 25.94 -38.91 50.39
N GLN C 303 27.21 -39.04 50.79
CA GLN C 303 27.58 -39.23 52.19
C GLN C 303 27.97 -37.87 52.73
N LYS C 304 28.05 -37.80 54.06
CA LYS C 304 28.33 -36.59 54.80
C LYS C 304 29.83 -36.42 54.74
N LEU C 305 30.27 -35.25 54.32
CA LEU C 305 31.70 -35.02 54.22
C LEU C 305 32.37 -34.99 55.59
N ALA C 306 33.64 -35.39 55.61
CA ALA C 306 34.47 -35.39 56.81
C ALA C 306 34.65 -33.97 57.32
N ASP C 307 35.02 -33.85 58.59
CA ASP C 307 35.23 -32.55 59.24
C ASP C 307 36.19 -31.74 58.39
N THR C 308 35.97 -30.42 58.30
CA THR C 308 36.83 -29.57 57.41
C THR C 308 38.34 -29.54 57.79
N GLU C 309 38.61 -29.81 59.07
CA GLU C 309 39.96 -30.15 59.55
C GLU C 309 40.74 -31.16 58.74
N THR C 310 40.09 -32.12 58.08
CA THR C 310 40.78 -33.17 57.29
C THR C 310 40.97 -32.88 55.79
N TRP C 311 40.31 -31.82 55.31
CA TRP C 311 40.42 -31.37 53.94
C TRP C 311 41.78 -30.64 53.76
N GLU C 312 42.19 -30.40 52.53
CA GLU C 312 43.39 -29.63 52.19
C GLU C 312 43.00 -28.16 52.31
N PRO C 313 43.73 -27.35 53.10
CA PRO C 313 43.18 -26.01 53.43
C PRO C 313 42.94 -25.00 52.26
N ARG C 314 43.53 -25.20 51.09
CA ARG C 314 43.20 -24.29 49.97
C ARG C 314 41.75 -24.47 49.44
N VAL C 315 41.03 -25.50 49.93
CA VAL C 315 39.60 -25.63 49.72
C VAL C 315 38.69 -25.12 50.89
N SER C 316 38.86 -25.62 52.10
CA SER C 316 38.05 -25.20 53.26
C SER C 316 38.08 -23.68 53.57
N THR C 317 39.25 -23.08 53.41
CA THR C 317 39.39 -21.63 53.59
C THR C 317 38.66 -20.82 52.51
N ARG C 318 38.30 -21.47 51.38
CA ARG C 318 37.66 -20.78 50.24
C ARG C 318 36.26 -21.25 49.90
N LEU C 319 35.60 -21.87 50.88
CA LEU C 319 34.26 -22.39 50.66
C LEU C 319 33.25 -21.31 50.28
N LYS C 320 33.45 -20.08 50.74
CA LYS C 320 32.52 -19.01 50.40
C LYS C 320 32.57 -18.57 48.92
N TRP C 321 33.67 -18.82 48.20
CA TRP C 321 33.74 -18.44 46.78
C TRP C 321 33.19 -19.50 45.84
N ILE C 322 32.77 -20.64 46.38
CA ILE C 322 32.10 -21.64 45.59
C ILE C 322 30.57 -21.43 45.61
N PRO C 323 29.96 -21.21 44.42
CA PRO C 323 28.53 -20.89 44.34
C PRO C 323 27.66 -21.89 45.01
N THR C 324 26.54 -21.43 45.57
CA THR C 324 25.47 -22.37 45.97
C THR C 324 24.37 -22.39 44.90
N TRP C 325 23.76 -23.55 44.68
CA TRP C 325 22.74 -23.74 43.64
C TRP C 325 21.42 -24.06 44.31
N ALA C 326 20.60 -23.03 44.45
CA ALA C 326 19.31 -23.14 45.14
C ALA C 326 18.22 -23.83 44.30
N ASP C 327 18.15 -23.55 43.01
CA ASP C 327 17.03 -24.03 42.19
C ASP C 327 17.52 -24.95 41.06
N TYR C 328 16.78 -26.03 40.81
CA TYR C 328 17.02 -26.99 39.71
C TYR C 328 15.69 -27.27 39.04
N GLY C 329 15.67 -27.26 37.70
CA GLY C 329 14.44 -27.50 36.95
C GLY C 329 14.57 -28.49 35.79
N LEU C 330 13.70 -29.52 35.81
CA LEU C 330 13.64 -30.49 34.71
C LEU C 330 12.31 -30.35 34.01
N THR C 331 12.35 -30.01 32.72
CA THR C 331 11.14 -29.87 31.89
C THR C 331 11.15 -30.80 30.71
N GLN C 332 10.11 -31.65 30.68
CA GLN C 332 9.88 -32.65 29.66
C GLN C 332 8.64 -32.18 28.93
N LEU C 333 8.83 -31.48 27.80
CA LEU C 333 7.73 -30.77 27.11
C LEU C 333 7.23 -31.41 25.79
N THR C 334 7.99 -32.38 25.30
CA THR C 334 7.58 -33.34 24.28
C THR C 334 7.82 -34.76 24.86
N ALA C 335 7.31 -35.79 24.20
CA ALA C 335 7.68 -37.16 24.55
C ALA C 335 9.11 -37.51 24.24
N ASP C 336 9.86 -36.59 23.66
CA ASP C 336 11.14 -36.92 23.02
C ASP C 336 12.39 -36.20 23.54
N GLY C 337 12.24 -35.15 24.35
CA GLY C 337 13.37 -34.35 24.81
C GLY C 337 13.07 -33.70 26.13
N PHE C 338 14.09 -33.50 26.95
CA PHE C 338 13.91 -32.72 28.19
C PHE C 338 15.06 -31.76 28.34
N GLY C 339 14.78 -30.67 29.05
CA GLY C 339 15.80 -29.67 29.35
C GLY C 339 16.07 -29.73 30.82
N LEU C 340 17.26 -29.30 31.20
CA LEU C 340 17.67 -29.30 32.60
C LEU C 340 18.60 -28.13 32.84
N LYS C 341 18.32 -27.38 33.89
CA LYS C 341 19.09 -26.19 34.20
C LYS C 341 19.10 -26.00 35.67
N LYS C 342 20.02 -25.16 36.11
CA LYS C 342 20.06 -24.77 37.50
C LYS C 342 20.38 -23.32 37.69
N ARG C 343 20.16 -22.83 38.90
CA ARG C 343 20.30 -21.41 39.18
C ARG C 343 20.81 -21.19 40.61
N THR C 344 21.75 -20.26 40.77
CA THR C 344 22.23 -19.93 42.11
C THR C 344 21.13 -19.35 42.97
N LYS C 345 20.43 -18.37 42.40
CA LYS C 345 19.24 -17.78 43.02
C LYS C 345 18.49 -16.86 42.01
N ALA C 346 17.22 -16.59 42.32
CA ALA C 346 16.41 -15.62 41.57
C ALA C 346 17.10 -14.23 41.42
N GLY C 347 17.07 -13.67 40.23
CA GLY C 347 17.84 -12.49 39.90
C GLY C 347 18.98 -12.78 38.96
N GLN C 348 19.26 -14.06 38.75
CA GLN C 348 20.40 -14.51 38.04
C GLN C 348 19.93 -15.49 36.97
N SER C 349 20.66 -15.55 35.85
CA SER C 349 20.37 -16.50 34.79
C SER C 349 20.52 -17.94 35.26
N TRP C 350 19.80 -18.84 34.58
CA TRP C 350 19.98 -20.27 34.77
C TRP C 350 21.20 -20.71 34.01
N VAL C 351 21.77 -21.83 34.47
CA VAL C 351 22.91 -22.47 33.82
C VAL C 351 22.37 -23.73 33.25
N ASN C 352 22.39 -23.81 31.91
CA ASN C 352 21.98 -25.02 31.23
C ASN C 352 22.87 -26.22 31.65
N ILE C 353 22.21 -27.37 31.83
CA ILE C 353 22.81 -28.66 32.20
C ILE C 353 22.67 -29.63 31.00
N PRO C 354 23.70 -30.44 30.72
CA PRO C 354 23.66 -31.55 29.78
C PRO C 354 22.51 -32.48 30.03
N SER C 355 21.59 -32.55 29.08
CA SER C 355 20.29 -33.17 29.27
C SER C 355 20.10 -34.28 28.22
N GLY C 356 18.86 -34.61 27.85
CA GLY C 356 18.63 -35.82 27.12
C GLY C 356 17.25 -36.02 26.57
N THR C 357 16.91 -37.28 26.29
CA THR C 357 15.68 -37.61 25.57
C THR C 357 14.48 -37.73 26.53
N ARG C 358 14.48 -38.77 27.34
CA ARG C 358 13.32 -39.15 28.12
C ARG C 358 13.65 -39.40 29.59
N ALA C 359 13.25 -38.45 30.41
CA ALA C 359 13.52 -38.50 31.83
C ALA C 359 12.57 -39.47 32.49
N GLU C 360 13.13 -40.39 33.27
CA GLU C 360 12.40 -41.46 33.95
CA GLU C 360 12.28 -41.43 33.85
C GLU C 360 11.48 -40.94 35.08
N GLY C 361 11.64 -39.67 35.45
CA GLY C 361 10.62 -38.99 36.23
C GLY C 361 10.66 -38.92 37.75
N LEU C 362 11.87 -38.91 38.30
CA LEU C 362 12.05 -38.82 39.75
C LEU C 362 13.04 -37.75 40.11
N ALA C 363 12.81 -37.17 41.28
CA ALA C 363 13.69 -36.17 41.84
C ALA C 363 13.76 -36.34 43.34
N TYR C 364 14.94 -36.06 43.88
CA TYR C 364 15.25 -36.20 45.28
C TYR C 364 15.83 -34.89 45.74
N LEU C 365 15.47 -34.51 46.96
CA LEU C 365 16.11 -33.40 47.66
C LEU C 365 16.22 -33.77 49.12
N GLY C 366 17.41 -33.61 49.66
CA GLY C 366 17.64 -33.97 51.03
C GLY C 366 19.10 -33.81 51.32
N GLY C 367 19.59 -34.58 52.29
CA GLY C 367 20.96 -34.45 52.77
C GLY C 367 21.47 -35.62 53.56
N ALA C 368 22.77 -35.60 53.83
CA ALA C 368 23.42 -36.76 54.48
C ALA C 368 23.01 -36.98 55.94
N THR C 369 22.54 -35.90 56.55
CA THR C 369 22.23 -35.76 57.96
C THR C 369 20.71 -35.51 58.11
N GLN C 370 20.16 -34.50 57.42
CA GLN C 370 18.73 -34.17 57.55
C GLN C 370 17.82 -35.19 56.86
N GLY C 371 18.36 -36.04 56.02
CA GLY C 371 17.53 -36.94 55.21
C GLY C 371 16.77 -36.15 54.15
N GLY C 372 15.73 -36.77 53.64
CA GLY C 372 14.87 -36.07 52.70
C GLY C 372 13.96 -37.01 51.95
N LEU C 373 13.58 -36.53 50.76
CA LEU C 373 12.41 -36.99 50.06
C LEU C 373 12.64 -37.04 48.56
N ALA C 374 12.05 -38.07 47.97
CA ALA C 374 11.96 -38.19 46.54
C ALA C 374 10.52 -38.32 46.14
N VAL C 375 10.19 -37.69 45.02
CA VAL C 375 8.88 -37.77 44.40
C VAL C 375 9.02 -38.10 42.92
N GLY C 376 8.06 -38.86 42.38
CA GLY C 376 8.01 -39.02 40.95
C GLY C 376 6.66 -39.41 40.39
N LEU C 377 6.62 -39.46 39.06
CA LEU C 377 5.41 -39.77 38.34
C LEU C 377 5.60 -40.99 37.47
N ARG C 378 4.76 -42.01 37.65
CA ARG C 378 4.74 -43.20 36.79
C ARG C 378 4.45 -42.75 35.38
N ASP C 379 5.20 -43.28 34.42
CA ASP C 379 5.09 -42.90 32.99
C ASP C 379 5.42 -41.40 32.68
N PHE C 380 6.20 -40.72 33.53
CA PHE C 380 6.55 -39.29 33.39
C PHE C 380 6.51 -38.75 31.94
N TRP C 381 7.43 -39.20 31.09
CA TRP C 381 7.57 -38.65 29.75
C TRP C 381 6.48 -39.04 28.78
N LYS C 382 5.74 -40.09 29.08
CA LYS C 382 4.64 -40.49 28.27
C LYS C 382 3.42 -39.66 28.57
N ARG C 383 3.49 -38.84 29.63
CA ARG C 383 2.35 -38.07 30.07
C ARG C 383 2.67 -36.57 30.05
N TYR C 384 3.59 -36.23 29.16
CA TYR C 384 4.15 -34.86 28.97
C TYR C 384 2.99 -33.90 28.63
N PRO C 385 3.09 -32.59 28.84
CA PRO C 385 4.25 -31.88 29.43
C PRO C 385 4.25 -31.92 30.95
N VAL C 386 5.42 -32.24 31.51
CA VAL C 386 5.62 -32.49 32.93
C VAL C 386 6.97 -31.95 33.33
N GLY C 387 7.22 -31.95 34.64
CA GLY C 387 8.46 -31.39 35.16
C GLY C 387 8.79 -31.75 36.61
N LEU C 388 10.02 -31.48 37.01
CA LEU C 388 10.39 -31.61 38.42
C LEU C 388 11.17 -30.37 38.75
N ASP C 389 10.81 -29.71 39.86
CA ASP C 389 11.57 -28.54 40.33
C ASP C 389 12.05 -28.80 41.73
N ILE C 390 13.33 -28.53 41.97
CA ILE C 390 13.86 -28.29 43.32
C ILE C 390 14.06 -26.80 43.43
N SER C 391 13.69 -26.26 44.57
CA SER C 391 13.85 -24.80 44.78
C SER C 391 14.34 -24.47 46.22
N ASN C 392 15.15 -23.42 46.30
CA ASN C 392 15.61 -22.85 47.55
C ASN C 392 16.41 -23.83 48.33
N ALA C 393 17.22 -24.63 47.63
CA ALA C 393 18.02 -25.65 48.31
C ALA C 393 19.18 -25.05 49.15
N ALA C 394 19.42 -23.74 49.05
CA ALA C 394 20.39 -23.06 49.88
C ALA C 394 19.76 -22.37 51.14
N SER C 395 18.57 -22.81 51.54
CA SER C 395 17.78 -22.17 52.59
C SER C 395 17.47 -23.19 53.64
N ASP C 396 16.91 -22.72 54.74
CA ASP C 396 16.53 -23.59 55.85
C ASP C 396 15.47 -24.63 55.41
N THR C 397 14.69 -24.25 54.39
CA THR C 397 13.69 -25.08 53.78
C THR C 397 13.77 -24.96 52.26
N GLY C 398 13.96 -26.10 51.59
CA GLY C 398 13.81 -26.19 50.15
C GLY C 398 12.42 -26.68 49.84
N GLU C 399 11.98 -26.42 48.61
CA GLU C 399 10.72 -26.98 48.08
C GLU C 399 11.04 -28.00 47.03
N LEU C 400 10.27 -29.09 47.00
CA LEU C 400 10.33 -30.15 45.96
C LEU C 400 8.94 -30.33 45.34
N THR C 401 8.88 -30.10 44.03
CA THR C 401 7.64 -29.95 43.22
C THR C 401 7.62 -30.91 42.00
N LEU C 402 6.57 -31.69 41.89
CA LEU C 402 6.31 -32.47 40.70
C LEU C 402 5.20 -31.77 39.90
N TRP C 403 5.49 -31.41 38.66
CA TRP C 403 4.47 -30.85 37.81
C TRP C 403 3.85 -31.95 37.00
N LEU C 404 2.55 -32.14 37.19
CA LEU C 404 1.76 -33.00 36.29
C LEU C 404 1.47 -32.33 34.96
N TYR C 405 1.36 -31.01 35.00
CA TYR C 405 1.25 -30.22 33.81
C TYR C 405 2.18 -29.08 34.06
N SER C 406 3.11 -28.83 33.14
CA SER C 406 4.28 -27.96 33.40
C SER C 406 4.00 -26.55 32.95
N PRO C 407 4.24 -25.57 33.80
CA PRO C 407 4.11 -24.18 33.34
C PRO C 407 5.02 -23.80 32.16
N ALA C 408 6.09 -24.56 31.90
CA ALA C 408 6.92 -24.32 30.70
C ALA C 408 6.25 -24.72 29.38
N ALA C 409 5.17 -25.48 29.44
CA ALA C 409 4.38 -25.78 28.28
C ALA C 409 3.35 -24.70 28.07
N GLU C 410 2.75 -24.72 26.89
CA GLU C 410 1.66 -23.84 26.56
C GLU C 410 0.44 -24.12 27.43
N PRO C 411 -0.46 -23.14 27.55
CA PRO C 411 -1.63 -23.42 28.35
C PRO C 411 -2.47 -24.56 27.78
N LEU C 412 -3.01 -25.37 28.67
CA LEU C 412 -3.80 -26.49 28.27
C LEU C 412 -5.09 -25.87 27.81
N ASP C 413 -5.38 -26.06 26.53
CA ASP C 413 -6.48 -25.42 25.83
C ASP C 413 -7.44 -26.53 25.44
N LEU C 414 -8.52 -26.69 26.21
CA LEU C 414 -9.48 -27.82 26.00
C LEU C 414 -10.68 -27.48 25.15
N ARG C 415 -10.74 -26.25 24.66
CA ARG C 415 -11.88 -25.73 23.89
C ARG C 415 -12.05 -26.47 22.56
N PRO C 416 -13.18 -26.21 21.88
CA PRO C 416 -13.42 -26.89 20.57
C PRO C 416 -12.35 -26.67 19.47
N PHE C 417 -12.09 -27.71 18.67
CA PHE C 417 -11.13 -27.58 17.57
C PHE C 417 -11.71 -26.86 16.39
N HIS C 418 -13.05 -26.83 16.28
CA HIS C 418 -13.67 -25.95 15.31
C HIS C 418 -14.93 -25.25 15.83
N ASP C 419 -15.44 -24.30 15.03
CA ASP C 419 -16.56 -23.40 15.40
C ASP C 419 -17.94 -23.87 14.95
N GLY C 420 -17.94 -24.97 14.22
CA GLY C 420 -19.16 -25.65 13.73
C GLY C 420 -19.28 -25.61 12.21
N LEU C 421 -18.43 -24.82 11.55
CA LEU C 421 -18.36 -24.75 10.10
C LEU C 421 -19.65 -24.18 9.48
N GLY C 422 -20.40 -23.42 10.28
CA GLY C 422 -21.71 -22.92 9.91
C GLY C 422 -22.77 -24.00 9.83
N GLN C 423 -22.65 -25.07 10.63
CA GLN C 423 -23.67 -26.12 10.67
C GLN C 423 -24.84 -25.64 11.50
N ASP C 424 -26.05 -25.80 10.99
CA ASP C 424 -27.23 -25.25 11.65
C ASP C 424 -28.36 -26.29 11.64
N GLY C 425 -28.53 -26.96 12.77
CA GLY C 425 -29.54 -27.96 12.94
C GLY C 425 -29.10 -29.34 12.55
N TYR C 426 -29.92 -30.32 12.91
CA TYR C 426 -29.59 -31.73 12.74
C TYR C 426 -29.25 -32.13 11.31
N GLU C 427 -29.77 -31.43 10.32
CA GLU C 427 -29.68 -31.88 8.91
C GLU C 427 -28.24 -31.72 8.42
N ASP C 428 -27.69 -30.53 8.71
CA ASP C 428 -26.31 -30.19 8.39
C ASP C 428 -25.35 -31.08 9.17
N GLN C 429 -25.63 -31.24 10.45
CA GLN C 429 -24.83 -32.07 11.33
C GLN C 429 -24.69 -33.48 10.75
N LEU C 430 -25.81 -34.08 10.36
CA LEU C 430 -25.81 -35.39 9.76
C LEU C 430 -25.25 -35.41 8.33
N ASP C 431 -25.35 -34.28 7.62
CA ASP C 431 -24.73 -34.15 6.29
C ASP C 431 -23.19 -34.09 6.42
N ALA C 432 -22.69 -33.32 7.39
CA ALA C 432 -21.25 -33.32 7.82
C ALA C 432 -20.80 -34.70 8.27
N LEU C 433 -21.61 -35.35 9.10
CA LEU C 433 -21.36 -36.75 9.48
C LEU C 433 -20.99 -37.65 8.28
N GLU C 434 -21.45 -37.34 7.07
CA GLU C 434 -21.27 -38.27 5.96
C GLU C 434 -19.89 -38.16 5.40
N ILE C 435 -19.18 -37.07 5.66
CA ILE C 435 -17.86 -36.86 5.03
C ILE C 435 -16.66 -37.04 6.01
N THR C 436 -16.79 -36.51 7.22
CA THR C 436 -15.75 -36.62 8.27
C THR C 436 -16.05 -37.67 9.35
N TYR C 437 -17.28 -38.22 9.36
CA TYR C 437 -17.74 -39.19 10.38
C TYR C 437 -17.87 -38.59 11.77
N GLU C 438 -17.99 -37.28 11.84
CA GLU C 438 -18.18 -36.57 13.09
C GLU C 438 -19.64 -36.12 13.19
N ASP C 439 -20.27 -36.37 14.33
CA ASP C 439 -21.64 -35.94 14.53
C ASP C 439 -21.56 -34.76 15.47
N TRP C 440 -21.35 -33.58 14.91
CA TRP C 440 -21.22 -32.36 15.72
C TRP C 440 -22.56 -31.83 16.26
N GLU C 441 -22.50 -31.05 17.35
CA GLU C 441 -23.63 -30.25 17.79
C GLU C 441 -23.14 -29.12 18.71
N PRO C 442 -23.83 -27.96 18.71
CA PRO C 442 -23.36 -26.86 19.57
C PRO C 442 -23.50 -27.10 21.05
N GLY C 443 -22.43 -26.82 21.78
CA GLY C 443 -22.37 -26.99 23.21
C GLY C 443 -22.04 -28.40 23.63
N PHE C 444 -21.95 -29.32 22.66
CA PHE C 444 -21.60 -30.73 22.89
C PHE C 444 -20.11 -31.02 22.77
N ASP C 445 -19.38 -30.16 22.04
CA ASP C 445 -17.90 -30.25 21.95
C ASP C 445 -17.22 -29.67 23.23
N THR C 446 -17.51 -30.31 24.36
CA THR C 446 -17.22 -29.77 25.70
C THR C 446 -16.45 -30.75 26.64
N PRO C 447 -15.36 -30.25 27.25
CA PRO C 447 -14.68 -31.05 28.23
C PRO C 447 -15.29 -30.98 29.64
N TYR C 448 -16.38 -30.24 29.85
CA TYR C 448 -16.95 -30.11 31.21
C TYR C 448 -17.18 -31.50 31.85
N GLY C 449 -16.42 -31.78 32.91
CA GLY C 449 -16.61 -33.00 33.71
C GLY C 449 -15.76 -34.23 33.32
N ILE C 450 -14.81 -34.09 32.37
CA ILE C 450 -13.90 -35.20 32.11
C ILE C 450 -12.96 -35.32 33.30
N ALA C 451 -12.07 -36.31 33.27
CA ALA C 451 -11.18 -36.49 34.40
C ALA C 451 -9.89 -37.20 34.02
N ARG C 452 -8.96 -37.21 34.97
CA ARG C 452 -7.72 -37.93 34.80
C ARG C 452 -6.99 -38.27 36.09
N THR C 453 -6.49 -39.51 36.19
CA THR C 453 -5.77 -40.00 37.33
C THR C 453 -4.28 -40.19 37.02
N SER C 454 -3.45 -39.66 37.88
CA SER C 454 -2.01 -39.74 37.73
C SER C 454 -1.44 -40.57 38.87
N GLU C 455 -0.47 -41.44 38.59
CA GLU C 455 0.04 -42.37 39.58
C GLU C 455 1.40 -41.83 40.04
N VAL C 456 1.40 -41.15 41.19
CA VAL C 456 2.53 -40.47 41.78
C VAL C 456 3.05 -41.37 42.87
N TYR C 457 4.35 -41.25 43.18
CA TYR C 457 5.02 -42.09 44.19
C TYR C 457 5.87 -41.17 45.10
N LEU C 458 5.83 -41.39 46.41
CA LEU C 458 6.66 -40.64 47.34
C LEU C 458 7.59 -41.62 48.00
N PHE C 459 8.83 -41.18 48.27
CA PHE C 459 9.83 -42.04 48.93
C PHE C 459 10.58 -41.29 50.01
N ALA C 460 10.45 -41.77 51.26
CA ALA C 460 11.12 -41.13 52.40
C ALA C 460 12.48 -41.81 52.71
N PHE C 461 13.48 -40.98 53.04
CA PHE C 461 14.84 -41.42 53.30
C PHE C 461 15.44 -40.80 54.58
N ASP C 462 16.04 -41.62 55.43
CA ASP C 462 16.68 -41.13 56.67
C ASP C 462 17.91 -40.28 56.38
N GLN C 463 18.59 -40.63 55.29
CA GLN C 463 19.80 -39.93 54.78
C GLN C 463 19.77 -40.06 53.24
N THR C 464 20.44 -39.17 52.54
CA THR C 464 20.57 -39.33 51.08
C THR C 464 20.90 -40.78 50.70
N PRO C 465 20.04 -41.40 49.90
CA PRO C 465 20.25 -42.80 49.53
C PRO C 465 21.29 -42.93 48.42
N THR C 466 21.75 -44.13 48.13
CA THR C 466 22.67 -44.36 47.02
C THR C 466 21.96 -44.13 45.65
N SER C 467 22.75 -43.80 44.63
CA SER C 467 22.23 -43.64 43.28
C SER C 467 21.69 -44.97 42.76
N ASP C 468 22.33 -46.09 43.09
CA ASP C 468 21.76 -47.40 42.77
C ASP C 468 20.32 -47.58 43.28
N LYS C 469 20.07 -47.19 44.55
CA LYS C 469 18.72 -47.30 45.17
C LYS C 469 17.67 -46.37 44.50
N LEU C 470 18.03 -45.13 44.19
CA LEU C 470 17.10 -44.23 43.51
C LEU C 470 16.78 -44.73 42.09
N ALA C 471 17.77 -45.22 41.37
CA ALA C 471 17.49 -45.80 40.04
C ALA C 471 16.54 -46.99 40.11
N SER C 472 16.68 -47.77 41.16
CA SER C 472 15.82 -48.89 41.44
C SER C 472 14.37 -48.47 41.81
N LEU C 473 14.22 -47.45 42.65
CA LEU C 473 12.89 -46.94 43.00
C LEU C 473 12.25 -46.31 41.77
N THR C 474 13.06 -45.67 40.93
CA THR C 474 12.59 -45.09 39.67
C THR C 474 12.08 -46.16 38.73
N ALA C 475 12.82 -47.23 38.56
CA ALA C 475 12.32 -48.37 37.79
C ALA C 475 11.08 -49.03 38.42
N TYR C 476 11.03 -49.11 39.74
CA TYR C 476 9.87 -49.63 40.44
C TYR C 476 8.63 -48.82 40.06
N MET C 477 8.73 -47.51 40.25
CA MET C 477 7.69 -46.53 39.94
C MET C 477 7.08 -46.75 38.56
N ASN C 478 7.96 -47.02 37.59
CA ASN C 478 7.55 -47.15 36.17
C ASN C 478 7.15 -48.57 35.78
N ASP C 479 7.28 -49.54 36.68
CA ASP C 479 6.83 -50.94 36.48
C ASP C 479 6.41 -51.57 37.83
N PRO C 480 5.34 -51.05 38.45
CA PRO C 480 4.98 -51.51 39.82
C PRO C 480 4.67 -53.00 39.88
N PRO C 481 5.27 -53.75 40.80
CA PRO C 481 5.03 -55.17 40.77
C PRO C 481 3.58 -55.55 40.96
N VAL C 482 3.18 -56.59 40.26
CA VAL C 482 1.81 -57.05 40.21
C VAL C 482 1.79 -58.54 40.49
N LEU C 483 0.92 -58.97 41.38
CA LEU C 483 0.59 -60.39 41.52
C LEU C 483 -0.78 -60.61 40.91
N VAL C 484 -0.94 -61.74 40.24
CA VAL C 484 -2.23 -62.12 39.66
C VAL C 484 -2.38 -63.61 39.72
N ALA C 485 -3.64 -64.04 39.71
CA ALA C 485 -3.96 -65.45 39.61
C ALA C 485 -3.59 -66.10 38.26
N GLU C 486 -3.46 -67.42 38.32
CA GLU C 486 -3.20 -68.25 37.16
C GLU C 486 -4.42 -68.16 36.18
N PRO C 487 -4.18 -67.95 34.88
CA PRO C 487 -5.30 -67.93 33.92
C PRO C 487 -6.27 -69.12 34.00
N LYS C 488 -5.72 -70.33 34.12
CA LYS C 488 -6.49 -71.57 34.25
C LYS C 488 -7.40 -71.50 35.45
N TYR C 489 -6.87 -71.04 36.58
CA TYR C 489 -7.67 -70.94 37.80
C TYR C 489 -8.75 -69.85 37.62
N ILE C 490 -8.39 -68.67 37.15
CA ILE C 490 -9.41 -67.66 36.87
C ILE C 490 -10.53 -68.26 36.01
N HIS C 491 -10.18 -69.07 35.01
CA HIS C 491 -11.18 -69.66 34.10
C HIS C 491 -12.15 -70.63 34.80
N GLU C 492 -11.60 -71.67 35.46
CA GLU C 492 -12.34 -72.61 36.36
C GLU C 492 -13.36 -71.96 37.30
N THR C 493 -13.01 -70.83 37.90
CA THR C 493 -13.93 -70.20 38.87
C THR C 493 -15.19 -69.65 38.18
N GLN C 494 -15.04 -69.25 36.91
CA GLN C 494 -16.09 -68.57 36.13
C GLN C 494 -16.39 -67.19 36.72
N ALA C 495 -15.41 -66.62 37.46
CA ALA C 495 -15.61 -65.36 38.17
C ALA C 495 -15.42 -64.15 37.29
N LEU C 496 -15.05 -64.38 36.04
CA LEU C 496 -14.81 -63.29 35.12
C LEU C 496 -15.31 -63.69 33.74
N GLY C 497 -16.50 -64.25 33.72
CA GLY C 497 -17.19 -64.62 32.47
C GLY C 497 -16.73 -65.92 31.87
N GLU C 498 -17.63 -66.59 31.15
CA GLU C 498 -17.42 -67.92 30.53
C GLU C 498 -17.18 -67.86 29.00
N TYR C 499 -17.00 -66.65 28.47
CA TYR C 499 -16.89 -66.41 27.02
C TYR C 499 -15.44 -66.41 26.54
N TRP C 500 -14.53 -66.95 27.32
CA TRP C 500 -13.15 -67.08 26.90
C TRP C 500 -12.57 -68.38 27.42
N ALA C 501 -11.43 -68.76 26.85
CA ALA C 501 -10.74 -70.03 27.19
C ALA C 501 -9.24 -69.90 26.99
N LEU C 502 -8.47 -70.79 27.59
CA LEU C 502 -7.02 -70.68 27.46
C LEU C 502 -6.64 -71.05 26.02
N PRO C 503 -5.53 -70.48 25.49
CA PRO C 503 -5.09 -70.89 24.17
C PRO C 503 -4.88 -72.40 24.13
N GLY C 504 -5.51 -73.07 23.15
CA GLY C 504 -5.49 -74.55 23.02
C GLY C 504 -4.42 -75.04 22.07
N SER C 505 -4.67 -76.23 21.51
CA SER C 505 -3.85 -76.82 20.44
C SER C 505 -4.32 -76.27 19.11
N SER C 507 -4.91 -78.21 16.87
CA SER C 507 -5.55 -77.64 15.67
C SER C 507 -4.73 -76.48 15.10
N PRO C 508 -3.93 -76.74 14.01
CA PRO C 508 -3.10 -75.69 13.39
C PRO C 508 -3.85 -74.45 12.88
N ALA C 509 -5.14 -74.57 12.63
CA ALA C 509 -5.99 -73.43 12.29
C ALA C 509 -6.16 -72.42 13.46
N ALA C 510 -6.26 -72.96 14.66
CA ALA C 510 -6.44 -72.15 15.86
C ALA C 510 -5.12 -71.48 16.19
N ALA C 511 -4.04 -72.23 16.03
CA ALA C 511 -2.69 -71.70 16.22
C ALA C 511 -2.42 -70.46 15.36
N THR C 512 -2.97 -70.41 14.15
CA THR C 512 -2.79 -69.20 13.30
C THR C 512 -3.76 -68.08 13.74
N LEU C 513 -4.92 -68.43 14.28
CA LEU C 513 -5.72 -67.45 14.97
C LEU C 513 -4.91 -66.83 16.15
N GLU C 514 -4.17 -67.60 16.92
CA GLU C 514 -3.44 -67.03 18.07
C GLU C 514 -2.26 -66.18 17.58
N ASP C 515 -1.64 -66.61 16.50
CA ASP C 515 -0.54 -65.85 15.88
C ASP C 515 -1.00 -64.50 15.38
N ARG C 516 -2.24 -64.49 14.89
CA ARG C 516 -2.87 -63.29 14.41
C ARG C 516 -3.34 -62.33 15.52
N LEU C 517 -3.76 -62.84 16.68
CA LEU C 517 -4.02 -61.96 17.81
C LEU C 517 -2.72 -61.32 18.23
N GLN C 518 -1.65 -62.12 18.32
CA GLN C 518 -0.29 -61.63 18.64
C GLN C 518 0.16 -60.54 17.66
N PHE C 519 -0.15 -60.71 16.38
CA PHE C 519 0.22 -59.72 15.35
C PHE C 519 -0.49 -58.36 15.59
N ILE C 520 -1.81 -58.43 15.83
CA ILE C 520 -2.63 -57.29 16.21
C ILE C 520 -2.04 -56.61 17.46
N PHE C 521 -1.88 -57.41 18.51
CA PHE C 521 -1.26 -56.90 19.72
C PHE C 521 0.10 -56.21 19.44
N ASP C 522 0.96 -56.87 18.64
CA ASP C 522 2.33 -56.37 18.43
C ASP C 522 2.32 -55.10 17.63
N PHE C 523 1.44 -55.03 16.64
CA PHE C 523 1.25 -53.79 15.86
C PHE C 523 0.71 -52.60 16.69
N TYR C 524 -0.31 -52.85 17.51
CA TYR C 524 -0.96 -51.79 18.26
C TYR C 524 -0.04 -51.19 19.33
N LYS C 525 0.67 -52.05 20.06
CA LYS C 525 1.70 -51.63 21.01
C LYS C 525 2.81 -50.84 20.33
N GLY C 526 3.15 -51.23 19.11
CA GLY C 526 4.17 -50.55 18.32
C GLY C 526 3.75 -49.16 17.90
N GLN C 527 2.48 -49.00 17.54
CA GLN C 527 1.98 -47.73 17.04
C GLN C 527 1.98 -46.64 18.10
N ILE C 528 1.79 -47.06 19.35
CA ILE C 528 1.85 -46.13 20.48
C ILE C 528 3.14 -45.34 20.50
N GLU C 529 4.28 -46.00 20.31
CA GLU C 529 5.58 -45.30 20.20
C GLU C 529 5.73 -44.61 18.85
N GLN C 530 5.38 -45.29 17.78
CA GLN C 530 5.64 -44.79 16.44
C GLN C 530 4.83 -43.56 16.12
N ARG C 531 3.56 -43.50 16.51
CA ARG C 531 2.73 -42.27 16.31
C ARG C 531 2.71 -41.28 17.47
N ARG C 532 3.49 -41.54 18.52
CA ARG C 532 3.59 -40.68 19.70
C ARG C 532 2.27 -40.44 20.43
N TRP C 533 1.46 -41.48 20.58
CA TRP C 533 0.21 -41.46 21.37
C TRP C 533 0.49 -41.36 22.89
N TYR C 534 1.17 -40.26 23.19
CA TYR C 534 1.60 -39.86 24.49
C TYR C 534 0.96 -38.50 24.79
N GLY C 535 0.87 -38.20 26.08
CA GLY C 535 0.40 -36.90 26.57
C GLY C 535 -0.36 -36.99 27.87
N PHE C 536 -0.38 -35.87 28.58
CA PHE C 536 -1.17 -35.68 29.79
C PHE C 536 -2.52 -36.36 29.76
N LEU C 537 -3.31 -36.04 28.72
CA LEU C 537 -4.63 -36.65 28.53
C LEU C 537 -4.68 -37.76 27.49
N ASP C 538 -3.84 -37.70 26.46
CA ASP C 538 -3.91 -38.65 25.36
C ASP C 538 -3.39 -40.07 25.72
N TYR C 539 -2.31 -40.18 26.49
CA TYR C 539 -1.67 -41.48 26.72
C TYR C 539 -2.69 -42.45 27.19
N GLY C 540 -2.64 -43.64 26.59
CA GLY C 540 -3.59 -44.74 26.81
C GLY C 540 -4.48 -45.01 25.61
N ASP C 541 -4.88 -43.96 24.90
CA ASP C 541 -5.76 -44.15 23.78
C ASP C 541 -4.96 -44.48 22.53
N PHE C 542 -5.68 -44.90 21.51
CA PHE C 542 -5.17 -45.08 20.15
C PHE C 542 -6.25 -44.64 19.15
N MET C 543 -5.92 -44.61 17.86
CA MET C 543 -6.84 -44.07 16.87
C MET C 543 -7.68 -45.10 16.11
N HIS C 544 -8.56 -44.63 15.23
CA HIS C 544 -9.72 -45.37 14.75
C HIS C 544 -9.47 -45.88 13.35
N THR C 545 -9.18 -44.99 12.41
CA THR C 545 -8.95 -45.40 11.01
C THR C 545 -7.71 -44.70 10.42
N TYR C 546 -7.06 -45.35 9.45
CA TYR C 546 -5.83 -44.89 8.83
C TYR C 546 -6.06 -44.15 7.53
N ASP C 547 -5.16 -43.25 7.20
CA ASP C 547 -5.17 -42.53 5.94
C ASP C 547 -3.99 -43.09 5.14
N PRO C 548 -4.29 -43.89 4.12
CA PRO C 548 -3.21 -44.57 3.39
C PRO C 548 -2.39 -43.66 2.48
N ASP C 549 -2.96 -42.54 2.08
CA ASP C 549 -2.28 -41.60 1.21
C ASP C 549 -1.21 -40.84 1.97
N ARG C 550 -1.55 -40.29 3.13
CA ARG C 550 -0.57 -39.64 4.03
C ARG C 550 0.25 -40.59 4.90
N HIS C 551 -0.20 -41.81 5.10
CA HIS C 551 0.43 -42.74 6.03
C HIS C 551 0.44 -42.21 7.49
N THR C 552 -0.71 -41.71 7.93
CA THR C 552 -1.02 -41.36 9.32
C THR C 552 -2.36 -41.96 9.60
N TRP C 553 -2.60 -42.10 10.90
CA TRP C 553 -3.93 -42.30 11.37
C TRP C 553 -4.67 -40.98 11.21
N ARG C 554 -5.97 -41.05 11.09
CA ARG C 554 -6.78 -39.91 10.71
C ARG C 554 -7.09 -39.04 11.92
N TYR C 555 -6.00 -38.51 12.49
CA TYR C 555 -6.01 -37.67 13.68
C TYR C 555 -6.80 -36.38 13.46
N ASP C 556 -6.95 -35.94 12.20
CA ASP C 556 -7.58 -34.66 11.87
C ASP C 556 -8.96 -34.81 11.20
N VAL C 557 -9.43 -36.05 11.00
CA VAL C 557 -10.73 -36.27 10.34
C VAL C 557 -11.77 -36.87 11.28
N GLY C 558 -12.64 -35.98 11.77
CA GLY C 558 -13.82 -36.30 12.55
C GLY C 558 -13.76 -37.54 13.41
N GLY C 559 -14.50 -38.58 13.03
CA GLY C 559 -14.66 -39.77 13.85
C GLY C 559 -13.58 -40.80 13.66
N TYR C 560 -12.54 -40.50 12.89
CA TYR C 560 -11.51 -41.47 12.62
C TYR C 560 -10.29 -41.26 13.51
N ALA C 561 -10.32 -40.25 14.36
CA ALA C 561 -9.22 -39.88 15.21
C ALA C 561 -9.24 -40.75 16.48
N TRP C 562 -9.33 -40.20 17.69
CA TRP C 562 -9.18 -41.03 18.89
C TRP C 562 -10.31 -42.02 18.99
N ASP C 563 -9.99 -43.25 19.36
CA ASP C 563 -10.93 -44.38 19.27
C ASP C 563 -12.03 -44.34 20.34
N ASN C 564 -11.69 -44.04 21.59
CA ASN C 564 -12.68 -43.91 22.68
C ASN C 564 -13.55 -45.17 22.77
N SER C 565 -12.85 -46.29 22.87
CA SER C 565 -13.42 -47.62 22.98
C SER C 565 -14.48 -47.98 21.92
N GLU C 566 -14.41 -47.40 20.73
CA GLU C 566 -15.35 -47.78 19.69
C GLU C 566 -15.15 -49.26 19.30
N LEU C 567 -16.24 -50.01 19.35
CA LEU C 567 -16.32 -51.48 19.16
C LEU C 567 -15.43 -52.32 20.10
N SER C 568 -15.24 -51.84 21.32
CA SER C 568 -14.83 -52.67 22.45
C SER C 568 -13.41 -53.20 22.39
N PRO C 569 -12.45 -52.36 21.96
CA PRO C 569 -11.07 -52.82 22.15
C PRO C 569 -10.81 -53.14 23.61
N ASP C 570 -11.40 -52.38 24.51
CA ASP C 570 -11.25 -52.66 25.93
C ASP C 570 -11.55 -54.10 26.26
N LEU C 571 -12.61 -54.66 25.68
CA LEU C 571 -12.93 -56.07 25.94
C LEU C 571 -11.87 -56.96 25.29
N PHE C 572 -11.49 -56.67 24.04
CA PHE C 572 -10.53 -57.50 23.37
C PHE C 572 -9.22 -57.58 24.16
N PHE C 573 -8.65 -56.42 24.46
CA PHE C 573 -7.35 -56.38 25.09
C PHE C 573 -7.35 -56.97 26.51
N TRP C 574 -8.42 -56.77 27.30
CA TRP C 574 -8.53 -57.43 28.64
C TRP C 574 -8.72 -58.94 28.54
N LEU C 575 -9.61 -59.38 27.67
CA LEU C 575 -9.75 -60.81 27.45
C LEU C 575 -8.42 -61.44 26.97
N TYR C 576 -7.64 -60.68 26.18
CA TYR C 576 -6.34 -61.14 25.71
C TYR C 576 -5.36 -61.29 26.87
N PHE C 577 -5.38 -60.39 27.86
CA PHE C 577 -4.53 -60.60 29.04
C PHE C 577 -5.00 -61.83 29.83
N LEU C 578 -6.32 -61.97 30.05
CA LEU C 578 -6.83 -63.10 30.82
C LEU C 578 -6.37 -64.44 30.26
N ARG C 579 -6.47 -64.63 28.94
CA ARG C 579 -6.04 -65.89 28.28
C ARG C 579 -4.56 -66.19 28.44
N THR C 580 -3.72 -65.17 28.34
CA THR C 580 -2.29 -65.37 28.20
C THR C 580 -1.48 -65.05 29.42
N GLY C 581 -1.98 -64.18 30.30
CA GLY C 581 -1.21 -63.68 31.44
C GLY C 581 -0.01 -62.79 31.11
N SER C 582 0.06 -62.26 29.89
CA SER C 582 1.25 -61.53 29.48
C SER C 582 1.37 -60.16 30.16
N LYS C 583 2.54 -59.86 30.71
CA LYS C 583 2.78 -58.55 31.30
C LYS C 583 2.48 -57.37 30.34
N ASP C 584 3.00 -57.45 29.12
CA ASP C 584 2.76 -56.44 28.08
C ASP C 584 1.27 -56.19 27.78
N ALA C 585 0.49 -57.27 27.69
CA ALA C 585 -0.95 -57.16 27.50
C ALA C 585 -1.67 -56.48 28.65
N TYR C 586 -1.33 -56.86 29.87
CA TYR C 586 -1.83 -56.22 31.07
C TYR C 586 -1.51 -54.74 31.03
N ARG C 587 -0.23 -54.42 30.85
CA ARG C 587 0.21 -53.02 30.83
C ARG C 587 -0.46 -52.18 29.69
N PHE C 588 -0.66 -52.80 28.54
CA PHE C 588 -1.36 -52.13 27.44
C PHE C 588 -2.80 -51.81 27.79
N ALA C 589 -3.48 -52.82 28.32
CA ALA C 589 -4.87 -52.70 28.75
C ALA C 589 -5.06 -51.82 29.96
N GLU C 590 -4.20 -51.94 30.98
CA GLU C 590 -4.16 -50.97 32.08
C GLU C 590 -4.10 -49.53 31.60
N ALA C 591 -3.16 -49.21 30.72
CA ALA C 591 -3.09 -47.86 30.16
C ALA C 591 -4.40 -47.49 29.43
N LEU C 592 -4.88 -48.42 28.64
CA LEU C 592 -6.05 -48.17 27.88
C LEU C 592 -7.19 -47.78 28.83
N THR C 593 -7.39 -48.61 29.85
CA THR C 593 -8.47 -48.44 30.81
C THR C 593 -8.34 -47.17 31.68
N ARG C 594 -7.13 -46.75 32.01
CA ARG C 594 -6.92 -45.50 32.76
C ARG C 594 -7.26 -44.26 31.92
N HIS C 595 -7.25 -44.41 30.60
CA HIS C 595 -7.58 -43.28 29.74
C HIS C 595 -9.07 -43.20 29.48
N THR C 596 -9.55 -44.26 28.88
CA THR C 596 -10.86 -44.47 28.32
C THR C 596 -11.95 -44.23 29.38
N GLY C 597 -11.78 -44.79 30.59
CA GLY C 597 -12.71 -44.59 31.72
C GLY C 597 -12.67 -43.25 32.46
N GLU C 598 -11.69 -42.41 32.11
CA GLU C 598 -11.43 -41.13 32.75
C GLU C 598 -11.60 -39.94 31.78
N VAL C 599 -10.87 -39.93 30.69
CA VAL C 599 -10.85 -38.78 29.75
C VAL C 599 -12.04 -38.89 28.80
N ASP C 600 -12.42 -40.11 28.42
CA ASP C 600 -13.51 -40.29 27.48
C ASP C 600 -14.89 -40.44 28.16
N VAL C 601 -15.00 -40.06 29.45
CA VAL C 601 -16.33 -40.07 30.15
C VAL C 601 -16.56 -38.86 31.05
N TYR C 602 -17.83 -38.48 31.21
CA TYR C 602 -18.20 -37.35 32.07
C TYR C 602 -18.50 -37.82 33.45
N HIS C 603 -18.02 -37.07 34.43
CA HIS C 603 -18.13 -37.46 35.85
C HIS C 603 -19.02 -36.53 36.66
N ILE C 604 -19.48 -35.46 36.05
CA ILE C 604 -20.37 -34.46 36.69
C ILE C 604 -21.30 -33.82 35.62
N GLY C 605 -22.25 -32.97 36.05
CA GLY C 605 -23.17 -32.25 35.13
C GLY C 605 -24.31 -33.13 34.61
N ASP C 606 -24.99 -32.66 33.57
CA ASP C 606 -26.23 -33.31 33.06
C ASP C 606 -25.97 -34.61 32.33
N TRP C 607 -24.82 -34.67 31.66
CA TRP C 607 -24.42 -35.89 30.94
C TRP C 607 -23.52 -36.83 31.76
N LYS C 608 -23.46 -36.61 33.09
CA LYS C 608 -22.73 -37.50 33.97
C LYS C 608 -23.09 -38.96 33.73
N GLY C 609 -22.05 -39.76 33.50
CA GLY C 609 -22.20 -41.20 33.32
C GLY C 609 -22.30 -41.59 31.86
N LEU C 610 -22.12 -40.61 30.99
CA LEU C 610 -22.00 -40.89 29.60
C LEU C 610 -20.56 -40.65 29.18
N GLY C 611 -20.17 -41.34 28.13
CA GLY C 611 -18.95 -41.03 27.42
C GLY C 611 -19.26 -40.58 26.02
N THR C 612 -18.17 -40.23 25.34
CA THR C 612 -18.18 -39.56 24.07
C THR C 612 -17.58 -40.40 22.95
N ARG C 613 -18.33 -40.48 21.88
CA ARG C 613 -17.93 -41.20 20.71
C ARG C 613 -16.62 -40.68 20.15
N HIS C 614 -15.84 -41.62 19.62
CA HIS C 614 -14.60 -41.33 18.86
C HIS C 614 -14.60 -40.05 18.07
N GLY C 615 -13.53 -39.27 18.20
CA GLY C 615 -13.47 -37.96 17.61
C GLY C 615 -12.11 -37.28 17.67
N VAL C 616 -11.96 -36.20 16.94
CA VAL C 616 -10.65 -35.51 16.88
C VAL C 616 -10.08 -35.16 18.26
N GLN C 617 -10.94 -34.69 19.17
CA GLN C 617 -10.61 -34.53 20.62
C GLN C 617 -11.30 -35.65 21.30
N HIS C 618 -10.97 -35.92 22.56
CA HIS C 618 -11.61 -36.99 23.29
C HIS C 618 -13.05 -36.65 23.69
N TRP C 619 -13.46 -35.39 23.50
CA TRP C 619 -14.76 -34.88 23.89
C TRP C 619 -15.45 -34.05 22.79
N SER C 620 -15.03 -34.19 21.53
CA SER C 620 -15.53 -33.30 20.46
C SER C 620 -16.92 -33.72 19.89
N ASP C 621 -17.20 -35.02 19.85
CA ASP C 621 -18.39 -35.52 19.18
C ASP C 621 -19.61 -35.30 20.04
N SER C 622 -20.78 -35.21 19.41
CA SER C 622 -22.04 -34.95 20.11
C SER C 622 -22.74 -36.24 20.58
N ALA C 623 -22.32 -37.38 20.06
CA ALA C 623 -22.89 -38.65 20.51
C ALA C 623 -22.43 -38.98 21.92
N LYS C 624 -23.26 -38.61 22.92
CA LYS C 624 -22.94 -38.88 24.32
C LYS C 624 -23.73 -40.11 24.73
N GLN C 625 -23.03 -41.20 25.00
CA GLN C 625 -23.66 -42.48 25.12
C GLN C 625 -23.05 -43.33 26.21
N ALA C 626 -23.91 -44.22 26.74
CA ALA C 626 -23.52 -45.19 27.73
C ALA C 626 -22.56 -46.28 27.23
N ARG C 627 -22.51 -46.52 25.93
CA ARG C 627 -21.62 -47.52 25.35
C ARG C 627 -20.12 -47.12 25.36
N ILE C 628 -19.82 -45.85 25.61
CA ILE C 628 -18.44 -45.45 25.81
C ILE C 628 -18.14 -45.68 27.30
N SER C 629 -19.03 -45.24 28.18
CA SER C 629 -18.82 -45.33 29.63
C SER C 629 -18.86 -46.76 30.13
N GLN C 630 -19.66 -47.57 29.44
CA GLN C 630 -19.72 -49.05 29.53
C GLN C 630 -18.81 -49.67 30.61
N PRO C 631 -19.33 -49.81 31.82
CA PRO C 631 -18.51 -50.25 32.92
C PRO C 631 -17.99 -51.65 32.81
N GLN C 632 -18.57 -52.47 31.96
CA GLN C 632 -17.98 -53.76 31.64
C GLN C 632 -16.55 -53.62 31.11
N TYR C 633 -16.22 -52.47 30.52
CA TYR C 633 -14.83 -52.20 30.08
C TYR C 633 -13.84 -52.14 31.23
N ARG C 634 -14.33 -51.77 32.42
CA ARG C 634 -13.50 -51.68 33.62
C ARG C 634 -13.63 -52.85 34.64
N LYS C 635 -14.50 -53.79 34.37
CA LYS C 635 -14.82 -54.84 35.33
C LYS C 635 -13.59 -55.72 35.62
N TYR C 636 -12.89 -56.09 34.54
CA TYR C 636 -11.76 -57.03 34.56
C TYR C 636 -10.63 -56.39 35.32
N PHE C 637 -10.32 -55.14 35.02
CA PHE C 637 -9.34 -54.43 35.80
C PHE C 637 -9.80 -54.24 37.25
N PHE C 638 -11.05 -53.82 37.44
CA PHE C 638 -11.51 -53.60 38.83
C PHE C 638 -11.13 -54.75 39.75
N TYR C 639 -11.51 -55.95 39.34
CA TYR C 639 -11.28 -57.14 40.16
C TYR C 639 -9.80 -57.61 40.20
N LEU C 640 -9.17 -57.74 39.04
CA LEU C 640 -7.75 -58.18 38.93
C LEU C 640 -6.76 -57.38 39.78
N SER C 641 -6.96 -56.06 39.84
CA SER C 641 -6.11 -55.14 40.61
C SER C 641 -6.38 -55.11 42.13
N GLY C 642 -7.30 -55.96 42.61
CA GLY C 642 -7.72 -55.97 44.00
C GLY C 642 -8.72 -54.90 44.40
N GLY C 643 -9.64 -54.59 43.50
CA GLY C 643 -10.62 -53.54 43.75
C GLY C 643 -10.08 -52.11 43.81
N ASP C 644 -9.18 -51.76 42.88
CA ASP C 644 -8.72 -50.38 42.67
C ASP C 644 -9.83 -49.41 43.00
N GLU C 645 -9.60 -48.65 44.05
CA GLU C 645 -10.64 -47.87 44.68
C GLU C 645 -11.10 -46.68 43.81
N ARG C 646 -10.20 -46.16 42.95
CA ARG C 646 -10.55 -45.15 41.96
C ARG C 646 -11.50 -45.72 40.95
N VAL C 647 -11.17 -46.90 40.41
CA VAL C 647 -12.10 -47.56 39.48
C VAL C 647 -13.42 -47.91 40.20
N GLY C 648 -13.35 -48.31 41.46
CA GLY C 648 -14.56 -48.46 42.28
C GLY C 648 -15.48 -47.23 42.29
N GLU C 649 -14.89 -46.08 42.57
CA GLU C 649 -15.57 -44.78 42.55
C GLU C 649 -16.18 -44.48 41.17
N LEU C 650 -15.43 -44.76 40.09
CA LEU C 650 -15.92 -44.58 38.73
C LEU C 650 -17.08 -45.45 38.43
N LEU C 651 -17.07 -46.67 38.94
CA LEU C 651 -18.13 -47.63 38.70
C LEU C 651 -19.47 -47.20 39.35
N GLU C 652 -19.37 -46.60 40.54
CA GLU C 652 -20.53 -46.05 41.23
C GLU C 652 -21.15 -44.81 40.54
N GLU C 653 -20.32 -43.87 40.10
CA GLU C 653 -20.77 -42.75 39.23
C GLU C 653 -21.78 -43.13 38.10
N LEU C 654 -21.44 -44.20 37.38
CA LEU C 654 -22.23 -44.67 36.23
C LEU C 654 -23.59 -45.24 36.59
N LEU C 655 -23.84 -45.48 37.88
CA LEU C 655 -25.16 -45.84 38.36
C LEU C 655 -26.19 -44.74 38.13
N ASP C 656 -25.72 -43.48 37.94
CA ASP C 656 -26.55 -42.31 37.60
C ASP C 656 -26.76 -42.10 36.10
N THR C 657 -26.34 -43.07 35.29
CA THR C 657 -26.43 -42.94 33.83
C THR C 657 -27.89 -42.90 33.40
N ASP C 658 -28.74 -43.75 33.98
CA ASP C 658 -30.18 -43.82 33.59
C ASP C 658 -30.94 -42.50 33.69
N LYS C 659 -30.49 -41.61 34.57
CA LYS C 659 -31.04 -40.26 34.64
C LYS C 659 -30.87 -39.46 33.34
N THR C 660 -29.83 -39.74 32.56
CA THR C 660 -29.49 -38.87 31.44
C THR C 660 -30.51 -38.95 30.32
N TYR C 661 -31.26 -40.05 30.25
CA TYR C 661 -32.22 -40.23 29.19
C TYR C 661 -33.42 -39.29 29.26
N GLY C 662 -33.66 -38.67 30.42
CA GLY C 662 -34.58 -37.53 30.50
C GLY C 662 -33.98 -36.18 30.09
N GLU C 663 -32.65 -36.08 30.10
CA GLU C 663 -31.93 -34.85 29.68
C GLU C 663 -31.49 -34.86 28.19
N LEU C 664 -31.26 -36.06 27.66
CA LEU C 664 -30.63 -36.20 26.37
C LEU C 664 -31.05 -37.54 25.76
N ASP C 665 -31.51 -37.46 24.51
CA ASP C 665 -31.95 -38.64 23.71
C ASP C 665 -30.83 -38.90 22.70
N PRO C 666 -30.14 -40.05 22.84
CA PRO C 666 -29.05 -40.31 21.90
C PRO C 666 -29.55 -40.54 20.47
N GLN C 667 -30.84 -40.85 20.31
CA GLN C 667 -31.43 -40.95 18.97
C GLN C 667 -32.10 -39.66 18.54
N ARG C 668 -31.88 -38.57 19.25
CA ARG C 668 -32.56 -37.31 18.93
C ARG C 668 -32.58 -36.93 17.43
N LYS C 669 -31.55 -37.29 16.65
CA LYS C 669 -31.40 -36.83 15.24
C LYS C 669 -31.90 -37.77 14.18
N VAL C 670 -31.94 -39.07 14.48
CA VAL C 670 -32.25 -40.13 13.48
C VAL C 670 -33.60 -40.85 13.69
N ARG C 671 -34.04 -40.88 14.95
CA ARG C 671 -35.36 -41.37 15.40
C ARG C 671 -36.46 -40.92 14.45
N THR C 672 -37.39 -41.81 14.08
CA THR C 672 -38.55 -41.46 13.16
C THR C 672 -39.97 -41.38 13.80
N ASP C 673 -40.11 -41.80 15.05
CA ASP C 673 -41.42 -41.87 15.74
C ASP C 673 -41.90 -40.59 16.48
N GLY C 674 -41.25 -39.45 16.26
CA GLY C 674 -41.71 -38.19 16.85
C GLY C 674 -41.57 -38.00 18.34
N TRP C 675 -40.96 -38.97 19.04
CA TRP C 675 -40.82 -38.94 20.51
C TRP C 675 -39.71 -37.98 21.00
N GLU C 676 -39.91 -37.39 22.18
CA GLU C 676 -38.94 -36.55 22.85
C GLU C 676 -39.05 -36.72 24.36
N PRO C 677 -37.95 -36.44 25.09
CA PRO C 677 -38.06 -36.42 26.55
C PRO C 677 -39.00 -35.28 27.01
N SER C 678 -39.74 -35.53 28.08
CA SER C 678 -40.54 -34.49 28.70
C SER C 678 -40.38 -34.68 30.18
N PRO C 679 -40.66 -33.64 30.98
CA PRO C 679 -40.51 -33.85 32.42
C PRO C 679 -41.56 -34.84 32.96
N ASN C 680 -41.16 -35.57 34.00
CA ASN C 680 -41.96 -36.64 34.64
C ASN C 680 -42.50 -37.78 33.74
N SER C 681 -42.08 -37.83 32.47
CA SER C 681 -42.46 -38.87 31.51
C SER C 681 -41.44 -40.02 31.53
N THR C 682 -41.82 -41.14 30.92
CA THR C 682 -40.90 -42.26 30.70
C THR C 682 -39.81 -41.79 29.71
N VAL C 683 -38.74 -42.59 29.60
CA VAL C 683 -37.55 -42.22 28.79
C VAL C 683 -37.16 -43.36 27.84
N SER C 684 -36.66 -42.99 26.66
CA SER C 684 -36.32 -43.96 25.63
C SER C 684 -34.85 -44.29 25.70
N PHE C 685 -34.53 -45.58 25.65
CA PHE C 685 -33.18 -45.99 25.38
C PHE C 685 -33.25 -47.29 24.63
N GLY C 686 -32.16 -47.63 23.93
CA GLY C 686 -32.05 -48.84 23.15
C GLY C 686 -31.76 -50.06 24.00
N LEU C 687 -32.07 -51.25 23.49
CA LEU C 687 -31.84 -52.47 24.22
C LEU C 687 -30.50 -53.10 23.93
N GLY C 688 -29.68 -52.45 23.10
CA GLY C 688 -28.39 -53.02 22.69
C GLY C 688 -27.23 -52.17 23.15
N THR C 689 -26.94 -51.10 22.40
CA THR C 689 -25.98 -50.13 22.81
C THR C 689 -26.28 -49.73 24.26
N ASP C 690 -27.38 -49.02 24.46
CA ASP C 690 -27.60 -48.29 25.71
C ASP C 690 -27.75 -49.22 26.90
N TRP C 691 -28.69 -50.14 26.81
CA TRP C 691 -28.99 -51.06 27.90
C TRP C 691 -27.77 -51.93 28.29
N SER C 692 -26.92 -52.31 27.33
CA SER C 692 -25.76 -53.14 27.68
C SER C 692 -24.86 -52.39 28.65
N GLY C 693 -24.67 -51.09 28.43
CA GLY C 693 -23.94 -50.23 29.37
C GLY C 693 -24.64 -50.07 30.71
N LEU C 694 -25.95 -49.78 30.67
CA LEU C 694 -26.75 -49.74 31.91
C LEU C 694 -26.68 -51.03 32.72
N ALA C 695 -26.97 -52.18 32.12
CA ALA C 695 -27.01 -53.45 32.84
C ALA C 695 -25.71 -53.88 33.40
N ALA C 696 -24.61 -53.51 32.76
CA ALA C 696 -23.28 -53.86 33.26
C ALA C 696 -23.02 -53.11 34.55
N GLY C 697 -23.36 -51.82 34.55
CA GLY C 697 -23.24 -50.98 35.74
C GLY C 697 -24.01 -51.49 36.95
N TRP C 698 -25.25 -51.91 36.71
CA TRP C 698 -26.13 -52.45 37.73
C TRP C 698 -25.63 -53.81 38.22
N LEU C 699 -25.19 -54.68 37.32
CA LEU C 699 -24.68 -55.98 37.72
C LEU C 699 -23.41 -55.89 38.57
N ILE C 700 -22.50 -54.97 38.22
CA ILE C 700 -21.25 -54.74 39.00
C ILE C 700 -21.54 -54.33 40.46
N GLU C 701 -22.49 -53.40 40.63
CA GLU C 701 -22.88 -52.88 41.94
C GLU C 701 -23.57 -53.95 42.78
N TRP C 702 -24.37 -54.79 42.11
CA TRP C 702 -25.03 -55.93 42.76
C TRP C 702 -23.96 -56.89 43.30
N GLU C 703 -23.05 -57.30 42.40
CA GLU C 703 -21.89 -58.14 42.72
C GLU C 703 -21.09 -57.56 43.86
N ARG C 704 -20.79 -56.26 43.80
CA ARG C 704 -20.07 -55.60 44.89
C ARG C 704 -20.84 -55.49 46.20
N ARG C 705 -22.17 -55.57 46.17
CA ARG C 705 -23.00 -55.23 47.34
C ARG C 705 -22.68 -53.83 47.87
N GLY C 706 -22.57 -52.87 46.97
CA GLY C 706 -22.38 -51.47 47.37
C GLY C 706 -23.67 -50.76 47.81
N PRO C 707 -23.55 -49.50 48.25
CA PRO C 707 -24.62 -48.69 48.83
C PRO C 707 -25.97 -48.73 48.11
N ARG C 708 -25.91 -48.87 46.77
CA ARG C 708 -27.08 -48.94 45.89
C ARG C 708 -27.31 -50.30 45.24
N TRP C 709 -26.95 -51.38 45.91
CA TRP C 709 -27.07 -52.68 45.29
C TRP C 709 -28.50 -53.22 45.12
N GLU C 710 -29.39 -52.87 46.03
CA GLU C 710 -30.78 -53.32 45.97
C GLU C 710 -31.46 -52.60 44.83
N GLU C 711 -31.17 -51.31 44.73
CA GLU C 711 -31.55 -50.48 43.58
C GLU C 711 -31.13 -51.18 42.29
N ALA C 712 -29.86 -51.56 42.21
CA ALA C 712 -29.29 -52.14 40.99
C ALA C 712 -29.87 -53.50 40.65
N LYS C 713 -30.08 -54.36 41.65
CA LYS C 713 -30.74 -55.66 41.44
C LYS C 713 -32.16 -55.48 40.92
N THR C 714 -32.86 -54.44 41.37
CA THR C 714 -34.22 -54.17 40.91
C THR C 714 -34.19 -53.68 39.47
N LYS C 715 -33.35 -52.70 39.20
CA LYS C 715 -33.30 -52.15 37.84
C LYS C 715 -32.89 -53.24 36.83
N LEU C 716 -31.88 -54.04 37.17
CA LEU C 716 -31.39 -55.08 36.27
C LEU C 716 -32.47 -56.12 36.07
N THR C 717 -33.10 -56.53 37.16
CA THR C 717 -34.15 -57.56 37.11
C THR C 717 -35.42 -57.08 36.39
N ASN C 718 -35.79 -55.83 36.58
CA ASN C 718 -36.97 -55.27 35.92
C ASN C 718 -36.75 -55.04 34.44
N THR C 719 -35.57 -54.58 34.02
CA THR C 719 -35.34 -54.36 32.60
C THR C 719 -35.23 -55.68 31.87
N ILE C 720 -34.53 -56.63 32.48
CA ILE C 720 -34.50 -57.99 31.97
C ILE C 720 -35.95 -58.56 31.80
N ALA C 721 -36.74 -58.53 32.87
CA ALA C 721 -38.15 -58.96 32.84
C ALA C 721 -38.95 -58.18 31.82
N GLY C 722 -38.75 -56.88 31.78
CA GLY C 722 -39.31 -56.02 30.75
C GLY C 722 -39.02 -56.48 29.33
N ILE C 723 -37.76 -56.86 29.05
CA ILE C 723 -37.34 -57.29 27.70
C ILE C 723 -37.95 -58.65 27.31
N ALA C 724 -38.04 -59.58 28.26
CA ALA C 724 -38.70 -60.87 28.00
C ALA C 724 -40.20 -60.76 27.63
N ASN C 725 -40.90 -59.81 28.26
CA ASN C 725 -42.33 -59.64 28.08
CA ASN C 725 -42.35 -59.60 28.08
C ASN C 725 -42.65 -58.77 26.85
N LEU C 726 -41.63 -58.11 26.28
CA LEU C 726 -41.77 -57.48 24.94
C LEU C 726 -41.95 -58.61 23.95
N THR C 727 -42.77 -58.41 22.93
CA THR C 727 -43.18 -59.50 22.05
C THR C 727 -41.96 -60.01 21.34
N ASN C 728 -41.29 -59.11 20.60
CA ASN C 728 -40.09 -59.52 19.89
C ASN C 728 -38.78 -59.33 20.68
N GLY C 729 -38.82 -59.52 22.00
CA GLY C 729 -37.60 -59.53 22.79
C GLY C 729 -36.62 -58.44 22.41
N PHE C 730 -35.36 -58.82 22.16
CA PHE C 730 -34.34 -57.83 21.79
C PHE C 730 -34.63 -57.27 20.40
N VAL C 731 -35.26 -58.04 19.52
CA VAL C 731 -35.52 -57.58 18.13
C VAL C 731 -36.33 -56.30 18.10
N THR C 732 -37.06 -56.06 19.16
CA THR C 732 -37.60 -54.75 19.45
C THR C 732 -36.41 -53.82 19.53
N GLY C 733 -36.48 -52.63 18.98
CA GLY C 733 -35.28 -51.75 19.07
C GLY C 733 -35.00 -51.16 20.45
N SER C 734 -36.01 -50.51 21.00
CA SER C 734 -35.90 -49.75 22.22
C SER C 734 -36.94 -50.25 23.17
N GLY C 735 -37.00 -49.59 24.31
CA GLY C 735 -38.16 -49.55 25.13
C GLY C 735 -38.28 -48.17 25.73
N LEU C 736 -39.31 -48.02 26.55
CA LEU C 736 -39.52 -46.83 27.33
C LEU C 736 -39.37 -47.26 28.74
N TYR C 737 -38.62 -46.47 29.50
CA TYR C 737 -38.20 -46.82 30.84
C TYR C 737 -38.77 -45.82 31.85
N ASP C 738 -39.41 -46.33 32.89
CA ASP C 738 -39.95 -45.43 33.91
C ASP C 738 -38.87 -45.10 34.95
N PRO C 739 -38.49 -43.83 35.05
CA PRO C 739 -37.42 -43.45 35.97
C PRO C 739 -37.81 -43.36 37.44
N VAL C 740 -39.06 -43.65 37.80
CA VAL C 740 -39.44 -43.74 39.23
C VAL C 740 -39.77 -45.17 39.64
N THR C 741 -40.53 -45.87 38.79
CA THR C 741 -40.90 -47.26 39.05
C THR C 741 -39.89 -48.25 38.51
N TRP C 742 -38.98 -47.81 37.63
CA TRP C 742 -37.86 -48.66 37.17
C TRP C 742 -38.31 -49.87 36.38
N THR C 743 -39.26 -49.65 35.47
CA THR C 743 -39.77 -50.70 34.56
C THR C 743 -39.57 -50.29 33.14
N LEU C 744 -39.64 -51.28 32.27
CA LEU C 744 -39.38 -51.14 30.83
C LEU C 744 -40.54 -51.70 29.99
N GLY C 745 -41.16 -50.78 29.26
CA GLY C 745 -42.29 -51.09 28.40
C GLY C 745 -41.87 -51.03 26.96
N PRO C 746 -42.85 -51.12 26.05
CA PRO C 746 -42.49 -51.09 24.63
C PRO C 746 -42.18 -49.70 24.14
N PRO C 747 -41.57 -49.58 22.95
CA PRO C 747 -41.20 -48.26 22.44
C PRO C 747 -42.42 -47.40 22.03
N PRO C 748 -42.23 -46.07 21.86
CA PRO C 748 -43.36 -45.18 21.47
C PRO C 748 -44.26 -45.69 20.32
N SER C 749 -43.68 -46.27 19.26
CA SER C 749 -44.51 -46.73 18.12
C SER C 749 -45.34 -48.04 18.29
N ASP C 750 -45.35 -48.63 19.49
CA ASP C 750 -45.97 -49.94 19.75
C ASP C 750 -46.49 -49.98 21.21
N PRO C 751 -47.40 -49.05 21.59
CA PRO C 751 -47.85 -48.97 22.99
C PRO C 751 -48.62 -50.17 23.48
N GLY C 752 -49.15 -51.01 22.61
CA GLY C 752 -49.90 -52.22 22.99
C GLY C 752 -49.12 -53.51 22.89
N ASN C 753 -47.82 -53.40 22.59
CA ASN C 753 -46.91 -54.54 22.53
C ASN C 753 -47.41 -55.62 21.60
N ARG C 754 -47.77 -55.22 20.38
CA ARG C 754 -48.16 -56.14 19.32
C ARG C 754 -46.91 -56.63 18.56
N GLY C 755 -45.78 -55.95 18.77
CA GLY C 755 -44.55 -56.23 18.04
C GLY C 755 -43.93 -55.00 17.35
N ASN C 756 -42.59 -54.97 17.39
CA ASN C 756 -41.76 -53.96 16.69
C ASN C 756 -40.50 -54.68 16.19
N VAL C 757 -39.98 -54.24 15.05
CA VAL C 757 -38.74 -54.81 14.50
C VAL C 757 -37.77 -53.71 14.16
N SER C 758 -36.69 -53.63 14.94
CA SER C 758 -35.69 -52.58 14.74
C SER C 758 -34.27 -53.08 15.10
N ILE C 759 -33.44 -53.18 14.06
CA ILE C 759 -32.07 -53.70 14.15
C ILE C 759 -30.96 -52.66 13.97
N SER C 760 -29.90 -52.80 14.76
CA SER C 760 -28.68 -52.10 14.50
C SER C 760 -27.55 -53.05 14.63
N HIS C 761 -26.67 -52.94 13.64
CA HIS C 761 -25.36 -53.56 13.64
C HIS C 761 -24.53 -53.24 14.89
N LEU C 762 -24.81 -52.08 15.54
CA LEU C 762 -24.13 -51.68 16.78
C LEU C 762 -24.57 -52.35 18.08
N ASN C 763 -25.78 -52.89 18.13
CA ASN C 763 -26.41 -53.25 19.41
C ASN C 763 -25.66 -54.32 20.20
N ALA C 764 -25.21 -55.38 19.52
CA ALA C 764 -24.44 -56.43 20.16
C ALA C 764 -22.93 -56.19 20.36
N VAL C 765 -22.36 -55.11 19.83
CA VAL C 765 -20.86 -55.02 19.78
C VAL C 765 -20.20 -54.18 20.87
N PHE C 766 -20.99 -53.71 21.84
CA PHE C 766 -20.50 -52.86 22.94
C PHE C 766 -20.71 -53.48 24.33
N GLY C 767 -20.54 -54.81 24.42
CA GLY C 767 -20.69 -55.52 25.70
C GLY C 767 -21.90 -56.44 25.88
N LEU C 768 -22.87 -56.36 25.00
CA LEU C 768 -24.13 -57.06 25.24
C LEU C 768 -24.00 -58.59 25.51
N PRO C 769 -23.33 -59.37 24.62
CA PRO C 769 -23.19 -60.81 24.90
C PRO C 769 -22.45 -61.15 26.16
N GLU C 770 -21.47 -60.34 26.52
CA GLU C 770 -20.74 -60.50 27.77
C GLU C 770 -21.61 -60.17 29.00
N VAL C 771 -22.30 -59.01 29.00
CA VAL C 771 -23.13 -58.61 30.13
C VAL C 771 -24.24 -59.62 30.37
N VAL C 772 -24.90 -59.95 29.27
CA VAL C 772 -26.03 -60.88 29.28
C VAL C 772 -25.60 -62.30 29.76
N SER C 773 -24.58 -62.90 29.16
CA SER C 773 -24.14 -64.20 29.62
C SER C 773 -23.84 -64.14 31.12
N GLU C 774 -23.22 -63.05 31.57
CA GLU C 774 -22.97 -62.86 33.00
C GLU C 774 -24.28 -62.71 33.80
N ALA C 775 -25.25 -61.98 33.28
CA ALA C 775 -26.50 -61.73 34.02
C ALA C 775 -27.34 -62.99 34.11
N ILE C 776 -27.39 -63.74 33.03
CA ILE C 776 -28.14 -64.99 33.02
C ILE C 776 -27.54 -65.90 34.08
N ALA C 777 -26.23 -66.08 34.01
CA ALA C 777 -25.50 -66.87 35.00
C ALA C 777 -25.72 -66.34 36.43
N TYR C 778 -25.72 -65.03 36.66
CA TYR C 778 -25.81 -64.50 38.02
C TYR C 778 -27.20 -64.72 38.58
N LEU C 779 -28.23 -64.37 37.79
CA LEU C 779 -29.65 -64.60 38.14
C LEU C 779 -30.07 -66.06 38.42
N ALA C 780 -29.50 -67.03 37.70
CA ALA C 780 -29.83 -68.44 37.94
C ALA C 780 -31.39 -68.72 37.90
N ASP C 781 -31.95 -69.41 38.90
CA ASP C 781 -33.38 -69.82 38.88
C ASP C 781 -34.40 -68.69 38.89
N ASP C 782 -34.02 -67.54 39.45
CA ASP C 782 -34.91 -66.36 39.48
C ASP C 782 -34.95 -65.61 38.13
N ILE C 783 -34.19 -66.05 37.14
CA ILE C 783 -34.24 -65.44 35.83
C ILE C 783 -35.66 -65.42 35.26
N PRO C 784 -36.18 -64.24 34.84
CA PRO C 784 -37.56 -64.20 34.28
C PRO C 784 -37.84 -65.22 33.14
N LYS C 785 -39.04 -65.80 33.08
CA LYS C 785 -39.40 -66.70 31.95
C LYS C 785 -39.23 -65.95 30.60
N GLY C 786 -38.61 -66.65 29.66
CA GLY C 786 -38.43 -66.20 28.26
C GLY C 786 -37.25 -65.34 27.87
N PHE C 787 -36.48 -64.84 28.85
CA PHE C 787 -35.37 -63.92 28.58
C PHE C 787 -34.22 -64.63 27.92
N LYS C 788 -33.78 -65.72 28.53
CA LYS C 788 -32.78 -66.51 27.87
C LYS C 788 -33.15 -66.84 26.41
N GLN C 789 -34.41 -67.16 26.14
CA GLN C 789 -34.86 -67.47 24.77
C GLN C 789 -34.88 -66.23 23.90
N ALA C 790 -35.38 -65.11 24.43
CA ALA C 790 -35.28 -63.82 23.72
C ALA C 790 -33.83 -63.52 23.21
N TRP C 791 -32.83 -63.78 24.08
CA TRP C 791 -31.40 -63.62 23.71
C TRP C 791 -30.93 -64.62 22.62
N LEU C 792 -31.17 -65.91 22.86
CA LEU C 792 -30.89 -66.95 21.85
C LEU C 792 -31.52 -66.58 20.50
N ASP C 793 -32.73 -66.03 20.55
CA ASP C 793 -33.42 -65.52 19.35
C ASP C 793 -32.53 -64.50 18.64
N TYR C 794 -32.20 -63.38 19.29
CA TYR C 794 -31.31 -62.39 18.68
C TYR C 794 -30.01 -63.02 18.10
N CYS C 795 -29.35 -63.91 18.85
CA CYS C 795 -28.10 -64.49 18.35
C CYS C 795 -28.33 -65.32 17.10
N TYR C 796 -29.43 -66.09 17.11
CA TYR C 796 -29.80 -66.99 16.00
C TYR C 796 -30.23 -66.22 14.75
N TYR C 797 -31.14 -65.26 14.90
CA TYR C 797 -31.75 -64.60 13.76
C TYR C 797 -30.99 -63.41 13.22
N TYR C 798 -29.98 -62.93 13.95
CA TYR C 798 -29.24 -61.76 13.46
C TYR C 798 -28.79 -62.04 12.04
N HIS C 799 -28.15 -63.20 11.82
CA HIS C 799 -27.70 -63.58 10.48
C HIS C 799 -28.17 -64.96 10.06
N ALA C 800 -29.45 -65.23 10.29
CA ALA C 800 -30.14 -66.34 9.63
C ALA C 800 -30.59 -65.76 8.29
N SER C 801 -31.08 -66.61 7.39
CA SER C 801 -31.60 -66.16 6.09
C SER C 801 -32.73 -65.16 6.21
N ALA C 802 -32.97 -64.42 5.14
CA ALA C 802 -34.08 -63.48 5.11
C ALA C 802 -35.47 -64.15 5.28
N SER C 803 -35.59 -65.42 4.89
CA SER C 803 -36.86 -66.18 5.00
C SER C 803 -37.22 -66.42 6.44
N GLU C 804 -36.25 -66.96 7.19
CA GLU C 804 -36.45 -67.35 8.60
C GLU C 804 -36.77 -66.15 9.44
N GLN C 805 -36.14 -65.04 9.10
CA GLN C 805 -36.47 -63.79 9.70
C GLN C 805 -37.92 -63.40 9.45
N LYS C 806 -38.36 -63.43 8.19
CA LYS C 806 -39.77 -63.04 7.86
C LYS C 806 -40.74 -64.01 8.53
N ASP C 807 -40.46 -65.29 8.37
CA ASP C 807 -41.20 -66.38 8.96
C ASP C 807 -41.42 -66.17 10.46
N ARG C 808 -40.35 -65.78 11.15
CA ARG C 808 -40.33 -65.60 12.62
C ARG C 808 -40.84 -64.25 13.13
N TYR C 809 -40.57 -63.16 12.41
CA TYR C 809 -40.92 -61.77 12.86
C TYR C 809 -41.78 -60.97 11.91
N GLY C 810 -42.18 -61.57 10.78
CA GLY C 810 -42.99 -60.86 9.78
C GLY C 810 -42.25 -59.92 8.84
N VAL C 811 -40.97 -59.61 9.11
CA VAL C 811 -40.08 -58.91 8.14
C VAL C 811 -38.70 -59.57 8.11
N SER C 812 -37.98 -59.35 7.02
CA SER C 812 -36.54 -59.59 6.98
C SER C 812 -35.86 -58.33 7.54
N PHE C 813 -34.62 -58.48 8.03
CA PHE C 813 -34.00 -57.43 8.83
C PHE C 813 -33.47 -56.25 7.98
N LYS C 815 -31.13 -54.03 8.05
CA LYS C 815 -29.88 -53.42 7.56
C LYS C 815 -28.64 -53.98 8.32
N ILE C 816 -28.38 -55.29 8.15
CA ILE C 816 -27.30 -56.01 8.88
C ILE C 816 -25.89 -55.81 8.31
N SER C 817 -24.89 -55.97 9.18
CA SER C 817 -23.48 -55.90 8.84
C SER C 817 -22.68 -56.33 10.08
N LEU C 818 -21.36 -56.11 10.05
CA LEU C 818 -20.46 -56.59 11.08
C LEU C 818 -20.70 -58.08 11.31
N LEU C 819 -20.77 -58.80 10.20
CA LEU C 819 -21.07 -60.21 10.25
C LEU C 819 -19.97 -60.99 10.96
N GLN C 820 -18.70 -60.67 10.73
CA GLN C 820 -17.60 -61.28 11.49
C GLN C 820 -17.75 -60.99 13.00
N ALA C 821 -17.98 -59.71 13.29
CA ALA C 821 -18.22 -59.29 14.66
C ALA C 821 -19.32 -60.11 15.34
N HIS C 822 -20.39 -60.44 14.62
CA HIS C 822 -21.50 -61.16 15.22
C HIS C 822 -21.41 -62.68 15.15
N SER C 823 -20.33 -63.20 14.59
CA SER C 823 -20.22 -64.65 14.51
C SER C 823 -20.20 -65.23 15.94
N ARG C 824 -19.63 -64.45 16.87
CA ARG C 824 -19.56 -64.86 18.28
C ARG C 824 -20.92 -65.07 18.95
N LEU C 825 -21.98 -64.42 18.44
CA LEU C 825 -23.35 -64.66 18.94
C LEU C 825 -23.85 -66.02 18.48
N ALA C 826 -23.65 -66.34 17.22
CA ALA C 826 -23.97 -67.68 16.72
C ALA C 826 -23.19 -68.71 17.55
N ALA C 827 -21.92 -68.45 17.81
CA ALA C 827 -21.12 -69.40 18.59
C ALA C 827 -21.74 -69.68 19.96
N TYR C 828 -22.16 -68.60 20.64
CA TYR C 828 -22.74 -68.68 21.99
C TYR C 828 -23.98 -69.58 21.90
N ALA C 829 -24.86 -69.28 20.94
CA ALA C 829 -26.12 -70.01 20.85
C ALA C 829 -25.91 -71.48 20.44
N ALA C 830 -24.96 -71.73 19.55
CA ALA C 830 -24.60 -73.10 19.17
C ALA C 830 -24.05 -73.92 20.35
N TYR C 831 -23.16 -73.33 21.15
CA TYR C 831 -22.75 -73.95 22.41
C TYR C 831 -23.94 -74.19 23.30
N GLU C 832 -24.73 -73.15 23.48
CA GLU C 832 -25.81 -73.20 24.44
C GLU C 832 -26.91 -74.17 24.01
N THR C 833 -27.23 -74.27 22.71
CA THR C 833 -28.32 -75.16 22.22
C THR C 833 -27.82 -76.45 21.59
N LYS C 834 -26.54 -76.74 21.83
CA LYS C 834 -25.87 -77.91 21.29
C LYS C 834 -26.28 -78.13 19.82
N ASN C 835 -26.18 -77.04 19.03
CA ASN C 835 -26.55 -77.01 17.60
C ASN C 835 -25.33 -76.94 16.69
N LYS C 836 -25.00 -78.10 16.12
CA LYS C 836 -23.85 -78.29 15.22
C LYS C 836 -23.89 -77.42 13.95
N THR C 837 -25.06 -77.30 13.34
CA THR C 837 -25.23 -76.57 12.06
C THR C 837 -24.98 -75.06 12.18
N LEU C 838 -25.32 -74.54 13.37
CA LEU C 838 -25.19 -73.12 13.69
C LEU C 838 -23.75 -72.80 14.06
N ALA C 839 -23.06 -73.71 14.77
CA ALA C 839 -21.61 -73.57 14.99
C ALA C 839 -20.86 -73.42 13.68
N LEU C 840 -21.20 -74.23 12.67
CA LEU C 840 -20.66 -74.09 11.33
C LEU C 840 -20.97 -72.73 10.72
N ARG C 841 -22.19 -72.24 10.88
CA ARG C 841 -22.52 -70.89 10.35
C ARG C 841 -21.70 -69.77 11.03
N ALA C 842 -21.42 -69.96 12.32
CA ALA C 842 -20.56 -69.06 13.08
C ALA C 842 -19.18 -69.01 12.46
N TRP C 843 -18.54 -70.16 12.32
CA TRP C 843 -17.23 -70.21 11.64
C TRP C 843 -17.21 -69.69 10.18
N LYS C 844 -18.31 -69.83 9.44
CA LYS C 844 -18.35 -69.35 8.06
C LYS C 844 -18.36 -67.85 8.05
N ASP C 845 -19.17 -67.28 8.95
CA ASP C 845 -19.24 -65.84 9.15
C ASP C 845 -17.88 -65.31 9.62
N PHE C 846 -17.18 -66.07 10.45
CA PHE C 846 -15.89 -65.59 10.91
C PHE C 846 -14.92 -65.56 9.73
N TYR C 847 -14.70 -66.71 9.10
CA TYR C 847 -13.74 -66.91 7.97
C TYR C 847 -14.16 -66.38 6.56
N ALA C 848 -15.43 -66.00 6.34
CA ALA C 848 -15.90 -65.63 4.99
C ALA C 848 -17.04 -64.59 4.87
N SER C 849 -17.02 -63.56 5.70
CA SER C 849 -17.93 -62.44 5.53
C SER C 849 -17.12 -61.18 5.41
N ASP C 850 -17.10 -60.33 6.43
CA ASP C 850 -16.49 -58.99 6.34
C ASP C 850 -15.44 -58.95 7.45
N GLY C 851 -15.06 -57.79 7.95
CA GLY C 851 -14.03 -57.74 8.97
C GLY C 851 -12.68 -57.93 8.31
N LEU C 852 -11.86 -58.80 8.93
CA LEU C 852 -10.55 -59.18 8.43
C LEU C 852 -10.63 -60.61 7.92
N LEU C 853 -10.68 -60.73 6.60
CA LEU C 853 -10.71 -62.03 5.93
C LEU C 853 -9.42 -62.78 6.16
N PRO C 854 -9.46 -64.12 6.18
CA PRO C 854 -8.25 -64.92 6.47
C PRO C 854 -7.09 -64.71 5.49
N ASP C 855 -7.38 -64.48 4.23
CA ASP C 855 -6.33 -64.20 3.23
C ASP C 855 -6.20 -62.70 2.91
N ALA C 856 -6.56 -61.83 3.86
CA ALA C 856 -6.08 -60.44 3.84
C ALA C 856 -4.53 -60.44 3.98
N PRO C 857 -3.89 -59.26 3.86
CA PRO C 857 -2.43 -59.28 3.80
C PRO C 857 -1.73 -59.85 5.03
N TRP C 858 -2.22 -59.58 6.24
CA TRP C 858 -1.59 -60.03 7.51
C TRP C 858 -0.09 -59.75 7.63
N ASN C 859 0.28 -58.52 7.34
CA ASN C 859 1.67 -58.12 7.45
C ASN C 859 1.74 -56.59 7.53
N ILE C 860 2.88 -56.10 8.00
CA ILE C 860 3.14 -54.65 8.05
C ILE C 860 4.02 -54.24 6.85
N THR C 861 3.68 -53.11 6.25
CA THR C 861 4.54 -52.43 5.28
C THR C 861 5.26 -51.34 6.05
N HIS C 862 6.49 -51.01 5.63
CA HIS C 862 7.30 -49.96 6.25
C HIS C 862 7.47 -48.74 5.33
N VAL C 863 7.32 -47.54 5.87
CA VAL C 863 7.28 -46.33 5.05
C VAL C 863 8.30 -45.35 5.58
N ASP C 864 9.11 -44.77 4.69
CA ASP C 864 10.12 -43.82 5.12
C ASP C 864 10.43 -42.79 4.03
N GLY C 865 11.60 -42.16 4.04
CA GLY C 865 11.88 -41.07 3.13
C GLY C 865 10.93 -39.86 3.23
N SER C 866 10.82 -39.15 2.10
CA SER C 866 10.06 -37.93 2.02
C SER C 866 8.54 -38.12 2.04
N ASP C 867 8.05 -39.35 2.11
CA ASP C 867 6.59 -39.57 2.26
C ASP C 867 6.03 -39.18 3.64
N VAL C 868 6.83 -39.35 4.67
CA VAL C 868 6.39 -39.17 6.05
C VAL C 868 7.43 -38.39 6.85
N LEU C 869 6.95 -37.71 7.87
CA LEU C 869 7.75 -36.99 8.85
C LEU C 869 8.86 -37.89 9.48
N VAL C 870 8.44 -39.02 10.02
CA VAL C 870 9.35 -39.98 10.65
C VAL C 870 9.07 -41.35 10.02
N PRO C 871 10.04 -42.27 10.05
CA PRO C 871 9.69 -43.60 9.53
C PRO C 871 8.58 -44.31 10.37
N VAL C 872 7.74 -45.10 9.71
CA VAL C 872 6.58 -45.76 10.31
C VAL C 872 6.22 -47.10 9.64
N ASP C 873 5.64 -48.00 10.43
CA ASP C 873 5.04 -49.21 9.94
C ASP C 873 3.52 -48.96 9.84
N GLU C 874 2.90 -49.60 8.86
CA GLU C 874 1.48 -49.46 8.65
C GLU C 874 0.84 -50.81 8.30
N ALA C 875 -0.47 -50.86 8.55
CA ALA C 875 -1.33 -51.97 8.18
C ALA C 875 -2.58 -51.33 7.59
N ALA C 876 -2.47 -50.79 6.38
CA ALA C 876 -3.59 -49.96 5.91
C ALA C 876 -4.88 -50.74 5.64
N TRP C 877 -4.73 -52.06 5.55
CA TRP C 877 -5.82 -53.04 5.35
C TRP C 877 -6.64 -53.35 6.63
N LEU C 878 -6.30 -52.75 7.75
CA LEU C 878 -7.11 -52.88 8.95
C LEU C 878 -7.35 -51.51 9.52
N ALA C 879 -8.35 -51.47 10.37
CA ALA C 879 -8.72 -50.32 11.15
C ALA C 879 -9.19 -50.91 12.48
N THR C 880 -9.43 -50.06 13.47
CA THR C 880 -9.48 -50.53 14.86
C THR C 880 -10.76 -51.27 15.17
N ASN C 881 -11.83 -50.96 14.45
CA ASN C 881 -13.07 -51.75 14.52
C ASN C 881 -12.77 -53.20 14.09
N ASP C 882 -11.98 -53.36 13.04
CA ASP C 882 -11.77 -54.65 12.46
C ASP C 882 -11.04 -55.49 13.51
N ILE C 883 -9.97 -54.95 14.09
CA ILE C 883 -9.11 -55.75 15.01
C ILE C 883 -9.78 -56.11 16.29
N ALA C 884 -10.61 -55.21 16.79
CA ALA C 884 -11.30 -55.40 18.05
C ALA C 884 -12.31 -56.55 17.98
N GLN C 885 -13.17 -56.50 16.98
CA GLN C 885 -14.17 -57.52 16.81
C GLN C 885 -13.60 -58.83 16.29
N TYR C 886 -12.61 -58.78 15.41
CA TYR C 886 -11.89 -60.01 14.99
C TYR C 886 -11.33 -60.74 16.18
N GLY C 887 -10.61 -60.02 17.04
CA GLY C 887 -10.05 -60.60 18.27
C GLY C 887 -11.08 -61.12 19.26
N LEU C 888 -12.16 -60.37 19.46
CA LEU C 888 -13.27 -60.87 20.29
C LEU C 888 -13.94 -62.06 19.66
N ALA C 889 -14.10 -62.02 18.33
CA ALA C 889 -14.67 -63.15 17.59
C ALA C 889 -13.79 -64.38 17.73
N VAL C 890 -12.47 -64.24 17.54
CA VAL C 890 -11.53 -65.36 17.72
C VAL C 890 -11.63 -65.94 19.12
N ILE C 891 -11.65 -65.10 20.14
CA ILE C 891 -11.60 -65.60 21.49
C ILE C 891 -12.89 -66.33 21.83
N GLN C 892 -14.00 -65.67 21.59
CA GLN C 892 -15.27 -66.26 21.89
C GLN C 892 -15.60 -67.47 21.01
N ASN C 893 -15.32 -67.41 19.70
CA ASN C 893 -15.53 -68.60 18.84
C ASN C 893 -14.69 -69.80 19.26
N LEU C 894 -13.45 -69.59 19.72
CA LEU C 894 -12.66 -70.69 20.25
C LEU C 894 -13.19 -71.26 21.55
N ALA C 895 -13.79 -70.41 22.38
CA ALA C 895 -14.26 -70.82 23.70
C ALA C 895 -15.56 -71.61 23.59
N TYR C 896 -16.52 -71.09 22.84
CA TYR C 896 -17.80 -71.76 22.60
C TYR C 896 -17.80 -72.94 21.62
N VAL C 897 -17.10 -72.83 20.49
CA VAL C 897 -17.20 -73.82 19.41
C VAL C 897 -15.88 -74.21 18.74
N SER C 898 -14.79 -74.35 19.51
CA SER C 898 -13.56 -74.92 18.93
C SER C 898 -13.71 -76.38 18.43
N ASP C 899 -14.71 -77.12 18.93
CA ASP C 899 -14.99 -78.48 18.42
C ASP C 899 -15.52 -78.51 16.97
N SER C 900 -16.08 -77.41 16.46
CA SER C 900 -16.58 -77.35 15.08
C SER C 900 -15.58 -76.70 14.10
N LEU C 901 -14.44 -76.23 14.61
CA LEU C 901 -13.45 -75.57 13.81
C LEU C 901 -12.77 -76.58 12.87
N ASP C 902 -12.35 -77.74 13.43
CA ASP C 902 -11.77 -78.85 12.62
C ASP C 902 -12.79 -79.28 11.54
N ASP C 903 -14.07 -79.38 11.91
CA ASP C 903 -15.13 -79.66 10.92
C ASP C 903 -15.26 -78.60 9.84
N TYR C 904 -15.40 -77.33 10.22
CA TYR C 904 -15.43 -76.24 9.23
C TYR C 904 -14.26 -76.27 8.17
N GLN C 905 -13.06 -76.78 8.49
CA GLN C 905 -11.96 -76.89 7.49
C GLN C 905 -12.25 -78.02 6.46
N SER C 906 -13.05 -77.67 5.45
CA SER C 906 -13.58 -78.60 4.42
C SER C 906 -14.25 -77.85 3.26
N PHE D 1 23.40 75.38 64.16
CA PHE D 1 23.56 75.15 62.70
C PHE D 1 22.32 75.46 61.80
N ASN D 2 22.57 75.49 60.49
CA ASN D 2 21.55 75.60 59.42
C ASN D 2 20.35 74.71 59.50
N CYS D 3 19.30 75.18 58.86
CA CYS D 3 18.31 74.31 58.27
C CYS D 3 18.31 74.40 56.73
N THR D 4 18.45 73.25 56.10
CA THR D 4 18.14 73.09 54.68
C THR D 4 16.91 72.13 54.54
N SER D 5 15.83 72.65 53.95
CA SER D 5 14.52 71.95 53.89
C SER D 5 13.84 72.20 52.55
N SER D 6 13.09 71.21 52.07
CA SER D 6 12.34 71.33 50.82
C SER D 6 11.25 70.27 50.76
N SER D 7 10.41 70.38 49.74
CA SER D 7 9.22 69.56 49.59
C SER D 7 9.18 68.97 48.22
N ALA D 8 8.69 67.74 48.13
CA ALA D 8 8.34 67.18 46.81
C ALA D 8 7.07 66.38 46.87
N THR D 9 6.27 66.53 45.82
CA THR D 9 4.90 66.09 45.83
C THR D 9 4.67 64.94 44.84
N VAL D 10 3.83 64.03 45.27
CA VAL D 10 3.64 62.80 44.59
C VAL D 10 2.13 62.66 44.32
N HIS D 11 1.80 62.25 43.09
CA HIS D 11 0.41 62.17 42.61
CA HIS D 11 0.41 62.17 42.61
C HIS D 11 0.10 60.73 42.15
N TRP D 12 -1.18 60.36 42.17
CA TRP D 12 -1.63 59.07 41.62
C TRP D 12 -1.41 59.04 40.12
N LEU D 13 -1.10 57.86 39.59
CA LEU D 13 -0.63 57.74 38.23
C LEU D 13 -1.70 58.13 37.23
N GLY D 14 -2.86 57.49 37.32
CA GLY D 14 -4.04 57.98 36.55
C GLY D 14 -5.07 58.63 37.45
N ASP D 15 -6.24 58.02 37.58
CA ASP D 15 -7.24 58.54 38.48
C ASP D 15 -6.90 58.11 39.89
N LYS D 16 -7.21 59.00 40.83
CA LYS D 16 -7.27 58.68 42.24
C LYS D 16 -8.03 57.33 42.41
N PRO D 17 -7.45 56.36 43.16
CA PRO D 17 -8.13 55.10 43.28
C PRO D 17 -9.08 55.14 44.41
N THR D 18 -9.98 54.15 44.44
CA THR D 18 -11.00 53.95 45.52
C THR D 18 -10.50 53.01 46.65
N TYR D 19 -9.49 52.20 46.30
CA TYR D 19 -8.78 51.29 47.22
C TYR D 19 -7.25 51.28 46.91
N HIS D 20 -6.46 51.24 47.97
CA HIS D 20 -5.06 50.85 47.84
C HIS D 20 -4.64 50.12 49.10
N ALA D 21 -3.61 49.28 48.98
CA ALA D 21 -3.21 48.34 50.05
C ALA D 21 -1.78 48.60 50.49
N GLY D 22 -1.42 49.86 50.61
CA GLY D 22 -0.08 50.28 50.78
C GLY D 22 0.62 50.47 49.46
N VAL D 23 1.39 51.56 49.37
CA VAL D 23 2.24 51.79 48.20
C VAL D 23 3.65 52.28 48.57
N THR D 24 4.58 51.90 47.72
CA THR D 24 5.95 52.27 47.80
C THR D 24 6.17 53.14 46.60
N PHE D 25 6.76 54.32 46.78
CA PHE D 25 7.08 55.23 45.66
C PHE D 25 8.48 55.78 45.79
N GLY D 26 8.97 56.34 44.70
CA GLY D 26 10.29 56.92 44.65
C GLY D 26 10.26 58.44 44.52
N LEU D 27 11.30 59.10 45.06
CA LEU D 27 11.48 60.54 44.93
C LEU D 27 12.94 60.86 44.73
N PRO D 28 13.26 61.73 43.74
CA PRO D 28 14.63 62.20 43.53
C PRO D 28 14.91 63.43 44.32
N TRP D 29 16.19 63.77 44.41
CA TRP D 29 16.64 64.88 45.26
C TRP D 29 17.83 65.53 44.62
N PRO D 30 17.95 66.85 44.76
CA PRO D 30 19.02 67.47 43.97
C PRO D 30 20.39 67.14 44.52
N GLN D 31 21.33 67.11 43.60
CA GLN D 31 22.71 66.85 43.90
C GLN D 31 23.26 67.74 45.00
N GLY D 32 23.76 67.11 46.06
CA GLY D 32 24.47 67.76 47.15
C GLY D 32 23.61 68.25 48.29
N LYS D 33 22.30 67.94 48.25
CA LYS D 33 21.35 68.62 49.16
C LYS D 33 21.17 67.96 50.52
N TYR D 34 20.98 66.64 50.55
CA TYR D 34 20.65 65.94 51.78
C TYR D 34 21.59 64.80 52.05
N ARG D 35 22.02 64.66 53.30
CA ARG D 35 22.92 63.55 53.67
C ARG D 35 22.06 62.37 54.13
N PRO D 36 22.39 61.13 53.69
CA PRO D 36 21.75 59.88 54.15
C PRO D 36 21.84 59.71 55.66
N GLN D 37 20.80 59.14 56.27
CA GLN D 37 20.71 58.93 57.74
C GLN D 37 20.60 60.21 58.58
N GLU D 38 20.85 61.38 58.00
CA GLU D 38 20.82 62.66 58.73
C GLU D 38 19.60 63.49 58.45
N THR D 39 18.86 63.09 57.44
CA THR D 39 17.85 63.90 56.81
C THR D 39 16.54 63.22 57.19
N SER D 40 15.56 63.97 57.67
CA SER D 40 14.29 63.39 58.13
C SER D 40 13.14 63.73 57.17
N PHE D 41 12.11 62.89 57.20
CA PHE D 41 11.06 62.89 56.18
C PHE D 41 9.64 62.81 56.76
N SER D 42 8.76 63.73 56.32
CA SER D 42 7.35 63.67 56.74
C SER D 42 6.37 63.90 55.59
N LEU D 43 5.18 63.32 55.79
CA LEU D 43 4.12 63.16 54.79
C LEU D 43 2.96 64.09 55.14
N THR D 44 2.25 64.60 54.12
CA THR D 44 0.93 65.29 54.34
C THR D 44 -0.31 64.59 53.74
N SER D 51 2.52 63.68 59.69
CA SER D 51 3.09 62.43 60.28
C SER D 51 4.47 61.92 59.69
N GLU D 52 5.17 61.13 60.51
CA GLU D 52 6.45 60.49 60.15
C GLU D 52 6.31 59.44 59.02
N LEU D 53 7.32 59.37 58.15
CA LEU D 53 7.28 58.60 56.87
C LEU D 53 8.42 57.57 56.69
N GLN D 54 8.02 56.33 56.48
CA GLN D 54 8.95 55.25 56.19
C GLN D 54 9.85 55.61 55.02
N SER D 55 11.14 55.86 55.28
CA SER D 55 12.06 56.23 54.20
C SER D 55 13.37 55.43 54.23
N TRP D 56 14.02 55.40 53.08
CA TRP D 56 15.26 54.66 52.88
C TRP D 56 15.76 55.02 51.49
N ALA D 57 17.03 54.76 51.23
CA ALA D 57 17.66 55.29 50.05
C ALA D 57 17.88 54.17 49.00
N THR D 58 17.63 54.50 47.73
CA THR D 58 17.88 53.61 46.61
C THR D 58 19.00 54.11 45.70
N GLY D 59 19.29 55.43 45.74
CA GLY D 59 20.38 55.99 44.95
C GLY D 59 21.10 57.15 45.60
N TYR D 60 22.39 57.24 45.32
CA TYR D 60 23.22 58.31 45.84
C TYR D 60 24.01 59.00 44.72
N TRP D 61 24.19 60.31 44.91
CA TRP D 61 25.13 61.08 44.13
C TRP D 61 26.58 60.72 44.45
N ALA D 62 27.47 61.20 43.58
CA ALA D 62 28.91 60.94 43.71
C ALA D 62 29.50 61.46 45.02
N ASP D 63 28.98 62.58 45.55
CA ASP D 63 29.45 63.07 46.83
C ASP D 63 28.80 62.36 48.03
N GLY D 64 28.08 61.26 47.81
CA GLY D 64 27.33 60.57 48.87
C GLY D 64 25.96 61.13 49.29
N SER D 65 25.51 62.25 48.72
CA SER D 65 24.18 62.76 49.05
C SER D 65 23.07 61.94 48.38
N LEU D 66 21.86 62.06 48.97
CA LEU D 66 20.66 61.36 48.51
C LEU D 66 20.30 61.83 47.12
N LYS D 67 20.14 60.84 46.24
CA LYS D 67 19.77 61.05 44.84
C LYS D 67 18.38 60.50 44.55
N TRP D 68 18.12 59.23 44.90
CA TRP D 68 16.76 58.67 45.00
C TRP D 68 16.47 58.03 46.36
N THR D 69 15.32 58.40 46.93
CA THR D 69 14.76 57.76 48.11
C THR D 69 13.62 56.86 47.69
N ALA D 70 13.12 56.12 48.68
CA ALA D 70 11.95 55.28 48.54
C ALA D 70 11.19 55.42 49.80
N HIS D 71 9.88 55.42 49.69
CA HIS D 71 9.01 55.74 50.80
C HIS D 71 7.83 54.81 50.75
N ALA D 72 7.29 54.42 51.90
CA ALA D 72 6.11 53.52 51.95
C ALA D 72 5.04 54.04 52.89
N ILE D 73 3.78 53.91 52.46
CA ILE D 73 2.63 54.24 53.31
C ILE D 73 1.82 52.99 53.49
N ALA D 74 1.11 52.96 54.60
CA ALA D 74 0.24 51.84 54.97
C ALA D 74 -1.03 51.81 54.12
N GLU D 75 -1.76 50.69 54.14
CA GLU D 75 -3.14 50.67 53.66
C GLU D 75 -3.92 51.65 54.52
N SER D 76 -4.80 52.42 53.89
CA SER D 76 -5.60 53.44 54.57
C SER D 76 -6.82 53.71 53.70
N ASN D 77 -7.99 53.80 54.34
CA ASN D 77 -9.19 54.22 53.57
C ASN D 77 -9.28 55.72 53.39
N GLN D 78 -8.41 56.50 54.03
CA GLN D 78 -8.21 57.90 53.62
C GLN D 78 -7.25 57.87 52.45
N ILE D 79 -7.66 58.43 51.31
CA ILE D 79 -6.89 58.45 50.07
C ILE D 79 -6.87 59.87 49.46
N TYR D 80 -5.69 60.48 49.33
CA TYR D 80 -5.57 61.93 49.08
C TYR D 80 -5.20 62.15 47.64
N ASP D 81 -5.38 63.37 47.13
CA ASP D 81 -5.06 63.67 45.71
C ASP D 81 -3.60 63.79 45.53
N GLN D 82 -2.94 64.28 46.57
CA GLN D 82 -1.52 64.38 46.54
C GLN D 82 -0.92 64.05 47.89
N TYR D 83 0.31 63.55 47.85
CA TYR D 83 1.08 63.24 49.04
C TYR D 83 2.35 64.07 48.98
N THR D 84 2.56 64.89 50.01
CA THR D 84 3.71 65.83 50.05
C THR D 84 4.78 65.43 51.12
N VAL D 85 5.96 65.10 50.59
CA VAL D 85 7.13 64.72 51.38
C VAL D 85 8.01 65.93 51.64
N THR D 86 8.15 66.30 52.91
CA THR D 86 9.09 67.36 53.31
C THR D 86 10.37 66.72 53.84
N ALA D 87 11.50 67.06 53.22
CA ALA D 87 12.80 66.62 53.68
C ALA D 87 13.53 67.77 54.41
N SER D 88 14.11 67.45 55.57
CA SER D 88 14.79 68.44 56.43
C SER D 88 16.16 67.93 56.89
N SER D 89 17.16 68.80 56.82
CA SER D 89 18.51 68.48 57.28
C SER D 89 18.61 68.31 58.81
N LEU D 90 19.81 67.93 59.26
CA LEU D 90 20.00 67.50 60.64
C LEU D 90 19.82 68.65 61.67
N GLY D 91 20.13 69.89 61.29
CA GLY D 91 20.02 71.04 62.19
C GLY D 91 18.75 71.90 62.08
N CYS D 92 17.69 71.34 61.48
CA CYS D 92 16.34 71.91 61.54
C CYS D 92 15.71 71.47 62.84
N VAL D 93 14.57 72.11 63.18
CA VAL D 93 13.72 71.75 64.33
C VAL D 93 12.40 71.19 63.80
N SER D 107 -0.11 52.46 63.50
CA SER D 107 -0.08 51.53 62.35
C SER D 107 1.36 50.94 62.10
N SER D 108 1.71 49.89 62.85
CA SER D 108 3.05 49.25 62.75
C SER D 108 2.98 47.72 62.58
N ILE D 109 3.84 47.18 61.70
CA ILE D 109 3.98 45.73 61.54
C ILE D 109 4.73 45.15 62.73
N VAL D 110 4.40 43.92 63.09
CA VAL D 110 5.04 43.18 64.17
C VAL D 110 5.56 41.86 63.57
N VAL D 111 6.90 41.69 63.49
CA VAL D 111 7.44 40.40 63.06
C VAL D 111 7.98 39.74 64.32
N THR D 112 7.73 38.44 64.44
CA THR D 112 8.04 37.65 65.62
C THR D 112 8.73 36.43 65.09
N ASP D 113 9.80 36.02 65.77
CA ASP D 113 10.60 34.90 65.33
C ASP D 113 10.35 33.66 66.24
N ASN D 114 10.36 32.49 65.63
CA ASN D 114 10.28 31.20 66.34
C ASN D 114 11.42 30.31 65.76
N SER D 115 11.63 29.12 66.28
CA SER D 115 12.70 28.29 65.71
C SER D 115 12.37 27.91 64.24
N ASP D 116 11.27 27.17 64.07
CA ASP D 116 10.64 26.79 62.78
C ASP D 116 10.47 27.91 61.73
N ALA D 117 10.02 29.07 62.18
CA ALA D 117 9.28 30.00 61.31
C ALA D 117 9.16 31.41 61.84
N LEU D 118 9.11 32.33 60.90
CA LEU D 118 9.01 33.76 61.09
C LEU D 118 7.58 34.23 60.75
N THR D 119 6.99 35.11 61.56
CA THR D 119 5.60 35.57 61.36
C THR D 119 5.52 37.09 61.13
N VAL D 120 4.80 37.50 60.08
CA VAL D 120 4.63 38.92 59.80
C VAL D 120 3.18 39.26 60.06
N ASN D 121 2.94 40.22 60.95
CA ASN D 121 1.60 40.63 61.33
C ASN D 121 1.33 42.12 61.03
N THR D 122 0.33 42.39 60.18
CA THR D 122 0.06 43.77 59.72
C THR D 122 -0.95 44.58 60.54
N GLY D 123 -1.55 43.97 61.55
CA GLY D 123 -2.79 44.48 62.14
C GLY D 123 -4.05 43.83 61.57
N GLU D 124 -3.99 43.36 60.29
CA GLU D 124 -5.13 42.69 59.59
C GLU D 124 -4.92 41.23 59.20
N VAL D 125 -3.67 40.85 58.93
CA VAL D 125 -3.27 39.44 58.78
C VAL D 125 -1.98 39.14 59.48
N ALA D 126 -1.85 37.87 59.85
CA ALA D 126 -0.62 37.28 60.37
C ALA D 126 -0.24 36.16 59.42
N VAL D 127 0.90 36.30 58.75
CA VAL D 127 1.34 35.20 57.89
C VAL D 127 2.70 34.72 58.34
N SER D 128 2.77 33.41 58.50
CA SER D 128 3.94 32.71 58.97
C SER D 128 4.71 32.13 57.76
N PHE D 129 6.02 32.34 57.73
CA PHE D 129 6.91 31.77 56.71
C PHE D 129 7.91 30.74 57.30
N PRO D 130 7.71 29.42 57.09
CA PRO D 130 8.79 28.49 57.50
C PRO D 130 10.19 28.88 56.95
N LYS D 131 11.23 28.40 57.63
CA LYS D 131 12.62 28.75 57.30
C LYS D 131 13.29 27.67 56.49
N GLY D 132 12.71 26.49 56.48
CA GLY D 132 13.07 25.45 55.55
C GLY D 132 11.81 24.69 55.27
N GLY D 133 11.95 23.63 54.46
CA GLY D 133 10.85 22.76 54.08
C GLY D 133 10.33 23.02 52.67
N ASN D 134 9.26 22.32 52.34
CA ASN D 134 8.51 22.52 51.10
C ASN D 134 7.18 23.35 51.25
N VAL D 135 7.06 24.18 52.30
CA VAL D 135 5.87 25.03 52.49
C VAL D 135 6.32 26.48 52.60
N ILE D 136 6.02 27.28 51.59
CA ILE D 136 6.45 28.69 51.55
C ILE D 136 5.73 29.51 52.58
N ILE D 137 4.49 29.15 52.90
CA ILE D 137 3.68 29.84 53.92
C ILE D 137 3.00 28.84 54.85
N GLY D 138 3.17 29.05 56.17
CA GLY D 138 2.66 28.10 57.16
C GLY D 138 1.16 28.29 57.31
N ASP D 139 0.77 29.50 57.64
CA ASP D 139 -0.64 29.86 57.73
C ASP D 139 -0.91 31.37 57.67
N ILE D 140 -2.19 31.68 57.46
CA ILE D 140 -2.66 33.05 57.29
C ILE D 140 -3.85 33.19 58.21
N LYS D 141 -3.73 34.10 59.18
CA LYS D 141 -4.75 34.32 60.18
C LYS D 141 -5.26 35.73 59.97
N THR D 142 -6.49 36.00 60.42
CA THR D 142 -7.06 37.39 60.41
C THR D 142 -6.90 38.10 61.79
N LYS D 143 -7.32 39.38 61.89
CA LYS D 143 -7.34 40.12 63.21
C LYS D 143 -7.79 39.22 64.34
N SER D 144 -8.91 38.55 64.08
CA SER D 144 -9.61 37.68 65.05
C SER D 144 -8.84 36.44 65.41
N GLY D 145 -7.82 36.08 64.62
CA GLY D 145 -6.94 34.93 64.89
C GLY D 145 -7.32 33.65 64.16
N LYS D 146 -8.44 33.64 63.43
CA LYS D 146 -8.90 32.41 62.80
C LYS D 146 -8.05 32.15 61.57
N VAL D 147 -7.66 30.89 61.42
CA VAL D 147 -6.91 30.46 60.27
C VAL D 147 -7.86 30.51 59.09
N ILE D 148 -7.45 31.21 58.04
CA ILE D 148 -8.20 31.22 56.77
C ILE D 148 -7.48 30.63 55.59
N GLY D 149 -6.17 30.45 55.70
CA GLY D 149 -5.44 29.72 54.67
C GLY D 149 -4.23 29.08 55.32
N ALA D 150 -3.72 28.02 54.71
CA ALA D 150 -2.53 27.33 55.20
C ALA D 150 -1.74 26.66 54.08
N ASN D 151 -0.48 26.39 54.33
CA ASN D 151 0.35 25.61 53.40
C ASN D 151 0.41 26.18 52.02
N GLY D 152 0.79 27.44 51.94
CA GLY D 152 1.19 27.99 50.67
C GLY D 152 2.32 27.12 50.14
N ARG D 153 2.22 26.70 48.90
CA ARG D 153 3.26 25.88 48.35
C ARG D 153 3.34 26.08 46.87
N LEU D 154 4.54 25.99 46.32
CA LEU D 154 4.71 26.10 44.87
C LEU D 154 4.48 24.72 44.28
N VAL D 155 3.83 24.66 43.13
CA VAL D 155 3.77 23.41 42.35
C VAL D 155 4.34 23.63 40.96
N LEU D 156 5.04 22.60 40.49
CA LEU D 156 5.53 22.51 39.14
C LEU D 156 5.25 21.07 38.74
N GLN D 157 4.95 20.86 37.47
CA GLN D 157 4.92 19.49 36.94
CA GLN D 157 4.77 19.53 36.89
C GLN D 157 5.52 19.57 35.56
N SER D 158 6.12 18.45 35.15
CA SER D 158 6.91 18.37 33.92
C SER D 158 6.73 17.01 33.21
N GLN D 159 7.14 16.97 31.95
CA GLN D 159 7.25 15.69 31.27
C GLN D 159 8.61 15.59 30.63
N ASP D 160 8.98 14.36 30.28
CA ASP D 160 10.30 14.03 29.74
C ASP D 160 10.34 13.85 28.21
N SER D 161 9.20 13.75 27.56
CA SER D 161 9.17 13.68 26.11
C SER D 161 7.93 14.41 25.60
N VAL D 162 7.86 14.49 24.28
CA VAL D 162 6.75 15.11 23.65
C VAL D 162 6.45 14.27 22.39
N PRO D 163 5.19 13.87 22.22
CA PRO D 163 4.94 13.18 20.98
C PRO D 163 4.96 14.11 19.74
N ASP D 164 5.34 13.58 18.59
CA ASP D 164 5.50 14.35 17.37
C ASP D 164 4.23 15.12 16.97
N ASN D 165 3.09 14.49 17.21
CA ASN D 165 1.78 15.02 16.93
C ASN D 165 0.81 14.18 17.74
N PHE D 166 -0.49 14.26 17.46
CA PHE D 166 -1.49 13.63 18.32
C PHE D 166 -1.58 12.12 18.10
N ASP D 167 -1.41 11.72 16.84
CA ASP D 167 -1.34 10.30 16.45
C ASP D 167 -0.22 9.54 17.15
N ASN D 168 0.91 10.24 17.37
CA ASN D 168 2.11 9.67 17.95
C ASN D 168 1.93 9.32 19.46
N ARG D 169 0.86 9.82 20.09
CA ARG D 169 0.65 9.57 21.53
C ARG D 169 0.50 8.11 21.90
N ALA D 170 0.01 7.30 20.96
CA ALA D 170 -0.03 5.84 21.15
C ALA D 170 1.36 5.18 21.18
N ASN D 171 2.39 5.81 20.67
CA ASN D 171 3.68 5.15 20.45
C ASN D 171 4.85 6.02 20.88
N SER D 172 4.67 6.66 22.02
CA SER D 172 5.67 7.59 22.52
C SER D 172 5.11 8.01 23.89
N PRO D 173 5.33 7.15 24.91
CA PRO D 173 4.83 7.36 26.28
C PRO D 173 5.39 8.59 26.93
N ILE D 174 4.67 9.11 27.92
CA ILE D 174 4.98 10.34 28.60
C ILE D 174 5.20 10.02 30.09
N GLN D 175 6.32 10.44 30.66
CA GLN D 175 6.54 10.27 32.10
C GLN D 175 6.44 11.62 32.84
N TYR D 176 5.36 11.74 33.62
CA TYR D 176 5.10 12.95 34.41
C TYR D 176 5.86 12.97 35.72
N SER D 177 6.24 14.17 36.12
CA SER D 177 6.96 14.37 37.34
C SER D 177 6.39 15.61 38.03
N ASN D 178 5.92 15.47 39.28
CA ASN D 178 5.58 16.66 40.12
C ASN D 178 6.72 17.03 41.04
N PHE D 179 6.65 18.30 41.43
CA PHE D 179 7.67 18.97 42.18
C PHE D 179 7.05 20.03 43.12
N ASP D 180 7.87 20.45 44.06
CA ASP D 180 7.55 21.31 45.18
C ASP D 180 8.63 22.38 45.27
N GLY D 181 8.28 23.56 45.78
CA GLY D 181 9.26 24.56 46.12
C GLY D 181 9.90 24.18 47.44
N ASN D 182 11.21 23.91 47.40
CA ASN D 182 12.03 23.65 48.57
C ASN D 182 12.85 24.90 48.92
N ILE D 183 12.72 25.35 50.15
CA ILE D 183 13.35 26.58 50.63
C ILE D 183 14.82 26.39 51.05
N ASN D 184 15.68 27.27 50.57
CA ASN D 184 17.05 27.33 51.03
C ASN D 184 17.28 28.52 51.95
N GLU D 185 16.87 29.70 51.51
CA GLU D 185 17.07 30.95 52.24
C GLU D 185 15.75 31.72 52.37
N VAL D 186 15.53 32.28 53.55
CA VAL D 186 14.47 33.28 53.77
C VAL D 186 15.09 34.58 54.30
N PHE D 187 14.84 35.71 53.63
CA PHE D 187 15.25 37.03 54.15
C PHE D 187 14.05 37.87 54.53
N VAL D 188 14.27 38.85 55.38
CA VAL D 188 13.23 39.75 55.91
C VAL D 188 13.77 41.14 55.86
N ASN D 189 12.96 42.05 55.34
CA ASN D 189 13.28 43.47 55.37
C ASN D 189 12.13 44.19 56.08
N GLN D 190 12.26 44.31 57.39
CA GLN D 190 11.19 44.79 58.24
C GLN D 190 11.30 46.28 58.36
N THR D 191 10.24 46.99 57.99
CA THR D 191 9.99 48.36 58.44
C THR D 191 8.60 48.35 59.06
N SER D 192 8.17 49.46 59.67
CA SER D 192 6.82 49.48 60.27
C SER D 192 5.72 49.59 59.21
N ALA D 193 5.88 50.47 58.22
CA ALA D 193 4.89 50.56 57.14
C ALA D 193 4.92 49.30 56.24
N ARG D 194 6.10 48.81 55.83
CA ARG D 194 6.11 47.55 55.11
C ARG D 194 7.26 46.58 55.37
N THR D 195 6.93 45.30 55.15
CA THR D 195 7.84 44.22 55.35
C THR D 195 7.91 43.30 54.10
N LEU D 196 9.12 43.10 53.61
CA LEU D 196 9.39 42.33 52.43
C LEU D 196 10.02 41.03 52.90
N VAL D 197 9.33 39.91 52.69
CA VAL D 197 9.89 38.59 52.97
C VAL D 197 10.35 38.02 51.65
N THR D 198 11.55 37.47 51.60
CA THR D 198 12.12 36.98 50.35
C THR D 198 12.54 35.52 50.53
N VAL D 199 11.90 34.62 49.81
CA VAL D 199 12.15 33.19 49.90
C VAL D 199 12.80 32.68 48.62
N ARG D 200 13.93 31.97 48.70
CA ARG D 200 14.56 31.37 47.51
C ARG D 200 14.69 29.87 47.63
N GLY D 201 14.82 29.22 46.47
CA GLY D 201 14.94 27.81 46.45
C GLY D 201 15.03 27.20 45.07
N ASN D 202 14.59 25.94 45.02
CA ASN D 202 14.58 25.11 43.83
CA ASN D 202 14.49 25.20 43.78
C ASN D 202 13.26 24.34 43.88
N HIS D 203 12.94 23.68 42.79
CA HIS D 203 11.85 22.76 42.75
C HIS D 203 12.45 21.36 42.77
N THR D 204 12.06 20.59 43.80
CA THR D 204 12.46 19.20 44.05
C THR D 204 11.30 18.19 43.82
N VAL D 205 11.60 16.99 43.27
CA VAL D 205 10.56 15.93 43.10
C VAL D 205 9.74 15.64 44.32
N THR D 206 8.50 15.26 44.04
CA THR D 206 7.58 14.65 45.00
C THR D 206 7.10 13.35 44.33
N ASP D 207 5.96 13.37 43.66
CA ASP D 207 5.47 12.16 42.98
C ASP D 207 6.11 12.01 41.60
N GLY D 208 5.89 10.85 40.99
CA GLY D 208 6.25 10.62 39.60
C GLY D 208 7.71 10.27 39.38
N THR D 209 8.14 10.41 38.14
CA THR D 209 9.41 9.88 37.66
C THR D 209 10.56 10.77 38.19
N ASP D 210 11.68 10.14 38.54
CA ASP D 210 12.72 10.82 39.31
C ASP D 210 13.49 11.90 38.48
N HIS D 211 13.89 12.98 39.14
CA HIS D 211 14.49 14.16 38.46
C HIS D 211 15.32 14.99 39.47
N ASP D 212 16.46 15.52 39.02
CA ASP D 212 17.34 16.32 39.93
C ASP D 212 16.69 17.67 40.26
N PRO D 213 17.10 18.32 41.36
CA PRO D 213 16.44 19.63 41.59
C PRO D 213 16.69 20.62 40.47
N TRP D 214 15.67 21.44 40.15
CA TRP D 214 15.73 22.45 39.06
C TRP D 214 14.75 23.62 39.23
N LEU D 215 14.75 24.52 38.24
CA LEU D 215 13.87 25.66 38.18
C LEU D 215 13.94 26.52 39.44
N PRO D 216 15.11 27.16 39.63
CA PRO D 216 15.33 28.00 40.79
C PRO D 216 14.29 29.07 40.85
N PHE D 217 13.81 29.38 42.06
CA PHE D 217 12.80 30.39 42.25
C PHE D 217 13.28 31.44 43.22
N VAL D 218 12.67 32.59 43.15
CA VAL D 218 12.66 33.55 44.25
C VAL D 218 11.27 34.19 44.27
N VAL D 219 10.62 34.11 45.43
CA VAL D 219 9.31 34.68 45.63
C VAL D 219 9.40 35.79 46.67
N ARG D 220 8.79 36.93 46.39
CA ARG D 220 8.84 38.03 47.31
C ARG D 220 7.46 38.43 47.82
N PHE D 221 7.32 38.65 49.12
CA PHE D 221 6.04 38.93 49.74
C PHE D 221 6.07 40.31 50.39
N TYR D 222 5.23 41.21 49.88
CA TYR D 222 5.17 42.56 50.38
C TYR D 222 3.93 42.63 51.26
N LEU D 223 4.15 42.91 52.53
CA LEU D 223 3.06 43.09 53.46
C LEU D 223 3.12 44.56 53.82
N TYR D 224 1.96 45.19 53.95
CA TYR D 224 1.89 46.54 54.45
C TYR D 224 1.05 46.58 55.70
N ALA D 225 1.32 47.62 56.47
CA ALA D 225 0.63 47.81 57.72
C ALA D 225 -0.82 48.02 57.34
N ASN D 226 -1.70 47.43 58.17
CA ASN D 226 -3.13 47.56 58.03
C ASN D 226 -3.73 46.94 56.74
N SER D 227 -2.98 46.09 56.05
CA SER D 227 -3.49 45.38 54.89
C SER D 227 -3.62 43.86 55.08
N ALA D 228 -4.72 43.31 54.55
CA ALA D 228 -4.88 41.88 54.30
C ALA D 228 -4.63 41.53 52.83
N THR D 229 -4.00 42.45 52.11
CA THR D 229 -3.58 42.22 50.73
C THR D 229 -2.11 41.91 50.80
N ILE D 230 -1.69 40.93 50.00
CA ILE D 230 -0.28 40.56 49.84
C ILE D 230 0.08 40.55 48.35
N LYS D 231 1.06 41.37 47.97
CA LYS D 231 1.68 41.35 46.64
C LYS D 231 2.81 40.33 46.66
N VAL D 232 2.80 39.41 45.68
CA VAL D 232 3.65 38.25 45.67
C VAL D 232 4.38 38.21 44.34
N MET D 233 5.57 38.83 44.23
CA MET D 233 6.35 38.77 42.98
C MET D 233 7.04 37.45 42.91
N HIS D 234 6.82 36.69 41.84
CA HIS D 234 7.26 35.29 41.75
C HIS D 234 8.15 35.13 40.53
N SER D 235 9.39 34.74 40.75
CA SER D 235 10.42 34.72 39.68
C SER D 235 10.98 33.31 39.52
N ILE D 236 11.28 32.93 38.28
CA ILE D 236 11.92 31.63 38.00
C ILE D 236 12.94 31.72 36.88
N VAL D 237 13.98 30.92 36.99
CA VAL D 237 15.00 30.77 35.97
C VAL D 237 14.69 29.38 35.39
N PHE D 238 14.63 29.31 34.05
CA PHE D 238 14.58 28.03 33.37
C PHE D 238 16.01 27.45 33.24
N ASP D 239 16.33 26.44 34.04
CA ASP D 239 17.64 25.76 34.02
C ASP D 239 17.52 24.35 33.48
N GLY D 240 16.38 24.04 32.87
CA GLY D 240 16.22 22.76 32.23
C GLY D 240 16.92 22.66 30.90
N ASP D 241 16.88 21.44 30.37
CA ASP D 241 17.37 21.11 29.04
C ASP D 241 16.23 20.66 28.06
N GLU D 242 16.65 20.21 26.87
CA GLU D 242 15.79 19.69 25.81
CA GLU D 242 15.76 19.73 25.83
C GLU D 242 14.77 18.61 26.23
N ASN D 243 14.99 17.93 27.37
CA ASN D 243 14.01 16.88 27.81
C ASN D 243 13.11 17.33 28.95
N ASP D 244 13.19 18.62 29.28
CA ASP D 244 12.34 19.23 30.27
C ASP D 244 11.24 20.04 29.56
N PHE D 245 10.02 19.56 29.69
CA PHE D 245 8.85 20.24 29.18
C PHE D 245 7.91 20.59 30.34
N ILE D 246 7.87 21.89 30.69
CA ILE D 246 7.04 22.36 31.77
C ILE D 246 5.58 22.12 31.36
N THR D 247 4.81 21.59 32.30
CA THR D 247 3.47 21.12 32.10
C THR D 247 2.42 21.90 32.94
N GLY D 248 2.79 22.21 34.19
CA GLY D 248 2.00 23.00 35.13
C GLY D 248 2.96 23.83 35.98
N LEU D 249 2.63 25.09 36.20
CA LEU D 249 3.36 25.92 37.11
C LEU D 249 2.32 26.68 37.90
N GLY D 250 2.44 26.70 39.23
CA GLY D 250 1.41 27.32 40.07
C GLY D 250 1.76 27.58 41.52
N ILE D 251 0.80 28.12 42.25
CA ILE D 251 0.90 28.38 43.69
C ILE D 251 -0.37 27.88 44.29
N ARG D 252 -0.29 27.28 45.47
CA ARG D 252 -1.42 26.55 46.05
C ARG D 252 -1.54 26.76 47.53
N PHE D 253 -2.78 26.78 48.01
CA PHE D 253 -3.09 26.92 49.41
C PHE D 253 -4.17 25.95 49.78
N ASP D 254 -4.21 25.58 51.06
CA ASP D 254 -5.29 24.80 51.66
C ASP D 254 -6.22 25.85 52.27
N VAL D 255 -7.49 25.55 52.33
CA VAL D 255 -8.46 26.44 52.96
C VAL D 255 -9.28 25.58 53.91
N PRO D 256 -9.21 25.86 55.23
CA PRO D 256 -9.91 24.99 56.17
C PRO D 256 -11.41 25.25 56.17
N LEU D 257 -12.19 24.22 55.90
CA LEU D 257 -13.63 24.37 55.81
C LEU D 257 -14.39 23.56 56.86
N LYS D 258 -13.74 22.61 57.53
CA LYS D 258 -14.39 21.62 58.38
C LYS D 258 -15.68 22.02 59.13
N GLY D 259 -15.70 23.19 59.77
CA GLY D 259 -16.90 23.52 60.60
C GLY D 259 -18.14 24.08 59.92
N GLU D 260 -18.16 24.02 58.59
CA GLU D 260 -18.96 24.91 57.76
C GLU D 260 -19.96 24.10 57.00
N GLU D 261 -21.23 24.48 57.07
CA GLU D 261 -22.27 23.83 56.29
C GLU D 261 -21.92 23.94 54.79
N TYR D 262 -22.08 22.88 54.03
CA TYR D 262 -21.82 22.95 52.59
C TYR D 262 -22.52 24.18 51.96
N TYR D 263 -23.72 24.52 52.43
CA TYR D 263 -24.47 25.70 51.92
C TYR D 263 -23.97 27.06 52.38
N ASP D 264 -22.93 27.07 53.17
CA ASP D 264 -22.26 28.29 53.64
C ASP D 264 -20.82 28.40 53.12
N ARG D 265 -20.40 27.44 52.28
CA ARG D 265 -19.08 27.49 51.65
C ARG D 265 -19.23 28.13 50.30
N HIS D 266 -18.34 29.07 49.98
CA HIS D 266 -18.49 29.90 48.81
C HIS D 266 -17.35 29.81 47.80
N ILE D 267 -17.75 29.82 46.52
CA ILE D 267 -16.84 29.84 45.39
C ILE D 267 -17.08 31.12 44.60
N ARG D 268 -16.02 31.83 44.24
CA ARG D 268 -16.18 32.92 43.32
C ARG D 268 -15.07 32.88 42.33
N PHE D 269 -15.34 33.33 41.10
CA PHE D 269 -14.28 33.62 40.11
C PHE D 269 -14.57 34.96 39.52
N ALA D 270 -13.52 35.73 39.26
CA ALA D 270 -13.68 36.96 38.50
C ALA D 270 -13.94 36.56 37.06
N GLY D 271 -14.86 37.28 36.45
CA GLY D 271 -15.28 37.01 35.12
C GLY D 271 -14.74 38.05 34.19
N VAL D 272 -15.59 38.48 33.27
CA VAL D 272 -15.21 39.42 32.26
C VAL D 272 -15.51 40.83 32.72
N ASP D 273 -14.52 41.72 32.51
CA ASP D 273 -14.54 43.09 33.05
C ASP D 273 -14.72 43.09 34.58
N GLY D 274 -15.84 43.64 35.05
CA GLY D 274 -16.11 43.67 36.47
C GLY D 274 -17.01 42.55 36.91
N GLY D 275 -16.95 41.40 36.25
CA GLY D 275 -17.86 40.30 36.57
C GLY D 275 -17.40 39.38 37.69
N ILE D 276 -18.37 38.78 38.38
CA ILE D 276 -18.07 37.76 39.36
C ILE D 276 -19.06 36.61 39.24
N PHE D 277 -18.52 35.40 39.15
CA PHE D 277 -19.28 34.17 39.24
C PHE D 277 -19.50 33.91 40.71
N ASN D 278 -20.72 33.60 41.15
CA ASN D 278 -21.07 33.48 42.59
C ASN D 278 -21.81 32.19 42.82
N GLU D 279 -21.13 31.18 43.36
CA GLU D 279 -21.84 29.94 43.73
C GLU D 279 -21.50 29.52 45.11
N ALA D 280 -22.29 28.56 45.57
CA ALA D 280 -22.01 27.88 46.81
C ALA D 280 -21.79 26.37 46.56
N VAL D 281 -21.11 25.70 47.49
CA VAL D 281 -20.78 24.27 47.35
C VAL D 281 -22.04 23.38 47.39
N GLN D 282 -23.03 23.77 48.18
CA GLN D 282 -24.37 23.22 48.08
C GLN D 282 -25.38 24.35 47.81
N GLY D 283 -25.78 24.46 46.53
CA GLY D 283 -26.82 25.39 46.07
C GLY D 283 -28.23 25.13 46.61
N ILE D 284 -28.78 26.19 47.19
CA ILE D 284 -30.11 26.29 47.72
C ILE D 284 -31.06 27.23 46.88
N THR D 285 -30.48 27.93 45.93
CA THR D 285 -31.23 28.67 44.95
C THR D 285 -31.52 27.70 43.83
N GLY D 286 -32.58 27.98 43.07
CA GLY D 286 -32.91 27.29 41.85
C GLY D 286 -33.39 25.87 41.98
N LEU D 287 -33.86 25.49 43.17
CA LEU D 287 -34.41 24.17 43.41
C LEU D 287 -35.91 24.15 43.09
N ARG D 288 -36.49 22.96 43.13
CA ARG D 288 -37.90 22.80 42.92
C ARG D 288 -38.70 23.43 44.04
N ARG D 289 -38.23 23.33 45.27
CA ARG D 289 -38.87 24.00 46.39
C ARG D 289 -38.09 25.21 46.85
N ASP D 290 -38.81 26.17 47.44
CA ASP D 290 -38.24 27.42 47.88
C ASP D 290 -37.95 27.32 49.39
N PRO D 291 -36.68 27.43 49.78
CA PRO D 291 -36.40 27.37 51.22
C PRO D 291 -36.89 28.61 51.89
N GLY D 292 -36.94 29.71 51.13
CA GLY D 292 -37.29 31.04 51.62
C GLY D 292 -36.54 32.10 50.84
N GLU D 293 -37.22 33.15 50.44
CA GLU D 293 -36.58 34.20 49.69
C GLU D 293 -35.43 34.89 50.44
N GLU D 294 -35.51 35.08 51.76
CA GLU D 294 -34.41 35.75 52.50
C GLU D 294 -33.18 34.84 52.50
N ILE D 295 -33.42 33.55 52.67
CA ILE D 295 -32.40 32.56 52.73
C ILE D 295 -31.68 32.48 51.41
N ARG D 296 -32.38 32.36 50.29
CA ARG D 296 -31.75 32.35 48.97
C ARG D 296 -30.86 33.56 48.66
N ALA D 297 -31.35 34.76 48.96
CA ALA D 297 -30.57 36.00 48.74
C ALA D 297 -29.32 36.04 49.63
N ALA D 298 -29.45 35.43 50.80
CA ALA D 298 -28.34 35.30 51.72
C ALA D 298 -27.22 34.43 51.08
N GLN D 299 -27.56 33.25 50.54
CA GLN D 299 -26.56 32.40 49.91
C GLN D 299 -25.84 33.10 48.77
N PHE D 300 -26.63 33.76 47.94
CA PHE D 300 -26.08 34.47 46.81
C PHE D 300 -25.11 35.59 47.27
N ALA D 301 -25.41 36.21 48.41
CA ALA D 301 -24.59 37.33 48.91
C ALA D 301 -23.35 36.90 49.69
N GLY D 302 -23.22 35.60 49.96
CA GLY D 302 -22.10 35.04 50.75
C GLY D 302 -22.25 35.07 52.28
N GLN D 303 -23.50 35.05 52.76
CA GLN D 303 -23.76 35.15 54.19
C GLN D 303 -24.10 33.78 54.74
N LYS D 304 -23.89 33.62 56.05
CA LYS D 304 -24.28 32.44 56.82
C LYS D 304 -25.77 32.33 56.73
N LEU D 305 -26.29 31.22 56.23
CA LEU D 305 -27.74 31.04 56.13
C LEU D 305 -28.36 30.86 57.50
N ALA D 306 -29.65 31.15 57.58
CA ALA D 306 -30.34 31.04 58.85
C ALA D 306 -30.39 29.59 59.28
N ASP D 307 -30.74 29.40 60.54
CA ASP D 307 -30.94 28.10 61.13
C ASP D 307 -31.93 27.31 60.26
N THR D 308 -31.68 26.02 60.08
CA THR D 308 -32.57 25.19 59.24
C THR D 308 -34.03 25.13 59.77
N GLU D 309 -34.20 25.34 61.08
CA GLU D 309 -35.52 25.51 61.73
C GLU D 309 -36.42 26.62 61.16
N THR D 310 -35.82 27.66 60.59
CA THR D 310 -36.58 28.70 59.91
C THR D 310 -36.84 28.44 58.43
N TRP D 311 -36.28 27.38 57.85
CA TRP D 311 -36.42 27.10 56.40
C TRP D 311 -37.79 26.47 56.17
N GLU D 312 -38.12 26.20 54.93
CA GLU D 312 -39.35 25.55 54.59
C GLU D 312 -39.01 24.04 54.50
N PRO D 313 -39.60 23.20 55.36
CA PRO D 313 -39.13 21.81 55.52
C PRO D 313 -39.09 20.91 54.29
N ARG D 314 -39.86 21.21 53.25
CA ARG D 314 -39.73 20.44 52.01
C ARG D 314 -38.33 20.59 51.37
N VAL D 315 -37.56 21.61 51.80
CA VAL D 315 -36.15 21.78 51.42
C VAL D 315 -35.13 21.26 52.45
N SER D 316 -35.24 21.68 53.70
CA SER D 316 -34.23 21.39 54.73
C SER D 316 -34.19 19.92 55.00
N THR D 317 -35.32 19.24 54.90
CA THR D 317 -35.32 17.77 55.08
C THR D 317 -34.77 16.98 53.89
N ARG D 318 -34.35 17.65 52.81
CA ARG D 318 -33.94 16.97 51.58
C ARG D 318 -32.54 17.36 51.12
N LEU D 319 -31.79 18.01 52.01
CA LEU D 319 -30.44 18.49 51.71
C LEU D 319 -29.53 17.38 51.24
N LYS D 320 -29.71 16.18 51.79
CA LYS D 320 -28.95 15.00 51.40
C LYS D 320 -28.90 14.79 49.87
N TRP D 321 -30.03 15.04 49.20
CA TRP D 321 -30.20 14.80 47.75
C TRP D 321 -29.78 15.98 46.83
N ILE D 322 -29.35 17.08 47.43
CA ILE D 322 -28.83 18.14 46.64
C ILE D 322 -27.35 17.89 46.49
N PRO D 323 -26.84 17.82 45.25
CA PRO D 323 -25.44 17.50 45.02
C PRO D 323 -24.49 18.46 45.68
N THR D 324 -23.27 18.00 45.90
CA THR D 324 -22.24 18.78 46.57
C THR D 324 -21.11 18.99 45.55
N TRP D 325 -20.64 20.21 45.35
CA TRP D 325 -19.69 20.55 44.25
C TRP D 325 -18.28 20.79 44.74
N ALA D 326 -17.42 19.79 44.57
CA ALA D 326 -16.11 19.78 45.20
C ALA D 326 -15.08 20.54 44.42
N ASP D 327 -15.12 20.43 43.09
CA ASP D 327 -14.05 20.96 42.23
C ASP D 327 -14.61 21.95 41.24
N TYR D 328 -13.88 23.04 40.99
CA TYR D 328 -14.21 24.02 39.99
C TYR D 328 -12.94 24.31 39.23
N GLY D 329 -12.99 24.29 37.90
CA GLY D 329 -11.81 24.66 37.11
C GLY D 329 -12.03 25.75 36.06
N LEU D 330 -11.29 26.86 36.18
CA LEU D 330 -11.22 27.85 35.12
C LEU D 330 -9.89 27.73 34.40
N THR D 331 -9.95 27.54 33.08
CA THR D 331 -8.81 27.44 32.17
C THR D 331 -8.89 28.52 31.06
N GLN D 332 -7.82 29.31 30.94
CA GLN D 332 -7.72 30.41 29.98
C GLN D 332 -6.57 30.02 29.07
N LEU D 333 -6.84 29.30 27.98
CA LEU D 333 -5.81 28.64 27.16
C LEU D 333 -5.46 29.42 25.89
N THR D 334 -6.23 30.45 25.57
CA THR D 334 -5.89 31.46 24.58
C THR D 334 -6.07 32.80 25.28
N ALA D 335 -5.63 33.87 24.63
CA ALA D 335 -5.94 35.24 25.07
C ALA D 335 -7.41 35.66 24.85
N ASP D 336 -8.18 34.86 24.13
CA ASP D 336 -9.50 35.26 23.73
C ASP D 336 -10.64 34.48 24.33
N GLY D 337 -10.37 33.37 25.02
CA GLY D 337 -11.45 32.49 25.45
C GLY D 337 -11.10 31.66 26.66
N PHE D 338 -12.05 31.49 27.58
CA PHE D 338 -11.78 30.66 28.76
C PHE D 338 -12.93 29.71 28.98
N GLY D 339 -12.59 28.53 29.51
CA GLY D 339 -13.55 27.51 29.90
C GLY D 339 -13.74 27.46 31.39
N LEU D 340 -14.94 27.13 31.83
CA LEU D 340 -15.25 26.97 33.23
C LEU D 340 -16.14 25.76 33.42
N LYS D 341 -15.86 24.99 34.45
CA LYS D 341 -16.56 23.71 34.70
C LYS D 341 -16.48 23.30 36.12
N LYS D 342 -17.41 22.49 36.59
CA LYS D 342 -17.34 22.00 37.98
C LYS D 342 -17.66 20.51 38.07
N ARG D 343 -17.36 19.92 39.22
CA ARG D 343 -17.48 18.46 39.41
C ARG D 343 -17.88 18.14 40.83
N THR D 344 -18.81 17.20 40.99
CA THR D 344 -19.26 16.83 42.36
C THR D 344 -18.11 16.20 43.11
N LYS D 345 -17.52 15.20 42.47
CA LYS D 345 -16.22 14.61 42.87
C LYS D 345 -15.53 13.73 41.75
N ALA D 346 -14.28 13.31 42.00
CA ALA D 346 -13.51 12.51 41.02
C ALA D 346 -14.15 11.16 40.86
N GLY D 347 -14.13 10.64 39.65
CA GLY D 347 -14.97 9.50 39.26
C GLY D 347 -16.21 9.88 38.44
N GLN D 348 -16.61 11.15 38.51
CA GLN D 348 -17.76 11.68 37.82
C GLN D 348 -17.33 12.62 36.72
N SER D 349 -18.20 12.85 35.74
CA SER D 349 -17.92 13.84 34.69
C SER D 349 -17.97 15.26 35.20
N TRP D 350 -17.37 16.18 34.45
CA TRP D 350 -17.49 17.59 34.74
C TRP D 350 -18.74 18.14 34.07
N VAL D 351 -19.35 19.09 34.74
CA VAL D 351 -20.49 19.84 34.23
C VAL D 351 -19.91 21.17 33.74
N ASN D 352 -20.07 21.40 32.44
CA ASN D 352 -19.68 22.65 31.84
C ASN D 352 -20.56 23.82 32.31
N ILE D 353 -19.91 24.98 32.50
CA ILE D 353 -20.52 26.22 33.04
C ILE D 353 -20.43 27.30 31.93
N PRO D 354 -21.46 28.16 31.82
CA PRO D 354 -21.45 29.25 30.86
C PRO D 354 -20.27 30.14 31.11
N SER D 355 -19.38 30.21 30.15
CA SER D 355 -18.09 30.87 30.28
C SER D 355 -18.04 32.14 29.40
N GLY D 356 -16.86 32.55 28.96
CA GLY D 356 -16.70 33.80 28.27
C GLY D 356 -15.32 34.02 27.67
N THR D 357 -15.05 35.29 27.39
CA THR D 357 -13.86 35.67 26.67
C THR D 357 -12.57 35.72 27.52
N ARG D 358 -12.51 36.70 28.42
CA ARG D 358 -11.30 37.08 29.14
C ARG D 358 -11.54 37.24 30.64
N ALA D 359 -11.09 36.23 31.36
CA ALA D 359 -11.28 36.13 32.77
C ALA D 359 -10.27 37.02 33.41
N GLU D 360 -10.71 37.86 34.36
CA GLU D 360 -9.84 38.86 35.01
C GLU D 360 -8.91 38.27 36.12
N GLY D 361 -9.08 37.00 36.43
CA GLY D 361 -7.98 36.21 37.02
C GLY D 361 -7.82 36.10 38.53
N LEU D 362 -8.95 36.10 39.22
CA LEU D 362 -9.02 35.87 40.66
C LEU D 362 -10.01 34.78 40.99
N ALA D 363 -9.77 34.11 42.11
CA ALA D 363 -10.67 33.12 42.63
C ALA D 363 -10.62 33.07 44.15
N TYR D 364 -11.79 32.89 44.75
CA TYR D 364 -11.96 32.83 46.20
C TYR D 364 -12.49 31.45 46.60
N LEU D 365 -12.01 30.93 47.73
CA LEU D 365 -12.58 29.77 48.41
C LEU D 365 -12.65 30.07 49.90
N GLY D 366 -13.81 29.84 50.49
CA GLY D 366 -13.98 30.04 51.91
C GLY D 366 -15.44 29.92 52.28
N GLY D 367 -15.79 30.49 53.43
CA GLY D 367 -17.17 30.43 53.94
C GLY D 367 -17.57 31.62 54.81
N ALA D 368 -18.82 31.63 55.20
CA ALA D 368 -19.39 32.74 55.97
C ALA D 368 -18.82 32.78 57.40
N THR D 369 -18.51 31.60 57.91
CA THR D 369 -18.11 31.38 59.29
C THR D 369 -16.59 31.17 59.31
N GLN D 370 -16.07 30.27 58.48
CA GLN D 370 -14.62 29.96 58.49
C GLN D 370 -13.75 31.00 57.76
N GLY D 371 -14.35 31.95 57.06
CA GLY D 371 -13.60 32.92 56.24
C GLY D 371 -12.85 32.25 55.11
N GLY D 372 -11.92 32.96 54.49
CA GLY D 372 -11.12 32.32 53.48
C GLY D 372 -10.21 33.24 52.72
N LEU D 373 -9.92 32.81 51.48
CA LEU D 373 -8.78 33.30 50.73
C LEU D 373 -9.08 33.49 49.25
N ALA D 374 -8.71 34.65 48.72
CA ALA D 374 -8.62 34.82 47.28
C ALA D 374 -7.17 34.89 46.81
N VAL D 375 -6.91 34.33 45.64
CA VAL D 375 -5.62 34.38 45.03
C VAL D 375 -5.86 34.88 43.60
N GLY D 376 -4.88 35.55 42.98
CA GLY D 376 -5.04 36.00 41.60
C GLY D 376 -3.74 36.42 40.93
N LEU D 377 -3.76 36.47 39.62
CA LEU D 377 -2.59 36.86 38.85
C LEU D 377 -2.89 38.15 38.07
N ARG D 378 -2.10 39.20 38.28
CA ARG D 378 -2.12 40.40 37.45
C ARG D 378 -1.94 40.07 35.99
N ASP D 379 -2.71 40.73 35.12
CA ASP D 379 -2.74 40.44 33.66
C ASP D 379 -3.08 38.96 33.24
N PHE D 380 -3.82 38.21 34.06
CA PHE D 380 -4.15 36.79 33.86
C PHE D 380 -4.26 36.37 32.38
N TRP D 381 -5.23 36.88 31.67
CA TRP D 381 -5.52 36.42 30.31
C TRP D 381 -4.46 36.85 29.31
N LYS D 382 -3.72 37.91 29.59
CA LYS D 382 -2.61 38.31 28.73
C LYS D 382 -1.32 37.49 28.90
N ARG D 383 -1.28 36.62 29.90
CA ARG D 383 -0.13 35.81 30.16
C ARG D 383 -0.51 34.32 30.09
N TYR D 384 -1.54 34.06 29.29
CA TYR D 384 -2.08 32.71 29.07
C TYR D 384 -0.94 31.81 28.55
N PRO D 385 -1.04 30.50 28.71
CA PRO D 385 -2.19 29.77 29.27
C PRO D 385 -2.09 29.67 30.77
N VAL D 386 -3.18 30.03 31.45
CA VAL D 386 -3.24 30.11 32.88
C VAL D 386 -4.54 29.46 33.38
N GLY D 387 -4.70 29.40 34.70
CA GLY D 387 -5.92 28.88 35.26
C GLY D 387 -6.10 29.03 36.75
N LEU D 388 -7.30 28.69 37.20
CA LEU D 388 -7.64 28.70 38.61
C LEU D 388 -8.42 27.44 38.94
N ASP D 389 -8.11 26.82 40.06
CA ASP D 389 -8.80 25.61 40.53
C ASP D 389 -9.19 25.75 42.00
N ILE D 390 -10.43 25.42 42.33
CA ILE D 390 -10.85 25.11 43.69
C ILE D 390 -10.94 23.59 43.69
N SER D 391 -10.48 22.92 44.76
CA SER D 391 -10.68 21.45 44.85
C SER D 391 -11.06 20.96 46.26
N ASN D 392 -11.75 19.84 46.31
CA ASN D 392 -12.18 19.22 47.57
C ASN D 392 -12.92 20.19 48.48
N ALA D 393 -13.77 21.01 47.87
CA ALA D 393 -14.56 22.00 48.61
C ALA D 393 -15.72 21.36 49.40
N ALA D 394 -15.94 20.05 49.25
CA ALA D 394 -16.83 19.29 50.12
C ALA D 394 -16.13 18.56 51.29
N SER D 395 -14.82 18.78 51.45
CA SER D 395 -13.99 18.14 52.50
C SER D 395 -13.71 19.11 53.63
N ASP D 396 -13.03 18.59 54.63
CA ASP D 396 -12.56 19.39 55.76
C ASP D 396 -11.55 20.47 55.33
N THR D 397 -10.83 20.21 54.25
CA THR D 397 -9.80 21.10 53.77
C THR D 397 -9.89 21.14 52.25
N GLY D 398 -10.19 22.32 51.69
CA GLY D 398 -10.13 22.53 50.23
C GLY D 398 -8.79 23.11 49.84
N GLU D 399 -8.44 22.94 48.57
CA GLU D 399 -7.28 23.59 47.98
C GLU D 399 -7.75 24.66 47.00
N LEU D 400 -7.00 25.76 46.96
CA LEU D 400 -7.14 26.85 45.99
C LEU D 400 -5.79 26.99 45.36
N THR D 401 -5.76 26.96 44.02
CA THR D 401 -4.54 26.80 43.19
C THR D 401 -4.59 27.82 42.04
N LEU D 402 -3.51 28.57 41.86
CA LEU D 402 -3.39 29.46 40.72
C LEU D 402 -2.37 28.83 39.82
N TRP D 403 -2.70 28.67 38.56
CA TRP D 403 -1.77 28.12 37.59
C TRP D 403 -1.18 29.25 36.77
N LEU D 404 0.12 29.47 36.88
CA LEU D 404 0.84 30.38 36.02
C LEU D 404 1.11 29.81 34.63
N TYR D 405 1.08 28.49 34.57
CA TYR D 405 1.05 27.75 33.35
C TYR D 405 0.05 26.61 33.60
N SER D 406 -0.97 26.47 32.77
CA SER D 406 -1.99 25.46 32.96
C SER D 406 -1.65 24.13 32.34
N PRO D 407 -1.84 23.07 33.12
CA PRO D 407 -1.79 21.72 32.54
C PRO D 407 -2.80 21.42 31.40
N ALA D 408 -3.90 22.18 31.29
CA ALA D 408 -4.83 22.01 30.15
C ALA D 408 -4.29 22.54 28.82
N ALA D 409 -3.23 23.32 28.88
CA ALA D 409 -2.49 23.73 27.68
C ALA D 409 -1.52 22.63 27.21
N GLU D 410 -1.00 22.80 26.01
CA GLU D 410 0.12 22.03 25.51
C GLU D 410 1.34 22.24 26.39
N PRO D 411 2.20 21.23 26.47
CA PRO D 411 3.42 21.42 27.21
C PRO D 411 4.26 22.61 26.64
N LEU D 412 4.86 23.38 27.53
CA LEU D 412 5.77 24.45 27.17
C LEU D 412 7.05 23.87 26.55
N ASP D 413 7.21 24.16 25.26
CA ASP D 413 8.32 23.70 24.47
C ASP D 413 9.23 24.89 24.13
N LEU D 414 10.37 24.97 24.81
CA LEU D 414 11.34 26.02 24.55
C LEU D 414 12.46 25.63 23.57
N ARG D 415 12.40 24.43 22.97
CA ARG D 415 13.50 23.95 22.11
C ARG D 415 13.58 24.76 20.81
N PRO D 416 14.70 24.64 20.05
CA PRO D 416 14.77 25.54 18.88
C PRO D 416 13.67 25.33 17.82
N PHE D 417 13.27 26.42 17.16
CA PHE D 417 12.26 26.33 16.12
C PHE D 417 12.77 25.72 14.80
N HIS D 418 14.08 25.79 14.51
CA HIS D 418 14.61 25.02 13.38
C HIS D 418 15.84 24.22 13.78
N ASP D 419 16.30 23.34 12.89
CA ASP D 419 17.42 22.40 13.15
C ASP D 419 18.81 22.83 12.69
N GLY D 420 18.89 23.99 12.06
CA GLY D 420 20.13 24.57 11.56
C GLY D 420 20.08 24.75 10.06
N LEU D 421 19.24 23.99 9.40
CA LEU D 421 19.04 24.08 7.96
C LEU D 421 20.29 23.59 7.21
N GLY D 422 21.12 22.81 7.91
CA GLY D 422 22.40 22.34 7.38
C GLY D 422 23.45 23.43 7.29
N GLN D 423 23.31 24.51 8.06
CA GLN D 423 24.39 25.50 8.15
C GLN D 423 25.56 24.81 8.84
N ASP D 424 26.76 25.02 8.29
CA ASP D 424 28.01 24.44 8.79
C ASP D 424 29.13 25.51 8.84
N GLY D 425 29.32 26.10 10.01
CA GLY D 425 30.34 27.14 10.21
C GLY D 425 29.88 28.54 9.87
N TYR D 426 30.73 29.53 10.20
CA TYR D 426 30.41 30.96 10.07
C TYR D 426 30.12 31.47 8.66
N GLU D 427 30.70 30.86 7.64
CA GLU D 427 30.49 31.35 6.28
C GLU D 427 29.00 31.15 5.90
N ASP D 428 28.43 29.99 6.27
CA ASP D 428 27.04 29.65 6.02
C ASP D 428 26.06 30.45 6.89
N GLN D 429 26.41 30.63 8.15
CA GLN D 429 25.60 31.38 9.12
C GLN D 429 25.40 32.84 8.71
N LEU D 430 26.47 33.43 8.18
CA LEU D 430 26.43 34.79 7.69
C LEU D 430 25.73 34.87 6.34
N ASP D 431 25.75 33.78 5.58
CA ASP D 431 25.01 33.73 4.32
C ASP D 431 23.48 33.70 4.61
N ALA D 432 23.07 32.88 5.58
CA ALA D 432 21.67 32.84 6.07
C ALA D 432 21.24 34.18 6.65
N LEU D 433 22.13 34.80 7.42
CA LEU D 433 21.92 36.17 7.92
C LEU D 433 21.51 37.14 6.83
N GLU D 434 22.00 36.93 5.61
CA GLU D 434 21.74 37.88 4.52
C GLU D 434 20.34 37.82 3.99
N ILE D 435 19.62 36.70 4.26
CA ILE D 435 18.24 36.54 3.82
C ILE D 435 17.16 36.61 4.93
N THR D 436 17.35 35.95 6.07
CA THR D 436 16.35 36.02 7.17
C THR D 436 16.67 37.06 8.28
N TYR D 437 17.83 37.70 8.15
CA TYR D 437 18.43 38.56 9.19
C TYR D 437 18.70 37.86 10.52
N GLU D 438 18.81 36.54 10.52
CA GLU D 438 19.08 35.75 11.73
C GLU D 438 20.52 35.27 11.68
N ASP D 439 21.22 35.43 12.80
CA ASP D 439 22.59 34.96 12.93
C ASP D 439 22.64 33.68 13.75
N TRP D 440 22.37 32.53 13.11
CA TRP D 440 22.34 31.23 13.81
C TRP D 440 23.71 30.66 14.15
N GLU D 441 23.74 29.89 15.24
CA GLU D 441 24.87 29.07 15.62
C GLU D 441 24.41 27.87 16.45
N PRO D 442 25.03 26.69 16.26
CA PRO D 442 24.55 25.52 17.01
C PRO D 442 24.79 25.65 18.50
N GLY D 443 23.76 25.37 19.30
CA GLY D 443 23.86 25.50 20.75
C GLY D 443 23.72 26.91 21.32
N PHE D 444 23.55 27.92 20.46
CA PHE D 444 23.20 29.30 20.90
C PHE D 444 21.69 29.53 21.01
N ASP D 445 20.92 28.82 20.21
CA ASP D 445 19.45 28.85 20.28
C ASP D 445 18.89 28.11 21.51
N THR D 446 19.21 28.64 22.69
CA THR D 446 18.99 27.94 23.93
C THR D 446 18.25 28.84 24.90
N PRO D 447 17.18 28.33 25.50
CA PRO D 447 16.55 29.05 26.59
C PRO D 447 17.25 28.95 27.97
N TYR D 448 18.37 28.22 28.09
CA TYR D 448 19.03 28.00 29.40
C TYR D 448 19.39 29.30 30.11
N GLY D 449 18.76 29.56 31.24
CA GLY D 449 19.01 30.77 32.02
C GLY D 449 18.06 31.96 31.82
N ILE D 450 17.05 31.87 30.93
CA ILE D 450 16.07 32.95 30.85
C ILE D 450 15.20 32.94 32.13
N ALA D 451 14.33 33.94 32.26
CA ALA D 451 13.51 34.11 33.47
C ALA D 451 12.18 34.82 33.22
N ARG D 452 11.32 34.72 34.21
CA ARG D 452 10.06 35.38 34.17
C ARG D 452 9.47 35.58 35.53
N THR D 453 9.04 36.81 35.75
CA THR D 453 8.44 37.25 37.01
C THR D 453 6.92 37.40 36.84
N SER D 454 6.13 36.84 37.73
CA SER D 454 4.69 36.92 37.61
C SER D 454 4.22 37.61 38.86
N GLU D 455 3.30 38.56 38.74
CA GLU D 455 2.83 39.38 39.85
C GLU D 455 1.53 38.81 40.38
N VAL D 456 1.59 38.13 41.53
CA VAL D 456 0.48 37.41 42.13
C VAL D 456 -0.02 38.26 43.28
N TYR D 457 -1.24 38.02 43.73
CA TYR D 457 -1.87 38.76 44.83
C TYR D 457 -2.64 37.79 45.69
N LEU D 458 -2.46 37.89 47.01
CA LEU D 458 -3.25 37.12 47.97
C LEU D 458 -4.10 38.11 48.76
N PHE D 459 -5.36 37.77 49.00
CA PHE D 459 -6.24 38.56 49.83
C PHE D 459 -6.87 37.65 50.88
N ALA D 460 -6.82 38.04 52.14
CA ALA D 460 -7.42 37.25 53.20
C ALA D 460 -8.76 37.86 53.61
N PHE D 461 -9.68 37.02 54.14
CA PHE D 461 -11.00 37.48 54.60
C PHE D 461 -11.52 36.77 55.85
N ASP D 462 -12.03 37.54 56.82
CA ASP D 462 -12.66 36.92 58.03
C ASP D 462 -13.93 36.14 57.75
N GLN D 463 -14.65 36.57 56.71
CA GLN D 463 -15.87 35.91 56.22
C GLN D 463 -15.90 36.07 54.68
N THR D 464 -16.70 35.29 53.97
CA THR D 464 -16.89 35.53 52.54
C THR D 464 -17.22 37.03 52.30
N PRO D 465 -16.48 37.70 51.40
CA PRO D 465 -16.78 39.11 51.14
C PRO D 465 -17.95 39.32 50.16
N THR D 466 -18.25 40.58 49.90
CA THR D 466 -19.25 40.88 48.90
C THR D 466 -18.62 40.75 47.52
N SER D 467 -19.45 40.58 46.53
CA SER D 467 -18.98 40.39 45.17
C SER D 467 -18.47 41.68 44.64
N ASP D 468 -19.08 42.79 45.07
CA ASP D 468 -18.56 44.15 44.80
C ASP D 468 -17.10 44.26 45.22
N LYS D 469 -16.81 43.78 46.45
CA LYS D 469 -15.46 43.75 47.02
C LYS D 469 -14.50 42.89 46.19
N LEU D 470 -14.95 41.74 45.72
CA LEU D 470 -14.04 40.89 44.93
C LEU D 470 -13.77 41.52 43.58
N ALA D 471 -14.80 42.10 43.02
CA ALA D 471 -14.63 42.80 41.76
C ALA D 471 -13.63 43.93 41.90
N SER D 472 -13.69 44.62 43.02
CA SER D 472 -12.73 45.70 43.32
C SER D 472 -11.25 45.27 43.51
N LEU D 473 -11.05 44.19 44.29
CA LEU D 473 -9.70 43.62 44.48
C LEU D 473 -9.20 43.07 43.12
N THR D 474 -10.10 42.44 42.37
CA THR D 474 -9.73 42.03 41.03
C THR D 474 -9.23 43.22 40.21
N ALA D 475 -9.95 44.34 40.20
CA ALA D 475 -9.51 45.52 39.44
C ALA D 475 -8.23 46.16 40.01
N TYR D 476 -8.12 46.26 41.36
CA TYR D 476 -6.85 46.63 42.00
C TYR D 476 -5.64 45.86 41.44
N MET D 477 -5.80 44.54 41.45
CA MET D 477 -4.76 43.60 40.99
C MET D 477 -4.30 43.94 39.58
N ASN D 478 -5.26 44.21 38.71
CA ASN D 478 -4.97 44.46 37.29
C ASN D 478 -4.49 45.86 36.96
N ASP D 479 -4.56 46.77 37.94
CA ASP D 479 -4.07 48.15 37.77
C ASP D 479 -3.64 48.69 39.17
N PRO D 480 -2.52 48.17 39.71
CA PRO D 480 -2.14 48.50 41.07
C PRO D 480 -1.71 49.95 41.16
N PRO D 481 -2.35 50.72 42.07
CA PRO D 481 -2.08 52.12 42.28
C PRO D 481 -0.62 52.49 42.41
N VAL D 482 -0.26 53.53 41.70
CA VAL D 482 1.09 54.01 41.68
C VAL D 482 1.08 55.49 42.07
N LEU D 483 1.97 55.85 42.98
CA LEU D 483 2.32 57.25 43.24
C LEU D 483 3.60 57.57 42.50
N VAL D 484 3.72 58.80 42.01
CA VAL D 484 4.88 59.25 41.22
C VAL D 484 5.16 60.72 41.41
N ALA D 485 6.42 61.08 41.20
CA ALA D 485 6.82 62.49 41.26
C ALA D 485 6.27 63.34 40.07
N GLU D 486 6.22 64.65 40.29
CA GLU D 486 5.91 65.57 39.21
C GLU D 486 7.03 65.45 38.13
N PRO D 487 6.66 65.33 36.84
CA PRO D 487 7.66 65.24 35.78
C PRO D 487 8.67 66.39 35.78
N LYS D 488 8.13 67.58 36.02
CA LYS D 488 8.89 68.82 36.15
C LYS D 488 9.90 68.72 37.30
N TYR D 489 9.45 68.19 38.43
CA TYR D 489 10.32 68.03 39.58
C TYR D 489 11.43 67.04 39.22
N ILE D 490 11.07 65.88 38.68
CA ILE D 490 12.08 64.93 38.26
C ILE D 490 13.09 65.63 37.40
N HIS D 491 12.62 66.40 36.44
CA HIS D 491 13.54 67.07 35.52
C HIS D 491 14.56 67.99 36.21
N GLU D 492 14.06 68.91 37.04
CA GLU D 492 14.85 69.82 37.87
C GLU D 492 15.97 69.11 38.65
N THR D 493 15.67 67.98 39.29
CA THR D 493 16.66 67.30 40.16
C THR D 493 17.85 66.78 39.38
N GLN D 494 17.63 66.53 38.09
CA GLN D 494 18.61 65.90 37.20
C GLN D 494 18.99 64.51 37.72
N ALA D 495 18.04 63.83 38.36
CA ALA D 495 18.31 62.58 39.01
C ALA D 495 18.05 61.41 38.10
N LEU D 496 17.67 61.69 36.84
CA LEU D 496 17.33 60.65 35.91
C LEU D 496 17.64 61.07 34.51
N GLY D 497 18.80 61.68 34.34
CA GLY D 497 19.31 62.12 33.04
C GLY D 497 18.93 63.53 32.66
N GLU D 498 19.72 64.14 31.77
CA GLU D 498 19.53 65.51 31.32
C GLU D 498 19.10 65.57 29.85
N TYR D 499 18.95 64.40 29.24
CA TYR D 499 18.73 64.27 27.80
C TYR D 499 17.24 64.32 27.50
N TRP D 500 16.44 64.78 28.44
CA TRP D 500 15.03 64.95 28.13
C TRP D 500 14.48 66.17 28.84
N ALA D 501 13.47 66.79 28.23
CA ALA D 501 12.77 67.93 28.80
C ALA D 501 11.28 67.84 28.57
N LEU D 502 10.52 68.63 29.34
CA LEU D 502 9.05 68.65 29.23
C LEU D 502 8.56 69.23 27.89
N PRO D 503 7.35 68.83 27.43
CA PRO D 503 6.85 69.29 26.12
C PRO D 503 6.26 70.69 26.15
N SER D 507 6.01 76.76 19.70
CA SER D 507 6.49 76.36 18.36
C SER D 507 5.62 75.26 17.70
N PRO D 508 4.91 75.59 16.58
CA PRO D 508 4.10 74.62 15.83
C PRO D 508 4.88 73.41 15.35
N ALA D 509 6.14 73.64 14.98
CA ALA D 509 7.05 72.58 14.55
C ALA D 509 7.17 71.45 15.59
N ALA D 510 7.35 71.85 16.84
CA ALA D 510 7.54 70.89 17.92
C ALA D 510 6.24 70.20 18.33
N ALA D 511 5.15 70.95 18.24
CA ALA D 511 3.84 70.39 18.50
C ALA D 511 3.50 69.19 17.56
N THR D 512 3.94 69.24 16.31
CA THR D 512 3.65 68.11 15.41
C THR D 512 4.65 66.97 15.73
N LEU D 513 5.86 67.30 16.24
CA LEU D 513 6.74 66.28 16.79
C LEU D 513 6.07 65.53 17.95
N GLU D 514 5.40 66.24 18.84
CA GLU D 514 4.72 65.63 19.98
C GLU D 514 3.49 64.81 19.52
N ASP D 515 2.82 65.35 18.52
CA ASP D 515 1.64 64.68 17.96
C ASP D 515 2.06 63.39 17.30
N ARG D 516 3.26 63.43 16.69
CA ARG D 516 3.84 62.25 16.08
C ARG D 516 4.35 61.17 17.07
N LEU D 517 4.81 61.58 18.27
CA LEU D 517 5.19 60.63 19.32
C LEU D 517 3.94 59.95 19.83
N GLN D 518 2.90 60.74 20.12
CA GLN D 518 1.56 60.22 20.40
C GLN D 518 1.11 59.20 19.36
N PHE D 519 1.35 59.54 18.09
CA PHE D 519 0.92 58.67 17.00
C PHE D 519 1.62 57.30 17.08
N ILE D 520 2.92 57.33 17.30
CA ILE D 520 3.69 56.12 17.49
C ILE D 520 3.20 55.35 18.74
N PHE D 521 3.08 56.02 19.85
CA PHE D 521 2.61 55.33 21.04
C PHE D 521 1.21 54.68 20.84
N ASP D 522 0.31 55.33 20.13
CA ASP D 522 -1.03 54.78 19.96
C ASP D 522 -1.04 53.56 19.06
N PHE D 523 -0.26 53.59 18.00
CA PHE D 523 -0.08 52.42 17.14
C PHE D 523 0.53 51.21 17.87
N TYR D 524 1.57 51.43 18.68
CA TYR D 524 2.27 50.31 19.35
C TYR D 524 1.40 49.70 20.42
N LYS D 525 0.72 50.53 21.22
CA LYS D 525 -0.24 50.04 22.22
C LYS D 525 -1.39 49.31 21.57
N GLY D 526 -1.75 49.72 20.36
CA GLY D 526 -2.81 49.07 19.63
C GLY D 526 -2.41 47.71 19.07
N GLN D 527 -1.20 47.61 18.53
CA GLN D 527 -0.76 46.35 17.92
C GLN D 527 -0.66 45.22 18.93
N ILE D 528 -0.39 45.55 20.18
CA ILE D 528 -0.39 44.55 21.25
C ILE D 528 -1.69 43.71 21.22
N GLU D 529 -2.83 44.41 21.23
CA GLU D 529 -4.14 43.76 21.22
C GLU D 529 -4.39 43.17 19.85
N GLN D 530 -4.06 43.87 18.78
CA GLN D 530 -4.46 43.46 17.44
C GLN D 530 -3.67 42.32 16.92
N ARG D 531 -2.39 42.26 17.24
CA ARG D 531 -1.56 41.12 16.86
C ARG D 531 -1.51 40.05 17.91
N ARG D 532 -2.25 40.26 18.99
CA ARG D 532 -2.42 39.29 20.06
C ARG D 532 -1.09 38.90 20.65
N TRP D 533 -0.23 39.92 20.95
CA TRP D 533 1.09 39.75 21.60
C TRP D 533 1.00 39.57 23.13
N TYR D 534 0.30 38.50 23.45
CA TYR D 534 0.08 38.06 24.78
C TYR D 534 0.79 36.72 24.97
N GLY D 535 0.94 36.29 26.22
CA GLY D 535 1.38 34.92 26.53
C GLY D 535 2.30 34.87 27.72
N PHE D 536 2.38 33.73 28.39
CA PHE D 536 3.25 33.51 29.58
C PHE D 536 4.61 34.19 29.46
N LEU D 537 5.35 33.92 28.38
CA LEU D 537 6.64 34.58 28.11
C LEU D 537 6.57 35.81 27.17
N ASP D 538 5.73 35.74 26.13
CA ASP D 538 5.70 36.77 25.12
C ASP D 538 5.17 38.12 25.66
N TYR D 539 4.16 38.13 26.51
CA TYR D 539 3.56 39.42 26.89
C TYR D 539 4.59 40.39 27.38
N GLY D 540 4.54 41.60 26.85
CA GLY D 540 5.57 42.62 27.10
C GLY D 540 6.30 43.09 25.84
N ASP D 541 6.64 42.14 25.00
CA ASP D 541 7.46 42.46 23.86
C ASP D 541 6.56 42.89 22.70
N PHE D 542 7.22 43.34 21.63
CA PHE D 542 6.58 43.60 20.35
C PHE D 542 7.56 43.15 19.29
N MET D 543 7.22 43.33 18.02
CA MET D 543 8.04 42.86 16.90
C MET D 543 8.84 43.95 16.18
N HIS D 544 9.68 43.55 15.23
CA HIS D 544 10.76 44.37 14.69
C HIS D 544 10.36 44.95 13.33
N THR D 545 9.98 44.08 12.38
CA THR D 545 9.66 44.53 11.01
C THR D 545 8.41 43.86 10.42
N TYR D 546 7.69 44.62 9.60
CA TYR D 546 6.39 44.24 9.04
C TYR D 546 6.52 43.65 7.66
N ASP D 547 5.62 42.71 7.34
CA ASP D 547 5.57 42.09 6.03
C ASP D 547 4.38 42.72 5.34
N PRO D 548 4.64 43.66 4.42
CA PRO D 548 3.52 44.38 3.80
C PRO D 548 2.64 43.55 2.85
N ASP D 549 3.13 42.43 2.35
CA ASP D 549 2.35 41.57 1.45
C ASP D 549 1.32 40.75 2.26
N ARG D 550 1.76 40.22 3.40
CA ARG D 550 0.88 39.38 4.24
C ARG D 550 0.08 40.21 5.27
N HIS D 551 0.48 41.45 5.49
CA HIS D 551 -0.04 42.28 6.54
C HIS D 551 0.10 41.61 7.93
N THR D 552 1.29 41.11 8.22
CA THR D 552 1.71 40.67 9.54
C THR D 552 3.06 41.23 9.80
N TRP D 553 3.34 41.39 11.06
CA TRP D 553 4.69 41.54 11.49
C TRP D 553 5.42 40.25 11.18
N ARG D 554 6.73 40.33 10.98
CA ARG D 554 7.49 39.22 10.45
C ARG D 554 7.87 38.22 11.54
N TYR D 555 6.83 37.61 12.12
CA TYR D 555 6.94 36.72 13.29
C TYR D 555 7.71 35.47 12.96
N ASP D 556 7.89 35.18 11.69
CA ASP D 556 8.42 33.91 11.27
C ASP D 556 9.68 34.02 10.42
N VAL D 557 10.24 35.23 10.30
CA VAL D 557 11.42 35.45 9.46
C VAL D 557 12.51 36.02 10.32
N GLY D 558 13.30 35.06 10.85
CA GLY D 558 14.59 35.28 11.49
C GLY D 558 14.64 36.46 12.40
N GLY D 559 15.42 37.47 12.02
CA GLY D 559 15.64 38.62 12.90
C GLY D 559 14.55 39.66 12.96
N TYR D 560 13.44 39.42 12.27
CA TYR D 560 12.40 40.43 12.11
C TYR D 560 11.18 40.21 13.03
N ALA D 561 11.27 39.17 13.86
CA ALA D 561 10.22 38.83 14.77
C ALA D 561 10.34 39.64 16.10
N TRP D 562 10.48 38.98 17.24
CA TRP D 562 10.39 39.69 18.50
C TRP D 562 11.54 40.68 18.60
N ASP D 563 11.23 41.89 19.07
CA ASP D 563 12.15 43.02 18.98
C ASP D 563 13.35 42.95 19.97
N ASN D 564 13.13 42.59 21.23
CA ASN D 564 14.22 42.34 22.21
C ASN D 564 15.10 43.57 22.40
N SER D 565 14.45 44.70 22.60
CA SER D 565 15.14 45.97 22.84
C SER D 565 16.09 46.44 21.69
N GLU D 566 15.96 45.89 20.50
CA GLU D 566 16.77 46.38 19.39
C GLU D 566 16.52 47.88 19.08
N LEU D 567 17.61 48.63 19.01
CA LEU D 567 17.65 50.09 18.96
C LEU D 567 16.89 50.81 20.09
N SER D 568 16.93 50.26 21.30
CA SER D 568 16.55 50.99 22.52
C SER D 568 15.11 51.54 22.61
N PRO D 569 14.11 50.74 22.21
CA PRO D 569 12.76 51.19 22.46
C PRO D 569 12.50 51.36 23.92
N ASP D 570 13.13 50.56 24.75
CA ASP D 570 13.06 50.77 26.20
C ASP D 570 13.35 52.25 26.60
N LEU D 571 14.37 52.84 26.01
CA LEU D 571 14.71 54.22 26.35
C LEU D 571 13.60 55.12 25.86
N PHE D 572 13.15 54.92 24.61
CA PHE D 572 12.11 55.78 24.07
C PHE D 572 10.89 55.79 24.97
N PHE D 573 10.30 54.61 25.16
CA PHE D 573 9.06 54.52 25.90
C PHE D 573 9.21 55.03 27.33
N TRP D 574 10.31 54.73 28.03
CA TRP D 574 10.51 55.26 29.41
C TRP D 574 10.67 56.79 29.46
N LEU D 575 11.49 57.36 28.58
CA LEU D 575 11.63 58.84 28.51
C LEU D 575 10.28 59.51 28.13
N TYR D 576 9.51 58.86 27.25
CA TYR D 576 8.15 59.27 26.91
C TYR D 576 7.23 59.28 28.15
N PHE D 577 7.36 58.33 29.05
CA PHE D 577 6.65 58.49 30.33
C PHE D 577 7.15 59.67 31.18
N LEU D 578 8.48 59.80 31.30
CA LEU D 578 9.06 60.86 32.16
C LEU D 578 8.49 62.21 31.77
N ARG D 579 8.57 62.56 30.49
CA ARG D 579 8.12 63.85 29.99
C ARG D 579 6.65 64.11 30.21
N THR D 580 5.83 63.08 30.04
CA THR D 580 4.37 63.20 30.00
C THR D 580 3.64 62.90 31.31
N GLY D 581 4.12 61.95 32.11
CA GLY D 581 3.34 61.46 33.29
C GLY D 581 2.12 60.56 32.99
N SER D 582 2.05 60.06 31.76
CA SER D 582 0.86 59.33 31.31
C SER D 582 0.75 57.91 31.92
N LYS D 583 -0.40 57.52 32.48
CA LYS D 583 -0.57 56.13 32.98
C LYS D 583 -0.26 55.07 31.89
N ASP D 584 -0.96 55.20 30.77
CA ASP D 584 -0.75 54.34 29.59
C ASP D 584 0.70 54.14 29.21
N ALA D 585 1.46 55.24 29.22
CA ALA D 585 2.87 55.20 28.91
C ALA D 585 3.70 54.36 29.91
N TYR D 586 3.46 54.57 31.19
CA TYR D 586 4.09 53.84 32.28
C TYR D 586 3.75 52.38 32.15
N ARG D 587 2.46 52.08 32.05
CA ARG D 587 2.04 50.68 31.89
C ARG D 587 2.67 49.95 30.69
N PHE D 588 2.84 50.65 29.57
CA PHE D 588 3.41 50.04 28.35
C PHE D 588 4.89 49.78 28.54
N ALA D 589 5.60 50.79 29.01
CA ALA D 589 7.01 50.66 29.42
C ALA D 589 7.24 49.63 30.56
N GLU D 590 6.36 49.59 31.56
CA GLU D 590 6.41 48.56 32.61
C GLU D 590 6.37 47.15 32.04
N ALA D 591 5.36 46.85 31.22
CA ALA D 591 5.25 45.55 30.57
C ALA D 591 6.50 45.15 29.79
N LEU D 592 6.91 46.08 28.94
CA LEU D 592 8.13 45.99 28.16
C LEU D 592 9.34 45.56 29.04
N THR D 593 9.55 46.34 30.10
CA THR D 593 10.64 46.14 31.03
C THR D 593 10.59 44.79 31.75
N ARG D 594 9.41 44.33 32.13
CA ARG D 594 9.24 43.01 32.78
C ARG D 594 9.45 41.84 31.81
N HIS D 595 9.42 42.12 30.52
CA HIS D 595 9.72 41.11 29.53
C HIS D 595 11.19 41.08 29.16
N THR D 596 11.68 42.21 28.61
CA THR D 596 12.98 42.26 27.94
C THR D 596 14.08 42.01 28.99
N GLY D 597 13.92 42.55 30.19
CA GLY D 597 14.88 42.32 31.27
C GLY D 597 14.89 40.94 31.91
N GLU D 598 13.91 40.11 31.58
CA GLU D 598 13.66 38.81 32.22
C GLU D 598 13.83 37.71 31.19
N VAL D 599 13.00 37.72 30.16
CA VAL D 599 13.02 36.68 29.13
C VAL D 599 14.15 36.89 28.09
N ASP D 600 14.44 38.15 27.75
CA ASP D 600 15.47 38.43 26.74
C ASP D 600 16.92 38.48 27.29
N VAL D 601 17.15 38.03 28.53
CA VAL D 601 18.54 37.92 29.04
C VAL D 601 18.76 36.62 29.82
N TYR D 602 20.01 36.15 29.83
CA TYR D 602 20.44 35.03 30.66
C TYR D 602 20.87 35.45 32.09
N HIS D 603 20.36 34.74 33.08
CA HIS D 603 20.62 34.99 34.50
C HIS D 603 21.51 33.93 35.21
N ILE D 604 21.89 32.86 34.50
CA ILE D 604 22.86 31.88 35.02
C ILE D 604 23.71 31.40 33.84
N GLY D 605 24.76 30.60 34.10
CA GLY D 605 25.59 30.01 33.02
C GLY D 605 26.71 30.89 32.42
N ASP D 606 27.33 30.38 31.35
CA ASP D 606 28.54 30.95 30.78
C ASP D 606 28.28 32.30 30.17
N TRP D 607 27.07 32.46 29.65
CA TRP D 607 26.64 33.70 29.02
C TRP D 607 25.82 34.60 29.94
N LYS D 608 25.85 34.34 31.25
CA LYS D 608 25.14 35.19 32.18
C LYS D 608 25.52 36.66 32.03
N GLY D 609 24.50 37.52 32.01
CA GLY D 609 24.69 38.96 31.92
C GLY D 609 24.57 39.45 30.51
N LEU D 610 24.45 38.53 29.54
CA LEU D 610 24.15 38.87 28.18
C LEU D 610 22.66 38.64 27.89
N GLY D 611 22.15 39.41 26.94
CA GLY D 611 20.85 39.13 26.32
C GLY D 611 20.96 38.72 24.87
N THR D 612 19.81 38.40 24.26
CA THR D 612 19.78 37.84 22.91
C THR D 612 19.18 38.77 21.87
N ARG D 613 19.87 38.91 20.76
CA ARG D 613 19.41 39.72 19.64
C ARG D 613 18.03 39.24 19.13
N HIS D 614 17.22 40.20 18.73
CA HIS D 614 15.92 39.96 18.08
C HIS D 614 15.84 38.75 17.16
N GLY D 615 14.93 37.81 17.47
CA GLY D 615 14.64 36.67 16.57
C GLY D 615 13.25 36.08 16.73
N VAL D 616 13.03 34.92 16.12
CA VAL D 616 11.71 34.23 16.10
C VAL D 616 11.23 33.75 17.49
N GLN D 617 12.19 33.30 18.30
CA GLN D 617 12.04 33.04 19.73
C GLN D 617 12.87 34.10 20.40
N HIS D 618 12.63 34.29 21.69
CA HIS D 618 13.31 35.33 22.45
C HIS D 618 14.76 34.98 22.72
N TRP D 619 15.14 33.73 22.38
CA TRP D 619 16.48 33.15 22.65
C TRP D 619 17.10 32.42 21.43
N SER D 620 16.57 32.61 20.23
CA SER D 620 16.95 31.80 19.05
C SER D 620 18.26 32.22 18.38
N ASP D 621 18.57 33.52 18.41
CA ASP D 621 19.69 34.11 17.67
C ASP D 621 20.97 33.88 18.42
N SER D 622 22.10 33.91 17.74
CA SER D 622 23.38 33.63 18.40
C SER D 622 24.19 34.86 18.81
N ALA D 623 23.74 36.07 18.47
CA ALA D 623 24.34 37.28 18.96
C ALA D 623 23.91 37.49 20.42
N LYS D 624 24.75 37.03 21.34
CA LYS D 624 24.53 37.21 22.76
C LYS D 624 25.40 38.39 23.11
N GLN D 625 24.78 39.48 23.52
CA GLN D 625 25.47 40.74 23.68
C GLN D 625 24.82 41.52 24.82
N ALA D 626 25.61 42.46 25.36
CA ALA D 626 25.22 43.29 26.49
C ALA D 626 24.34 44.46 26.10
N ARG D 627 24.28 44.79 24.81
CA ARG D 627 23.35 45.80 24.34
C ARG D 627 21.86 45.39 24.50
N ILE D 628 21.59 44.09 24.66
CA ILE D 628 20.26 43.61 25.00
C ILE D 628 20.04 43.70 26.50
N SER D 629 21.00 43.16 27.26
CA SER D 629 20.94 43.14 28.76
C SER D 629 21.05 44.52 29.44
N GLN D 630 21.54 45.48 28.66
CA GLN D 630 21.75 46.90 28.97
C GLN D 630 20.95 47.45 30.17
N PRO D 631 21.62 47.50 31.34
CA PRO D 631 20.89 47.92 32.52
C PRO D 631 20.34 49.33 32.47
N GLN D 632 20.73 50.14 31.49
CA GLN D 632 20.16 51.50 31.35
C GLN D 632 18.70 51.41 31.05
N TYR D 633 18.32 50.35 30.33
CA TYR D 633 16.91 50.08 30.02
C TYR D 633 16.08 49.88 31.26
N ARG D 634 16.65 49.31 32.32
CA ARG D 634 15.91 49.13 33.58
C ARG D 634 16.03 50.25 34.66
N LYS D 635 16.81 51.29 34.39
CA LYS D 635 17.23 52.24 35.44
C LYS D 635 16.10 53.13 35.96
N TYR D 636 15.30 53.59 34.99
CA TYR D 636 14.21 54.52 35.18
C TYR D 636 13.13 53.79 35.97
N PHE D 637 12.78 52.57 35.55
CA PHE D 637 11.84 51.78 36.34
C PHE D 637 12.38 51.42 37.69
N PHE D 638 13.67 51.13 37.80
CA PHE D 638 14.20 50.76 39.12
C PHE D 638 13.92 51.86 40.11
N TYR D 639 14.30 53.07 39.73
CA TYR D 639 14.12 54.22 40.60
C TYR D 639 12.66 54.66 40.80
N LEU D 640 11.90 54.78 39.71
CA LEU D 640 10.50 55.25 39.81
C LEU D 640 9.62 54.29 40.64
N SER D 641 9.90 52.98 40.57
CA SER D 641 9.16 51.97 41.35
C SER D 641 9.50 51.92 42.85
N GLY D 642 10.48 52.70 43.30
CA GLY D 642 10.93 52.63 44.70
C GLY D 642 11.96 51.52 44.94
N GLY D 643 12.78 51.25 43.92
CA GLY D 643 13.79 50.22 43.98
C GLY D 643 13.27 48.80 43.97
N ASP D 644 12.25 48.54 43.15
CA ASP D 644 11.75 47.20 42.91
C ASP D 644 12.89 46.21 43.04
N GLU D 645 12.74 45.37 44.06
CA GLU D 645 13.80 44.50 44.46
C GLU D 645 14.09 43.46 43.42
N ARG D 646 13.10 43.01 42.65
CA ARG D 646 13.42 42.07 41.57
C ARG D 646 14.37 42.70 40.54
N VAL D 647 14.02 43.89 40.06
CA VAL D 647 14.90 44.64 39.18
C VAL D 647 16.27 44.87 39.82
N GLY D 648 16.33 45.11 41.15
CA GLY D 648 17.58 45.28 41.92
C GLY D 648 18.50 44.11 41.73
N GLU D 649 17.98 42.95 42.11
CA GLU D 649 18.58 41.66 41.90
C GLU D 649 19.06 41.48 40.46
N LEU D 650 18.28 41.86 39.45
CA LEU D 650 18.69 41.72 38.05
C LEU D 650 19.85 42.60 37.64
N LEU D 651 19.83 43.84 38.14
CA LEU D 651 20.91 44.82 37.89
C LEU D 651 22.24 44.37 38.50
N GLU D 652 22.16 43.65 39.64
CA GLU D 652 23.35 43.08 40.32
C GLU D 652 23.99 41.92 39.50
N GLU D 653 23.14 41.03 38.98
CA GLU D 653 23.55 39.98 38.04
C GLU D 653 24.42 40.45 36.85
N LEU D 654 24.11 41.64 36.31
CA LEU D 654 24.79 42.16 35.11
C LEU D 654 26.22 42.63 35.40
N LEU D 655 26.58 42.76 36.67
CA LEU D 655 27.96 43.06 37.05
C LEU D 655 28.96 41.97 36.63
N ASP D 656 28.52 40.72 36.50
CA ASP D 656 29.33 39.64 35.91
C ASP D 656 29.42 39.63 34.37
N THR D 657 28.81 40.59 33.68
CA THR D 657 28.79 40.60 32.21
C THR D 657 30.20 40.60 31.62
N ASP D 658 31.13 41.36 32.20
CA ASP D 658 32.54 41.39 31.71
C ASP D 658 33.26 40.02 31.68
N LYS D 659 32.85 39.08 32.53
CA LYS D 659 33.40 37.72 32.47
C LYS D 659 33.14 37.03 31.13
N THR D 660 32.04 37.35 30.47
CA THR D 660 31.63 36.59 29.28
C THR D 660 32.60 36.78 28.11
N TYR D 661 33.32 37.91 28.04
CA TYR D 661 34.18 38.23 26.87
C TYR D 661 35.40 37.32 26.78
N GLY D 662 35.74 36.68 27.91
CA GLY D 662 36.71 35.58 27.97
C GLY D 662 36.16 34.23 27.55
N GLU D 663 34.85 34.04 27.75
CA GLU D 663 34.11 32.87 27.28
C GLU D 663 33.55 33.00 25.85
N LEU D 664 33.34 34.22 25.35
CA LEU D 664 32.58 34.42 24.09
C LEU D 664 32.85 35.77 23.46
N ASP D 665 33.36 35.76 22.22
CA ASP D 665 33.65 37.00 21.46
C ASP D 665 32.43 37.36 20.60
N PRO D 666 31.69 38.44 20.97
CA PRO D 666 30.51 38.83 20.15
C PRO D 666 30.83 39.18 18.69
N GLN D 667 32.10 39.52 18.44
CA GLN D 667 32.60 39.84 17.09
C GLN D 667 33.27 38.65 16.41
N ARG D 668 33.01 37.43 16.89
CA ARG D 668 33.81 36.27 16.48
C ARG D 668 33.73 35.99 14.99
N LYS D 669 32.57 36.17 14.40
CA LYS D 669 32.37 35.74 13.02
C LYS D 669 32.87 36.77 11.99
N VAL D 670 33.07 38.04 12.40
CA VAL D 670 33.25 39.18 11.46
C VAL D 670 34.56 39.97 11.57
N ARG D 671 35.29 39.78 12.67
CA ARG D 671 36.46 40.61 12.94
C ARG D 671 37.60 40.13 12.01
N THR D 672 38.36 41.08 11.49
CA THR D 672 39.38 40.80 10.46
C THR D 672 40.73 40.41 11.09
N ASP D 673 41.03 40.94 12.28
CA ASP D 673 42.38 40.91 12.90
C ASP D 673 42.92 39.58 13.52
N GLY D 674 42.25 38.45 13.30
CA GLY D 674 42.77 37.13 13.76
C GLY D 674 42.81 36.85 15.27
N TRP D 675 42.27 37.77 16.07
CA TRP D 675 42.23 37.63 17.52
C TRP D 675 41.11 36.69 17.93
N GLU D 676 41.36 35.98 19.04
CA GLU D 676 40.49 34.94 19.60
C GLU D 676 40.68 35.05 21.13
N PRO D 677 39.73 34.59 21.94
CA PRO D 677 40.05 34.62 23.37
C PRO D 677 40.91 33.45 23.80
N SER D 678 41.78 33.72 24.76
CA SER D 678 42.69 32.69 25.30
C SER D 678 42.62 32.79 26.82
N PRO D 679 42.95 31.69 27.52
CA PRO D 679 42.89 31.72 28.99
C PRO D 679 43.97 32.65 29.64
N ASN D 680 43.57 33.34 30.71
CA ASN D 680 44.43 34.32 31.43
C ASN D 680 44.93 35.57 30.65
N SER D 681 44.32 35.86 29.50
CA SER D 681 44.68 37.00 28.66
C SER D 681 43.68 38.16 28.81
N THR D 682 43.99 39.27 28.11
CA THR D 682 42.99 40.32 27.94
C THR D 682 41.81 39.83 27.07
N VAL D 683 40.73 40.62 27.08
CA VAL D 683 39.51 40.28 26.34
C VAL D 683 39.07 41.50 25.57
N SER D 684 38.51 41.22 24.40
CA SER D 684 38.14 42.24 23.45
C SER D 684 36.66 42.49 23.62
N PHE D 685 36.33 43.77 23.79
CA PHE D 685 34.99 44.24 23.63
C PHE D 685 34.92 45.60 22.90
N GLY D 686 33.78 45.89 22.28
CA GLY D 686 33.55 47.15 21.58
C GLY D 686 33.34 48.31 22.54
N LEU D 687 33.63 49.54 22.07
CA LEU D 687 33.51 50.72 22.93
C LEU D 687 32.17 51.41 22.76
N GLY D 688 31.34 50.86 21.90
CA GLY D 688 30.01 51.37 21.65
C GLY D 688 28.95 50.42 22.15
N THR D 689 28.64 49.38 21.37
CA THR D 689 27.62 48.46 21.82
C THR D 689 27.95 47.87 23.20
N ASP D 690 29.05 47.09 23.27
CA ASP D 690 29.36 46.34 24.50
C ASP D 690 29.65 47.23 25.70
N TRP D 691 30.63 48.10 25.56
CA TRP D 691 31.00 49.01 26.63
C TRP D 691 29.84 49.83 27.20
N SER D 692 28.90 50.27 26.35
CA SER D 692 27.73 51.02 26.84
C SER D 692 26.92 50.22 27.88
N GLY D 693 26.79 48.90 27.64
CA GLY D 693 26.12 47.99 28.59
C GLY D 693 26.93 47.76 29.87
N LEU D 694 28.24 47.55 29.71
CA LEU D 694 29.10 47.36 30.89
C LEU D 694 29.07 48.61 31.77
N ALA D 695 29.16 49.77 31.16
CA ALA D 695 29.32 51.01 31.92
C ALA D 695 28.07 51.34 32.67
N ALA D 696 26.94 51.12 32.02
CA ALA D 696 25.66 51.39 32.65
C ALA D 696 25.55 50.55 33.92
N GLY D 697 25.87 49.24 33.84
CA GLY D 697 25.86 48.33 35.00
C GLY D 697 26.72 48.84 36.15
N TRP D 698 27.93 49.26 35.81
CA TRP D 698 28.85 49.84 36.77
C TRP D 698 28.33 51.13 37.39
N LEU D 699 27.87 52.10 36.58
CA LEU D 699 27.33 53.34 37.13
C LEU D 699 26.10 53.14 38.02
N ILE D 700 25.28 52.14 37.74
CA ILE D 700 24.09 51.85 38.53
C ILE D 700 24.45 51.32 39.92
N GLU D 701 25.43 50.40 39.97
CA GLU D 701 25.88 49.80 41.23
C GLU D 701 26.56 50.84 42.09
N TRP D 702 27.35 51.68 41.47
CA TRP D 702 28.01 52.78 42.16
C TRP D 702 26.94 53.68 42.78
N GLU D 703 26.00 54.13 41.94
CA GLU D 703 24.85 54.92 42.39
C GLU D 703 24.09 54.30 43.54
N ARG D 704 23.94 52.99 43.52
CA ARG D 704 23.26 52.27 44.60
C ARG D 704 24.11 52.02 45.86
N ARG D 705 25.41 52.23 45.77
CA ARG D 705 26.33 51.75 46.79
C ARG D 705 26.04 50.29 47.23
N GLY D 706 26.01 49.39 46.27
CA GLY D 706 25.80 47.98 46.56
C GLY D 706 27.07 47.25 47.01
N PRO D 707 26.94 45.98 47.39
CA PRO D 707 28.09 45.17 47.81
C PRO D 707 29.35 45.36 46.95
N ARG D 708 29.18 45.48 45.62
CA ARG D 708 30.29 45.62 44.67
C ARG D 708 30.49 47.04 44.11
N TRP D 709 30.13 48.06 44.85
CA TRP D 709 30.23 49.41 44.35
C TRP D 709 31.67 49.93 44.18
N GLU D 710 32.61 49.55 45.04
CA GLU D 710 33.98 50.07 44.89
C GLU D 710 34.56 49.52 43.58
N GLU D 711 34.28 48.24 43.33
CA GLU D 711 34.66 47.54 42.09
C GLU D 711 34.08 48.21 40.88
N ALA D 712 32.77 48.47 40.94
CA ALA D 712 32.07 49.11 39.84
C ALA D 712 32.64 50.50 39.53
N LYS D 713 32.88 51.29 40.58
CA LYS D 713 33.56 52.58 40.42
C LYS D 713 34.94 52.45 39.84
N THR D 714 35.66 51.39 40.19
CA THR D 714 37.02 51.22 39.67
C THR D 714 36.94 50.89 38.17
N LYS D 715 36.03 49.99 37.78
CA LYS D 715 35.97 49.55 36.40
C LYS D 715 35.43 50.66 35.50
N LEU D 716 34.49 51.45 36.00
CA LEU D 716 33.91 52.52 35.19
C LEU D 716 34.96 53.55 34.94
N THR D 717 35.59 53.94 36.04
CA THR D 717 36.62 54.94 36.07
C THR D 717 37.85 54.56 35.24
N ASN D 718 38.26 53.30 35.31
CA ASN D 718 39.41 52.84 34.55
C ASN D 718 39.15 52.77 33.06
N THR D 719 38.02 52.19 32.67
CA THR D 719 37.65 52.10 31.27
C THR D 719 37.42 53.46 30.66
N ILE D 720 36.83 54.38 31.42
CA ILE D 720 36.73 55.76 30.97
C ILE D 720 38.16 56.29 30.68
N ALA D 721 39.06 56.16 31.65
CA ALA D 721 40.44 56.67 31.50
C ALA D 721 41.22 55.97 30.38
N GLY D 722 40.96 54.69 30.22
CA GLY D 722 41.46 53.95 29.07
C GLY D 722 41.02 54.58 27.75
N ILE D 723 39.74 54.91 27.63
CA ILE D 723 39.21 55.44 26.38
C ILE D 723 39.81 56.82 26.12
N ALA D 724 39.91 57.66 27.15
CA ALA D 724 40.58 58.96 26.99
C ALA D 724 42.05 58.85 26.56
N ASN D 725 42.75 57.80 27.03
CA ASN D 725 44.16 57.61 26.74
CA ASN D 725 44.18 57.55 26.73
C ASN D 725 44.38 56.91 25.39
N LEU D 726 43.31 56.35 24.79
CA LEU D 726 43.39 55.81 23.40
C LEU D 726 43.53 57.03 22.48
N THR D 727 44.30 56.88 21.40
CA THR D 727 44.67 58.03 20.56
C THR D 727 43.42 58.65 19.91
N ASN D 728 42.67 57.85 19.17
CA ASN D 728 41.42 58.32 18.53
C ASN D 728 40.17 58.09 19.40
N GLY D 729 40.32 58.07 20.72
CA GLY D 729 39.17 57.95 21.60
C GLY D 729 38.21 56.86 21.18
N PHE D 730 36.92 57.22 21.13
CA PHE D 730 35.83 56.27 20.79
C PHE D 730 35.88 55.85 19.33
N VAL D 731 36.52 56.64 18.45
CA VAL D 731 36.66 56.29 17.04
C VAL D 731 37.50 55.01 16.87
N THR D 732 38.36 54.72 17.84
CA THR D 732 38.89 53.39 18.03
C THR D 732 37.65 52.52 18.13
N GLY D 733 37.57 51.44 17.38
CA GLY D 733 36.30 50.65 17.46
C GLY D 733 36.13 49.99 18.82
N SER D 734 37.23 49.43 19.32
CA SER D 734 37.21 48.49 20.41
C SER D 734 38.43 48.72 21.29
N GLY D 735 38.59 47.86 22.28
CA GLY D 735 39.75 47.83 23.16
C GLY D 735 40.07 46.43 23.63
N LEU D 736 41.15 46.33 24.42
CA LEU D 736 41.49 45.11 25.17
C LEU D 736 41.40 45.44 26.64
N TYR D 737 40.69 44.57 27.38
CA TYR D 737 40.35 44.75 28.77
C TYR D 737 40.96 43.63 29.54
N ASP D 738 41.60 43.97 30.65
CA ASP D 738 42.20 42.95 31.54
C ASP D 738 41.18 42.54 32.61
N PRO D 739 40.84 41.23 32.66
CA PRO D 739 39.87 40.83 33.67
C PRO D 739 40.40 40.85 35.12
N VAL D 740 41.71 40.88 35.36
CA VAL D 740 42.18 40.92 36.76
C VAL D 740 42.47 42.36 37.22
N THR D 741 43.18 43.13 36.42
CA THR D 741 43.57 44.51 36.77
C THR D 741 42.55 45.61 36.39
N TRP D 742 41.61 45.28 35.51
CA TRP D 742 40.46 46.12 35.17
C TRP D 742 40.84 47.39 34.39
N THR D 743 41.75 47.24 33.43
CA THR D 743 42.29 48.34 32.59
C THR D 743 41.91 48.18 31.14
N LEU D 744 41.95 49.29 30.40
CA LEU D 744 41.57 49.29 28.97
C LEU D 744 42.62 49.89 28.05
N GLY D 745 43.02 49.06 27.10
CA GLY D 745 44.11 49.34 26.20
C GLY D 745 43.74 49.08 24.75
N PRO D 746 44.66 49.39 23.84
CA PRO D 746 44.29 49.37 22.44
C PRO D 746 43.85 48.01 21.95
N PRO D 747 43.06 47.98 20.87
CA PRO D 747 42.71 46.69 20.23
C PRO D 747 43.93 45.89 19.70
N PRO D 748 43.73 44.61 19.39
CA PRO D 748 44.83 43.78 18.87
C PRO D 748 45.69 44.42 17.76
N SER D 749 45.09 45.16 16.83
CA SER D 749 45.82 45.69 15.63
C SER D 749 46.62 47.02 15.84
N ASP D 750 46.68 47.50 17.08
CA ASP D 750 47.34 48.74 17.43
C ASP D 750 48.02 48.60 18.83
N PRO D 751 48.91 47.59 19.01
CA PRO D 751 49.66 47.41 20.29
C PRO D 751 50.31 48.68 20.83
N GLY D 752 50.77 49.56 19.92
CA GLY D 752 51.46 50.82 20.25
C GLY D 752 50.62 52.08 20.35
N ASN D 753 49.30 51.94 20.21
CA ASN D 753 48.34 53.05 20.36
C ASN D 753 48.75 54.26 19.47
N ARG D 754 48.96 53.93 18.19
CA ARG D 754 49.22 54.91 17.16
C ARG D 754 47.93 55.47 16.55
N GLY D 755 46.83 54.72 16.66
CA GLY D 755 45.53 55.14 16.11
C GLY D 755 44.86 54.07 15.27
N ASN D 756 43.58 53.85 15.55
CA ASN D 756 42.76 52.90 14.82
C ASN D 756 41.43 53.60 14.52
N VAL D 757 40.85 53.30 13.36
CA VAL D 757 39.52 53.81 12.98
C VAL D 757 38.60 52.64 12.65
N SER D 758 37.57 52.48 13.48
CA SER D 758 36.57 51.44 13.27
C SER D 758 35.21 51.97 13.76
N ILE D 759 34.35 52.23 12.78
CA ILE D 759 33.06 52.85 13.02
C ILE D 759 31.93 51.82 12.89
N SER D 760 30.95 51.92 13.78
CA SER D 760 29.71 51.22 13.55
C SER D 760 28.54 52.12 13.82
N HIS D 761 27.57 51.98 12.93
CA HIS D 761 26.25 52.62 13.04
C HIS D 761 25.48 52.16 14.29
N LEU D 762 25.84 51.00 14.82
CA LEU D 762 25.25 50.52 16.06
C LEU D 762 25.81 51.11 17.33
N ASN D 763 26.97 51.77 17.31
CA ASN D 763 27.69 52.06 18.57
C ASN D 763 26.94 52.99 19.54
N ALA D 764 26.32 54.04 18.98
CA ALA D 764 25.64 55.08 19.76
C ALA D 764 24.18 54.81 20.17
N VAL D 765 23.57 53.79 19.59
CA VAL D 765 22.09 53.70 19.60
C VAL D 765 21.53 52.77 20.67
N PHE D 766 22.39 52.19 21.51
CA PHE D 766 22.00 51.27 22.58
C PHE D 766 22.30 51.79 23.99
N GLY D 767 22.20 53.08 24.21
CA GLY D 767 22.52 53.61 25.53
C GLY D 767 23.74 54.52 25.66
N LEU D 768 24.67 54.43 24.73
CA LEU D 768 25.92 55.15 24.89
C LEU D 768 25.80 56.64 25.31
N PRO D 769 24.97 57.45 24.61
CA PRO D 769 24.96 58.87 25.01
C PRO D 769 24.27 59.09 26.32
N GLU D 770 23.21 58.36 26.58
CA GLU D 770 22.56 58.40 27.87
C GLU D 770 23.61 58.02 28.97
N VAL D 771 24.29 56.89 28.79
CA VAL D 771 25.23 56.38 29.79
C VAL D 771 26.36 57.38 30.02
N VAL D 772 26.97 57.84 28.92
CA VAL D 772 28.11 58.75 29.01
C VAL D 772 27.74 60.07 29.67
N SER D 773 26.65 60.68 29.22
CA SER D 773 26.25 61.98 29.78
C SER D 773 26.01 61.83 31.27
N GLU D 774 25.44 60.71 31.70
CA GLU D 774 25.25 60.46 33.13
C GLU D 774 26.60 60.27 33.86
N ALA D 775 27.54 59.57 33.22
CA ALA D 775 28.87 59.32 33.78
C ALA D 775 29.69 60.59 33.87
N ILE D 776 29.71 61.38 32.81
CA ILE D 776 30.48 62.63 32.86
C ILE D 776 30.03 63.45 34.08
N ALA D 777 28.72 63.65 34.21
CA ALA D 777 28.12 64.41 35.32
C ALA D 777 28.50 63.84 36.70
N TYR D 778 28.32 62.52 36.84
CA TYR D 778 28.53 61.81 38.10
C TYR D 778 30.02 61.82 38.51
N LEU D 779 30.93 61.76 37.55
CA LEU D 779 32.36 61.86 37.83
C LEU D 779 32.84 63.27 38.22
N ALA D 780 32.11 64.33 37.84
CA ALA D 780 32.40 65.71 38.30
C ALA D 780 33.87 66.11 37.99
N ASP D 781 34.58 66.81 38.91
CA ASP D 781 35.98 67.26 38.66
C ASP D 781 37.00 66.10 38.58
N ASP D 782 36.63 64.89 39.04
CA ASP D 782 37.47 63.66 38.93
C ASP D 782 37.50 62.96 37.53
N ILE D 783 36.86 63.52 36.52
CA ILE D 783 36.81 62.87 35.22
C ILE D 783 38.21 62.75 34.57
N PRO D 784 38.52 61.60 34.01
CA PRO D 784 39.81 61.60 33.32
C PRO D 784 39.98 62.73 32.30
N LYS D 785 41.17 63.34 32.30
CA LYS D 785 41.49 64.41 31.34
C LYS D 785 41.21 63.85 29.93
N GLY D 786 40.40 64.58 29.16
CA GLY D 786 40.22 64.35 27.71
C GLY D 786 39.12 63.41 27.23
N PHE D 787 38.36 62.84 28.16
CA PHE D 787 37.26 61.90 27.85
C PHE D 787 36.05 62.62 27.28
N LYS D 788 35.65 63.69 27.97
CA LYS D 788 34.56 64.53 27.51
C LYS D 788 34.79 65.03 26.08
N GLN D 789 36.04 65.31 25.76
CA GLN D 789 36.42 65.76 24.43
C GLN D 789 36.46 64.59 23.43
N ALA D 790 36.91 63.40 23.87
CA ALA D 790 36.83 62.20 23.02
C ALA D 790 35.35 61.86 22.64
N TRP D 791 34.43 62.11 23.60
CA TRP D 791 32.98 61.97 23.37
C TRP D 791 32.48 63.03 22.38
N LEU D 792 32.76 64.29 22.68
CA LEU D 792 32.42 65.41 21.77
C LEU D 792 32.96 65.19 20.36
N ASP D 793 34.14 64.62 20.27
CA ASP D 793 34.73 64.23 18.99
C ASP D 793 33.81 63.25 18.26
N TYR D 794 33.31 62.21 18.92
CA TYR D 794 32.53 61.19 18.25
C TYR D 794 31.18 61.78 17.84
N CYS D 795 30.49 62.43 18.77
CA CYS D 795 29.31 63.21 18.46
C CYS D 795 29.49 64.17 17.28
N TYR D 796 30.62 64.89 17.24
CA TYR D 796 30.88 65.87 16.18
C TYR D 796 31.19 65.25 14.80
N TYR D 797 32.11 64.29 14.74
CA TYR D 797 32.66 63.85 13.46
C TYR D 797 31.95 62.65 12.83
N TYR D 798 30.99 62.06 13.54
CA TYR D 798 30.26 60.88 13.01
C TYR D 798 29.68 61.18 11.62
N HIS D 799 29.00 62.32 11.51
CA HIS D 799 28.43 62.77 10.25
C HIS D 799 28.87 64.20 10.04
N ALA D 800 30.19 64.40 10.08
CA ALA D 800 30.80 65.59 9.55
C ALA D 800 31.15 65.21 8.13
N SER D 801 31.53 66.19 7.31
CA SER D 801 32.06 65.95 5.97
C SER D 801 33.20 64.93 5.97
N ALA D 802 33.47 64.35 4.82
CA ALA D 802 34.61 63.44 4.67
C ALA D 802 35.96 64.16 4.80
N SER D 803 35.97 65.47 4.53
CA SER D 803 37.13 66.35 4.77
C SER D 803 37.51 66.37 6.23
N GLU D 804 36.59 66.87 7.04
CA GLU D 804 36.80 67.05 8.46
C GLU D 804 37.20 65.72 9.14
N GLN D 805 36.69 64.62 8.60
CA GLN D 805 37.06 63.29 9.04
C GLN D 805 38.49 62.94 8.64
N LYS D 806 38.81 62.96 7.35
CA LYS D 806 40.19 62.66 6.84
C LYS D 806 41.27 63.52 7.56
N ASP D 807 40.98 64.82 7.67
CA ASP D 807 41.84 65.80 8.31
C ASP D 807 42.03 65.55 9.82
N ARG D 808 41.06 64.92 10.46
CA ARG D 808 41.16 64.63 11.87
C ARG D 808 41.77 63.27 12.15
N TYR D 809 41.34 62.26 11.40
CA TYR D 809 41.65 60.85 11.72
C TYR D 809 42.42 60.11 10.63
N GLY D 810 42.75 60.79 9.54
CA GLY D 810 43.45 60.14 8.43
C GLY D 810 42.51 59.53 7.41
N VAL D 811 41.46 58.83 7.85
CA VAL D 811 40.44 58.27 6.92
C VAL D 811 39.10 59.02 7.06
N SER D 812 38.23 58.84 6.09
CA SER D 812 36.85 59.27 6.22
C SER D 812 36.08 58.02 6.65
N PHE D 813 34.94 58.20 7.32
CA PHE D 813 34.26 57.08 7.95
C PHE D 813 33.44 56.32 6.91
N SER D 814 33.85 55.06 6.69
CA SER D 814 33.36 54.23 5.57
C SER D 814 31.84 53.95 5.62
N LYS D 815 31.38 53.28 6.69
CA LYS D 815 30.05 52.68 6.71
C LYS D 815 29.07 53.41 7.64
N ILE D 816 29.00 54.75 7.55
CA ILE D 816 27.99 55.55 8.32
C ILE D 816 26.54 55.32 7.84
N SER D 817 25.60 55.19 8.77
CA SER D 817 24.17 55.25 8.48
C SER D 817 23.41 55.54 9.78
N LEU D 818 22.09 55.35 9.83
CA LEU D 818 21.27 55.81 10.97
C LEU D 818 21.48 57.30 11.34
N LEU D 819 21.42 58.18 10.34
CA LEU D 819 21.78 59.61 10.53
C LEU D 819 20.77 60.40 11.37
N GLN D 820 19.49 60.06 11.22
CA GLN D 820 18.39 60.58 12.06
C GLN D 820 18.63 60.11 13.49
N ALA D 821 18.96 58.81 13.61
CA ALA D 821 19.26 58.27 14.91
C ALA D 821 20.45 59.02 15.59
N HIS D 822 21.49 59.36 14.81
CA HIS D 822 22.64 60.05 15.37
C HIS D 822 22.51 61.59 15.47
N SER D 823 21.43 62.15 14.94
CA SER D 823 21.21 63.59 15.09
C SER D 823 21.24 64.05 16.55
N ARG D 824 20.76 63.20 17.45
CA ARG D 824 20.73 63.53 18.88
C ARG D 824 22.13 63.66 19.50
N LEU D 825 23.16 63.10 18.85
CA LEU D 825 24.56 63.26 19.28
C LEU D 825 25.09 64.64 18.92
N ALA D 826 24.95 65.03 17.66
CA ALA D 826 25.22 66.41 17.22
C ALA D 826 24.50 67.41 18.13
N ALA D 827 23.26 67.10 18.52
CA ALA D 827 22.52 67.99 19.42
C ALA D 827 23.16 68.10 20.81
N TYR D 828 23.67 66.99 21.36
CA TYR D 828 24.39 67.01 22.64
C TYR D 828 25.63 67.93 22.51
N ALA D 829 26.45 67.69 21.47
CA ALA D 829 27.68 68.45 21.25
C ALA D 829 27.35 69.91 21.05
N ALA D 830 26.30 70.16 20.29
CA ALA D 830 25.87 71.53 19.99
C ALA D 830 25.54 72.29 21.26
N TYR D 831 24.66 71.73 22.08
CA TYR D 831 24.31 72.31 23.39
C TYR D 831 25.53 72.54 24.26
N GLU D 832 26.42 71.55 24.32
CA GLU D 832 27.55 71.63 25.28
C GLU D 832 28.66 72.61 24.80
N THR D 833 28.93 72.67 23.50
CA THR D 833 29.91 73.60 22.91
C THR D 833 29.31 74.95 22.48
N LYS D 834 28.07 75.25 22.91
CA LYS D 834 27.31 76.46 22.48
C LYS D 834 27.44 76.80 20.99
N ASN D 835 27.33 75.76 20.15
CA ASN D 835 27.56 75.85 18.70
C ASN D 835 26.27 75.73 17.89
N LYS D 836 25.86 76.87 17.29
CA LYS D 836 24.63 76.99 16.48
C LYS D 836 24.71 76.30 15.08
N THR D 837 25.87 76.32 14.44
CA THR D 837 26.04 75.66 13.13
C THR D 837 25.79 74.15 13.19
N LEU D 838 26.27 73.55 14.26
CA LEU D 838 26.12 72.13 14.51
C LEU D 838 24.67 71.79 14.93
N ALA D 839 24.05 72.69 15.70
CA ALA D 839 22.64 72.53 16.07
C ALA D 839 21.78 72.46 14.82
N LEU D 840 22.07 73.30 13.84
CA LEU D 840 21.35 73.27 12.58
C LEU D 840 21.63 72.00 11.77
N ARG D 841 22.87 71.52 11.77
CA ARG D 841 23.17 70.19 11.17
C ARG D 841 22.37 69.03 11.82
N ALA D 842 22.17 69.13 13.14
CA ALA D 842 21.44 68.10 13.90
C ALA D 842 20.01 68.02 13.43
N TRP D 843 19.34 69.17 13.42
CA TRP D 843 17.97 69.26 12.92
C TRP D 843 17.85 68.89 11.45
N LYS D 844 18.87 69.18 10.66
CA LYS D 844 18.89 68.82 9.25
C LYS D 844 18.96 67.29 9.08
N ASP D 845 19.77 66.65 9.94
CA ASP D 845 19.89 65.17 9.94
C ASP D 845 18.58 64.50 10.41
N PHE D 846 17.92 65.11 11.40
CA PHE D 846 16.62 64.64 11.84
C PHE D 846 15.61 64.78 10.69
N TYR D 847 15.37 66.03 10.27
CA TYR D 847 14.32 66.35 9.26
C TYR D 847 14.58 65.89 7.82
N ALA D 848 15.81 65.48 7.46
CA ALA D 848 16.15 65.25 6.03
C ALA D 848 17.33 64.32 5.78
N SER D 849 17.31 63.16 6.44
CA SER D 849 18.24 62.10 6.09
C SER D 849 17.45 60.84 5.84
N ASP D 850 17.27 60.03 6.88
CA ASP D 850 16.71 58.68 6.82
C ASP D 850 15.76 58.49 8.03
N GLY D 851 15.60 57.29 8.57
CA GLY D 851 14.60 57.10 9.61
C GLY D 851 13.23 57.39 9.02
N LEU D 852 12.47 58.23 9.72
CA LEU D 852 11.13 58.59 9.33
C LEU D 852 11.10 60.05 8.91
N LEU D 853 11.05 60.24 7.59
CA LEU D 853 11.02 61.58 6.97
C LEU D 853 9.75 62.32 7.37
N PRO D 854 9.83 63.66 7.49
CA PRO D 854 8.67 64.46 7.96
C PRO D 854 7.43 64.37 7.04
N ASP D 855 7.63 64.16 5.74
CA ASP D 855 6.50 64.02 4.82
C ASP D 855 6.31 62.56 4.35
N ALA D 856 6.75 61.60 5.19
CA ALA D 856 6.33 60.17 5.11
C ALA D 856 4.84 60.10 5.40
N PRO D 857 4.20 58.94 5.25
CA PRO D 857 2.73 58.94 5.31
C PRO D 857 2.10 59.27 6.64
N TRP D 858 2.72 58.91 7.75
CA TRP D 858 2.22 59.31 9.10
C TRP D 858 0.74 59.03 9.27
N ASN D 859 0.35 57.81 8.88
CA ASN D 859 -1.00 57.33 9.14
C ASN D 859 -1.08 55.83 9.03
N ILE D 860 -2.20 55.29 9.50
CA ILE D 860 -2.43 53.87 9.47
C ILE D 860 -3.42 53.59 8.36
N THR D 861 -3.30 52.41 7.77
CA THR D 861 -4.28 51.87 6.85
C THR D 861 -5.03 50.70 7.51
N HIS D 862 -6.35 50.60 7.32
CA HIS D 862 -7.13 49.42 7.76
C HIS D 862 -7.14 48.31 6.72
N VAL D 863 -7.03 47.07 7.18
CA VAL D 863 -7.01 45.91 6.29
C VAL D 863 -7.93 44.88 6.89
N ASP D 864 -8.77 44.29 6.06
CA ASP D 864 -9.74 43.27 6.48
C ASP D 864 -10.11 42.45 5.25
N GLY D 865 -11.19 41.70 5.29
CA GLY D 865 -11.55 40.79 4.22
C GLY D 865 -10.63 39.58 4.17
N SER D 866 -10.58 38.99 2.97
CA SER D 866 -9.88 37.74 2.76
C SER D 866 -8.36 37.91 2.73
N ASP D 867 -7.85 39.13 2.92
CA ASP D 867 -6.40 39.34 2.99
C ASP D 867 -5.74 38.82 4.26
N VAL D 868 -6.51 38.82 5.35
CA VAL D 868 -5.98 38.59 6.69
C VAL D 868 -6.96 37.80 7.57
N LEU D 869 -6.41 37.05 8.51
CA LEU D 869 -7.17 36.25 9.43
C LEU D 869 -8.18 37.12 10.18
N VAL D 870 -7.71 38.25 10.70
CA VAL D 870 -8.53 39.19 11.44
C VAL D 870 -8.25 40.62 10.96
N PRO D 871 -9.22 41.52 11.13
CA PRO D 871 -8.95 42.91 10.81
C PRO D 871 -7.77 43.51 11.63
N VAL D 872 -6.90 44.27 10.96
CA VAL D 872 -5.73 44.91 11.56
C VAL D 872 -5.48 46.33 11.00
N ASP D 873 -4.76 47.15 11.76
CA ASP D 873 -4.25 48.44 11.30
C ASP D 873 -2.78 48.26 11.07
N GLU D 874 -2.27 48.89 10.03
CA GLU D 874 -0.88 48.75 9.69
C GLU D 874 -0.24 50.10 9.45
N ALA D 875 1.09 50.09 9.52
CA ALA D 875 1.95 51.19 9.10
C ALA D 875 3.24 50.58 8.45
N ALA D 876 3.08 50.04 7.25
CA ALA D 876 4.18 49.40 6.51
C ALA D 876 5.36 50.31 6.27
N TRP D 877 5.13 51.61 6.32
CA TRP D 877 6.13 52.65 6.12
C TRP D 877 7.08 52.88 7.31
N LEU D 878 6.86 52.17 8.42
CA LEU D 878 7.74 52.22 9.59
C LEU D 878 8.07 50.81 10.08
N ALA D 879 9.18 50.72 10.79
CA ALA D 879 9.58 49.52 11.52
C ALA D 879 10.08 50.02 12.88
N THR D 880 10.34 49.09 13.78
CA THR D 880 10.56 49.45 15.19
C THR D 880 11.88 50.19 15.38
N ASN D 881 12.88 49.88 14.55
CA ASN D 881 14.16 50.63 14.56
C ASN D 881 13.92 52.10 14.31
N ASP D 882 13.04 52.39 13.34
CA ASP D 882 12.75 53.77 12.97
C ASP D 882 12.10 54.50 14.14
N ILE D 883 11.08 53.90 14.79
CA ILE D 883 10.25 54.64 15.77
C ILE D 883 10.94 54.88 17.07
N ALA D 884 11.85 53.98 17.46
CA ALA D 884 12.59 54.13 18.69
C ALA D 884 13.63 55.27 18.61
N GLN D 885 14.41 55.23 17.53
CA GLN D 885 15.33 56.31 17.22
C GLN D 885 14.65 57.65 16.84
N TYR D 886 13.52 57.62 16.14
CA TYR D 886 12.75 58.86 15.93
C TYR D 886 12.36 59.48 17.26
N GLY D 887 11.85 58.67 18.17
CA GLY D 887 11.41 59.20 19.43
C GLY D 887 12.55 59.69 20.30
N LEU D 888 13.66 58.96 20.35
CA LEU D 888 14.80 59.41 21.15
C LEU D 888 15.37 60.68 20.53
N ALA D 889 15.45 60.67 19.21
CA ALA D 889 15.87 61.85 18.50
C ALA D 889 15.03 63.07 18.80
N VAL D 890 13.70 62.91 18.80
CA VAL D 890 12.78 64.03 18.97
C VAL D 890 12.99 64.53 20.35
N ILE D 891 12.96 63.63 21.32
CA ILE D 891 13.01 64.02 22.74
C ILE D 891 14.32 64.72 23.08
N GLN D 892 15.42 64.16 22.57
CA GLN D 892 16.75 64.69 22.86
C GLN D 892 17.05 65.96 22.09
N ASN D 893 16.78 65.98 20.79
CA ASN D 893 16.93 67.20 20.00
C ASN D 893 16.09 68.35 20.59
N LEU D 894 14.86 68.08 21.03
CA LEU D 894 14.06 69.13 21.68
C LEU D 894 14.61 69.58 23.01
N ALA D 895 15.28 68.71 23.74
CA ALA D 895 15.77 69.06 25.09
C ALA D 895 17.12 69.80 25.05
N TYR D 896 18.00 69.34 24.15
CA TYR D 896 19.26 70.01 23.89
C TYR D 896 19.15 71.29 23.07
N VAL D 897 18.46 71.26 21.93
CA VAL D 897 18.51 72.39 21.00
C VAL D 897 17.17 72.85 20.47
N SER D 898 16.17 73.01 21.32
CA SER D 898 14.88 73.57 20.87
C SER D 898 14.99 75.02 20.34
N ASP D 899 16.04 75.76 20.68
CA ASP D 899 16.19 77.13 20.14
C ASP D 899 16.54 77.20 18.66
N SER D 900 17.38 76.28 18.20
CA SER D 900 17.74 76.19 16.79
C SER D 900 16.63 75.61 15.89
N LEU D 901 15.58 75.06 16.49
CA LEU D 901 14.46 74.48 15.73
C LEU D 901 13.65 75.53 14.96
N ASP D 902 13.41 76.70 15.56
CA ASP D 902 12.73 77.80 14.86
C ASP D 902 13.64 78.34 13.76
N ASP D 903 14.94 78.53 14.07
CA ASP D 903 15.93 78.97 13.04
C ASP D 903 16.00 77.99 11.87
N TYR D 904 15.86 76.68 12.14
CA TYR D 904 15.84 75.67 11.07
C TYR D 904 14.59 75.75 10.17
N GLN D 905 13.41 76.00 10.73
CA GLN D 905 12.19 75.89 9.89
C GLN D 905 12.22 77.02 8.82
N SER D 906 12.62 78.23 9.22
CA SER D 906 12.89 79.32 8.25
C SER D 906 14.38 79.56 8.02
N CYS E 3 74.40 -39.00 15.54
CA CYS E 3 73.57 -40.01 14.83
C CYS E 3 72.84 -39.41 13.66
N THR E 4 72.12 -40.45 12.74
CA THR E 4 71.30 -40.22 11.60
C THR E 4 70.35 -41.38 11.51
N SER E 5 69.07 -41.09 11.35
CA SER E 5 68.06 -42.11 11.24
C SER E 5 66.87 -41.69 10.36
N SER E 6 66.35 -42.62 9.59
CA SER E 6 65.23 -42.36 8.72
C SER E 6 64.47 -43.61 8.43
N SER E 7 63.22 -43.45 8.06
CA SER E 7 62.36 -44.58 7.82
C SER E 7 61.80 -44.52 6.39
N ALA E 8 61.60 -45.68 5.76
CA ALA E 8 60.85 -45.72 4.51
C ALA E 8 59.95 -46.94 4.55
N THR E 9 58.75 -46.80 3.99
CA THR E 9 57.72 -47.85 4.08
C THR E 9 57.58 -48.54 2.72
N VAL E 10 57.35 -49.84 2.78
CA VAL E 10 57.06 -50.66 1.60
C VAL E 10 55.66 -51.24 1.66
N HIS E 11 55.05 -51.37 0.49
CA HIS E 11 53.67 -51.80 0.34
C HIS E 11 53.67 -53.01 -0.53
N TRP E 12 52.70 -53.87 -0.29
CA TRP E 12 52.44 -54.98 -1.23
C TRP E 12 52.05 -54.40 -2.57
N LEU E 13 52.54 -55.05 -3.62
CA LEU E 13 52.37 -54.59 -4.97
C LEU E 13 50.90 -54.48 -5.32
N GLY E 14 50.07 -55.49 -5.08
CA GLY E 14 48.60 -55.29 -5.29
C GLY E 14 47.86 -55.37 -3.98
N ASP E 15 46.79 -56.16 -3.95
CA ASP E 15 46.14 -56.51 -2.68
C ASP E 15 47.11 -57.29 -1.83
N LYS E 16 46.94 -57.23 -0.51
CA LYS E 16 47.82 -58.00 0.39
C LYS E 16 47.58 -59.52 0.25
N PRO E 17 48.66 -60.31 0.29
CA PRO E 17 48.55 -61.74 0.06
C PRO E 17 47.95 -62.50 1.26
N THR E 18 47.39 -63.68 1.00
CA THR E 18 47.01 -64.59 2.09
C THR E 18 48.21 -65.40 2.54
N TYR E 19 49.17 -65.54 1.64
CA TYR E 19 50.35 -66.30 1.86
C TYR E 19 51.58 -65.67 1.22
N HIS E 20 52.70 -65.80 1.91
CA HIS E 20 53.99 -65.59 1.27
C HIS E 20 55.03 -66.52 1.89
N ALA E 21 56.16 -66.70 1.21
CA ALA E 21 57.15 -67.73 1.57
C ALA E 21 58.49 -67.08 1.87
N GLY E 22 58.39 -65.90 2.48
CA GLY E 22 59.44 -64.87 2.57
C GLY E 22 59.70 -64.09 1.29
N VAL E 23 60.11 -62.83 1.43
CA VAL E 23 60.32 -61.98 0.27
C VAL E 23 61.54 -61.09 0.41
N THR E 24 62.07 -60.70 -0.74
CA THR E 24 63.19 -59.80 -0.80
C THR E 24 62.72 -58.49 -1.41
N PHE E 25 63.14 -57.35 -0.86
CA PHE E 25 62.85 -56.10 -1.54
C PHE E 25 64.03 -55.16 -1.59
N GLY E 26 63.96 -54.21 -2.53
CA GLY E 26 64.90 -53.08 -2.57
C GLY E 26 64.43 -51.85 -1.79
N LEU E 27 65.38 -51.07 -1.26
CA LEU E 27 65.09 -49.72 -0.76
C LEU E 27 66.19 -48.73 -1.20
N PRO E 28 65.80 -47.56 -1.73
CA PRO E 28 66.73 -46.52 -2.05
C PRO E 28 67.04 -45.62 -0.87
N TRP E 29 68.19 -44.95 -0.89
CA TRP E 29 68.65 -44.09 0.23
C TRP E 29 69.30 -42.83 -0.33
N PRO E 30 68.98 -41.64 0.25
CA PRO E 30 69.57 -40.36 -0.20
C PRO E 30 71.08 -40.39 -0.27
N GLN E 31 71.64 -39.85 -1.34
CA GLN E 31 73.08 -39.59 -1.46
C GLN E 31 73.73 -39.02 -0.19
N GLY E 32 74.76 -39.72 0.29
CA GLY E 32 75.61 -39.30 1.41
C GLY E 32 75.06 -39.46 2.81
N LYS E 33 73.96 -40.17 2.95
CA LYS E 33 73.26 -40.21 4.22
C LYS E 33 73.82 -41.28 5.12
N TYR E 34 73.94 -42.51 4.58
CA TYR E 34 74.35 -43.71 5.31
C TYR E 34 75.61 -44.38 4.77
N ARG E 35 76.52 -44.77 5.66
CA ARG E 35 77.76 -45.46 5.25
C ARG E 35 77.55 -46.97 5.28
N PRO E 36 78.17 -47.70 4.37
CA PRO E 36 78.02 -49.17 4.46
C PRO E 36 78.83 -49.75 5.61
N GLN E 37 78.36 -50.88 6.15
CA GLN E 37 78.91 -51.54 7.34
CA GLN E 37 79.00 -51.52 7.31
C GLN E 37 78.91 -50.62 8.56
N GLU E 38 78.18 -49.49 8.46
CA GLU E 38 77.97 -48.50 9.55
C GLU E 38 76.49 -48.15 9.80
N THR E 39 75.58 -49.01 9.32
CA THR E 39 74.15 -48.73 9.29
C THR E 39 73.38 -49.98 9.64
N SER E 40 72.42 -49.87 10.54
CA SER E 40 71.52 -50.98 10.93
C SER E 40 70.12 -50.68 10.44
N PHE E 41 69.33 -51.72 10.21
CA PHE E 41 67.97 -51.56 9.67
C PHE E 41 67.00 -52.38 10.47
N SER E 42 65.81 -51.86 10.68
CA SER E 42 64.89 -52.55 11.55
C SER E 42 63.44 -52.35 11.06
N LEU E 43 62.63 -53.37 11.28
CA LEU E 43 61.36 -53.53 10.60
C LEU E 43 60.22 -53.30 11.56
N THR E 44 59.06 -52.84 11.07
CA THR E 44 57.84 -52.58 11.88
C THR E 44 56.55 -53.02 11.09
N GLY E 45 55.51 -53.47 11.82
CA GLY E 45 54.21 -53.94 11.26
C GLY E 45 53.36 -52.86 10.60
N SER E 51 61.84 -55.17 15.28
CA SER E 51 62.25 -56.51 14.80
C SER E 51 63.52 -56.50 13.83
N GLU E 52 64.63 -57.15 14.23
CA GLU E 52 65.93 -57.14 13.49
C GLU E 52 65.76 -57.74 12.10
N LEU E 53 66.25 -57.03 11.07
CA LEU E 53 65.89 -57.27 9.64
C LEU E 53 67.09 -57.48 8.73
N GLN E 54 67.03 -58.54 7.94
CA GLN E 54 68.19 -58.96 7.12
C GLN E 54 68.52 -58.03 5.94
N SER E 55 69.74 -57.48 5.86
CA SER E 55 70.02 -56.38 4.93
C SER E 55 71.40 -56.43 4.30
N TRP E 56 71.47 -55.98 3.04
CA TRP E 56 72.75 -55.87 2.30
C TRP E 56 72.70 -54.81 1.20
N ALA E 57 73.85 -54.36 0.78
CA ALA E 57 73.95 -53.39 -0.27
C ALA E 57 73.82 -54.05 -1.64
N THR E 58 73.15 -53.35 -2.56
CA THR E 58 73.19 -53.65 -4.00
C THR E 58 73.75 -52.51 -4.83
N GLY E 59 73.82 -51.32 -4.25
CA GLY E 59 74.46 -50.24 -4.98
C GLY E 59 74.82 -49.05 -4.12
N TYR E 60 75.81 -48.32 -4.59
CA TYR E 60 76.43 -47.27 -3.83
C TYR E 60 76.39 -45.95 -4.62
N TRP E 61 76.42 -44.84 -3.91
CA TRP E 61 76.66 -43.57 -4.58
C TRP E 61 78.16 -43.38 -4.89
N ALA E 62 78.50 -42.32 -5.62
CA ALA E 62 79.93 -42.04 -5.94
C ALA E 62 80.77 -41.78 -4.70
N ASP E 63 80.18 -41.21 -3.65
CA ASP E 63 80.92 -40.96 -2.40
C ASP E 63 81.12 -42.20 -1.49
N GLY E 64 80.66 -43.38 -1.92
CA GLY E 64 80.78 -44.58 -1.10
C GLY E 64 79.54 -44.87 -0.30
N SER E 65 78.57 -43.95 -0.27
CA SER E 65 77.37 -44.14 0.59
C SER E 65 76.34 -45.10 -0.01
N LEU E 66 75.45 -45.58 0.85
CA LEU E 66 74.44 -46.53 0.40
C LEU E 66 73.44 -45.88 -0.57
N LYS E 67 73.28 -46.46 -1.76
CA LYS E 67 72.29 -46.02 -2.74
C LYS E 67 71.09 -46.94 -2.78
N TRP E 68 71.31 -48.22 -3.07
CA TRP E 68 70.26 -49.25 -2.89
C TRP E 68 70.71 -50.34 -1.92
N THR E 69 69.78 -50.72 -1.08
CA THR E 69 69.89 -51.92 -0.28
C THR E 69 68.82 -52.93 -0.67
N ALA E 70 69.08 -54.17 -0.29
CA ALA E 70 68.12 -55.22 -0.40
C ALA E 70 67.83 -55.77 1.00
N HIS E 71 66.65 -56.32 1.19
CA HIS E 71 66.20 -56.79 2.50
C HIS E 71 65.44 -58.05 2.33
N ALA E 72 65.43 -58.88 3.37
CA ALA E 72 64.72 -60.16 3.34
C ALA E 72 63.92 -60.35 4.58
N ILE E 73 62.68 -60.77 4.43
CA ILE E 73 61.91 -61.30 5.56
C ILE E 73 61.63 -62.80 5.37
N ALA E 74 61.45 -63.49 6.50
CA ALA E 74 61.16 -64.90 6.53
C ALA E 74 59.70 -65.10 6.20
N GLU E 75 59.33 -66.32 5.81
CA GLU E 75 57.93 -66.74 5.79
C GLU E 75 57.36 -66.58 7.19
N SER E 76 56.16 -66.00 7.25
CA SER E 76 55.43 -65.77 8.47
C SER E 76 53.94 -65.83 8.16
N ASN E 77 53.15 -66.42 9.05
CA ASN E 77 51.72 -66.31 8.85
C ASN E 77 51.15 -64.97 9.38
N GLN E 78 51.93 -64.13 10.05
CA GLN E 78 51.56 -62.70 10.29
C GLN E 78 51.92 -61.88 9.04
N ILE E 79 50.90 -61.28 8.43
CA ILE E 79 51.09 -60.52 7.21
C ILE E 79 50.46 -59.14 7.38
N TYR E 80 51.24 -58.11 7.08
CA TYR E 80 50.84 -56.73 7.34
C TYR E 80 50.45 -55.99 6.04
N ASP E 81 49.69 -54.91 6.15
CA ASP E 81 49.40 -54.07 4.98
C ASP E 81 50.64 -53.27 4.63
N GLN E 82 51.50 -53.02 5.61
CA GLN E 82 52.75 -52.32 5.34
C GLN E 82 53.92 -52.68 6.24
N TYR E 83 55.12 -52.55 5.70
CA TYR E 83 56.34 -52.82 6.41
C TYR E 83 57.13 -51.54 6.38
N THR E 84 57.48 -51.04 7.56
CA THR E 84 58.33 -49.86 7.66
C THR E 84 59.75 -50.27 8.05
N VAL E 85 60.72 -49.79 7.29
CA VAL E 85 62.16 -50.02 7.55
C VAL E 85 62.80 -48.72 8.06
N THR E 86 63.29 -48.77 9.31
CA THR E 86 64.04 -47.65 9.86
C THR E 86 65.51 -47.97 9.76
N ALA E 87 66.25 -47.11 9.07
CA ALA E 87 67.72 -47.16 9.07
C ALA E 87 68.21 -46.35 10.25
N SER E 88 69.35 -46.75 10.81
CA SER E 88 70.07 -45.97 11.88
C SER E 88 71.58 -46.09 11.69
N SER E 89 72.30 -45.01 11.84
CA SER E 89 73.72 -45.11 11.78
C SER E 89 74.25 -45.73 13.07
N LEU E 90 75.53 -46.07 13.10
CA LEU E 90 76.14 -46.69 14.25
C LEU E 90 76.20 -45.82 15.45
N GLY E 91 76.29 -44.52 15.27
CA GLY E 91 76.34 -43.57 16.34
C GLY E 91 75.10 -43.44 17.16
N CYS E 92 73.98 -43.87 16.65
CA CYS E 92 72.76 -43.84 17.35
C CYS E 92 72.84 -44.82 18.53
N VAL E 93 73.48 -45.97 18.40
CA VAL E 93 73.57 -46.93 19.50
C VAL E 93 74.73 -46.71 20.41
N LYS E 94 75.83 -46.34 19.79
CA LYS E 94 77.09 -46.11 20.45
C LYS E 94 77.00 -44.93 21.38
N SER E 95 76.05 -44.05 21.19
CA SER E 95 75.87 -43.05 22.19
C SER E 95 74.73 -43.37 23.13
N SER E 96 74.59 -44.66 23.37
CA SER E 96 73.68 -45.45 24.18
C SER E 96 73.24 -45.07 25.62
N SER E 97 73.40 -46.04 26.51
CA SER E 97 72.96 -46.13 27.85
C SER E 97 71.47 -46.19 27.68
N SER E 98 71.09 -47.38 27.25
CA SER E 98 69.72 -47.75 27.05
C SER E 98 69.66 -49.27 27.00
N SER E 99 69.98 -49.94 28.08
CA SER E 99 69.86 -51.39 27.97
C SER E 99 68.64 -51.71 27.05
N SER E 100 68.90 -52.42 25.94
CA SER E 100 67.88 -52.89 25.02
C SER E 100 67.95 -54.43 24.97
N GLU E 101 66.81 -55.12 25.10
CA GLU E 101 66.75 -56.58 25.04
C GLU E 101 67.26 -57.09 23.70
N SER E 102 68.05 -58.15 23.72
CA SER E 102 68.53 -58.88 22.53
C SER E 102 67.85 -60.26 22.57
N SER E 103 67.29 -60.67 21.43
CA SER E 103 66.51 -61.92 21.36
C SER E 103 66.55 -62.56 19.98
N ALA E 104 66.33 -63.87 19.99
CA ALA E 104 66.42 -64.72 18.80
C ALA E 104 65.18 -64.60 17.94
N PRO E 105 65.34 -64.56 16.60
CA PRO E 105 64.12 -64.69 15.80
C PRO E 105 63.40 -66.05 16.01
N ASN E 106 62.13 -66.11 15.60
CA ASN E 106 61.33 -67.34 15.63
C ASN E 106 62.07 -68.52 14.91
N SER E 107 62.55 -68.25 13.69
CA SER E 107 63.25 -69.24 12.86
C SER E 107 64.48 -68.66 12.16
N SER E 108 65.44 -69.54 11.88
CA SER E 108 66.69 -69.14 11.30
C SER E 108 67.41 -70.28 10.56
N ILE E 109 67.96 -69.94 9.40
CA ILE E 109 68.56 -70.92 8.51
C ILE E 109 69.91 -71.38 9.06
N VAL E 110 70.13 -72.68 9.11
CA VAL E 110 71.47 -73.24 9.36
C VAL E 110 71.91 -74.00 8.10
N VAL E 111 73.15 -73.78 7.67
CA VAL E 111 73.72 -74.51 6.53
C VAL E 111 74.97 -75.25 6.99
N THR E 112 75.15 -76.46 6.45
CA THR E 112 76.28 -77.31 6.80
C THR E 112 77.10 -77.57 5.52
N ASP E 113 78.36 -77.17 5.51
CA ASP E 113 79.22 -77.37 4.34
C ASP E 113 80.13 -78.59 4.51
N ASN E 114 80.39 -79.25 3.36
CA ASN E 114 81.56 -80.14 3.15
C ASN E 114 81.83 -80.37 1.64
N SER E 115 82.83 -81.19 1.31
CA SER E 115 83.27 -81.31 -0.09
C SER E 115 82.38 -82.25 -0.92
N ASP E 116 81.47 -82.98 -0.29
CA ASP E 116 80.36 -83.70 -1.00
C ASP E 116 79.11 -82.83 -1.32
N ALA E 117 78.68 -82.00 -0.37
CA ALA E 117 77.32 -81.50 -0.31
C ALA E 117 77.13 -80.38 0.70
N LEU E 118 76.25 -79.45 0.32
CA LEU E 118 75.87 -78.29 1.08
C LEU E 118 74.42 -78.55 1.49
N THR E 119 74.14 -78.59 2.78
CA THR E 119 72.76 -78.79 3.26
C THR E 119 72.21 -77.45 3.80
N VAL E 120 71.06 -77.03 3.31
CA VAL E 120 70.37 -75.82 3.77
C VAL E 120 69.10 -76.28 4.51
N ASN E 121 68.95 -75.79 5.74
CA ASN E 121 67.88 -76.17 6.65
C ASN E 121 67.17 -74.93 7.06
N THR E 122 65.88 -74.85 6.77
CA THR E 122 65.10 -73.64 7.05
C THR E 122 64.34 -73.76 8.37
N GLY E 123 64.30 -74.96 8.96
CA GLY E 123 63.45 -75.22 10.13
C GLY E 123 62.14 -75.83 9.71
N GLU E 124 61.85 -75.74 8.41
CA GLU E 124 60.73 -76.41 7.78
C GLU E 124 61.12 -77.42 6.71
N VAL E 125 62.23 -77.19 6.01
CA VAL E 125 62.84 -78.21 5.15
C VAL E 125 64.35 -78.23 5.28
N ALA E 126 64.90 -79.34 4.87
CA ALA E 126 66.33 -79.45 4.73
C ALA E 126 66.61 -79.98 3.35
N VAL E 127 67.42 -79.26 2.59
CA VAL E 127 67.64 -79.59 1.18
C VAL E 127 69.14 -79.74 1.02
N SER E 128 69.58 -80.80 0.38
CA SER E 128 71.02 -81.04 0.17
C SER E 128 71.40 -80.73 -1.28
N PHE E 129 72.55 -80.09 -1.50
CA PHE E 129 72.99 -79.73 -2.83
C PHE E 129 74.35 -80.33 -3.14
N PRO E 130 74.41 -81.43 -3.90
CA PRO E 130 75.74 -81.96 -4.13
C PRO E 130 76.69 -80.97 -4.79
N LYS E 131 77.97 -81.16 -4.52
CA LYS E 131 79.04 -80.28 -5.01
C LYS E 131 79.54 -80.72 -6.38
N GLY E 132 79.05 -81.89 -6.83
CA GLY E 132 79.45 -82.47 -8.11
C GLY E 132 78.46 -83.53 -8.54
N GLY E 133 78.56 -83.94 -9.81
CA GLY E 133 77.72 -85.00 -10.36
C GLY E 133 76.44 -84.55 -11.07
N ASN E 134 75.51 -85.51 -11.21
CA ASN E 134 74.31 -85.34 -12.01
C ASN E 134 73.00 -85.25 -11.22
N VAL E 135 73.09 -84.92 -9.94
CA VAL E 135 71.93 -84.71 -9.12
C VAL E 135 72.11 -83.34 -8.47
N ILE E 136 71.18 -82.42 -8.78
CA ILE E 136 71.22 -81.03 -8.28
C ILE E 136 70.85 -80.97 -6.81
N ILE E 137 69.79 -81.70 -6.44
CA ILE E 137 69.31 -81.87 -5.07
C ILE E 137 69.35 -83.34 -4.67
N GLY E 138 70.16 -83.68 -3.67
CA GLY E 138 70.29 -85.04 -3.14
C GLY E 138 68.96 -85.48 -2.56
N ASP E 139 68.51 -84.82 -1.50
CA ASP E 139 67.19 -85.07 -0.92
C ASP E 139 66.55 -83.82 -0.30
N ILE E 140 65.27 -83.91 0.01
CA ILE E 140 64.53 -82.85 0.68
C ILE E 140 63.79 -83.41 1.89
N LYS E 141 64.09 -82.86 3.07
CA LYS E 141 63.50 -83.32 4.32
C LYS E 141 62.55 -82.32 4.95
N THR E 142 61.52 -82.84 5.61
CA THR E 142 60.61 -82.03 6.43
C THR E 142 61.22 -81.89 7.81
N LYS E 143 60.55 -81.11 8.68
CA LYS E 143 61.12 -80.84 10.02
C LYS E 143 61.29 -82.14 10.81
N SER E 144 60.45 -83.16 10.53
CA SER E 144 60.59 -84.52 11.16
C SER E 144 61.95 -85.17 10.87
N GLY E 145 62.51 -84.94 9.69
CA GLY E 145 63.66 -85.71 9.16
C GLY E 145 63.24 -86.65 8.03
N LYS E 146 61.95 -86.67 7.73
CA LYS E 146 61.37 -87.54 6.71
C LYS E 146 61.76 -87.07 5.31
N VAL E 147 62.37 -87.96 4.53
CA VAL E 147 62.63 -87.71 3.12
C VAL E 147 61.30 -87.72 2.36
N ILE E 148 61.01 -86.61 1.71
CA ILE E 148 59.74 -86.49 0.96
C ILE E 148 59.93 -86.27 -0.52
N GLY E 149 61.17 -85.99 -0.95
CA GLY E 149 61.61 -86.06 -2.35
C GLY E 149 63.14 -86.15 -2.46
N ALA E 150 63.62 -86.63 -3.59
CA ALA E 150 65.04 -86.93 -3.76
C ALA E 150 65.51 -86.86 -5.21
N ASN E 151 66.81 -86.78 -5.38
CA ASN E 151 67.43 -86.79 -6.71
C ASN E 151 66.87 -85.82 -7.75
N GLY E 152 66.43 -84.65 -7.29
CA GLY E 152 66.25 -83.51 -8.16
C GLY E 152 67.35 -83.36 -9.20
N ARG E 153 66.95 -83.35 -10.48
CA ARG E 153 67.87 -83.49 -11.60
C ARG E 153 67.29 -82.83 -12.86
N LEU E 154 68.15 -82.24 -13.68
CA LEU E 154 67.73 -81.60 -14.91
C LEU E 154 67.68 -82.63 -16.00
N VAL E 155 66.66 -82.52 -16.84
CA VAL E 155 66.46 -83.46 -17.92
C VAL E 155 66.39 -82.61 -19.20
N LEU E 156 67.10 -83.07 -20.23
CA LEU E 156 67.20 -82.41 -21.54
C LEU E 156 67.15 -83.52 -22.58
N GLN E 157 66.27 -83.38 -23.57
CA GLN E 157 66.21 -84.29 -24.73
C GLN E 157 66.35 -83.50 -26.04
N SER E 158 67.00 -84.09 -27.03
CA SER E 158 67.15 -83.43 -28.35
C SER E 158 67.09 -84.44 -29.48
N GLN E 159 67.05 -83.91 -30.70
CA GLN E 159 67.14 -84.75 -31.90
C GLN E 159 68.05 -84.12 -32.91
N ASP E 160 68.66 -84.94 -33.76
CA ASP E 160 69.77 -84.52 -34.64
C ASP E 160 69.33 -83.92 -35.98
N SER E 161 68.02 -84.04 -36.24
CA SER E 161 67.42 -83.57 -37.48
C SER E 161 65.88 -83.67 -37.35
N VAL E 162 65.18 -83.16 -38.38
CA VAL E 162 63.74 -83.00 -38.41
C VAL E 162 63.32 -83.35 -39.84
N PRO E 163 62.21 -84.10 -40.02
CA PRO E 163 61.79 -84.29 -41.43
C PRO E 163 61.22 -83.04 -42.07
N ASP E 164 61.11 -83.07 -43.38
CA ASP E 164 60.51 -81.95 -44.09
C ASP E 164 59.05 -81.73 -43.66
N ASN E 165 58.38 -82.84 -43.36
CA ASN E 165 56.94 -82.89 -43.11
C ASN E 165 56.53 -84.27 -42.58
N PHE E 166 55.25 -84.43 -42.25
CA PHE E 166 54.78 -85.67 -41.60
C PHE E 166 55.03 -86.90 -42.46
N ASP E 167 54.78 -86.78 -43.76
CA ASP E 167 55.09 -87.85 -44.75
C ASP E 167 56.58 -88.27 -44.82
N ASN E 168 57.49 -87.30 -44.70
CA ASN E 168 58.93 -87.56 -44.76
C ASN E 168 59.48 -88.33 -43.54
N ARG E 169 58.67 -88.56 -42.52
CA ARG E 169 59.10 -89.36 -41.38
C ARG E 169 59.54 -90.78 -41.78
N ALA E 170 58.79 -91.38 -42.71
CA ALA E 170 59.13 -92.65 -43.38
C ALA E 170 60.56 -92.77 -43.94
N ASN E 171 61.14 -91.65 -44.36
CA ASN E 171 62.43 -91.60 -45.04
C ASN E 171 63.42 -90.63 -44.38
N SER E 172 63.10 -90.04 -43.24
CA SER E 172 64.08 -89.24 -42.49
C SER E 172 64.24 -89.83 -41.11
N PRO E 173 65.21 -90.78 -40.96
CA PRO E 173 65.48 -91.32 -39.63
C PRO E 173 65.93 -90.21 -38.69
N ILE E 174 65.41 -90.28 -37.48
CA ILE E 174 65.69 -89.33 -36.39
C ILE E 174 66.52 -90.05 -35.30
N GLN E 175 67.72 -89.56 -35.00
CA GLN E 175 68.46 -89.96 -33.77
C GLN E 175 68.16 -89.05 -32.54
N TYR E 176 67.53 -89.63 -31.52
CA TYR E 176 67.26 -88.97 -30.25
C TYR E 176 68.41 -89.07 -29.23
N SER E 177 68.71 -87.99 -28.51
CA SER E 177 69.61 -88.02 -27.34
C SER E 177 68.92 -87.56 -26.04
N ASN E 178 69.45 -88.04 -24.91
CA ASN E 178 68.99 -87.69 -23.56
C ASN E 178 70.17 -87.12 -22.82
N PHE E 179 69.93 -86.13 -21.96
CA PHE E 179 70.97 -85.54 -21.15
C PHE E 179 70.52 -85.34 -19.70
N ASP E 180 71.50 -85.35 -18.80
CA ASP E 180 71.37 -85.05 -17.36
C ASP E 180 72.06 -83.70 -17.23
N GLY E 181 71.66 -82.94 -16.23
CA GLY E 181 72.43 -81.75 -15.86
C GLY E 181 73.61 -82.10 -14.98
N ASN E 182 74.81 -81.74 -15.43
CA ASN E 182 76.06 -82.06 -14.78
C ASN E 182 76.67 -80.82 -14.09
N ILE E 183 76.92 -81.00 -12.80
CA ILE E 183 77.31 -79.94 -11.92
C ILE E 183 78.79 -79.64 -11.95
N ASN E 184 79.12 -78.36 -11.93
CA ASN E 184 80.49 -77.87 -12.03
C ASN E 184 80.90 -76.96 -10.87
N GLU E 185 80.01 -76.09 -10.42
CA GLU E 185 80.26 -75.27 -9.26
C GLU E 185 78.98 -75.06 -8.48
N VAL E 186 79.11 -75.00 -7.16
CA VAL E 186 78.04 -74.67 -6.23
C VAL E 186 78.52 -73.56 -5.34
N PHE E 187 77.86 -72.41 -5.39
CA PHE E 187 78.20 -71.24 -4.54
C PHE E 187 77.05 -71.12 -3.56
N VAL E 188 77.25 -70.36 -2.49
CA VAL E 188 76.20 -70.10 -1.53
C VAL E 188 76.29 -68.68 -0.95
N ASN E 189 75.11 -68.05 -0.82
CA ASN E 189 74.98 -66.75 -0.18
C ASN E 189 74.15 -66.96 1.02
N GLN E 190 74.83 -67.26 2.10
CA GLN E 190 74.15 -67.52 3.34
C GLN E 190 73.74 -66.22 4.02
N THR E 191 72.46 -66.14 4.37
CA THR E 191 72.06 -65.29 5.47
C THR E 191 71.00 -66.02 6.28
N SER E 192 70.83 -65.54 7.50
CA SER E 192 69.94 -66.11 8.49
C SER E 192 68.45 -66.25 8.05
N ALA E 193 67.99 -65.28 7.27
CA ALA E 193 66.61 -65.22 6.76
C ALA E 193 66.53 -65.76 5.35
N ARG E 194 67.60 -65.61 4.59
CA ARG E 194 67.52 -66.11 3.27
C ARG E 194 68.85 -66.58 2.80
N THR E 195 68.85 -67.78 2.21
CA THR E 195 70.02 -68.37 1.59
C THR E 195 69.74 -68.67 0.13
N LEU E 196 70.62 -68.16 -0.72
CA LEU E 196 70.61 -68.38 -2.15
C LEU E 196 71.71 -69.40 -2.47
N VAL E 197 71.32 -70.53 -3.05
CA VAL E 197 72.28 -71.54 -3.52
C VAL E 197 72.29 -71.40 -5.04
N THR E 198 73.45 -71.10 -5.62
CA THR E 198 73.56 -70.93 -7.09
C THR E 198 74.31 -72.15 -7.61
N VAL E 199 73.69 -72.96 -8.46
CA VAL E 199 74.35 -74.12 -9.07
C VAL E 199 74.62 -73.97 -10.57
N ARG E 200 75.86 -74.18 -11.02
CA ARG E 200 76.25 -74.03 -12.44
C ARG E 200 76.75 -75.33 -13.08
N GLY E 201 76.49 -75.46 -14.38
CA GLY E 201 76.94 -76.61 -15.12
C GLY E 201 76.54 -76.69 -16.57
N ASN E 202 76.53 -77.93 -17.06
CA ASN E 202 76.41 -78.32 -18.47
C ASN E 202 75.44 -79.47 -18.51
N HIS E 203 74.89 -79.76 -19.68
CA HIS E 203 74.14 -80.98 -19.89
C HIS E 203 74.96 -82.02 -20.64
N THR E 204 75.03 -83.22 -20.05
CA THR E 204 75.88 -84.30 -20.57
C THR E 204 75.02 -85.48 -21.00
N VAL E 205 75.39 -86.16 -22.08
CA VAL E 205 74.60 -87.27 -22.56
C VAL E 205 74.47 -88.39 -21.64
N THR E 206 73.25 -88.86 -21.48
CA THR E 206 73.02 -90.02 -20.70
C THR E 206 72.66 -91.13 -21.70
N ASP E 207 71.46 -91.14 -22.24
CA ASP E 207 71.10 -92.14 -23.21
C ASP E 207 71.18 -91.60 -24.62
N GLY E 208 71.00 -92.49 -25.58
CA GLY E 208 70.95 -92.13 -26.97
C GLY E 208 72.27 -91.91 -27.58
N THR E 209 72.27 -91.25 -28.71
CA THR E 209 73.47 -90.93 -29.45
C THR E 209 74.41 -90.02 -28.71
N ASP E 210 75.67 -90.03 -29.10
CA ASP E 210 76.63 -89.18 -28.48
C ASP E 210 76.44 -87.76 -28.91
N HIS E 211 77.01 -86.87 -28.12
CA HIS E 211 76.82 -85.44 -28.31
C HIS E 211 77.76 -84.77 -27.32
N ASP E 212 78.61 -83.83 -27.73
CA ASP E 212 79.44 -83.07 -26.76
C ASP E 212 78.60 -82.50 -25.58
N PRO E 213 79.21 -82.27 -24.40
CA PRO E 213 78.42 -81.51 -23.41
C PRO E 213 77.95 -80.11 -23.93
N TRP E 214 76.73 -79.71 -23.56
CA TRP E 214 76.13 -78.43 -24.02
C TRP E 214 74.95 -77.94 -23.14
N LEU E 215 74.42 -76.78 -23.53
CA LEU E 215 73.30 -76.11 -22.89
C LEU E 215 73.68 -75.71 -21.49
N PRO E 216 74.62 -74.77 -21.40
CA PRO E 216 75.08 -74.39 -20.08
C PRO E 216 73.93 -73.87 -19.24
N PHE E 217 73.91 -74.27 -17.95
CA PHE E 217 72.80 -73.92 -17.05
C PHE E 217 73.28 -73.24 -15.80
N VAL E 218 72.43 -72.38 -15.25
CA VAL E 218 72.59 -71.82 -13.93
C VAL E 218 71.25 -71.99 -13.28
N VAL E 219 71.24 -72.40 -12.03
CA VAL E 219 70.00 -72.66 -11.35
C VAL E 219 70.14 -72.13 -9.95
N ARG E 220 69.20 -71.25 -9.58
CA ARG E 220 69.28 -70.43 -8.38
C ARG E 220 68.14 -70.79 -7.44
N PHE E 221 68.50 -71.30 -6.25
CA PHE E 221 67.51 -71.72 -5.28
C PHE E 221 67.47 -70.72 -4.17
N TYR E 222 66.29 -70.12 -3.98
CA TYR E 222 66.07 -69.14 -2.94
C TYR E 222 65.32 -69.81 -1.81
N LEU E 223 65.93 -69.97 -0.64
CA LEU E 223 65.27 -70.58 0.50
C LEU E 223 65.23 -69.54 1.59
N TYR E 224 64.12 -69.50 2.32
CA TYR E 224 63.81 -68.49 3.29
C TYR E 224 63.50 -69.19 4.60
N ALA E 225 63.92 -68.60 5.71
CA ALA E 225 63.60 -69.12 7.04
C ALA E 225 62.11 -69.40 7.22
N ASN E 226 61.79 -70.52 7.86
CA ASN E 226 60.40 -70.91 8.18
C ASN E 226 59.57 -71.23 6.92
N SER E 227 60.26 -71.58 5.83
CA SER E 227 59.61 -71.89 4.57
C SER E 227 59.96 -73.26 4.04
N ALA E 228 58.92 -73.95 3.58
CA ALA E 228 59.04 -75.19 2.86
C ALA E 228 58.79 -74.95 1.36
N THR E 229 58.64 -73.69 0.98
CA THR E 229 58.52 -73.30 -0.43
C THR E 229 59.92 -72.93 -0.87
N ILE E 230 60.35 -73.38 -2.04
CA ILE E 230 61.66 -73.02 -2.58
C ILE E 230 61.45 -72.43 -3.97
N LYS E 231 62.02 -71.27 -4.23
CA LYS E 231 61.91 -70.60 -5.52
C LYS E 231 63.15 -70.87 -6.35
N VAL E 232 62.95 -71.31 -7.59
CA VAL E 232 64.02 -71.81 -8.49
C VAL E 232 64.13 -71.00 -9.81
N MET E 233 65.19 -70.24 -9.96
CA MET E 233 65.43 -69.52 -11.17
C MET E 233 66.35 -70.36 -12.04
N HIS E 234 65.76 -71.01 -13.04
CA HIS E 234 66.44 -71.88 -13.97
C HIS E 234 66.80 -71.08 -15.20
N SER E 235 68.09 -71.02 -15.54
CA SER E 235 68.55 -70.29 -16.72
C SER E 235 69.44 -71.19 -17.58
N ILE E 236 69.11 -71.33 -18.86
CA ILE E 236 69.92 -72.06 -19.83
C ILE E 236 70.36 -71.09 -20.91
N VAL E 237 71.49 -71.38 -21.54
CA VAL E 237 71.98 -70.67 -22.75
C VAL E 237 72.01 -71.64 -23.92
N PHE E 238 71.54 -71.21 -25.09
CA PHE E 238 71.45 -72.10 -26.26
C PHE E 238 72.71 -72.02 -27.11
N ASP E 239 73.63 -72.97 -26.89
CA ASP E 239 74.89 -73.07 -27.64
C ASP E 239 74.85 -74.18 -28.70
N GLY E 240 73.65 -74.66 -29.05
CA GLY E 240 73.50 -75.61 -30.15
C GLY E 240 73.63 -74.96 -31.51
N ASP E 241 73.58 -75.80 -32.55
CA ASP E 241 73.76 -75.37 -33.95
C ASP E 241 72.64 -75.91 -34.86
N GLU E 242 72.72 -75.62 -36.18
CA GLU E 242 71.92 -76.22 -37.29
C GLU E 242 71.15 -77.54 -36.97
N ASN E 243 71.83 -78.44 -36.28
CA ASN E 243 71.40 -79.81 -36.10
C ASN E 243 70.97 -80.17 -34.72
N ASP E 244 70.95 -79.21 -33.79
CA ASP E 244 70.43 -79.48 -32.44
C ASP E 244 68.98 -79.02 -32.26
N PHE E 245 68.05 -79.95 -32.11
CA PHE E 245 66.63 -79.64 -32.02
C PHE E 245 66.16 -80.01 -30.64
N ILE E 246 66.11 -79.06 -29.71
CA ILE E 246 65.67 -79.36 -28.36
C ILE E 246 64.27 -79.90 -28.44
N THR E 247 64.01 -81.08 -27.89
CA THR E 247 62.69 -81.75 -27.95
C THR E 247 61.95 -81.86 -26.61
N GLY E 248 62.72 -81.84 -25.53
CA GLY E 248 62.19 -81.82 -24.18
C GLY E 248 63.19 -81.18 -23.24
N LEU E 249 62.69 -80.50 -22.23
CA LEU E 249 63.52 -79.79 -21.26
C LEU E 249 62.72 -79.69 -19.98
N GLY E 250 63.34 -80.07 -18.87
CA GLY E 250 62.61 -80.24 -17.64
C GLY E 250 63.45 -80.35 -16.41
N ILE E 251 62.72 -80.54 -15.29
CA ILE E 251 63.27 -80.71 -13.96
C ILE E 251 62.45 -81.82 -13.35
N ARG E 252 63.14 -82.82 -12.77
CA ARG E 252 62.56 -84.10 -12.30
C ARG E 252 63.01 -84.45 -10.89
N PHE E 253 62.15 -85.16 -10.18
CA PHE E 253 62.42 -85.57 -8.79
C PHE E 253 61.86 -86.94 -8.53
N ASP E 254 62.54 -87.73 -7.69
CA ASP E 254 61.98 -88.96 -7.15
C ASP E 254 61.17 -88.60 -5.93
N VAL E 255 60.00 -89.23 -5.79
CA VAL E 255 59.19 -89.14 -4.59
C VAL E 255 59.10 -90.56 -4.04
N PRO E 256 59.63 -90.80 -2.81
CA PRO E 256 59.54 -92.12 -2.19
C PRO E 256 58.15 -92.41 -1.71
N LEU E 257 57.64 -93.55 -2.16
CA LEU E 257 56.29 -93.95 -1.88
C LEU E 257 56.19 -95.32 -1.19
N LYS E 258 57.24 -96.16 -1.29
CA LYS E 258 57.33 -97.44 -0.56
C LYS E 258 56.77 -97.35 0.85
N GLY E 259 55.85 -98.26 1.15
CA GLY E 259 55.16 -98.28 2.38
C GLY E 259 53.81 -97.62 2.40
N GLU E 260 53.49 -96.76 1.42
CA GLU E 260 52.14 -96.18 1.33
C GLU E 260 51.25 -97.16 0.62
N GLU E 261 50.16 -97.54 1.29
CA GLU E 261 49.09 -98.26 0.62
C GLU E 261 48.67 -97.46 -0.62
N TYR E 262 48.45 -98.14 -1.75
CA TYR E 262 48.07 -97.51 -3.02
C TYR E 262 46.89 -96.52 -2.91
N TYR E 263 45.94 -96.78 -2.03
CA TYR E 263 44.74 -95.93 -1.82
C TYR E 263 45.02 -94.68 -0.94
N ASP E 264 46.28 -94.54 -0.48
CA ASP E 264 46.82 -93.41 0.29
C ASP E 264 47.96 -92.65 -0.47
N ARG E 265 48.20 -92.99 -1.74
CA ARG E 265 49.08 -92.20 -2.60
C ARG E 265 48.17 -91.24 -3.35
N HIS E 266 48.67 -90.02 -3.57
CA HIS E 266 47.84 -88.89 -4.00
C HIS E 266 48.41 -88.10 -5.15
N ILE E 267 47.51 -87.84 -6.10
CA ILE E 267 47.80 -87.13 -7.30
C ILE E 267 46.94 -85.90 -7.30
N ARG E 268 47.60 -84.77 -7.57
CA ARG E 268 46.93 -83.50 -7.86
C ARG E 268 47.61 -82.76 -8.99
N PHE E 269 46.77 -82.07 -9.74
CA PHE E 269 47.14 -81.16 -10.82
C PHE E 269 46.35 -79.89 -10.66
N ALA E 270 47.02 -78.76 -10.75
CA ALA E 270 46.32 -77.48 -10.81
C ALA E 270 45.57 -77.37 -12.15
N GLY E 271 44.32 -76.91 -12.08
CA GLY E 271 43.45 -76.68 -13.24
C GLY E 271 43.27 -75.21 -13.62
N VAL E 272 42.04 -74.84 -13.86
CA VAL E 272 41.67 -73.53 -14.32
C VAL E 272 41.09 -72.75 -13.15
N ASP E 273 41.57 -71.50 -12.99
CA ASP E 273 41.02 -70.54 -12.01
C ASP E 273 40.87 -71.12 -10.61
N GLY E 274 41.93 -71.70 -10.05
CA GLY E 274 41.87 -72.27 -8.70
C GLY E 274 41.19 -73.62 -8.59
N GLY E 275 40.92 -74.27 -9.72
CA GLY E 275 40.69 -75.72 -9.78
C GLY E 275 41.87 -76.58 -9.33
N ILE E 276 41.55 -77.77 -8.85
CA ILE E 276 42.53 -78.77 -8.51
C ILE E 276 41.89 -80.09 -8.89
N PHE E 277 42.67 -80.89 -9.61
CA PHE E 277 42.39 -82.33 -9.92
C PHE E 277 42.78 -83.15 -8.70
N ASN E 278 41.85 -83.98 -8.19
CA ASN E 278 42.04 -84.74 -6.93
C ASN E 278 41.79 -86.25 -7.07
N GLU E 279 42.87 -87.02 -7.00
CA GLU E 279 42.80 -88.46 -7.17
C GLU E 279 43.84 -89.23 -6.33
N ALA E 280 43.60 -90.54 -6.28
CA ALA E 280 44.48 -91.49 -5.66
C ALA E 280 45.02 -92.45 -6.71
N VAL E 281 46.23 -92.97 -6.49
CA VAL E 281 46.79 -94.03 -7.35
C VAL E 281 45.87 -95.26 -7.44
N GLN E 282 45.22 -95.62 -6.33
CA GLN E 282 44.13 -96.62 -6.32
C GLN E 282 42.89 -96.07 -5.67
N GLY E 283 41.85 -95.88 -6.46
CA GLY E 283 40.70 -95.14 -6.03
C GLY E 283 39.59 -95.97 -5.45
N ILE E 284 38.95 -95.41 -4.44
CA ILE E 284 38.00 -96.09 -3.58
C ILE E 284 36.58 -95.52 -3.71
N THR E 285 36.49 -94.41 -4.44
CA THR E 285 35.28 -93.66 -4.66
C THR E 285 34.74 -94.06 -6.01
N GLY E 286 33.44 -93.86 -6.18
CA GLY E 286 32.72 -94.28 -7.37
C GLY E 286 32.96 -95.70 -7.87
N LEU E 287 33.15 -96.66 -6.94
CA LEU E 287 33.18 -98.11 -7.20
C LEU E 287 31.77 -98.64 -7.07
N ARG E 288 31.57 -99.91 -7.38
CA ARG E 288 30.25 -100.53 -7.27
C ARG E 288 29.75 -100.70 -5.83
N ARG E 289 30.70 -100.95 -4.91
CA ARG E 289 30.43 -100.94 -3.47
C ARG E 289 31.13 -99.77 -2.72
N ASP E 290 30.49 -99.45 -1.60
CA ASP E 290 30.81 -98.30 -0.78
C ASP E 290 31.62 -98.75 0.40
N PRO E 291 32.93 -98.50 0.40
CA PRO E 291 33.68 -98.93 1.59
C PRO E 291 33.26 -98.24 2.88
N GLY E 292 32.54 -97.11 2.77
CA GLY E 292 32.19 -96.25 3.89
C GLY E 292 32.22 -94.78 3.50
N GLU E 293 31.11 -94.08 3.75
CA GLU E 293 31.00 -92.65 3.49
C GLU E 293 32.22 -91.85 4.03
N GLU E 294 32.68 -92.18 5.24
CA GLU E 294 33.86 -91.52 5.86
C GLU E 294 35.16 -91.78 5.07
N ILE E 295 35.33 -93.03 4.61
CA ILE E 295 36.56 -93.50 3.94
C ILE E 295 36.66 -92.83 2.56
N ARG E 296 35.52 -92.76 1.87
CA ARG E 296 35.48 -92.07 0.62
C ARG E 296 35.92 -90.62 0.86
N ALA E 297 35.27 -89.92 1.78
CA ALA E 297 35.60 -88.49 2.05
C ALA E 297 37.07 -88.33 2.50
N ALA E 298 37.56 -89.29 3.27
CA ALA E 298 38.93 -89.27 3.69
C ALA E 298 39.96 -89.39 2.53
N GLN E 299 39.68 -90.24 1.52
CA GLN E 299 40.56 -90.35 0.35
C GLN E 299 40.61 -89.09 -0.54
N PHE E 300 39.45 -88.49 -0.76
CA PHE E 300 39.33 -87.28 -1.56
C PHE E 300 40.03 -86.07 -0.90
N ALA E 301 40.04 -86.07 0.43
CA ALA E 301 40.76 -85.05 1.19
C ALA E 301 42.25 -85.33 1.34
N GLY E 302 42.69 -86.47 0.87
CA GLY E 302 44.09 -86.82 0.93
C GLY E 302 44.53 -87.36 2.29
N GLN E 303 43.59 -87.79 3.11
CA GLN E 303 43.90 -88.30 4.44
C GLN E 303 44.16 -89.79 4.34
N LYS E 304 44.90 -90.30 5.32
CA LYS E 304 45.04 -91.74 5.51
C LYS E 304 43.68 -92.40 5.80
N LEU E 305 43.41 -93.46 5.04
CA LEU E 305 42.19 -94.22 5.18
C LEU E 305 42.30 -95.09 6.42
N ALA E 306 41.15 -95.40 6.99
CA ALA E 306 41.07 -96.28 8.14
C ALA E 306 41.59 -97.68 7.81
N ASP E 307 41.65 -98.51 8.84
CA ASP E 307 42.09 -99.89 8.68
C ASP E 307 41.12 -100.64 7.73
N THR E 308 41.69 -101.36 6.75
CA THR E 308 41.01 -102.42 5.96
C THR E 308 39.81 -103.03 6.71
N GLU E 309 40.07 -103.49 7.95
CA GLU E 309 39.04 -104.08 8.85
C GLU E 309 37.80 -103.25 9.09
N THR E 310 37.88 -101.91 9.02
CA THR E 310 36.69 -101.04 9.27
C THR E 310 35.76 -100.90 8.06
N TRP E 311 36.27 -101.23 6.86
CA TRP E 311 35.53 -101.04 5.60
C TRP E 311 34.41 -102.08 5.47
N GLU E 312 33.38 -101.78 4.69
CA GLU E 312 32.41 -102.80 4.30
C GLU E 312 33.16 -103.86 3.48
N PRO E 313 33.05 -105.17 3.83
CA PRO E 313 34.02 -106.15 3.24
C PRO E 313 33.90 -106.43 1.72
N ARG E 314 32.74 -106.13 1.12
CA ARG E 314 32.59 -106.23 -0.33
C ARG E 314 33.53 -105.31 -1.13
N VAL E 315 34.19 -104.34 -0.48
CA VAL E 315 35.25 -103.59 -1.12
C VAL E 315 36.62 -104.19 -0.81
N SER E 316 36.94 -104.33 0.48
CA SER E 316 38.33 -104.61 0.92
C SER E 316 38.92 -105.88 0.38
N THR E 317 38.09 -106.92 0.28
CA THR E 317 38.56 -108.23 -0.25
C THR E 317 38.82 -108.23 -1.74
N ARG E 318 38.53 -107.10 -2.40
CA ARG E 318 38.61 -106.94 -3.85
C ARG E 318 39.48 -105.78 -4.27
N LEU E 319 40.21 -105.19 -3.34
CA LEU E 319 41.23 -104.21 -3.67
C LEU E 319 42.12 -104.63 -4.85
N LYS E 320 42.44 -105.92 -4.97
CA LYS E 320 43.34 -106.40 -6.06
C LYS E 320 42.76 -106.26 -7.47
N TRP E 321 41.43 -106.18 -7.59
CA TRP E 321 40.74 -106.03 -8.88
C TRP E 321 40.45 -104.57 -9.26
N ILE E 322 40.79 -103.62 -8.38
CA ILE E 322 40.65 -102.21 -8.66
C ILE E 322 41.97 -101.69 -9.18
N PRO E 323 41.96 -101.07 -10.38
CA PRO E 323 43.25 -100.82 -10.97
C PRO E 323 44.05 -99.78 -10.27
N THR E 324 45.33 -99.87 -10.54
CA THR E 324 46.32 -99.02 -10.01
C THR E 324 46.79 -98.15 -11.19
N TRP E 325 47.02 -96.86 -10.94
CA TRP E 325 47.33 -95.89 -12.00
C TRP E 325 48.69 -95.30 -11.75
N ALA E 326 49.69 -95.70 -12.50
CA ALA E 326 51.06 -95.28 -12.20
C ALA E 326 51.52 -93.98 -12.87
N ASP E 327 50.79 -93.54 -13.89
CA ASP E 327 51.28 -92.52 -14.83
C ASP E 327 50.19 -91.49 -15.13
N TYR E 328 50.50 -90.22 -14.92
CA TYR E 328 49.58 -89.11 -15.17
C TYR E 328 50.33 -88.10 -15.99
N GLY E 329 49.74 -87.66 -17.10
CA GLY E 329 50.38 -86.74 -18.08
C GLY E 329 49.46 -85.58 -18.35
N LEU E 330 49.93 -84.37 -18.04
CA LEU E 330 49.23 -83.12 -18.40
C LEU E 330 50.11 -82.38 -19.39
N THR E 331 49.58 -82.04 -20.56
CA THR E 331 50.33 -81.38 -21.62
C THR E 331 49.61 -80.11 -22.03
N GLN E 332 50.36 -79.03 -22.16
CA GLN E 332 49.81 -77.72 -22.52
C GLN E 332 50.58 -77.26 -23.73
N LEU E 333 50.08 -77.65 -24.91
CA LEU E 333 50.80 -77.53 -26.18
C LEU E 333 50.41 -76.32 -26.95
N THR E 334 49.33 -75.66 -26.52
CA THR E 334 48.93 -74.33 -26.95
C THR E 334 48.64 -73.48 -25.74
N ALA E 335 48.48 -72.17 -25.94
CA ALA E 335 48.12 -71.29 -24.83
C ALA E 335 46.66 -71.40 -24.47
N ASP E 336 45.87 -72.09 -25.25
CA ASP E 336 44.45 -72.13 -24.99
C ASP E 336 43.85 -73.44 -24.55
N GLY E 337 44.54 -74.58 -24.69
CA GLY E 337 43.97 -75.90 -24.30
C GLY E 337 45.02 -76.82 -23.70
N PHE E 338 44.66 -77.64 -22.72
CA PHE E 338 45.54 -78.72 -22.22
C PHE E 338 44.82 -80.06 -22.25
N GLY E 339 45.65 -81.09 -22.37
CA GLY E 339 45.21 -82.48 -22.34
C GLY E 339 45.68 -83.03 -21.04
N LEU E 340 44.93 -83.98 -20.53
CA LEU E 340 45.27 -84.62 -19.27
C LEU E 340 44.99 -86.08 -19.47
N LYS E 341 45.91 -86.94 -19.05
CA LYS E 341 45.64 -88.40 -19.13
C LYS E 341 46.40 -89.17 -18.09
N LYS E 342 45.87 -90.37 -17.81
CA LYS E 342 46.55 -91.37 -16.99
C LYS E 342 46.59 -92.74 -17.63
N ARG E 343 47.46 -93.59 -17.06
CA ARG E 343 47.75 -94.92 -17.55
C ARG E 343 48.12 -95.89 -16.42
N THR E 344 47.48 -97.07 -16.43
CA THR E 344 47.80 -98.13 -15.42
C THR E 344 49.27 -98.50 -15.40
N LYS E 345 49.86 -98.68 -16.58
CA LYS E 345 51.36 -98.78 -16.72
C LYS E 345 51.78 -98.91 -18.17
N ALA E 346 53.08 -98.78 -18.42
CA ALA E 346 53.62 -98.93 -19.79
C ALA E 346 53.19 -100.26 -20.47
N GLY E 347 53.01 -100.24 -21.80
CA GLY E 347 52.42 -101.35 -22.55
C GLY E 347 50.88 -101.38 -22.64
N GLN E 348 50.22 -100.54 -21.85
CA GLN E 348 48.78 -100.35 -21.93
C GLN E 348 48.48 -98.94 -22.42
N SER E 349 47.22 -98.75 -22.80
CA SER E 349 46.82 -97.48 -23.38
C SER E 349 46.49 -96.46 -22.28
N TRP E 350 46.65 -95.17 -22.61
CA TRP E 350 46.25 -94.06 -21.74
C TRP E 350 44.71 -93.93 -21.74
N VAL E 351 44.13 -93.72 -20.56
CA VAL E 351 42.74 -93.31 -20.46
C VAL E 351 42.68 -91.80 -20.40
N ASN E 352 41.86 -91.23 -21.28
CA ASN E 352 41.69 -89.80 -21.35
C ASN E 352 40.84 -89.23 -20.18
N ILE E 353 41.32 -88.12 -19.62
CA ILE E 353 40.75 -87.48 -18.44
C ILE E 353 40.10 -86.16 -18.86
N PRO E 354 38.88 -85.88 -18.35
CA PRO E 354 38.22 -84.58 -18.62
C PRO E 354 39.11 -83.35 -18.28
N SER E 355 39.34 -82.51 -19.27
CA SER E 355 40.38 -81.49 -19.18
C SER E 355 39.77 -80.13 -19.53
N GLY E 356 40.60 -79.18 -19.95
CA GLY E 356 40.12 -77.83 -20.22
C GLY E 356 41.15 -76.90 -20.84
N THR E 357 40.98 -75.59 -20.59
CA THR E 357 41.69 -74.50 -21.32
C THR E 357 43.15 -74.23 -20.89
N ARG E 358 43.34 -73.63 -19.72
CA ARG E 358 44.65 -73.15 -19.30
C ARG E 358 44.96 -73.70 -17.93
N ALA E 359 45.90 -74.63 -17.83
CA ALA E 359 46.22 -75.25 -16.54
C ALA E 359 47.11 -74.28 -15.79
N GLU E 360 46.90 -74.15 -14.49
CA GLU E 360 47.68 -73.13 -13.75
C GLU E 360 49.10 -73.65 -13.34
N GLY E 361 49.42 -74.91 -13.65
CA GLY E 361 50.81 -75.33 -13.79
C GLY E 361 51.55 -75.88 -12.57
N LEU E 362 50.85 -76.65 -11.75
CA LEU E 362 51.45 -77.30 -10.58
C LEU E 362 50.99 -78.77 -10.48
N ALA E 363 51.90 -79.67 -10.13
CA ALA E 363 51.56 -81.06 -9.86
C ALA E 363 52.07 -81.48 -8.48
N TYR E 364 51.26 -82.25 -7.76
CA TYR E 364 51.67 -82.90 -6.49
C TYR E 364 51.68 -84.42 -6.62
N LEU E 365 52.82 -85.04 -6.32
CA LEU E 365 52.91 -86.49 -6.04
C LEU E 365 53.31 -86.73 -4.59
N GLY E 366 52.55 -87.56 -3.88
CA GLY E 366 52.93 -87.95 -2.54
C GLY E 366 51.86 -88.79 -1.85
N GLY E 367 51.88 -88.85 -0.51
CA GLY E 367 50.96 -89.69 0.22
C GLY E 367 50.70 -89.20 1.60
N ALA E 368 49.64 -89.75 2.20
CA ALA E 368 49.16 -89.29 3.52
C ALA E 368 50.10 -89.58 4.69
N THR E 369 51.00 -90.53 4.51
CA THR E 369 51.93 -91.05 5.51
C THR E 369 53.36 -90.71 5.07
N GLN E 370 53.72 -90.95 3.81
CA GLN E 370 55.11 -90.79 3.35
C GLN E 370 55.51 -89.36 3.01
N GLY E 371 54.52 -88.47 2.95
CA GLY E 371 54.73 -87.09 2.55
C GLY E 371 54.73 -86.96 1.04
N GLY E 372 55.28 -85.85 0.54
CA GLY E 372 55.41 -85.64 -0.89
C GLY E 372 55.96 -84.29 -1.34
N LEU E 373 55.86 -84.06 -2.64
CA LEU E 373 56.50 -82.93 -3.29
C LEU E 373 55.48 -82.35 -4.28
N ALA E 374 55.40 -81.01 -4.32
CA ALA E 374 54.76 -80.32 -5.41
C ALA E 374 55.75 -79.44 -6.16
N VAL E 375 55.61 -79.41 -7.47
CA VAL E 375 56.47 -78.72 -8.40
C VAL E 375 55.56 -77.88 -9.30
N GLY E 376 56.07 -76.75 -9.79
CA GLY E 376 55.23 -75.91 -10.61
C GLY E 376 56.00 -74.90 -11.37
N LEU E 377 55.40 -74.38 -12.44
CA LEU E 377 56.01 -73.30 -13.25
C LEU E 377 55.18 -71.99 -13.31
N ARG E 378 55.81 -70.87 -12.91
CA ARG E 378 55.17 -69.55 -12.95
C ARG E 378 54.84 -69.21 -14.39
N ASP E 379 53.60 -68.75 -14.58
CA ASP E 379 53.06 -68.39 -15.90
C ASP E 379 53.00 -69.60 -16.84
N PHE E 380 52.83 -70.80 -16.28
CA PHE E 380 52.81 -72.09 -17.04
C PHE E 380 52.27 -72.02 -18.47
N TRP E 381 50.99 -71.70 -18.59
CA TRP E 381 50.34 -71.69 -19.90
C TRP E 381 50.79 -70.60 -20.82
N LYS E 382 51.32 -69.51 -20.28
CA LYS E 382 51.84 -68.45 -21.11
C LYS E 382 53.20 -68.77 -21.67
N ARG E 383 53.79 -69.88 -21.23
CA ARG E 383 55.11 -70.30 -21.66
C ARG E 383 55.12 -71.68 -22.39
N TYR E 384 53.95 -72.10 -22.88
CA TYR E 384 53.72 -73.32 -23.67
C TYR E 384 54.74 -73.47 -24.81
N PRO E 385 55.00 -74.68 -25.32
CA PRO E 385 54.46 -75.97 -24.87
C PRO E 385 55.16 -76.44 -23.62
N VAL E 386 54.38 -76.78 -22.61
CA VAL E 386 54.90 -77.18 -21.29
C VAL E 386 54.08 -78.36 -20.81
N GLY E 387 54.50 -79.00 -19.72
CA GLY E 387 53.72 -80.11 -19.17
C GLY E 387 54.23 -80.65 -17.87
N LEU E 388 53.40 -81.48 -17.25
CA LEU E 388 53.66 -82.01 -15.93
C LEU E 388 53.43 -83.52 -15.95
N ASP E 389 54.42 -84.31 -15.53
CA ASP E 389 54.27 -85.80 -15.50
C ASP E 389 54.47 -86.35 -14.10
N ILE E 390 53.52 -87.17 -13.69
CA ILE E 390 53.73 -88.16 -12.66
C ILE E 390 54.05 -89.46 -13.37
N SER E 391 55.10 -90.14 -12.93
CA SER E 391 55.27 -91.54 -13.34
C SER E 391 55.63 -92.50 -12.21
N ASN E 392 55.35 -93.80 -12.45
CA ASN E 392 55.69 -94.91 -11.53
C ASN E 392 55.11 -94.74 -10.13
N ALA E 393 53.88 -94.29 -10.10
CA ALA E 393 53.23 -93.96 -8.86
C ALA E 393 52.70 -95.18 -8.17
N ALA E 394 52.78 -96.36 -8.80
CA ALA E 394 52.45 -97.63 -8.15
C ALA E 394 53.70 -98.44 -7.71
N SER E 395 54.89 -97.85 -7.89
CA SER E 395 56.18 -98.41 -7.51
C SER E 395 56.67 -97.93 -6.11
N ASP E 396 57.82 -98.49 -5.68
CA ASP E 396 58.54 -97.96 -4.50
C ASP E 396 58.88 -96.46 -4.63
N THR E 397 59.24 -96.06 -5.85
CA THR E 397 59.60 -94.70 -6.19
C THR E 397 58.83 -94.17 -7.41
N GLY E 398 58.02 -93.13 -7.16
CA GLY E 398 57.50 -92.28 -8.22
C GLY E 398 58.50 -91.20 -8.70
N GLU E 399 58.32 -90.76 -9.95
CA GLU E 399 58.96 -89.55 -10.47
C GLU E 399 57.89 -88.47 -10.63
N LEU E 400 58.27 -87.23 -10.30
CA LEU E 400 57.46 -86.05 -10.56
C LEU E 400 58.29 -85.17 -11.45
N THR E 401 57.81 -84.89 -12.67
CA THR E 401 58.58 -84.11 -13.67
C THR E 401 57.83 -82.82 -14.16
N LEU E 402 58.54 -81.69 -14.16
CA LEU E 402 58.09 -80.47 -14.81
C LEU E 402 58.78 -80.33 -16.15
N TRP E 403 57.99 -80.25 -17.23
CA TRP E 403 58.50 -79.94 -18.57
C TRP E 403 58.36 -78.46 -18.93
N LEU E 404 59.50 -77.78 -18.98
CA LEU E 404 59.62 -76.42 -19.49
C LEU E 404 59.47 -76.34 -21.01
N TYR E 405 59.72 -77.47 -21.67
CA TYR E 405 59.40 -77.69 -23.08
C TYR E 405 58.94 -79.12 -23.24
N SER E 406 57.71 -79.31 -23.71
CA SER E 406 57.11 -80.62 -23.75
C SER E 406 57.56 -81.43 -24.96
N PRO E 407 57.97 -82.68 -24.72
CA PRO E 407 58.16 -83.60 -25.86
C PRO E 407 56.90 -83.90 -26.69
N ALA E 408 55.69 -83.67 -26.14
CA ALA E 408 54.46 -83.80 -26.96
C ALA E 408 54.32 -82.72 -28.00
N ALA E 409 55.13 -81.67 -27.89
CA ALA E 409 55.22 -80.64 -28.93
C ALA E 409 56.15 -80.99 -30.07
N GLU E 410 55.92 -80.35 -31.16
CA GLU E 410 56.87 -80.35 -32.23
C GLU E 410 58.19 -79.90 -31.62
N PRO E 411 59.32 -80.34 -32.21
CA PRO E 411 60.63 -80.00 -31.68
C PRO E 411 60.92 -78.53 -31.87
N LEU E 412 61.77 -77.99 -31.01
CA LEU E 412 62.07 -76.57 -30.97
C LEU E 412 63.08 -76.24 -32.06
N ASP E 413 62.63 -75.51 -33.09
CA ASP E 413 63.39 -75.27 -34.30
C ASP E 413 63.78 -73.81 -34.30
N LEU E 414 65.02 -73.52 -33.91
CA LEU E 414 65.58 -72.16 -33.91
C LEU E 414 66.41 -71.78 -35.14
N ARG E 415 66.29 -72.57 -36.22
CA ARG E 415 66.99 -72.23 -37.48
C ARG E 415 66.43 -71.01 -38.16
N PRO E 416 67.13 -70.50 -39.18
CA PRO E 416 66.60 -69.35 -39.92
C PRO E 416 65.23 -69.60 -40.58
N PHE E 417 64.32 -68.61 -40.56
CA PHE E 417 63.03 -68.71 -41.24
C PHE E 417 63.12 -68.48 -42.73
N HIS E 418 64.22 -67.93 -43.25
CA HIS E 418 64.45 -67.96 -44.73
C HIS E 418 65.88 -68.22 -45.17
N ASP E 419 66.05 -68.76 -46.37
CA ASP E 419 67.40 -69.04 -46.90
C ASP E 419 68.24 -67.84 -47.37
N GLY E 420 67.68 -66.65 -47.37
CA GLY E 420 68.41 -65.44 -47.71
C GLY E 420 67.86 -64.82 -48.98
N LEU E 421 66.95 -65.56 -49.65
CA LEU E 421 66.24 -65.16 -50.88
C LEU E 421 67.16 -64.78 -52.04
N GLY E 422 68.39 -65.32 -52.00
CA GLY E 422 69.44 -65.00 -52.95
C GLY E 422 70.10 -63.64 -52.74
N GLN E 423 70.13 -63.15 -51.52
CA GLN E 423 70.83 -61.93 -51.28
C GLN E 423 72.30 -62.27 -51.24
N ASP E 424 73.08 -61.51 -51.99
CA ASP E 424 74.49 -61.73 -52.14
C ASP E 424 75.19 -60.38 -51.96
N GLY E 425 75.64 -60.12 -50.73
CA GLY E 425 76.40 -58.92 -50.39
C GLY E 425 75.58 -57.76 -49.82
N TYR E 426 76.30 -56.76 -49.28
CA TYR E 426 75.72 -55.56 -48.65
C TYR E 426 74.70 -54.78 -49.46
N GLU E 427 74.98 -54.59 -50.74
CA GLU E 427 74.11 -53.80 -51.62
C GLU E 427 72.73 -54.44 -51.74
N ASP E 428 72.71 -55.75 -52.01
CA ASP E 428 71.48 -56.58 -52.03
C ASP E 428 70.75 -56.54 -50.66
N GLN E 429 71.51 -56.63 -49.58
CA GLN E 429 70.93 -56.69 -48.21
C GLN E 429 70.17 -55.41 -47.80
N LEU E 430 70.78 -54.26 -48.09
CA LEU E 430 70.16 -52.94 -47.89
C LEU E 430 69.01 -52.62 -48.86
N ASP E 431 69.02 -53.26 -50.04
CA ASP E 431 67.90 -53.15 -50.95
C ASP E 431 66.66 -53.89 -50.35
N ALA E 432 66.86 -55.10 -49.82
CA ALA E 432 65.80 -55.85 -49.16
C ALA E 432 65.24 -55.10 -47.94
N LEU E 433 66.15 -54.57 -47.13
CA LEU E 433 65.82 -53.66 -46.01
C LEU E 433 64.84 -52.53 -46.40
N GLU E 434 64.87 -52.10 -47.66
CA GLU E 434 64.00 -51.06 -48.12
C GLU E 434 62.55 -51.48 -48.28
N ILE E 435 62.25 -52.78 -48.29
CA ILE E 435 60.86 -53.24 -48.48
C ILE E 435 60.33 -54.13 -47.31
N THR E 436 61.18 -54.95 -46.69
CA THR E 436 60.77 -55.71 -45.50
C THR E 436 61.22 -55.10 -44.13
N TYR E 437 62.20 -54.19 -44.16
CA TYR E 437 62.84 -53.54 -42.96
C TYR E 437 63.77 -54.47 -42.14
N GLU E 438 64.29 -55.49 -42.82
CA GLU E 438 65.20 -56.51 -42.27
C GLU E 438 66.57 -56.33 -42.86
N ASP E 439 67.57 -56.22 -42.01
CA ASP E 439 68.93 -56.09 -42.46
C ASP E 439 69.55 -57.44 -42.33
N TRP E 440 69.42 -58.29 -43.34
CA TRP E 440 69.85 -59.70 -43.27
C TRP E 440 71.30 -59.81 -43.64
N GLU E 441 72.01 -60.81 -43.10
CA GLU E 441 73.40 -61.15 -43.51
C GLU E 441 73.63 -62.65 -43.24
N PRO E 442 74.25 -63.38 -44.19
CA PRO E 442 74.56 -64.79 -43.95
C PRO E 442 75.34 -65.00 -42.63
N GLY E 443 74.87 -65.94 -41.79
CA GLY E 443 75.52 -66.24 -40.54
C GLY E 443 74.93 -65.49 -39.34
N PHE E 444 74.29 -64.36 -39.58
CA PHE E 444 73.84 -63.50 -38.49
C PHE E 444 72.47 -63.90 -37.96
N ASP E 445 71.72 -64.69 -38.74
CA ASP E 445 70.38 -65.17 -38.34
C ASP E 445 70.52 -66.40 -37.45
N THR E 446 71.14 -66.21 -36.29
CA THR E 446 71.57 -67.31 -35.44
C THR E 446 71.13 -67.15 -33.96
N PRO E 447 70.54 -68.21 -33.38
CA PRO E 447 70.20 -68.22 -31.95
C PRO E 447 71.40 -68.46 -31.04
N TYR E 448 72.60 -68.68 -31.59
CA TYR E 448 73.75 -69.03 -30.78
C TYR E 448 74.04 -67.96 -29.75
N GLY E 449 73.87 -68.34 -28.49
CA GLY E 449 74.13 -67.46 -27.35
C GLY E 449 72.91 -66.87 -26.64
N ILE E 450 71.68 -67.12 -27.14
CA ILE E 450 70.48 -66.57 -26.50
C ILE E 450 70.28 -67.28 -25.19
N ALA E 451 69.42 -66.78 -24.33
CA ALA E 451 69.18 -67.45 -23.06
C ALA E 451 67.74 -67.29 -22.70
N ARG E 452 67.36 -67.98 -21.64
CA ARG E 452 66.01 -67.93 -21.13
C ARG E 452 65.97 -68.49 -19.71
N THR E 453 65.41 -67.68 -18.82
CA THR E 453 65.24 -68.00 -17.44
C THR E 453 63.77 -68.35 -17.14
N SER E 454 63.56 -69.44 -16.39
CA SER E 454 62.28 -69.87 -15.92
C SER E 454 62.17 -69.85 -14.38
N GLU E 455 61.00 -69.43 -13.89
CA GLU E 455 60.75 -69.24 -12.47
C GLU E 455 59.91 -70.39 -12.04
N VAL E 456 60.58 -71.35 -11.42
CA VAL E 456 59.99 -72.62 -11.02
C VAL E 456 59.80 -72.60 -9.50
N TYR E 457 58.89 -73.39 -8.98
CA TYR E 457 58.63 -73.40 -7.52
C TYR E 457 58.49 -74.84 -7.06
N LEU E 458 59.17 -75.18 -5.94
CA LEU E 458 59.04 -76.47 -5.24
C LEU E 458 58.39 -76.25 -3.88
N PHE E 459 57.48 -77.14 -3.51
CA PHE E 459 56.82 -77.16 -2.21
C PHE E 459 56.95 -78.57 -1.59
N ALA E 460 57.43 -78.61 -0.33
CA ALA E 460 57.58 -79.86 0.43
C ALA E 460 56.46 -80.03 1.47
N PHE E 461 55.86 -81.20 1.52
CA PHE E 461 54.76 -81.46 2.48
C PHE E 461 55.10 -82.66 3.33
N ASP E 462 54.75 -82.62 4.61
CA ASP E 462 54.96 -83.78 5.49
C ASP E 462 53.91 -84.86 5.24
N GLN E 463 52.79 -84.43 4.65
CA GLN E 463 51.66 -85.29 4.30
C GLN E 463 50.84 -84.63 3.18
N THR E 464 50.05 -85.39 2.44
CA THR E 464 49.27 -84.82 1.37
C THR E 464 48.51 -83.61 1.95
N PRO E 465 48.71 -82.41 1.37
CA PRO E 465 48.10 -81.18 1.88
C PRO E 465 46.68 -81.11 1.47
N THR E 466 45.96 -80.14 1.97
CA THR E 466 44.61 -79.95 1.45
C THR E 466 44.69 -79.43 0.00
N SER E 467 43.57 -79.51 -0.67
CA SER E 467 43.43 -78.94 -2.00
C SER E 467 43.38 -77.40 -1.93
N ASP E 468 42.71 -76.86 -0.91
CA ASP E 468 42.73 -75.41 -0.69
C ASP E 468 44.17 -74.90 -0.55
N LYS E 469 45.02 -75.67 0.10
CA LYS E 469 46.41 -75.30 0.26
C LYS E 469 47.06 -75.28 -1.11
N LEU E 470 46.89 -76.36 -1.85
CA LEU E 470 47.50 -76.50 -3.18
C LEU E 470 47.04 -75.42 -4.16
N ALA E 471 45.76 -75.03 -4.06
CA ALA E 471 45.17 -73.89 -4.78
C ALA E 471 45.86 -72.58 -4.48
N SER E 472 46.07 -72.31 -3.20
CA SER E 472 46.80 -71.11 -2.75
C SER E 472 48.23 -71.04 -3.21
N LEU E 473 48.95 -72.17 -3.15
CA LEU E 473 50.35 -72.20 -3.61
C LEU E 473 50.47 -72.05 -5.12
N THR E 474 49.51 -72.60 -5.84
CA THR E 474 49.38 -72.38 -7.26
C THR E 474 49.15 -70.88 -7.56
N ALA E 475 48.24 -70.26 -6.79
CA ALA E 475 47.94 -68.81 -6.94
C ALA E 475 49.13 -67.96 -6.57
N TYR E 476 49.74 -68.28 -5.43
CA TYR E 476 51.00 -67.73 -5.03
C TYR E 476 52.01 -67.75 -6.20
N MET E 477 52.32 -68.93 -6.72
CA MET E 477 53.43 -69.01 -7.66
C MET E 477 53.19 -68.24 -8.97
N ASN E 478 51.91 -68.11 -9.37
CA ASN E 478 51.54 -67.29 -10.54
C ASN E 478 51.35 -65.79 -10.26
N ASP E 479 51.21 -65.40 -9.01
CA ASP E 479 51.27 -64.02 -8.56
C ASP E 479 52.17 -63.86 -7.30
N PRO E 480 53.48 -63.94 -7.49
CA PRO E 480 54.34 -64.00 -6.31
C PRO E 480 54.43 -62.65 -5.64
N PRO E 481 54.16 -62.60 -4.32
CA PRO E 481 54.12 -61.28 -3.73
C PRO E 481 55.41 -60.50 -3.76
N VAL E 482 55.21 -59.20 -3.92
CA VAL E 482 56.24 -58.23 -4.12
C VAL E 482 55.99 -57.07 -3.19
N LEU E 483 57.00 -56.74 -2.39
CA LEU E 483 57.03 -55.52 -1.62
C LEU E 483 57.90 -54.52 -2.36
N VAL E 484 57.42 -53.28 -2.42
CA VAL E 484 58.08 -52.22 -3.13
C VAL E 484 57.85 -50.89 -2.43
N ALA E 485 58.83 -50.03 -2.58
CA ALA E 485 58.83 -48.72 -1.96
C ALA E 485 57.84 -47.78 -2.66
N GLU E 486 57.64 -46.61 -2.03
CA GLU E 486 56.67 -45.65 -2.47
C GLU E 486 57.28 -44.86 -3.60
N PRO E 487 56.51 -44.64 -4.68
CA PRO E 487 56.99 -43.81 -5.76
C PRO E 487 57.65 -42.52 -5.28
N LYS E 488 56.95 -41.83 -4.40
CA LYS E 488 57.33 -40.53 -3.88
C LYS E 488 58.67 -40.59 -3.19
N TYR E 489 58.91 -41.67 -2.43
CA TYR E 489 60.19 -41.89 -1.75
C TYR E 489 61.28 -42.30 -2.73
N ILE E 490 60.96 -43.18 -3.68
CA ILE E 490 61.93 -43.53 -4.74
C ILE E 490 62.35 -42.26 -5.44
N HIS E 491 61.35 -41.44 -5.74
CA HIS E 491 61.64 -40.24 -6.46
C HIS E 491 62.46 -39.25 -5.62
N GLU E 492 62.10 -39.06 -4.35
CA GLU E 492 62.77 -38.08 -3.52
C GLU E 492 64.25 -38.41 -3.32
N THR E 493 64.61 -39.70 -3.27
CA THR E 493 66.01 -40.08 -3.10
C THR E 493 66.90 -39.87 -4.30
N GLN E 494 66.27 -39.84 -5.47
CA GLN E 494 66.95 -39.67 -6.75
C GLN E 494 67.86 -40.85 -7.06
N ALA E 495 67.53 -41.98 -6.42
CA ALA E 495 68.30 -43.20 -6.51
C ALA E 495 68.02 -43.94 -7.81
N LEU E 496 67.08 -43.43 -8.61
CA LEU E 496 66.68 -44.12 -9.81
C LEU E 496 66.33 -43.15 -10.92
N GLY E 497 67.11 -42.08 -11.01
CA GLY E 497 66.99 -41.08 -12.08
C GLY E 497 66.19 -39.86 -11.67
N GLU E 498 66.63 -38.71 -12.18
CA GLU E 498 65.96 -37.43 -12.00
C GLU E 498 64.83 -37.24 -13.02
N TYR E 499 64.94 -37.92 -14.17
CA TYR E 499 64.19 -37.65 -15.43
C TYR E 499 62.75 -38.22 -15.44
N TRP E 500 62.12 -38.25 -14.28
CA TRP E 500 60.76 -38.72 -14.14
C TRP E 500 60.26 -38.27 -12.78
N ALA E 501 58.95 -38.13 -12.70
CA ALA E 501 58.33 -37.59 -11.51
C ALA E 501 56.87 -38.08 -11.41
N LEU E 502 56.22 -37.78 -10.31
CA LEU E 502 54.91 -38.36 -10.01
C LEU E 502 53.86 -37.65 -10.81
N PRO E 503 52.74 -38.32 -11.05
CA PRO E 503 51.72 -37.70 -11.88
C PRO E 503 50.86 -36.74 -11.08
N GLY E 504 51.46 -35.82 -10.34
CA GLY E 504 50.68 -34.85 -9.55
C GLY E 504 50.61 -33.45 -10.15
N SER E 505 49.77 -33.24 -11.19
CA SER E 505 49.66 -31.88 -11.81
C SER E 505 48.21 -31.50 -12.04
N ALA E 506 47.93 -30.25 -11.69
CA ALA E 506 46.59 -29.72 -11.79
C ALA E 506 46.18 -29.40 -13.23
N SER E 507 47.15 -29.25 -14.12
CA SER E 507 46.90 -28.88 -15.51
C SER E 507 45.99 -29.91 -16.20
N PRO E 508 44.93 -29.44 -16.86
CA PRO E 508 44.03 -30.38 -17.53
C PRO E 508 44.68 -31.00 -18.77
N ALA E 509 45.62 -30.29 -19.39
CA ALA E 509 46.50 -30.89 -20.37
C ALA E 509 47.29 -32.09 -19.74
N ALA E 510 47.92 -31.88 -18.58
CA ALA E 510 48.66 -32.96 -17.89
C ALA E 510 47.78 -34.19 -17.63
N ALA E 511 46.56 -33.89 -17.21
CA ALA E 511 45.56 -34.93 -16.93
C ALA E 511 45.23 -35.76 -18.17
N THR E 512 45.14 -35.10 -19.32
CA THR E 512 44.85 -35.74 -20.60
C THR E 512 46.03 -36.61 -21.03
N LEU E 513 47.27 -36.18 -20.74
CA LEU E 513 48.44 -37.02 -21.00
C LEU E 513 48.49 -38.23 -20.10
N GLU E 514 48.07 -38.10 -18.85
CA GLU E 514 47.95 -39.29 -18.00
C GLU E 514 46.97 -40.28 -18.53
N ASP E 515 45.85 -39.83 -19.07
CA ASP E 515 44.90 -40.75 -19.63
C ASP E 515 45.44 -41.49 -20.84
N ARG E 516 46.29 -40.81 -21.57
CA ARG E 516 46.82 -41.38 -22.80
C ARG E 516 47.90 -42.42 -22.55
N LEU E 517 48.68 -42.24 -21.50
CA LEU E 517 49.62 -43.26 -21.12
C LEU E 517 48.79 -44.50 -20.67
N GLN E 518 47.78 -44.26 -19.85
CA GLN E 518 46.87 -45.30 -19.38
C GLN E 518 46.26 -46.08 -20.55
N PHE E 519 45.90 -45.36 -21.60
CA PHE E 519 45.27 -45.93 -22.77
C PHE E 519 46.28 -46.82 -23.50
N ILE E 520 47.46 -46.25 -23.74
CA ILE E 520 48.56 -46.97 -24.36
C ILE E 520 48.84 -48.25 -23.59
N PHE E 521 48.96 -48.11 -22.27
CA PHE E 521 49.25 -49.22 -21.40
C PHE E 521 48.17 -50.27 -21.53
N ASP E 522 46.92 -49.84 -21.42
CA ASP E 522 45.78 -50.76 -21.50
C ASP E 522 45.70 -51.50 -22.81
N PHE E 523 46.04 -50.82 -23.91
CA PHE E 523 46.04 -51.41 -25.22
C PHE E 523 47.12 -52.50 -25.30
N TYR E 524 48.35 -52.13 -24.93
CA TYR E 524 49.48 -53.05 -24.98
C TYR E 524 49.26 -54.30 -24.12
N LYS E 525 48.75 -54.13 -22.90
CA LYS E 525 48.36 -55.24 -22.03
C LYS E 525 47.36 -56.17 -22.68
N GLY E 526 46.29 -55.61 -23.24
CA GLY E 526 45.20 -56.37 -23.86
C GLY E 526 45.68 -57.11 -25.09
N GLN E 527 46.59 -56.48 -25.84
CA GLN E 527 47.16 -57.04 -27.08
C GLN E 527 47.93 -58.34 -26.86
N ILE E 528 48.55 -58.47 -25.71
CA ILE E 528 49.23 -59.69 -25.40
C ILE E 528 48.29 -60.91 -25.40
N GLU E 529 47.12 -60.75 -24.79
CA GLU E 529 46.11 -61.79 -24.80
C GLU E 529 45.57 -61.97 -26.17
N GLN E 530 45.17 -60.87 -26.79
CA GLN E 530 44.40 -60.95 -28.02
C GLN E 530 45.20 -61.56 -29.18
N ARG E 531 46.45 -61.19 -29.25
CA ARG E 531 47.32 -61.64 -30.31
C ARG E 531 48.13 -62.90 -29.92
N ARG E 532 47.86 -63.40 -28.72
CA ARG E 532 48.50 -64.59 -28.20
C ARG E 532 50.02 -64.54 -28.21
N TRP E 533 50.58 -63.45 -27.69
CA TRP E 533 52.05 -63.30 -27.54
C TRP E 533 52.58 -63.99 -26.27
N TYR E 534 52.61 -65.30 -26.39
CA TYR E 534 52.86 -66.22 -25.34
C TYR E 534 53.79 -67.31 -25.92
N GLY E 535 54.49 -68.04 -25.05
CA GLY E 535 55.28 -69.16 -25.46
C GLY E 535 56.66 -69.15 -24.88
N PHE E 536 57.21 -70.36 -24.84
CA PHE E 536 58.48 -70.65 -24.20
C PHE E 536 59.45 -69.48 -24.31
N LEU E 537 59.75 -69.06 -25.54
CA LEU E 537 60.65 -67.92 -25.76
C LEU E 537 59.93 -66.57 -25.91
N ASP E 538 58.81 -66.60 -26.62
CA ASP E 538 58.13 -65.34 -27.01
C ASP E 538 57.58 -64.52 -25.83
N TYR E 539 57.06 -65.19 -24.80
CA TYR E 539 56.33 -64.50 -23.72
C TYR E 539 57.13 -63.41 -23.08
N GLY E 540 56.55 -62.20 -23.11
CA GLY E 540 57.13 -60.98 -22.57
C GLY E 540 57.38 -59.88 -23.61
N ASP E 541 57.57 -60.28 -24.86
CA ASP E 541 57.78 -59.36 -25.94
C ASP E 541 56.40 -59.02 -26.58
N PHE E 542 56.44 -58.06 -27.52
CA PHE E 542 55.29 -57.65 -28.29
C PHE E 542 55.84 -57.17 -29.62
N MET E 543 54.97 -56.89 -30.57
CA MET E 543 55.44 -56.57 -31.90
C MET E 543 55.56 -55.07 -32.13
N HIS E 544 55.98 -54.70 -33.35
CA HIS E 544 56.59 -53.42 -33.67
C HIS E 544 55.66 -52.57 -34.51
N THR E 545 55.12 -53.14 -35.60
CA THR E 545 54.24 -52.39 -36.52
C THR E 545 53.13 -53.28 -37.07
N TYR E 546 51.98 -52.65 -37.32
CA TYR E 546 50.71 -53.29 -37.63
C TYR E 546 50.43 -53.22 -39.11
N ASP E 547 49.64 -54.18 -39.59
CA ASP E 547 49.25 -54.31 -40.99
C ASP E 547 47.77 -54.02 -40.96
N PRO E 548 47.39 -52.81 -41.41
CA PRO E 548 46.01 -52.37 -41.31
C PRO E 548 45.03 -53.08 -42.24
N ASP E 549 45.50 -53.68 -43.32
CA ASP E 549 44.62 -54.42 -44.25
C ASP E 549 44.27 -55.80 -43.70
N ARG E 550 45.31 -56.52 -43.25
CA ARG E 550 45.16 -57.82 -42.62
C ARG E 550 44.63 -57.77 -41.19
N HIS E 551 44.72 -56.64 -40.51
CA HIS E 551 44.30 -56.58 -39.11
C HIS E 551 45.11 -57.51 -38.19
N THR E 552 46.43 -57.55 -38.41
CA THR E 552 47.41 -58.22 -37.54
C THR E 552 48.63 -57.34 -37.45
N TRP E 553 49.44 -57.60 -36.43
CA TRP E 553 50.75 -57.01 -36.33
C TRP E 553 51.53 -57.74 -37.42
N ARG E 554 52.66 -57.17 -37.83
CA ARG E 554 53.38 -57.65 -39.00
C ARG E 554 54.38 -58.71 -38.60
N TYR E 555 53.84 -59.81 -38.10
CA TYR E 555 54.61 -60.97 -37.59
C TYR E 555 55.51 -61.64 -38.64
N ASP E 556 55.18 -61.41 -39.91
CA ASP E 556 55.85 -62.04 -41.04
C ASP E 556 56.54 -61.09 -41.95
N VAL E 557 56.77 -59.85 -41.54
CA VAL E 557 57.45 -58.90 -42.39
C VAL E 557 58.65 -58.37 -41.66
N GLY E 558 59.78 -59.02 -41.90
CA GLY E 558 61.09 -58.47 -41.53
C GLY E 558 61.15 -57.72 -40.23
N GLY E 559 61.51 -56.44 -40.30
CA GLY E 559 61.69 -55.63 -39.09
C GLY E 559 60.45 -55.23 -38.28
N TYR E 560 59.25 -55.46 -38.80
CA TYR E 560 58.04 -55.01 -38.18
C TYR E 560 57.45 -56.00 -37.18
N ALA E 561 58.14 -57.12 -36.95
CA ALA E 561 57.59 -58.22 -36.10
C ALA E 561 57.97 -58.06 -34.63
N TRP E 562 58.81 -58.93 -34.04
CA TRP E 562 59.12 -58.79 -32.62
C TRP E 562 59.90 -57.49 -32.38
N ASP E 563 59.55 -56.76 -31.32
CA ASP E 563 59.96 -55.36 -31.19
C ASP E 563 61.36 -55.21 -30.62
N ASN E 564 61.73 -56.17 -29.78
CA ASN E 564 63.08 -56.32 -29.26
C ASN E 564 63.66 -54.97 -28.80
N SER E 565 62.91 -54.32 -27.92
CA SER E 565 63.26 -53.01 -27.36
C SER E 565 63.63 -51.87 -28.33
N GLU E 566 63.12 -51.89 -29.54
CA GLU E 566 63.35 -50.75 -30.43
C GLU E 566 62.71 -49.52 -29.81
N LEU E 567 63.51 -48.47 -29.68
CA LEU E 567 63.08 -47.17 -29.15
C LEU E 567 62.63 -47.20 -27.70
N SER E 568 63.19 -48.11 -26.94
CA SER E 568 63.14 -48.06 -25.47
C SER E 568 61.77 -48.20 -24.80
N PRO E 569 60.90 -49.12 -25.29
CA PRO E 569 59.67 -49.38 -24.52
C PRO E 569 59.99 -49.83 -23.12
N ASP E 570 61.08 -50.56 -22.93
CA ASP E 570 61.54 -50.95 -21.60
C ASP E 570 61.65 -49.74 -20.68
N LEU E 571 62.19 -48.62 -21.17
CA LEU E 571 62.25 -47.37 -20.40
C LEU E 571 60.86 -46.79 -20.18
N PHE E 572 60.04 -46.72 -21.25
CA PHE E 572 58.67 -46.27 -21.05
C PHE E 572 57.93 -47.05 -19.95
N PHE E 573 57.94 -48.37 -20.07
CA PHE E 573 57.14 -49.17 -19.20
C PHE E 573 57.65 -49.25 -17.74
N TRP E 574 58.96 -49.29 -17.50
CA TRP E 574 59.49 -49.11 -16.13
C TRP E 574 59.30 -47.72 -15.54
N LEU E 575 59.59 -46.63 -16.24
CA LEU E 575 59.24 -45.30 -15.68
C LEU E 575 57.73 -45.16 -15.48
N TYR E 576 56.92 -45.85 -16.29
CA TYR E 576 55.49 -45.87 -16.06
C TYR E 576 55.19 -46.50 -14.70
N PHE E 577 55.79 -47.65 -14.38
CA PHE E 577 55.55 -48.28 -13.06
C PHE E 577 56.05 -47.40 -11.92
N LEU E 578 57.18 -46.72 -12.16
CA LEU E 578 57.81 -45.97 -11.08
C LEU E 578 56.90 -44.87 -10.56
N ARG E 579 56.40 -44.09 -11.52
CA ARG E 579 55.49 -42.99 -11.33
C ARG E 579 54.22 -43.34 -10.57
N THR E 580 53.72 -44.57 -10.72
CA THR E 580 52.35 -44.93 -10.29
C THR E 580 52.19 -46.09 -9.31
N GLY E 581 53.19 -46.97 -9.21
CA GLY E 581 53.15 -48.15 -8.37
C GLY E 581 52.13 -49.19 -8.78
N SER E 582 51.72 -49.17 -10.03
CA SER E 582 50.62 -50.05 -10.50
C SER E 582 51.13 -51.48 -10.57
N LYS E 583 50.39 -52.43 -10.01
CA LYS E 583 50.77 -53.84 -10.08
C LYS E 583 50.86 -54.35 -11.50
N ASP E 584 49.84 -54.05 -12.30
CA ASP E 584 49.78 -54.48 -13.69
C ASP E 584 50.97 -53.99 -14.40
N ALA E 585 51.33 -52.75 -14.09
CA ALA E 585 52.42 -52.09 -14.77
C ALA E 585 53.73 -52.70 -14.42
N TYR E 586 53.96 -53.00 -13.16
CA TYR E 586 55.11 -53.85 -12.74
C TYR E 586 55.14 -55.21 -13.52
N ARG E 587 54.04 -55.95 -13.49
CA ARG E 587 53.96 -57.25 -14.11
C ARG E 587 54.22 -57.23 -15.62
N PHE E 588 53.73 -56.23 -16.32
CA PHE E 588 54.00 -56.06 -17.76
C PHE E 588 55.50 -55.83 -18.04
N ALA E 589 56.12 -54.97 -17.24
CA ALA E 589 57.52 -54.60 -17.39
C ALA E 589 58.49 -55.74 -16.92
N GLU E 590 58.11 -56.42 -15.85
CA GLU E 590 58.85 -57.58 -15.41
C GLU E 590 58.92 -58.61 -16.58
N ALA E 591 57.75 -59.09 -17.06
CA ALA E 591 57.66 -59.95 -18.23
C ALA E 591 58.53 -59.48 -19.41
N LEU E 592 58.54 -58.20 -19.68
CA LEU E 592 59.32 -57.66 -20.79
C LEU E 592 60.83 -57.68 -20.49
N THR E 593 61.25 -57.23 -19.34
CA THR E 593 62.64 -57.37 -18.88
C THR E 593 63.18 -58.82 -18.91
N ARG E 594 62.36 -59.74 -18.47
CA ARG E 594 62.69 -61.18 -18.45
C ARG E 594 62.85 -61.76 -19.83
N HIS E 595 62.18 -61.20 -20.82
CA HIS E 595 62.30 -61.70 -22.20
C HIS E 595 63.46 -61.07 -22.94
N THR E 596 63.50 -59.77 -22.87
CA THR E 596 64.24 -58.96 -23.79
C THR E 596 65.76 -58.96 -23.40
N GLY E 597 66.06 -58.89 -22.11
CA GLY E 597 67.40 -59.02 -21.62
C GLY E 597 68.00 -60.42 -21.66
N GLU E 598 67.19 -61.46 -21.98
CA GLU E 598 67.63 -62.86 -22.10
C GLU E 598 67.63 -63.37 -23.55
N VAL E 599 66.47 -63.37 -24.18
CA VAL E 599 66.25 -63.98 -25.47
C VAL E 599 66.76 -63.10 -26.59
N ASP E 600 66.69 -61.78 -26.39
CA ASP E 600 67.10 -60.81 -27.41
C ASP E 600 68.56 -60.39 -27.31
N VAL E 601 69.34 -61.01 -26.41
CA VAL E 601 70.77 -60.67 -26.35
C VAL E 601 71.59 -61.94 -26.42
N TYR E 602 72.86 -61.78 -26.81
CA TYR E 602 73.82 -62.90 -26.84
C TYR E 602 74.67 -62.87 -25.58
N HIS E 603 74.78 -64.02 -24.94
CA HIS E 603 75.49 -64.16 -23.66
C HIS E 603 76.85 -64.85 -23.70
N ILE E 604 77.28 -65.29 -24.87
CA ILE E 604 78.55 -66.00 -25.09
C ILE E 604 78.90 -65.85 -26.55
N GLY E 605 80.08 -66.26 -26.94
CA GLY E 605 80.48 -66.20 -28.34
C GLY E 605 81.03 -64.85 -28.68
N ASP E 606 81.33 -64.62 -29.96
CA ASP E 606 82.04 -63.41 -30.39
C ASP E 606 81.21 -62.13 -30.30
N TRP E 607 79.89 -62.30 -30.34
CA TRP E 607 78.93 -61.21 -30.26
C TRP E 607 78.30 -61.10 -28.85
N LYS E 608 78.95 -61.65 -27.83
CA LYS E 608 78.47 -61.56 -26.47
C LYS E 608 78.35 -60.10 -26.09
N GLY E 609 77.21 -59.75 -25.49
CA GLY E 609 76.93 -58.37 -25.10
C GLY E 609 76.17 -57.51 -26.11
N LEU E 610 76.11 -57.95 -27.36
CA LEU E 610 75.19 -57.38 -28.32
C LEU E 610 73.84 -58.12 -28.24
N GLY E 611 72.78 -57.37 -28.60
CA GLY E 611 71.42 -57.88 -28.77
C GLY E 611 71.03 -57.79 -30.23
N THR E 612 69.84 -58.23 -30.58
CA THR E 612 69.45 -58.31 -31.98
C THR E 612 68.27 -57.37 -32.30
N ARG E 613 68.47 -56.47 -33.28
CA ARG E 613 67.42 -55.61 -33.83
C ARG E 613 66.13 -56.38 -34.04
N HIS E 614 65.01 -55.72 -33.75
CA HIS E 614 63.68 -56.21 -34.11
C HIS E 614 63.60 -57.03 -35.39
N GLY E 615 62.98 -58.22 -35.30
CA GLY E 615 62.66 -59.00 -36.48
C GLY E 615 61.64 -60.12 -36.29
N VAL E 616 61.47 -60.92 -37.34
CA VAL E 616 60.51 -61.99 -37.38
C VAL E 616 60.83 -63.04 -36.37
N GLN E 617 62.13 -63.30 -36.23
CA GLN E 617 62.60 -64.07 -35.11
C GLN E 617 63.35 -63.13 -34.23
N HIS E 618 63.46 -63.50 -32.95
CA HIS E 618 64.20 -62.71 -31.95
C HIS E 618 65.67 -62.59 -32.21
N TRP E 619 66.20 -63.42 -33.12
CA TRP E 619 67.61 -63.41 -33.55
C TRP E 619 67.81 -63.27 -35.11
N SER E 620 66.76 -63.08 -35.88
CA SER E 620 66.89 -63.11 -37.35
C SER E 620 67.74 -61.98 -37.96
N ASP E 621 67.55 -60.77 -37.49
CA ASP E 621 68.25 -59.59 -38.06
C ASP E 621 69.77 -59.56 -37.84
N SER E 622 70.48 -58.91 -38.74
CA SER E 622 71.92 -58.86 -38.71
C SER E 622 72.54 -57.63 -38.01
N ALA E 623 71.71 -56.68 -37.55
CA ALA E 623 72.19 -55.58 -36.74
C ALA E 623 72.32 -56.10 -35.33
N LYS E 624 73.54 -56.42 -34.94
CA LYS E 624 73.84 -56.93 -33.64
C LYS E 624 74.45 -55.78 -32.94
N GLN E 625 73.78 -55.28 -31.88
CA GLN E 625 74.08 -53.95 -31.31
C GLN E 625 73.92 -53.88 -29.82
N ALA E 626 74.66 -52.94 -29.20
CA ALA E 626 74.56 -52.65 -27.75
C ALA E 626 73.24 -52.02 -27.32
N ARG E 627 72.54 -51.38 -28.25
CA ARG E 627 71.28 -50.70 -27.92
C ARG E 627 70.15 -51.65 -27.60
N ILE E 628 70.25 -52.89 -28.05
CA ILE E 628 69.27 -53.87 -27.67
C ILE E 628 69.62 -54.39 -26.27
N SER E 629 70.91 -54.68 -26.02
CA SER E 629 71.31 -55.19 -24.71
C SER E 629 71.38 -54.10 -23.66
N GLN E 630 71.43 -52.85 -24.08
CA GLN E 630 71.34 -51.67 -23.20
C GLN E 630 71.02 -52.02 -21.78
N PRO E 631 72.01 -52.05 -20.89
CA PRO E 631 71.73 -52.43 -19.51
C PRO E 631 70.91 -51.43 -18.77
N GLN E 632 70.79 -50.21 -19.29
CA GLN E 632 69.88 -49.23 -18.69
C GLN E 632 68.46 -49.76 -18.66
N TYR E 633 68.11 -50.59 -19.65
CA TYR E 633 66.83 -51.32 -19.64
C TYR E 633 66.59 -52.28 -18.42
N ARG E 634 67.67 -52.72 -17.76
CA ARG E 634 67.57 -53.68 -16.64
C ARG E 634 67.83 -53.05 -15.28
N LYS E 635 68.23 -51.81 -15.28
CA LYS E 635 68.67 -51.12 -14.07
C LYS E 635 67.55 -50.99 -13.04
N TYR E 636 66.37 -50.61 -13.52
CA TYR E 636 65.19 -50.32 -12.69
C TYR E 636 64.74 -51.60 -11.99
N PHE E 637 64.59 -52.66 -12.74
CA PHE E 637 64.26 -53.95 -12.14
C PHE E 637 65.36 -54.48 -11.25
N PHE E 638 66.62 -54.36 -11.68
CA PHE E 638 67.74 -54.85 -10.88
C PHE E 638 67.68 -54.32 -9.45
N TYR E 639 67.52 -53.01 -9.29
CA TYR E 639 67.38 -52.43 -7.96
C TYR E 639 66.06 -52.71 -7.26
N LEU E 640 64.95 -52.59 -7.99
CA LEU E 640 63.60 -52.76 -7.37
C LEU E 640 63.34 -54.17 -6.84
N SER E 641 63.84 -55.17 -7.54
CA SER E 641 63.75 -56.56 -7.14
C SER E 641 64.64 -56.95 -5.93
N GLY E 642 65.52 -56.04 -5.50
CA GLY E 642 66.41 -56.34 -4.40
C GLY E 642 67.64 -57.04 -4.91
N GLY E 643 68.08 -56.68 -6.10
CA GLY E 643 69.31 -57.20 -6.64
C GLY E 643 69.15 -58.60 -7.19
N ASP E 644 68.00 -58.89 -7.82
CA ASP E 644 67.78 -60.14 -8.54
C ASP E 644 69.07 -60.57 -9.21
N GLU E 645 69.55 -61.75 -8.80
CA GLU E 645 70.93 -62.15 -9.01
C GLU E 645 71.23 -62.55 -10.45
N ARG E 646 70.23 -63.13 -11.12
CA ARG E 646 70.32 -63.45 -12.56
C ARG E 646 70.60 -62.22 -13.37
N VAL E 647 69.74 -61.22 -13.25
CA VAL E 647 69.92 -59.94 -13.91
C VAL E 647 71.27 -59.33 -13.49
N GLY E 648 71.66 -59.50 -12.22
CA GLY E 648 73.00 -59.11 -11.74
C GLY E 648 74.12 -59.65 -12.63
N GLU E 649 74.05 -60.95 -12.89
CA GLU E 649 74.98 -61.67 -13.74
C GLU E 649 74.95 -61.17 -15.20
N LEU E 650 73.74 -60.96 -15.75
CA LEU E 650 73.56 -60.42 -17.11
C LEU E 650 74.22 -59.03 -17.29
N LEU E 651 74.09 -58.22 -16.26
CA LEU E 651 74.69 -56.91 -16.23
C LEU E 651 76.21 -57.01 -16.27
N GLU E 652 76.77 -58.02 -15.60
CA GLU E 652 78.22 -58.26 -15.65
C GLU E 652 78.67 -58.76 -17.01
N GLU E 653 77.88 -59.66 -17.60
CA GLU E 653 78.17 -60.14 -18.97
C GLU E 653 78.44 -59.02 -19.94
N LEU E 654 77.67 -57.96 -19.85
CA LEU E 654 77.77 -56.87 -20.80
C LEU E 654 79.00 -55.99 -20.62
N LEU E 655 79.84 -56.25 -19.61
CA LEU E 655 81.05 -55.47 -19.46
C LEU E 655 82.07 -55.87 -20.55
N ASP E 656 81.83 -57.02 -21.19
CA ASP E 656 82.59 -57.45 -22.36
C ASP E 656 82.11 -56.94 -23.71
N THR E 657 81.19 -55.96 -23.71
CA THR E 657 80.60 -55.44 -24.95
C THR E 657 81.60 -54.65 -25.78
N ASP E 658 82.49 -53.91 -25.11
CA ASP E 658 83.53 -53.11 -25.83
C ASP E 658 84.47 -53.94 -26.73
N LYS E 659 84.75 -55.18 -26.33
CA LYS E 659 85.48 -56.14 -27.19
C LYS E 659 84.81 -56.43 -28.57
N THR E 660 83.48 -56.28 -28.69
CA THR E 660 82.78 -56.70 -29.93
C THR E 660 83.09 -55.86 -31.14
N TYR E 661 83.50 -54.62 -30.90
CA TYR E 661 83.81 -53.67 -31.98
C TYR E 661 85.12 -54.00 -32.67
N GLY E 662 85.94 -54.91 -32.11
CA GLY E 662 87.04 -55.55 -32.84
C GLY E 662 86.58 -56.71 -33.75
N GLU E 663 85.56 -57.41 -33.31
CA GLU E 663 85.03 -58.54 -34.06
C GLU E 663 83.93 -58.13 -35.09
N LEU E 664 83.31 -56.97 -34.94
CA LEU E 664 82.10 -56.66 -35.72
C LEU E 664 81.74 -55.22 -35.69
N ASP E 665 81.52 -54.64 -36.89
CA ASP E 665 81.17 -53.22 -36.98
C ASP E 665 79.67 -53.00 -37.27
N PRO E 666 78.92 -52.41 -36.31
CA PRO E 666 77.51 -52.09 -36.54
C PRO E 666 77.27 -51.26 -37.80
N GLN E 667 78.24 -50.43 -38.17
CA GLN E 667 78.18 -49.63 -39.41
C GLN E 667 78.81 -50.25 -40.67
N ARG E 668 79.16 -51.55 -40.66
CA ARG E 668 79.92 -52.14 -41.77
C ARG E 668 79.34 -51.91 -43.16
N LYS E 669 78.04 -51.71 -43.26
CA LYS E 669 77.34 -51.64 -44.54
C LYS E 669 77.08 -50.26 -45.03
N VAL E 670 77.06 -49.27 -44.13
CA VAL E 670 76.66 -47.90 -44.53
C VAL E 670 77.73 -46.82 -44.37
N ARG E 671 78.78 -47.08 -43.59
CA ARG E 671 79.83 -46.07 -43.42
C ARG E 671 80.63 -45.85 -44.70
N THR E 672 80.90 -44.58 -44.97
CA THR E 672 81.61 -44.15 -46.21
C THR E 672 83.10 -43.77 -46.07
N ASP E 673 83.67 -43.92 -44.86
CA ASP E 673 85.07 -43.57 -44.58
C ASP E 673 86.11 -44.68 -44.81
N GLY E 674 85.64 -45.86 -45.24
CA GLY E 674 86.51 -46.94 -45.70
C GLY E 674 87.10 -47.77 -44.59
N TRP E 675 86.75 -47.50 -43.36
CA TRP E 675 87.31 -48.21 -42.20
C TRP E 675 86.75 -49.65 -41.93
N GLU E 676 87.61 -50.51 -41.40
CA GLU E 676 87.25 -51.88 -40.99
C GLU E 676 87.99 -52.18 -39.72
N PRO E 677 87.46 -53.09 -38.87
CA PRO E 677 88.30 -53.46 -37.71
C PRO E 677 89.44 -54.37 -38.12
N SER E 678 90.62 -54.14 -37.55
CA SER E 678 91.79 -54.96 -37.83
C SER E 678 92.48 -55.29 -36.49
N PRO E 679 93.31 -56.36 -36.48
CA PRO E 679 93.80 -56.90 -35.20
C PRO E 679 94.69 -55.94 -34.39
N ASN E 680 94.44 -55.86 -33.08
CA ASN E 680 95.15 -54.93 -32.16
C ASN E 680 95.01 -53.43 -32.46
N SER E 681 94.09 -53.02 -33.33
CA SER E 681 93.88 -51.58 -33.58
C SER E 681 92.88 -50.97 -32.59
N THR E 682 92.73 -49.66 -32.71
CA THR E 682 91.58 -48.98 -32.16
C THR E 682 90.33 -49.49 -32.89
N VAL E 683 89.18 -49.33 -32.22
CA VAL E 683 87.87 -49.84 -32.70
C VAL E 683 86.80 -48.75 -32.72
N SER E 684 85.91 -48.86 -33.73
CA SER E 684 84.89 -47.87 -34.00
C SER E 684 83.55 -48.20 -33.36
N PHE E 685 83.03 -47.25 -32.60
CA PHE E 685 81.61 -47.28 -32.19
C PHE E 685 80.99 -45.90 -32.22
N GLY E 686 79.67 -45.85 -32.17
CA GLY E 686 78.91 -44.61 -32.16
C GLY E 686 78.80 -43.94 -30.79
N LEU E 687 78.74 -42.62 -30.80
CA LEU E 687 78.68 -41.86 -29.59
C LEU E 687 77.32 -41.80 -29.00
N GLY E 688 76.32 -42.28 -29.74
CA GLY E 688 74.91 -42.22 -29.31
C GLY E 688 74.33 -43.58 -28.97
N THR E 689 73.97 -44.33 -30.03
CA THR E 689 73.37 -45.64 -29.84
C THR E 689 74.34 -46.52 -29.03
N ASP E 690 75.49 -46.80 -29.63
CA ASP E 690 76.49 -47.73 -29.06
C ASP E 690 77.04 -47.24 -27.73
N TRP E 691 77.66 -46.07 -27.67
CA TRP E 691 78.18 -45.52 -26.39
C TRP E 691 77.16 -45.52 -25.22
N SER E 692 75.87 -45.26 -25.50
CA SER E 692 74.85 -45.23 -24.43
C SER E 692 74.66 -46.58 -23.74
N GLY E 693 74.86 -47.68 -24.48
CA GLY E 693 74.79 -49.04 -23.93
C GLY E 693 76.00 -49.37 -23.08
N LEU E 694 77.18 -49.09 -23.63
CA LEU E 694 78.44 -49.31 -22.93
C LEU E 694 78.49 -48.49 -21.64
N ALA E 695 78.07 -47.22 -21.72
CA ALA E 695 78.14 -46.33 -20.56
C ALA E 695 77.24 -46.76 -19.41
N ALA E 696 76.10 -47.33 -19.74
CA ALA E 696 75.15 -47.68 -18.75
C ALA E 696 75.71 -48.88 -18.05
N GLY E 697 76.42 -49.73 -18.80
CA GLY E 697 77.08 -50.91 -18.25
C GLY E 697 78.22 -50.55 -17.31
N TRP E 698 79.05 -49.61 -17.73
CA TRP E 698 80.13 -49.15 -16.90
C TRP E 698 79.56 -48.44 -15.68
N LEU E 699 78.56 -47.58 -15.86
CA LEU E 699 77.96 -46.92 -14.71
C LEU E 699 77.36 -47.92 -13.71
N ILE E 700 76.68 -48.93 -14.21
CA ILE E 700 76.08 -49.88 -13.29
C ILE E 700 77.15 -50.61 -12.48
N GLU E 701 78.20 -51.13 -13.14
CA GLU E 701 79.26 -51.86 -12.42
C GLU E 701 79.89 -50.99 -11.34
N TRP E 702 80.09 -49.70 -11.65
CA TRP E 702 80.63 -48.73 -10.69
C TRP E 702 79.69 -48.55 -9.50
N GLU E 703 78.38 -48.36 -9.76
CA GLU E 703 77.41 -48.27 -8.62
C GLU E 703 77.47 -49.50 -7.77
N ARG E 704 77.49 -50.67 -8.39
CA ARG E 704 77.54 -51.91 -7.62
C ARG E 704 78.86 -52.22 -6.92
N ARG E 705 79.93 -51.50 -7.26
CA ARG E 705 81.27 -51.82 -6.80
C ARG E 705 81.53 -53.34 -6.92
N GLY E 706 81.18 -53.92 -8.06
CA GLY E 706 81.45 -55.34 -8.33
C GLY E 706 82.90 -55.53 -8.78
N PRO E 707 83.31 -56.77 -9.05
CA PRO E 707 84.74 -57.00 -9.21
C PRO E 707 85.42 -56.11 -10.25
N ARG E 708 84.67 -55.53 -11.19
CA ARG E 708 85.30 -54.69 -12.24
C ARG E 708 84.98 -53.18 -12.13
N TRP E 709 84.70 -52.73 -10.93
CA TRP E 709 84.29 -51.37 -10.78
C TRP E 709 85.37 -50.36 -11.14
N GLU E 710 86.62 -50.62 -10.79
CA GLU E 710 87.67 -49.61 -11.05
C GLU E 710 87.87 -49.42 -12.53
N GLU E 711 87.80 -50.51 -13.26
CA GLU E 711 87.86 -50.53 -14.74
C GLU E 711 86.66 -49.83 -15.37
N ALA E 712 85.48 -50.19 -14.86
CA ALA E 712 84.22 -49.56 -15.28
C ALA E 712 84.27 -48.06 -15.07
N LYS E 713 84.70 -47.62 -13.90
CA LYS E 713 84.88 -46.18 -13.65
C LYS E 713 85.84 -45.49 -14.62
N THR E 714 86.99 -46.12 -14.87
CA THR E 714 87.98 -45.56 -15.78
C THR E 714 87.38 -45.44 -17.20
N LYS E 715 86.76 -46.51 -17.68
CA LYS E 715 86.20 -46.50 -19.03
C LYS E 715 85.11 -45.40 -19.28
N LEU E 716 84.22 -45.26 -18.32
CA LEU E 716 83.20 -44.22 -18.38
C LEU E 716 83.87 -42.82 -18.38
N THR E 717 84.71 -42.55 -17.36
CA THR E 717 85.34 -41.24 -17.17
C THR E 717 86.19 -40.89 -18.39
N ASN E 718 86.92 -41.87 -18.92
CA ASN E 718 87.77 -41.61 -20.10
C ASN E 718 86.93 -41.34 -21.34
N THR E 719 85.92 -42.17 -21.58
CA THR E 719 85.09 -41.98 -22.78
C THR E 719 84.23 -40.73 -22.71
N ILE E 720 83.90 -40.28 -21.49
CA ILE E 720 83.24 -39.00 -21.29
C ILE E 720 84.24 -37.91 -21.66
N ALA E 721 85.45 -38.02 -21.10
CA ALA E 721 86.55 -37.08 -21.40
C ALA E 721 86.90 -37.06 -22.88
N GLY E 722 86.81 -38.21 -23.52
CA GLY E 722 86.99 -38.29 -24.96
C GLY E 722 85.93 -37.54 -25.73
N ILE E 723 84.65 -37.74 -25.38
CA ILE E 723 83.55 -37.04 -26.07
C ILE E 723 83.66 -35.52 -25.84
N ALA E 724 84.00 -35.13 -24.61
CA ALA E 724 84.27 -33.73 -24.27
C ALA E 724 85.29 -33.00 -25.18
N ASN E 725 86.37 -33.71 -25.52
CA ASN E 725 87.50 -33.15 -26.30
C ASN E 725 87.38 -33.27 -27.80
N LEU E 726 86.34 -33.93 -28.31
CA LEU E 726 86.04 -33.87 -29.74
C LEU E 726 85.55 -32.47 -30.03
N THR E 727 85.92 -31.96 -31.20
CA THR E 727 85.63 -30.57 -31.51
C THR E 727 84.14 -30.35 -31.52
N ASN E 728 83.43 -31.26 -32.16
CA ASN E 728 81.97 -31.17 -32.23
C ASN E 728 81.22 -32.09 -31.27
N GLY E 729 81.84 -32.47 -30.18
CA GLY E 729 81.21 -33.34 -29.17
C GLY E 729 80.41 -34.51 -29.71
N PHE E 730 79.21 -34.66 -29.15
CA PHE E 730 78.26 -35.70 -29.61
C PHE E 730 77.85 -35.63 -31.12
N VAL E 731 78.03 -34.46 -31.74
CA VAL E 731 77.65 -34.20 -33.14
C VAL E 731 78.66 -34.87 -34.05
N THR E 732 79.88 -35.06 -33.56
CA THR E 732 80.79 -36.08 -34.13
C THR E 732 80.00 -37.39 -34.20
N GLY E 733 80.01 -38.10 -35.31
CA GLY E 733 79.15 -39.34 -35.31
C GLY E 733 79.52 -40.45 -34.32
N SER E 734 80.84 -40.63 -34.22
CA SER E 734 81.43 -41.84 -33.76
C SER E 734 82.85 -41.53 -33.32
N GLY E 735 83.45 -42.49 -32.65
CA GLY E 735 84.82 -42.36 -32.20
C GLY E 735 85.62 -43.56 -32.62
N LEU E 736 86.86 -43.56 -32.14
CA LEU E 736 87.81 -44.67 -32.21
C LEU E 736 88.35 -44.87 -30.80
N TYR E 737 88.17 -46.08 -30.31
CA TYR E 737 88.38 -46.40 -28.90
C TYR E 737 89.55 -47.36 -28.85
N ASP E 738 90.44 -47.15 -27.87
CA ASP E 738 91.62 -48.00 -27.74
C ASP E 738 91.30 -49.03 -26.68
N PRO E 739 91.24 -50.31 -27.04
CA PRO E 739 90.97 -51.33 -26.00
C PRO E 739 92.09 -51.60 -24.98
N VAL E 740 93.24 -50.89 -25.03
CA VAL E 740 94.33 -51.07 -24.05
C VAL E 740 94.55 -49.82 -23.15
N THR E 741 94.40 -48.61 -23.70
CA THR E 741 94.48 -47.38 -22.88
C THR E 741 93.12 -46.96 -22.39
N TRP E 742 92.09 -47.50 -23.03
CA TRP E 742 90.69 -47.17 -22.73
C TRP E 742 90.43 -45.69 -22.99
N THR E 743 90.72 -45.27 -24.21
CA THR E 743 90.56 -43.87 -24.57
C THR E 743 89.75 -43.73 -25.86
N LEU E 744 89.30 -42.51 -26.10
CA LEU E 744 88.36 -42.23 -27.15
C LEU E 744 88.86 -41.04 -27.90
N GLY E 745 89.29 -41.28 -29.13
CA GLY E 745 89.70 -40.25 -30.04
C GLY E 745 88.74 -40.14 -31.20
N PRO E 746 89.01 -39.19 -32.12
CA PRO E 746 88.07 -38.86 -33.19
C PRO E 746 88.04 -39.94 -34.25
N PRO E 747 86.99 -39.95 -35.10
CA PRO E 747 86.74 -41.03 -36.06
C PRO E 747 87.71 -41.07 -37.24
N PRO E 748 87.70 -42.18 -38.01
CA PRO E 748 88.70 -42.41 -39.06
C PRO E 748 88.91 -41.23 -40.02
N SER E 749 87.83 -40.63 -40.52
CA SER E 749 87.90 -39.42 -41.40
C SER E 749 88.24 -38.05 -40.73
N ASP E 750 88.65 -38.02 -39.46
CA ASP E 750 89.09 -36.78 -38.80
C ASP E 750 90.24 -37.06 -37.81
N PRO E 751 91.36 -37.63 -38.30
CA PRO E 751 92.47 -37.92 -37.38
C PRO E 751 92.98 -36.69 -36.57
N GLY E 752 92.91 -35.50 -37.15
CA GLY E 752 93.38 -34.32 -36.45
C GLY E 752 92.35 -33.59 -35.61
N ASN E 753 91.16 -34.17 -35.41
CA ASN E 753 90.06 -33.52 -34.65
C ASN E 753 89.66 -32.11 -35.13
N ARG E 754 89.77 -31.87 -36.45
CA ARG E 754 89.33 -30.64 -37.08
C ARG E 754 87.81 -30.37 -36.84
N GLY E 755 86.99 -31.41 -36.67
CA GLY E 755 85.53 -31.28 -36.57
C GLY E 755 84.79 -32.13 -37.59
N ASN E 756 83.78 -32.86 -37.14
CA ASN E 756 83.03 -33.78 -37.98
C ASN E 756 81.56 -33.83 -37.55
N VAL E 757 80.67 -34.09 -38.51
CA VAL E 757 79.23 -33.94 -38.33
C VAL E 757 78.49 -35.13 -38.89
N SER E 758 77.81 -35.86 -38.02
CA SER E 758 77.03 -37.02 -38.43
C SER E 758 75.91 -37.25 -37.45
N ILE E 759 74.69 -37.08 -37.94
CA ILE E 759 73.50 -37.06 -37.11
C ILE E 759 72.68 -38.32 -37.34
N SER E 760 72.18 -38.91 -36.28
CA SER E 760 71.20 -39.95 -36.41
C SER E 760 70.03 -39.68 -35.46
N HIS E 761 68.83 -39.80 -36.01
CA HIS E 761 67.63 -39.75 -35.23
C HIS E 761 67.58 -40.82 -34.15
N LEU E 762 68.37 -41.87 -34.31
CA LEU E 762 68.48 -42.94 -33.32
C LEU E 762 69.39 -42.67 -32.10
N ASN E 763 70.36 -41.78 -32.23
CA ASN E 763 71.37 -41.62 -31.18
C ASN E 763 70.85 -41.42 -29.80
N ALA E 764 69.73 -40.74 -29.64
CA ALA E 764 69.28 -40.34 -28.29
C ALA E 764 68.07 -41.09 -27.77
N VAL E 765 67.60 -42.10 -28.49
CA VAL E 765 66.34 -42.76 -28.12
C VAL E 765 66.48 -44.22 -27.64
N PHE E 766 67.73 -44.60 -27.35
CA PHE E 766 68.11 -45.93 -26.83
C PHE E 766 68.77 -45.81 -25.48
N GLY E 767 68.52 -44.69 -24.80
CA GLY E 767 68.96 -44.48 -23.43
C GLY E 767 69.92 -43.34 -23.16
N LEU E 768 70.39 -42.67 -24.19
CA LEU E 768 71.42 -41.65 -24.04
C LEU E 768 71.18 -40.57 -22.97
N PRO E 769 70.04 -39.87 -23.00
CA PRO E 769 69.80 -38.81 -21.99
C PRO E 769 69.67 -39.31 -20.57
N GLU E 770 69.07 -40.46 -20.43
CA GLU E 770 68.88 -41.10 -19.13
C GLU E 770 70.25 -41.40 -18.51
N VAL E 771 71.11 -42.07 -19.29
CA VAL E 771 72.46 -42.48 -18.84
C VAL E 771 73.38 -41.28 -18.64
N VAL E 772 73.50 -40.41 -19.62
CA VAL E 772 74.23 -39.15 -19.40
C VAL E 772 73.82 -38.42 -18.10
N SER E 773 72.54 -38.23 -17.86
CA SER E 773 72.19 -37.44 -16.69
C SER E 773 72.51 -38.16 -15.38
N GLU E 774 72.31 -39.48 -15.31
CA GLU E 774 72.82 -40.32 -14.20
C GLU E 774 74.35 -40.20 -14.11
N ALA E 775 75.04 -40.46 -15.21
CA ALA E 775 76.50 -40.23 -15.35
C ALA E 775 77.02 -38.87 -14.92
N ILE E 776 76.24 -37.80 -15.13
CA ILE E 776 76.70 -36.44 -14.82
C ILE E 776 76.61 -36.17 -13.33
N ALA E 777 75.53 -36.64 -12.72
CA ALA E 777 75.34 -36.54 -11.25
C ALA E 777 76.33 -37.40 -10.46
N TYR E 778 76.81 -38.49 -11.08
CA TYR E 778 77.64 -39.47 -10.40
C TYR E 778 79.07 -38.96 -10.33
N LEU E 779 79.59 -38.52 -11.46
CA LEU E 779 80.88 -37.87 -11.53
C LEU E 779 80.99 -36.57 -10.75
N ALA E 780 79.86 -35.86 -10.60
CA ALA E 780 79.80 -34.63 -9.81
C ALA E 780 80.96 -33.66 -10.17
N ASP E 781 81.71 -33.18 -9.18
CA ASP E 781 82.96 -32.40 -9.36
C ASP E 781 84.00 -33.03 -10.25
N ASP E 782 84.09 -34.37 -10.24
CA ASP E 782 85.14 -35.07 -10.99
C ASP E 782 84.77 -35.21 -12.49
N ILE E 783 83.66 -34.58 -12.89
CA ILE E 783 83.25 -34.59 -14.28
C ILE E 783 84.24 -33.80 -15.15
N PRO E 784 84.67 -34.39 -16.28
CA PRO E 784 85.49 -33.69 -17.27
C PRO E 784 84.96 -32.33 -17.78
N LYS E 785 85.89 -31.38 -17.97
CA LYS E 785 85.61 -30.03 -18.51
C LYS E 785 84.96 -30.14 -19.92
N GLY E 786 83.88 -29.41 -20.12
CA GLY E 786 83.16 -29.40 -21.39
C GLY E 786 82.18 -30.54 -21.69
N PHE E 787 82.07 -31.58 -20.85
CA PHE E 787 81.19 -32.68 -21.23
C PHE E 787 79.74 -32.20 -21.22
N LYS E 788 79.33 -31.72 -20.07
CA LYS E 788 77.99 -31.18 -19.87
C LYS E 788 77.58 -30.23 -21.00
N GLN E 789 78.49 -29.34 -21.38
CA GLN E 789 78.26 -28.44 -22.52
C GLN E 789 78.07 -29.15 -23.88
N ALA E 790 78.80 -30.24 -24.09
CA ALA E 790 78.68 -31.00 -25.34
C ALA E 790 77.32 -31.60 -25.43
N TRP E 791 76.85 -32.08 -24.27
CA TRP E 791 75.54 -32.65 -24.13
C TRP E 791 74.43 -31.58 -24.25
N LEU E 792 74.56 -30.44 -23.58
CA LEU E 792 73.61 -29.32 -23.81
C LEU E 792 73.60 -28.84 -25.25
N ASP E 793 74.77 -28.91 -25.89
CA ASP E 793 74.89 -28.59 -27.29
C ASP E 793 74.10 -29.54 -28.16
N TYR E 794 74.16 -30.83 -27.89
CA TYR E 794 73.33 -31.75 -28.65
C TYR E 794 71.83 -31.52 -28.40
N CYS E 795 71.44 -31.41 -27.14
CA CYS E 795 70.07 -31.21 -26.82
C CYS E 795 69.51 -29.94 -27.44
N TYR E 796 70.32 -28.88 -27.49
CA TYR E 796 69.87 -27.61 -28.00
C TYR E 796 69.84 -27.66 -29.54
N TYR E 797 70.94 -28.05 -30.17
CA TYR E 797 71.01 -27.89 -31.63
C TYR E 797 70.11 -28.86 -32.38
N TYR E 798 69.71 -29.96 -31.75
CA TYR E 798 68.93 -30.95 -32.45
C TYR E 798 67.80 -30.30 -33.22
N HIS E 799 67.00 -29.46 -32.59
CA HIS E 799 65.89 -28.74 -33.27
C HIS E 799 65.94 -27.22 -33.14
N ALA E 800 67.14 -26.69 -33.39
CA ALA E 800 67.33 -25.27 -33.55
C ALA E 800 67.09 -24.96 -35.01
N SER E 801 67.37 -23.73 -35.44
CA SER E 801 67.17 -23.41 -36.85
C SER E 801 68.31 -24.00 -37.67
N ALA E 802 68.05 -24.22 -38.95
CA ALA E 802 69.09 -24.67 -39.88
C ALA E 802 70.25 -23.68 -39.83
N SER E 803 69.96 -22.39 -39.70
CA SER E 803 71.00 -21.36 -39.59
C SER E 803 71.82 -21.43 -38.29
N GLU E 804 71.17 -21.77 -37.18
CA GLU E 804 71.87 -21.99 -35.90
C GLU E 804 72.80 -23.21 -35.98
N GLN E 805 72.35 -24.26 -36.63
CA GLN E 805 73.17 -25.47 -36.78
C GLN E 805 74.39 -25.19 -37.67
N LYS E 806 74.17 -24.54 -38.82
CA LYS E 806 75.25 -24.05 -39.72
C LYS E 806 76.27 -23.18 -38.95
N ASP E 807 75.78 -22.17 -38.22
CA ASP E 807 76.65 -21.24 -37.49
C ASP E 807 77.63 -22.07 -36.65
N ARG E 808 77.12 -23.11 -35.99
CA ARG E 808 77.84 -23.83 -34.98
C ARG E 808 78.72 -24.92 -35.51
N TYR E 809 78.16 -25.71 -36.41
CA TYR E 809 78.82 -26.92 -36.90
C TYR E 809 79.32 -26.86 -38.38
N GLY E 810 78.75 -25.93 -39.18
CA GLY E 810 79.17 -25.67 -40.56
C GLY E 810 78.21 -26.17 -41.64
N VAL E 811 77.40 -27.16 -41.27
CA VAL E 811 76.29 -27.61 -42.12
C VAL E 811 75.05 -27.61 -41.27
N SER E 812 73.89 -27.48 -41.93
CA SER E 812 72.58 -27.66 -41.28
C SER E 812 72.35 -29.17 -41.09
N PHE E 813 71.47 -29.57 -40.17
CA PHE E 813 71.15 -30.98 -39.99
C PHE E 813 70.12 -31.43 -41.04
N SER E 814 70.46 -32.49 -41.77
CA SER E 814 69.69 -32.88 -42.95
C SER E 814 68.50 -33.79 -42.59
N LYS E 815 68.82 -34.98 -42.08
CA LYS E 815 67.81 -36.02 -41.83
C LYS E 815 67.32 -36.02 -40.35
N ILE E 816 66.80 -34.89 -39.87
CA ILE E 816 66.33 -34.81 -38.48
C ILE E 816 64.90 -35.31 -38.46
N SER E 817 64.63 -36.32 -37.65
CA SER E 817 63.26 -36.76 -37.42
C SER E 817 63.09 -37.18 -35.96
N LEU E 818 61.93 -37.76 -35.66
CA LEU E 818 61.54 -38.16 -34.31
C LEU E 818 61.60 -36.95 -33.41
N LEU E 819 60.96 -35.86 -33.85
CA LEU E 819 60.98 -34.58 -33.13
C LEU E 819 60.23 -34.62 -31.78
N GLN E 820 59.08 -35.27 -31.74
CA GLN E 820 58.40 -35.55 -30.47
C GLN E 820 59.30 -36.32 -29.51
N ALA E 821 59.92 -37.35 -30.03
CA ALA E 821 60.84 -38.14 -29.27
C ALA E 821 61.95 -37.28 -28.69
N HIS E 822 62.44 -36.34 -29.50
CA HIS E 822 63.52 -35.46 -29.04
C HIS E 822 63.07 -34.24 -28.23
N SER E 823 61.78 -34.01 -28.08
CA SER E 823 61.32 -32.89 -27.30
C SER E 823 61.88 -32.89 -25.86
N ARG E 824 61.98 -34.09 -25.29
CA ARG E 824 62.55 -34.29 -23.99
C ARG E 824 64.04 -33.96 -23.81
N LEU E 825 64.79 -33.78 -24.90
CA LEU E 825 66.18 -33.26 -24.80
C LEU E 825 66.11 -31.76 -24.63
N ALA E 826 65.17 -31.13 -25.34
CA ALA E 826 64.88 -29.72 -25.14
C ALA E 826 64.47 -29.49 -23.71
N ALA E 827 63.59 -30.34 -23.20
CA ALA E 827 63.10 -30.19 -21.85
C ALA E 827 64.24 -30.18 -20.84
N TYR E 828 65.16 -31.13 -20.99
CA TYR E 828 66.33 -31.27 -20.11
C TYR E 828 67.17 -29.99 -20.18
N ALA E 829 67.66 -29.69 -21.37
CA ALA E 829 68.38 -28.44 -21.61
C ALA E 829 67.68 -27.25 -20.99
N ALA E 830 66.38 -27.14 -21.23
CA ALA E 830 65.57 -26.05 -20.68
C ALA E 830 65.62 -25.96 -19.17
N TYR E 831 65.39 -27.09 -18.50
CA TYR E 831 65.52 -27.15 -17.03
C TYR E 831 66.93 -26.79 -16.55
N GLU E 832 67.95 -27.33 -17.17
CA GLU E 832 69.31 -27.10 -16.67
C GLU E 832 69.81 -25.66 -16.94
N THR E 833 69.39 -25.05 -18.04
CA THR E 833 69.69 -23.65 -18.32
C THR E 833 68.65 -22.65 -17.79
N LYS E 834 67.58 -23.15 -17.18
CA LYS E 834 66.48 -22.28 -16.71
C LYS E 834 65.94 -21.36 -17.85
N ASN E 835 65.80 -21.91 -19.05
CA ASN E 835 65.39 -21.14 -20.21
C ASN E 835 63.98 -21.52 -20.64
N LYS E 836 63.09 -20.56 -20.49
CA LYS E 836 61.67 -20.80 -20.54
C LYS E 836 61.24 -20.91 -22.02
N THR E 837 61.85 -20.10 -22.86
CA THR E 837 61.64 -20.24 -24.28
C THR E 837 62.01 -21.65 -24.79
N LEU E 838 63.07 -22.25 -24.26
CA LEU E 838 63.48 -23.60 -24.68
C LEU E 838 62.50 -24.65 -24.17
N ALA E 839 61.94 -24.44 -22.98
CA ALA E 839 60.90 -25.31 -22.48
C ALA E 839 59.68 -25.34 -23.41
N LEU E 840 59.32 -24.18 -23.96
CA LEU E 840 58.19 -24.06 -24.88
C LEU E 840 58.52 -24.76 -26.18
N ARG E 841 59.78 -24.73 -26.59
CA ARG E 841 60.19 -25.57 -27.70
C ARG E 841 59.86 -27.07 -27.48
N ALA E 842 60.19 -27.54 -26.28
CA ALA E 842 59.87 -28.87 -25.88
C ALA E 842 58.40 -29.20 -26.04
N TRP E 843 57.51 -28.31 -25.56
CA TRP E 843 56.06 -28.55 -25.67
C TRP E 843 55.50 -28.39 -27.10
N LYS E 844 55.99 -27.40 -27.84
CA LYS E 844 55.63 -27.27 -29.24
C LYS E 844 56.04 -28.54 -29.96
N ASP E 845 57.25 -29.03 -29.70
CA ASP E 845 57.70 -30.22 -30.41
C ASP E 845 56.87 -31.48 -30.06
N PHE E 846 56.53 -31.65 -28.80
CA PHE E 846 55.67 -32.73 -28.38
C PHE E 846 54.27 -32.67 -28.99
N TYR E 847 53.64 -31.49 -28.97
CA TYR E 847 52.23 -31.34 -29.42
C TYR E 847 51.98 -31.11 -30.93
N ALA E 848 53.00 -30.65 -31.66
CA ALA E 848 52.81 -30.07 -32.99
C ALA E 848 54.05 -30.28 -33.90
N SER E 849 54.47 -31.56 -34.00
CA SER E 849 55.49 -32.05 -34.97
C SER E 849 55.10 -33.45 -35.52
N ASP E 850 55.77 -34.52 -35.04
CA ASP E 850 55.53 -35.92 -35.49
C ASP E 850 55.09 -36.79 -34.29
N GLY E 851 55.30 -38.11 -34.39
CA GLY E 851 54.89 -39.06 -33.35
C GLY E 851 53.35 -39.20 -33.31
N LEU E 852 52.80 -39.18 -32.09
CA LEU E 852 51.37 -39.18 -31.88
C LEU E 852 50.90 -37.75 -31.60
N LEU E 853 50.15 -37.20 -32.54
CA LEU E 853 49.65 -35.83 -32.42
C LEU E 853 48.50 -35.83 -31.44
N PRO E 854 48.20 -34.68 -30.83
CA PRO E 854 47.12 -34.61 -29.82
C PRO E 854 45.75 -34.88 -30.37
N ASP E 855 45.55 -34.67 -31.66
CA ASP E 855 44.27 -34.94 -32.27
C ASP E 855 44.35 -36.11 -33.24
N ALA E 856 45.29 -37.06 -33.05
CA ALA E 856 45.19 -38.39 -33.66
C ALA E 856 43.96 -39.11 -33.06
N PRO E 857 43.55 -40.27 -33.59
CA PRO E 857 42.22 -40.76 -33.17
C PRO E 857 42.06 -41.09 -31.69
N TRP E 858 43.12 -41.56 -31.05
CA TRP E 858 43.08 -41.84 -29.62
C TRP E 858 41.91 -42.74 -29.23
N ASN E 859 41.79 -43.86 -29.93
CA ASN E 859 40.80 -44.89 -29.61
C ASN E 859 41.16 -46.23 -30.30
N ILE E 860 40.38 -47.25 -29.95
CA ILE E 860 40.51 -48.53 -30.55
C ILE E 860 39.29 -48.77 -31.45
N THR E 861 39.49 -49.62 -32.45
CA THR E 861 38.44 -50.14 -33.29
C THR E 861 38.41 -51.67 -33.12
N HIS E 862 37.19 -52.21 -32.96
CA HIS E 862 36.97 -53.65 -32.81
C HIS E 862 36.71 -54.27 -34.17
N VAL E 863 37.47 -55.32 -34.51
CA VAL E 863 37.36 -56.01 -35.78
C VAL E 863 37.04 -57.45 -35.53
N ASP E 864 36.10 -57.99 -36.29
CA ASP E 864 35.52 -59.35 -36.07
C ASP E 864 34.91 -59.86 -37.38
N GLY E 865 34.09 -60.91 -37.33
CA GLY E 865 33.59 -61.53 -38.55
C GLY E 865 34.70 -62.13 -39.41
N SER E 866 34.47 -62.15 -40.74
CA SER E 866 35.38 -62.86 -41.63
C SER E 866 36.58 -62.13 -42.03
N ASP E 867 36.80 -60.94 -41.50
CA ASP E 867 38.02 -60.19 -41.79
C ASP E 867 39.22 -60.77 -41.11
N VAL E 868 38.99 -61.56 -40.06
CA VAL E 868 40.06 -62.01 -39.19
C VAL E 868 39.82 -63.35 -38.55
N LEU E 869 40.90 -63.95 -38.09
CA LEU E 869 40.83 -65.29 -37.51
C LEU E 869 40.01 -65.26 -36.25
N VAL E 870 40.25 -64.27 -35.41
CA VAL E 870 39.51 -64.11 -34.14
C VAL E 870 39.31 -62.64 -33.91
N PRO E 871 38.31 -62.28 -33.09
CA PRO E 871 38.03 -60.87 -32.94
C PRO E 871 39.21 -60.20 -32.29
N VAL E 872 39.56 -58.99 -32.74
CA VAL E 872 40.63 -58.18 -32.18
C VAL E 872 40.31 -56.69 -32.12
N ASP E 873 41.03 -56.03 -31.22
CA ASP E 873 40.97 -54.59 -31.10
C ASP E 873 42.23 -54.08 -31.75
N GLU E 874 42.13 -52.94 -32.43
CA GLU E 874 43.27 -52.33 -33.05
C GLU E 874 43.37 -50.82 -32.90
N ALA E 875 44.59 -50.35 -33.16
CA ALA E 875 44.94 -48.98 -33.05
C ALA E 875 45.91 -48.78 -34.21
N ALA E 876 45.36 -48.84 -35.42
CA ALA E 876 46.13 -48.75 -36.69
C ALA E 876 47.00 -47.50 -36.81
N TRP E 877 46.60 -46.46 -36.09
CA TRP E 877 47.19 -45.12 -36.15
C TRP E 877 48.44 -45.00 -35.27
N LEU E 878 48.84 -46.08 -34.60
CA LEU E 878 50.12 -46.10 -33.90
C LEU E 878 50.92 -47.35 -34.22
N ALA E 879 52.19 -47.25 -33.91
CA ALA E 879 53.15 -48.32 -33.94
C ALA E 879 53.95 -48.20 -32.63
N THR E 880 54.74 -49.20 -32.28
CA THR E 880 55.36 -49.29 -30.97
C THR E 880 56.40 -48.20 -30.81
N ASN E 881 57.23 -47.97 -31.82
CA ASN E 881 58.10 -46.78 -31.84
C ASN E 881 57.39 -45.48 -31.35
N ASP E 882 56.18 -45.25 -31.87
CA ASP E 882 55.41 -44.06 -31.48
C ASP E 882 55.14 -44.00 -29.97
N ILE E 883 54.63 -45.10 -29.39
CA ILE E 883 54.17 -45.10 -28.00
C ILE E 883 55.31 -45.09 -27.00
N ALA E 884 56.38 -45.84 -27.28
CA ALA E 884 57.60 -45.75 -26.46
C ALA E 884 58.09 -44.28 -26.30
N GLN E 885 58.33 -43.60 -27.42
CA GLN E 885 58.82 -42.23 -27.39
C GLN E 885 57.75 -41.24 -26.96
N TYR E 886 56.50 -41.46 -27.32
CA TYR E 886 55.43 -40.61 -26.78
C TYR E 886 55.47 -40.63 -25.26
N GLY E 887 55.49 -41.83 -24.69
CA GLY E 887 55.36 -41.98 -23.24
C GLY E 887 56.56 -41.51 -22.47
N LEU E 888 57.73 -41.58 -23.09
CA LEU E 888 58.94 -41.05 -22.51
C LEU E 888 58.93 -39.56 -22.57
N ALA E 889 58.45 -39.00 -23.67
CA ALA E 889 58.37 -37.56 -23.84
C ALA E 889 57.43 -36.97 -22.86
N VAL E 890 56.30 -37.65 -22.58
CA VAL E 890 55.32 -37.19 -21.60
C VAL E 890 55.96 -37.22 -20.25
N ILE E 891 56.53 -38.38 -19.93
CA ILE E 891 57.05 -38.58 -18.59
C ILE E 891 58.13 -37.59 -18.34
N GLN E 892 59.07 -37.48 -19.26
CA GLN E 892 60.21 -36.61 -19.05
C GLN E 892 59.92 -35.10 -19.23
N ASN E 893 59.08 -34.73 -20.19
CA ASN E 893 58.73 -33.33 -20.33
C ASN E 893 57.97 -32.86 -19.06
N LEU E 894 57.05 -33.68 -18.53
CA LEU E 894 56.38 -33.32 -17.27
C LEU E 894 57.35 -33.14 -16.12
N ALA E 895 58.42 -33.96 -16.07
CA ALA E 895 59.35 -33.85 -14.96
C ALA E 895 60.20 -32.58 -15.05
N TYR E 896 60.71 -32.25 -16.23
CA TYR E 896 61.63 -31.11 -16.38
C TYR E 896 60.94 -29.76 -16.52
N VAL E 897 59.84 -29.72 -17.29
CA VAL E 897 59.20 -28.47 -17.70
C VAL E 897 57.68 -28.44 -17.57
N SER E 898 57.10 -29.06 -16.54
CA SER E 898 55.64 -28.91 -16.31
C SER E 898 55.26 -27.49 -15.93
N ASP E 899 56.18 -26.75 -15.35
CA ASP E 899 55.93 -25.32 -15.06
C ASP E 899 55.52 -24.51 -16.31
N SER E 900 56.07 -24.96 -17.46
CA SER E 900 55.77 -24.37 -18.74
C SER E 900 54.61 -25.00 -19.52
N LEU E 901 53.91 -25.99 -18.99
CA LEU E 901 52.84 -26.64 -19.75
C LEU E 901 51.58 -25.75 -19.91
N ASP E 902 51.10 -25.16 -18.84
CA ASP E 902 49.98 -24.24 -18.94
C ASP E 902 50.36 -22.96 -19.69
N ASP E 903 51.59 -22.49 -19.45
CA ASP E 903 52.18 -21.38 -20.22
C ASP E 903 52.00 -21.66 -21.74
N TYR E 904 52.33 -22.87 -22.20
CA TYR E 904 52.23 -23.23 -23.64
C TYR E 904 50.79 -23.30 -24.12
N GLN E 905 49.93 -23.94 -23.34
CA GLN E 905 48.50 -24.07 -23.64
C GLN E 905 47.74 -22.73 -23.78
N SER E 906 48.28 -21.59 -23.35
CA SER E 906 47.62 -20.27 -23.59
C SER E 906 48.17 -19.47 -24.79
N ASN F 2 -73.77 36.38 23.48
CA ASN F 2 -74.52 36.77 22.22
C ASN F 2 -73.62 37.41 21.11
N CYS F 3 -72.90 38.46 21.52
CA CYS F 3 -71.75 39.08 20.83
C CYS F 3 -71.10 38.49 19.55
N THR F 4 -71.24 39.20 18.44
CA THR F 4 -70.42 39.04 17.23
C THR F 4 -69.47 40.22 17.14
N SER F 5 -68.18 39.97 16.92
CA SER F 5 -67.17 41.05 16.74
C SER F 5 -66.08 40.65 15.75
N SER F 6 -65.57 41.64 15.02
CA SER F 6 -64.50 41.42 14.05
C SER F 6 -63.75 42.70 13.75
N SER F 7 -62.64 42.61 13.03
CA SER F 7 -61.75 43.72 12.87
C SER F 7 -61.28 43.86 11.44
N ALA F 8 -61.09 45.09 10.99
CA ALA F 8 -60.44 45.35 9.70
C ALA F 8 -59.46 46.48 9.79
N THR F 9 -58.35 46.34 9.07
CA THR F 9 -57.34 47.36 9.03
C THR F 9 -57.30 48.12 7.71
N VAL F 10 -57.08 49.43 7.89
CA VAL F 10 -56.86 50.39 6.81
C VAL F 10 -55.47 51.00 6.87
N HIS F 11 -54.87 51.16 5.69
CA HIS F 11 -53.52 51.69 5.53
C HIS F 11 -53.56 52.92 4.67
N TRP F 12 -52.59 53.79 4.88
CA TRP F 12 -52.36 54.90 3.96
C TRP F 12 -52.10 54.38 2.55
N LEU F 13 -52.50 55.15 1.58
CA LEU F 13 -52.48 54.72 0.22
C LEU F 13 -51.05 54.57 -0.26
N GLY F 14 -50.22 55.57 0.01
CA GLY F 14 -48.76 55.47 -0.25
C GLY F 14 -47.98 55.48 1.05
N ASP F 15 -47.01 56.38 1.14
CA ASP F 15 -46.25 56.56 2.37
C ASP F 15 -47.11 57.27 3.42
N LYS F 16 -46.86 57.04 4.71
CA LYS F 16 -47.63 57.76 5.75
C LYS F 16 -47.43 59.25 5.60
N PRO F 17 -48.48 60.05 5.79
CA PRO F 17 -48.32 61.50 5.70
C PRO F 17 -47.67 62.13 6.96
N THR F 18 -47.18 63.34 6.76
CA THR F 18 -46.66 64.17 7.82
C THR F 18 -47.79 65.06 8.38
N TYR F 19 -48.83 65.22 7.56
CA TYR F 19 -50.02 65.96 7.89
C TYR F 19 -51.27 65.34 7.21
N HIS F 20 -52.37 65.26 7.96
CA HIS F 20 -53.70 65.16 7.41
C HIS F 20 -54.67 66.09 8.18
N ALA F 21 -55.88 66.28 7.64
CA ALA F 21 -56.83 67.31 8.14
C ALA F 21 -58.19 66.68 8.46
N GLY F 22 -58.08 65.45 8.97
CA GLY F 22 -59.16 64.50 9.02
C GLY F 22 -59.50 63.84 7.70
N VAL F 23 -59.89 62.57 7.77
CA VAL F 23 -60.09 61.74 6.59
C VAL F 23 -61.26 60.82 6.78
N THR F 24 -61.88 60.48 5.66
CA THR F 24 -63.00 59.62 5.60
C THR F 24 -62.57 58.38 4.85
N PHE F 25 -63.02 57.20 5.28
CA PHE F 25 -62.73 55.98 4.52
C PHE F 25 -63.90 55.01 4.52
N GLY F 26 -63.83 54.04 3.62
CA GLY F 26 -64.85 53.02 3.50
C GLY F 26 -64.38 51.72 4.10
N LEU F 27 -65.34 50.91 4.56
CA LEU F 27 -65.04 49.55 5.07
C LEU F 27 -66.16 48.60 4.73
N PRO F 28 -65.81 47.46 4.17
CA PRO F 28 -66.78 46.46 3.84
C PRO F 28 -66.97 45.45 4.94
N TRP F 29 -68.07 44.69 4.90
CA TRP F 29 -68.36 43.71 5.96
C TRP F 29 -69.04 42.46 5.40
N PRO F 30 -68.76 41.29 5.97
CA PRO F 30 -69.40 40.08 5.42
C PRO F 30 -70.93 40.13 5.41
N GLN F 31 -71.55 39.59 4.36
CA GLN F 31 -73.02 39.43 4.27
C GLN F 31 -73.61 38.75 5.50
N GLY F 32 -74.54 39.43 6.17
CA GLY F 32 -75.34 38.88 7.27
C GLY F 32 -74.73 38.99 8.65
N LYS F 33 -73.61 39.67 8.78
CA LYS F 33 -72.86 39.66 10.04
C LYS F 33 -73.33 40.71 11.02
N TYR F 34 -73.45 41.95 10.55
CA TYR F 34 -73.75 43.15 11.36
C TYR F 34 -75.03 43.84 10.89
N ARG F 35 -75.90 44.18 11.85
CA ARG F 35 -77.15 44.86 11.51
C ARG F 35 -76.93 46.33 11.69
N PRO F 36 -77.59 47.15 10.88
CA PRO F 36 -77.36 48.57 11.05
C PRO F 36 -78.09 48.95 12.30
N GLN F 37 -77.56 49.93 13.01
CA GLN F 37 -78.23 50.46 14.18
C GLN F 37 -78.00 49.58 15.42
N GLU F 38 -77.40 48.39 15.22
CA GLU F 38 -77.11 47.43 16.31
C GLU F 38 -75.61 47.08 16.29
N THR F 39 -74.78 48.01 15.81
CA THR F 39 -73.37 47.75 15.58
C THR F 39 -72.57 49.01 15.90
N SER F 40 -71.56 48.86 16.73
CA SER F 40 -70.70 49.95 17.14
C SER F 40 -69.29 49.65 16.67
N PHE F 41 -68.47 50.69 16.58
CA PHE F 41 -67.21 50.64 15.85
C PHE F 41 -66.19 51.41 16.63
N SER F 42 -64.99 50.88 16.77
CA SER F 42 -63.95 51.62 17.45
C SER F 42 -62.57 51.45 16.83
N LEU F 43 -61.71 52.39 17.15
CA LEU F 43 -60.45 52.61 16.47
C LEU F 43 -59.30 52.15 17.30
N THR F 44 -58.24 51.72 16.65
CA THR F 44 -56.93 51.44 17.28
C THR F 44 -55.82 51.97 16.35
N GLY F 45 -54.78 52.56 16.95
CA GLY F 45 -53.53 52.92 16.27
C GLY F 45 -52.38 52.21 16.97
N ASP F 46 -51.68 51.34 16.21
CA ASP F 46 -50.49 50.55 16.65
C ASP F 46 -49.82 50.88 18.03
N GLU F 52 -63.51 55.29 19.92
CA GLU F 52 -64.65 56.21 19.78
C GLU F 52 -64.56 56.77 18.34
N LEU F 53 -65.12 56.04 17.38
CA LEU F 53 -64.91 56.29 15.93
C LEU F 53 -66.19 56.59 15.21
N GLN F 54 -66.19 57.73 14.52
CA GLN F 54 -67.37 58.19 13.78
C GLN F 54 -67.74 57.35 12.53
N SER F 55 -68.96 56.80 12.49
CA SER F 55 -69.29 55.75 11.55
C SER F 55 -70.71 55.84 11.07
N TRP F 56 -70.94 55.51 9.82
CA TRP F 56 -72.28 55.42 9.23
C TRP F 56 -72.29 54.48 8.03
N ALA F 57 -73.48 54.12 7.56
CA ALA F 57 -73.69 53.17 6.48
C ALA F 57 -73.69 53.88 5.12
N THR F 58 -73.00 53.29 4.13
CA THR F 58 -73.15 53.70 2.73
C THR F 58 -73.80 52.64 1.89
N GLY F 59 -73.73 51.39 2.33
CA GLY F 59 -74.43 50.32 1.62
C GLY F 59 -74.81 49.13 2.45
N TYR F 60 -75.81 48.39 1.98
CA TYR F 60 -76.45 47.33 2.75
C TYR F 60 -76.53 46.08 1.88
N TRP F 61 -76.56 44.92 2.51
CA TRP F 61 -76.76 43.68 1.78
C TRP F 61 -78.26 43.50 1.55
N ALA F 62 -78.64 42.57 0.67
CA ALA F 62 -80.08 42.28 0.38
C ALA F 62 -80.83 41.94 1.66
N ASP F 63 -80.18 41.20 2.54
CA ASP F 63 -80.79 40.84 3.85
C ASP F 63 -80.95 42.00 4.87
N GLY F 64 -80.49 43.20 4.51
CA GLY F 64 -80.57 44.36 5.39
C GLY F 64 -79.28 44.61 6.15
N SER F 65 -78.32 43.69 6.08
CA SER F 65 -77.10 43.80 6.90
C SER F 65 -76.17 44.83 6.30
N LEU F 66 -75.24 45.35 7.08
CA LEU F 66 -74.27 46.30 6.59
C LEU F 66 -73.29 45.66 5.60
N LYS F 67 -73.22 46.23 4.39
CA LYS F 67 -72.30 45.79 3.34
C LYS F 67 -71.11 46.72 3.26
N TRP F 68 -71.34 48.03 3.21
CA TRP F 68 -70.30 49.08 3.30
C TRP F 68 -70.62 50.12 4.37
N THR F 69 -69.56 50.54 5.06
CA THR F 69 -69.67 51.64 5.99
C THR F 69 -68.62 52.64 5.64
N ALA F 70 -68.88 53.85 6.10
CA ALA F 70 -67.96 54.97 6.07
C ALA F 70 -67.60 55.46 7.48
N HIS F 71 -66.37 55.94 7.64
CA HIS F 71 -65.81 56.30 8.93
C HIS F 71 -65.03 57.56 8.78
N ALA F 72 -64.89 58.31 9.87
CA ALA F 72 -64.16 59.55 9.84
C ALA F 72 -63.34 59.73 11.09
N ILE F 73 -62.20 60.37 10.95
CA ILE F 73 -61.35 60.75 12.09
C ILE F 73 -61.05 62.25 12.02
N ALA F 74 -60.85 62.86 13.19
CA ALA F 74 -60.48 64.26 13.28
C ALA F 74 -59.07 64.43 12.75
N GLU F 75 -58.70 65.68 12.45
CA GLU F 75 -57.28 66.05 12.37
C GLU F 75 -56.63 65.78 13.73
N SER F 76 -55.54 65.08 13.67
CA SER F 76 -54.72 64.79 14.80
C SER F 76 -53.27 64.91 14.33
N ASN F 77 -52.46 65.50 15.19
CA ASN F 77 -51.05 65.63 14.95
C ASN F 77 -50.36 64.27 15.16
N GLN F 78 -51.03 63.31 15.81
CA GLN F 78 -50.58 61.89 15.83
C GLN F 78 -51.07 61.09 14.63
N ILE F 79 -50.12 60.53 13.90
CA ILE F 79 -50.40 59.83 12.66
C ILE F 79 -49.80 58.45 12.74
N TYR F 80 -50.62 57.41 12.65
CA TYR F 80 -50.13 56.04 12.74
C TYR F 80 -49.79 55.45 11.37
N ASP F 81 -49.08 54.33 11.34
CA ASP F 81 -48.81 53.57 10.08
C ASP F 81 -50.07 52.83 9.61
N GLN F 82 -50.84 52.29 10.55
CA GLN F 82 -52.12 51.62 10.26
C GLN F 82 -53.22 51.94 11.27
N TYR F 83 -54.47 51.75 10.86
CA TYR F 83 -55.64 52.00 11.69
C TYR F 83 -56.55 50.78 11.66
N THR F 84 -56.97 50.32 12.84
CA THR F 84 -57.72 49.10 12.91
C THR F 84 -59.09 49.44 13.46
N VAL F 85 -60.14 49.10 12.69
CA VAL F 85 -61.53 49.26 13.12
C VAL F 85 -61.98 47.92 13.67
N THR F 86 -62.51 47.92 14.89
CA THR F 86 -63.14 46.74 15.44
C THR F 86 -64.65 47.00 15.43
N ALA F 87 -65.41 46.14 14.78
CA ALA F 87 -66.87 46.15 14.87
C ALA F 87 -67.34 45.33 16.03
N SER F 88 -68.46 45.71 16.65
CA SER F 88 -69.06 44.98 17.81
C SER F 88 -70.57 45.06 17.76
N SER F 89 -71.26 43.93 17.89
CA SER F 89 -72.72 43.96 18.05
C SER F 89 -73.09 44.54 19.41
N LEU F 90 -74.35 44.95 19.58
CA LEU F 90 -74.83 45.49 20.87
C LEU F 90 -74.68 44.45 21.99
N GLY F 91 -74.97 43.19 21.67
CA GLY F 91 -74.82 42.10 22.59
C GLY F 91 -73.50 42.05 23.32
N CYS F 92 -72.42 42.45 22.66
CA CYS F 92 -71.14 42.47 23.31
C CYS F 92 -71.29 43.32 24.55
N VAL F 93 -71.67 44.59 24.40
CA VAL F 93 -71.80 45.51 25.56
C VAL F 93 -73.04 45.22 26.48
N LYS F 94 -74.19 44.91 25.90
CA LYS F 94 -75.44 44.61 26.64
C LYS F 94 -75.44 43.33 27.52
N SER F 95 -74.48 42.42 27.35
CA SER F 95 -74.34 41.26 28.26
C SER F 95 -73.01 41.27 29.02
N SER F 96 -72.39 42.44 29.06
CA SER F 96 -71.10 42.69 29.70
C SER F 96 -71.07 42.41 31.21
N SER F 97 -71.56 43.37 31.98
CA SER F 97 -71.15 43.57 33.37
C SER F 97 -69.59 43.76 33.54
N SER F 98 -69.12 44.92 33.09
CA SER F 98 -67.82 45.51 33.47
C SER F 98 -67.82 47.03 33.27
N SER F 99 -67.21 47.76 34.19
CA SER F 99 -67.26 49.22 34.16
C SER F 99 -66.27 49.70 33.08
N SER F 100 -66.64 50.76 32.38
CA SER F 100 -65.81 51.37 31.33
C SER F 100 -65.79 52.88 31.56
N GLU F 101 -64.60 53.49 31.60
CA GLU F 101 -64.51 54.94 31.61
C GLU F 101 -65.14 55.52 30.33
N SER F 102 -66.07 56.49 30.48
CA SER F 102 -66.62 57.28 29.36
C SER F 102 -65.90 58.60 29.48
N SER F 103 -65.06 58.93 28.49
CA SER F 103 -64.38 60.25 28.45
C SER F 103 -64.67 61.06 27.18
N ALA F 104 -64.32 62.35 27.23
CA ALA F 104 -64.47 63.30 26.13
C ALA F 104 -63.53 62.93 24.98
N PRO F 105 -63.93 63.17 23.72
CA PRO F 105 -62.90 63.27 22.69
C PRO F 105 -62.13 64.58 22.83
N ASN F 106 -60.91 64.57 22.27
CA ASN F 106 -59.91 65.66 22.34
C ASN F 106 -60.51 67.02 21.91
N SER F 107 -61.10 67.03 20.71
CA SER F 107 -61.82 68.18 20.16
C SER F 107 -63.09 67.65 19.49
N SER F 108 -64.12 68.50 19.33
CA SER F 108 -65.38 68.12 18.70
C SER F 108 -66.09 69.30 18.05
N ILE F 109 -67.00 68.97 17.12
CA ILE F 109 -67.66 69.97 16.30
C ILE F 109 -69.02 70.33 16.87
N VAL F 110 -69.21 71.64 17.01
CA VAL F 110 -70.49 72.20 17.42
C VAL F 110 -71.01 73.05 16.25
N VAL F 111 -72.30 72.87 15.92
CA VAL F 111 -72.94 73.63 14.86
C VAL F 111 -74.15 74.29 15.47
N THR F 112 -74.13 75.63 15.53
CA THR F 112 -75.31 76.42 15.90
C THR F 112 -76.07 76.73 14.61
N ASP F 113 -77.39 76.81 14.70
CA ASP F 113 -78.28 76.95 13.53
C ASP F 113 -79.38 77.99 13.79
N ASN F 114 -79.75 78.71 12.74
CA ASN F 114 -80.97 79.52 12.70
C ASN F 114 -81.33 79.91 11.26
N SER F 115 -82.44 80.63 11.11
CA SER F 115 -83.01 80.87 9.79
C SER F 115 -82.18 81.83 8.93
N ASP F 116 -81.26 82.59 9.53
CA ASP F 116 -80.27 83.38 8.75
C ASP F 116 -79.06 82.57 8.30
N ALA F 117 -78.52 81.72 9.15
CA ALA F 117 -77.24 81.07 8.86
C ALA F 117 -76.89 79.93 9.79
N LEU F 118 -76.07 79.04 9.24
CA LEU F 118 -75.48 77.89 9.90
C LEU F 118 -74.05 78.22 10.29
N THR F 119 -73.67 78.10 11.56
CA THR F 119 -72.24 78.19 11.91
C THR F 119 -71.72 76.79 12.22
N VAL F 120 -70.49 76.52 11.79
CA VAL F 120 -69.80 75.27 12.03
C VAL F 120 -68.48 75.60 12.69
N ASN F 121 -68.30 75.13 13.92
CA ASN F 121 -67.09 75.39 14.71
C ASN F 121 -66.38 74.10 14.90
N THR F 122 -65.12 74.03 14.48
CA THR F 122 -64.32 72.83 14.65
C THR F 122 -63.45 72.84 15.90
N GLY F 123 -63.39 73.97 16.63
CA GLY F 123 -62.44 74.20 17.73
C GLY F 123 -61.11 74.80 17.29
N GLU F 124 -60.95 74.93 15.97
CA GLU F 124 -59.86 75.64 15.30
C GLU F 124 -60.35 76.73 14.35
N VAL F 125 -61.51 76.52 13.71
CA VAL F 125 -62.20 77.57 12.99
C VAL F 125 -63.69 77.55 13.18
N ALA F 126 -64.31 78.69 12.93
CA ALA F 126 -65.75 78.76 12.92
C ALA F 126 -66.16 79.45 11.63
N VAL F 127 -66.95 78.76 10.81
CA VAL F 127 -67.29 79.32 9.52
C VAL F 127 -68.79 79.37 9.35
N SER F 128 -69.32 80.51 8.92
CA SER F 128 -70.78 80.69 8.76
C SER F 128 -71.22 80.43 7.33
N PHE F 129 -72.47 79.99 7.15
CA PHE F 129 -73.01 79.70 5.84
C PHE F 129 -74.41 80.28 5.74
N PRO F 130 -74.56 81.42 5.05
CA PRO F 130 -75.89 81.96 4.89
C PRO F 130 -76.83 81.03 4.19
N LYS F 131 -78.11 81.09 4.55
CA LYS F 131 -79.14 80.28 3.87
C LYS F 131 -79.70 80.97 2.63
N GLY F 132 -79.23 82.19 2.37
CA GLY F 132 -79.66 82.97 1.22
C GLY F 132 -78.64 84.04 0.87
N GLY F 133 -78.94 84.67 -0.27
CA GLY F 133 -78.08 85.71 -0.79
C GLY F 133 -76.95 85.15 -1.63
N ASN F 134 -75.91 85.97 -1.74
CA ASN F 134 -74.83 85.80 -2.70
C ASN F 134 -73.47 85.75 -2.03
N VAL F 135 -73.45 85.35 -0.77
CA VAL F 135 -72.23 85.09 -0.02
C VAL F 135 -72.37 83.68 0.54
N ILE F 136 -71.42 82.80 0.16
CA ILE F 136 -71.43 81.36 0.55
C ILE F 136 -70.89 81.20 1.96
N ILE F 137 -69.89 82.01 2.29
CA ILE F 137 -69.29 82.02 3.60
C ILE F 137 -69.30 83.46 4.14
N GLY F 138 -70.07 83.69 5.21
CA GLY F 138 -70.10 84.97 5.91
C GLY F 138 -68.73 85.34 6.44
N ASP F 139 -68.16 84.46 7.25
CA ASP F 139 -66.81 84.68 7.77
C ASP F 139 -66.18 83.42 8.31
N ILE F 140 -64.88 83.51 8.49
CA ILE F 140 -64.10 82.44 9.01
C ILE F 140 -63.39 83.02 10.21
N LYS F 141 -63.69 82.50 11.39
CA LYS F 141 -63.06 82.93 12.63
C LYS F 141 -62.10 81.83 13.09
N THR F 142 -60.96 82.24 13.65
CA THR F 142 -60.07 81.36 14.38
C THR F 142 -60.56 81.17 15.84
N LYS F 143 -59.94 80.21 16.54
CA LYS F 143 -60.21 79.94 17.97
C LYS F 143 -60.42 81.21 18.79
N SER F 144 -59.53 82.20 18.58
CA SER F 144 -59.57 83.50 19.28
C SER F 144 -60.89 84.22 19.03
N GLY F 145 -61.42 84.10 17.83
CA GLY F 145 -62.67 84.76 17.44
C GLY F 145 -62.39 85.86 16.44
N LYS F 146 -61.12 86.03 16.04
CA LYS F 146 -60.79 87.02 15.03
C LYS F 146 -61.16 86.52 13.65
N VAL F 147 -61.75 87.42 12.87
CA VAL F 147 -62.09 87.14 11.50
C VAL F 147 -60.82 87.22 10.69
N ILE F 148 -60.54 86.11 10.01
CA ILE F 148 -59.37 86.03 9.13
C ILE F 148 -59.74 85.98 7.66
N GLY F 149 -61.04 85.90 7.37
CA GLY F 149 -61.55 86.01 6.02
C GLY F 149 -63.07 86.00 6.01
N ALA F 150 -63.66 86.62 4.98
CA ALA F 150 -65.09 86.80 4.87
C ALA F 150 -65.61 86.84 3.45
N ASN F 151 -66.92 86.84 3.34
CA ASN F 151 -67.58 86.99 2.07
C ASN F 151 -67.09 86.11 0.95
N GLY F 152 -66.77 84.87 1.32
CA GLY F 152 -66.59 83.79 0.38
C GLY F 152 -67.68 83.74 -0.69
N ARG F 153 -67.31 84.08 -1.91
CA ARG F 153 -68.29 84.19 -2.98
C ARG F 153 -67.83 83.48 -4.27
N LEU F 154 -68.79 83.10 -5.09
CA LEU F 154 -68.52 82.45 -6.35
C LEU F 154 -68.60 83.54 -7.41
N VAL F 155 -67.56 83.63 -8.26
CA VAL F 155 -67.53 84.64 -9.32
C VAL F 155 -67.57 83.93 -10.67
N LEU F 156 -68.19 84.58 -11.64
CA LEU F 156 -68.40 84.02 -12.97
C LEU F 156 -68.59 85.13 -13.99
N GLN F 157 -67.79 85.10 -15.05
CA GLN F 157 -67.84 86.08 -16.13
C GLN F 157 -68.04 85.36 -17.46
N SER F 158 -68.93 85.88 -18.30
CA SER F 158 -69.07 85.35 -19.66
C SER F 158 -68.99 86.45 -20.74
N GLN F 159 -69.10 86.03 -22.02
CA GLN F 159 -69.29 86.96 -23.15
C GLN F 159 -70.30 86.35 -24.09
N ASP F 160 -70.94 87.19 -24.89
CA ASP F 160 -72.06 86.77 -25.75
C ASP F 160 -71.64 86.40 -27.18
N SER F 161 -70.39 86.69 -27.52
CA SER F 161 -69.82 86.28 -28.77
C SER F 161 -68.28 86.29 -28.73
N VAL F 162 -67.71 85.76 -29.81
CA VAL F 162 -66.31 85.55 -30.00
C VAL F 162 -65.90 86.04 -31.41
N PRO F 163 -64.85 86.84 -31.49
CA PRO F 163 -64.45 87.22 -32.86
C PRO F 163 -63.90 86.04 -33.67
N ASP F 164 -64.10 86.05 -34.97
CA ASP F 164 -63.48 85.11 -35.90
C ASP F 164 -61.98 84.85 -35.65
N ASN F 165 -61.26 85.93 -35.33
CA ASN F 165 -59.81 85.92 -35.12
C ASN F 165 -59.39 87.26 -34.50
N PHE F 166 -58.09 87.46 -34.27
CA PHE F 166 -57.59 88.66 -33.58
C PHE F 166 -57.84 89.96 -34.36
N ASP F 167 -57.60 89.90 -35.67
CA ASP F 167 -57.95 91.01 -36.57
C ASP F 167 -59.41 91.45 -36.45
N ASN F 168 -60.30 90.49 -36.25
CA ASN F 168 -61.75 90.74 -36.19
C ASN F 168 -62.30 91.48 -34.90
N ARG F 169 -61.47 91.61 -33.86
CA ARG F 169 -61.87 92.35 -32.66
C ARG F 169 -62.36 93.77 -33.01
N ALA F 170 -61.63 94.40 -33.93
CA ALA F 170 -61.94 95.72 -34.47
C ALA F 170 -63.38 95.89 -34.97
N ASN F 171 -63.90 94.86 -35.62
CA ASN F 171 -65.19 94.93 -36.30
C ASN F 171 -66.24 93.97 -35.69
N SER F 172 -65.98 93.44 -34.49
CA SER F 172 -66.85 92.41 -33.89
C SER F 172 -66.91 92.57 -32.36
N PRO F 173 -67.81 93.48 -31.85
CA PRO F 173 -67.68 93.92 -30.44
C PRO F 173 -68.21 92.87 -29.42
N ILE F 174 -67.62 92.87 -28.22
CA ILE F 174 -67.91 91.84 -27.18
C ILE F 174 -68.69 92.42 -25.96
N GLN F 175 -69.97 92.04 -25.79
CA GLN F 175 -70.71 92.37 -24.56
C GLN F 175 -70.33 91.35 -23.41
N TYR F 176 -69.52 91.79 -22.44
CA TYR F 176 -69.25 91.02 -21.19
C TYR F 176 -70.39 91.01 -20.10
N SER F 177 -70.61 89.86 -19.45
CA SER F 177 -71.45 89.73 -18.26
C SER F 177 -70.61 89.30 -17.03
N ASN F 178 -71.05 89.72 -15.85
CA ASN F 178 -70.55 89.24 -14.55
C ASN F 178 -71.66 88.61 -13.74
N PHE F 179 -71.30 87.60 -12.93
CA PHE F 179 -72.25 86.91 -12.06
C PHE F 179 -71.65 86.59 -10.68
N ASP F 180 -72.57 86.44 -9.72
CA ASP F 180 -72.31 86.00 -8.36
C ASP F 180 -73.01 84.68 -8.31
N GLY F 181 -72.61 83.85 -7.37
CA GLY F 181 -73.41 82.68 -7.02
C GLY F 181 -74.50 82.97 -5.98
N ASN F 182 -75.71 82.53 -6.29
CA ASN F 182 -76.91 82.81 -5.56
C ASN F 182 -77.40 81.52 -4.91
N ILE F 183 -77.50 81.55 -3.57
CA ILE F 183 -77.82 80.39 -2.77
C ILE F 183 -79.30 80.06 -2.76
N ASN F 184 -79.65 78.79 -2.93
CA ASN F 184 -81.05 78.36 -2.87
C ASN F 184 -81.37 77.35 -1.75
N GLU F 185 -80.41 76.49 -1.40
CA GLU F 185 -80.58 75.51 -0.33
C GLU F 185 -79.27 75.32 0.38
N VAL F 186 -79.34 75.17 1.68
CA VAL F 186 -78.18 74.80 2.47
C VAL F 186 -78.63 73.64 3.36
N PHE F 187 -78.04 72.46 3.13
CA PHE F 187 -78.23 71.24 3.95
C PHE F 187 -76.99 71.02 4.79
N VAL F 188 -77.12 70.23 5.85
CA VAL F 188 -75.98 69.89 6.71
C VAL F 188 -76.09 68.43 7.21
N ASN F 189 -74.99 67.70 7.10
CA ASN F 189 -74.84 66.37 7.68
C ASN F 189 -73.82 66.59 8.75
N GLN F 190 -74.28 66.68 9.99
CA GLN F 190 -73.41 66.95 11.12
C GLN F 190 -73.04 65.64 11.83
N THR F 191 -71.75 65.47 12.14
CA THR F 191 -71.29 64.52 13.15
C THR F 191 -70.19 65.25 13.92
N SER F 192 -69.80 64.69 15.07
CA SER F 192 -68.68 65.23 15.90
C SER F 192 -67.33 65.42 15.21
N ALA F 193 -67.01 64.45 14.38
CA ALA F 193 -65.70 64.33 13.77
C ALA F 193 -65.70 65.08 12.46
N ARG F 194 -66.85 65.03 11.77
CA ARG F 194 -66.97 65.55 10.43
C ARG F 194 -68.34 66.09 10.14
N THR F 195 -68.35 67.34 9.65
CA THR F 195 -69.58 67.97 9.21
C THR F 195 -69.40 68.38 7.75
N LEU F 196 -70.38 67.96 6.93
CA LEU F 196 -70.47 68.30 5.51
C LEU F 196 -71.57 69.35 5.33
N VAL F 197 -71.19 70.54 4.85
CA VAL F 197 -72.18 71.57 4.47
C VAL F 197 -72.34 71.62 2.94
N THR F 198 -73.51 71.25 2.47
CA THR F 198 -73.81 71.16 1.03
C THR F 198 -74.64 72.40 0.64
N VAL F 199 -74.08 73.28 -0.19
CA VAL F 199 -74.76 74.53 -0.60
C VAL F 199 -75.11 74.47 -2.07
N ARG F 200 -76.34 74.79 -2.45
CA ARG F 200 -76.72 74.78 -3.87
C ARG F 200 -77.29 76.08 -4.39
N GLY F 201 -77.10 76.30 -5.68
CA GLY F 201 -77.76 77.40 -6.34
C GLY F 201 -77.48 77.54 -7.81
N ASN F 202 -77.53 78.81 -8.27
CA ASN F 202 -77.43 79.26 -9.65
C ASN F 202 -76.37 80.36 -9.66
N HIS F 203 -75.98 80.83 -10.83
CA HIS F 203 -75.34 82.14 -10.89
C HIS F 203 -76.28 83.17 -11.52
N THR F 204 -76.27 84.36 -10.93
CA THR F 204 -77.16 85.43 -11.35
C THR F 204 -76.42 86.69 -11.64
N VAL F 205 -76.95 87.43 -12.58
CA VAL F 205 -76.21 88.51 -13.16
C VAL F 205 -76.03 89.69 -12.22
N THR F 206 -74.90 90.34 -12.31
CA THR F 206 -74.60 91.47 -11.47
C THR F 206 -74.27 92.71 -12.31
N ASP F 207 -73.17 92.65 -13.05
CA ASP F 207 -72.71 93.70 -13.94
C ASP F 207 -72.93 93.12 -15.37
N GLY F 208 -73.17 93.98 -16.35
CA GLY F 208 -73.36 93.57 -17.75
C GLY F 208 -74.78 93.12 -18.12
N THR F 209 -74.94 92.54 -19.30
CA THR F 209 -76.28 92.47 -19.94
C THR F 209 -77.20 91.44 -19.26
N ASP F 210 -78.52 91.64 -19.26
CA ASP F 210 -79.45 90.69 -18.60
C ASP F 210 -79.21 89.30 -19.18
N HIS F 211 -79.23 88.34 -18.28
CA HIS F 211 -79.01 86.96 -18.61
C HIS F 211 -79.82 86.18 -17.61
N ASP F 212 -80.53 85.15 -18.03
CA ASP F 212 -81.31 84.39 -17.05
C ASP F 212 -80.34 83.78 -16.01
N PRO F 213 -80.83 83.53 -14.78
CA PRO F 213 -80.01 82.72 -13.88
C PRO F 213 -79.56 81.42 -14.57
N TRP F 214 -78.28 81.06 -14.42
CA TRP F 214 -77.71 79.87 -15.09
C TRP F 214 -76.49 79.32 -14.34
N LEU F 215 -76.03 78.17 -14.84
CA LEU F 215 -74.83 77.47 -14.38
C LEU F 215 -75.05 76.99 -12.98
N PRO F 216 -75.94 75.99 -12.84
CA PRO F 216 -76.22 75.52 -11.49
C PRO F 216 -74.97 74.97 -10.81
N PHE F 217 -74.81 75.33 -9.54
CA PHE F 217 -73.70 74.84 -8.72
C PHE F 217 -74.15 74.06 -7.50
N VAL F 218 -73.23 73.24 -7.02
CA VAL F 218 -73.34 72.54 -5.75
C VAL F 218 -71.97 72.67 -5.17
N VAL F 219 -71.88 73.13 -3.93
CA VAL F 219 -70.58 73.25 -3.28
C VAL F 219 -70.66 72.60 -1.89
N ARG F 220 -69.77 71.63 -1.68
CA ARG F 220 -69.73 70.75 -0.53
C ARG F 220 -68.50 71.09 0.28
N PHE F 221 -68.72 71.46 1.53
CA PHE F 221 -67.65 71.89 2.42
C PHE F 221 -67.54 70.81 3.47
N TYR F 222 -66.35 70.20 3.54
CA TYR F 222 -66.07 69.14 4.51
C TYR F 222 -65.25 69.79 5.61
N LEU F 223 -65.76 69.81 6.83
CA LEU F 223 -65.03 70.28 8.01
C LEU F 223 -64.89 69.16 9.02
N TYR F 224 -63.73 69.11 9.66
CA TYR F 224 -63.34 68.03 10.54
C TYR F 224 -62.89 68.63 11.86
N ALA F 225 -63.27 67.98 12.96
CA ALA F 225 -62.81 68.40 14.30
C ALA F 225 -61.32 68.65 14.35
N ASN F 226 -60.92 69.67 15.11
CA ASN F 226 -59.51 70.02 15.30
C ASN F 226 -58.80 70.42 13.99
N SER F 227 -59.55 70.93 12.99
CA SER F 227 -58.99 71.33 11.69
C SER F 227 -59.40 72.74 11.24
N ALA F 228 -58.36 73.50 10.86
CA ALA F 228 -58.47 74.80 10.19
C ALA F 228 -58.39 74.68 8.65
N THR F 229 -58.26 73.46 8.14
CA THR F 229 -58.23 73.14 6.69
C THR F 229 -59.65 72.73 6.31
N ILE F 230 -60.09 73.13 5.13
CA ILE F 230 -61.43 72.82 4.65
C ILE F 230 -61.39 72.36 3.21
N LYS F 231 -62.01 71.22 2.91
CA LYS F 231 -61.99 70.66 1.59
C LYS F 231 -63.29 71.00 0.93
N VAL F 232 -63.22 71.70 -0.20
CA VAL F 232 -64.38 72.21 -0.95
C VAL F 232 -64.60 71.44 -2.30
N MET F 233 -65.73 70.75 -2.45
CA MET F 233 -66.03 70.15 -3.75
C MET F 233 -66.98 71.07 -4.54
N HIS F 234 -66.39 71.82 -5.46
CA HIS F 234 -67.13 72.73 -6.34
C HIS F 234 -67.62 71.99 -7.60
N SER F 235 -68.93 71.86 -7.82
CA SER F 235 -69.50 71.23 -9.01
C SER F 235 -70.35 72.24 -9.77
N ILE F 236 -70.23 72.31 -11.09
CA ILE F 236 -71.14 73.12 -11.93
C ILE F 236 -71.68 72.28 -13.05
N VAL F 237 -72.89 72.62 -13.52
CA VAL F 237 -73.50 71.97 -14.68
C VAL F 237 -73.52 73.01 -15.84
N PHE F 238 -72.93 72.67 -17.00
CA PHE F 238 -72.92 73.63 -18.09
C PHE F 238 -74.31 73.78 -18.75
N ASP F 239 -74.89 74.95 -18.49
CA ASP F 239 -76.26 75.32 -18.78
C ASP F 239 -76.47 76.10 -20.09
N GLY F 240 -75.39 76.69 -20.62
CA GLY F 240 -75.49 77.69 -21.66
C GLY F 240 -75.77 77.16 -23.02
N ASP F 241 -75.85 78.08 -23.99
CA ASP F 241 -76.17 77.79 -25.41
C ASP F 241 -75.09 78.40 -26.27
N GLU F 242 -75.20 78.23 -27.60
CA GLU F 242 -74.26 78.83 -28.58
C GLU F 242 -73.63 80.16 -28.11
N ASN F 243 -74.43 81.07 -27.55
CA ASN F 243 -74.01 82.45 -27.22
C ASN F 243 -73.36 82.68 -25.84
N ASP F 244 -73.17 81.63 -25.02
CA ASP F 244 -72.55 81.79 -23.69
C ASP F 244 -71.15 81.20 -23.69
N PHE F 245 -70.16 82.09 -23.60
CA PHE F 245 -68.78 81.74 -23.59
C PHE F 245 -68.27 82.08 -22.22
N ILE F 246 -68.11 81.06 -21.36
CA ILE F 246 -67.55 81.27 -20.04
C ILE F 246 -66.14 81.82 -20.24
N THR F 247 -65.82 82.92 -19.58
CA THR F 247 -64.52 83.58 -19.71
C THR F 247 -63.70 83.63 -18.41
N GLY F 248 -64.40 83.37 -17.29
CA GLY F 248 -63.85 83.45 -15.94
C GLY F 248 -64.76 82.68 -14.98
N LEU F 249 -64.15 81.86 -14.13
CA LEU F 249 -64.85 81.02 -13.16
C LEU F 249 -63.95 80.94 -11.92
N GLY F 250 -64.49 81.27 -10.76
CA GLY F 250 -63.69 81.38 -9.55
C GLY F 250 -64.42 81.46 -8.23
N ILE F 251 -63.61 81.50 -7.18
CA ILE F 251 -64.05 81.54 -5.80
C ILE F 251 -63.20 82.64 -5.20
N ARG F 252 -63.85 83.53 -4.46
CA ARG F 252 -63.23 84.76 -3.92
C ARG F 252 -63.54 84.94 -2.43
N PHE F 253 -62.61 85.57 -1.74
CA PHE F 253 -62.77 85.89 -0.34
C PHE F 253 -62.22 87.30 -0.05
N ASP F 254 -62.88 88.04 0.83
CA ASP F 254 -62.30 89.26 1.41
C ASP F 254 -61.42 88.83 2.54
N VAL F 255 -60.34 89.55 2.79
CA VAL F 255 -59.45 89.31 3.92
C VAL F 255 -59.24 90.65 4.63
N PRO F 256 -59.70 90.78 5.92
CA PRO F 256 -59.47 92.00 6.69
C PRO F 256 -57.99 92.25 6.99
N LEU F 257 -57.45 93.31 6.42
CA LEU F 257 -56.09 93.68 6.64
C LEU F 257 -55.94 94.92 7.45
N LYS F 258 -56.95 95.81 7.48
CA LYS F 258 -56.89 97.05 8.31
C LYS F 258 -56.33 96.77 9.70
N GLY F 259 -55.44 97.63 10.13
CA GLY F 259 -54.74 97.41 11.37
C GLY F 259 -53.34 96.89 11.15
N GLU F 260 -53.10 96.09 10.10
CA GLU F 260 -51.73 95.61 9.79
C GLU F 260 -50.84 96.60 9.07
N GLU F 261 -49.72 96.93 9.69
CA GLU F 261 -48.68 97.74 9.03
C GLU F 261 -48.33 97.11 7.68
N TYR F 262 -48.24 97.91 6.63
CA TYR F 262 -47.98 97.38 5.29
C TYR F 262 -46.86 96.31 5.23
N TYR F 263 -45.78 96.53 5.96
CA TYR F 263 -44.62 95.62 6.08
C TYR F 263 -44.87 94.34 6.90
N ASP F 264 -46.04 94.24 7.52
CA ASP F 264 -46.48 93.02 8.21
C ASP F 264 -47.65 92.33 7.51
N ARG F 265 -47.98 92.75 6.29
CA ARG F 265 -48.96 92.02 5.47
C ARG F 265 -48.16 91.15 4.53
N HIS F 266 -48.50 89.86 4.42
CA HIS F 266 -47.71 88.94 3.63
C HIS F 266 -48.49 88.29 2.48
N ILE F 267 -47.72 88.05 1.41
CA ILE F 267 -48.16 87.40 0.19
C ILE F 267 -47.28 86.16 0.00
N ARG F 268 -47.94 85.06 -0.37
CA ARG F 268 -47.26 83.84 -0.80
C ARG F 268 -48.01 83.13 -1.93
N PHE F 269 -47.21 82.51 -2.78
CA PHE F 269 -47.70 81.65 -3.83
C PHE F 269 -46.86 80.42 -3.82
N ALA F 270 -47.53 79.27 -3.94
CA ALA F 270 -46.84 78.00 -4.17
C ALA F 270 -46.33 78.02 -5.59
N GLY F 271 -45.05 77.71 -5.75
CA GLY F 271 -44.38 77.53 -7.04
C GLY F 271 -44.11 76.08 -7.40
N VAL F 272 -42.86 75.78 -7.73
CA VAL F 272 -42.52 74.52 -8.34
C VAL F 272 -41.88 73.60 -7.31
N ASP F 273 -42.38 72.36 -7.33
CA ASP F 273 -42.03 71.31 -6.37
C ASP F 273 -42.42 71.82 -4.99
N GLY F 274 -41.48 71.92 -4.05
CA GLY F 274 -41.81 72.45 -2.71
C GLY F 274 -41.56 73.93 -2.55
N GLY F 275 -41.56 74.66 -3.67
CA GLY F 275 -41.22 76.06 -3.71
C GLY F 275 -42.33 76.93 -3.16
N ILE F 276 -41.92 78.03 -2.51
CA ILE F 276 -42.85 79.06 -2.00
C ILE F 276 -42.25 80.45 -2.27
N PHE F 277 -43.13 81.30 -2.84
CA PHE F 277 -42.85 82.71 -3.11
C PHE F 277 -43.20 83.52 -1.88
N ASN F 278 -42.24 84.29 -1.37
CA ASN F 278 -42.39 85.00 -0.07
C ASN F 278 -42.18 86.51 -0.16
N GLU F 279 -43.27 87.27 -0.08
CA GLU F 279 -43.16 88.71 -0.03
C GLU F 279 -44.04 89.41 1.03
N ALA F 280 -43.78 90.71 1.18
CA ALA F 280 -44.63 91.55 1.95
C ALA F 280 -45.19 92.63 1.04
N VAL F 281 -46.36 93.17 1.40
CA VAL F 281 -46.95 94.26 0.66
C VAL F 281 -45.98 95.45 0.57
N GLN F 282 -45.19 95.68 1.61
CA GLN F 282 -44.20 96.75 1.61
C GLN F 282 -42.93 96.18 2.12
N GLY F 283 -42.01 95.94 1.22
CA GLY F 283 -40.84 95.15 1.51
C GLY F 283 -39.68 95.97 1.97
N ILE F 284 -38.99 95.41 2.95
CA ILE F 284 -37.98 96.06 3.75
C ILE F 284 -36.60 95.48 3.53
N THR F 285 -36.56 94.43 2.71
CA THR F 285 -35.33 93.74 2.34
C THR F 285 -34.83 94.23 0.97
N GLY F 286 -33.52 94.10 0.76
CA GLY F 286 -32.92 94.55 -0.50
C GLY F 286 -33.13 96.02 -0.82
N LEU F 287 -33.22 96.86 0.22
CA LEU F 287 -33.34 98.31 0.12
C LEU F 287 -31.95 98.83 0.18
N ARG F 288 -31.78 100.13 -0.07
CA ARG F 288 -30.46 100.74 -0.05
C ARG F 288 -29.82 100.73 1.34
N ARG F 289 -30.66 100.99 2.35
CA ARG F 289 -30.27 100.90 3.76
C ARG F 289 -30.91 99.70 4.43
N ASP F 290 -30.18 99.22 5.40
CA ASP F 290 -30.49 97.98 6.08
C ASP F 290 -31.13 98.40 7.42
N PRO F 291 -32.45 98.19 7.57
CA PRO F 291 -33.05 98.54 8.87
C PRO F 291 -32.53 97.68 10.00
N GLY F 292 -32.17 96.43 9.73
CA GLY F 292 -31.47 95.58 10.68
C GLY F 292 -31.62 94.11 10.34
N GLU F 293 -30.53 93.36 10.45
CA GLU F 293 -30.55 91.94 10.15
C GLU F 293 -31.78 91.19 10.73
N GLU F 294 -32.14 91.47 11.98
CA GLU F 294 -33.27 90.78 12.64
C GLU F 294 -34.62 91.09 11.97
N ILE F 295 -34.82 92.36 11.68
CA ILE F 295 -36.06 92.88 11.07
C ILE F 295 -36.22 92.39 9.62
N ARG F 296 -35.13 92.26 8.89
CA ARG F 296 -35.17 91.72 7.52
C ARG F 296 -35.49 90.22 7.53
N ALA F 297 -34.87 89.45 8.43
CA ALA F 297 -35.21 88.01 8.62
C ALA F 297 -36.66 87.77 9.12
N ALA F 298 -37.16 88.66 9.96
CA ALA F 298 -38.51 88.57 10.45
C ALA F 298 -39.56 88.89 9.40
N GLN F 299 -39.32 89.89 8.54
CA GLN F 299 -40.28 90.09 7.42
C GLN F 299 -40.39 88.86 6.50
N PHE F 300 -39.23 88.33 6.13
CA PHE F 300 -39.14 87.15 5.31
C PHE F 300 -39.91 85.97 5.90
N ALA F 301 -39.78 85.77 7.21
CA ALA F 301 -40.46 84.68 7.92
C ALA F 301 -41.92 84.94 8.25
N GLY F 302 -42.44 86.11 7.92
CA GLY F 302 -43.86 86.39 8.13
C GLY F 302 -44.24 86.91 9.52
N GLN F 303 -43.24 87.27 10.30
CA GLN F 303 -43.44 87.68 11.69
C GLN F 303 -43.70 89.15 11.76
N LYS F 304 -44.35 89.57 12.83
CA LYS F 304 -44.59 90.99 13.12
C LYS F 304 -43.27 91.72 13.27
N LEU F 305 -43.07 92.81 12.52
CA LEU F 305 -41.80 93.52 12.62
C LEU F 305 -41.71 94.27 13.95
N ALA F 306 -40.48 94.52 14.41
CA ALA F 306 -40.20 95.23 15.65
C ALA F 306 -40.71 96.68 15.57
N ASP F 307 -40.89 97.35 16.72
CA ASP F 307 -41.44 98.75 16.72
C ASP F 307 -40.59 99.59 15.74
N THR F 308 -41.29 100.41 14.98
CA THR F 308 -40.65 101.24 13.97
C THR F 308 -39.39 101.94 14.56
N GLU F 309 -39.47 102.40 15.81
CA GLU F 309 -38.34 103.07 16.54
C GLU F 309 -37.07 102.25 16.83
N THR F 310 -37.09 100.91 16.68
CA THR F 310 -35.85 100.06 16.85
C THR F 310 -34.94 99.95 15.62
N TRP F 311 -35.43 100.43 14.48
CA TRP F 311 -34.76 100.25 13.20
C TRP F 311 -33.71 101.33 13.07
N GLU F 312 -32.71 101.04 12.25
CA GLU F 312 -31.76 102.05 11.79
C GLU F 312 -32.59 103.20 11.17
N PRO F 313 -32.36 104.47 11.59
CA PRO F 313 -33.32 105.57 11.22
C PRO F 313 -33.38 105.91 9.72
N ARG F 314 -32.29 105.65 9.02
CA ARG F 314 -32.24 105.84 7.56
C ARG F 314 -33.35 105.12 6.79
N VAL F 315 -34.01 104.10 7.36
CA VAL F 315 -35.13 103.42 6.72
C VAL F 315 -36.49 103.89 7.22
N SER F 316 -36.66 103.96 8.54
CA SER F 316 -37.99 104.29 9.16
C SER F 316 -38.59 105.61 8.70
N THR F 317 -37.72 106.63 8.68
CA THR F 317 -38.05 107.99 8.19
C THR F 317 -38.37 108.06 6.67
N ARG F 318 -38.15 106.95 5.94
CA ARG F 318 -38.41 106.84 4.49
C ARG F 318 -39.37 105.69 4.05
N LEU F 319 -40.19 105.16 4.94
CA LEU F 319 -41.26 104.24 4.51
C LEU F 319 -42.24 104.85 3.52
N LYS F 320 -42.47 106.17 3.59
CA LYS F 320 -43.35 106.88 2.63
C LYS F 320 -42.92 106.58 1.16
N TRP F 321 -41.60 106.42 0.94
CA TRP F 321 -40.96 106.26 -0.39
C TRP F 321 -40.71 104.82 -0.91
N ILE F 322 -41.08 103.80 -0.12
CA ILE F 322 -40.94 102.44 -0.53
C ILE F 322 -42.31 102.05 -1.03
N PRO F 323 -42.44 101.57 -2.28
CA PRO F 323 -43.76 101.33 -2.81
C PRO F 323 -44.53 100.25 -2.11
N THR F 324 -45.83 100.34 -2.31
CA THR F 324 -46.78 99.49 -1.71
C THR F 324 -47.43 98.67 -2.85
N TRP F 325 -47.45 97.35 -2.72
CA TRP F 325 -47.92 96.49 -3.81
C TRP F 325 -49.29 95.91 -3.50
N ALA F 326 -50.32 96.44 -4.11
CA ALA F 326 -51.66 95.96 -3.85
C ALA F 326 -52.05 94.63 -4.50
N ASP F 327 -51.47 94.32 -5.66
CA ASP F 327 -52.06 93.31 -6.53
C ASP F 327 -51.00 92.38 -7.07
N TYR F 328 -51.25 91.07 -6.92
CA TYR F 328 -50.45 89.97 -7.45
C TYR F 328 -51.29 89.09 -8.34
N GLY F 329 -50.73 88.63 -9.46
CA GLY F 329 -51.44 87.80 -10.45
C GLY F 329 -50.55 86.66 -10.86
N LEU F 330 -51.05 85.42 -10.67
CA LEU F 330 -50.40 84.20 -11.17
C LEU F 330 -51.31 83.56 -12.19
N THR F 331 -50.79 83.35 -13.41
CA THR F 331 -51.57 82.79 -14.54
C THR F 331 -50.87 81.54 -15.04
N GLN F 332 -51.66 80.46 -15.17
CA GLN F 332 -51.16 79.15 -15.53
C GLN F 332 -52.04 78.74 -16.69
N LEU F 333 -51.63 79.18 -17.87
CA LEU F 333 -52.45 79.12 -19.10
C LEU F 333 -52.12 77.97 -19.98
N THR F 334 -50.98 77.36 -19.72
CA THR F 334 -50.67 76.10 -20.32
C THR F 334 -50.32 75.21 -19.18
N ALA F 335 -50.18 73.92 -19.50
CA ALA F 335 -49.81 72.94 -18.49
C ALA F 335 -48.34 73.04 -18.25
N ASP F 336 -47.63 73.87 -18.99
CA ASP F 336 -46.17 73.91 -18.90
C ASP F 336 -45.47 75.19 -18.43
N GLY F 337 -46.20 76.32 -18.34
CA GLY F 337 -45.58 77.58 -17.90
C GLY F 337 -46.53 78.49 -17.16
N PHE F 338 -46.02 79.27 -16.22
CA PHE F 338 -46.89 80.22 -15.52
C PHE F 338 -46.19 81.53 -15.42
N GLY F 339 -47.05 82.55 -15.38
CA GLY F 339 -46.63 83.93 -15.32
C GLY F 339 -46.98 84.43 -13.94
N LEU F 340 -46.15 85.36 -13.49
CA LEU F 340 -46.30 85.90 -12.17
C LEU F 340 -45.98 87.36 -12.27
N LYS F 341 -46.89 88.20 -11.76
CA LYS F 341 -46.71 89.66 -11.77
C LYS F 341 -47.35 90.33 -10.55
N LYS F 342 -46.78 91.49 -10.20
CA LYS F 342 -47.38 92.37 -9.22
C LYS F 342 -47.48 93.82 -9.72
N ARG F 343 -48.29 94.60 -9.00
CA ARG F 343 -48.67 95.96 -9.39
C ARG F 343 -48.94 96.84 -8.18
N THR F 344 -48.37 98.06 -8.17
CA THR F 344 -48.61 99.02 -7.07
C THR F 344 -50.11 99.32 -6.87
N LYS F 345 -50.78 99.68 -7.94
CA LYS F 345 -52.24 99.84 -7.89
C LYS F 345 -52.82 99.92 -9.27
N ALA F 346 -54.14 99.91 -9.38
CA ALA F 346 -54.73 100.08 -10.69
C ALA F 346 -54.17 101.38 -11.32
N GLY F 347 -54.25 101.45 -12.66
CA GLY F 347 -53.77 102.58 -13.42
C GLY F 347 -52.29 102.61 -13.69
N GLN F 348 -51.51 101.79 -13.00
CA GLN F 348 -50.08 101.62 -13.24
C GLN F 348 -49.80 100.28 -13.95
N SER F 349 -48.57 100.17 -14.43
CA SER F 349 -48.13 98.96 -15.12
C SER F 349 -47.80 97.85 -14.12
N TRP F 350 -47.98 96.61 -14.56
CA TRP F 350 -47.53 95.44 -13.82
C TRP F 350 -45.99 95.28 -13.98
N VAL F 351 -45.30 95.00 -12.88
CA VAL F 351 -43.95 94.50 -12.95
C VAL F 351 -43.96 92.96 -13.00
N ASN F 352 -43.31 92.44 -14.01
CA ASN F 352 -43.15 91.03 -14.12
C ASN F 352 -42.20 90.45 -13.01
N ILE F 353 -42.56 89.27 -12.51
CA ILE F 353 -41.84 88.55 -11.43
C ILE F 353 -41.15 87.30 -12.05
N PRO F 354 -39.95 86.90 -11.54
CA PRO F 354 -39.33 85.64 -12.03
C PRO F 354 -40.26 84.44 -11.82
N SER F 355 -40.61 83.74 -12.89
CA SER F 355 -41.59 82.68 -12.79
C SER F 355 -40.98 81.30 -13.16
N GLY F 356 -41.80 80.35 -13.66
CA GLY F 356 -41.38 79.00 -13.89
C GLY F 356 -42.46 78.15 -14.51
N THR F 357 -42.34 76.84 -14.37
CA THR F 357 -43.10 75.89 -15.20
C THR F 357 -44.51 75.61 -14.66
N ARG F 358 -44.56 74.92 -13.51
CA ARG F 358 -45.80 74.38 -12.96
C ARG F 358 -45.97 74.78 -11.51
N ALA F 359 -46.77 75.84 -11.32
CA ALA F 359 -47.17 76.37 -10.01
C ALA F 359 -48.01 75.34 -9.28
N GLU F 360 -47.68 75.07 -8.02
CA GLU F 360 -48.29 73.94 -7.34
C GLU F 360 -49.69 74.35 -6.73
N GLY F 361 -50.18 75.59 -6.94
CA GLY F 361 -51.63 75.90 -6.90
C GLY F 361 -52.31 76.54 -5.68
N LEU F 362 -51.54 77.32 -4.92
CA LEU F 362 -51.97 77.89 -3.64
C LEU F 362 -51.48 79.34 -3.46
N ALA F 363 -52.33 80.18 -2.91
CA ALA F 363 -51.95 81.56 -2.61
C ALA F 363 -52.38 81.89 -1.19
N TYR F 364 -51.55 82.63 -0.48
CA TYR F 364 -51.89 83.13 0.85
C TYR F 364 -51.89 84.65 0.92
N LEU F 365 -52.97 85.21 1.48
CA LEU F 365 -53.02 86.63 1.86
C LEU F 365 -53.40 86.78 3.32
N GLY F 366 -52.54 87.47 4.08
CA GLY F 366 -52.86 87.89 5.45
C GLY F 366 -51.70 88.63 6.12
N GLY F 367 -51.72 88.67 7.47
CA GLY F 367 -50.69 89.38 8.23
C GLY F 367 -50.30 88.68 9.51
N ALA F 368 -49.18 89.13 10.09
CA ALA F 368 -48.66 88.63 11.38
C ALA F 368 -49.60 88.79 12.58
N THR F 369 -50.40 89.85 12.54
CA THR F 369 -51.30 90.29 13.58
C THR F 369 -52.74 89.95 13.15
N GLN F 370 -53.12 90.32 11.93
CA GLN F 370 -54.54 90.18 11.54
C GLN F 370 -54.98 88.75 11.15
N GLY F 371 -54.00 87.87 10.93
CA GLY F 371 -54.23 86.52 10.45
C GLY F 371 -54.47 86.51 8.96
N GLY F 372 -55.02 85.44 8.42
CA GLY F 372 -55.19 85.34 6.99
C GLY F 372 -55.80 84.05 6.47
N LEU F 373 -55.68 83.90 5.15
CA LEU F 373 -56.38 82.88 4.38
C LEU F 373 -55.46 82.43 3.23
N ALA F 374 -55.44 81.10 3.03
CA ALA F 374 -54.83 80.53 1.85
C ALA F 374 -55.89 79.74 1.15
N VAL F 375 -55.88 79.80 -0.16
CA VAL F 375 -56.88 79.15 -1.00
C VAL F 375 -56.08 78.38 -2.04
N GLY F 376 -56.57 77.22 -2.45
CA GLY F 376 -55.85 76.46 -3.46
C GLY F 376 -56.66 75.46 -4.23
N LEU F 377 -56.13 75.03 -5.38
CA LEU F 377 -56.80 74.06 -6.22
C LEU F 377 -55.96 72.78 -6.37
N ARG F 378 -56.57 71.62 -6.07
CA ARG F 378 -55.89 70.35 -6.26
C ARG F 378 -55.60 70.12 -7.74
N ASP F 379 -54.37 69.73 -8.03
CA ASP F 379 -53.89 69.45 -9.38
C ASP F 379 -53.98 70.70 -10.26
N PHE F 380 -53.78 71.87 -9.66
CA PHE F 380 -53.93 73.20 -10.33
C PHE F 380 -53.47 73.24 -11.81
N TRP F 381 -52.18 72.96 -12.05
CA TRP F 381 -51.60 73.06 -13.39
C TRP F 381 -52.08 72.02 -14.37
N LYS F 382 -52.49 70.87 -13.87
CA LYS F 382 -53.06 69.83 -14.72
C LYS F 382 -54.47 70.17 -15.20
N ARG F 383 -55.03 71.29 -14.71
CA ARG F 383 -56.42 71.68 -14.96
C ARG F 383 -56.52 73.08 -15.59
N TYR F 384 -55.42 73.53 -16.16
CA TYR F 384 -55.24 74.83 -16.80
C TYR F 384 -56.36 75.05 -17.81
N PRO F 385 -56.75 76.29 -18.10
CA PRO F 385 -56.12 77.51 -17.65
C PRO F 385 -56.69 77.95 -16.33
N VAL F 386 -55.80 78.28 -15.41
CA VAL F 386 -56.16 78.64 -14.07
C VAL F 386 -55.24 79.74 -13.60
N GLY F 387 -55.60 80.31 -12.45
CA GLY F 387 -54.76 81.32 -11.82
C GLY F 387 -55.24 81.72 -10.43
N LEU F 388 -54.34 82.39 -9.72
CA LEU F 388 -54.58 82.90 -8.40
C LEU F 388 -54.32 84.41 -8.39
N ASP F 389 -55.25 85.16 -7.78
CA ASP F 389 -55.16 86.61 -7.69
C ASP F 389 -55.23 87.11 -6.23
N ILE F 390 -54.35 88.04 -5.94
CA ILE F 390 -54.46 88.84 -4.76
C ILE F 390 -54.72 90.23 -5.26
N SER F 391 -55.80 90.84 -4.76
CA SER F 391 -56.01 92.24 -5.07
C SER F 391 -56.21 93.09 -3.83
N ASN F 392 -55.88 94.38 -4.00
CA ASN F 392 -56.07 95.44 -2.99
C ASN F 392 -55.36 95.26 -1.66
N ALA F 393 -54.21 94.63 -1.64
CA ALA F 393 -53.57 94.32 -0.37
C ALA F 393 -53.02 95.53 0.35
N ALA F 394 -53.23 96.72 -0.19
CA ALA F 394 -52.85 97.95 0.51
C ALA F 394 -54.05 98.75 1.01
N SER F 395 -55.24 98.21 0.81
CA SER F 395 -56.47 98.74 1.35
C SER F 395 -56.74 98.11 2.72
N ASP F 396 -57.83 98.56 3.36
CA ASP F 396 -58.36 97.93 4.58
C ASP F 396 -58.79 96.46 4.37
N THR F 397 -59.06 96.11 3.11
CA THR F 397 -59.59 94.80 2.76
C THR F 397 -59.00 94.36 1.44
N GLY F 398 -58.26 93.24 1.51
CA GLY F 398 -57.77 92.52 0.34
C GLY F 398 -58.76 91.49 -0.17
N GLU F 399 -58.55 91.03 -1.40
CA GLU F 399 -59.36 89.98 -2.04
C GLU F 399 -58.41 88.88 -2.49
N LEU F 400 -58.74 87.63 -2.15
CA LEU F 400 -57.95 86.48 -2.54
C LEU F 400 -58.85 85.65 -3.42
N THR F 401 -58.46 85.46 -4.68
CA THR F 401 -59.30 84.79 -5.66
C THR F 401 -58.57 83.60 -6.29
N LEU F 402 -59.31 82.49 -6.41
CA LEU F 402 -58.87 81.34 -7.15
C LEU F 402 -59.72 81.23 -8.41
N TRP F 403 -59.07 81.24 -9.59
CA TRP F 403 -59.75 81.09 -10.87
C TRP F 403 -59.71 79.66 -11.33
N LEU F 404 -60.85 79.00 -11.35
CA LEU F 404 -60.94 77.64 -11.91
C LEU F 404 -60.82 77.65 -13.46
N TYR F 405 -61.25 78.76 -14.06
CA TYR F 405 -60.97 79.14 -15.44
C TYR F 405 -60.46 80.60 -15.44
N SER F 406 -59.26 80.83 -15.96
CA SER F 406 -58.69 82.18 -15.88
C SER F 406 -59.14 83.07 -17.03
N PRO F 407 -59.59 84.29 -16.73
CA PRO F 407 -59.80 85.33 -17.75
C PRO F 407 -58.60 85.71 -18.61
N ALA F 408 -57.37 85.42 -18.17
CA ALA F 408 -56.18 85.61 -19.01
C ALA F 408 -56.13 84.68 -20.20
N ALA F 409 -57.05 83.71 -20.23
CA ALA F 409 -57.11 82.72 -21.28
C ALA F 409 -58.12 83.09 -22.33
N GLU F 410 -58.00 82.41 -23.46
CA GLU F 410 -58.98 82.55 -24.53
C GLU F 410 -60.30 82.08 -23.86
N PRO F 411 -61.47 82.57 -24.32
CA PRO F 411 -62.73 82.11 -23.74
C PRO F 411 -63.06 80.64 -24.05
N LEU F 412 -63.74 80.02 -23.10
CA LEU F 412 -64.06 78.60 -23.15
C LEU F 412 -65.17 78.45 -24.15
N ASP F 413 -64.85 77.80 -25.27
CA ASP F 413 -65.77 77.65 -26.41
C ASP F 413 -66.08 76.18 -26.56
N LEU F 414 -67.30 75.79 -26.20
CA LEU F 414 -67.77 74.40 -26.28
C LEU F 414 -68.64 74.10 -27.49
N ARG F 415 -68.62 74.99 -28.50
CA ARG F 415 -69.47 74.76 -29.67
C ARG F 415 -68.95 73.57 -30.50
N PRO F 416 -69.75 73.11 -31.47
CA PRO F 416 -69.26 72.03 -32.31
C PRO F 416 -67.97 72.40 -33.07
N PHE F 417 -67.06 71.43 -33.19
CA PHE F 417 -65.80 71.65 -33.92
C PHE F 417 -65.95 71.58 -35.44
N HIS F 418 -67.08 71.09 -35.96
CA HIS F 418 -67.41 71.28 -37.39
C HIS F 418 -68.89 71.44 -37.66
N ASP F 419 -69.23 72.02 -38.82
CA ASP F 419 -70.63 72.42 -39.17
C ASP F 419 -71.51 71.34 -39.79
N GLY F 420 -71.00 70.12 -39.79
CA GLY F 420 -71.70 68.93 -40.24
C GLY F 420 -71.15 68.38 -41.53
N LEU F 421 -70.27 69.14 -42.20
CA LEU F 421 -69.72 68.79 -43.48
C LEU F 421 -70.79 68.49 -44.56
N GLY F 422 -71.98 69.07 -44.43
CA GLY F 422 -73.11 68.83 -45.38
C GLY F 422 -73.76 67.46 -45.31
N GLN F 423 -73.68 66.83 -44.14
CA GLN F 423 -74.37 65.59 -43.91
C GLN F 423 -75.85 65.84 -43.75
N ASP F 424 -76.65 65.15 -44.55
CA ASP F 424 -78.10 65.34 -44.62
C ASP F 424 -78.79 63.99 -44.28
N GLY F 425 -78.99 63.71 -43.00
CA GLY F 425 -79.73 62.52 -42.57
C GLY F 425 -78.90 61.29 -42.29
N TYR F 426 -79.59 60.26 -41.78
CA TYR F 426 -78.97 59.04 -41.29
C TYR F 426 -78.02 58.36 -42.28
N GLU F 427 -78.41 58.29 -43.54
CA GLU F 427 -77.59 57.63 -44.58
C GLU F 427 -76.22 58.31 -44.70
N ASP F 428 -76.19 59.65 -44.78
CA ASP F 428 -74.89 60.39 -44.86
C ASP F 428 -74.08 60.20 -43.57
N GLN F 429 -74.79 60.20 -42.45
CA GLN F 429 -74.18 60.10 -41.14
C GLN F 429 -73.44 58.78 -40.97
N LEU F 430 -74.12 57.69 -41.31
CA LEU F 430 -73.52 56.37 -41.25
C LEU F 430 -72.42 56.19 -42.29
N ASP F 431 -72.49 56.92 -43.41
CA ASP F 431 -71.41 56.90 -44.40
C ASP F 431 -70.10 57.59 -43.85
N ALA F 432 -70.26 58.64 -43.07
CA ALA F 432 -69.11 59.35 -42.46
C ALA F 432 -68.50 58.55 -41.29
N LEU F 433 -69.37 57.89 -40.53
CA LEU F 433 -68.98 56.92 -39.50
C LEU F 433 -68.05 55.89 -40.05
N GLU F 434 -68.16 55.58 -41.33
CA GLU F 434 -67.33 54.58 -41.96
C GLU F 434 -65.92 55.05 -42.28
N ILE F 435 -65.64 56.37 -42.24
CA ILE F 435 -64.26 56.86 -42.48
C ILE F 435 -63.59 57.57 -41.28
N THR F 436 -64.25 58.56 -40.68
CA THR F 436 -63.87 59.05 -39.33
C THR F 436 -64.64 58.05 -38.50
N TYR F 437 -64.45 57.88 -37.23
CA TYR F 437 -65.37 56.84 -36.62
C TYR F 437 -66.55 57.50 -35.87
N GLU F 438 -67.16 58.50 -36.51
CA GLU F 438 -68.05 59.49 -35.86
C GLU F 438 -69.50 59.32 -36.30
N ASP F 439 -70.40 59.28 -35.34
CA ASP F 439 -71.80 59.14 -35.63
C ASP F 439 -72.34 60.51 -35.32
N TRP F 440 -72.22 61.42 -36.30
CA TRP F 440 -72.71 62.81 -36.16
C TRP F 440 -74.24 62.94 -36.37
N GLU F 441 -74.84 63.92 -35.70
CA GLU F 441 -76.22 64.29 -35.97
C GLU F 441 -76.43 65.76 -35.59
N PRO F 442 -77.18 66.53 -36.42
CA PRO F 442 -77.34 67.92 -36.08
C PRO F 442 -78.11 68.09 -34.74
N GLY F 443 -77.67 69.04 -33.88
CA GLY F 443 -78.29 69.24 -32.57
C GLY F 443 -77.76 68.29 -31.49
N PHE F 444 -77.02 67.24 -31.87
CA PHE F 444 -76.46 66.26 -30.91
C PHE F 444 -75.06 66.61 -30.41
N ASP F 445 -74.31 67.43 -31.15
CA ASP F 445 -72.95 67.84 -30.79
C ASP F 445 -72.95 68.97 -29.75
N THR F 446 -73.60 68.71 -28.61
CA THR F 446 -73.98 69.76 -27.66
C THR F 446 -73.45 69.46 -26.25
N PRO F 447 -72.83 70.46 -25.60
CA PRO F 447 -72.44 70.31 -24.19
C PRO F 447 -73.55 70.54 -23.20
N TYR F 448 -74.75 70.90 -23.65
CA TYR F 448 -75.85 71.21 -22.73
C TYR F 448 -75.97 70.07 -21.74
N GLY F 449 -75.58 70.38 -20.51
CA GLY F 449 -75.78 69.48 -19.39
C GLY F 449 -74.58 68.71 -18.85
N ILE F 450 -73.41 68.85 -19.47
CA ILE F 450 -72.21 68.28 -18.93
C ILE F 450 -71.92 68.92 -17.59
N ALA F 451 -71.04 68.34 -16.80
CA ALA F 451 -70.78 68.88 -15.46
C ALA F 451 -69.32 68.70 -15.17
N ARG F 452 -68.87 69.35 -14.11
CA ARG F 452 -67.51 69.24 -13.69
C ARG F 452 -67.28 69.73 -12.27
N THR F 453 -66.57 68.90 -11.53
CA THR F 453 -66.26 69.09 -10.15
C THR F 453 -64.76 69.41 -9.98
N SER F 454 -64.44 70.31 -9.06
CA SER F 454 -63.10 70.79 -8.80
C SER F 454 -62.83 70.61 -7.30
N GLU F 455 -61.62 70.20 -6.94
CA GLU F 455 -61.33 69.96 -5.54
C GLU F 455 -60.47 71.08 -5.01
N VAL F 456 -61.13 71.93 -4.22
CA VAL F 456 -60.55 73.16 -3.74
C VAL F 456 -60.25 73.02 -2.25
N TYR F 457 -59.19 73.68 -1.78
CA TYR F 457 -58.89 73.73 -0.35
C TYR F 457 -58.79 75.17 0.09
N LEU F 458 -59.33 75.41 1.32
CA LEU F 458 -59.13 76.60 2.14
C LEU F 458 -58.38 76.31 3.44
N PHE F 459 -57.67 77.31 3.93
CA PHE F 459 -56.80 77.18 5.07
C PHE F 459 -56.81 78.48 5.84
N ALA F 460 -57.21 78.39 7.11
CA ALA F 460 -57.26 79.53 8.01
C ALA F 460 -56.06 79.53 8.93
N PHE F 461 -55.53 80.72 9.17
CA PHE F 461 -54.37 80.90 10.01
C PHE F 461 -54.63 82.06 10.94
N ASP F 462 -54.28 81.87 12.20
CA ASP F 462 -54.33 82.96 13.18
C ASP F 462 -53.27 84.04 12.86
N GLN F 463 -52.20 83.63 12.19
CA GLN F 463 -51.10 84.53 11.84
C GLN F 463 -50.30 83.95 10.66
N THR F 464 -49.70 84.81 9.85
CA THR F 464 -48.95 84.34 8.70
C THR F 464 -48.12 83.10 9.11
N PRO F 465 -48.28 81.98 8.38
CA PRO F 465 -47.65 80.77 8.83
C PRO F 465 -46.32 80.72 8.22
N THR F 466 -45.52 79.78 8.69
CA THR F 466 -44.19 79.58 8.12
C THR F 466 -44.33 79.11 6.67
N SER F 467 -43.24 79.23 5.91
CA SER F 467 -43.22 78.79 4.51
C SER F 467 -43.23 77.26 4.41
N ASP F 468 -42.47 76.59 5.27
CA ASP F 468 -42.57 75.14 5.45
C ASP F 468 -44.04 74.68 5.64
N LYS F 469 -44.80 75.32 6.55
CA LYS F 469 -46.23 74.96 6.76
C LYS F 469 -46.97 75.14 5.42
N LEU F 470 -46.71 76.25 4.70
CA LEU F 470 -47.41 76.49 3.40
C LEU F 470 -47.06 75.48 2.35
N ALA F 471 -45.81 75.00 2.38
CA ALA F 471 -45.32 73.97 1.45
C ALA F 471 -46.03 72.65 1.69
N SER F 472 -46.20 72.30 2.97
CA SER F 472 -46.89 71.07 3.36
C SER F 472 -48.35 71.08 3.07
N LEU F 473 -49.01 72.21 3.29
CA LEU F 473 -50.43 72.28 2.97
C LEU F 473 -50.62 72.22 1.42
N THR F 474 -49.72 72.84 0.67
CA THR F 474 -49.73 72.74 -0.77
C THR F 474 -49.53 71.26 -1.16
N ALA F 475 -48.52 70.62 -0.60
CA ALA F 475 -48.23 69.20 -0.91
C ALA F 475 -49.36 68.27 -0.52
N TYR F 476 -49.97 68.57 0.64
CA TYR F 476 -51.17 67.91 1.17
C TYR F 476 -52.25 68.00 0.12
N MET F 477 -52.58 69.22 -0.32
CA MET F 477 -53.77 69.39 -1.16
C MET F 477 -53.63 68.73 -2.53
N ASN F 478 -52.38 68.56 -2.96
CA ASN F 478 -52.09 67.85 -4.21
C ASN F 478 -51.92 66.34 -4.06
N ASP F 479 -51.75 65.84 -2.85
CA ASP F 479 -51.79 64.42 -2.56
C ASP F 479 -52.63 64.14 -1.31
N PRO F 480 -53.95 64.36 -1.40
CA PRO F 480 -54.75 64.23 -0.17
C PRO F 480 -54.73 62.81 0.39
N PRO F 481 -54.26 62.65 1.64
CA PRO F 481 -54.20 61.29 2.17
C PRO F 481 -55.53 60.56 2.14
N VAL F 482 -55.43 59.30 1.70
CA VAL F 482 -56.50 58.33 1.63
C VAL F 482 -56.08 57.15 2.48
N LEU F 483 -57.01 56.76 3.36
CA LEU F 483 -56.98 55.50 4.10
C LEU F 483 -57.85 54.56 3.32
N VAL F 484 -57.37 53.33 3.18
CA VAL F 484 -58.11 52.33 2.43
C VAL F 484 -57.93 50.94 2.99
N ALA F 485 -58.98 50.13 2.85
CA ALA F 485 -58.96 48.75 3.32
C ALA F 485 -58.02 47.90 2.50
N GLU F 486 -57.80 46.69 3.00
CA GLU F 486 -56.84 45.77 2.44
C GLU F 486 -57.49 45.04 1.31
N PRO F 487 -56.78 44.84 0.19
CA PRO F 487 -57.28 43.99 -0.89
C PRO F 487 -57.82 42.63 -0.45
N LYS F 488 -57.01 41.91 0.31
CA LYS F 488 -57.36 40.60 0.85
C LYS F 488 -58.69 40.63 1.54
N TYR F 489 -58.95 41.67 2.33
CA TYR F 489 -60.18 41.73 3.13
C TYR F 489 -61.38 42.23 2.30
N ILE F 490 -61.15 43.20 1.42
CA ILE F 490 -62.20 43.60 0.48
C ILE F 490 -62.62 42.36 -0.34
N HIS F 491 -61.63 41.63 -0.81
CA HIS F 491 -61.95 40.38 -1.49
C HIS F 491 -62.78 39.39 -0.65
N GLU F 492 -62.39 39.20 0.61
CA GLU F 492 -63.00 38.20 1.49
C GLU F 492 -64.46 38.54 1.75
N THR F 493 -64.75 39.83 1.90
CA THR F 493 -66.11 40.27 2.14
C THR F 493 -67.00 40.14 0.91
N GLN F 494 -66.43 40.05 -0.28
CA GLN F 494 -67.22 39.93 -1.52
C GLN F 494 -68.15 41.15 -1.71
N ALA F 495 -67.73 42.29 -1.17
CA ALA F 495 -68.54 43.49 -1.13
C ALA F 495 -68.29 44.40 -2.33
N LEU F 496 -67.46 43.96 -3.26
CA LEU F 496 -67.21 44.70 -4.49
C LEU F 496 -66.97 43.71 -5.59
N GLY F 497 -67.85 42.73 -5.69
CA GLY F 497 -67.84 41.73 -6.78
C GLY F 497 -67.00 40.50 -6.46
N GLU F 498 -67.47 39.34 -6.91
CA GLU F 498 -66.67 38.10 -6.89
C GLU F 498 -65.61 37.99 -8.00
N TYR F 499 -65.79 38.73 -9.11
CA TYR F 499 -65.10 38.57 -10.44
C TYR F 499 -63.65 39.15 -10.52
N TRP F 500 -62.96 39.29 -9.40
CA TRP F 500 -61.55 39.62 -9.37
C TRP F 500 -60.99 38.98 -8.11
N ALA F 501 -59.67 38.87 -8.10
CA ALA F 501 -58.94 38.25 -7.02
C ALA F 501 -57.53 38.81 -6.99
N LEU F 502 -56.81 38.53 -5.91
CA LEU F 502 -55.45 39.01 -5.75
C LEU F 502 -54.54 38.36 -6.78
N PRO F 503 -53.36 38.96 -7.02
CA PRO F 503 -52.43 38.30 -7.92
C PRO F 503 -51.56 37.24 -7.20
N GLY F 504 -52.21 36.17 -6.72
CA GLY F 504 -51.49 34.99 -6.19
C GLY F 504 -50.62 34.19 -7.20
N SER F 505 -51.29 33.21 -7.83
CA SER F 505 -50.74 32.24 -8.81
C SER F 505 -49.21 32.16 -8.96
N ALA F 506 -48.71 30.98 -8.58
CA ALA F 506 -47.35 30.57 -8.83
C ALA F 506 -47.08 30.35 -10.35
N SER F 507 -48.11 30.18 -11.16
CA SER F 507 -47.94 29.94 -12.57
C SER F 507 -47.05 31.01 -13.20
N PRO F 508 -46.01 30.60 -13.96
CA PRO F 508 -45.17 31.57 -14.67
C PRO F 508 -45.88 32.33 -15.78
N ALA F 509 -46.84 31.65 -16.40
CA ALA F 509 -47.77 32.32 -17.28
C ALA F 509 -48.56 33.40 -16.55
N ALA F 510 -48.96 33.15 -15.30
CA ALA F 510 -49.72 34.20 -14.56
C ALA F 510 -48.83 35.40 -14.24
N ALA F 511 -47.57 35.10 -13.97
CA ALA F 511 -46.58 36.12 -13.66
C ALA F 511 -46.38 37.04 -14.84
N THR F 512 -46.31 36.47 -16.03
CA THR F 512 -46.16 37.24 -17.26
C THR F 512 -47.39 38.15 -17.42
N LEU F 513 -48.59 37.60 -17.23
CA LEU F 513 -49.79 38.44 -17.26
C LEU F 513 -49.73 39.61 -16.28
N GLU F 514 -49.22 39.40 -15.07
CA GLU F 514 -49.13 40.52 -14.14
C GLU F 514 -48.16 41.57 -14.65
N ASP F 515 -47.06 41.14 -15.26
CA ASP F 515 -46.11 42.08 -15.84
C ASP F 515 -46.74 42.87 -16.94
N ARG F 516 -47.61 42.23 -17.71
CA ARG F 516 -48.23 42.90 -18.86
C ARG F 516 -49.31 43.90 -18.47
N LEU F 517 -50.14 43.57 -17.48
CA LEU F 517 -50.95 44.59 -16.81
C LEU F 517 -50.12 45.79 -16.31
N GLN F 518 -48.96 45.54 -15.67
CA GLN F 518 -48.10 46.63 -15.18
C GLN F 518 -47.57 47.49 -16.32
N PHE F 519 -47.14 46.81 -17.40
CA PHE F 519 -46.70 47.47 -18.62
C PHE F 519 -47.75 48.45 -19.15
N ILE F 520 -49.00 47.96 -19.23
CA ILE F 520 -50.10 48.74 -19.76
C ILE F 520 -50.35 49.92 -18.87
N PHE F 521 -50.41 49.69 -17.56
CA PHE F 521 -50.57 50.76 -16.61
C PHE F 521 -49.49 51.82 -16.77
N ASP F 522 -48.24 51.41 -16.61
CA ASP F 522 -47.12 52.33 -16.72
C ASP F 522 -47.17 53.19 -17.98
N PHE F 523 -47.59 52.57 -19.11
CA PHE F 523 -47.67 53.23 -20.41
C PHE F 523 -48.79 54.29 -20.42
N TYR F 524 -50.00 53.88 -20.02
CA TYR F 524 -51.11 54.78 -19.96
C TYR F 524 -50.81 55.96 -19.05
N LYS F 525 -50.24 55.69 -17.89
CA LYS F 525 -49.78 56.74 -16.99
C LYS F 525 -48.76 57.73 -17.60
N GLY F 526 -47.82 57.21 -18.40
CA GLY F 526 -46.77 58.03 -18.99
C GLY F 526 -47.34 58.93 -20.08
N GLN F 527 -48.36 58.40 -20.79
CA GLN F 527 -48.97 59.08 -21.93
C GLN F 527 -49.67 60.32 -21.47
N ILE F 528 -50.33 60.25 -20.34
CA ILE F 528 -50.93 61.43 -19.80
C ILE F 528 -49.98 62.65 -19.76
N GLU F 529 -48.73 62.50 -19.32
CA GLU F 529 -47.82 63.64 -19.39
C GLU F 529 -47.35 63.84 -20.79
N GLN F 530 -46.86 62.79 -21.41
CA GLN F 530 -46.17 62.93 -22.70
C GLN F 530 -47.03 63.65 -23.74
N ARG F 531 -48.33 63.33 -23.74
CA ARG F 531 -49.33 63.86 -24.68
C ARG F 531 -50.14 65.06 -24.14
N ARG F 532 -49.95 65.40 -22.86
CA ARG F 532 -50.53 66.60 -22.23
C ARG F 532 -52.04 66.49 -22.19
N TRP F 533 -52.51 65.37 -21.65
CA TRP F 533 -53.95 65.16 -21.45
C TRP F 533 -54.32 65.76 -20.11
N TYR F 534 -54.29 67.07 -20.15
CA TYR F 534 -54.50 67.96 -19.05
C TYR F 534 -55.50 69.01 -19.52
N GLY F 535 -56.11 69.72 -18.57
CA GLY F 535 -57.02 70.79 -18.87
C GLY F 535 -58.29 70.80 -18.06
N PHE F 536 -58.84 71.99 -17.96
CA PHE F 536 -60.05 72.24 -17.27
C PHE F 536 -61.06 71.14 -17.44
N LEU F 537 -61.48 70.85 -18.65
CA LEU F 537 -62.38 69.71 -18.88
C LEU F 537 -61.68 68.36 -19.16
N ASP F 538 -60.52 68.38 -19.80
CA ASP F 538 -59.90 67.16 -20.35
C ASP F 538 -59.28 66.21 -19.32
N TYR F 539 -58.62 66.77 -18.32
CA TYR F 539 -57.87 65.98 -17.37
C TYR F 539 -58.65 64.85 -16.69
N GLY F 540 -58.08 63.65 -16.78
CA GLY F 540 -58.64 62.45 -16.24
C GLY F 540 -58.96 61.51 -17.35
N ASP F 541 -59.24 62.00 -18.54
CA ASP F 541 -59.49 61.15 -19.74
C ASP F 541 -58.18 60.83 -20.52
N PHE F 542 -58.31 59.94 -21.51
CA PHE F 542 -57.25 59.55 -22.43
C PHE F 542 -57.91 59.18 -23.72
N MET F 543 -57.09 59.00 -24.75
CA MET F 543 -57.62 58.78 -26.11
C MET F 543 -57.77 57.31 -26.45
N HIS F 544 -58.29 57.06 -27.66
CA HIS F 544 -58.88 55.79 -28.03
C HIS F 544 -57.97 54.96 -28.96
N THR F 545 -57.50 55.59 -30.04
CA THR F 545 -56.68 54.92 -31.06
C THR F 545 -55.59 55.85 -31.58
N TYR F 546 -54.46 55.24 -31.98
CA TYR F 546 -53.24 55.92 -32.39
C TYR F 546 -53.09 56.00 -33.89
N ASP F 547 -52.40 57.04 -34.34
CA ASP F 547 -52.05 57.26 -35.74
C ASP F 547 -50.57 56.90 -35.82
N PRO F 548 -50.24 55.77 -36.44
CA PRO F 548 -48.85 55.34 -36.50
C PRO F 548 -47.94 56.23 -37.35
N ASP F 549 -48.53 56.91 -38.34
CA ASP F 549 -47.73 57.70 -39.28
C ASP F 549 -47.34 59.02 -38.64
N ARG F 550 -48.32 59.67 -38.00
CA ARG F 550 -48.09 60.97 -37.33
C ARG F 550 -47.46 60.84 -35.97
N HIS F 551 -47.57 59.65 -35.40
CA HIS F 551 -47.10 59.42 -34.04
C HIS F 551 -47.84 60.31 -33.02
N THR F 552 -49.15 60.50 -33.22
CA THR F 552 -50.06 61.13 -32.25
C THR F 552 -51.19 60.16 -32.12
N TRP F 553 -51.94 60.30 -31.01
CA TRP F 553 -53.22 59.62 -30.87
C TRP F 553 -54.08 60.42 -31.79
N ARG F 554 -55.22 59.85 -32.17
CA ARG F 554 -56.01 60.42 -33.24
C ARG F 554 -56.96 61.46 -32.68
N TYR F 555 -56.36 62.53 -32.17
CA TYR F 555 -57.09 63.59 -31.47
C TYR F 555 -58.04 64.35 -32.37
N ASP F 556 -57.77 64.33 -33.69
CA ASP F 556 -58.56 65.08 -34.71
C ASP F 556 -59.43 64.23 -35.65
N VAL F 557 -59.58 62.94 -35.35
CA VAL F 557 -60.31 62.03 -36.24
C VAL F 557 -61.44 61.35 -35.46
N GLY F 558 -62.59 61.99 -35.51
CA GLY F 558 -63.85 61.35 -35.13
C GLY F 558 -63.87 60.49 -33.90
N GLY F 559 -64.34 59.27 -34.05
CA GLY F 559 -64.36 58.35 -32.91
C GLY F 559 -63.06 57.97 -32.20
N TYR F 560 -61.93 58.35 -32.74
CA TYR F 560 -60.67 57.77 -32.27
C TYR F 560 -60.03 58.66 -31.27
N ALA F 561 -60.68 59.76 -30.91
CA ALA F 561 -60.07 60.73 -30.02
C ALA F 561 -60.34 60.41 -28.51
N TRP F 562 -61.13 61.24 -27.79
CA TRP F 562 -61.30 61.09 -26.35
C TRP F 562 -62.09 59.81 -26.12
N ASP F 563 -61.60 58.98 -25.20
CA ASP F 563 -62.05 57.61 -25.13
C ASP F 563 -63.42 57.41 -24.49
N ASN F 564 -63.76 58.26 -23.53
CA ASN F 564 -65.11 58.32 -22.91
C ASN F 564 -65.60 56.93 -22.52
N SER F 565 -64.78 56.23 -21.74
CA SER F 565 -65.12 54.90 -21.19
C SER F 565 -65.57 53.82 -22.20
N GLU F 566 -65.04 53.89 -23.41
CA GLU F 566 -65.35 52.89 -24.41
C GLU F 566 -64.58 51.57 -24.14
N LEU F 567 -65.35 50.48 -24.14
CA LEU F 567 -64.91 49.14 -23.73
C LEU F 567 -64.45 49.05 -22.28
N SER F 568 -65.01 49.92 -21.44
CA SER F 568 -64.88 49.83 -19.97
C SER F 568 -63.46 49.90 -19.37
N PRO F 569 -62.61 50.88 -19.80
CA PRO F 569 -61.33 51.05 -19.10
C PRO F 569 -61.56 51.41 -17.66
N ASP F 570 -62.61 52.16 -17.36
CA ASP F 570 -63.03 52.43 -15.96
C ASP F 570 -63.04 51.15 -15.11
N LEU F 571 -63.57 50.03 -15.64
CA LEU F 571 -63.53 48.76 -14.90
C LEU F 571 -62.10 48.20 -14.77
N PHE F 572 -61.32 48.27 -15.86
CA PHE F 572 -60.00 47.70 -15.86
C PHE F 572 -59.16 48.37 -14.80
N PHE F 573 -59.21 49.70 -14.76
CA PHE F 573 -58.34 50.44 -13.88
C PHE F 573 -58.79 50.38 -12.42
N TRP F 574 -60.09 50.26 -12.15
CA TRP F 574 -60.56 50.08 -10.76
C TRP F 574 -60.29 48.70 -10.25
N LEU F 575 -60.62 47.67 -11.01
CA LEU F 575 -60.26 46.35 -10.56
C LEU F 575 -58.75 46.20 -10.50
N TYR F 576 -57.99 46.93 -11.31
CA TYR F 576 -56.54 46.85 -11.18
C TYR F 576 -56.13 47.40 -9.85
N PHE F 577 -56.71 48.51 -9.42
CA PHE F 577 -56.37 49.03 -8.09
C PHE F 577 -56.79 48.02 -7.01
N LEU F 578 -57.98 47.44 -7.16
CA LEU F 578 -58.53 46.62 -6.09
C LEU F 578 -57.63 45.49 -5.67
N ARG F 579 -57.17 44.76 -6.67
CA ARG F 579 -56.21 43.67 -6.56
C ARG F 579 -54.81 43.99 -5.93
N THR F 580 -54.29 45.19 -6.14
CA THR F 580 -52.89 45.53 -5.80
C THR F 580 -52.65 46.59 -4.72
N GLY F 581 -53.56 47.57 -4.59
CA GLY F 581 -53.46 48.63 -3.59
C GLY F 581 -52.54 49.77 -3.97
N SER F 582 -52.11 49.78 -5.23
CA SER F 582 -51.12 50.74 -5.70
C SER F 582 -51.65 52.17 -5.60
N LYS F 583 -50.83 53.05 -5.03
CA LYS F 583 -51.22 54.46 -4.87
C LYS F 583 -51.48 55.06 -6.24
N ASP F 584 -50.54 54.81 -7.16
CA ASP F 584 -50.57 55.32 -8.54
C ASP F 584 -51.83 54.87 -9.25
N ALA F 585 -52.19 53.61 -9.05
CA ALA F 585 -53.38 53.02 -9.66
C ALA F 585 -54.66 53.65 -9.15
N TYR F 586 -54.79 53.79 -7.85
CA TYR F 586 -55.87 54.61 -7.27
C TYR F 586 -55.94 56.01 -7.94
N ARG F 587 -54.85 56.74 -7.86
CA ARG F 587 -54.83 58.10 -8.40
C ARG F 587 -55.24 58.18 -9.89
N PHE F 588 -54.78 57.24 -10.72
CA PHE F 588 -55.17 57.17 -12.15
C PHE F 588 -56.70 56.99 -12.38
N ALA F 589 -57.25 55.98 -11.70
CA ALA F 589 -58.69 55.72 -11.72
C ALA F 589 -59.56 56.81 -11.06
N GLU F 590 -59.10 57.40 -9.96
CA GLU F 590 -59.75 58.57 -9.38
C GLU F 590 -59.89 59.68 -10.45
N ALA F 591 -58.78 60.05 -11.10
CA ALA F 591 -58.88 61.10 -12.15
C ALA F 591 -59.83 60.71 -13.28
N LEU F 592 -59.83 59.41 -13.61
CA LEU F 592 -60.64 58.90 -14.67
C LEU F 592 -62.11 59.05 -14.30
N THR F 593 -62.50 58.45 -13.18
CA THR F 593 -63.86 58.63 -12.59
C THR F 593 -64.37 60.07 -12.44
N ARG F 594 -63.51 60.95 -11.99
CA ARG F 594 -63.84 62.37 -11.86
C ARG F 594 -64.11 63.07 -13.18
N HIS F 595 -63.60 62.53 -14.27
CA HIS F 595 -63.85 63.06 -15.62
C HIS F 595 -65.03 62.41 -16.33
N THR F 596 -64.96 61.10 -16.52
CA THR F 596 -65.98 60.43 -17.30
C THR F 596 -67.35 60.53 -16.63
N GLY F 597 -67.41 60.43 -15.30
CA GLY F 597 -68.70 60.51 -14.62
C GLY F 597 -69.42 61.87 -14.65
N GLU F 598 -68.61 62.92 -14.89
CA GLU F 598 -68.98 64.35 -14.89
C GLU F 598 -69.02 64.94 -16.32
N VAL F 599 -67.87 65.02 -17.00
CA VAL F 599 -67.75 65.71 -18.31
C VAL F 599 -68.45 64.94 -19.43
N ASP F 600 -68.38 63.62 -19.37
CA ASP F 600 -68.87 62.74 -20.43
C ASP F 600 -70.34 62.30 -20.29
N VAL F 601 -71.07 62.79 -19.29
CA VAL F 601 -72.49 62.43 -19.21
C VAL F 601 -73.27 63.70 -19.05
N TYR F 602 -74.56 63.61 -19.39
CA TYR F 602 -75.51 64.72 -19.26
C TYR F 602 -76.27 64.64 -17.92
N HIS F 603 -76.39 65.75 -17.22
CA HIS F 603 -76.97 65.70 -15.88
C HIS F 603 -78.30 66.39 -15.76
N ILE F 604 -78.78 66.98 -16.86
CA ILE F 604 -80.07 67.64 -16.91
C ILE F 604 -80.56 67.48 -18.32
N GLY F 605 -81.73 68.00 -18.61
CA GLY F 605 -82.25 68.00 -19.98
C GLY F 605 -82.91 66.68 -20.26
N ASP F 606 -83.34 66.52 -21.51
CA ASP F 606 -84.00 65.30 -21.94
C ASP F 606 -83.11 64.08 -22.05
N TRP F 607 -81.82 64.30 -22.25
CA TRP F 607 -80.88 63.18 -22.30
C TRP F 607 -80.16 62.98 -20.97
N LYS F 608 -80.79 63.42 -19.88
CA LYS F 608 -80.26 63.25 -18.56
C LYS F 608 -80.12 61.79 -18.31
N GLY F 609 -78.91 61.39 -17.98
CA GLY F 609 -78.62 60.01 -17.65
C GLY F 609 -77.92 59.23 -18.75
N LEU F 610 -77.77 59.84 -19.92
CA LEU F 610 -76.98 59.26 -20.95
C LEU F 610 -75.66 59.97 -20.96
N GLY F 611 -74.66 59.29 -21.51
CA GLY F 611 -73.35 59.88 -21.77
C GLY F 611 -73.07 59.81 -23.24
N THR F 612 -71.91 60.35 -23.64
CA THR F 612 -71.58 60.49 -25.03
C THR F 612 -70.40 59.60 -25.48
N ARG F 613 -70.64 58.84 -26.56
CA ARG F 613 -69.64 58.01 -27.20
C ARG F 613 -68.42 58.84 -27.59
N HIS F 614 -67.27 58.20 -27.43
CA HIS F 614 -65.96 58.70 -27.79
C HIS F 614 -65.95 59.61 -29.02
N GLY F 615 -65.11 60.65 -28.97
CA GLY F 615 -65.02 61.61 -30.07
C GLY F 615 -63.99 62.72 -29.93
N VAL F 616 -63.90 63.57 -30.95
CA VAL F 616 -62.97 64.72 -30.91
C VAL F 616 -63.24 65.62 -29.71
N GLN F 617 -64.52 65.81 -29.43
CA GLN F 617 -64.94 66.41 -28.18
C GLN F 617 -65.65 65.38 -27.33
N HIS F 618 -65.70 65.68 -26.02
CA HIS F 618 -66.37 64.82 -25.04
C HIS F 618 -67.90 64.73 -25.18
N TRP F 619 -68.49 65.63 -25.99
CA TRP F 619 -69.94 65.67 -26.24
C TRP F 619 -70.30 65.66 -27.76
N SER F 620 -69.32 65.46 -28.65
CA SER F 620 -69.54 65.66 -30.10
C SER F 620 -70.36 64.59 -30.80
N ASP F 621 -70.23 63.34 -30.36
CA ASP F 621 -70.91 62.20 -31.00
C ASP F 621 -72.42 62.13 -30.68
N SER F 622 -73.19 61.58 -31.60
CA SER F 622 -74.65 61.48 -31.46
C SER F 622 -75.12 60.18 -30.81
N ALA F 623 -74.23 59.22 -30.65
CA ALA F 623 -74.54 58.05 -29.80
C ALA F 623 -74.51 58.49 -28.34
N LYS F 624 -75.70 58.85 -27.88
CA LYS F 624 -75.96 59.22 -26.49
C LYS F 624 -76.59 57.99 -25.89
N GLN F 625 -75.84 57.37 -24.99
CA GLN F 625 -76.15 56.03 -24.52
C GLN F 625 -75.86 55.86 -23.03
N ALA F 626 -76.60 54.92 -22.41
CA ALA F 626 -76.37 54.46 -21.02
C ALA F 626 -75.03 53.77 -20.75
N ARG F 627 -74.44 53.15 -21.74
CA ARG F 627 -73.13 52.51 -21.52
C ARG F 627 -71.99 53.47 -21.17
N ILE F 628 -72.12 54.76 -21.45
CA ILE F 628 -71.08 55.70 -21.06
C ILE F 628 -71.39 56.15 -19.63
N SER F 629 -72.67 56.38 -19.30
CA SER F 629 -72.99 56.81 -17.94
C SER F 629 -72.92 55.64 -16.97
N GLN F 630 -73.10 54.44 -17.49
CA GLN F 630 -72.90 53.20 -16.79
C GLN F 630 -72.51 53.38 -15.36
N PRO F 631 -73.47 53.36 -14.45
CA PRO F 631 -73.16 53.62 -13.06
C PRO F 631 -72.18 52.63 -12.44
N GLN F 632 -72.22 51.37 -12.88
CA GLN F 632 -71.21 50.41 -12.45
C GLN F 632 -69.78 50.95 -12.48
N TYR F 633 -69.49 51.82 -13.44
CA TYR F 633 -68.16 52.48 -13.49
C TYR F 633 -67.82 53.34 -12.27
N ARG F 634 -68.81 53.73 -11.46
CA ARG F 634 -68.56 54.56 -10.28
C ARG F 634 -68.76 53.87 -8.97
N LYS F 635 -69.08 52.58 -9.02
CA LYS F 635 -69.44 51.83 -7.81
C LYS F 635 -68.23 51.64 -6.89
N TYR F 636 -67.08 51.33 -7.48
CA TYR F 636 -65.86 51.01 -6.74
C TYR F 636 -65.44 52.28 -5.99
N PHE F 637 -65.27 53.37 -6.72
CA PHE F 637 -64.91 54.63 -6.07
C PHE F 637 -65.95 55.08 -5.07
N PHE F 638 -67.23 54.95 -5.39
CA PHE F 638 -68.25 55.45 -4.48
C PHE F 638 -68.05 54.88 -3.08
N TYR F 639 -67.97 53.55 -3.00
CA TYR F 639 -67.74 52.83 -1.73
C TYR F 639 -66.35 53.01 -1.08
N LEU F 640 -65.29 52.92 -1.89
CA LEU F 640 -63.90 53.03 -1.39
C LEU F 640 -63.64 54.40 -0.80
N SER F 641 -64.25 55.43 -1.39
CA SER F 641 -64.09 56.77 -0.89
C SER F 641 -64.85 57.06 0.39
N GLY F 642 -65.57 56.10 0.95
CA GLY F 642 -66.50 56.40 2.03
C GLY F 642 -67.74 57.17 1.57
N GLY F 643 -68.22 56.87 0.38
CA GLY F 643 -69.49 57.39 -0.05
C GLY F 643 -69.47 58.87 -0.41
N ASP F 644 -68.38 59.30 -1.05
CA ASP F 644 -68.24 60.63 -1.65
C ASP F 644 -69.60 61.10 -2.16
N GLU F 645 -70.08 62.17 -1.57
CA GLU F 645 -71.43 62.62 -1.72
C GLU F 645 -71.76 63.18 -3.11
N ARG F 646 -70.75 63.72 -3.81
CA ARG F 646 -70.91 64.13 -5.22
C ARG F 646 -71.26 62.97 -6.09
N VAL F 647 -70.36 61.99 -6.15
CA VAL F 647 -70.61 60.76 -6.89
C VAL F 647 -71.92 60.13 -6.43
N GLY F 648 -72.23 60.25 -5.15
CA GLY F 648 -73.52 59.82 -4.63
C GLY F 648 -74.69 60.39 -5.37
N GLU F 649 -74.68 61.70 -5.60
CA GLU F 649 -75.81 62.28 -6.33
C GLU F 649 -75.78 61.97 -7.84
N LEU F 650 -74.58 61.88 -8.42
CA LEU F 650 -74.44 61.39 -9.79
C LEU F 650 -75.10 60.03 -9.94
N LEU F 651 -74.92 59.17 -8.96
CA LEU F 651 -75.55 57.86 -9.00
C LEU F 651 -77.07 57.94 -8.96
N GLU F 652 -77.59 58.88 -8.19
CA GLU F 652 -79.04 59.10 -8.10
C GLU F 652 -79.61 59.69 -9.38
N GLU F 653 -78.90 60.67 -9.95
CA GLU F 653 -79.30 61.27 -11.25
C GLU F 653 -79.61 60.22 -12.32
N LEU F 654 -78.85 59.15 -12.32
CA LEU F 654 -78.93 58.09 -13.33
C LEU F 654 -80.19 57.24 -13.22
N LEU F 655 -80.96 57.38 -12.15
CA LEU F 655 -82.17 56.60 -11.96
C LEU F 655 -83.26 57.01 -12.91
N ASP F 656 -83.11 58.18 -13.54
CA ASP F 656 -84.01 58.67 -14.60
C ASP F 656 -83.60 58.34 -16.06
N THR F 657 -82.67 57.39 -16.23
CA THR F 657 -82.14 57.02 -17.54
C THR F 657 -83.22 56.32 -18.36
N ASP F 658 -84.02 55.48 -17.69
CA ASP F 658 -85.12 54.78 -18.35
C ASP F 658 -86.15 55.71 -19.02
N LYS F 659 -86.28 56.95 -18.53
CA LYS F 659 -87.11 57.97 -19.22
C LYS F 659 -86.63 58.38 -20.63
N THR F 660 -85.31 58.31 -20.86
CA THR F 660 -84.69 58.77 -22.12
C THR F 660 -85.13 57.97 -23.35
N TYR F 661 -85.46 56.69 -23.17
CA TYR F 661 -85.93 55.87 -24.32
C TYR F 661 -87.31 56.29 -24.88
N GLY F 662 -88.07 57.09 -24.15
CA GLY F 662 -89.21 57.80 -24.74
C GLY F 662 -88.80 59.00 -25.57
N GLU F 663 -87.64 59.58 -25.28
CA GLU F 663 -87.13 60.74 -26.04
C GLU F 663 -86.13 60.41 -27.12
N LEU F 664 -85.47 59.25 -27.07
CA LEU F 664 -84.31 59.02 -27.94
C LEU F 664 -84.00 57.56 -28.05
N ASP F 665 -83.88 57.08 -29.26
CA ASP F 665 -83.65 55.66 -29.54
C ASP F 665 -82.18 55.50 -30.00
N PRO F 666 -81.30 54.90 -29.19
CA PRO F 666 -79.92 54.75 -29.68
C PRO F 666 -79.82 53.90 -30.95
N GLN F 667 -80.77 53.01 -31.16
CA GLN F 667 -80.81 52.24 -32.41
C GLN F 667 -81.58 52.94 -33.54
N ARG F 668 -81.95 54.21 -33.38
CA ARG F 668 -82.80 54.89 -34.35
C ARG F 668 -82.35 54.80 -35.79
N LYS F 669 -81.03 54.72 -36.01
CA LYS F 669 -80.47 54.76 -37.39
C LYS F 669 -80.14 53.40 -37.94
N VAL F 670 -80.25 52.33 -37.17
CA VAL F 670 -79.77 51.04 -37.69
C VAL F 670 -80.78 49.94 -37.59
N ARG F 671 -81.58 50.01 -36.54
CA ARG F 671 -82.88 49.35 -36.44
C ARG F 671 -83.57 49.12 -37.80
N THR F 672 -84.03 47.89 -38.03
CA THR F 672 -84.79 47.55 -39.26
C THR F 672 -86.29 47.18 -39.07
N ASP F 673 -86.83 47.29 -37.85
CA ASP F 673 -88.21 46.89 -37.58
C ASP F 673 -89.26 48.07 -37.69
N GLY F 674 -88.82 49.22 -38.21
CA GLY F 674 -89.70 50.34 -38.47
C GLY F 674 -90.28 50.92 -37.20
N TRP F 675 -89.59 50.73 -36.07
CA TRP F 675 -90.08 51.22 -34.75
C TRP F 675 -89.54 52.61 -34.35
N GLU F 676 -90.43 53.43 -33.79
CA GLU F 676 -90.10 54.77 -33.25
C GLU F 676 -90.76 54.94 -31.90
N PRO F 677 -90.23 55.79 -31.04
CA PRO F 677 -91.02 56.05 -29.80
C PRO F 677 -92.18 56.99 -30.04
N SER F 678 -93.33 56.66 -29.46
CA SER F 678 -94.47 57.56 -29.38
C SER F 678 -94.71 57.94 -27.92
N PRO F 679 -95.63 58.90 -27.66
CA PRO F 679 -95.92 59.26 -26.28
C PRO F 679 -96.76 58.18 -25.67
N ASN F 680 -96.56 57.95 -24.37
CA ASN F 680 -97.32 56.96 -23.60
C ASN F 680 -97.28 55.53 -24.14
N SER F 681 -96.26 55.18 -24.90
CA SER F 681 -96.11 53.81 -25.39
C SER F 681 -94.92 53.19 -24.67
N THR F 682 -94.77 51.91 -24.93
CA THR F 682 -93.60 51.17 -24.47
C THR F 682 -92.35 51.72 -25.19
N VAL F 683 -91.18 51.46 -24.61
CA VAL F 683 -89.91 52.04 -25.07
C VAL F 683 -88.89 50.94 -25.25
N SER F 684 -88.08 51.09 -26.29
CA SER F 684 -87.11 50.09 -26.73
C SER F 684 -85.74 50.36 -26.15
N PHE F 685 -85.16 49.36 -25.52
CA PHE F 685 -83.73 49.41 -25.17
C PHE F 685 -83.08 48.04 -25.34
N GLY F 686 -81.74 48.04 -25.41
CA GLY F 686 -80.95 46.80 -25.52
C GLY F 686 -80.77 46.01 -24.22
N LEU F 687 -80.73 44.70 -24.35
CA LEU F 687 -80.56 43.84 -23.18
C LEU F 687 -79.13 43.81 -22.67
N GLY F 688 -78.21 44.34 -23.48
CA GLY F 688 -76.77 44.28 -23.23
C GLY F 688 -76.26 45.64 -22.84
N THR F 689 -75.88 46.45 -23.81
CA THR F 689 -75.35 47.78 -23.50
C THR F 689 -76.31 48.53 -22.59
N ASP F 690 -77.47 48.90 -23.11
CA ASP F 690 -78.42 49.76 -22.38
C ASP F 690 -78.86 49.20 -21.00
N TRP F 691 -79.42 48.01 -20.97
CA TRP F 691 -79.83 47.34 -19.72
C TRP F 691 -78.74 47.21 -18.64
N SER F 692 -77.50 46.94 -19.04
CA SER F 692 -76.41 46.83 -18.08
C SER F 692 -76.17 48.13 -17.34
N GLY F 693 -76.39 49.25 -18.02
CA GLY F 693 -76.33 50.60 -17.40
C GLY F 693 -77.50 50.85 -16.46
N LEU F 694 -78.67 50.43 -16.91
CA LEU F 694 -79.89 50.60 -16.14
C LEU F 694 -79.87 49.78 -14.87
N ALA F 695 -79.66 48.47 -15.03
CA ALA F 695 -79.60 47.53 -13.90
C ALA F 695 -78.56 47.94 -12.83
N ALA F 696 -77.40 48.39 -13.29
CA ALA F 696 -76.32 48.74 -12.39
C ALA F 696 -76.73 49.88 -11.52
N GLY F 697 -77.52 50.79 -12.07
CA GLY F 697 -78.02 51.98 -11.38
C GLY F 697 -79.14 51.62 -10.42
N TRP F 698 -80.00 50.69 -10.82
CA TRP F 698 -81.03 50.23 -9.88
C TRP F 698 -80.41 49.44 -8.74
N LEU F 699 -79.60 48.41 -9.04
CA LEU F 699 -78.87 47.68 -8.00
C LEU F 699 -78.08 48.56 -7.02
N ILE F 700 -77.41 49.60 -7.51
CA ILE F 700 -76.77 50.56 -6.62
C ILE F 700 -77.78 51.24 -5.70
N GLU F 701 -78.91 51.73 -6.24
CA GLU F 701 -79.90 52.43 -5.39
C GLU F 701 -80.46 51.49 -4.33
N TRP F 702 -80.66 50.21 -4.67
CA TRP F 702 -81.17 49.21 -3.74
C TRP F 702 -80.16 48.97 -2.64
N GLU F 703 -78.91 48.75 -3.02
CA GLU F 703 -77.84 48.60 -2.06
C GLU F 703 -77.87 49.72 -1.06
N ARG F 704 -78.02 50.93 -1.56
CA ARG F 704 -77.97 52.10 -0.69
C ARG F 704 -79.24 52.34 0.15
N ARG F 705 -80.35 51.68 -0.20
CA ARG F 705 -81.65 51.99 0.42
C ARG F 705 -81.91 53.49 0.42
N GLY F 706 -81.55 54.13 -0.68
CA GLY F 706 -81.86 55.54 -0.94
C GLY F 706 -83.34 55.73 -1.31
N PRO F 707 -83.75 56.98 -1.50
CA PRO F 707 -85.18 57.30 -1.57
C PRO F 707 -85.99 56.46 -2.55
N ARG F 708 -85.35 55.91 -3.58
CA ARG F 708 -86.04 55.21 -4.66
C ARG F 708 -85.71 53.75 -4.70
N TRP F 709 -85.33 53.19 -3.55
CA TRP F 709 -84.82 51.83 -3.51
C TRP F 709 -85.89 50.78 -3.86
N GLU F 710 -87.11 51.00 -3.38
CA GLU F 710 -88.18 50.05 -3.58
C GLU F 710 -88.50 50.01 -5.05
N GLU F 711 -88.41 51.16 -5.71
CA GLU F 711 -88.63 51.30 -7.16
C GLU F 711 -87.54 50.63 -8.00
N ALA F 712 -86.30 51.01 -7.69
CA ALA F 712 -85.10 50.34 -8.20
C ALA F 712 -85.15 48.83 -8.09
N LYS F 713 -85.32 48.33 -6.87
CA LYS F 713 -85.49 46.87 -6.66
C LYS F 713 -86.53 46.24 -7.57
N THR F 714 -87.67 46.91 -7.65
CA THR F 714 -88.80 46.41 -8.46
C THR F 714 -88.39 46.41 -9.93
N LYS F 715 -87.82 47.50 -10.40
CA LYS F 715 -87.42 47.59 -11.81
C LYS F 715 -86.35 46.55 -12.23
N LEU F 716 -85.36 46.33 -11.37
CA LEU F 716 -84.34 45.32 -11.59
C LEU F 716 -84.97 43.95 -11.66
N THR F 717 -85.68 43.57 -10.58
CA THR F 717 -86.35 42.27 -10.51
C THR F 717 -87.28 42.07 -11.70
N ASN F 718 -88.13 43.06 -12.01
CA ASN F 718 -89.06 42.91 -13.16
C ASN F 718 -88.35 42.76 -14.50
N THR F 719 -87.29 43.54 -14.75
CA THR F 719 -86.52 43.45 -16.01
C THR F 719 -85.75 42.15 -16.11
N ILE F 720 -85.25 41.69 -14.94
CA ILE F 720 -84.58 40.40 -14.82
C ILE F 720 -85.58 39.30 -15.15
N ALA F 721 -86.77 39.40 -14.58
CA ALA F 721 -87.85 38.45 -14.92
C ALA F 721 -88.18 38.46 -16.42
N GLY F 722 -88.22 39.64 -16.99
CA GLY F 722 -88.46 39.81 -18.42
C GLY F 722 -87.45 39.07 -19.27
N ILE F 723 -86.16 39.33 -19.07
CA ILE F 723 -85.12 38.64 -19.84
C ILE F 723 -85.29 37.13 -19.72
N ALA F 724 -85.61 36.63 -18.53
CA ALA F 724 -85.92 35.21 -18.36
C ALA F 724 -87.08 34.67 -19.24
N ASN F 725 -88.20 35.40 -19.31
CA ASN F 725 -89.38 34.90 -20.06
C ASN F 725 -89.28 35.07 -21.56
N LEU F 726 -88.23 35.75 -22.04
CA LEU F 726 -87.95 35.79 -23.48
C LEU F 726 -87.53 34.40 -24.00
N THR F 727 -87.99 34.06 -25.19
CA THR F 727 -87.70 32.72 -25.69
C THR F 727 -86.19 32.49 -25.79
N ASN F 728 -85.44 33.52 -26.16
CA ASN F 728 -84.02 33.38 -26.33
C ASN F 728 -83.15 34.20 -25.31
N GLY F 729 -83.78 34.67 -24.24
CA GLY F 729 -83.08 35.41 -23.21
C GLY F 729 -82.34 36.65 -23.70
N PHE F 730 -81.09 36.81 -23.23
CA PHE F 730 -80.18 37.85 -23.76
C PHE F 730 -79.93 37.85 -25.28
N VAL F 731 -80.19 36.74 -25.98
CA VAL F 731 -79.95 36.61 -27.41
C VAL F 731 -80.99 37.35 -28.27
N THR F 732 -82.28 37.38 -27.88
CA THR F 732 -83.20 38.46 -28.36
C THR F 732 -82.35 39.66 -28.07
N GLY F 733 -82.28 40.66 -28.92
CA GLY F 733 -81.23 41.71 -28.62
C GLY F 733 -81.64 42.86 -27.72
N SER F 734 -82.94 43.01 -27.61
CA SER F 734 -83.56 44.21 -27.09
C SER F 734 -84.96 43.79 -26.69
N GLY F 735 -85.61 44.64 -25.92
CA GLY F 735 -86.99 44.42 -25.51
C GLY F 735 -87.78 45.71 -25.60
N LEU F 736 -89.01 45.63 -25.12
CA LEU F 736 -89.89 46.78 -24.97
C LEU F 736 -90.21 46.87 -23.49
N TYR F 737 -90.09 48.07 -22.94
CA TYR F 737 -90.28 48.30 -21.50
C TYR F 737 -91.44 49.26 -21.30
N ASP F 738 -92.30 48.95 -20.32
CA ASP F 738 -93.46 49.76 -19.97
C ASP F 738 -93.02 50.74 -18.90
N PRO F 739 -93.08 52.06 -19.18
CA PRO F 739 -92.72 53.02 -18.12
C PRO F 739 -93.73 53.20 -17.00
N VAL F 740 -94.89 52.53 -17.03
CA VAL F 740 -95.77 52.51 -15.85
C VAL F 740 -95.83 51.17 -15.13
N THR F 741 -95.85 50.04 -15.83
CA THR F 741 -95.87 48.76 -15.10
C THR F 741 -94.45 48.32 -14.70
N TRP F 742 -93.45 48.91 -15.37
CA TRP F 742 -92.03 48.58 -15.14
C TRP F 742 -91.77 47.10 -15.46
N THR F 743 -92.20 46.70 -16.64
CA THR F 743 -92.04 45.34 -17.11
C THR F 743 -91.33 45.35 -18.47
N LEU F 744 -90.91 44.17 -18.89
CA LEU F 744 -90.07 44.06 -20.05
C LEU F 744 -90.63 42.93 -20.86
N GLY F 745 -91.07 43.25 -22.07
CA GLY F 745 -91.56 42.28 -23.03
C GLY F 745 -90.68 42.20 -24.25
N PRO F 746 -91.03 41.31 -25.17
CA PRO F 746 -90.19 41.10 -26.35
C PRO F 746 -90.21 42.33 -27.30
N PRO F 747 -89.29 42.36 -28.28
CA PRO F 747 -89.14 43.53 -29.13
C PRO F 747 -90.22 43.66 -30.24
N PRO F 748 -90.28 44.83 -30.96
CA PRO F 748 -91.33 45.06 -31.95
C PRO F 748 -91.59 43.93 -32.95
N SER F 749 -90.53 43.31 -33.50
CA SER F 749 -90.65 42.20 -34.50
C SER F 749 -91.03 40.80 -33.98
N ASP F 750 -91.41 40.67 -32.71
CA ASP F 750 -91.72 39.36 -32.08
C ASP F 750 -92.72 39.58 -30.94
N PRO F 751 -93.91 40.14 -31.26
CA PRO F 751 -94.87 40.38 -30.14
C PRO F 751 -95.41 39.08 -29.43
N GLY F 752 -95.26 37.91 -30.07
CA GLY F 752 -95.63 36.65 -29.46
C GLY F 752 -94.51 35.88 -28.80
N ASN F 753 -93.35 36.52 -28.52
CA ASN F 753 -92.18 35.85 -27.86
C ASN F 753 -91.94 34.47 -28.53
N ARG F 754 -91.90 34.47 -29.87
CA ARG F 754 -91.57 33.27 -30.67
C ARG F 754 -90.08 33.01 -30.75
N GLY F 755 -89.24 34.02 -30.51
CA GLY F 755 -87.80 33.87 -30.66
C GLY F 755 -87.22 34.89 -31.61
N ASN F 756 -86.13 35.48 -31.23
CA ASN F 756 -85.54 36.57 -31.98
C ASN F 756 -84.04 36.52 -31.67
N VAL F 757 -83.21 36.73 -32.69
CA VAL F 757 -81.74 36.61 -32.55
C VAL F 757 -81.08 37.89 -33.02
N SER F 758 -80.44 38.59 -32.09
CA SER F 758 -79.72 39.82 -32.42
C SER F 758 -78.51 39.95 -31.51
N ILE F 759 -77.35 39.73 -32.12
CA ILE F 759 -76.08 39.65 -31.45
C ILE F 759 -75.30 40.92 -31.70
N SER F 760 -74.69 41.44 -30.64
CA SER F 760 -73.69 42.48 -30.78
C SER F 760 -72.46 42.13 -29.96
N HIS F 761 -71.29 42.20 -30.59
CA HIS F 761 -70.00 42.11 -29.91
C HIS F 761 -69.87 43.13 -28.77
N LEU F 762 -70.67 44.20 -28.79
CA LEU F 762 -70.66 45.20 -27.73
C LEU F 762 -71.46 44.89 -26.48
N ASN F 763 -72.37 43.94 -26.52
CA ASN F 763 -73.38 43.84 -25.46
C ASN F 763 -72.84 43.57 -24.08
N ALA F 764 -71.73 42.83 -24.02
CA ALA F 764 -71.21 42.31 -22.77
C ALA F 764 -69.97 43.04 -22.32
N VAL F 765 -69.57 44.10 -22.99
CA VAL F 765 -68.23 44.67 -22.73
C VAL F 765 -68.28 46.00 -22.05
N PHE F 766 -69.48 46.36 -21.59
CA PHE F 766 -69.78 47.64 -20.98
C PHE F 766 -70.39 47.47 -19.60
N GLY F 767 -70.22 46.29 -19.01
CA GLY F 767 -70.55 46.06 -17.62
C GLY F 767 -71.40 44.84 -17.38
N LEU F 768 -72.05 44.32 -18.41
CA LEU F 768 -73.05 43.28 -18.22
C LEU F 768 -72.66 42.11 -17.31
N PRO F 769 -71.47 41.51 -17.49
CA PRO F 769 -71.18 40.37 -16.59
C PRO F 769 -70.98 40.77 -15.13
N GLU F 770 -70.42 41.94 -14.94
CA GLU F 770 -70.14 42.44 -13.59
C GLU F 770 -71.46 42.70 -12.85
N VAL F 771 -72.30 43.48 -13.48
CA VAL F 771 -73.60 43.85 -12.91
C VAL F 771 -74.46 42.61 -12.68
N VAL F 772 -74.61 41.76 -13.70
CA VAL F 772 -75.32 40.50 -13.57
C VAL F 772 -74.81 39.64 -12.41
N SER F 773 -73.51 39.43 -12.31
CA SER F 773 -73.02 38.57 -11.20
C SER F 773 -73.37 39.21 -9.87
N GLU F 774 -73.32 40.54 -9.78
CA GLU F 774 -73.70 41.22 -8.55
C GLU F 774 -75.21 41.08 -8.26
N ALA F 775 -76.03 41.38 -9.26
CA ALA F 775 -77.49 41.15 -9.24
C ALA F 775 -77.90 39.74 -8.88
N ILE F 776 -77.18 38.74 -9.39
CA ILE F 776 -77.55 37.35 -9.14
C ILE F 776 -77.29 37.07 -7.65
N ALA F 777 -76.14 37.49 -7.16
CA ALA F 777 -75.79 37.27 -5.74
C ALA F 777 -76.79 38.00 -4.82
N TYR F 778 -77.21 39.19 -5.21
CA TYR F 778 -78.08 40.03 -4.41
C TYR F 778 -79.51 39.46 -4.30
N LEU F 779 -80.09 39.11 -5.41
CA LEU F 779 -81.39 38.46 -5.43
C LEU F 779 -81.52 37.10 -4.70
N ALA F 780 -80.41 36.38 -4.59
CA ALA F 780 -80.36 35.05 -3.93
C ALA F 780 -81.57 34.14 -4.30
N ASP F 781 -82.21 33.52 -3.30
CA ASP F 781 -83.53 32.80 -3.44
C ASP F 781 -84.59 33.53 -4.28
N ASP F 782 -84.67 34.85 -4.18
CA ASP F 782 -85.69 35.63 -4.90
C ASP F 782 -85.41 35.89 -6.39
N ILE F 783 -84.33 35.33 -6.92
CA ILE F 783 -84.04 35.41 -8.34
C ILE F 783 -85.09 34.70 -9.19
N PRO F 784 -85.58 35.35 -10.26
CA PRO F 784 -86.60 34.72 -11.11
C PRO F 784 -86.14 33.47 -11.86
N LYS F 785 -87.09 32.56 -12.05
CA LYS F 785 -86.83 31.28 -12.69
C LYS F 785 -86.27 31.49 -14.09
N GLY F 786 -85.13 30.87 -14.33
CA GLY F 786 -84.49 30.89 -15.62
C GLY F 786 -83.59 32.07 -15.97
N PHE F 787 -83.37 33.01 -15.06
CA PHE F 787 -82.49 34.12 -15.39
C PHE F 787 -81.07 33.63 -15.56
N LYS F 788 -80.56 33.03 -14.49
CA LYS F 788 -79.22 32.48 -14.49
C LYS F 788 -78.93 31.54 -15.67
N GLN F 789 -79.93 30.75 -16.08
CA GLN F 789 -79.76 29.89 -17.25
C GLN F 789 -79.56 30.70 -18.52
N ALA F 790 -80.36 31.75 -18.67
CA ALA F 790 -80.22 32.60 -19.85
C ALA F 790 -78.88 33.32 -19.91
N TRP F 791 -78.32 33.61 -18.75
CA TRP F 791 -77.03 34.25 -18.67
C TRP F 791 -75.99 33.24 -19.03
N LEU F 792 -76.08 32.04 -18.47
CA LEU F 792 -75.12 30.98 -18.82
C LEU F 792 -75.21 30.58 -20.30
N ASP F 793 -76.42 30.54 -20.85
CA ASP F 793 -76.67 30.34 -22.29
C ASP F 793 -75.87 31.37 -23.15
N TYR F 794 -76.01 32.66 -22.86
CA TYR F 794 -75.23 33.69 -23.55
C TYR F 794 -73.72 33.49 -23.39
N CYS F 795 -73.26 33.20 -22.16
CA CYS F 795 -71.83 33.02 -21.91
C CYS F 795 -71.28 31.84 -22.72
N TYR F 796 -72.07 30.77 -22.75
CA TYR F 796 -71.67 29.56 -23.42
C TYR F 796 -71.77 29.71 -24.96
N TYR F 797 -72.89 30.14 -25.51
CA TYR F 797 -73.07 30.06 -26.96
C TYR F 797 -72.28 31.11 -27.73
N TYR F 798 -71.91 32.20 -27.06
CA TYR F 798 -71.13 33.28 -27.72
C TYR F 798 -69.99 32.74 -28.57
N HIS F 799 -69.12 31.88 -28.03
CA HIS F 799 -68.08 31.15 -28.84
C HIS F 799 -68.11 29.63 -28.74
N ALA F 800 -69.31 29.08 -28.94
CA ALA F 800 -69.49 27.69 -29.28
C ALA F 800 -69.40 27.55 -30.81
N SER F 801 -69.60 26.35 -31.32
CA SER F 801 -69.58 26.13 -32.77
C SER F 801 -70.79 26.78 -33.43
N ALA F 802 -70.65 27.08 -34.72
CA ALA F 802 -71.76 27.59 -35.54
C ALA F 802 -72.97 26.65 -35.46
N SER F 803 -72.73 25.34 -35.41
CA SER F 803 -73.77 24.31 -35.29
C SER F 803 -74.46 24.26 -33.92
N GLU F 804 -73.68 24.40 -32.84
CA GLU F 804 -74.27 24.56 -31.51
C GLU F 804 -75.18 25.75 -31.52
N GLN F 805 -74.75 26.88 -32.06
CA GLN F 805 -75.61 28.06 -32.00
C GLN F 805 -76.94 27.80 -32.78
N LYS F 806 -76.82 27.25 -33.99
CA LYS F 806 -77.95 26.93 -34.88
C LYS F 806 -78.92 25.88 -34.32
N ASP F 807 -78.44 24.91 -33.53
CA ASP F 807 -79.30 23.93 -32.86
C ASP F 807 -80.18 24.69 -31.87
N ARG F 808 -79.58 25.66 -31.19
CA ARG F 808 -80.23 26.33 -30.06
C ARG F 808 -81.12 27.50 -30.48
N TYR F 809 -80.60 28.33 -31.36
CA TYR F 809 -81.23 29.60 -31.68
C TYR F 809 -81.88 29.63 -33.04
N GLY F 810 -81.36 28.85 -33.98
CA GLY F 810 -81.96 28.68 -35.31
C GLY F 810 -81.14 29.30 -36.42
N VAL F 811 -80.27 30.23 -36.06
CA VAL F 811 -79.16 30.66 -36.90
C VAL F 811 -77.93 30.52 -36.06
N SER F 812 -76.79 30.48 -36.76
CA SER F 812 -75.48 30.71 -36.15
C SER F 812 -75.21 32.22 -36.10
N PHE F 813 -74.26 32.62 -35.26
CA PHE F 813 -74.00 34.02 -34.95
C PHE F 813 -73.04 34.61 -35.97
N SER F 814 -73.37 35.80 -36.46
CA SER F 814 -72.73 36.35 -37.64
C SER F 814 -71.47 37.12 -37.23
N LYS F 815 -71.71 38.31 -36.65
CA LYS F 815 -70.66 39.30 -36.38
C LYS F 815 -70.21 39.16 -34.92
N ILE F 816 -69.59 38.01 -34.63
CA ILE F 816 -68.95 37.79 -33.33
C ILE F 816 -67.52 38.30 -33.45
N SER F 817 -67.15 39.25 -32.60
CA SER F 817 -65.76 39.72 -32.49
C SER F 817 -65.45 39.78 -31.01
N LEU F 818 -64.29 40.37 -30.69
CA LEU F 818 -63.84 40.66 -29.32
C LEU F 818 -63.91 39.39 -28.50
N LEU F 819 -63.25 38.36 -29.01
CA LEU F 819 -63.26 37.01 -28.44
C LEU F 819 -62.37 36.92 -27.20
N GLN F 820 -61.23 37.59 -27.26
CA GLN F 820 -60.41 37.76 -26.08
C GLN F 820 -61.23 38.41 -24.97
N ALA F 821 -61.87 39.51 -25.33
CA ALA F 821 -62.71 40.24 -24.43
C ALA F 821 -63.82 39.37 -23.87
N HIS F 822 -64.37 38.49 -24.70
CA HIS F 822 -65.43 37.60 -24.25
C HIS F 822 -64.89 36.29 -23.65
N SER F 823 -63.59 36.07 -23.61
CA SER F 823 -63.14 34.87 -22.93
C SER F 823 -63.68 34.82 -21.49
N ARG F 824 -63.65 35.96 -20.80
CA ARG F 824 -64.11 36.01 -19.42
C ARG F 824 -65.58 35.67 -19.16
N LEU F 825 -66.40 35.65 -20.20
CA LEU F 825 -67.75 35.06 -20.11
C LEU F 825 -67.63 33.54 -20.07
N ALA F 826 -66.78 32.97 -20.92
CA ALA F 826 -66.55 31.55 -20.87
C ALA F 826 -66.00 31.15 -19.48
N ALA F 827 -65.05 31.93 -18.98
CA ALA F 827 -64.50 31.73 -17.63
C ALA F 827 -65.55 31.68 -16.51
N TYR F 828 -66.47 32.64 -16.52
CA TYR F 828 -67.56 32.67 -15.51
C TYR F 828 -68.42 31.42 -15.60
N ALA F 829 -68.87 31.12 -16.80
CA ALA F 829 -69.65 29.92 -17.06
C ALA F 829 -68.95 28.66 -16.60
N ALA F 830 -67.64 28.60 -16.80
CA ALA F 830 -66.85 27.43 -16.42
C ALA F 830 -66.81 27.29 -14.89
N TYR F 831 -66.49 28.39 -14.19
CA TYR F 831 -66.50 28.37 -12.72
C TYR F 831 -67.87 27.96 -12.17
N GLU F 832 -68.93 28.43 -12.81
CA GLU F 832 -70.25 28.27 -12.27
C GLU F 832 -70.74 26.85 -12.58
N THR F 833 -70.30 26.27 -13.70
CA THR F 833 -70.67 24.88 -14.05
C THR F 833 -69.59 23.87 -13.73
N LYS F 834 -68.53 24.31 -13.07
CA LYS F 834 -67.45 23.42 -12.70
C LYS F 834 -67.07 22.56 -13.93
N ASN F 835 -66.83 23.21 -15.08
CA ASN F 835 -66.53 22.51 -16.34
C ASN F 835 -65.18 22.91 -16.90
N LYS F 836 -64.22 22.02 -16.77
CA LYS F 836 -62.83 22.27 -17.17
C LYS F 836 -62.67 22.60 -18.67
N THR F 837 -63.37 21.85 -19.50
CA THR F 837 -63.22 22.03 -20.93
C THR F 837 -63.58 23.46 -21.32
N LEU F 838 -64.61 24.00 -20.68
CA LEU F 838 -65.10 25.34 -20.96
C LEU F 838 -64.11 26.41 -20.45
N ALA F 839 -63.57 26.17 -19.26
CA ALA F 839 -62.40 26.91 -18.78
C ALA F 839 -61.28 26.99 -19.81
N LEU F 840 -60.95 25.88 -20.49
CA LEU F 840 -59.88 25.85 -21.51
C LEU F 840 -60.23 26.66 -22.74
N ARG F 841 -61.51 26.74 -23.07
CA ARG F 841 -61.98 27.70 -24.07
C ARG F 841 -61.57 29.13 -23.72
N ALA F 842 -61.74 29.47 -22.45
CA ALA F 842 -61.41 30.80 -21.98
C ALA F 842 -59.96 31.11 -22.20
N TRP F 843 -59.08 30.20 -21.81
CA TRP F 843 -57.66 30.47 -22.02
C TRP F 843 -57.33 30.44 -23.50
N LYS F 844 -57.99 29.57 -24.25
CA LYS F 844 -57.69 29.50 -25.66
C LYS F 844 -58.08 30.84 -26.33
N ASP F 845 -59.28 31.33 -26.03
CA ASP F 845 -59.70 32.59 -26.59
C ASP F 845 -58.85 33.76 -26.06
N PHE F 846 -58.37 33.69 -24.83
CA PHE F 846 -57.50 34.75 -24.33
C PHE F 846 -56.17 34.78 -25.11
N TYR F 847 -55.56 33.59 -25.27
CA TYR F 847 -54.19 33.44 -25.80
C TYR F 847 -54.07 33.36 -27.34
N ALA F 848 -55.15 32.98 -28.04
CA ALA F 848 -55.08 32.61 -29.47
C ALA F 848 -56.38 32.95 -30.23
N SER F 849 -56.73 34.22 -30.21
CA SER F 849 -57.81 34.72 -31.07
C SER F 849 -57.56 36.18 -31.52
N ASP F 850 -58.05 37.19 -30.79
CA ASP F 850 -57.88 38.60 -31.20
C ASP F 850 -57.48 39.44 -29.97
N GLY F 851 -57.73 40.75 -30.00
CA GLY F 851 -57.21 41.67 -28.98
C GLY F 851 -55.70 41.59 -29.02
N LEU F 852 -55.08 41.44 -27.85
CA LEU F 852 -53.63 41.45 -27.77
C LEU F 852 -53.18 40.01 -27.64
N LEU F 853 -52.47 39.55 -28.65
CA LEU F 853 -51.94 38.20 -28.68
C LEU F 853 -50.70 38.18 -27.77
N PRO F 854 -50.38 37.01 -27.19
CA PRO F 854 -49.18 36.95 -26.32
C PRO F 854 -47.88 37.19 -27.06
N ASP F 855 -47.85 37.02 -28.37
CA ASP F 855 -46.61 37.24 -29.13
C ASP F 855 -46.64 38.61 -29.86
N ALA F 856 -47.54 39.53 -29.49
CA ALA F 856 -47.48 40.91 -29.97
C ALA F 856 -46.20 41.59 -29.37
N PRO F 857 -45.77 42.75 -29.93
CA PRO F 857 -44.47 43.31 -29.55
C PRO F 857 -44.26 43.48 -28.06
N TRP F 858 -45.31 43.77 -27.31
CA TRP F 858 -45.20 43.97 -25.87
C TRP F 858 -44.05 44.88 -25.46
N ASN F 859 -43.88 45.99 -26.17
CA ASN F 859 -42.85 46.97 -25.85
C ASN F 859 -43.24 48.39 -26.29
N ILE F 860 -42.38 49.35 -25.98
CA ILE F 860 -42.57 50.68 -26.46
C ILE F 860 -41.42 51.04 -27.36
N THR F 861 -41.63 52.08 -28.15
CA THR F 861 -40.65 52.65 -29.06
C THR F 861 -40.62 54.17 -28.87
N HIS F 862 -39.42 54.71 -28.80
CA HIS F 862 -39.21 56.11 -28.56
C HIS F 862 -39.10 56.82 -29.91
N VAL F 863 -39.93 57.85 -30.14
CA VAL F 863 -39.91 58.63 -31.39
C VAL F 863 -39.48 60.03 -31.04
N ASP F 864 -38.64 60.64 -31.86
CA ASP F 864 -38.03 61.94 -31.52
C ASP F 864 -37.45 62.65 -32.76
N GLY F 865 -36.80 63.78 -32.59
CA GLY F 865 -36.30 64.53 -33.74
C GLY F 865 -37.43 65.10 -34.57
N SER F 866 -37.25 65.12 -35.90
CA SER F 866 -38.16 65.84 -36.78
C SER F 866 -39.48 65.17 -37.14
N ASP F 867 -39.75 63.97 -36.59
CA ASP F 867 -41.00 63.23 -36.94
C ASP F 867 -42.18 63.74 -36.14
N VAL F 868 -41.88 64.35 -34.99
CA VAL F 868 -42.88 64.68 -33.97
C VAL F 868 -42.56 66.01 -33.28
N LEU F 869 -43.62 66.68 -32.84
CA LEU F 869 -43.50 67.92 -32.11
C LEU F 869 -42.57 67.76 -30.93
N VAL F 870 -42.80 66.72 -30.11
CA VAL F 870 -41.91 66.46 -28.96
C VAL F 870 -41.63 65.01 -28.82
N PRO F 871 -40.56 64.68 -28.08
CA PRO F 871 -40.29 63.26 -27.95
C PRO F 871 -41.41 62.54 -27.23
N VAL F 872 -41.83 61.38 -27.79
CA VAL F 872 -42.86 60.52 -27.24
C VAL F 872 -42.50 59.04 -27.34
N ASP F 873 -43.05 58.26 -26.41
CA ASP F 873 -43.05 56.81 -26.50
C ASP F 873 -44.38 56.37 -27.10
N GLU F 874 -44.37 55.25 -27.80
CA GLU F 874 -45.55 54.76 -28.51
C GLU F 874 -45.68 53.27 -28.50
N ALA F 875 -46.92 52.83 -28.68
CA ALA F 875 -47.29 51.43 -28.67
C ALA F 875 -48.33 51.27 -29.75
N ALA F 876 -47.89 51.46 -30.97
CA ALA F 876 -48.78 51.45 -32.15
C ALA F 876 -49.57 50.16 -32.36
N TRP F 877 -49.06 49.06 -31.83
CA TRP F 877 -49.67 47.72 -31.83
C TRP F 877 -50.87 47.53 -30.90
N LEU F 878 -51.15 48.51 -30.04
CA LEU F 878 -52.40 48.53 -29.24
C LEU F 878 -53.16 49.83 -29.43
N ALA F 879 -54.43 49.72 -29.08
CA ALA F 879 -55.40 50.81 -28.89
C ALA F 879 -56.08 50.60 -27.52
N THR F 880 -56.97 51.51 -27.12
CA THR F 880 -57.46 51.50 -25.76
C THR F 880 -58.54 50.43 -25.53
N ASN F 881 -59.43 50.28 -26.48
CA ASN F 881 -60.24 49.06 -26.53
C ASN F 881 -59.50 47.75 -26.21
N ASP F 882 -58.29 47.58 -26.77
CA ASP F 882 -57.53 46.34 -26.57
C ASP F 882 -57.11 46.18 -25.13
N ILE F 883 -56.43 47.19 -24.56
CA ILE F 883 -55.94 47.12 -23.19
C ILE F 883 -57.07 47.01 -22.18
N ALA F 884 -58.18 47.71 -22.39
CA ALA F 884 -59.24 47.65 -21.39
C ALA F 884 -59.77 46.23 -21.31
N GLN F 885 -60.04 45.60 -22.46
CA GLN F 885 -60.56 44.22 -22.44
C GLN F 885 -59.47 43.21 -22.17
N TYR F 886 -58.23 43.49 -22.57
CA TYR F 886 -57.13 42.61 -22.20
C TYR F 886 -57.11 42.52 -20.70
N GLY F 887 -57.12 43.65 -20.03
CA GLY F 887 -56.99 43.67 -18.60
C GLY F 887 -58.13 43.04 -17.87
N LEU F 888 -59.33 43.27 -18.36
CA LEU F 888 -60.48 42.70 -17.73
C LEU F 888 -60.48 41.22 -17.89
N ALA F 889 -59.95 40.75 -19.01
CA ALA F 889 -59.87 39.30 -19.25
C ALA F 889 -58.80 38.63 -18.39
N VAL F 890 -57.64 39.25 -18.22
CA VAL F 890 -56.61 38.70 -17.35
C VAL F 890 -57.24 38.56 -15.97
N ILE F 891 -57.70 39.69 -15.45
CA ILE F 891 -58.21 39.72 -14.09
C ILE F 891 -59.34 38.72 -13.87
N GLN F 892 -60.29 38.66 -14.78
CA GLN F 892 -61.47 37.82 -14.60
C GLN F 892 -61.18 36.35 -14.87
N ASN F 893 -60.37 36.06 -15.90
CA ASN F 893 -59.96 34.68 -16.14
C ASN F 893 -59.12 34.14 -14.99
N LEU F 894 -58.19 34.95 -14.49
CA LEU F 894 -57.45 34.52 -13.27
C LEU F 894 -58.36 34.24 -12.08
N ALA F 895 -59.41 35.04 -11.88
CA ALA F 895 -60.26 34.82 -10.72
C ALA F 895 -61.11 33.59 -10.93
N TYR F 896 -61.72 33.44 -12.09
CA TYR F 896 -62.64 32.28 -12.30
C TYR F 896 -61.98 30.92 -12.61
N VAL F 897 -60.85 30.90 -13.30
CA VAL F 897 -60.35 29.65 -13.88
C VAL F 897 -58.82 29.58 -13.92
N SER F 898 -58.15 30.12 -12.91
CA SER F 898 -56.69 29.99 -12.86
C SER F 898 -56.30 28.57 -12.54
N ASP F 899 -57.18 27.82 -11.88
CA ASP F 899 -56.90 26.40 -11.64
C ASP F 899 -56.70 25.60 -12.92
N SER F 900 -57.21 26.13 -14.05
CA SER F 900 -57.03 25.55 -15.38
C SER F 900 -55.90 26.23 -16.22
N LEU F 901 -55.17 27.20 -15.67
CA LEU F 901 -54.24 27.98 -16.51
C LEU F 901 -53.02 27.17 -16.86
N ASP F 902 -52.47 26.46 -15.90
CA ASP F 902 -51.31 25.62 -16.15
C ASP F 902 -51.76 24.45 -17.00
N ASP F 903 -52.98 23.99 -16.77
CA ASP F 903 -53.52 22.89 -17.58
C ASP F 903 -53.43 23.35 -19.06
N TYR F 904 -53.90 24.57 -19.32
CA TYR F 904 -53.84 25.14 -20.68
C TYR F 904 -52.43 25.12 -21.23
N GLN F 905 -51.46 25.54 -20.43
CA GLN F 905 -50.08 25.70 -20.87
C GLN F 905 -49.36 24.41 -21.25
N SER F 906 -49.88 23.22 -20.97
CA SER F 906 -49.22 21.93 -21.39
C SER F 906 -49.83 21.18 -22.60
N PHE G 1 6.01 98.82 -60.05
CA PHE G 1 6.24 99.12 -58.56
C PHE G 1 6.00 97.90 -57.68
N ASN G 2 6.03 98.08 -56.36
CA ASN G 2 6.10 96.96 -55.44
C ASN G 2 4.83 96.64 -54.62
N CYS G 3 4.91 95.52 -53.91
CA CYS G 3 3.74 94.82 -53.42
C CYS G 3 3.74 94.53 -51.92
N THR G 4 2.62 94.92 -51.32
CA THR G 4 2.31 94.72 -49.95
C THR G 4 1.05 93.84 -49.91
N SER G 5 1.22 92.66 -49.33
CA SER G 5 0.19 91.66 -49.26
C SER G 5 0.30 90.97 -47.89
N SER G 6 -0.85 90.66 -47.31
CA SER G 6 -0.89 89.86 -46.08
C SER G 6 -2.18 89.11 -46.07
N SER G 7 -2.31 88.21 -45.08
CA SER G 7 -3.47 87.33 -44.98
C SER G 7 -4.12 87.44 -43.63
N ALA G 8 -5.40 87.12 -43.59
CA ALA G 8 -6.12 86.96 -42.33
C ALA G 8 -7.14 85.88 -42.47
N THR G 9 -7.20 85.03 -41.46
CA THR G 9 -8.08 83.87 -41.47
C THR G 9 -9.24 84.11 -40.53
N VAL G 10 -10.37 83.55 -40.94
CA VAL G 10 -11.65 83.75 -40.30
C VAL G 10 -12.21 82.34 -40.00
N HIS G 11 -12.89 82.17 -38.88
CA HIS G 11 -13.26 80.85 -38.35
C HIS G 11 -14.71 80.85 -37.99
N TRP G 12 -15.39 79.70 -38.08
CA TRP G 12 -16.74 79.62 -37.52
C TRP G 12 -16.69 79.76 -35.99
N LEU G 13 -17.78 80.27 -35.42
CA LEU G 13 -17.77 80.80 -34.06
C LEU G 13 -17.65 79.65 -33.08
N GLY G 14 -18.54 78.69 -33.19
CA GLY G 14 -18.39 77.45 -32.40
C GLY G 14 -18.07 76.32 -33.34
N ASP G 15 -18.97 75.33 -33.34
CA ASP G 15 -18.88 74.23 -34.29
C ASP G 15 -19.14 74.69 -35.73
N LYS G 16 -18.45 74.05 -36.67
CA LYS G 16 -18.71 74.23 -38.08
C LYS G 16 -20.17 73.89 -38.36
N PRO G 17 -20.87 74.72 -39.11
CA PRO G 17 -22.30 74.49 -39.35
C PRO G 17 -22.54 73.55 -40.53
N THR G 18 -23.74 72.98 -40.62
CA THR G 18 -24.11 72.05 -41.72
C THR G 18 -24.90 72.72 -42.86
N TYR G 19 -25.53 73.87 -42.55
CA TYR G 19 -26.03 74.81 -43.53
C TYR G 19 -25.62 76.26 -43.16
N HIS G 20 -25.40 77.10 -44.16
CA HIS G 20 -25.50 78.57 -44.01
C HIS G 20 -26.17 79.23 -45.20
N ALA G 21 -26.76 80.41 -44.98
CA ALA G 21 -27.47 81.13 -46.05
C ALA G 21 -26.72 82.35 -46.58
N GLY G 22 -25.41 82.37 -46.36
CA GLY G 22 -24.56 83.44 -46.78
C GLY G 22 -24.27 84.18 -45.50
N VAL G 23 -23.06 84.71 -45.36
CA VAL G 23 -22.68 85.40 -44.15
C VAL G 23 -21.81 86.61 -44.44
N THR G 24 -22.00 87.67 -43.65
CA THR G 24 -21.19 88.83 -43.69
C THR G 24 -20.29 88.75 -42.45
N PHE G 25 -19.03 89.10 -42.61
CA PHE G 25 -18.07 89.12 -41.53
C PHE G 25 -17.11 90.30 -41.70
N GLY G 26 -16.32 90.55 -40.65
CA GLY G 26 -15.48 91.72 -40.60
C GLY G 26 -14.07 91.32 -40.31
N LEU G 27 -13.11 92.18 -40.67
CA LEU G 27 -11.71 91.92 -40.48
C LEU G 27 -10.92 93.21 -40.25
N PRO G 28 -10.03 93.25 -39.25
CA PRO G 28 -9.27 94.44 -39.00
C PRO G 28 -8.02 94.44 -39.85
N TRP G 29 -7.33 95.58 -39.96
CA TRP G 29 -6.03 95.66 -40.70
C TRP G 29 -5.11 96.63 -40.04
N PRO G 30 -3.80 96.43 -40.15
CA PRO G 30 -2.92 97.34 -39.40
C PRO G 30 -2.91 98.79 -39.87
N GLN G 31 -2.64 99.69 -38.96
CA GLN G 31 -2.52 101.11 -39.29
C GLN G 31 -1.50 101.31 -40.44
N GLY G 32 -1.91 102.06 -41.46
CA GLY G 32 -1.00 102.52 -42.52
C GLY G 32 -0.67 101.53 -43.62
N LYS G 33 -1.45 100.46 -43.73
CA LYS G 33 -1.06 99.35 -44.58
C LYS G 33 -1.77 99.26 -45.93
N TYR G 34 -3.09 99.42 -45.93
CA TYR G 34 -3.84 99.33 -47.20
C TYR G 34 -4.66 100.58 -47.51
N ARG G 35 -4.67 100.99 -48.77
CA ARG G 35 -5.47 102.13 -49.19
C ARG G 35 -6.84 101.64 -49.67
N PRO G 36 -7.93 102.28 -49.21
CA PRO G 36 -9.33 101.91 -49.45
C PRO G 36 -9.86 101.34 -50.80
N GLN G 37 -9.56 101.97 -51.92
CA GLN G 37 -10.13 101.49 -53.19
C GLN G 37 -9.05 100.88 -54.06
N GLU G 38 -7.84 100.74 -53.52
CA GLU G 38 -6.71 100.22 -54.25
C GLU G 38 -6.37 98.80 -53.87
N THR G 39 -6.99 98.31 -52.81
CA THR G 39 -6.69 97.00 -52.29
C THR G 39 -7.69 96.03 -52.87
N SER G 40 -7.17 94.94 -53.40
CA SER G 40 -7.95 93.81 -53.89
C SER G 40 -7.91 92.65 -52.87
N PHE G 41 -8.98 91.86 -52.86
CA PHE G 41 -9.21 90.87 -51.83
C PHE G 41 -9.52 89.49 -52.43
N SER G 42 -8.90 88.45 -51.89
CA SER G 42 -9.06 87.07 -52.40
C SER G 42 -9.59 86.20 -51.29
N LEU G 43 -10.42 85.21 -51.65
CA LEU G 43 -10.83 84.17 -50.70
C LEU G 43 -10.22 82.77 -51.02
N THR G 44 -9.72 82.11 -49.98
CA THR G 44 -9.34 80.69 -49.99
C THR G 44 -10.10 80.00 -48.83
N GLY G 45 -11.00 79.08 -49.17
CA GLY G 45 -11.64 78.22 -48.20
C GLY G 45 -10.85 76.93 -48.18
N ASP G 46 -10.33 76.56 -47.00
CA ASP G 46 -9.36 75.45 -46.83
C ASP G 46 -8.24 75.56 -47.91
N THR G 47 -8.32 74.81 -49.04
CA THR G 47 -7.34 74.90 -50.16
C THR G 47 -7.95 74.67 -51.57
N GLU G 52 -12.02 85.08 -55.28
CA GLU G 52 -12.26 86.50 -55.63
C GLU G 52 -13.44 87.09 -54.80
N LEU G 53 -13.19 88.06 -53.89
CA LEU G 53 -14.11 88.34 -52.72
C LEU G 53 -14.81 89.74 -52.59
N GLN G 54 -16.13 89.70 -52.36
CA GLN G 54 -16.96 90.90 -52.10
C GLN G 54 -16.50 91.65 -50.86
N SER G 55 -16.04 92.90 -51.05
CA SER G 55 -15.45 93.63 -49.93
C SER G 55 -15.76 95.12 -49.92
N TRP G 56 -15.75 95.71 -48.72
CA TRP G 56 -16.03 97.11 -48.53
C TRP G 56 -15.55 97.58 -47.16
N ALA G 57 -15.41 98.87 -46.98
CA ALA G 57 -14.86 99.42 -45.75
C ALA G 57 -15.94 99.88 -44.74
N THR G 58 -15.70 99.62 -43.45
CA THR G 58 -16.59 100.04 -42.39
C THR G 58 -15.92 101.04 -41.44
N GLY G 59 -14.60 100.95 -41.29
CA GLY G 59 -13.83 101.96 -40.58
C GLY G 59 -12.40 102.14 -41.11
N TYR G 60 -11.84 103.33 -40.87
CA TYR G 60 -10.55 103.73 -41.42
C TYR G 60 -9.62 104.29 -40.35
N TRP G 61 -8.33 104.20 -40.56
CA TRP G 61 -7.40 104.77 -39.63
C TRP G 61 -7.32 106.31 -39.82
N ALA G 62 -6.46 106.98 -39.05
CA ALA G 62 -6.32 108.44 -39.17
C ALA G 62 -5.78 108.90 -40.53
N ASP G 63 -4.86 108.11 -41.12
CA ASP G 63 -4.27 108.40 -42.43
C ASP G 63 -5.09 107.93 -43.65
N GLY G 64 -6.33 107.54 -43.41
CA GLY G 64 -7.22 107.18 -44.47
C GLY G 64 -7.15 105.71 -44.83
N SER G 65 -6.19 104.97 -44.24
CA SER G 65 -5.98 103.54 -44.55
C SER G 65 -7.06 102.66 -43.94
N LEU G 66 -7.13 101.39 -44.35
CA LEU G 66 -8.24 100.53 -43.91
C LEU G 66 -7.99 100.05 -42.52
N LYS G 67 -8.98 100.29 -41.65
CA LYS G 67 -8.98 99.84 -40.26
C LYS G 67 -9.86 98.59 -40.17
N TRP G 68 -11.11 98.66 -40.65
CA TRP G 68 -12.01 97.51 -40.64
C TRP G 68 -12.66 97.34 -41.99
N THR G 69 -12.75 96.09 -42.46
CA THR G 69 -13.51 95.74 -43.67
C THR G 69 -14.67 94.84 -43.30
N ALA G 70 -15.63 94.77 -44.20
CA ALA G 70 -16.69 93.78 -44.16
C ALA G 70 -16.66 93.00 -45.44
N HIS G 71 -17.12 91.75 -45.39
CA HIS G 71 -17.07 90.81 -46.53
C HIS G 71 -18.30 89.97 -46.50
N ALA G 72 -18.73 89.52 -47.68
CA ALA G 72 -19.91 88.63 -47.79
C ALA G 72 -19.59 87.43 -48.65
N ILE G 73 -20.13 86.29 -48.30
CA ILE G 73 -20.05 85.12 -49.17
C ILE G 73 -21.43 84.61 -49.44
N ALA G 74 -21.57 83.95 -50.59
CA ALA G 74 -22.85 83.37 -51.02
C ALA G 74 -23.16 82.15 -50.23
N GLU G 75 -24.44 81.81 -50.20
CA GLU G 75 -24.84 80.50 -49.77
C GLU G 75 -24.09 79.47 -50.64
N SER G 76 -23.57 78.42 -49.98
CA SER G 76 -22.85 77.31 -50.63
C SER G 76 -23.05 75.99 -49.88
N ASN G 77 -23.23 74.90 -50.63
CA ASN G 77 -23.08 73.50 -50.11
C ASN G 77 -21.71 73.22 -49.61
N GLN G 78 -20.71 73.83 -50.23
CA GLN G 78 -19.34 73.71 -49.76
C GLN G 78 -19.18 74.68 -48.59
N ILE G 79 -18.90 74.09 -47.40
CA ILE G 79 -18.66 74.79 -46.14
C ILE G 79 -17.27 74.36 -45.59
N TYR G 80 -16.42 75.33 -45.27
CA TYR G 80 -15.02 75.07 -44.98
C TYR G 80 -14.73 75.31 -43.52
N ASP G 81 -13.62 74.75 -43.03
CA ASP G 81 -13.25 74.85 -41.59
C ASP G 81 -12.71 76.23 -41.32
N GLN G 82 -12.10 76.82 -42.35
CA GLN G 82 -11.68 78.19 -42.29
C GLN G 82 -11.63 78.88 -43.64
N TYR G 83 -11.68 80.21 -43.59
CA TYR G 83 -11.75 81.04 -44.75
C TYR G 83 -10.63 82.07 -44.64
N THR G 84 -9.63 81.94 -45.51
CA THR G 84 -8.48 82.85 -45.51
C THR G 84 -8.68 83.95 -46.56
N VAL G 85 -8.77 85.20 -46.08
CA VAL G 85 -8.79 86.41 -46.93
C VAL G 85 -7.35 86.89 -47.19
N THR G 86 -7.04 87.21 -48.44
CA THR G 86 -5.72 87.78 -48.78
C THR G 86 -5.89 89.21 -49.35
N ALA G 87 -5.24 90.18 -48.70
CA ALA G 87 -5.23 91.57 -49.16
C ALA G 87 -4.03 91.81 -50.02
N SER G 88 -4.21 92.51 -51.12
CA SER G 88 -3.10 92.94 -51.99
C SER G 88 -3.26 94.39 -52.42
N SER G 89 -2.18 95.13 -52.36
CA SER G 89 -2.11 96.50 -52.76
C SER G 89 -1.95 96.64 -54.26
N LEU G 90 -2.14 97.85 -54.74
CA LEU G 90 -2.11 98.16 -56.14
C LEU G 90 -0.98 97.64 -57.01
N GLY G 91 0.21 97.62 -56.47
CA GLY G 91 1.37 97.23 -57.22
C GLY G 91 1.72 95.77 -57.34
N CYS G 92 0.79 94.94 -56.94
CA CYS G 92 0.94 93.52 -56.92
C CYS G 92 0.06 92.82 -57.97
N VAL G 93 0.46 91.58 -58.28
CA VAL G 93 -0.28 90.38 -58.94
C VAL G 93 0.71 89.63 -59.79
N SER G 107 -22.53 82.71 -59.75
CA SER G 107 -23.65 83.08 -58.86
C SER G 107 -23.65 84.58 -58.43
N SER G 108 -24.57 85.35 -59.00
CA SER G 108 -24.60 86.81 -58.78
C SER G 108 -26.03 87.33 -58.76
N ILE G 109 -26.30 88.23 -57.81
CA ILE G 109 -27.66 88.70 -57.62
C ILE G 109 -27.96 89.68 -58.75
N VAL G 110 -29.18 89.62 -59.28
CA VAL G 110 -29.65 90.58 -60.25
C VAL G 110 -30.85 91.31 -59.64
N VAL G 111 -30.78 92.64 -59.65
CA VAL G 111 -31.87 93.48 -59.18
C VAL G 111 -32.38 94.22 -60.41
N THR G 112 -33.70 94.18 -60.62
CA THR G 112 -34.36 94.95 -61.65
C THR G 112 -35.25 95.97 -60.96
N ASP G 113 -35.26 97.17 -61.52
CA ASP G 113 -36.15 98.24 -61.10
C ASP G 113 -37.40 98.26 -62.00
N ASN G 114 -38.54 98.66 -61.44
CA ASN G 114 -39.75 99.00 -62.22
C ASN G 114 -40.32 100.30 -61.68
N SER G 115 -41.19 100.92 -62.45
CA SER G 115 -41.88 102.13 -62.00
C SER G 115 -42.31 102.04 -60.51
N ASP G 116 -43.01 100.97 -60.16
CA ASP G 116 -43.77 100.85 -58.91
C ASP G 116 -43.11 99.97 -57.81
N ALA G 117 -42.09 99.18 -58.16
CA ALA G 117 -41.50 98.15 -57.26
C ALA G 117 -40.14 97.65 -57.76
N LEU G 118 -39.21 97.40 -56.84
CA LEU G 118 -37.96 96.81 -57.26
C LEU G 118 -37.91 95.34 -56.88
N THR G 119 -37.16 94.57 -57.67
CA THR G 119 -37.09 93.13 -57.54
C THR G 119 -35.64 92.70 -57.30
N VAL G 120 -35.39 91.91 -56.25
CA VAL G 120 -34.07 91.25 -56.01
C VAL G 120 -34.15 89.73 -56.27
N ASN G 121 -33.18 89.22 -57.04
CA ASN G 121 -33.15 87.80 -57.50
C ASN G 121 -31.79 87.16 -57.20
N THR G 122 -31.80 86.22 -56.26
CA THR G 122 -30.57 85.56 -55.80
C THR G 122 -30.18 84.35 -56.65
N GLY G 123 -31.04 83.94 -57.59
CA GLY G 123 -30.87 82.69 -58.31
C GLY G 123 -31.64 81.53 -57.69
N GLU G 124 -32.12 81.70 -56.45
CA GLU G 124 -33.03 80.79 -55.78
C GLU G 124 -34.40 81.41 -55.47
N VAL G 125 -34.43 82.71 -55.13
CA VAL G 125 -35.69 83.47 -55.01
C VAL G 125 -35.68 84.83 -55.72
N ALA G 126 -36.86 85.27 -56.13
CA ALA G 126 -37.08 86.60 -56.58
C ALA G 126 -38.08 87.28 -55.64
N VAL G 127 -37.65 88.33 -54.95
CA VAL G 127 -38.54 89.10 -54.08
C VAL G 127 -38.74 90.49 -54.61
N SER G 128 -39.99 90.89 -54.77
CA SER G 128 -40.32 92.23 -55.21
C SER G 128 -40.70 93.10 -54.00
N PHE G 129 -40.11 94.29 -53.92
CA PHE G 129 -40.42 95.28 -52.89
C PHE G 129 -41.08 96.54 -53.46
N PRO G 130 -42.39 96.77 -53.17
CA PRO G 130 -43.01 98.01 -53.64
C PRO G 130 -42.37 99.21 -53.03
N LYS G 131 -42.48 100.33 -53.75
CA LYS G 131 -41.86 101.62 -53.38
C LYS G 131 -42.81 102.51 -52.61
N GLY G 132 -44.06 102.07 -52.54
CA GLY G 132 -45.06 102.71 -51.73
C GLY G 132 -46.15 101.71 -51.43
N GLY G 133 -47.17 102.15 -50.69
CA GLY G 133 -48.31 101.31 -50.35
C GLY G 133 -48.14 100.62 -49.01
N ASN G 134 -49.06 99.68 -48.76
CA ASN G 134 -49.11 98.98 -47.47
C ASN G 134 -48.70 97.53 -47.55
N VAL G 135 -47.85 97.22 -48.52
CA VAL G 135 -47.33 95.87 -48.74
C VAL G 135 -45.81 95.95 -48.90
N ILE G 136 -45.06 95.42 -47.93
CA ILE G 136 -43.60 95.48 -47.92
C ILE G 136 -43.00 94.53 -48.99
N ILE G 137 -43.64 93.37 -49.20
CA ILE G 137 -43.24 92.40 -50.19
C ILE G 137 -44.44 92.03 -51.04
N GLY G 138 -44.31 92.20 -52.35
CA GLY G 138 -45.40 91.99 -53.28
C GLY G 138 -45.56 90.53 -53.59
N ASP G 139 -44.47 89.92 -54.05
CA ASP G 139 -44.40 88.46 -54.09
C ASP G 139 -42.98 87.91 -54.00
N ILE G 140 -42.96 86.61 -53.70
CA ILE G 140 -41.74 85.80 -53.57
C ILE G 140 -41.88 84.63 -54.53
N LYS G 141 -40.93 84.49 -55.44
CA LYS G 141 -40.97 83.44 -56.45
C LYS G 141 -39.82 82.54 -56.24
N THR G 142 -39.94 81.27 -56.62
CA THR G 142 -38.77 80.36 -56.65
C THR G 142 -38.05 80.44 -57.99
N LYS G 143 -36.90 79.78 -58.06
CA LYS G 143 -36.13 79.65 -59.32
C LYS G 143 -36.99 79.36 -60.56
N SER G 144 -37.94 78.43 -60.44
CA SER G 144 -38.82 78.06 -61.56
C SER G 144 -39.82 79.14 -62.00
N GLY G 145 -40.00 80.19 -61.20
CA GLY G 145 -40.96 81.26 -61.47
C GLY G 145 -42.30 81.06 -60.75
N LYS G 146 -42.40 80.02 -59.93
CA LYS G 146 -43.59 79.75 -59.14
C LYS G 146 -43.78 80.77 -57.99
N VAL G 147 -44.98 81.37 -57.86
CA VAL G 147 -45.29 82.30 -56.74
C VAL G 147 -45.67 81.54 -55.47
N ILE G 148 -44.83 81.65 -54.46
CA ILE G 148 -45.01 80.87 -53.23
C ILE G 148 -45.39 81.68 -52.03
N GLY G 149 -45.41 82.99 -52.17
CA GLY G 149 -45.80 83.87 -51.07
C GLY G 149 -46.01 85.27 -51.61
N ALA G 150 -46.96 86.00 -51.03
CA ALA G 150 -47.36 87.30 -51.53
C ALA G 150 -47.92 88.23 -50.44
N ASN G 151 -47.82 89.54 -50.66
CA ASN G 151 -48.40 90.53 -49.78
C ASN G 151 -47.83 90.54 -48.36
N GLY G 152 -46.51 90.44 -48.26
CA GLY G 152 -45.80 90.66 -47.02
C GLY G 152 -46.13 92.00 -46.38
N ARG G 153 -46.74 91.95 -45.21
CA ARG G 153 -47.30 93.14 -44.56
C ARG G 153 -47.05 93.14 -43.06
N LEU G 154 -46.70 94.30 -42.53
CA LEU G 154 -46.65 94.54 -41.09
C LEU G 154 -48.10 94.59 -40.55
N VAL G 155 -48.34 93.95 -39.41
CA VAL G 155 -49.59 94.07 -38.70
C VAL G 155 -49.31 94.72 -37.33
N LEU G 156 -50.27 95.51 -36.86
CA LEU G 156 -50.22 96.10 -35.54
C LEU G 156 -51.64 96.19 -35.12
N GLN G 157 -51.91 95.82 -33.87
CA GLN G 157 -53.20 95.97 -33.29
C GLN G 157 -52.99 96.67 -31.96
N SER G 158 -53.79 97.69 -31.67
CA SER G 158 -53.73 98.36 -30.37
C SER G 158 -55.12 98.52 -29.80
N GLN G 159 -55.18 98.95 -28.54
CA GLN G 159 -56.44 99.32 -27.90
C GLN G 159 -56.20 100.59 -27.07
N ASP G 160 -57.27 101.34 -26.85
CA ASP G 160 -57.18 102.67 -26.20
C ASP G 160 -57.22 102.70 -24.64
N SER G 161 -57.52 101.57 -23.99
CA SER G 161 -57.51 101.45 -22.54
C SER G 161 -57.46 99.99 -22.09
N VAL G 162 -57.17 99.80 -20.81
CA VAL G 162 -57.16 98.48 -20.18
C VAL G 162 -58.03 98.54 -18.94
N PRO G 163 -58.82 97.50 -18.70
CA PRO G 163 -59.49 97.52 -17.44
C PRO G 163 -58.50 97.46 -16.28
N ASP G 164 -59.02 97.77 -15.11
CA ASP G 164 -58.24 97.68 -13.89
C ASP G 164 -57.99 96.22 -13.48
N ASN G 165 -58.99 95.39 -13.80
CA ASN G 165 -58.98 93.99 -13.44
C ASN G 165 -60.08 93.30 -14.23
N PHE G 166 -60.13 91.98 -14.09
CA PHE G 166 -60.99 91.17 -14.96
C PHE G 166 -62.46 91.54 -14.74
N ASP G 167 -62.80 91.82 -13.49
CA ASP G 167 -64.15 92.18 -13.14
C ASP G 167 -64.62 93.47 -13.75
N ASN G 168 -63.73 94.43 -14.04
CA ASN G 168 -64.16 95.73 -14.63
C ASN G 168 -64.42 95.76 -16.14
N ARG G 169 -64.19 94.64 -16.82
CA ARG G 169 -64.43 94.53 -18.27
C ARG G 169 -65.83 94.95 -18.74
N ALA G 170 -66.87 94.77 -17.94
CA ALA G 170 -68.21 95.27 -18.32
C ALA G 170 -68.35 96.80 -18.12
N ASN G 171 -67.75 97.33 -17.07
CA ASN G 171 -67.65 98.77 -16.85
C ASN G 171 -66.64 99.51 -17.78
N SER G 172 -65.63 98.84 -18.34
CA SER G 172 -64.59 99.54 -19.17
C SER G 172 -64.44 98.98 -20.61
N PRO G 173 -65.25 99.51 -21.55
CA PRO G 173 -65.17 98.95 -22.91
C PRO G 173 -63.87 99.36 -23.63
N ILE G 174 -63.29 98.38 -24.35
CA ILE G 174 -62.03 98.53 -25.06
C ILE G 174 -62.41 98.94 -26.49
N GLN G 175 -61.81 100.01 -27.01
CA GLN G 175 -61.89 100.31 -28.46
C GLN G 175 -60.57 99.94 -29.17
N TYR G 176 -60.72 99.01 -30.11
CA TYR G 176 -59.64 98.31 -30.76
C TYR G 176 -59.33 98.95 -32.12
N SER G 177 -58.07 99.02 -32.47
CA SER G 177 -57.59 99.59 -33.73
C SER G 177 -56.70 98.57 -34.48
N ASN G 178 -56.85 98.45 -35.80
CA ASN G 178 -55.89 97.69 -36.61
C ASN G 178 -55.07 98.64 -37.49
N PHE G 179 -53.78 98.31 -37.68
CA PHE G 179 -52.89 99.09 -38.49
C PHE G 179 -52.10 98.25 -39.49
N ASP G 180 -51.89 98.81 -40.69
CA ASP G 180 -50.91 98.35 -41.71
C ASP G 180 -49.57 99.03 -41.55
N GLY G 181 -48.51 98.44 -42.06
CA GLY G 181 -47.28 99.19 -42.28
C GLY G 181 -47.28 99.92 -43.60
N ASN G 182 -47.21 101.25 -43.57
CA ASN G 182 -47.24 102.11 -44.78
C ASN G 182 -45.81 102.58 -45.10
N ILE G 183 -45.42 102.52 -46.36
CA ILE G 183 -44.03 102.72 -46.75
C ILE G 183 -43.75 104.16 -47.14
N ASN G 184 -42.61 104.68 -46.69
CA ASN G 184 -42.19 106.03 -47.06
C ASN G 184 -41.04 106.06 -48.09
N GLU G 185 -39.95 105.37 -47.75
CA GLU G 185 -38.76 105.26 -48.55
C GLU G 185 -38.34 103.79 -48.63
N VAL G 186 -37.69 103.45 -49.74
CA VAL G 186 -37.06 102.16 -49.92
C VAL G 186 -35.65 102.45 -50.37
N PHE G 187 -34.68 101.77 -49.76
CA PHE G 187 -33.27 101.81 -50.15
C PHE G 187 -32.79 100.41 -50.54
N VAL G 188 -31.62 100.37 -51.19
CA VAL G 188 -30.99 99.12 -51.71
C VAL G 188 -29.50 99.30 -51.66
N ASN G 189 -28.81 98.34 -51.05
CA ASN G 189 -27.37 98.28 -51.14
C ASN G 189 -27.12 97.00 -51.87
N GLN G 190 -26.76 97.11 -53.15
CA GLN G 190 -26.62 95.97 -54.05
C GLN G 190 -25.16 95.61 -54.18
N THR G 191 -24.86 94.33 -53.94
CA THR G 191 -23.54 93.77 -54.26
C THR G 191 -23.75 92.39 -54.86
N SER G 192 -22.69 91.79 -55.43
CA SER G 192 -22.86 90.52 -56.14
C SER G 192 -23.25 89.37 -55.25
N ALA G 193 -22.64 89.33 -54.08
CA ALA G 193 -22.80 88.24 -53.14
C ALA G 193 -24.02 88.46 -52.28
N ARG G 194 -24.21 89.71 -51.77
CA ARG G 194 -25.41 90.11 -51.02
C ARG G 194 -26.03 91.44 -51.34
N THR G 195 -27.30 91.53 -51.02
CA THR G 195 -28.11 92.71 -51.30
C THR G 195 -29.04 92.98 -50.10
N LEU G 196 -29.00 94.22 -49.65
CA LEU G 196 -29.75 94.69 -48.47
C LEU G 196 -30.83 95.65 -48.93
N VAL G 197 -32.08 95.31 -48.69
CA VAL G 197 -33.20 96.21 -48.98
C VAL G 197 -33.66 96.76 -47.64
N THR G 198 -33.76 98.08 -47.54
CA THR G 198 -34.04 98.72 -46.27
C THR G 198 -35.35 99.48 -46.44
N VAL G 199 -36.40 99.12 -45.71
CA VAL G 199 -37.73 99.71 -45.92
C VAL G 199 -38.16 100.44 -44.66
N ARG G 200 -38.60 101.69 -44.81
CA ARG G 200 -38.92 102.60 -43.69
C ARG G 200 -40.33 103.10 -43.76
N GLY G 201 -40.87 103.43 -42.60
CA GLY G 201 -42.24 103.88 -42.57
C GLY G 201 -42.89 103.96 -41.22
N ASN G 202 -44.17 103.67 -41.23
CA ASN G 202 -45.13 104.01 -40.20
C ASN G 202 -46.18 102.94 -40.21
N HIS G 203 -46.90 102.82 -39.10
CA HIS G 203 -48.12 102.07 -39.15
C HIS G 203 -49.26 103.11 -39.27
N THR G 204 -50.23 102.82 -40.14
CA THR G 204 -51.38 103.68 -40.41
C THR G 204 -52.61 102.82 -40.30
N VAL G 205 -53.72 103.44 -39.92
CA VAL G 205 -54.86 102.73 -39.43
C VAL G 205 -55.64 102.11 -40.60
N THR G 206 -56.14 100.88 -40.42
CA THR G 206 -57.00 100.19 -41.43
C THR G 206 -58.41 100.06 -40.83
N ASP G 207 -58.83 98.87 -40.43
CA ASP G 207 -60.00 98.70 -39.55
C ASP G 207 -59.93 99.39 -38.15
N GLY G 208 -61.10 99.53 -37.54
CA GLY G 208 -61.21 99.93 -36.13
C GLY G 208 -61.31 101.44 -35.87
N THR G 209 -61.17 101.78 -34.59
CA THR G 209 -61.33 103.15 -34.12
C THR G 209 -60.14 103.96 -34.68
N ASP G 210 -60.42 105.18 -35.13
CA ASP G 210 -59.39 105.97 -35.85
C ASP G 210 -58.23 106.40 -34.95
N HIS G 211 -57.06 106.62 -35.57
CA HIS G 211 -55.80 106.83 -34.88
C HIS G 211 -54.74 107.41 -35.87
N ASP G 212 -53.93 108.33 -35.40
CA ASP G 212 -52.86 108.96 -36.19
C ASP G 212 -51.77 107.94 -36.55
N PRO G 213 -51.11 108.14 -37.71
CA PRO G 213 -49.91 107.34 -37.99
C PRO G 213 -48.92 107.26 -36.81
N TRP G 214 -48.39 106.08 -36.52
CA TRP G 214 -47.39 105.91 -35.46
C TRP G 214 -46.58 104.61 -35.59
N LEU G 215 -45.65 104.42 -34.67
CA LEU G 215 -44.83 103.23 -34.56
C LEU G 215 -43.94 103.08 -35.77
N PRO G 216 -43.04 104.07 -35.96
CA PRO G 216 -42.05 104.06 -37.05
C PRO G 216 -41.31 102.78 -37.04
N PHE G 217 -41.19 102.18 -38.22
CA PHE G 217 -40.41 100.97 -38.41
C PHE G 217 -39.25 101.18 -39.38
N VAL G 218 -38.31 100.27 -39.35
CA VAL G 218 -37.47 100.06 -40.52
C VAL G 218 -37.23 98.60 -40.57
N VAL G 219 -37.49 97.99 -41.71
CA VAL G 219 -37.22 96.57 -41.94
C VAL G 219 -36.07 96.39 -42.92
N ARG G 220 -35.04 95.66 -42.53
CA ARG G 220 -33.88 95.39 -43.35
C ARG G 220 -33.90 93.94 -43.77
N PHE G 221 -33.92 93.72 -45.09
CA PHE G 221 -33.93 92.39 -45.72
C PHE G 221 -32.56 92.09 -46.31
N TYR G 222 -31.87 91.08 -45.79
CA TYR G 222 -30.57 90.66 -46.30
C TYR G 222 -30.77 89.47 -47.20
N LEU G 223 -30.68 89.67 -48.53
CA LEU G 223 -30.71 88.54 -49.50
C LEU G 223 -29.29 88.27 -49.94
N TYR G 224 -28.95 86.99 -50.06
CA TYR G 224 -27.62 86.54 -50.53
C TYR G 224 -27.71 85.72 -51.81
N ALA G 225 -26.63 85.77 -52.58
CA ALA G 225 -26.52 85.01 -53.81
C ALA G 225 -26.74 83.53 -53.51
N ASN G 226 -27.50 82.90 -54.39
CA ASN G 226 -27.77 81.48 -54.32
C ASN G 226 -28.56 80.99 -53.04
N SER G 227 -29.25 81.92 -52.34
CA SER G 227 -30.05 81.57 -51.16
C SER G 227 -31.54 81.88 -51.26
N ALA G 228 -32.32 80.96 -50.72
CA ALA G 228 -33.78 81.14 -50.57
C ALA G 228 -34.17 81.45 -49.13
N THR G 229 -33.17 81.66 -48.28
CA THR G 229 -33.34 82.23 -46.95
C THR G 229 -33.09 83.74 -47.00
N ILE G 230 -33.98 84.48 -46.34
CA ILE G 230 -33.89 85.93 -46.24
C ILE G 230 -33.94 86.25 -44.75
N LYS G 231 -33.01 87.08 -44.32
CA LYS G 231 -32.91 87.46 -42.95
C LYS G 231 -33.54 88.84 -42.86
N VAL G 232 -34.52 88.98 -41.96
CA VAL G 232 -35.30 90.20 -41.77
C VAL G 232 -35.01 90.87 -40.42
N MET G 233 -34.37 92.05 -40.44
CA MET G 233 -34.12 92.79 -39.19
C MET G 233 -35.19 93.86 -39.02
N HIS G 234 -36.25 93.49 -38.28
CA HIS G 234 -37.40 94.34 -37.98
C HIS G 234 -37.21 95.26 -36.77
N SER G 235 -37.10 96.58 -36.98
CA SER G 235 -36.87 97.56 -35.90
C SER G 235 -38.10 98.45 -35.77
N ILE G 236 -38.56 98.69 -34.54
CA ILE G 236 -39.63 99.67 -34.29
C ILE G 236 -39.27 100.62 -33.17
N VAL G 237 -39.96 101.76 -33.12
CA VAL G 237 -39.74 102.79 -32.09
C VAL G 237 -41.07 103.07 -31.44
N PHE G 238 -41.10 103.12 -30.10
CA PHE G 238 -42.39 103.31 -29.37
CA PHE G 238 -42.35 103.28 -29.37
C PHE G 238 -42.72 104.78 -29.30
N ASP G 239 -43.72 105.12 -30.09
CA ASP G 239 -44.12 106.44 -30.49
C ASP G 239 -45.29 106.91 -29.64
N GLY G 240 -46.01 105.97 -29.00
CA GLY G 240 -47.35 106.24 -28.54
C GLY G 240 -47.35 106.93 -27.19
N ASP G 241 -48.54 107.33 -26.76
CA ASP G 241 -48.76 107.91 -25.42
C ASP G 241 -49.32 106.88 -24.42
N GLU G 242 -49.58 107.36 -23.21
CA GLU G 242 -50.33 106.68 -22.15
C GLU G 242 -51.55 105.86 -22.61
N ASN G 243 -52.33 106.33 -23.59
CA ASN G 243 -53.54 105.59 -24.02
C ASN G 243 -53.33 104.64 -25.20
N ASP G 244 -52.08 104.30 -25.50
CA ASP G 244 -51.75 103.38 -26.59
C ASP G 244 -51.19 102.05 -26.03
N PHE G 245 -52.03 101.01 -26.03
CA PHE G 245 -51.65 99.67 -25.57
C PHE G 245 -51.52 98.71 -26.74
N ILE G 246 -50.28 98.40 -27.09
CA ILE G 246 -50.03 97.46 -28.18
C ILE G 246 -50.64 96.10 -27.79
N THR G 247 -51.40 95.52 -28.69
CA THR G 247 -52.14 94.27 -28.47
C THR G 247 -51.55 93.11 -29.30
N GLY G 248 -50.99 93.45 -30.46
CA GLY G 248 -50.36 92.50 -31.35
C GLY G 248 -49.49 93.23 -32.36
N LEU G 249 -48.36 92.64 -32.69
CA LEU G 249 -47.40 93.22 -33.59
C LEU G 249 -46.91 92.01 -34.40
N GLY G 250 -46.89 92.12 -35.71
CA GLY G 250 -46.50 90.95 -36.52
C GLY G 250 -46.06 91.23 -37.93
N ILE G 251 -45.76 90.14 -38.64
CA ILE G 251 -45.54 90.12 -40.08
C ILE G 251 -46.45 89.03 -40.63
N ARG G 252 -47.08 89.29 -41.77
CA ARG G 252 -47.99 88.32 -42.35
C ARG G 252 -47.77 88.18 -43.86
N PHE G 253 -48.05 86.98 -44.36
CA PHE G 253 -47.94 86.68 -45.76
C PHE G 253 -49.14 85.87 -46.21
N ASP G 254 -49.49 86.03 -47.50
CA ASP G 254 -50.44 85.17 -48.19
C ASP G 254 -49.66 84.06 -48.86
N VAL G 255 -50.23 82.85 -48.85
CA VAL G 255 -49.62 81.68 -49.50
C VAL G 255 -50.69 81.16 -50.45
N PRO G 256 -50.38 81.05 -51.77
CA PRO G 256 -51.45 80.79 -52.76
C PRO G 256 -52.29 79.51 -52.71
N LEU G 257 -51.76 78.33 -52.59
CA LEU G 257 -52.68 77.16 -52.40
C LEU G 257 -53.75 76.73 -53.43
N LYS G 258 -54.24 77.62 -54.30
CA LYS G 258 -55.47 77.37 -55.11
C LYS G 258 -55.48 76.07 -55.96
N GLY G 259 -54.41 75.72 -56.63
CA GLY G 259 -54.42 74.40 -57.34
C GLY G 259 -54.38 73.11 -56.48
N GLU G 260 -54.05 73.20 -55.19
CA GLU G 260 -53.74 72.05 -54.36
C GLU G 260 -54.96 71.41 -53.80
N GLU G 261 -55.00 70.10 -53.93
CA GLU G 261 -55.91 69.26 -53.16
C GLU G 261 -55.60 69.46 -51.68
N TYR G 262 -56.66 69.41 -50.87
CA TYR G 262 -56.55 69.64 -49.42
C TYR G 262 -55.50 68.72 -48.80
N TYR G 263 -55.59 67.45 -49.15
CA TYR G 263 -54.63 66.45 -48.73
C TYR G 263 -53.19 66.63 -49.23
N ASP G 264 -52.93 67.64 -50.07
CA ASP G 264 -51.57 67.95 -50.55
C ASP G 264 -51.09 69.31 -50.05
N ARG G 265 -51.84 69.91 -49.12
CA ARG G 265 -51.46 71.15 -48.43
C ARG G 265 -50.98 70.78 -47.07
N HIS G 266 -49.83 71.31 -46.70
CA HIS G 266 -49.13 70.95 -45.48
C HIS G 266 -48.85 72.11 -44.51
N ILE G 267 -48.75 71.72 -43.25
CA ILE G 267 -48.64 72.61 -42.13
C ILE G 267 -47.51 71.99 -41.29
N ARG G 268 -46.48 72.77 -41.00
CA ARG G 268 -45.54 72.40 -39.97
C ARG G 268 -45.33 73.53 -38.95
N PHE G 269 -45.16 73.17 -37.67
CA PHE G 269 -44.58 74.05 -36.66
C PHE G 269 -43.34 73.39 -36.07
N ALA G 270 -42.29 74.15 -35.90
CA ALA G 270 -41.20 73.71 -35.00
C ALA G 270 -41.74 73.52 -33.57
N GLY G 271 -41.39 72.37 -32.98
CA GLY G 271 -41.62 72.08 -31.57
C GLY G 271 -40.35 72.28 -30.77
N VAL G 272 -40.02 71.30 -29.92
CA VAL G 272 -38.98 71.43 -28.89
C VAL G 272 -37.66 70.76 -29.33
N ASP G 273 -36.52 71.44 -29.23
CA ASP G 273 -35.21 70.78 -29.49
C ASP G 273 -35.20 69.81 -30.68
N GLY G 274 -35.55 70.31 -31.87
CA GLY G 274 -35.44 69.51 -33.10
C GLY G 274 -36.77 69.02 -33.60
N GLY G 275 -37.80 69.11 -32.77
CA GLY G 275 -39.12 68.68 -33.15
C GLY G 275 -39.79 69.45 -34.27
N ILE G 276 -40.67 68.73 -34.99
CA ILE G 276 -41.54 69.29 -36.03
C ILE G 276 -42.92 68.65 -35.91
N PHE G 277 -43.94 69.50 -35.93
CA PHE G 277 -45.34 69.07 -36.01
C PHE G 277 -45.68 68.95 -37.48
N ASN G 278 -46.33 67.86 -37.88
CA ASN G 278 -46.45 67.48 -39.31
C ASN G 278 -47.88 67.11 -39.63
N GLU G 279 -48.62 68.04 -40.22
CA GLU G 279 -49.99 67.78 -40.68
C GLU G 279 -50.28 68.38 -42.05
N ALA G 280 -51.41 67.88 -42.56
CA ALA G 280 -52.05 68.26 -43.78
C ALA G 280 -53.47 68.85 -43.55
N VAL G 281 -53.95 69.65 -44.47
CA VAL G 281 -55.19 70.37 -44.21
C VAL G 281 -56.30 69.37 -44.15
N GLN G 282 -56.21 68.34 -44.97
CA GLN G 282 -57.13 67.21 -44.92
C GLN G 282 -56.26 65.98 -44.79
N GLY G 283 -56.30 65.38 -43.61
CA GLY G 283 -55.46 64.27 -43.29
C GLY G 283 -56.10 62.96 -43.66
N ILE G 284 -55.24 62.04 -44.09
CA ILE G 284 -55.58 60.73 -44.58
C ILE G 284 -54.92 59.60 -43.75
N THR G 285 -54.07 59.98 -42.80
CA THR G 285 -53.58 59.09 -41.79
C THR G 285 -54.56 59.05 -40.63
N GLY G 286 -54.67 57.87 -39.99
CA GLY G 286 -55.37 57.68 -38.74
C GLY G 286 -56.85 57.64 -38.95
N LEU G 287 -57.27 57.09 -40.09
CA LEU G 287 -58.69 56.96 -40.38
C LEU G 287 -59.10 55.54 -40.13
N ARG G 288 -60.39 55.28 -40.25
CA ARG G 288 -60.91 53.95 -40.01
C ARG G 288 -60.52 53.00 -41.09
N ARG G 289 -60.17 53.54 -42.26
CA ARG G 289 -59.81 52.78 -43.44
C ARG G 289 -58.52 53.31 -43.93
N ASP G 290 -57.81 52.47 -44.65
CA ASP G 290 -56.46 52.76 -45.01
C ASP G 290 -56.44 53.04 -46.51
N PRO G 291 -56.05 54.23 -46.90
CA PRO G 291 -56.00 54.51 -48.36
C PRO G 291 -54.86 53.80 -49.09
N GLY G 292 -53.82 53.39 -48.34
CA GLY G 292 -52.63 52.71 -48.87
C GLY G 292 -51.43 53.14 -48.03
N GLU G 293 -50.62 52.19 -47.60
CA GLU G 293 -49.46 52.48 -46.75
C GLU G 293 -48.54 53.58 -47.33
N GLU G 294 -48.25 53.46 -48.63
CA GLU G 294 -47.37 54.39 -49.35
C GLU G 294 -47.92 55.80 -49.35
N ILE G 295 -49.25 55.86 -49.53
CA ILE G 295 -50.03 57.09 -49.56
C ILE G 295 -50.01 57.78 -48.22
N ARG G 296 -50.28 57.04 -47.14
CA ARG G 296 -50.11 57.58 -45.79
C ARG G 296 -48.68 58.09 -45.53
N ALA G 297 -47.66 57.36 -45.98
CA ALA G 297 -46.26 57.81 -45.78
C ALA G 297 -45.96 59.06 -46.58
N ALA G 298 -46.46 59.05 -47.80
CA ALA G 298 -46.33 60.15 -48.69
C ALA G 298 -46.88 61.45 -48.03
N GLN G 299 -48.09 61.40 -47.47
CA GLN G 299 -48.69 62.63 -46.97
C GLN G 299 -47.86 63.16 -45.83
N PHE G 300 -47.52 62.28 -44.91
CA PHE G 300 -46.67 62.61 -43.77
C PHE G 300 -45.32 63.20 -44.20
N ALA G 301 -44.81 62.77 -45.33
CA ALA G 301 -43.53 63.30 -45.86
C ALA G 301 -43.65 64.63 -46.55
N GLY G 302 -44.84 65.21 -46.64
CA GLY G 302 -45.08 66.39 -47.50
C GLY G 302 -45.09 66.19 -49.02
N GLN G 303 -45.35 64.97 -49.47
CA GLN G 303 -45.29 64.65 -50.89
C GLN G 303 -46.68 64.67 -51.49
N LYS G 304 -46.74 64.75 -52.81
CA LYS G 304 -47.99 64.88 -53.56
C LYS G 304 -48.61 63.51 -53.63
N LEU G 305 -49.87 63.35 -53.26
CA LEU G 305 -50.44 62.01 -53.16
C LEU G 305 -50.77 61.51 -54.54
N ALA G 306 -50.76 60.20 -54.70
CA ALA G 306 -51.09 59.59 -55.96
C ALA G 306 -52.57 59.87 -56.30
N ASP G 307 -52.94 59.71 -57.57
CA ASP G 307 -54.31 59.97 -58.01
C ASP G 307 -55.26 59.08 -57.21
N THR G 308 -56.43 59.62 -56.88
CA THR G 308 -57.42 58.93 -56.00
C THR G 308 -57.95 57.61 -56.55
N GLU G 309 -58.14 57.59 -57.86
CA GLU G 309 -58.23 56.35 -58.62
C GLU G 309 -57.38 55.19 -58.04
N THR G 310 -56.16 55.43 -57.56
CA THR G 310 -55.31 54.35 -56.97
C THR G 310 -55.56 53.96 -55.49
N TRP G 311 -56.25 54.84 -54.74
CA TRP G 311 -56.48 54.67 -53.30
C TRP G 311 -57.49 53.55 -53.08
N GLU G 312 -57.54 53.04 -51.86
CA GLU G 312 -58.59 52.12 -51.46
C GLU G 312 -59.87 52.93 -51.47
N PRO G 313 -60.86 52.50 -52.27
CA PRO G 313 -62.06 53.35 -52.47
C PRO G 313 -62.92 53.59 -51.21
N ARG G 314 -62.86 52.73 -50.22
CA ARG G 314 -63.54 53.04 -48.94
C ARG G 314 -63.08 54.37 -48.32
N VAL G 315 -61.83 54.77 -48.60
CA VAL G 315 -61.34 56.12 -48.27
C VAL G 315 -61.79 57.14 -49.31
N SER G 316 -61.36 56.97 -50.58
CA SER G 316 -61.46 58.06 -51.58
C SER G 316 -62.88 58.55 -51.81
N THR G 317 -63.85 57.63 -51.70
CA THR G 317 -65.26 57.98 -51.91
C THR G 317 -65.88 58.71 -50.73
N ARG G 318 -65.12 58.88 -49.66
CA ARG G 318 -65.59 59.46 -48.43
C ARG G 318 -64.81 60.72 -48.04
N LEU G 319 -63.93 61.20 -48.92
CA LEU G 319 -63.18 62.44 -48.71
C LEU G 319 -64.04 63.60 -48.21
N LYS G 320 -65.23 63.77 -48.78
CA LYS G 320 -66.13 64.82 -48.32
C LYS G 320 -66.43 64.78 -46.82
N TRP G 321 -66.39 63.61 -46.18
CA TRP G 321 -66.67 63.47 -44.72
C TRP G 321 -65.47 63.59 -43.77
N ILE G 322 -64.29 63.75 -44.37
CA ILE G 322 -63.08 63.97 -43.60
C ILE G 322 -62.99 65.47 -43.40
N PRO G 323 -62.87 65.91 -42.12
CA PRO G 323 -62.80 67.36 -41.92
C PRO G 323 -61.63 67.97 -42.59
N THR G 324 -61.74 69.28 -42.79
CA THR G 324 -60.75 70.09 -43.46
C THR G 324 -60.37 71.16 -42.49
N TRP G 325 -59.08 71.35 -42.20
CA TRP G 325 -58.62 72.21 -41.10
C TRP G 325 -57.94 73.51 -41.61
N ALA G 326 -58.59 74.64 -41.36
CA ALA G 326 -58.22 75.92 -41.94
C ALA G 326 -57.20 76.67 -41.12
N ASP G 327 -57.37 76.64 -39.79
CA ASP G 327 -56.71 77.60 -38.90
C ASP G 327 -55.87 76.83 -37.90
N TYR G 328 -54.62 77.26 -37.68
CA TYR G 328 -53.71 76.63 -36.70
C TYR G 328 -53.05 77.74 -35.94
N GLY G 329 -52.97 77.62 -34.62
CA GLY G 329 -52.45 78.71 -33.78
C GLY G 329 -51.55 78.19 -32.72
N LEU G 330 -50.30 78.63 -32.74
CA LEU G 330 -49.36 78.34 -31.70
C LEU G 330 -49.18 79.65 -30.89
N THR G 331 -49.26 79.55 -29.56
CA THR G 331 -49.12 80.71 -28.71
C THR G 331 -48.11 80.38 -27.64
N GLN G 332 -47.13 81.23 -27.48
CA GLN G 332 -46.09 81.06 -26.48
C GLN G 332 -46.20 82.30 -25.58
N LEU G 333 -47.02 82.17 -24.53
CA LEU G 333 -47.39 83.29 -23.64
C LEU G 333 -46.50 83.42 -22.39
N THR G 334 -45.71 82.39 -22.08
CA THR G 334 -44.66 82.49 -21.07
C THR G 334 -43.39 81.94 -21.67
N ALA G 335 -42.29 82.09 -20.94
CA ALA G 335 -41.03 81.53 -21.37
C ALA G 335 -41.03 80.01 -21.28
N ASP G 336 -42.04 79.42 -20.65
CA ASP G 336 -41.99 77.99 -20.32
C ASP G 336 -43.01 77.09 -21.01
N GLY G 337 -44.08 77.63 -21.59
CA GLY G 337 -45.18 76.80 -22.11
C GLY G 337 -45.82 77.34 -23.35
N PHE G 338 -45.98 76.49 -24.37
CA PHE G 338 -46.75 76.88 -25.56
C PHE G 338 -48.00 76.05 -25.68
N GLY G 339 -49.04 76.68 -26.23
CA GLY G 339 -50.28 76.03 -26.55
C GLY G 339 -50.35 75.89 -28.07
N LEU G 340 -51.08 74.88 -28.54
CA LEU G 340 -51.25 74.66 -29.95
C LEU G 340 -52.66 74.13 -30.23
N LYS G 341 -53.28 74.60 -31.29
CA LYS G 341 -54.63 74.17 -31.60
C LYS G 341 -54.98 74.42 -33.03
N LYS G 342 -56.10 73.86 -33.48
CA LYS G 342 -56.56 74.09 -34.85
C LYS G 342 -58.06 74.11 -34.94
N ARG G 343 -58.56 74.54 -36.08
CA ARG G 343 -59.97 74.73 -36.26
C ARG G 343 -60.47 74.49 -37.69
N THR G 344 -61.59 73.77 -37.84
CA THR G 344 -62.13 73.59 -39.19
C THR G 344 -62.43 74.91 -39.86
N LYS G 345 -63.07 75.81 -39.10
CA LYS G 345 -63.26 77.23 -39.48
C LYS G 345 -63.97 78.13 -38.43
N ALA G 346 -64.03 79.43 -38.70
CA ALA G 346 -64.73 80.39 -37.83
C ALA G 346 -66.17 79.95 -37.56
N GLY G 347 -66.65 80.14 -36.32
CA GLY G 347 -67.95 79.64 -35.92
C GLY G 347 -67.96 78.22 -35.40
N GLN G 348 -66.77 77.64 -35.23
CA GLN G 348 -66.59 76.32 -34.65
C GLN G 348 -65.55 76.47 -33.57
N SER G 349 -65.59 75.55 -32.62
CA SER G 349 -64.61 75.55 -31.54
C SER G 349 -63.25 75.14 -32.09
N TRP G 350 -62.19 75.54 -31.39
CA TRP G 350 -60.86 74.99 -31.60
C TRP G 350 -60.78 73.62 -30.97
N VAL G 351 -59.94 72.80 -31.60
CA VAL G 351 -59.50 71.51 -31.10
C VAL G 351 -58.07 71.69 -30.60
N ASN G 352 -57.85 71.23 -29.37
CA ASN G 352 -56.54 71.34 -28.75
C ASN G 352 -55.60 70.24 -29.27
N ILE G 353 -54.31 70.59 -29.36
CA ILE G 353 -53.25 69.76 -29.96
C ILE G 353 -52.22 69.47 -28.87
N PRO G 354 -51.68 68.24 -28.84
CA PRO G 354 -50.69 67.98 -27.83
C PRO G 354 -49.50 68.90 -27.97
N SER G 355 -49.09 69.53 -26.90
CA SER G 355 -48.12 70.66 -26.98
C SER G 355 -46.97 70.47 -25.99
N GLY G 356 -46.26 71.55 -25.63
CA GLY G 356 -45.04 71.40 -24.82
C GLY G 356 -44.44 72.65 -24.23
N THR G 357 -43.15 72.62 -24.01
CA THR G 357 -42.52 73.70 -23.30
C THR G 357 -42.15 74.92 -24.15
N ARG G 358 -41.13 74.74 -25.00
CA ARG G 358 -40.42 75.88 -25.63
C ARG G 358 -40.31 75.65 -27.14
N ALA G 359 -41.30 76.17 -27.87
CA ALA G 359 -41.41 76.05 -29.32
C ALA G 359 -40.29 76.84 -29.94
N GLU G 360 -39.54 76.21 -30.84
CA GLU G 360 -38.35 76.82 -31.43
C GLU G 360 -38.68 77.87 -32.51
N GLY G 361 -39.94 78.06 -32.86
CA GLY G 361 -40.40 79.33 -33.44
C GLY G 361 -40.50 79.51 -34.95
N LEU G 362 -40.84 78.45 -35.67
CA LEU G 362 -40.90 78.49 -37.12
C LEU G 362 -42.24 77.91 -37.51
N ALA G 363 -42.87 78.44 -38.54
CA ALA G 363 -44.03 77.80 -39.11
C ALA G 363 -43.98 77.86 -40.61
N TYR G 364 -44.64 76.85 -41.21
CA TYR G 364 -44.67 76.59 -42.67
C TYR G 364 -46.08 76.35 -43.10
N LEU G 365 -46.41 76.93 -44.24
CA LEU G 365 -47.64 76.64 -44.93
C LEU G 365 -47.31 76.56 -46.39
N GLY G 366 -47.93 75.59 -47.04
CA GLY G 366 -47.76 75.44 -48.48
C GLY G 366 -48.24 74.09 -48.94
N GLY G 367 -47.65 73.59 -50.02
CA GLY G 367 -48.12 72.38 -50.69
C GLY G 367 -47.04 71.71 -51.54
N ALA G 368 -47.29 70.45 -51.92
CA ALA G 368 -46.35 69.65 -52.73
C ALA G 368 -46.16 70.17 -54.15
N THR G 369 -47.12 70.95 -54.61
CA THR G 369 -47.30 71.41 -55.96
C THR G 369 -47.18 72.93 -56.05
N GLN G 370 -47.93 73.65 -55.21
CA GLN G 370 -47.89 75.10 -55.20
C GLN G 370 -46.66 75.66 -54.48
N GLY G 371 -46.04 74.84 -53.65
CA GLY G 371 -44.86 75.26 -52.88
C GLY G 371 -45.34 76.05 -51.69
N GLY G 372 -44.45 76.78 -51.04
CA GLY G 372 -44.89 77.60 -49.92
C GLY G 372 -43.78 78.33 -49.20
N LEU G 373 -44.08 78.67 -47.96
CA LEU G 373 -43.29 79.64 -47.25
C LEU G 373 -43.19 79.26 -45.81
N ALA G 374 -42.02 79.52 -45.24
CA ALA G 374 -41.82 79.36 -43.82
C ALA G 374 -41.27 80.64 -43.23
N VAL G 375 -41.85 81.00 -42.11
CA VAL G 375 -41.48 82.19 -41.41
C VAL G 375 -41.13 81.80 -39.98
N GLY G 376 -40.13 82.47 -39.39
CA GLY G 376 -39.85 82.29 -37.97
C GLY G 376 -39.09 83.44 -37.33
N LEU G 377 -39.02 83.40 -36.00
CA LEU G 377 -38.34 84.38 -35.16
C LEU G 377 -37.15 83.76 -34.47
N ARG G 378 -36.00 84.42 -34.52
CA ARG G 378 -34.86 83.99 -33.74
C ARG G 378 -35.12 84.30 -32.26
N ASP G 379 -34.67 83.40 -31.39
CA ASP G 379 -34.95 83.44 -29.97
C ASP G 379 -36.49 83.54 -29.59
N PHE G 380 -37.39 83.00 -30.43
CA PHE G 380 -38.86 82.93 -30.19
C PHE G 380 -39.28 82.87 -28.72
N TRP G 381 -39.15 81.74 -28.06
CA TRP G 381 -39.63 81.64 -26.68
C TRP G 381 -38.91 82.56 -25.72
N LYS G 382 -37.64 82.86 -26.00
CA LYS G 382 -36.92 83.82 -25.18
C LYS G 382 -37.44 85.29 -25.31
N ARG G 383 -38.35 85.54 -26.24
CA ARG G 383 -38.84 86.86 -26.54
C ARG G 383 -40.36 86.95 -26.41
N TYR G 384 -40.91 86.09 -25.53
CA TYR G 384 -42.35 85.96 -25.26
C TYR G 384 -42.98 87.29 -24.84
N PRO G 385 -44.26 87.57 -25.08
CA PRO G 385 -45.24 86.66 -25.64
C PRO G 385 -45.29 86.73 -27.15
N VAL G 386 -45.20 85.56 -27.79
CA VAL G 386 -45.15 85.42 -29.25
C VAL G 386 -46.10 84.34 -29.69
N GLY G 387 -46.32 84.30 -31.01
CA GLY G 387 -47.20 83.29 -31.64
C GLY G 387 -47.03 83.10 -33.13
N LEU G 388 -47.53 81.97 -33.65
CA LEU G 388 -47.49 81.66 -35.10
C LEU G 388 -48.89 81.29 -35.50
N ASP G 389 -49.40 81.92 -36.55
CA ASP G 389 -50.73 81.63 -37.06
C ASP G 389 -50.66 81.15 -38.49
N ILE G 390 -51.37 80.09 -38.75
CA ILE G 390 -51.77 79.67 -40.05
C ILE G 390 -53.27 79.87 -40.08
N SER G 391 -53.78 80.26 -41.23
CA SER G 391 -55.05 80.93 -41.36
C SER G 391 -55.72 80.68 -42.72
N ASN G 392 -56.99 80.26 -42.72
CA ASN G 392 -57.70 79.90 -43.97
C ASN G 392 -56.91 78.93 -44.91
N ALA G 393 -56.32 77.85 -44.39
CA ALA G 393 -55.56 76.91 -45.25
C ALA G 393 -56.40 76.05 -46.23
N ALA G 394 -57.74 76.10 -46.10
CA ALA G 394 -58.67 75.38 -46.97
C ALA G 394 -59.34 76.25 -48.02
N SER G 395 -58.80 77.45 -48.20
CA SER G 395 -59.26 78.44 -49.19
C SER G 395 -58.29 78.52 -50.34
N ASP G 396 -58.61 79.30 -51.37
CA ASP G 396 -57.71 79.60 -52.48
C ASP G 396 -56.49 80.38 -52.00
N THR G 397 -56.59 81.17 -50.95
CA THR G 397 -55.41 81.83 -50.36
C THR G 397 -55.47 81.62 -48.87
N GLY G 398 -54.33 81.32 -48.26
CA GLY G 398 -54.20 81.15 -46.83
C GLY G 398 -53.18 82.15 -46.41
N GLU G 399 -53.13 82.42 -45.11
CA GLU G 399 -52.23 83.42 -44.52
C GLU G 399 -51.32 82.74 -43.53
N LEU G 400 -50.15 83.32 -43.36
CA LEU G 400 -49.14 82.81 -42.44
C LEU G 400 -48.58 83.98 -41.71
N THR G 401 -48.80 84.01 -40.39
CA THR G 401 -48.42 85.14 -39.56
C THR G 401 -47.40 84.80 -38.44
N LEU G 402 -46.39 85.65 -38.29
CA LEU G 402 -45.51 85.62 -37.14
C LEU G 402 -45.94 86.77 -36.26
N TRP G 403 -46.25 86.48 -35.01
CA TRP G 403 -46.61 87.48 -34.03
C TRP G 403 -45.41 87.70 -33.11
N LEU G 404 -44.91 88.93 -33.13
CA LEU G 404 -43.79 89.37 -32.30
C LEU G 404 -44.25 89.80 -30.87
N TYR G 405 -45.53 90.20 -30.80
CA TYR G 405 -46.30 90.31 -29.59
C TYR G 405 -47.61 89.63 -29.90
N SER G 406 -48.03 88.67 -29.07
CA SER G 406 -49.23 87.86 -29.36
C SER G 406 -50.48 88.56 -28.83
N PRO G 407 -51.50 88.68 -29.69
CA PRO G 407 -52.80 89.12 -29.23
C PRO G 407 -53.40 88.26 -28.10
N ALA G 408 -52.95 87.01 -27.95
CA ALA G 408 -53.43 86.14 -26.82
C ALA G 408 -52.86 86.48 -25.43
N ALA G 409 -51.83 87.33 -25.37
CA ALA G 409 -51.28 87.86 -24.14
C ALA G 409 -52.09 89.08 -23.66
N GLU G 410 -51.78 89.54 -22.45
CA GLU G 410 -52.27 90.83 -21.92
C GLU G 410 -51.69 91.99 -22.75
N PRO G 411 -52.45 93.09 -22.92
CA PRO G 411 -51.89 94.22 -23.65
C PRO G 411 -50.55 94.63 -23.12
N LEU G 412 -49.66 95.10 -23.99
CA LEU G 412 -48.35 95.60 -23.58
C LEU G 412 -48.53 96.94 -22.85
N ASP G 413 -48.41 96.92 -21.52
CA ASP G 413 -48.58 98.09 -20.70
C ASP G 413 -47.21 98.65 -20.37
N LEU G 414 -46.93 99.83 -20.93
CA LEU G 414 -45.63 100.50 -20.80
C LEU G 414 -45.64 101.67 -19.84
N ARG G 415 -46.79 101.92 -19.23
CA ARG G 415 -46.98 103.08 -18.37
C ARG G 415 -46.12 102.94 -17.11
N PRO G 416 -46.07 104.00 -16.29
CA PRO G 416 -45.11 103.88 -15.20
C PRO G 416 -45.64 103.00 -14.10
N PHE G 417 -44.73 102.33 -13.41
CA PHE G 417 -45.09 101.33 -12.42
C PHE G 417 -45.60 101.84 -11.08
N HIS G 418 -45.19 103.05 -10.72
CA HIS G 418 -45.78 103.78 -9.61
C HIS G 418 -46.20 105.20 -9.99
N ASP G 419 -47.02 105.82 -9.15
CA ASP G 419 -47.64 107.14 -9.41
C ASP G 419 -46.88 108.37 -8.89
N GLY G 420 -45.76 108.14 -8.23
CA GLY G 420 -44.89 109.20 -7.74
C GLY G 420 -44.76 109.11 -6.22
N LEU G 421 -45.74 108.50 -5.55
CA LEU G 421 -45.70 108.24 -4.10
C LEU G 421 -45.73 109.51 -3.26
N GLY G 422 -46.33 110.57 -3.83
CA GLY G 422 -46.40 111.91 -3.26
C GLY G 422 -45.11 112.71 -3.36
N GLN G 423 -44.13 112.23 -4.13
CA GLN G 423 -42.94 113.03 -4.40
C GLN G 423 -43.30 114.30 -5.22
N ASP G 424 -42.73 115.40 -4.75
CA ASP G 424 -43.13 116.75 -5.17
C ASP G 424 -41.87 117.62 -4.98
N GLY G 425 -40.98 117.59 -5.96
CA GLY G 425 -39.79 118.42 -5.91
C GLY G 425 -38.52 117.62 -5.70
N TYR G 426 -37.40 118.22 -6.10
CA TYR G 426 -36.07 117.59 -6.07
C TYR G 426 -35.67 117.07 -4.70
N GLU G 427 -36.07 117.79 -3.65
CA GLU G 427 -35.71 117.41 -2.29
C GLU G 427 -36.29 116.00 -1.93
N ASP G 428 -37.58 115.84 -2.22
CA ASP G 428 -38.27 114.56 -2.10
C ASP G 428 -37.71 113.45 -2.98
N GLN G 429 -37.36 113.78 -4.23
CA GLN G 429 -36.86 112.78 -5.17
C GLN G 429 -35.55 112.21 -4.70
N LEU G 430 -34.66 113.08 -4.23
CA LEU G 430 -33.35 112.68 -3.68
C LEU G 430 -33.40 112.01 -2.30
N ASP G 431 -34.51 112.21 -1.59
CA ASP G 431 -34.77 111.50 -0.34
C ASP G 431 -35.16 110.04 -0.66
N ALA G 432 -36.15 109.89 -1.57
CA ALA G 432 -36.58 108.58 -2.14
C ALA G 432 -35.42 107.80 -2.72
N LEU G 433 -34.49 108.50 -3.37
CA LEU G 433 -33.24 107.91 -3.90
C LEU G 433 -32.36 107.30 -2.80
N GLU G 434 -32.49 107.79 -1.56
CA GLU G 434 -31.62 107.34 -0.47
C GLU G 434 -31.99 105.94 0.05
N ILE G 435 -33.25 105.53 -0.24
CA ILE G 435 -33.84 104.26 0.20
C ILE G 435 -34.06 103.22 -0.94
N THR G 436 -34.60 103.61 -2.11
CA THR G 436 -34.77 102.69 -3.23
C THR G 436 -33.67 102.73 -4.30
N TYR G 437 -32.89 103.80 -4.32
CA TYR G 437 -31.84 104.05 -5.35
C TYR G 437 -32.46 104.44 -6.68
N GLU G 438 -33.68 105.00 -6.63
CA GLU G 438 -34.41 105.53 -7.77
C GLU G 438 -34.50 107.06 -7.64
N ASP G 439 -33.99 107.74 -8.69
CA ASP G 439 -34.11 109.17 -8.86
C ASP G 439 -35.32 109.41 -9.74
N TRP G 440 -36.50 109.40 -9.15
CA TRP G 440 -37.74 109.63 -9.88
C TRP G 440 -37.99 111.13 -10.19
N GLU G 441 -38.81 111.39 -11.19
CA GLU G 441 -39.37 112.73 -11.47
C GLU G 441 -40.59 112.62 -12.40
N PRO G 442 -41.63 113.45 -12.20
CA PRO G 442 -42.82 113.23 -13.06
C PRO G 442 -42.51 113.45 -14.55
N GLY G 443 -43.18 112.67 -15.41
CA GLY G 443 -42.98 112.73 -16.85
C GLY G 443 -41.69 112.12 -17.39
N PHE G 444 -40.68 111.89 -16.55
CA PHE G 444 -39.45 111.18 -16.98
C PHE G 444 -39.55 109.62 -17.06
N ASP G 445 -40.54 109.03 -16.37
CA ASP G 445 -40.80 107.59 -16.37
C ASP G 445 -41.60 107.20 -17.62
N THR G 446 -40.98 107.41 -18.77
CA THR G 446 -41.71 107.35 -20.04
C THR G 446 -40.95 106.46 -21.01
N PRO G 447 -41.67 105.57 -21.73
CA PRO G 447 -41.06 104.79 -22.80
C PRO G 447 -40.93 105.52 -24.17
N TYR G 448 -41.37 106.78 -24.29
CA TYR G 448 -41.33 107.54 -25.59
C TYR G 448 -39.95 107.49 -26.30
N GLY G 449 -39.90 106.75 -27.40
CA GLY G 449 -38.69 106.66 -28.20
C GLY G 449 -37.71 105.54 -27.90
N ILE G 450 -38.06 104.58 -27.06
CA ILE G 450 -37.27 103.34 -26.96
C ILE G 450 -37.48 102.54 -28.22
N ALA G 451 -36.61 101.57 -28.46
CA ALA G 451 -36.74 100.72 -29.65
C ALA G 451 -36.46 99.29 -29.30
N ARG G 452 -36.84 98.42 -30.23
CA ARG G 452 -36.54 97.01 -30.15
C ARG G 452 -36.44 96.42 -31.55
N THR G 453 -35.42 95.62 -31.74
CA THR G 453 -35.17 95.01 -33.04
C THR G 453 -35.34 93.50 -32.91
N SER G 454 -36.07 92.90 -33.85
CA SER G 454 -36.30 91.46 -33.89
C SER G 454 -35.65 90.84 -35.13
N GLU G 455 -34.98 89.72 -34.96
CA GLU G 455 -34.33 88.98 -36.05
C GLU G 455 -35.27 87.92 -36.62
N VAL G 456 -35.88 88.21 -37.75
CA VAL G 456 -36.87 87.32 -38.38
C VAL G 456 -36.21 86.68 -39.60
N TYR G 457 -36.69 85.48 -39.95
CA TYR G 457 -36.23 84.73 -41.11
C TYR G 457 -37.43 84.28 -41.96
N LEU G 458 -37.31 84.41 -43.29
CA LEU G 458 -38.25 83.83 -44.26
C LEU G 458 -37.47 82.85 -45.10
N PHE G 459 -38.17 81.80 -45.54
CA PHE G 459 -37.59 80.71 -46.28
C PHE G 459 -38.58 80.33 -47.37
N ALA G 460 -38.17 80.35 -48.64
CA ALA G 460 -39.07 79.97 -49.76
C ALA G 460 -38.82 78.54 -50.19
N PHE G 461 -39.89 77.87 -50.61
CA PHE G 461 -39.83 76.45 -51.05
C PHE G 461 -40.64 76.21 -52.30
N ASP G 462 -40.02 75.50 -53.23
CA ASP G 462 -40.64 75.12 -54.48
C ASP G 462 -41.70 74.03 -54.29
N GLN G 463 -41.48 73.14 -53.34
CA GLN G 463 -42.48 72.20 -52.87
C GLN G 463 -42.28 72.09 -51.36
N THR G 464 -43.27 71.53 -50.65
CA THR G 464 -43.15 71.31 -49.22
C THR G 464 -41.86 70.55 -48.96
N PRO G 465 -40.98 71.09 -48.10
CA PRO G 465 -39.70 70.48 -47.85
C PRO G 465 -39.79 69.35 -46.85
N THR G 466 -38.68 68.64 -46.64
CA THR G 466 -38.61 67.56 -45.66
C THR G 466 -38.67 68.16 -44.24
N SER G 467 -39.17 67.39 -43.29
CA SER G 467 -39.11 67.81 -41.90
C SER G 467 -37.67 67.94 -41.42
N ASP G 468 -36.78 67.07 -41.87
CA ASP G 468 -35.35 67.22 -41.53
C ASP G 468 -34.85 68.61 -41.87
N LYS G 469 -35.22 69.10 -43.05
CA LYS G 469 -34.86 70.44 -43.50
C LYS G 469 -35.50 71.56 -42.66
N LEU G 470 -36.79 71.48 -42.39
CA LEU G 470 -37.41 72.50 -41.52
C LEU G 470 -36.75 72.54 -40.16
N ALA G 471 -36.41 71.38 -39.62
CA ALA G 471 -35.70 71.34 -38.38
C ALA G 471 -34.34 72.03 -38.44
N SER G 472 -33.58 71.71 -39.48
CA SER G 472 -32.25 72.29 -39.72
C SER G 472 -32.28 73.84 -39.91
N LEU G 473 -33.31 74.34 -40.62
CA LEU G 473 -33.45 75.78 -40.82
C LEU G 473 -33.88 76.44 -39.51
N THR G 474 -34.83 75.81 -38.84
CA THR G 474 -35.15 76.17 -37.47
C THR G 474 -33.89 76.29 -36.59
N ALA G 475 -32.99 75.32 -36.69
CA ALA G 475 -31.80 75.33 -35.83
C ALA G 475 -30.89 76.48 -36.25
N TYR G 476 -30.82 76.68 -37.59
CA TYR G 476 -30.05 77.74 -38.25
C TYR G 476 -30.49 79.09 -37.69
N MET G 477 -31.77 79.37 -37.83
CA MET G 477 -32.37 80.62 -37.38
C MET G 477 -32.02 80.96 -35.93
N ASN G 478 -32.03 79.97 -35.04
CA ASN G 478 -31.73 80.20 -33.62
C ASN G 478 -30.26 80.22 -33.30
N ASP G 479 -29.43 79.78 -34.25
CA ASP G 479 -27.99 79.92 -34.08
C ASP G 479 -27.35 80.35 -35.41
N PRO G 480 -27.62 81.60 -35.82
CA PRO G 480 -27.20 81.96 -37.16
C PRO G 480 -25.67 81.95 -37.23
N PRO G 481 -25.09 81.19 -38.18
CA PRO G 481 -23.63 81.05 -38.15
C PRO G 481 -22.91 82.33 -38.39
N VAL G 482 -21.76 82.43 -37.73
CA VAL G 482 -20.95 83.62 -37.66
C VAL G 482 -19.51 83.26 -37.97
N LEU G 483 -18.84 84.09 -38.77
CA LEU G 483 -17.40 84.01 -38.96
C LEU G 483 -16.71 85.18 -38.27
N VAL G 484 -15.57 84.89 -37.63
CA VAL G 484 -14.75 85.88 -36.88
C VAL G 484 -13.22 85.66 -37.00
N ALA G 485 -12.50 86.76 -36.86
CA ALA G 485 -11.07 86.81 -36.95
C ALA G 485 -10.45 86.05 -35.81
N GLU G 486 -9.22 85.59 -35.99
CA GLU G 486 -8.49 85.00 -34.89
C GLU G 486 -8.30 86.12 -33.83
N PRO G 487 -8.53 85.82 -32.53
CA PRO G 487 -8.20 86.75 -31.42
C PRO G 487 -6.81 87.37 -31.50
N LYS G 488 -5.81 86.54 -31.66
CA LYS G 488 -4.43 86.96 -31.80
C LYS G 488 -4.28 88.01 -32.92
N TYR G 489 -4.99 87.81 -34.04
CA TYR G 489 -4.93 88.76 -35.17
C TYR G 489 -5.56 90.10 -34.77
N ILE G 490 -6.80 90.08 -34.27
CA ILE G 490 -7.48 91.31 -33.81
C ILE G 490 -6.58 92.12 -32.88
N HIS G 491 -5.89 91.44 -31.96
CA HIS G 491 -4.98 92.11 -31.03
C HIS G 491 -3.78 92.80 -31.70
N GLU G 492 -3.01 92.06 -32.51
CA GLU G 492 -1.92 92.60 -33.36
C GLU G 492 -2.27 93.83 -34.18
N THR G 493 -3.45 93.83 -34.81
CA THR G 493 -3.90 94.98 -35.62
C THR G 493 -4.09 96.25 -34.81
N GLN G 494 -4.41 96.10 -33.52
CA GLN G 494 -4.58 97.21 -32.59
C GLN G 494 -5.77 97.99 -33.03
N ALA G 495 -6.64 97.29 -33.75
CA ALA G 495 -7.75 97.88 -34.50
C ALA G 495 -9.04 97.89 -33.73
N LEU G 496 -9.01 97.39 -32.51
CA LEU G 496 -10.14 97.45 -31.61
C LEU G 496 -9.65 97.64 -30.16
N GLY G 497 -8.74 98.59 -29.96
CA GLY G 497 -8.20 98.89 -28.62
C GLY G 497 -6.90 98.20 -28.22
N GLU G 498 -6.05 98.92 -27.48
CA GLU G 498 -4.79 98.38 -26.97
C GLU G 498 -4.87 97.97 -25.50
N TYR G 499 -6.06 98.13 -24.91
CA TYR G 499 -6.31 97.93 -23.47
C TYR G 499 -6.68 96.44 -23.12
N TRP G 500 -6.30 95.47 -23.95
CA TRP G 500 -6.61 94.05 -23.69
C TRP G 500 -5.66 93.14 -24.43
N ALA G 501 -5.44 91.97 -23.85
CA ALA G 501 -4.43 91.06 -24.33
C ALA G 501 -5.00 89.67 -24.17
N LEU G 502 -4.42 88.70 -24.89
CA LEU G 502 -4.83 87.29 -24.75
C LEU G 502 -4.38 86.75 -23.38
N PRO G 503 -5.08 85.73 -22.84
CA PRO G 503 -4.65 85.11 -21.58
C PRO G 503 -3.54 84.08 -21.73
N GLY G 504 -3.03 83.61 -20.58
CA GLY G 504 -2.39 82.29 -20.47
C GLY G 504 -0.89 82.25 -20.30
N SER G 505 -0.34 83.15 -19.47
CA SER G 505 1.11 83.16 -19.13
C SER G 505 2.02 83.22 -20.37
N SER G 507 2.55 82.05 -14.97
CA SER G 507 2.05 82.92 -13.90
C SER G 507 0.72 82.38 -13.33
N PRO G 508 0.76 81.64 -12.21
CA PRO G 508 -0.46 81.02 -11.66
C PRO G 508 -1.44 81.97 -10.92
N ALA G 509 -1.05 83.22 -10.69
CA ALA G 509 -1.97 84.24 -10.14
C ALA G 509 -2.93 84.75 -11.21
N ALA G 510 -2.40 85.01 -12.41
CA ALA G 510 -3.16 85.32 -13.63
C ALA G 510 -4.18 84.23 -14.02
N ALA G 511 -3.80 82.95 -13.90
CA ALA G 511 -4.71 81.84 -14.22
C ALA G 511 -5.88 81.77 -13.26
N THR G 512 -5.69 82.21 -12.01
CA THR G 512 -6.83 82.18 -11.09
C THR G 512 -7.75 83.37 -11.41
N LEU G 513 -7.17 84.46 -11.89
CA LEU G 513 -7.98 85.53 -12.45
C LEU G 513 -8.77 85.06 -13.66
N GLU G 514 -8.19 84.24 -14.52
CA GLU G 514 -8.96 83.72 -15.66
C GLU G 514 -10.11 82.81 -15.20
N ASP G 515 -9.81 81.96 -14.21
CA ASP G 515 -10.83 81.11 -13.56
C ASP G 515 -11.93 81.99 -12.99
N ARG G 516 -11.56 83.16 -12.50
CA ARG G 516 -12.56 84.07 -11.93
C ARG G 516 -13.41 84.86 -12.94
N LEU G 517 -12.86 85.09 -14.12
CA LEU G 517 -13.64 85.66 -15.21
C LEU G 517 -14.62 84.62 -15.71
N GLN G 518 -14.10 83.40 -15.90
CA GLN G 518 -14.90 82.20 -16.23
C GLN G 518 -16.05 82.03 -15.23
N PHE G 519 -15.73 82.21 -13.95
CA PHE G 519 -16.69 82.00 -12.91
C PHE G 519 -17.81 83.01 -13.06
N ILE G 520 -17.47 84.28 -13.20
CA ILE G 520 -18.47 85.33 -13.41
C ILE G 520 -19.38 85.08 -14.62
N PHE G 521 -18.76 84.77 -15.76
CA PHE G 521 -19.54 84.54 -16.98
C PHE G 521 -20.51 83.35 -16.87
N ASP G 522 -20.05 82.22 -16.30
CA ASP G 522 -20.90 81.02 -16.17
C ASP G 522 -22.12 81.33 -15.30
N PHE G 523 -21.88 82.07 -14.20
CA PHE G 523 -22.93 82.42 -13.25
C PHE G 523 -23.99 83.31 -13.89
N TYR G 524 -23.54 84.40 -14.52
CA TYR G 524 -24.40 85.34 -15.23
C TYR G 524 -25.20 84.69 -16.36
N LYS G 525 -24.56 83.86 -17.18
CA LYS G 525 -25.25 83.10 -18.24
C LYS G 525 -26.31 82.15 -17.68
N GLY G 526 -26.02 81.58 -16.51
CA GLY G 526 -26.96 80.75 -15.79
C GLY G 526 -28.15 81.55 -15.38
N GLN G 527 -27.89 82.75 -14.86
CA GLN G 527 -28.95 83.57 -14.27
C GLN G 527 -30.05 83.96 -15.26
N ILE G 528 -29.65 84.19 -16.52
CA ILE G 528 -30.59 84.45 -17.60
C ILE G 528 -31.71 83.36 -17.53
N GLU G 529 -31.30 82.08 -17.55
CA GLU G 529 -32.26 80.97 -17.48
C GLU G 529 -33.00 80.93 -16.12
N GLN G 530 -32.20 80.90 -15.04
CA GLN G 530 -32.72 80.57 -13.70
C GLN G 530 -33.73 81.61 -13.25
N ARG G 531 -33.45 82.88 -13.57
CA ARG G 531 -34.34 84.00 -13.25
C ARG G 531 -35.39 84.38 -14.31
N ARG G 532 -35.38 83.68 -15.43
CA ARG G 532 -36.33 83.93 -16.51
C ARG G 532 -36.28 85.35 -17.05
N TRP G 533 -35.05 85.85 -17.22
CA TRP G 533 -34.79 87.15 -17.83
C TRP G 533 -35.00 87.06 -19.33
N TYR G 534 -36.26 86.77 -19.63
CA TYR G 534 -36.76 86.56 -20.96
C TYR G 534 -37.89 87.57 -21.18
N GLY G 535 -38.22 87.76 -22.45
CA GLY G 535 -39.34 88.61 -22.82
C GLY G 535 -39.06 89.57 -23.93
N PHE G 536 -40.15 90.00 -24.55
CA PHE G 536 -40.16 90.81 -25.75
C PHE G 536 -39.24 92.02 -25.62
N LEU G 537 -39.30 92.76 -24.52
CA LEU G 537 -38.36 93.86 -24.27
C LEU G 537 -37.20 93.46 -23.35
N ASP G 538 -37.49 92.64 -22.34
CA ASP G 538 -36.50 92.36 -21.28
C ASP G 538 -35.27 91.61 -21.83
N TYR G 539 -35.47 90.66 -22.75
CA TYR G 539 -34.41 89.70 -23.06
C TYR G 539 -33.14 90.31 -23.58
N GLY G 540 -32.10 90.07 -22.81
CA GLY G 540 -30.75 90.56 -23.15
C GLY G 540 -30.21 91.32 -21.96
N ASP G 541 -31.09 91.92 -21.17
CA ASP G 541 -30.62 92.61 -19.96
C ASP G 541 -30.45 91.58 -18.86
N PHE G 542 -29.89 92.07 -17.75
CA PHE G 542 -29.84 91.36 -16.46
C PHE G 542 -29.95 92.42 -15.33
N MET G 543 -29.79 92.05 -14.06
CA MET G 543 -30.18 92.94 -12.96
C MET G 543 -29.03 93.41 -12.08
N HIS G 544 -29.28 94.42 -11.26
CA HIS G 544 -28.21 95.23 -10.66
C HIS G 544 -27.67 94.65 -9.36
N THR G 545 -28.56 94.24 -8.47
CA THR G 545 -28.16 93.88 -7.10
C THR G 545 -29.14 92.88 -6.49
N TYR G 546 -28.57 91.97 -5.72
CA TYR G 546 -29.32 90.88 -5.07
C TYR G 546 -29.92 91.24 -3.72
N ASP G 547 -31.09 90.69 -3.47
CA ASP G 547 -31.73 90.72 -2.16
C ASP G 547 -31.45 89.36 -1.46
N PRO G 548 -30.53 89.33 -0.46
CA PRO G 548 -30.07 88.06 0.07
C PRO G 548 -31.06 87.34 0.98
N ASP G 549 -32.04 88.08 1.51
CA ASP G 549 -33.11 87.50 2.32
C ASP G 549 -34.21 86.82 1.49
N ARG G 550 -34.54 87.40 0.35
CA ARG G 550 -35.59 86.84 -0.53
C ARG G 550 -35.05 85.80 -1.51
N HIS G 551 -33.73 85.86 -1.75
CA HIS G 551 -33.04 85.02 -2.72
C HIS G 551 -33.51 85.34 -4.13
N THR G 552 -33.48 86.64 -4.42
CA THR G 552 -33.97 87.19 -5.69
C THR G 552 -33.17 88.45 -6.02
N TRP G 553 -33.11 88.76 -7.31
CA TRP G 553 -32.52 90.02 -7.76
C TRP G 553 -33.58 91.05 -7.39
N ARG G 554 -33.14 92.27 -7.07
CA ARG G 554 -34.07 93.30 -6.61
C ARG G 554 -34.89 93.92 -7.76
N TYR G 555 -35.64 93.08 -8.46
CA TYR G 555 -36.55 93.50 -9.53
C TYR G 555 -37.62 94.53 -9.15
N ASP G 556 -37.89 94.66 -7.86
CA ASP G 556 -38.99 95.54 -7.37
C ASP G 556 -38.47 96.72 -6.55
N VAL G 557 -37.15 96.91 -6.51
CA VAL G 557 -36.53 97.97 -5.68
C VAL G 557 -35.74 98.96 -6.54
N GLY G 558 -36.46 100.01 -6.94
CA GLY G 558 -35.89 101.18 -7.61
C GLY G 558 -34.71 100.88 -8.49
N GLY G 559 -33.53 101.32 -8.06
CA GLY G 559 -32.30 101.19 -8.85
C GLY G 559 -31.64 99.82 -8.94
N TYR G 560 -32.09 98.84 -8.15
CA TYR G 560 -31.37 97.58 -8.07
C TYR G 560 -31.93 96.48 -8.99
N ALA G 561 -32.88 96.84 -9.87
CA ALA G 561 -33.47 95.93 -10.86
C ALA G 561 -32.68 95.97 -12.20
N TRP G 562 -33.33 96.34 -13.31
CA TRP G 562 -32.68 96.14 -14.62
C TRP G 562 -31.38 96.96 -14.70
N ASP G 563 -30.28 96.34 -15.07
CA ASP G 563 -28.92 96.99 -14.94
C ASP G 563 -28.52 98.09 -15.99
N ASN G 564 -29.11 98.07 -17.18
CA ASN G 564 -28.99 99.15 -18.18
C ASN G 564 -27.56 99.71 -18.17
N SER G 565 -26.64 98.79 -18.49
CA SER G 565 -25.24 99.07 -18.70
C SER G 565 -24.59 99.97 -17.63
N GLU G 566 -25.01 99.79 -16.37
CA GLU G 566 -24.43 100.52 -15.26
C GLU G 566 -23.10 99.93 -14.85
N LEU G 567 -22.05 100.75 -14.90
CA LEU G 567 -20.62 100.36 -14.78
C LEU G 567 -20.12 99.45 -15.88
N SER G 568 -20.73 99.55 -17.06
CA SER G 568 -20.11 99.06 -18.31
C SER G 568 -19.92 97.56 -18.44
N PRO G 569 -20.98 96.81 -18.18
CA PRO G 569 -20.84 95.37 -18.37
C PRO G 569 -20.59 95.05 -19.83
N ASP G 570 -21.17 95.84 -20.69
CA ASP G 570 -20.99 95.68 -22.13
C ASP G 570 -19.52 95.68 -22.49
N LEU G 571 -18.74 96.60 -21.91
CA LEU G 571 -17.30 96.61 -22.14
C LEU G 571 -16.67 95.31 -21.68
N PHE G 572 -16.98 94.87 -20.46
CA PHE G 572 -16.44 93.58 -19.98
C PHE G 572 -16.77 92.39 -20.88
N PHE G 573 -18.05 92.14 -21.10
CA PHE G 573 -18.45 90.95 -21.85
C PHE G 573 -17.96 90.89 -23.30
N TRP G 574 -17.75 92.06 -23.93
CA TRP G 574 -17.22 92.16 -25.29
C TRP G 574 -15.71 91.98 -25.28
N LEU G 575 -15.03 92.57 -24.31
CA LEU G 575 -13.62 92.32 -24.13
C LEU G 575 -13.39 90.85 -23.70
N TYR G 576 -14.30 90.29 -22.92
CA TYR G 576 -14.26 88.86 -22.62
C TYR G 576 -14.35 88.03 -23.94
N PHE G 577 -15.22 88.44 -24.87
CA PHE G 577 -15.27 87.71 -26.14
C PHE G 577 -13.96 87.87 -26.92
N LEU G 578 -13.50 89.10 -27.10
CA LEU G 578 -12.32 89.37 -27.92
C LEU G 578 -11.10 88.54 -27.51
N ARG G 579 -10.85 88.48 -26.20
CA ARG G 579 -9.76 87.71 -25.60
C ARG G 579 -9.80 86.20 -25.84
N THR G 580 -11.00 85.63 -25.78
CA THR G 580 -11.21 84.19 -25.71
C THR G 580 -11.70 83.55 -27.01
N GLY G 581 -12.49 84.26 -27.79
CA GLY G 581 -13.04 83.71 -29.04
C GLY G 581 -14.28 82.82 -28.89
N SER G 582 -14.85 82.81 -27.68
CA SER G 582 -15.90 81.88 -27.25
C SER G 582 -17.28 82.17 -27.82
N LYS G 583 -17.96 81.13 -28.29
CA LYS G 583 -19.30 81.27 -28.83
C LYS G 583 -20.29 81.82 -27.80
N ASP G 584 -20.30 81.21 -26.63
CA ASP G 584 -21.20 81.59 -25.53
C ASP G 584 -21.05 83.08 -25.21
N ALA G 585 -19.82 83.54 -25.18
CA ALA G 585 -19.51 84.89 -24.81
C ALA G 585 -20.03 85.90 -25.83
N TYR G 586 -19.77 85.61 -27.10
CA TYR G 586 -20.30 86.42 -28.20
C TYR G 586 -21.80 86.50 -28.07
N ARG G 587 -22.46 85.36 -28.05
CA ARG G 587 -23.93 85.28 -27.92
C ARG G 587 -24.55 85.96 -26.70
N PHE G 588 -23.81 85.98 -25.59
CA PHE G 588 -24.23 86.72 -24.40
C PHE G 588 -23.98 88.22 -24.55
N ALA G 589 -22.85 88.59 -25.14
CA ALA G 589 -22.58 90.00 -25.44
C ALA G 589 -23.51 90.58 -26.54
N GLU G 590 -23.89 89.75 -27.50
CA GLU G 590 -24.75 90.14 -28.63
C GLU G 590 -26.15 90.37 -28.16
N ALA G 591 -26.66 89.46 -27.33
CA ALA G 591 -27.99 89.61 -26.74
C ALA G 591 -28.07 90.89 -25.87
N LEU G 592 -27.04 91.13 -25.05
CA LEU G 592 -26.96 92.34 -24.23
C LEU G 592 -27.04 93.63 -25.09
N THR G 593 -26.15 93.67 -26.07
CA THR G 593 -26.06 94.77 -26.98
C THR G 593 -27.34 94.99 -27.80
N ARG G 594 -28.02 93.93 -28.21
CA ARG G 594 -29.26 94.11 -28.96
C ARG G 594 -30.42 94.69 -28.11
N HIS G 595 -30.26 94.62 -26.81
CA HIS G 595 -31.25 95.13 -25.85
C HIS G 595 -30.86 96.51 -25.33
N THR G 596 -29.63 96.60 -24.94
CA THR G 596 -29.23 97.70 -24.13
C THR G 596 -29.16 98.98 -25.02
N GLY G 597 -28.68 98.86 -26.25
CA GLY G 597 -28.61 99.99 -27.17
C GLY G 597 -29.92 100.31 -27.88
N GLU G 598 -30.95 99.47 -27.65
CA GLU G 598 -32.26 99.62 -28.27
C GLU G 598 -33.30 100.06 -27.22
N VAL G 599 -33.52 99.20 -26.23
CA VAL G 599 -34.59 99.38 -25.26
C VAL G 599 -34.19 100.38 -24.24
N ASP G 600 -32.94 100.34 -23.81
CA ASP G 600 -32.47 101.22 -22.76
C ASP G 600 -32.05 102.62 -23.24
N VAL G 601 -32.33 103.01 -24.50
CA VAL G 601 -32.02 104.36 -25.03
C VAL G 601 -33.15 105.01 -25.82
N TYR G 602 -33.09 106.32 -25.95
CA TYR G 602 -34.12 107.09 -26.66
C TYR G 602 -33.67 107.45 -28.07
N HIS G 603 -34.55 107.20 -29.03
CA HIS G 603 -34.22 107.29 -30.44
C HIS G 603 -34.86 108.48 -31.17
N ILE G 604 -35.90 109.07 -30.55
CA ILE G 604 -36.55 110.28 -31.02
C ILE G 604 -36.82 111.20 -29.85
N GLY G 605 -37.36 112.39 -30.14
CA GLY G 605 -37.82 113.33 -29.13
C GLY G 605 -36.67 114.13 -28.57
N ASP G 606 -37.00 114.90 -27.54
CA ASP G 606 -36.08 115.88 -26.94
C ASP G 606 -34.92 115.22 -26.17
N TRP G 607 -35.13 113.99 -25.73
CA TRP G 607 -34.10 113.24 -25.00
C TRP G 607 -33.28 112.27 -25.86
N LYS G 608 -33.52 112.29 -27.18
CA LYS G 608 -32.81 111.52 -28.18
C LYS G 608 -31.35 111.63 -28.03
N GLY G 609 -30.68 110.48 -27.98
CA GLY G 609 -29.27 110.37 -27.72
C GLY G 609 -28.99 109.95 -26.29
N LEU G 610 -30.01 109.95 -25.45
CA LEU G 610 -29.83 109.52 -24.04
C LEU G 610 -30.47 108.18 -23.77
N GLY G 611 -29.85 107.46 -22.84
CA GLY G 611 -30.43 106.25 -22.25
C GLY G 611 -30.81 106.51 -20.81
N THR G 612 -31.62 105.60 -20.27
CA THR G 612 -32.16 105.67 -18.91
C THR G 612 -31.39 104.78 -17.93
N ARG G 613 -31.17 105.31 -16.73
CA ARG G 613 -30.46 104.67 -15.61
C ARG G 613 -31.19 103.42 -15.14
N HIS G 614 -30.40 102.43 -14.69
CA HIS G 614 -30.90 101.22 -14.04
C HIS G 614 -32.10 101.49 -13.12
N GLY G 615 -33.14 100.70 -13.33
CA GLY G 615 -34.46 100.95 -12.74
C GLY G 615 -35.37 99.74 -12.88
N VAL G 616 -36.55 99.81 -12.27
CA VAL G 616 -37.49 98.69 -12.24
C VAL G 616 -38.04 98.45 -13.64
N GLN G 617 -38.37 99.52 -14.35
CA GLN G 617 -38.59 99.46 -15.78
C GLN G 617 -37.34 100.02 -16.45
N HIS G 618 -37.18 99.69 -17.72
CA HIS G 618 -35.96 100.03 -18.49
C HIS G 618 -35.90 101.52 -18.79
N TRP G 619 -37.04 102.17 -18.59
CA TRP G 619 -37.21 103.60 -18.82
C TRP G 619 -37.70 104.41 -17.59
N SER G 620 -37.78 103.78 -16.41
CA SER G 620 -38.50 104.33 -15.25
C SER G 620 -37.71 105.42 -14.52
N ASP G 621 -36.39 105.35 -14.52
CA ASP G 621 -35.61 106.30 -13.74
C ASP G 621 -35.48 107.70 -14.42
N SER G 622 -35.39 108.78 -13.65
CA SER G 622 -35.29 110.11 -14.27
C SER G 622 -33.89 110.50 -14.77
N ALA G 623 -32.83 109.78 -14.39
CA ALA G 623 -31.49 110.06 -14.92
C ALA G 623 -31.32 109.64 -16.39
N LYS G 624 -31.64 110.55 -17.30
CA LYS G 624 -31.41 110.37 -18.72
C LYS G 624 -30.01 110.91 -19.00
N GLN G 625 -29.10 110.01 -19.35
CA GLN G 625 -27.70 110.35 -19.59
C GLN G 625 -27.07 109.64 -20.76
N ALA G 626 -25.99 110.24 -21.23
CA ALA G 626 -25.23 109.71 -22.33
C ALA G 626 -24.41 108.49 -21.96
N ARG G 627 -24.20 108.21 -20.67
CA ARG G 627 -23.35 107.05 -20.24
C ARG G 627 -24.02 105.70 -20.38
N ILE G 628 -25.33 105.73 -20.58
CA ILE G 628 -26.09 104.55 -20.90
C ILE G 628 -26.09 104.38 -22.41
N SER G 629 -26.44 105.44 -23.16
CA SER G 629 -26.38 105.41 -24.65
C SER G 629 -24.97 105.19 -25.20
N GLN G 630 -23.95 105.54 -24.42
CA GLN G 630 -22.51 105.31 -24.70
C GLN G 630 -22.28 104.39 -25.88
N PRO G 631 -21.87 104.96 -27.02
CA PRO G 631 -21.63 104.13 -28.20
C PRO G 631 -20.36 103.33 -28.18
N GLN G 632 -19.49 103.53 -27.20
CA GLN G 632 -18.34 102.65 -27.04
C GLN G 632 -18.81 101.25 -26.77
N TYR G 633 -19.98 101.15 -26.12
CA TYR G 633 -20.65 99.85 -25.88
C TYR G 633 -21.07 99.06 -27.12
N ARG G 634 -21.16 99.73 -28.27
CA ARG G 634 -21.58 99.13 -29.55
C ARG G 634 -20.47 99.02 -30.59
N LYS G 635 -19.29 99.54 -30.27
CA LYS G 635 -18.18 99.61 -31.23
C LYS G 635 -17.77 98.21 -31.67
N TYR G 636 -17.60 97.31 -30.71
CA TYR G 636 -16.96 96.01 -30.94
C TYR G 636 -17.91 95.19 -31.81
N PHE G 637 -19.18 95.13 -31.42
CA PHE G 637 -20.13 94.40 -32.23
C PHE G 637 -20.27 95.00 -33.62
N PHE G 638 -20.43 96.34 -33.69
CA PHE G 638 -20.56 97.05 -34.96
C PHE G 638 -19.55 96.55 -35.98
N TYR G 639 -18.30 96.39 -35.53
CA TYR G 639 -17.21 96.02 -36.44
C TYR G 639 -17.09 94.51 -36.66
N LEU G 640 -17.14 93.71 -35.60
CA LEU G 640 -17.06 92.25 -35.70
C LEU G 640 -18.20 91.63 -36.51
N SER G 641 -19.36 92.27 -36.47
CA SER G 641 -20.51 91.89 -37.27
C SER G 641 -20.38 92.21 -38.74
N GLY G 642 -19.31 92.89 -39.15
CA GLY G 642 -19.23 93.49 -40.49
C GLY G 642 -20.19 94.66 -40.68
N GLY G 643 -20.21 95.57 -39.73
CA GLY G 643 -20.95 96.79 -39.87
C GLY G 643 -22.45 96.63 -39.82
N ASP G 644 -22.95 95.80 -38.89
CA ASP G 644 -24.40 95.56 -38.76
C ASP G 644 -25.15 96.86 -38.92
N GLU G 645 -26.10 96.88 -39.84
CA GLU G 645 -26.58 98.15 -40.37
C GLU G 645 -27.48 98.87 -39.39
N ARG G 646 -28.28 98.14 -38.62
CA ARG G 646 -29.10 98.78 -37.57
C ARG G 646 -28.23 99.42 -36.51
N VAL G 647 -27.15 98.77 -36.09
CA VAL G 647 -26.22 99.34 -35.11
C VAL G 647 -25.56 100.59 -35.70
N GLY G 648 -25.31 100.56 -37.00
CA GLY G 648 -24.82 101.69 -37.75
C GLY G 648 -25.70 102.91 -37.63
N GLU G 649 -26.99 102.75 -37.88
CA GLU G 649 -27.89 103.88 -37.71
C GLU G 649 -28.08 104.21 -36.20
N LEU G 650 -28.02 103.22 -35.31
CA LEU G 650 -27.99 103.54 -33.88
C LEU G 650 -26.85 104.46 -33.53
N LEU G 651 -25.64 104.08 -33.93
CA LEU G 651 -24.46 104.92 -33.75
C LEU G 651 -24.59 106.37 -34.28
N GLU G 652 -25.33 106.50 -35.37
CA GLU G 652 -25.44 107.79 -36.07
C GLU G 652 -26.45 108.72 -35.39
N GLU G 653 -27.57 108.16 -34.92
CA GLU G 653 -28.50 108.86 -34.03
C GLU G 653 -27.82 109.54 -32.83
N LEU G 654 -26.80 108.93 -32.24
CA LEU G 654 -26.15 109.48 -31.03
C LEU G 654 -25.22 110.69 -31.27
N LEU G 655 -25.03 111.06 -32.53
CA LEU G 655 -24.30 112.29 -32.87
C LEU G 655 -25.15 113.55 -32.53
N ASP G 656 -26.44 113.38 -32.28
CA ASP G 656 -27.28 114.44 -31.76
C ASP G 656 -27.29 114.54 -30.23
N THR G 657 -26.37 113.83 -29.55
CA THR G 657 -26.40 113.79 -28.07
C THR G 657 -26.08 115.16 -27.43
N ASP G 658 -25.08 115.86 -27.95
CA ASP G 658 -24.73 117.20 -27.46
C ASP G 658 -25.89 118.21 -27.53
N LYS G 659 -26.86 117.99 -28.40
CA LYS G 659 -28.05 118.83 -28.39
C LYS G 659 -28.80 118.72 -27.07
N THR G 660 -28.79 117.55 -26.43
CA THR G 660 -29.66 117.31 -25.27
C THR G 660 -29.38 118.22 -24.08
N TYR G 661 -28.13 118.62 -23.88
CA TYR G 661 -27.77 119.48 -22.75
C TYR G 661 -28.39 120.88 -22.77
N GLY G 662 -28.89 121.32 -23.91
CA GLY G 662 -29.75 122.49 -23.95
C GLY G 662 -31.15 122.27 -23.42
N GLU G 663 -31.64 121.03 -23.49
CA GLU G 663 -32.99 120.66 -23.04
C GLU G 663 -33.02 120.11 -21.62
N LEU G 664 -31.91 119.54 -21.16
CA LEU G 664 -31.92 118.75 -19.94
C LEU G 664 -30.57 118.63 -19.30
N ASP G 665 -30.44 119.03 -18.05
CA ASP G 665 -29.17 118.93 -17.31
C ASP G 665 -29.08 117.65 -16.48
N PRO G 666 -28.08 116.80 -16.77
CA PRO G 666 -27.93 115.66 -15.88
C PRO G 666 -27.82 116.07 -14.41
N GLN G 667 -27.10 117.16 -14.11
CA GLN G 667 -26.86 117.57 -12.71
C GLN G 667 -27.92 118.53 -12.11
N ARG G 668 -29.10 118.57 -12.74
CA ARG G 668 -30.11 119.53 -12.37
C ARG G 668 -30.50 119.51 -10.88
N LYS G 669 -30.40 118.35 -10.24
CA LYS G 669 -30.83 118.22 -8.85
C LYS G 669 -29.74 118.38 -7.80
N VAL G 670 -28.46 118.36 -8.18
CA VAL G 670 -27.34 118.18 -7.20
C VAL G 670 -26.16 119.17 -7.31
N ARG G 671 -26.35 120.22 -8.09
CA ARG G 671 -25.28 121.13 -8.52
C ARG G 671 -25.44 122.44 -7.72
N THR G 672 -24.33 122.92 -7.16
CA THR G 672 -24.37 124.01 -6.16
C THR G 672 -24.14 125.40 -6.75
N ASP G 673 -24.05 125.49 -8.08
CA ASP G 673 -23.51 126.65 -8.72
C ASP G 673 -24.59 127.50 -9.39
N GLY G 674 -25.85 127.15 -9.17
CA GLY G 674 -26.97 127.97 -9.66
C GLY G 674 -27.24 128.00 -11.16
N TRP G 675 -26.52 127.21 -11.94
CA TRP G 675 -26.65 127.21 -13.42
C TRP G 675 -27.98 126.57 -13.87
N GLU G 676 -28.41 126.85 -15.10
CA GLU G 676 -29.65 126.32 -15.65
C GLU G 676 -29.51 126.49 -17.18
N PRO G 677 -29.96 125.52 -18.01
CA PRO G 677 -29.88 125.79 -19.44
C PRO G 677 -30.82 126.93 -19.82
N SER G 678 -30.33 127.89 -20.60
CA SER G 678 -31.16 128.99 -21.14
C SER G 678 -31.00 129.04 -22.67
N PRO G 679 -31.96 129.67 -23.40
CA PRO G 679 -31.86 129.57 -24.87
C PRO G 679 -30.62 130.21 -25.56
N ASN G 680 -30.21 129.62 -26.69
CA ASN G 680 -29.01 130.05 -27.47
C ASN G 680 -27.71 130.21 -26.65
N SER G 681 -27.54 129.49 -25.54
CA SER G 681 -26.35 129.66 -24.69
C SER G 681 -25.50 128.40 -24.54
N THR G 682 -24.33 128.55 -23.92
CA THR G 682 -23.54 127.39 -23.55
C THR G 682 -24.37 126.42 -22.70
N VAL G 683 -23.94 125.15 -22.76
CA VAL G 683 -24.66 124.01 -22.17
C VAL G 683 -23.68 123.18 -21.34
N SER G 684 -24.16 122.63 -20.22
CA SER G 684 -23.23 122.01 -19.24
C SER G 684 -23.26 120.47 -19.27
N PHE G 685 -22.05 119.90 -19.30
CA PHE G 685 -21.86 118.46 -19.24
C PHE G 685 -20.54 118.03 -18.56
N GLY G 686 -20.51 116.88 -17.90
CA GLY G 686 -19.31 116.40 -17.19
C GLY G 686 -18.23 115.91 -18.14
N LEU G 687 -16.98 115.88 -17.70
CA LEU G 687 -15.85 115.49 -18.55
C LEU G 687 -15.51 114.02 -18.43
N GLY G 688 -16.36 113.26 -17.72
CA GLY G 688 -16.18 111.83 -17.63
C GLY G 688 -17.37 111.11 -18.23
N THR G 689 -18.49 111.13 -17.50
CA THR G 689 -19.59 110.29 -17.85
C THR G 689 -20.15 110.85 -19.15
N ASP G 690 -20.65 112.07 -19.07
CA ASP G 690 -21.20 112.74 -20.26
C ASP G 690 -20.23 112.78 -21.48
N TRP G 691 -19.00 113.23 -21.25
CA TRP G 691 -18.03 113.41 -22.35
C TRP G 691 -17.51 112.12 -22.96
N SER G 692 -17.30 111.09 -22.15
CA SER G 692 -16.86 109.77 -22.66
C SER G 692 -17.82 109.29 -23.74
N GLY G 693 -19.11 109.49 -23.52
CA GLY G 693 -20.12 109.05 -24.46
C GLY G 693 -20.26 109.91 -25.71
N LEU G 694 -20.04 111.20 -25.54
CA LEU G 694 -20.01 112.14 -26.66
C LEU G 694 -18.80 111.86 -27.54
N ALA G 695 -17.64 111.70 -26.90
CA ALA G 695 -16.37 111.50 -27.62
C ALA G 695 -16.35 110.20 -28.39
N ALA G 696 -16.86 109.14 -27.76
CA ALA G 696 -16.96 107.83 -28.40
C ALA G 696 -17.79 107.92 -29.70
N GLY G 697 -18.95 108.53 -29.60
CA GLY G 697 -19.85 108.77 -30.73
C GLY G 697 -19.17 109.53 -31.84
N TRP G 698 -18.52 110.64 -31.49
CA TRP G 698 -17.72 111.45 -32.46
C TRP G 698 -16.58 110.67 -33.11
N LEU G 699 -15.82 109.92 -32.31
CA LEU G 699 -14.66 109.21 -32.82
C LEU G 699 -15.06 108.15 -33.84
N ILE G 700 -16.15 107.45 -33.56
CA ILE G 700 -16.72 106.38 -34.40
C ILE G 700 -17.10 106.90 -35.77
N GLU G 701 -17.83 108.01 -35.82
CA GLU G 701 -18.20 108.63 -37.10
C GLU G 701 -16.94 109.08 -37.85
N TRP G 702 -15.96 109.62 -37.15
CA TRP G 702 -14.68 109.99 -37.73
C TRP G 702 -14.07 108.73 -38.37
N GLU G 703 -13.94 107.65 -37.59
CA GLU G 703 -13.41 106.34 -38.04
C GLU G 703 -14.20 105.81 -39.24
N ARG G 704 -15.52 105.85 -39.11
CA ARG G 704 -16.43 105.46 -40.16
C ARG G 704 -16.40 106.29 -41.44
N ARG G 705 -15.77 107.48 -41.39
CA ARG G 705 -15.95 108.56 -42.41
C ARG G 705 -17.43 108.71 -42.92
N GLY G 706 -18.39 108.69 -41.99
CA GLY G 706 -19.80 108.91 -42.36
C GLY G 706 -20.15 110.37 -42.65
N PRO G 707 -21.43 110.64 -43.00
CA PRO G 707 -21.86 111.97 -43.48
C PRO G 707 -21.43 113.18 -42.63
N ARG G 708 -21.11 112.95 -41.35
CA ARG G 708 -20.84 113.98 -40.34
C ARG G 708 -19.44 113.86 -39.74
N TRP G 709 -18.53 113.26 -40.51
CA TRP G 709 -17.22 112.94 -39.97
C TRP G 709 -16.35 114.16 -39.69
N GLU G 710 -16.44 115.16 -40.55
CA GLU G 710 -15.74 116.44 -40.35
C GLU G 710 -16.28 117.15 -39.14
N GLU G 711 -17.60 117.17 -38.97
CA GLU G 711 -18.21 117.71 -37.73
C GLU G 711 -17.66 117.00 -36.50
N ALA G 712 -17.70 115.67 -36.54
CA ALA G 712 -17.29 114.84 -35.43
C ALA G 712 -15.82 115.02 -35.05
N LYS G 713 -14.94 114.96 -36.04
CA LYS G 713 -13.53 115.20 -35.81
C LYS G 713 -13.28 116.56 -35.15
N THR G 714 -14.01 117.57 -35.58
CA THR G 714 -13.85 118.90 -35.03
C THR G 714 -14.26 118.91 -33.57
N LYS G 715 -15.47 118.42 -33.27
CA LYS G 715 -15.97 118.33 -31.87
C LYS G 715 -15.09 117.48 -30.94
N LEU G 716 -14.55 116.39 -31.44
CA LEU G 716 -13.63 115.59 -30.67
C LEU G 716 -12.37 116.41 -30.42
N THR G 717 -11.72 116.87 -31.49
CA THR G 717 -10.46 117.65 -31.36
C THR G 717 -10.62 118.89 -30.45
N ASN G 718 -11.70 119.63 -30.62
CA ASN G 718 -11.90 120.88 -29.89
C ASN G 718 -12.05 120.62 -28.41
N THR G 719 -13.05 119.81 -28.07
CA THR G 719 -13.35 119.42 -26.69
C THR G 719 -12.12 118.77 -26.04
N ILE G 720 -11.34 117.98 -26.78
CA ILE G 720 -10.03 117.49 -26.28
C ILE G 720 -9.03 118.62 -25.99
N ALA G 721 -9.04 119.64 -26.86
CA ALA G 721 -8.28 120.88 -26.62
C ALA G 721 -8.85 121.63 -25.42
N GLY G 722 -10.17 121.88 -25.43
CA GLY G 722 -10.91 122.54 -24.33
C GLY G 722 -10.52 122.04 -22.95
N ILE G 723 -10.58 120.71 -22.79
CA ILE G 723 -10.20 120.04 -21.55
C ILE G 723 -8.73 120.31 -21.23
N ALA G 724 -7.85 120.22 -22.23
CA ALA G 724 -6.41 120.48 -22.03
C ALA G 724 -6.12 121.92 -21.55
N ASN G 725 -6.91 122.87 -22.04
CA ASN G 725 -6.70 124.26 -21.68
C ASN G 725 -7.41 124.62 -20.39
N LEU G 726 -8.33 123.78 -19.92
CA LEU G 726 -8.79 123.87 -18.52
C LEU G 726 -7.56 123.70 -17.62
N THR G 727 -7.54 124.45 -16.53
CA THR G 727 -6.34 124.56 -15.74
C THR G 727 -6.19 123.29 -14.91
N ASN G 728 -7.29 122.82 -14.30
CA ASN G 728 -7.27 121.54 -13.58
C ASN G 728 -7.61 120.30 -14.44
N GLY G 729 -7.86 120.51 -15.73
CA GLY G 729 -7.95 119.41 -16.67
C GLY G 729 -9.21 118.63 -16.41
N PHE G 730 -9.06 117.30 -16.38
CA PHE G 730 -10.17 116.40 -16.08
C PHE G 730 -10.67 116.64 -14.65
N VAL G 731 -9.74 116.92 -13.75
CA VAL G 731 -10.07 117.16 -12.35
C VAL G 731 -11.07 118.30 -12.22
N THR G 732 -11.07 119.25 -13.15
CA THR G 732 -12.21 120.17 -13.29
C THR G 732 -13.43 119.26 -13.51
N GLY G 733 -14.54 119.55 -12.87
CA GLY G 733 -15.64 118.56 -12.91
C GLY G 733 -16.32 118.51 -14.25
N SER G 734 -16.72 119.72 -14.65
CA SER G 734 -17.63 119.98 -15.73
C SER G 734 -16.91 120.91 -16.70
N GLY G 735 -17.65 121.31 -17.72
CA GLY G 735 -17.25 122.36 -18.63
C GLY G 735 -18.51 122.96 -19.20
N LEU G 736 -18.36 124.03 -19.97
CA LEU G 736 -19.43 124.61 -20.74
C LEU G 736 -19.03 124.51 -22.21
N TYR G 737 -20.02 124.19 -23.03
CA TYR G 737 -19.80 123.80 -24.40
C TYR G 737 -20.65 124.72 -25.24
N ASP G 738 -20.03 125.37 -26.23
CA ASP G 738 -20.77 126.28 -27.11
C ASP G 738 -21.31 125.42 -28.22
N PRO G 739 -22.62 125.47 -28.46
CA PRO G 739 -23.18 124.66 -29.55
C PRO G 739 -23.01 125.15 -30.99
N VAL G 740 -22.51 126.36 -31.23
CA VAL G 740 -22.29 126.79 -32.64
C VAL G 740 -20.82 126.80 -33.00
N THR G 741 -19.96 127.10 -32.01
CA THR G 741 -18.49 127.11 -32.17
C THR G 741 -17.83 125.82 -31.70
N TRP G 742 -18.56 124.98 -30.97
CA TRP G 742 -18.09 123.65 -30.58
C TRP G 742 -16.80 123.70 -29.76
N THR G 743 -16.76 124.63 -28.83
CA THR G 743 -15.61 124.82 -27.97
C THR G 743 -16.06 124.53 -26.57
N LEU G 744 -15.07 124.20 -25.73
CA LEU G 744 -15.30 123.86 -24.35
C LEU G 744 -14.57 124.81 -23.39
N GLY G 745 -15.36 125.65 -22.71
CA GLY G 745 -14.84 126.51 -21.65
C GLY G 745 -15.04 125.95 -20.26
N PRO G 746 -14.60 126.68 -19.22
CA PRO G 746 -14.67 126.17 -17.86
C PRO G 746 -16.11 126.17 -17.31
N PRO G 747 -16.32 125.61 -16.11
CA PRO G 747 -17.67 125.54 -15.52
C PRO G 747 -18.15 126.87 -14.96
N PRO G 748 -19.47 127.02 -14.76
CA PRO G 748 -20.06 128.33 -14.39
C PRO G 748 -19.51 129.03 -13.12
N SER G 749 -18.96 128.25 -12.18
CA SER G 749 -18.33 128.75 -10.95
C SER G 749 -16.84 129.15 -11.07
N ASP G 750 -16.27 129.01 -12.27
CA ASP G 750 -14.87 129.34 -12.50
C ASP G 750 -14.69 129.99 -13.86
N PRO G 751 -15.48 131.04 -14.16
CA PRO G 751 -15.49 131.63 -15.51
C PRO G 751 -14.09 132.05 -15.97
N GLY G 752 -13.25 132.52 -15.03
CA GLY G 752 -11.87 132.93 -15.34
C GLY G 752 -10.83 131.83 -15.42
N ASN G 753 -11.25 130.56 -15.36
CA ASN G 753 -10.36 129.43 -15.38
C ASN G 753 -9.15 129.53 -14.44
N ARG G 754 -9.42 130.01 -13.22
CA ARG G 754 -8.45 130.00 -12.11
C ARG G 754 -8.19 128.53 -11.57
N GLY G 755 -9.21 127.67 -11.57
CA GLY G 755 -9.10 126.31 -10.98
C GLY G 755 -10.43 125.83 -10.40
N ASN G 756 -10.72 124.56 -10.60
CA ASN G 756 -11.91 123.94 -10.02
C ASN G 756 -11.63 122.48 -9.78
N VAL G 757 -11.97 121.98 -8.59
CA VAL G 757 -11.80 120.54 -8.29
C VAL G 757 -13.13 119.91 -7.90
N SER G 758 -13.57 118.94 -8.69
CA SER G 758 -14.84 118.26 -8.52
C SER G 758 -14.71 116.83 -9.04
N ILE G 759 -14.70 115.88 -8.13
CA ILE G 759 -14.50 114.49 -8.44
C ILE G 759 -15.79 113.74 -8.23
N SER G 760 -16.06 112.82 -9.16
CA SER G 760 -17.10 111.78 -9.05
C SER G 760 -16.43 110.44 -9.33
N HIS G 761 -16.68 109.47 -8.45
CA HIS G 761 -16.26 108.07 -8.64
C HIS G 761 -16.80 107.47 -9.95
N LEU G 762 -17.94 107.99 -10.43
CA LEU G 762 -18.50 107.58 -11.69
C LEU G 762 -17.73 108.00 -12.93
N ASN G 763 -16.86 109.01 -12.85
CA ASN G 763 -16.41 109.66 -14.10
C ASN G 763 -15.64 108.78 -15.06
N ALA G 764 -14.95 107.74 -14.55
CA ALA G 764 -14.04 106.93 -15.40
C ALA G 764 -14.46 105.48 -15.69
N VAL G 765 -15.66 105.12 -15.25
CA VAL G 765 -16.07 103.71 -15.33
C VAL G 765 -17.17 103.48 -16.35
N PHE G 766 -17.49 104.48 -17.17
CA PHE G 766 -18.47 104.36 -18.23
C PHE G 766 -17.80 104.52 -19.55
N GLY G 767 -16.55 104.06 -19.64
CA GLY G 767 -15.88 103.98 -20.91
C GLY G 767 -14.86 105.06 -21.15
N LEU G 768 -14.62 105.95 -20.20
CA LEU G 768 -13.62 107.01 -20.37
C LEU G 768 -12.21 106.54 -20.80
N PRO G 769 -11.51 105.71 -20.00
CA PRO G 769 -10.16 105.24 -20.42
C PRO G 769 -10.08 104.54 -21.79
N GLU G 770 -11.18 103.92 -22.20
CA GLU G 770 -11.25 103.23 -23.49
C GLU G 770 -11.29 104.25 -24.66
N VAL G 771 -12.09 105.30 -24.50
CA VAL G 771 -12.31 106.27 -25.57
C VAL G 771 -11.13 107.20 -25.64
N VAL G 772 -10.61 107.59 -24.48
CA VAL G 772 -9.42 108.41 -24.41
C VAL G 772 -8.24 107.68 -24.99
N SER G 773 -7.99 106.43 -24.59
CA SER G 773 -6.80 105.69 -25.16
C SER G 773 -6.82 105.62 -26.70
N GLU G 774 -8.01 105.32 -27.25
CA GLU G 774 -8.26 105.24 -28.70
C GLU G 774 -8.14 106.65 -29.30
N ALA G 775 -8.75 107.64 -28.63
CA ALA G 775 -8.75 108.99 -29.14
C ALA G 775 -7.36 109.57 -29.26
N ILE G 776 -6.55 109.37 -28.23
CA ILE G 776 -5.15 109.75 -28.28
C ILE G 776 -4.53 109.06 -29.48
N ALA G 777 -4.68 107.74 -29.60
CA ALA G 777 -3.93 106.98 -30.61
C ALA G 777 -4.27 107.51 -31.99
N TYR G 778 -5.55 107.81 -32.18
CA TYR G 778 -6.11 108.20 -33.47
C TYR G 778 -5.71 109.60 -33.89
N LEU G 779 -5.59 110.51 -32.93
CA LEU G 779 -5.11 111.89 -33.18
C LEU G 779 -3.61 111.96 -33.48
N ALA G 780 -2.87 110.93 -33.05
CA ALA G 780 -1.44 110.80 -33.31
C ALA G 780 -0.73 112.13 -32.96
N ASP G 781 0.02 112.72 -33.90
CA ASP G 781 0.72 114.00 -33.67
C ASP G 781 -0.12 115.27 -33.83
N ASP G 782 -1.39 115.15 -34.22
CA ASP G 782 -2.31 116.32 -34.23
C ASP G 782 -2.94 116.55 -32.84
N ILE G 783 -2.49 115.82 -31.82
CA ILE G 783 -3.07 115.90 -30.48
C ILE G 783 -2.81 117.27 -29.79
N PRO G 784 -3.88 117.91 -29.25
CA PRO G 784 -3.64 119.15 -28.49
C PRO G 784 -2.57 119.01 -27.36
N LYS G 785 -1.78 120.06 -27.15
CA LYS G 785 -0.58 120.00 -26.30
C LYS G 785 -0.97 119.72 -24.85
N GLY G 786 -0.28 118.74 -24.24
CA GLY G 786 -0.56 118.30 -22.86
C GLY G 786 -2.00 117.90 -22.53
N PHE G 787 -2.71 117.30 -23.50
CA PHE G 787 -3.97 116.58 -23.22
C PHE G 787 -3.66 115.20 -22.70
N LYS G 788 -2.55 114.62 -23.14
CA LYS G 788 -2.12 113.34 -22.68
C LYS G 788 -1.82 113.46 -21.20
N GLN G 789 -0.94 114.42 -20.86
CA GLN G 789 -0.59 114.66 -19.45
C GLN G 789 -1.83 114.97 -18.58
N ALA G 790 -2.80 115.74 -19.09
CA ALA G 790 -4.04 115.98 -18.30
C ALA G 790 -4.80 114.68 -17.93
N TRP G 791 -4.67 113.65 -18.76
CA TRP G 791 -5.28 112.36 -18.56
C TRP G 791 -4.41 111.52 -17.63
N LEU G 792 -3.10 111.48 -17.89
CA LEU G 792 -2.14 110.88 -16.94
C LEU G 792 -2.27 111.48 -15.52
N ASP G 793 -2.61 112.77 -15.43
CA ASP G 793 -2.92 113.42 -14.16
C ASP G 793 -4.10 112.71 -13.49
N TYR G 794 -5.27 112.65 -14.12
CA TYR G 794 -6.46 112.02 -13.51
C TYR G 794 -6.11 110.61 -13.14
N CYS G 795 -5.35 109.95 -14.01
CA CYS G 795 -4.98 108.57 -13.77
C CYS G 795 -4.12 108.43 -12.53
N TYR G 796 -3.14 109.32 -12.38
CA TYR G 796 -2.25 109.33 -11.22
C TYR G 796 -2.92 109.80 -9.92
N TYR G 797 -3.58 110.94 -9.96
CA TYR G 797 -4.03 111.57 -8.75
C TYR G 797 -5.34 111.03 -8.24
N TYR G 798 -5.97 110.08 -8.93
CA TYR G 798 -7.27 109.57 -8.46
C TYR G 798 -7.18 108.93 -7.06
N HIS G 799 -6.31 107.91 -6.92
CA HIS G 799 -5.98 107.28 -5.62
C HIS G 799 -4.48 107.35 -5.36
N ALA G 800 -3.96 108.57 -5.41
CA ALA G 800 -2.71 108.89 -4.76
C ALA G 800 -3.08 109.33 -3.34
N SER G 801 -2.07 109.65 -2.54
CA SER G 801 -2.28 110.17 -1.19
C SER G 801 -3.04 111.51 -1.23
N ALA G 802 -3.89 111.75 -0.23
CA ALA G 802 -4.47 113.08 0.00
C ALA G 802 -3.40 114.21 0.06
N SER G 803 -2.18 113.87 0.46
CA SER G 803 -1.06 114.79 0.48
C SER G 803 -0.69 115.22 -0.94
N GLU G 804 -0.26 114.27 -1.78
CA GLU G 804 0.08 114.54 -3.18
C GLU G 804 -1.03 115.28 -3.92
N GLN G 805 -2.27 114.95 -3.63
CA GLN G 805 -3.39 115.61 -4.23
C GLN G 805 -3.47 117.09 -3.87
N LYS G 806 -3.19 117.44 -2.61
CA LYS G 806 -3.15 118.86 -2.18
C LYS G 806 -1.97 119.59 -2.83
N ASP G 807 -0.79 118.99 -2.66
CA ASP G 807 0.47 119.29 -3.41
C ASP G 807 0.30 119.76 -4.90
N ARG G 808 -0.64 119.17 -5.64
CA ARG G 808 -0.82 119.45 -7.07
C ARG G 808 -2.06 120.28 -7.36
N TYR G 809 -3.09 120.22 -6.53
CA TYR G 809 -4.40 120.79 -6.92
C TYR G 809 -5.03 121.87 -6.00
N GLY G 810 -4.42 122.11 -4.83
CA GLY G 810 -4.94 123.05 -3.82
C GLY G 810 -5.91 122.47 -2.79
N VAL G 811 -6.12 121.16 -2.86
CA VAL G 811 -7.08 120.45 -2.00
C VAL G 811 -6.86 118.92 -2.20
N SER G 812 -7.30 118.08 -1.25
CA SER G 812 -7.37 116.62 -1.47
C SER G 812 -8.78 116.30 -2.01
N PHE G 813 -9.00 115.07 -2.48
CA PHE G 813 -10.29 114.69 -3.07
C PHE G 813 -11.21 113.99 -2.07
N SER G 814 -12.36 114.61 -1.79
CA SER G 814 -13.40 114.00 -0.94
C SER G 814 -14.12 112.89 -1.72
N LYS G 815 -14.65 111.91 -0.99
CA LYS G 815 -15.52 110.89 -1.58
C LYS G 815 -14.94 110.16 -2.79
N ILE G 816 -13.65 109.79 -2.70
CA ILE G 816 -12.99 108.88 -3.66
C ILE G 816 -13.43 107.42 -3.32
N SER G 817 -13.98 106.70 -4.30
CA SER G 817 -14.32 105.29 -4.10
C SER G 817 -14.22 104.50 -5.41
N LEU G 818 -14.80 103.30 -5.45
CA LEU G 818 -14.58 102.36 -6.54
C LEU G 818 -13.10 102.22 -6.89
N LEU G 819 -12.29 102.01 -5.86
CA LEU G 819 -10.85 101.96 -6.00
C LEU G 819 -10.36 100.81 -6.85
N GLN G 820 -11.11 99.72 -6.88
CA GLN G 820 -10.71 98.52 -7.66
C GLN G 820 -10.94 98.72 -9.15
N ALA G 821 -12.14 99.21 -9.47
CA ALA G 821 -12.51 99.68 -10.82
C ALA G 821 -11.43 100.54 -11.42
N HIS G 822 -10.93 101.46 -10.60
CA HIS G 822 -9.90 102.43 -10.97
C HIS G 822 -8.43 101.97 -10.99
N SER G 823 -8.11 100.82 -10.43
CA SER G 823 -6.75 100.36 -10.58
C SER G 823 -6.32 100.42 -12.05
N ARG G 824 -7.24 100.15 -12.98
CA ARG G 824 -6.91 100.10 -14.42
C ARG G 824 -6.42 101.43 -15.01
N LEU G 825 -6.95 102.55 -14.51
CA LEU G 825 -6.39 103.90 -14.79
C LEU G 825 -4.94 103.97 -14.38
N ALA G 826 -4.66 103.56 -13.14
CA ALA G 826 -3.30 103.53 -12.60
C ALA G 826 -2.39 102.65 -13.44
N ALA G 827 -2.92 101.52 -13.91
CA ALA G 827 -2.16 100.59 -14.75
C ALA G 827 -1.77 101.17 -16.11
N TYR G 828 -2.73 101.87 -16.74
CA TYR G 828 -2.51 102.54 -18.04
C TYR G 828 -1.32 103.50 -17.93
N ALA G 829 -1.47 104.46 -17.02
CA ALA G 829 -0.46 105.48 -16.74
C ALA G 829 0.87 104.90 -16.34
N ALA G 830 0.88 103.76 -15.64
CA ALA G 830 2.13 103.13 -15.23
C ALA G 830 2.90 102.60 -16.43
N TYR G 831 2.23 101.82 -17.26
CA TYR G 831 2.77 101.36 -18.55
C TYR G 831 3.18 102.49 -19.50
N GLU G 832 2.37 103.55 -19.54
CA GLU G 832 2.66 104.70 -20.40
C GLU G 832 3.86 105.51 -19.86
N THR G 833 3.82 105.93 -18.59
CA THR G 833 5.00 106.56 -17.93
C THR G 833 6.22 105.62 -17.68
N LYS G 834 6.04 104.30 -17.83
CA LYS G 834 7.08 103.31 -17.51
C LYS G 834 7.55 103.48 -16.05
N ASN G 835 6.59 103.37 -15.12
CA ASN G 835 6.73 103.63 -13.66
C ASN G 835 6.38 102.37 -12.80
N LYS G 836 7.38 101.52 -12.49
CA LYS G 836 7.20 100.31 -11.66
C LYS G 836 6.46 100.56 -10.31
N THR G 837 6.66 101.73 -9.69
CA THR G 837 5.99 102.06 -8.41
C THR G 837 4.48 102.12 -8.54
N LEU G 838 4.04 102.71 -9.65
CA LEU G 838 2.61 102.93 -9.89
C LEU G 838 1.92 101.62 -10.33
N ALA G 839 2.67 100.71 -10.97
CA ALA G 839 2.16 99.37 -11.30
C ALA G 839 1.87 98.55 -10.02
N LEU G 840 2.77 98.66 -9.05
CA LEU G 840 2.56 98.05 -7.73
C LEU G 840 1.36 98.65 -7.00
N ARG G 841 1.04 99.91 -7.27
CA ARG G 841 -0.10 100.56 -6.66
C ARG G 841 -1.43 100.16 -7.32
N ALA G 842 -1.38 99.83 -8.61
CA ALA G 842 -2.54 99.39 -9.38
C ALA G 842 -2.95 98.01 -8.91
N TRP G 843 -1.98 97.09 -8.94
CA TRP G 843 -2.18 95.76 -8.37
C TRP G 843 -2.63 95.81 -6.88
N LYS G 844 -2.11 96.74 -6.08
CA LYS G 844 -2.56 96.85 -4.67
C LYS G 844 -4.02 97.33 -4.50
N ASP G 845 -4.43 98.30 -5.30
CA ASP G 845 -5.83 98.67 -5.36
C ASP G 845 -6.72 97.50 -5.92
N PHE G 846 -6.18 96.64 -6.80
CA PHE G 846 -6.97 95.51 -7.30
C PHE G 846 -7.22 94.45 -6.22
N TYR G 847 -6.16 93.88 -5.67
CA TYR G 847 -6.26 92.86 -4.63
C TYR G 847 -6.70 93.30 -3.22
N ALA G 848 -6.67 94.59 -2.91
CA ALA G 848 -6.77 94.96 -1.50
C ALA G 848 -7.41 96.29 -1.26
N SER G 849 -8.50 96.57 -1.96
CA SER G 849 -9.25 97.81 -1.74
C SER G 849 -10.73 97.47 -1.55
N ASP G 850 -11.55 97.72 -2.58
CA ASP G 850 -13.00 97.48 -2.57
C ASP G 850 -13.35 96.51 -3.72
N GLY G 851 -14.62 96.47 -4.12
CA GLY G 851 -15.03 95.58 -5.18
C GLY G 851 -15.01 94.13 -4.69
N LEU G 852 -14.45 93.24 -5.50
CA LEU G 852 -14.38 91.82 -5.20
C LEU G 852 -12.98 91.47 -4.73
N LEU G 853 -12.87 91.18 -3.44
CA LEU G 853 -11.59 90.90 -2.79
C LEU G 853 -11.16 89.44 -3.14
N PRO G 854 -9.85 89.14 -3.14
CA PRO G 854 -9.38 87.80 -3.56
C PRO G 854 -9.75 86.64 -2.61
N ASP G 855 -10.08 86.96 -1.37
CA ASP G 855 -10.51 85.98 -0.36
C ASP G 855 -12.01 86.13 -0.04
N ALA G 856 -12.75 86.73 -0.98
CA ALA G 856 -14.21 86.62 -1.03
C ALA G 856 -14.65 85.14 -1.26
N PRO G 857 -15.95 84.86 -1.07
CA PRO G 857 -16.34 83.45 -1.12
C PRO G 857 -15.98 82.71 -2.42
N TRP G 858 -16.13 83.40 -3.56
CA TRP G 858 -15.85 82.88 -4.94
C TRP G 858 -16.43 81.52 -5.16
N ASN G 859 -17.72 81.44 -4.85
CA ASN G 859 -18.48 80.22 -4.98
C ASN G 859 -19.97 80.59 -5.11
N ILE G 860 -20.77 79.65 -5.64
CA ILE G 860 -22.22 79.81 -5.68
C ILE G 860 -22.85 78.90 -4.64
N THR G 861 -23.96 79.36 -4.05
CA THR G 861 -24.80 78.59 -3.16
C THR G 861 -26.13 78.23 -3.81
N HIS G 862 -26.62 77.02 -3.56
CA HIS G 862 -27.90 76.55 -4.07
C HIS G 862 -28.99 76.69 -3.01
N VAL G 863 -30.15 77.19 -3.42
CA VAL G 863 -31.29 77.50 -2.53
C VAL G 863 -32.56 76.90 -3.13
N ASP G 864 -33.35 76.27 -2.28
CA ASP G 864 -34.46 75.48 -2.72
C ASP G 864 -35.46 75.34 -1.57
N GLY G 865 -36.48 74.54 -1.75
CA GLY G 865 -37.44 74.34 -0.71
C GLY G 865 -38.27 75.59 -0.58
N SER G 866 -38.87 75.78 0.59
CA SER G 866 -39.91 76.80 0.75
C SER G 866 -39.36 78.22 0.87
N ASP G 867 -38.03 78.38 0.74
CA ASP G 867 -37.45 79.73 0.62
C ASP G 867 -37.72 80.41 -0.71
N VAL G 868 -37.94 79.66 -1.78
CA VAL G 868 -37.96 80.28 -3.08
C VAL G 868 -38.97 79.61 -4.02
N LEU G 869 -39.41 80.37 -5.02
CA LEU G 869 -40.38 79.95 -5.97
C LEU G 869 -39.87 78.73 -6.74
N VAL G 870 -38.65 78.85 -7.25
CA VAL G 870 -38.00 77.75 -7.95
C VAL G 870 -36.56 77.65 -7.46
N PRO G 871 -35.94 76.47 -7.57
CA PRO G 871 -34.53 76.42 -7.11
C PRO G 871 -33.60 77.39 -7.87
N VAL G 872 -32.73 78.07 -7.13
CA VAL G 872 -31.77 79.01 -7.75
C VAL G 872 -30.37 78.95 -7.19
N ASP G 873 -29.44 79.43 -8.00
CA ASP G 873 -28.07 79.58 -7.63
C ASP G 873 -27.88 81.05 -7.33
N GLU G 874 -27.14 81.34 -6.26
CA GLU G 874 -26.85 82.71 -5.91
C GLU G 874 -25.41 82.93 -5.48
N ALA G 875 -24.97 84.17 -5.64
CA ALA G 875 -23.72 84.68 -5.11
C ALA G 875 -24.03 86.05 -4.50
N ALA G 876 -24.50 86.04 -3.25
CA ALA G 876 -24.98 87.27 -2.62
C ALA G 876 -23.87 88.30 -2.30
N TRP G 877 -22.64 87.80 -2.22
CA TRP G 877 -21.38 88.55 -2.06
C TRP G 877 -20.85 89.38 -3.25
N LEU G 878 -21.60 89.39 -4.36
CA LEU G 878 -21.31 90.24 -5.52
C LEU G 878 -22.58 90.90 -5.97
N ALA G 879 -22.36 91.96 -6.73
CA ALA G 879 -23.38 92.64 -7.51
C ALA G 879 -22.74 92.96 -8.87
N THR G 880 -23.58 93.44 -9.79
CA THR G 880 -23.21 93.57 -11.20
C THR G 880 -22.18 94.66 -11.37
N ASN G 881 -22.31 95.74 -10.63
CA ASN G 881 -21.25 96.77 -10.58
C ASN G 881 -19.88 96.20 -10.29
N ASP G 882 -19.82 95.21 -9.39
CA ASP G 882 -18.54 94.64 -8.94
C ASP G 882 -17.92 93.78 -10.03
N ILE G 883 -18.72 92.92 -10.68
CA ILE G 883 -18.19 91.95 -11.69
C ILE G 883 -17.75 92.62 -12.98
N ALA G 884 -18.44 93.71 -13.30
CA ALA G 884 -18.16 94.50 -14.48
C ALA G 884 -16.79 95.13 -14.39
N GLN G 885 -16.56 95.87 -13.30
CA GLN G 885 -15.30 96.52 -13.08
C GLN G 885 -14.22 95.55 -12.66
N TYR G 886 -14.52 94.57 -11.81
CA TYR G 886 -13.54 93.48 -11.53
C TYR G 886 -13.01 92.95 -12.84
N GLY G 887 -13.95 92.55 -13.73
CA GLY G 887 -13.63 92.09 -15.09
C GLY G 887 -12.80 92.99 -16.01
N LEU G 888 -13.21 94.25 -16.12
CA LEU G 888 -12.41 95.27 -16.81
C LEU G 888 -11.04 95.48 -16.21
N ALA G 889 -10.95 95.43 -14.89
CA ALA G 889 -9.68 95.55 -14.21
C ALA G 889 -8.76 94.36 -14.43
N VAL G 890 -9.28 93.14 -14.46
CA VAL G 890 -8.43 91.97 -14.77
C VAL G 890 -7.81 92.08 -16.18
N ILE G 891 -8.66 92.39 -17.16
CA ILE G 891 -8.25 92.39 -18.57
C ILE G 891 -7.23 93.49 -18.81
N GLN G 892 -7.54 94.68 -18.28
CA GLN G 892 -6.68 95.86 -18.44
C GLN G 892 -5.39 95.83 -17.57
N ASN G 893 -5.47 95.47 -16.29
CA ASN G 893 -4.27 95.31 -15.48
C ASN G 893 -3.36 94.18 -15.99
N LEU G 894 -3.91 93.06 -16.49
CA LEU G 894 -3.04 92.05 -17.14
C LEU G 894 -2.39 92.58 -18.45
N ALA G 895 -3.11 93.42 -19.19
CA ALA G 895 -2.67 93.87 -20.52
C ALA G 895 -1.57 94.89 -20.40
N TYR G 896 -1.82 95.92 -19.60
CA TYR G 896 -0.81 96.95 -19.31
C TYR G 896 0.37 96.50 -18.42
N VAL G 897 0.10 95.83 -17.29
CA VAL G 897 1.11 95.65 -16.20
C VAL G 897 1.26 94.22 -15.68
N SER G 898 1.27 93.23 -16.56
CA SER G 898 1.48 91.85 -16.10
C SER G 898 2.94 91.55 -15.71
N ASP G 899 3.89 92.38 -16.10
CA ASP G 899 5.26 92.24 -15.58
C ASP G 899 5.41 92.65 -14.13
N SER G 900 4.46 93.43 -13.62
CA SER G 900 4.45 93.79 -12.20
C SER G 900 3.59 92.86 -11.33
N LEU G 901 3.06 91.77 -11.90
CA LEU G 901 2.17 90.89 -11.15
C LEU G 901 2.92 90.02 -10.16
N ASP G 902 3.94 89.28 -10.63
CA ASP G 902 4.74 88.40 -9.74
C ASP G 902 5.52 89.19 -8.69
N ASP G 903 6.04 90.34 -9.10
CA ASP G 903 6.68 91.29 -8.20
C ASP G 903 5.73 91.66 -7.04
N TYR G 904 4.48 92.00 -7.37
CA TYR G 904 3.48 92.36 -6.37
C TYR G 904 3.15 91.24 -5.37
N GLN G 905 3.09 90.01 -5.85
CA GLN G 905 2.73 88.84 -5.00
C GLN G 905 3.81 88.51 -3.93
N SER G 906 4.98 89.15 -4.03
CA SER G 906 5.96 89.28 -2.93
C SER G 906 5.56 90.32 -1.86
N PHE H 1 -10.08 -93.45 -63.34
CA PHE H 1 -10.31 -94.11 -62.07
C PHE H 1 -10.24 -93.09 -60.92
N ASN H 2 -10.55 -93.56 -59.72
CA ASN H 2 -10.45 -92.77 -58.49
C ASN H 2 -9.05 -92.22 -58.23
N CYS H 3 -9.03 -90.97 -57.81
CA CYS H 3 -7.81 -90.31 -57.40
C CYS H 3 -7.73 -90.32 -55.89
N THR H 4 -6.57 -90.72 -55.42
CA THR H 4 -6.23 -90.76 -54.01
C THR H 4 -4.95 -89.93 -53.90
N SER H 5 -5.07 -88.80 -53.21
CA SER H 5 -4.02 -87.81 -53.13
C SER H 5 -4.04 -87.14 -51.75
N SER H 6 -2.85 -86.84 -51.24
CA SER H 6 -2.68 -86.13 -49.96
C SER H 6 -1.41 -85.28 -50.01
N SER H 7 -1.22 -84.44 -48.97
CA SER H 7 -0.01 -83.60 -48.82
C SER H 7 0.68 -83.78 -47.47
N ALA H 8 1.99 -83.59 -47.50
CA ALA H 8 2.78 -83.46 -46.30
C ALA H 8 3.79 -82.37 -46.50
N THR H 9 4.09 -81.70 -45.40
CA THR H 9 4.96 -80.55 -45.41
C THR H 9 6.19 -80.85 -44.58
N VAL H 10 7.29 -80.27 -45.02
CA VAL H 10 8.58 -80.50 -44.44
C VAL H 10 9.14 -79.08 -44.16
N HIS H 11 9.75 -78.90 -42.98
CA HIS H 11 10.24 -77.57 -42.56
CA HIS H 11 10.24 -77.58 -42.54
C HIS H 11 11.73 -77.68 -42.19
N TRP H 12 12.43 -76.55 -42.25
CA TRP H 12 13.84 -76.55 -41.85
C TRP H 12 13.95 -76.82 -40.35
N LEU H 13 15.04 -77.47 -39.98
CA LEU H 13 15.20 -77.97 -38.63
C LEU H 13 15.30 -76.82 -37.65
N GLY H 14 16.24 -75.92 -37.86
CA GLY H 14 16.28 -74.70 -37.02
C GLY H 14 15.71 -73.47 -37.72
N ASP H 15 16.53 -72.45 -37.82
CA ASP H 15 16.19 -71.28 -38.60
C ASP H 15 16.36 -71.55 -40.07
N LYS H 16 15.56 -70.85 -40.87
CA LYS H 16 15.70 -70.83 -42.29
C LYS H 16 17.18 -70.59 -42.62
N PRO H 17 17.82 -71.50 -43.37
CA PRO H 17 19.22 -71.28 -43.74
C PRO H 17 19.38 -70.27 -44.86
N THR H 18 20.55 -69.64 -44.95
CA THR H 18 20.84 -68.66 -46.02
C THR H 18 21.53 -69.29 -47.21
N TYR H 19 22.04 -70.50 -47.02
CA TYR H 19 22.58 -71.31 -48.10
C TYR H 19 22.34 -72.77 -47.79
N HIS H 20 21.93 -73.51 -48.82
CA HIS H 20 21.94 -74.97 -48.77
C HIS H 20 22.41 -75.54 -50.11
N ALA H 21 23.02 -76.74 -50.06
CA ALA H 21 23.73 -77.34 -51.19
C ALA H 21 23.01 -78.53 -51.81
N GLY H 22 21.68 -78.46 -51.80
CA GLY H 22 20.81 -79.59 -52.09
C GLY H 22 20.65 -80.47 -50.85
N VAL H 23 19.44 -80.99 -50.59
CA VAL H 23 19.24 -81.82 -49.41
C VAL H 23 18.33 -83.01 -49.66
N THR H 24 18.56 -84.06 -48.89
CA THR H 24 17.71 -85.23 -48.97
C THR H 24 16.88 -85.32 -47.67
N PHE H 25 15.59 -85.54 -47.79
CA PHE H 25 14.74 -85.73 -46.62
C PHE H 25 13.86 -86.96 -46.80
N GLY H 26 13.25 -87.38 -45.70
CA GLY H 26 12.34 -88.52 -45.70
C GLY H 26 10.92 -88.09 -45.53
N LEU H 27 9.96 -88.92 -45.92
CA LEU H 27 8.54 -88.70 -45.59
C LEU H 27 7.79 -90.02 -45.29
N PRO H 28 7.08 -90.10 -44.15
CA PRO H 28 6.22 -91.22 -43.91
C PRO H 28 4.91 -91.11 -44.67
N TRP H 29 4.29 -92.26 -44.92
CA TRP H 29 2.98 -92.31 -45.56
C TRP H 29 2.09 -93.30 -44.85
N PRO H 30 0.76 -93.07 -44.85
CA PRO H 30 -0.12 -93.98 -44.11
C PRO H 30 -0.22 -95.39 -44.72
N GLN H 31 -0.36 -96.39 -43.85
CA GLN H 31 -0.48 -97.79 -44.30
C GLN H 31 -1.55 -97.93 -45.40
N GLY H 32 -1.12 -98.46 -46.54
CA GLY H 32 -2.02 -98.90 -47.59
C GLY H 32 -2.54 -97.78 -48.47
N LYS H 33 -1.86 -96.65 -48.49
CA LYS H 33 -2.38 -95.49 -49.18
C LYS H 33 -1.88 -95.37 -50.60
N TYR H 34 -0.58 -95.59 -50.76
CA TYR H 34 0.08 -95.40 -52.03
C TYR H 34 0.90 -96.62 -52.44
N ARG H 35 0.87 -96.95 -53.73
CA ARG H 35 1.67 -98.05 -54.26
C ARG H 35 2.99 -97.50 -54.78
N PRO H 36 4.10 -98.22 -54.56
CA PRO H 36 5.41 -97.94 -55.15
C PRO H 36 5.38 -97.91 -56.69
N GLN H 37 6.22 -97.10 -57.33
CA GLN H 37 6.28 -97.00 -58.79
C GLN H 37 5.04 -96.47 -59.50
N GLU H 38 3.87 -96.54 -58.87
CA GLU H 38 2.64 -95.92 -59.40
C GLU H 38 2.32 -94.56 -58.80
N THR H 39 3.08 -94.11 -57.82
CA THR H 39 2.70 -92.89 -57.12
C THR H 39 3.65 -91.83 -57.62
N SER H 40 3.08 -90.69 -58.01
CA SER H 40 3.88 -89.55 -58.50
C SER H 40 3.89 -88.45 -57.42
N PHE H 41 4.89 -87.56 -57.49
CA PHE H 41 5.20 -86.63 -56.38
C PHE H 41 5.47 -85.19 -56.85
N SER H 42 4.84 -84.20 -56.21
CA SER H 42 5.03 -82.76 -56.54
C SER H 42 5.71 -82.02 -55.40
N LEU H 43 6.51 -81.02 -55.74
CA LEU H 43 7.03 -80.10 -54.75
C LEU H 43 6.38 -78.73 -54.91
N THR H 44 5.87 -78.20 -53.81
CA THR H 44 5.35 -76.84 -53.73
C THR H 44 6.12 -76.12 -52.59
N GLY H 45 7.17 -75.37 -52.94
CA GLY H 45 7.83 -74.47 -51.98
C GLY H 45 7.20 -73.09 -52.02
N ASP H 46 6.07 -72.88 -51.32
CA ASP H 46 5.28 -71.61 -51.41
C ASP H 46 4.87 -71.32 -52.91
N SER H 51 6.43 -77.84 -59.25
CA SER H 51 7.71 -78.58 -59.46
C SER H 51 7.68 -80.15 -59.33
N GLU H 52 8.41 -80.82 -60.21
CA GLU H 52 8.47 -82.32 -60.28
C GLU H 52 9.59 -82.84 -59.37
N LEU H 53 9.26 -83.66 -58.38
CA LEU H 53 10.21 -83.98 -57.28
C LEU H 53 10.87 -85.36 -57.35
N GLN H 54 12.20 -85.37 -57.24
CA GLN H 54 13.00 -86.61 -57.15
C GLN H 54 12.61 -87.44 -55.94
N SER H 55 12.26 -88.72 -56.18
CA SER H 55 11.64 -89.60 -55.16
C SER H 55 11.92 -91.13 -55.30
N TRP H 56 12.24 -91.75 -54.16
CA TRP H 56 12.47 -93.19 -54.07
C TRP H 56 11.93 -93.77 -52.75
N ALA H 57 11.89 -95.08 -52.64
CA ALA H 57 11.41 -95.72 -51.45
C ALA H 57 12.55 -96.15 -50.50
N THR H 58 12.42 -95.82 -49.22
CA THR H 58 13.29 -96.37 -48.22
C THR H 58 12.65 -97.48 -47.43
N GLY H 59 11.32 -97.48 -47.34
CA GLY H 59 10.63 -98.52 -46.58
C GLY H 59 9.17 -98.72 -46.92
N TYR H 60 8.70 -99.92 -46.64
CA TYR H 60 7.42 -100.40 -47.15
C TYR H 60 6.61 -100.97 -46.02
N TRP H 61 5.30 -100.86 -46.14
CA TRP H 61 4.42 -101.50 -45.21
C TRP H 61 4.32 -102.99 -45.59
N ALA H 62 3.58 -103.76 -44.80
CA ALA H 62 3.46 -105.19 -45.04
C ALA H 62 2.75 -105.51 -46.38
N ASP H 63 1.75 -104.71 -46.75
CA ASP H 63 1.00 -104.93 -48.02
C ASP H 63 1.71 -104.37 -49.26
N GLY H 64 2.95 -103.93 -49.10
CA GLY H 64 3.72 -103.47 -50.20
C GLY H 64 3.58 -101.99 -50.49
N SER H 65 2.75 -101.28 -49.74
CA SER H 65 2.53 -99.86 -49.95
C SER H 65 3.69 -99.06 -49.36
N LEU H 66 3.78 -97.78 -49.73
CA LEU H 66 4.87 -96.94 -49.28
C LEU H 66 4.71 -96.56 -47.82
N LYS H 67 5.73 -96.89 -47.03
CA LYS H 67 5.81 -96.48 -45.63
C LYS H 67 6.65 -95.21 -45.52
N TRP H 68 7.89 -95.26 -46.01
CA TRP H 68 8.77 -94.10 -46.04
C TRP H 68 9.30 -93.86 -47.43
N THR H 69 9.38 -92.60 -47.80
CA THR H 69 10.09 -92.18 -49.02
C THR H 69 11.28 -91.33 -48.65
N ALA H 70 12.18 -91.17 -49.62
CA ALA H 70 13.21 -90.14 -49.57
C ALA H 70 13.05 -89.18 -50.78
N HIS H 71 13.57 -87.97 -50.67
CA HIS H 71 13.45 -86.97 -51.76
C HIS H 71 14.69 -86.10 -51.79
N ALA H 72 15.10 -85.67 -52.98
CA ALA H 72 16.22 -84.73 -53.13
C ALA H 72 15.85 -83.53 -53.92
N ILE H 73 16.09 -82.35 -53.35
CA ILE H 73 16.07 -81.11 -54.15
C ILE H 73 17.48 -80.66 -54.45
N ALA H 74 17.62 -79.86 -55.51
CA ALA H 74 18.92 -79.37 -55.94
C ALA H 74 19.33 -78.16 -55.13
N GLU H 75 20.62 -77.79 -55.25
CA GLU H 75 21.05 -76.46 -54.81
C GLU H 75 20.25 -75.38 -55.60
N SER H 76 19.68 -74.44 -54.83
CA SER H 76 18.96 -73.28 -55.34
C SER H 76 19.34 -72.07 -54.47
N ASN H 77 19.39 -70.89 -55.10
CA ASN H 77 19.38 -69.60 -54.37
C ASN H 77 18.00 -69.34 -53.80
N GLN H 78 16.95 -69.98 -54.32
CA GLN H 78 15.62 -69.82 -53.76
C GLN H 78 15.36 -70.86 -52.68
N ILE H 79 15.25 -70.37 -51.44
CA ILE H 79 15.07 -71.16 -50.24
C ILE H 79 13.77 -70.68 -49.62
N TYR H 80 12.91 -71.61 -49.24
CA TYR H 80 11.54 -71.31 -48.86
C TYR H 80 11.34 -71.66 -47.38
N ASP H 81 10.28 -71.16 -46.77
CA ASP H 81 10.02 -71.47 -45.35
C ASP H 81 9.43 -72.86 -45.17
N GLN H 82 8.66 -73.31 -46.15
CA GLN H 82 8.20 -74.69 -46.16
C GLN H 82 8.16 -75.31 -47.56
N TYR H 83 8.19 -76.63 -47.54
CA TYR H 83 8.33 -77.42 -48.73
C TYR H 83 7.23 -78.44 -48.64
N THR H 84 6.27 -78.36 -49.55
CA THR H 84 5.10 -79.22 -49.52
C THR H 84 5.16 -80.28 -50.65
N VAL H 85 5.13 -81.55 -50.24
CA VAL H 85 5.20 -82.68 -51.16
C VAL H 85 3.77 -83.14 -51.32
N THR H 86 3.33 -83.32 -52.56
CA THR H 86 1.97 -83.78 -52.85
C THR H 86 2.01 -85.10 -53.61
N ALA H 87 1.47 -86.15 -52.98
CA ALA H 87 1.47 -87.51 -53.52
C ALA H 87 0.16 -87.79 -54.24
N SER H 88 0.25 -88.25 -55.49
CA SER H 88 -0.92 -88.73 -56.23
C SER H 88 -0.81 -90.17 -56.76
N SER H 89 -1.91 -90.89 -56.64
CA SER H 89 -2.02 -92.24 -57.17
C SER H 89 -2.25 -92.20 -58.68
N LEU H 90 -2.26 -93.39 -59.30
CA LEU H 90 -2.22 -93.59 -60.76
C LEU H 90 -3.39 -92.99 -61.55
N GLY H 91 -4.58 -93.07 -60.95
CA GLY H 91 -5.78 -92.54 -61.58
C GLY H 91 -5.98 -91.03 -61.55
N CYS H 92 -5.08 -90.29 -60.88
CA CYS H 92 -5.21 -88.83 -60.76
C CYS H 92 -4.82 -88.11 -62.04
N VAL H 93 -5.42 -86.94 -62.27
CA VAL H 93 -5.06 -86.04 -63.39
C VAL H 93 -5.26 -86.78 -64.71
N SER H 107 18.07 -77.72 -64.49
CA SER H 107 19.09 -78.29 -63.59
C SER H 107 19.08 -79.85 -63.48
N SER H 108 19.98 -80.52 -64.24
CA SER H 108 20.12 -81.99 -64.16
C SER H 108 21.60 -82.43 -64.20
N ILE H 109 21.90 -83.49 -63.43
CA ILE H 109 23.29 -84.01 -63.34
C ILE H 109 23.59 -84.85 -64.57
N VAL H 110 24.81 -84.78 -65.07
CA VAL H 110 25.19 -85.62 -66.18
C VAL H 110 26.41 -86.43 -65.75
N VAL H 111 26.25 -87.74 -65.91
CA VAL H 111 27.21 -88.76 -65.57
C VAL H 111 27.68 -89.30 -66.94
N THR H 112 28.96 -89.23 -67.20
CA THR H 112 29.55 -89.85 -68.37
C THR H 112 30.60 -90.79 -67.86
N ASP H 113 30.79 -91.85 -68.61
CA ASP H 113 31.62 -92.97 -68.21
C ASP H 113 32.68 -93.17 -69.30
N ASN H 114 33.90 -93.41 -68.88
CA ASN H 114 35.02 -93.68 -69.77
C ASN H 114 35.53 -95.06 -69.37
N SER H 115 36.66 -95.43 -69.94
CA SER H 115 37.26 -96.71 -69.66
C SER H 115 37.85 -96.65 -68.23
N ASP H 116 38.72 -95.66 -68.00
CA ASP H 116 39.52 -95.49 -66.77
C ASP H 116 38.72 -95.06 -65.53
N ALA H 117 37.63 -94.33 -65.76
CA ALA H 117 37.08 -93.41 -64.75
C ALA H 117 35.73 -92.90 -65.17
N LEU H 118 34.88 -92.57 -64.21
CA LEU H 118 33.59 -91.96 -64.49
C LEU H 118 33.49 -90.52 -63.97
N THR H 119 32.68 -89.70 -64.63
CA THR H 119 32.62 -88.26 -64.41
C THR H 119 31.18 -87.87 -64.02
N VAL H 120 31.02 -87.20 -62.87
CA VAL H 120 29.69 -86.64 -62.42
C VAL H 120 29.72 -85.13 -62.50
N ASN H 121 28.78 -84.60 -63.29
CA ASN H 121 28.68 -83.17 -63.55
C ASN H 121 27.33 -82.58 -63.06
N THR H 122 27.42 -81.55 -62.25
CA THR H 122 26.25 -80.95 -61.64
C THR H 122 25.77 -79.71 -62.39
N GLY H 123 26.61 -79.15 -63.27
CA GLY H 123 26.36 -77.84 -63.85
C GLY H 123 27.19 -76.80 -63.15
N GLU H 124 27.71 -77.12 -61.96
CA GLU H 124 28.69 -76.28 -61.27
C GLU H 124 30.05 -76.94 -61.10
N VAL H 125 30.12 -78.26 -60.95
CA VAL H 125 31.40 -79.02 -60.95
C VAL H 125 31.36 -80.28 -61.77
N ALA H 126 32.53 -80.70 -62.21
CA ALA H 126 32.69 -81.99 -62.84
C ALA H 126 33.81 -82.75 -62.10
N VAL H 127 33.43 -83.81 -61.38
CA VAL H 127 34.37 -84.68 -60.62
C VAL H 127 34.51 -86.00 -61.34
N SER H 128 35.76 -86.38 -61.58
CA SER H 128 36.13 -87.67 -62.14
C SER H 128 36.57 -88.63 -61.04
N PHE H 129 36.02 -89.84 -61.06
CA PHE H 129 36.36 -90.88 -60.11
C PHE H 129 36.99 -92.08 -60.81
N PRO H 130 38.31 -92.31 -60.64
CA PRO H 130 38.93 -93.51 -61.19
C PRO H 130 38.27 -94.81 -60.72
N LYS H 131 38.37 -95.85 -61.51
CA LYS H 131 37.75 -97.17 -61.23
C LYS H 131 38.69 -98.14 -60.55
N GLY H 132 39.93 -97.74 -60.41
CA GLY H 132 40.99 -98.55 -59.83
C GLY H 132 42.13 -97.59 -59.57
N GLY H 133 43.17 -98.04 -58.90
CA GLY H 133 44.31 -97.15 -58.59
C GLY H 133 44.27 -96.55 -57.19
N ASN H 134 45.27 -95.70 -56.93
CA ASN H 134 45.46 -95.09 -55.63
C ASN H 134 45.00 -93.62 -55.55
N VAL H 135 44.05 -93.24 -56.42
CA VAL H 135 43.55 -91.85 -56.52
C VAL H 135 42.02 -91.86 -56.56
N ILE H 136 41.36 -91.33 -55.53
CA ILE H 136 39.89 -91.43 -55.42
C ILE H 136 39.21 -90.49 -56.41
N ILE H 137 39.75 -89.27 -56.53
CA ILE H 137 39.27 -88.27 -57.46
C ILE H 137 40.41 -87.85 -58.37
N GLY H 138 40.16 -87.87 -59.68
CA GLY H 138 41.15 -87.55 -60.67
C GLY H 138 41.32 -86.06 -60.79
N ASP H 139 40.21 -85.39 -61.11
CA ASP H 139 40.15 -83.93 -61.10
C ASP H 139 38.74 -83.42 -60.83
N ILE H 140 38.69 -82.19 -60.30
CA ILE H 140 37.45 -81.41 -60.11
C ILE H 140 37.53 -80.20 -61.04
N LYS H 141 36.59 -80.08 -61.96
CA LYS H 141 36.52 -78.93 -62.87
C LYS H 141 35.37 -78.03 -62.46
N THR H 142 35.46 -76.73 -62.71
CA THR H 142 34.32 -75.81 -62.56
C THR H 142 33.54 -75.68 -63.86
N LYS H 143 32.34 -75.08 -63.86
CA LYS H 143 31.54 -74.90 -65.14
C LYS H 143 32.33 -74.39 -66.37
N SER H 144 33.32 -73.52 -66.16
CA SER H 144 34.19 -73.05 -67.25
C SER H 144 35.19 -74.10 -67.81
N GLY H 145 35.24 -75.31 -67.24
CA GLY H 145 36.25 -76.33 -67.58
C GLY H 145 37.64 -76.11 -66.96
N LYS H 146 37.74 -75.22 -65.99
CA LYS H 146 38.98 -74.99 -65.27
C LYS H 146 39.28 -76.10 -64.21
N VAL H 147 40.48 -76.70 -64.27
CA VAL H 147 40.89 -77.68 -63.26
C VAL H 147 41.31 -76.97 -61.96
N ILE H 148 40.48 -77.12 -60.93
CA ILE H 148 40.71 -76.48 -59.62
C ILE H 148 41.27 -77.38 -58.52
N GLY H 149 41.23 -78.69 -58.73
CA GLY H 149 41.89 -79.65 -57.86
C GLY H 149 42.00 -81.00 -58.52
N ALA H 150 42.96 -81.78 -58.04
CA ALA H 150 43.39 -83.00 -58.70
C ALA H 150 43.88 -83.99 -57.66
N ASN H 151 43.78 -85.27 -58.00
CA ASN H 151 44.43 -86.34 -57.27
C ASN H 151 43.98 -86.45 -55.80
N GLY H 152 42.67 -86.29 -55.61
CA GLY H 152 42.03 -86.73 -54.36
C GLY H 152 42.50 -88.12 -53.90
N ARG H 153 43.06 -88.19 -52.70
CA ARG H 153 43.63 -89.42 -52.17
C ARG H 153 43.44 -89.51 -50.65
N LEU H 154 43.23 -90.73 -50.18
CA LEU H 154 43.25 -91.01 -48.76
C LEU H 154 44.73 -91.15 -48.32
N VAL H 155 45.06 -90.60 -47.16
CA VAL H 155 46.38 -90.84 -46.57
C VAL H 155 46.26 -91.53 -45.19
N LEU H 156 47.25 -92.36 -44.90
CA LEU H 156 47.33 -93.08 -43.62
C LEU H 156 48.79 -93.20 -43.34
N GLN H 157 49.18 -92.84 -42.12
CA GLN H 157 50.52 -93.11 -41.63
C GLN H 157 50.38 -93.89 -40.32
N SER H 158 51.25 -94.89 -40.09
CA SER H 158 51.23 -95.63 -38.83
C SER H 158 52.64 -95.89 -38.29
N GLN H 159 52.73 -96.43 -37.07
CA GLN H 159 54.03 -96.94 -36.57
C GLN H 159 53.95 -98.36 -35.96
N ASP H 160 55.09 -99.06 -36.00
CA ASP H 160 55.22 -100.46 -35.54
C ASP H 160 55.19 -100.59 -34.02
N SER H 161 55.40 -99.47 -33.34
CA SER H 161 55.80 -99.45 -31.96
C SER H 161 55.57 -98.05 -31.32
N VAL H 162 55.55 -97.98 -30.00
CA VAL H 162 55.45 -96.71 -29.26
C VAL H 162 56.30 -96.71 -27.96
N PRO H 163 57.19 -95.74 -27.77
CA PRO H 163 57.99 -95.82 -26.55
C PRO H 163 57.15 -95.69 -25.26
N ASP H 164 57.64 -96.25 -24.15
CA ASP H 164 56.90 -96.27 -22.88
C ASP H 164 56.59 -94.86 -22.37
N ASN H 165 57.56 -93.98 -22.57
CA ASN H 165 57.57 -92.61 -22.06
C ASN H 165 58.58 -91.80 -22.87
N PHE H 166 58.52 -90.48 -22.76
CA PHE H 166 59.35 -89.62 -23.59
C PHE H 166 60.83 -89.98 -23.49
N ASP H 167 61.29 -90.38 -22.30
CA ASP H 167 62.69 -90.73 -22.07
C ASP H 167 63.17 -91.91 -22.87
N ASN H 168 62.26 -92.83 -23.14
CA ASN H 168 62.61 -94.04 -23.81
C ASN H 168 62.77 -93.97 -25.34
N ARG H 169 62.50 -92.81 -25.94
CA ARG H 169 62.69 -92.57 -27.39
C ARG H 169 64.06 -92.91 -27.95
N ALA H 170 65.09 -92.80 -27.11
CA ALA H 170 66.44 -93.16 -27.49
C ALA H 170 66.66 -94.68 -27.53
N ASN H 171 66.03 -95.38 -26.63
CA ASN H 171 66.13 -96.82 -26.58
C ASN H 171 65.05 -97.49 -27.38
N SER H 172 64.09 -96.74 -27.90
CA SER H 172 63.02 -97.33 -28.66
C SER H 172 62.82 -96.76 -30.05
N PRO H 173 63.54 -97.26 -31.02
CA PRO H 173 63.36 -96.80 -32.37
C PRO H 173 62.03 -97.17 -32.94
N ILE H 174 61.57 -96.24 -33.71
CA ILE H 174 60.27 -96.21 -34.28
C ILE H 174 60.29 -96.28 -35.78
N GLN H 175 59.54 -97.20 -36.33
CA GLN H 175 59.47 -97.35 -37.74
C GLN H 175 58.13 -96.95 -38.28
N TYR H 176 58.12 -95.86 -39.02
CA TYR H 176 56.98 -95.25 -39.62
C TYR H 176 56.62 -95.89 -40.92
N SER H 177 55.36 -95.88 -41.26
CA SER H 177 54.84 -96.45 -42.52
C SER H 177 53.74 -95.57 -43.14
N ASN H 178 53.84 -95.29 -44.44
CA ASN H 178 52.87 -94.46 -45.16
C ASN H 178 52.02 -95.34 -46.04
N PHE H 179 50.73 -94.99 -46.12
CA PHE H 179 49.75 -95.66 -46.95
C PHE H 179 48.90 -94.70 -47.78
N ASP H 180 48.15 -95.31 -48.69
CA ASP H 180 47.41 -94.72 -49.79
C ASP H 180 46.09 -95.49 -49.84
N GLY H 181 45.00 -94.86 -50.19
CA GLY H 181 43.77 -95.60 -50.41
C GLY H 181 43.73 -96.19 -51.80
N ASN H 182 43.91 -97.50 -51.89
CA ASN H 182 43.77 -98.26 -53.15
C ASN H 182 42.29 -98.63 -53.42
N ILE H 183 41.83 -98.46 -54.65
CA ILE H 183 40.42 -98.68 -54.95
C ILE H 183 40.13 -100.08 -55.41
N ASN H 184 39.03 -100.65 -54.92
CA ASN H 184 38.60 -102.01 -55.31
C ASN H 184 37.35 -101.98 -56.20
N GLU H 185 36.32 -101.29 -55.73
CA GLU H 185 35.05 -101.13 -56.46
C GLU H 185 34.57 -99.67 -56.38
N VAL H 186 33.86 -99.24 -57.41
CA VAL H 186 33.19 -97.96 -57.44
C VAL H 186 31.75 -98.25 -57.81
N PHE H 187 30.82 -97.68 -57.07
CA PHE H 187 29.39 -97.67 -57.37
C PHE H 187 28.94 -96.24 -57.60
N VAL H 188 27.83 -96.12 -58.35
CA VAL H 188 27.15 -94.85 -58.62
C VAL H 188 25.69 -95.08 -58.42
N ASN H 189 25.00 -94.17 -57.74
CA ASN H 189 23.54 -94.14 -57.75
C ASN H 189 23.14 -92.80 -58.29
N GLN H 190 22.81 -92.78 -59.58
CA GLN H 190 22.55 -91.54 -60.34
C GLN H 190 21.07 -91.26 -60.41
N THR H 191 20.71 -90.03 -60.03
CA THR H 191 19.36 -89.46 -60.20
C THR H 191 19.52 -88.06 -60.79
N SER H 192 18.42 -87.37 -61.12
CA SER H 192 18.55 -86.05 -61.79
C SER H 192 19.15 -85.02 -60.86
N ALA H 193 18.55 -84.97 -59.66
CA ALA H 193 18.83 -83.95 -58.65
C ALA H 193 20.06 -84.29 -57.82
N ARG H 194 20.22 -85.59 -57.52
CA ARG H 194 21.32 -86.10 -56.70
C ARG H 194 22.02 -87.32 -57.29
N THR H 195 23.31 -87.40 -57.08
CA THR H 195 24.08 -88.58 -57.45
C THR H 195 25.09 -88.92 -56.33
N LEU H 196 25.04 -90.19 -55.91
CA LEU H 196 25.91 -90.75 -54.89
C LEU H 196 26.98 -91.70 -55.51
N VAL H 197 28.24 -91.36 -55.34
CA VAL H 197 29.33 -92.18 -55.83
C VAL H 197 29.94 -92.86 -54.60
N THR H 198 29.82 -94.19 -54.49
CA THR H 198 30.37 -94.91 -53.35
C THR H 198 31.69 -95.56 -53.73
N VAL H 199 32.78 -95.27 -53.03
CA VAL H 199 34.07 -95.83 -53.41
C VAL H 199 34.68 -96.66 -52.30
N ARG H 200 34.97 -97.92 -52.58
CA ARG H 200 35.48 -98.89 -51.61
C ARG H 200 36.89 -99.35 -51.75
N GLY H 201 37.48 -99.71 -50.65
CA GLY H 201 38.85 -100.12 -50.67
C GLY H 201 39.57 -100.39 -49.41
N ASN H 202 40.86 -100.37 -49.61
CA ASN H 202 41.89 -100.72 -48.68
C ASN H 202 42.96 -99.67 -48.64
N HIS H 203 43.81 -99.75 -47.64
CA HIS H 203 44.94 -98.87 -47.59
C HIS H 203 46.13 -99.75 -47.88
N THR H 204 47.01 -99.30 -48.73
CA THR H 204 48.15 -100.11 -49.17
C THR H 204 49.44 -99.30 -49.11
N VAL H 205 50.50 -99.97 -48.76
CA VAL H 205 51.70 -99.27 -48.31
C VAL H 205 52.38 -98.47 -49.47
N THR H 206 53.03 -97.35 -49.16
CA THR H 206 53.82 -96.57 -50.15
C THR H 206 55.29 -96.49 -49.70
N ASP H 207 55.65 -95.51 -48.88
CA ASP H 207 57.00 -95.40 -48.32
C ASP H 207 57.05 -96.09 -46.95
N GLY H 208 58.26 -96.41 -46.49
CA GLY H 208 58.49 -96.98 -45.16
C GLY H 208 58.39 -98.50 -45.10
N THR H 209 58.48 -99.02 -43.87
CA THR H 209 58.43 -100.47 -43.54
C THR H 209 57.24 -101.18 -44.17
N ASP H 210 57.51 -102.30 -44.85
CA ASP H 210 56.44 -103.05 -45.51
C ASP H 210 55.35 -103.45 -44.49
N HIS H 211 54.11 -103.39 -44.95
CA HIS H 211 52.94 -103.72 -44.14
C HIS H 211 51.86 -104.23 -45.10
N ASP H 212 51.09 -105.21 -44.66
CA ASP H 212 49.94 -105.73 -45.42
C ASP H 212 48.88 -104.68 -45.72
N PRO H 213 48.15 -104.83 -46.85
CA PRO H 213 46.96 -104.01 -47.00
C PRO H 213 46.08 -104.07 -45.74
N TRP H 214 45.51 -102.93 -45.33
CA TRP H 214 44.59 -102.88 -44.18
C TRP H 214 43.72 -101.63 -44.11
N LEU H 215 42.89 -101.56 -43.07
CA LEU H 215 42.03 -100.42 -42.81
C LEU H 215 41.08 -100.21 -43.96
N PRO H 216 40.12 -101.13 -44.11
CA PRO H 216 39.04 -100.98 -45.10
C PRO H 216 38.33 -99.62 -45.00
N PHE H 217 38.05 -99.01 -46.14
CA PHE H 217 37.35 -97.75 -46.22
C PHE H 217 36.19 -97.84 -47.16
N VAL H 218 35.20 -97.00 -46.95
CA VAL H 218 34.21 -96.72 -47.99
C VAL H 218 33.98 -95.23 -47.91
N VAL H 219 34.11 -94.52 -49.03
CA VAL H 219 33.80 -93.08 -49.08
C VAL H 219 32.58 -92.85 -49.99
N ARG H 220 31.61 -92.13 -49.49
CA ARG H 220 30.44 -91.81 -50.25
C ARG H 220 30.50 -90.31 -50.55
N PHE H 221 30.39 -89.96 -51.83
CA PHE H 221 30.35 -88.59 -52.28
C PHE H 221 28.94 -88.28 -52.72
N TYR H 222 28.27 -87.38 -52.03
CA TYR H 222 26.95 -86.88 -52.47
C TYR H 222 27.16 -85.58 -53.30
N LEU H 223 26.82 -85.64 -54.58
CA LEU H 223 26.86 -84.48 -55.48
C LEU H 223 25.44 -84.13 -55.81
N TYR H 224 25.15 -82.83 -55.85
CA TYR H 224 23.82 -82.33 -56.16
C TYR H 224 23.80 -81.39 -57.37
N ALA H 225 22.69 -81.41 -58.09
CA ALA H 225 22.54 -80.53 -59.26
C ALA H 225 22.63 -79.08 -58.83
N ASN H 226 23.28 -78.30 -59.67
CA ASN H 226 23.53 -76.88 -59.45
C ASN H 226 24.37 -76.56 -58.16
N SER H 227 25.18 -77.50 -57.70
CA SER H 227 26.04 -77.30 -56.53
C SER H 227 27.51 -77.63 -56.78
N ALA H 228 28.37 -76.77 -56.25
CA ALA H 228 29.83 -76.93 -56.28
C ALA H 228 30.35 -77.43 -54.94
N THR H 229 29.44 -77.90 -54.10
CA THR H 229 29.71 -78.48 -52.77
C THR H 229 29.47 -79.97 -52.85
N ILE H 230 30.43 -80.72 -52.33
CA ILE H 230 30.38 -82.18 -52.29
C ILE H 230 30.50 -82.54 -50.84
N LYS H 231 29.52 -83.29 -50.39
CA LYS H 231 29.46 -83.87 -49.07
C LYS H 231 30.12 -85.24 -49.18
N VAL H 232 31.11 -85.50 -48.34
CA VAL H 232 31.95 -86.70 -48.38
C VAL H 232 31.83 -87.48 -47.07
N MET H 233 31.19 -88.64 -47.11
CA MET H 233 31.03 -89.49 -45.94
C MET H 233 32.09 -90.58 -45.89
N HIS H 234 33.15 -90.29 -45.14
CA HIS H 234 34.34 -91.14 -45.00
C HIS H 234 34.24 -92.11 -43.82
N SER H 235 34.23 -93.40 -44.12
CA SER H 235 34.03 -94.47 -43.15
C SER H 235 35.27 -95.38 -43.18
N ILE H 236 35.76 -95.81 -42.00
CA ILE H 236 36.87 -96.77 -41.89
C ILE H 236 36.59 -97.78 -40.79
N VAL H 237 37.20 -98.95 -40.94
CA VAL H 237 37.03 -100.04 -40.00
C VAL H 237 38.39 -100.32 -39.44
N PHE H 238 38.54 -100.34 -38.10
CA PHE H 238 39.88 -100.56 -37.56
C PHE H 238 40.21 -102.04 -37.54
N ASP H 239 41.10 -102.37 -38.46
CA ASP H 239 41.43 -103.67 -38.99
C ASP H 239 42.67 -104.23 -38.30
N GLY H 240 43.46 -103.39 -37.66
CA GLY H 240 44.80 -103.75 -37.28
C GLY H 240 44.88 -104.46 -35.95
N ASP H 241 46.12 -104.82 -35.62
CA ASP H 241 46.43 -105.47 -34.35
C ASP H 241 47.10 -104.47 -33.36
N GLU H 242 47.60 -104.99 -32.24
CA GLU H 242 48.27 -104.18 -31.22
C GLU H 242 49.51 -103.43 -31.71
N ASN H 243 50.23 -103.97 -32.70
CA ASN H 243 51.44 -103.30 -33.22
C ASN H 243 51.15 -102.24 -34.28
N ASP H 244 49.88 -101.90 -34.47
CA ASP H 244 49.46 -100.93 -35.46
C ASP H 244 48.89 -99.66 -34.82
N PHE H 245 49.75 -98.64 -34.75
CA PHE H 245 49.47 -97.38 -34.09
C PHE H 245 49.27 -96.33 -35.15
N ILE H 246 48.02 -95.93 -35.36
CA ILE H 246 47.68 -94.89 -36.36
C ILE H 246 48.33 -93.56 -35.93
N THR H 247 49.03 -92.94 -36.85
CA THR H 247 49.86 -91.78 -36.61
C THR H 247 49.22 -90.58 -37.26
N GLY H 248 48.73 -90.79 -38.48
CA GLY H 248 47.91 -89.81 -39.20
C GLY H 248 46.89 -90.45 -40.16
N LEU H 249 45.81 -89.72 -40.40
CA LEU H 249 44.73 -90.16 -41.26
C LEU H 249 44.19 -88.94 -41.97
N GLY H 250 43.97 -89.03 -43.26
CA GLY H 250 43.58 -87.85 -44.01
C GLY H 250 43.06 -88.03 -45.41
N ILE H 251 42.82 -86.88 -46.02
CA ILE H 251 42.33 -86.72 -47.37
C ILE H 251 43.15 -85.56 -47.89
N ARG H 252 43.69 -85.73 -49.09
CA ARG H 252 44.62 -84.77 -49.66
C ARG H 252 44.28 -84.54 -51.12
N PHE H 253 44.40 -83.28 -51.56
CA PHE H 253 44.30 -82.88 -52.95
C PHE H 253 45.49 -82.05 -53.39
N ASP H 254 45.82 -82.18 -54.67
CA ASP H 254 46.71 -81.23 -55.36
C ASP H 254 45.81 -80.10 -55.84
N VAL H 255 46.37 -78.90 -55.88
CA VAL H 255 45.71 -77.71 -56.41
C VAL H 255 46.77 -77.08 -57.30
N PRO H 256 46.53 -77.03 -58.64
CA PRO H 256 47.57 -76.47 -59.55
C PRO H 256 47.59 -74.94 -59.50
N LEU H 257 48.77 -74.37 -59.36
CA LEU H 257 48.93 -72.94 -59.19
C LEU H 257 49.82 -72.33 -60.21
N LYS H 258 50.33 -73.12 -61.16
CA LYS H 258 51.31 -72.64 -62.14
C LYS H 258 50.70 -71.50 -62.96
N GLY H 259 51.46 -70.40 -63.08
CA GLY H 259 50.97 -69.19 -63.76
C GLY H 259 50.16 -68.20 -62.93
N GLU H 260 49.88 -68.52 -61.67
CA GLU H 260 49.46 -67.52 -60.75
C GLU H 260 50.68 -66.88 -60.21
N GLU H 261 50.66 -65.54 -60.17
CA GLU H 261 51.74 -64.80 -59.52
C GLU H 261 51.62 -65.15 -58.04
N TYR H 262 52.75 -65.29 -57.34
CA TYR H 262 52.76 -65.62 -55.90
C TYR H 262 51.83 -64.71 -55.06
N TYR H 263 51.78 -63.43 -55.43
CA TYR H 263 50.86 -62.45 -54.82
C TYR H 263 49.40 -62.55 -55.23
N ASP H 264 49.06 -63.49 -56.10
CA ASP H 264 47.67 -63.78 -56.44
C ASP H 264 47.25 -65.15 -55.91
N ARG H 265 48.14 -65.82 -55.17
CA ARG H 265 47.82 -67.13 -54.55
C ARG H 265 47.43 -66.85 -53.12
N HIS H 266 46.28 -67.40 -52.76
CA HIS H 266 45.64 -67.15 -51.50
C HIS H 266 45.48 -68.35 -50.58
N ILE H 267 45.44 -68.03 -49.29
CA ILE H 267 45.35 -69.00 -48.23
C ILE H 267 44.29 -68.50 -47.23
N ARG H 268 43.31 -69.33 -46.92
CA ARG H 268 42.39 -69.06 -45.86
C ARG H 268 42.21 -70.28 -44.95
N PHE H 269 42.21 -70.01 -43.63
CA PHE H 269 41.71 -70.94 -42.63
C PHE H 269 40.51 -70.34 -41.92
N ALA H 270 39.51 -71.15 -41.61
CA ALA H 270 38.49 -70.71 -40.68
C ALA H 270 39.08 -70.64 -39.27
N GLY H 271 38.60 -69.66 -38.51
CA GLY H 271 38.99 -69.46 -37.12
C GLY H 271 37.80 -69.73 -36.22
N VAL H 272 37.51 -68.82 -35.31
CA VAL H 272 36.55 -68.99 -34.24
C VAL H 272 35.26 -68.26 -34.59
N ASP H 273 34.12 -68.86 -34.28
CA ASP H 273 32.83 -68.15 -34.29
C ASP H 273 32.66 -67.21 -35.49
N GLY H 274 32.90 -67.72 -36.71
CA GLY H 274 32.73 -66.90 -37.93
C GLY H 274 33.99 -66.27 -38.52
N GLY H 275 35.09 -66.36 -37.79
CA GLY H 275 36.39 -65.89 -38.29
C GLY H 275 37.00 -66.60 -39.51
N ILE H 276 37.83 -65.86 -40.24
CA ILE H 276 38.66 -66.36 -41.34
C ILE H 276 40.03 -65.67 -41.30
N PHE H 277 41.06 -66.50 -41.42
CA PHE H 277 42.44 -66.07 -41.61
C PHE H 277 42.61 -65.79 -43.09
N ASN H 278 43.23 -64.69 -43.48
CA ASN H 278 43.25 -64.26 -44.89
C ASN H 278 44.65 -63.87 -45.27
N GLU H 279 45.38 -64.75 -45.97
CA GLU H 279 46.72 -64.41 -46.45
C GLU H 279 46.97 -64.83 -47.87
N ALA H 280 48.06 -64.27 -48.39
CA ALA H 280 48.61 -64.57 -49.69
C ALA H 280 50.03 -65.20 -49.60
N VAL H 281 50.40 -65.96 -50.61
CA VAL H 281 51.65 -66.66 -50.59
C VAL H 281 52.79 -65.66 -50.54
N GLN H 282 52.68 -64.57 -51.27
CA GLN H 282 53.65 -63.51 -51.16
C GLN H 282 52.81 -62.31 -50.94
N GLY H 283 52.95 -61.74 -49.75
CA GLY H 283 52.12 -60.70 -49.28
C GLY H 283 52.68 -59.34 -49.56
N ILE H 284 51.75 -58.42 -49.76
CA ILE H 284 51.96 -57.09 -50.32
C ILE H 284 51.44 -55.96 -49.42
N THR H 285 50.69 -56.37 -48.40
CA THR H 285 50.28 -55.54 -47.28
C THR H 285 51.39 -55.56 -46.20
N GLY H 286 51.43 -54.51 -45.37
CA GLY H 286 52.39 -54.42 -44.28
C GLY H 286 53.87 -54.32 -44.60
N LEU H 287 54.19 -53.82 -45.80
CA LEU H 287 55.58 -53.66 -46.20
C LEU H 287 56.05 -52.28 -45.73
N ARG H 288 57.34 -52.01 -45.89
CA ARG H 288 57.89 -50.66 -45.65
C ARG H 288 57.38 -49.66 -46.68
N ARG H 289 56.96 -50.14 -47.85
CA ARG H 289 56.39 -49.25 -48.88
C ARG H 289 55.10 -49.79 -49.30
N ASP H 290 54.31 -48.90 -49.81
CA ASP H 290 52.92 -49.14 -50.10
C ASP H 290 52.83 -49.26 -51.62
N PRO H 291 52.42 -50.44 -52.13
CA PRO H 291 52.27 -50.52 -53.60
C PRO H 291 51.06 -49.70 -54.17
N GLY H 292 50.10 -49.37 -53.30
CA GLY H 292 48.85 -48.72 -53.65
C GLY H 292 47.72 -49.24 -52.77
N GLU H 293 46.93 -48.33 -52.23
CA GLU H 293 45.79 -48.70 -51.38
C GLU H 293 44.86 -49.72 -52.05
N GLU H 294 44.53 -49.51 -53.32
CA GLU H 294 43.56 -50.39 -54.03
C GLU H 294 44.14 -51.77 -54.12
N ILE H 295 45.43 -51.79 -54.45
CA ILE H 295 46.19 -53.02 -54.59
C ILE H 295 46.23 -53.78 -53.28
N ARG H 296 46.55 -53.11 -52.17
CA ARG H 296 46.53 -53.77 -50.85
C ARG H 296 45.15 -54.36 -50.53
N ALA H 297 44.11 -53.58 -50.78
CA ALA H 297 42.73 -54.01 -50.54
C ALA H 297 42.33 -55.23 -51.36
N ALA H 298 42.86 -55.27 -52.58
CA ALA H 298 42.62 -56.34 -53.50
C ALA H 298 43.26 -57.66 -53.02
N GLN H 299 44.50 -57.61 -52.56
CA GLN H 299 45.15 -58.84 -52.14
C GLN H 299 44.42 -59.40 -50.96
N PHE H 300 44.06 -58.51 -50.05
CA PHE H 300 43.26 -58.91 -48.89
C PHE H 300 41.91 -59.50 -49.28
N ALA H 301 41.35 -59.02 -50.38
CA ALA H 301 40.04 -59.51 -50.89
C ALA H 301 40.06 -60.78 -51.75
N GLY H 302 41.25 -61.28 -52.07
CA GLY H 302 41.39 -62.45 -52.96
C GLY H 302 41.24 -62.17 -54.45
N GLN H 303 41.39 -60.92 -54.85
CA GLN H 303 41.27 -60.51 -56.26
C GLN H 303 42.65 -60.48 -56.89
N LYS H 304 42.69 -60.68 -58.19
CA LYS H 304 43.90 -60.59 -58.99
C LYS H 304 44.41 -59.18 -58.92
N LEU H 305 45.65 -59.04 -58.50
CA LEU H 305 46.26 -57.73 -58.38
C LEU H 305 46.53 -57.21 -59.75
N ALA H 306 46.46 -55.88 -59.85
CA ALA H 306 46.78 -55.12 -61.05
C ALA H 306 48.24 -55.28 -61.47
N ASP H 307 48.48 -55.09 -62.77
CA ASP H 307 49.81 -55.21 -63.36
C ASP H 307 50.83 -54.38 -62.56
N THR H 308 52.02 -54.96 -62.36
CA THR H 308 53.11 -54.42 -61.52
C THR H 308 53.66 -53.06 -61.96
N GLU H 309 53.63 -52.77 -63.26
CA GLU H 309 54.02 -51.43 -63.72
C GLU H 309 53.04 -50.32 -63.26
N THR H 310 51.82 -50.68 -62.88
CA THR H 310 50.93 -49.70 -62.19
C THR H 310 51.24 -49.52 -60.69
N TRP H 311 52.10 -50.35 -60.10
CA TRP H 311 52.42 -50.27 -58.66
C TRP H 311 53.43 -49.15 -58.42
N GLU H 312 53.59 -48.77 -57.16
CA GLU H 312 54.68 -47.89 -56.73
C GLU H 312 55.99 -48.67 -56.93
N PRO H 313 56.91 -48.16 -57.76
CA PRO H 313 58.11 -48.98 -58.10
C PRO H 313 59.05 -49.38 -56.94
N ARG H 314 59.01 -48.68 -55.81
CA ARG H 314 59.79 -49.11 -54.63
C ARG H 314 59.34 -50.44 -54.08
N VAL H 315 58.06 -50.80 -54.30
CA VAL H 315 57.59 -52.17 -54.06
C VAL H 315 57.93 -53.11 -55.22
N SER H 316 57.50 -52.79 -56.44
CA SER H 316 57.54 -53.77 -57.59
C SER H 316 58.92 -54.31 -57.93
N THR H 317 59.91 -53.45 -57.82
CA THR H 317 61.31 -53.79 -58.09
C THR H 317 61.98 -54.58 -56.97
N ARG H 318 61.28 -54.78 -55.86
CA ARG H 318 61.81 -55.51 -54.70
C ARG H 318 61.01 -56.75 -54.29
N LEU H 319 60.12 -57.21 -55.18
CA LEU H 319 59.36 -58.47 -55.02
C LEU H 319 60.27 -59.66 -54.68
N LYS H 320 61.39 -59.77 -55.36
CA LYS H 320 62.41 -60.78 -55.04
C LYS H 320 62.68 -60.79 -53.52
N TRP H 321 62.88 -59.63 -52.90
CA TRP H 321 63.23 -59.62 -51.50
C TRP H 321 62.08 -59.91 -50.48
N ILE H 322 60.85 -60.03 -50.98
CA ILE H 322 59.70 -60.28 -50.13
C ILE H 322 59.54 -61.77 -50.05
N PRO H 323 59.52 -62.34 -48.82
CA PRO H 323 59.46 -63.80 -48.75
C PRO H 323 58.19 -64.42 -49.26
N THR H 324 58.34 -65.65 -49.71
CA THR H 324 57.29 -66.45 -50.31
C THR H 324 56.96 -67.59 -49.33
N TRP H 325 55.68 -67.82 -48.98
CA TRP H 325 55.32 -68.78 -47.91
C TRP H 325 54.60 -70.04 -48.42
N ALA H 326 55.34 -71.14 -48.44
CA ALA H 326 54.88 -72.36 -49.12
C ALA H 326 53.96 -73.20 -48.26
N ASP H 327 54.19 -73.21 -46.94
CA ASP H 327 53.59 -74.18 -46.01
C ASP H 327 52.87 -73.52 -44.84
N TYR H 328 51.62 -73.93 -44.62
CA TYR H 328 50.82 -73.47 -43.49
C TYR H 328 50.20 -74.68 -42.81
N GLY H 329 50.32 -74.77 -41.49
CA GLY H 329 49.71 -75.84 -40.69
C GLY H 329 48.88 -75.36 -39.52
N LEU H 330 47.60 -75.72 -39.54
CA LEU H 330 46.72 -75.61 -38.40
C LEU H 330 46.64 -76.97 -37.66
N THR H 331 46.80 -76.95 -36.34
CA THR H 331 46.72 -78.18 -35.51
C THR H 331 45.78 -78.02 -34.32
N GLN H 332 44.77 -78.88 -34.24
CA GLN H 332 43.82 -78.80 -33.17
C GLN H 332 43.95 -80.06 -32.32
N LEU H 333 44.97 -80.06 -31.47
CA LEU H 333 45.35 -81.20 -30.66
C LEU H 333 44.58 -81.35 -29.33
N THR H 334 43.73 -80.38 -28.99
CA THR H 334 42.82 -80.54 -27.85
C THR H 334 41.53 -79.96 -28.27
N ALA H 335 40.49 -80.20 -27.47
CA ALA H 335 39.20 -79.56 -27.74
C ALA H 335 39.18 -78.05 -27.48
N ASP H 336 40.21 -77.52 -26.81
CA ASP H 336 40.23 -76.13 -26.40
C ASP H 336 41.25 -75.20 -27.07
N GLY H 337 42.14 -75.68 -27.91
CA GLY H 337 43.23 -74.82 -28.40
C GLY H 337 43.78 -75.31 -29.71
N PHE H 338 43.85 -74.43 -30.71
CA PHE H 338 44.58 -74.72 -31.97
C PHE H 338 45.81 -73.85 -32.18
N GLY H 339 46.78 -74.45 -32.86
CA GLY H 339 48.01 -73.78 -33.24
C GLY H 339 47.97 -73.54 -34.73
N LEU H 340 48.72 -72.54 -35.16
CA LEU H 340 48.82 -72.17 -36.55
C LEU H 340 50.19 -71.57 -36.80
N LYS H 341 50.73 -71.88 -37.96
CA LYS H 341 52.08 -71.50 -38.28
C LYS H 341 52.31 -71.58 -39.77
N LYS H 342 53.37 -70.94 -40.26
CA LYS H 342 53.76 -71.06 -41.67
C LYS H 342 55.25 -71.10 -41.85
N ARG H 343 55.68 -71.43 -43.06
CA ARG H 343 57.08 -71.67 -43.36
C ARG H 343 57.41 -71.29 -44.79
N THR H 344 58.51 -70.56 -44.99
CA THR H 344 58.99 -70.27 -46.35
C THR H 344 59.25 -71.53 -47.15
N LYS H 345 59.94 -72.49 -46.56
CA LYS H 345 60.02 -73.88 -47.05
C LYS H 345 60.78 -74.86 -46.15
N ALA H 346 60.70 -76.16 -46.51
CA ALA H 346 61.45 -77.19 -45.79
C ALA H 346 62.91 -76.79 -45.70
N GLY H 347 63.48 -76.84 -44.50
CA GLY H 347 64.82 -76.41 -44.25
C GLY H 347 64.91 -75.15 -43.42
N GLN H 348 63.78 -74.55 -43.13
CA GLN H 348 63.74 -73.32 -42.38
C GLN H 348 62.82 -73.51 -41.18
N SER H 349 62.95 -72.67 -40.16
CA SER H 349 62.02 -72.69 -39.02
C SER H 349 60.65 -72.23 -39.45
N TRP H 350 59.62 -72.71 -38.75
CA TRP H 350 58.27 -72.16 -38.88
C TRP H 350 58.20 -70.86 -38.11
N VAL H 351 57.37 -69.96 -38.62
CA VAL H 351 57.02 -68.72 -37.97
C VAL H 351 55.64 -69.00 -37.41
N ASN H 352 55.45 -68.73 -36.12
CA ASN H 352 54.18 -68.96 -35.45
C ASN H 352 53.23 -67.82 -35.81
N ILE H 353 51.94 -68.17 -35.90
CA ILE H 353 50.87 -67.25 -36.26
C ILE H 353 49.91 -67.09 -35.07
N PRO H 354 49.37 -65.86 -34.89
CA PRO H 354 48.44 -65.65 -33.80
C PRO H 354 47.20 -66.54 -33.99
N SER H 355 46.91 -67.33 -32.97
CA SER H 355 45.96 -68.40 -33.01
C SER H 355 44.94 -68.23 -31.87
N GLY H 356 44.23 -69.31 -31.54
CA GLY H 356 43.02 -69.24 -30.70
C GLY H 356 42.45 -70.56 -30.21
N THR H 357 41.19 -70.56 -29.85
CA THR H 357 40.65 -71.70 -29.14
C THR H 357 40.15 -72.82 -30.06
N ARG H 358 39.07 -72.55 -30.79
CA ARG H 358 38.34 -73.61 -31.49
C ARG H 358 38.15 -73.31 -32.97
N ALA H 359 39.06 -73.81 -33.78
CA ALA H 359 38.99 -73.60 -35.21
C ALA H 359 37.83 -74.38 -35.80
N GLU H 360 36.97 -73.70 -36.56
CA GLU H 360 35.72 -74.24 -37.06
C GLU H 360 35.96 -75.14 -38.31
N GLY H 361 37.21 -75.27 -38.78
CA GLY H 361 37.64 -76.49 -39.49
C GLY H 361 37.68 -76.55 -41.01
N LEU H 362 37.98 -75.44 -41.66
CA LEU H 362 38.04 -75.38 -43.12
C LEU H 362 39.33 -74.68 -43.53
N ALA H 363 39.84 -75.12 -44.67
CA ALA H 363 40.99 -74.48 -45.28
C ALA H 363 40.81 -74.41 -46.77
N TYR H 364 41.34 -73.33 -47.35
CA TYR H 364 41.27 -73.02 -48.78
C TYR H 364 42.67 -72.77 -49.26
N LEU H 365 42.96 -73.32 -50.43
CA LEU H 365 44.19 -73.01 -51.20
C LEU H 365 43.74 -72.76 -52.63
N GLY H 366 44.25 -71.69 -53.23
CA GLY H 366 43.91 -71.39 -54.64
C GLY H 366 44.39 -70.04 -55.12
N GLY H 367 43.68 -69.44 -56.07
CA GLY H 367 44.15 -68.24 -56.73
C GLY H 367 43.07 -67.45 -57.45
N ALA H 368 43.35 -66.17 -57.67
CA ALA H 368 42.40 -65.24 -58.36
C ALA H 368 42.02 -65.69 -59.78
N THR H 369 42.91 -66.42 -60.41
CA THR H 369 42.94 -66.78 -61.82
C THR H 369 42.87 -68.30 -61.99
N GLN H 370 43.71 -69.05 -61.27
CA GLN H 370 43.69 -70.52 -61.31
C GLN H 370 42.52 -71.17 -60.57
N GLY H 371 41.83 -70.40 -59.76
CA GLY H 371 40.80 -70.94 -58.90
C GLY H 371 41.40 -71.80 -57.80
N GLY H 372 40.55 -72.59 -57.16
CA GLY H 372 41.01 -73.37 -56.03
C GLY H 372 39.93 -74.14 -55.30
N LEU H 373 40.25 -74.56 -54.09
CA LEU H 373 39.49 -75.58 -53.44
C LEU H 373 39.54 -75.41 -51.93
N ALA H 374 38.38 -75.58 -51.29
CA ALA H 374 38.33 -75.66 -49.83
C ALA H 374 37.90 -77.04 -49.36
N VAL H 375 38.58 -77.45 -48.30
CA VAL H 375 38.31 -78.70 -47.68
C VAL H 375 37.97 -78.37 -46.25
N GLY H 376 37.07 -79.15 -45.66
CA GLY H 376 36.87 -79.10 -44.24
C GLY H 376 36.10 -80.24 -43.63
N LEU H 377 36.15 -80.28 -42.30
CA LEU H 377 35.57 -81.34 -41.47
C LEU H 377 34.43 -80.82 -40.60
N ARG H 378 33.26 -81.43 -40.74
CA ARG H 378 32.15 -81.11 -39.87
C ARG H 378 32.55 -81.51 -38.44
N ASP H 379 32.25 -80.62 -37.48
CA ASP H 379 32.64 -80.77 -36.08
C ASP H 379 34.16 -80.87 -35.81
N PHE H 380 35.00 -80.31 -36.67
CA PHE H 380 36.48 -80.24 -36.47
C PHE H 380 36.98 -80.35 -35.01
N TRP H 381 36.90 -79.27 -34.24
CA TRP H 381 37.49 -79.27 -32.89
C TRP H 381 36.87 -80.32 -31.98
N LYS H 382 35.60 -80.65 -32.19
CA LYS H 382 34.94 -81.71 -31.40
C LYS H 382 35.43 -83.12 -31.66
N ARG H 383 36.09 -83.30 -32.80
CA ARG H 383 36.64 -84.58 -33.19
C ARG H 383 38.17 -84.62 -33.12
N TYR H 384 38.76 -83.76 -32.28
CA TYR H 384 40.22 -83.65 -32.14
C TYR H 384 40.79 -85.01 -31.76
N PRO H 385 42.06 -85.31 -32.05
CA PRO H 385 43.06 -84.42 -32.66
C PRO H 385 43.03 -84.38 -34.18
N VAL H 386 42.84 -83.18 -34.73
CA VAL H 386 42.72 -82.94 -36.16
C VAL H 386 43.63 -81.80 -36.57
N GLY H 387 43.72 -81.58 -37.88
CA GLY H 387 44.55 -80.55 -38.46
C GLY H 387 44.31 -80.28 -39.93
N LEU H 388 44.86 -79.16 -40.39
CA LEU H 388 44.71 -78.71 -41.77
C LEU H 388 46.03 -78.21 -42.23
N ASP H 389 46.38 -78.56 -43.48
CA ASP H 389 47.75 -78.46 -44.03
C ASP H 389 47.67 -77.92 -45.48
N ILE H 390 48.46 -76.89 -45.75
CA ILE H 390 48.74 -76.43 -47.08
C ILE H 390 50.22 -76.57 -47.21
N SER H 391 50.63 -77.11 -48.36
CA SER H 391 52.05 -77.26 -48.65
C SER H 391 52.43 -76.93 -50.09
N ASN H 392 53.70 -76.48 -50.23
CA ASN H 392 54.29 -76.16 -51.52
C ASN H 392 53.43 -75.15 -52.30
N ALA H 393 52.89 -74.13 -51.63
CA ALA H 393 52.11 -73.09 -52.29
C ALA H 393 52.94 -72.14 -53.17
N ALA H 394 54.27 -72.22 -53.06
CA ALA H 394 55.23 -71.50 -53.93
C ALA H 394 55.66 -72.25 -55.23
N SER H 395 55.00 -73.37 -55.50
CA SER H 395 55.40 -74.35 -56.50
C SER H 395 54.31 -74.41 -57.53
N ASP H 396 54.59 -75.09 -58.64
CA ASP H 396 53.59 -75.33 -59.70
C ASP H 396 52.34 -76.07 -59.21
N THR H 397 52.53 -76.97 -58.25
CA THR H 397 51.40 -77.66 -57.66
C THR H 397 51.49 -77.52 -56.18
N GLY H 398 50.38 -77.19 -55.55
CA GLY H 398 50.27 -77.12 -54.10
C GLY H 398 49.46 -78.30 -53.64
N GLU H 399 49.60 -78.67 -52.37
CA GLU H 399 48.76 -79.68 -51.75
C GLU H 399 47.91 -79.05 -50.62
N LEU H 400 46.69 -79.56 -50.46
CA LEU H 400 45.80 -79.20 -49.38
C LEU H 400 45.30 -80.45 -48.72
N THR H 401 45.67 -80.63 -47.46
CA THR H 401 45.37 -81.84 -46.71
C THR H 401 44.47 -81.57 -45.48
N LEU H 402 43.40 -82.34 -45.35
CA LEU H 402 42.61 -82.39 -44.13
C LEU H 402 43.08 -83.61 -43.35
N TRP H 403 43.48 -83.40 -42.09
CA TRP H 403 43.88 -84.49 -41.19
C TRP H 403 42.77 -84.88 -40.18
N LEU H 404 42.15 -86.04 -40.40
CA LEU H 404 41.13 -86.61 -39.51
C LEU H 404 41.72 -87.12 -38.19
N TYR H 405 42.99 -87.51 -38.24
CA TYR H 405 43.82 -87.72 -37.08
C TYR H 405 45.13 -87.00 -37.35
N SER H 406 45.56 -86.12 -36.47
CA SER H 406 46.77 -85.33 -36.76
C SER H 406 48.05 -86.11 -36.42
N PRO H 407 49.03 -86.11 -37.34
CA PRO H 407 50.37 -86.58 -36.99
C PRO H 407 51.11 -85.80 -35.88
N ALA H 408 50.63 -84.61 -35.51
CA ALA H 408 51.21 -83.82 -34.41
C ALA H 408 50.66 -84.16 -33.01
N ALA H 409 49.70 -85.09 -32.96
CA ALA H 409 49.25 -85.72 -31.72
C ALA H 409 50.12 -86.94 -31.38
N GLU H 410 49.90 -87.50 -30.21
CA GLU H 410 50.46 -88.80 -29.84
C GLU H 410 49.76 -89.84 -30.70
N PRO H 411 50.47 -90.94 -31.05
CA PRO H 411 49.84 -92.03 -31.83
C PRO H 411 48.57 -92.56 -31.18
N LEU H 412 47.59 -92.91 -32.01
CA LEU H 412 46.30 -93.44 -31.55
C LEU H 412 46.53 -94.81 -30.97
N ASP H 413 46.31 -94.98 -29.67
CA ASP H 413 46.68 -96.20 -28.97
C ASP H 413 45.41 -96.91 -28.57
N LEU H 414 45.00 -97.91 -29.34
CA LEU H 414 43.73 -98.63 -29.10
C LEU H 414 43.82 -99.89 -28.27
N ARG H 415 45.01 -100.13 -27.70
CA ARG H 415 45.29 -101.32 -26.91
C ARG H 415 44.55 -101.30 -25.59
N PRO H 416 44.60 -102.42 -24.85
CA PRO H 416 43.81 -102.42 -23.62
C PRO H 416 44.38 -101.53 -22.52
N PHE H 417 43.50 -100.97 -21.69
CA PHE H 417 43.94 -100.06 -20.67
C PHE H 417 44.51 -100.76 -19.44
N HIS H 418 44.15 -102.05 -19.27
CA HIS H 418 44.86 -102.93 -18.34
C HIS H 418 45.18 -104.38 -18.83
N ASP H 419 46.06 -105.05 -18.06
CA ASP H 419 46.59 -106.42 -18.32
C ASP H 419 45.87 -107.57 -17.62
N GLY H 420 44.56 -107.45 -17.44
CA GLY H 420 43.78 -108.37 -16.61
C GLY H 420 43.89 -108.35 -15.09
N LEU H 421 44.92 -107.70 -14.51
CA LEU H 421 45.07 -107.55 -13.03
C LEU H 421 45.22 -108.88 -12.28
N GLY H 422 45.82 -109.87 -12.95
CA GLY H 422 45.92 -111.24 -12.49
C GLY H 422 44.67 -112.08 -12.66
N GLN H 423 43.57 -111.56 -13.22
CA GLN H 423 42.36 -112.36 -13.36
C GLN H 423 42.64 -113.59 -14.26
N ASP H 424 42.29 -114.77 -13.72
CA ASP H 424 42.53 -116.09 -14.35
C ASP H 424 41.18 -116.83 -14.31
N GLY H 425 40.38 -116.65 -15.37
CA GLY H 425 39.12 -117.38 -15.52
C GLY H 425 37.87 -116.72 -14.97
N TYR H 426 36.73 -117.37 -15.24
CA TYR H 426 35.40 -116.81 -15.06
C TYR H 426 35.08 -116.41 -13.66
N GLU H 427 35.57 -117.18 -12.68
CA GLU H 427 35.22 -116.94 -11.28
C GLU H 427 35.79 -115.58 -10.80
N ASP H 428 37.10 -115.41 -11.09
CA ASP H 428 37.85 -114.17 -10.93
C ASP H 428 37.27 -112.95 -11.66
N GLN H 429 36.78 -113.17 -12.89
CA GLN H 429 36.21 -112.13 -13.75
C GLN H 429 34.92 -111.62 -13.16
N LEU H 430 34.04 -112.52 -12.78
CA LEU H 430 32.81 -112.15 -12.07
C LEU H 430 32.99 -111.59 -10.63
N ASP H 431 34.12 -111.91 -10.02
CA ASP H 431 34.53 -111.32 -8.72
C ASP H 431 35.01 -109.88 -8.96
N ALA H 432 35.83 -109.65 -9.99
CA ALA H 432 36.18 -108.29 -10.42
C ALA H 432 34.98 -107.45 -10.81
N LEU H 433 34.03 -108.05 -11.53
CA LEU H 433 32.77 -107.40 -11.87
C LEU H 433 32.02 -106.88 -10.64
N GLU H 434 32.19 -107.50 -9.48
CA GLU H 434 31.46 -107.07 -8.26
C GLU H 434 31.86 -105.68 -7.71
N ILE H 435 33.05 -105.21 -8.06
CA ILE H 435 33.62 -103.96 -7.55
C ILE H 435 33.85 -102.84 -8.58
N THR H 436 34.36 -103.17 -9.78
CA THR H 436 34.46 -102.21 -10.88
C THR H 436 33.28 -102.20 -11.86
N TYR H 437 32.45 -103.24 -11.87
CA TYR H 437 31.32 -103.41 -12.87
C TYR H 437 31.82 -103.67 -14.30
N GLU H 438 33.05 -104.14 -14.42
CA GLU H 438 33.62 -104.54 -15.70
C GLU H 438 33.64 -106.06 -15.67
N ASP H 439 33.01 -106.67 -16.69
CA ASP H 439 33.17 -108.08 -17.01
C ASP H 439 34.30 -108.26 -18.05
N TRP H 440 35.54 -108.30 -17.59
CA TRP H 440 36.75 -108.53 -18.42
C TRP H 440 36.99 -110.02 -18.80
N GLU H 441 37.76 -110.25 -19.85
CA GLU H 441 38.23 -111.57 -20.25
C GLU H 441 39.36 -111.37 -21.26
N PRO H 442 40.41 -112.24 -21.22
CA PRO H 442 41.55 -111.95 -22.12
C PRO H 442 41.18 -112.01 -23.60
N GLY H 443 41.69 -111.07 -24.40
CA GLY H 443 41.46 -111.06 -25.83
C GLY H 443 40.11 -110.47 -26.29
N PHE H 444 39.18 -110.23 -25.35
CA PHE H 444 37.92 -109.53 -25.66
C PHE H 444 38.02 -107.98 -25.58
N ASP H 445 39.05 -107.46 -24.92
CA ASP H 445 39.29 -106.03 -24.82
C ASP H 445 40.02 -105.54 -26.09
N THR H 446 39.33 -105.60 -27.22
CA THR H 446 40.02 -105.36 -28.50
C THR H 446 39.23 -104.41 -29.39
N PRO H 447 39.92 -103.46 -30.01
CA PRO H 447 39.30 -102.59 -30.95
C PRO H 447 39.00 -103.24 -32.33
N TYR H 448 39.47 -104.47 -32.58
CA TYR H 448 39.31 -105.15 -33.90
C TYR H 448 37.89 -105.11 -34.48
N GLY H 449 37.72 -104.35 -35.57
CA GLY H 449 36.45 -104.26 -36.25
C GLY H 449 35.50 -103.13 -35.87
N ILE H 450 35.91 -102.24 -34.94
CA ILE H 450 35.12 -101.00 -34.73
C ILE H 450 35.19 -100.10 -35.95
N ALA H 451 34.30 -99.15 -36.09
CA ALA H 451 34.37 -98.23 -37.23
C ALA H 451 34.12 -96.81 -36.79
N ARG H 452 34.51 -95.88 -37.64
CA ARG H 452 34.16 -94.48 -37.46
C ARG H 452 33.87 -93.77 -38.82
N THR H 453 32.81 -92.98 -38.86
CA THR H 453 32.41 -92.25 -40.05
C THR H 453 32.58 -90.74 -39.83
N SER H 454 33.40 -90.08 -40.66
CA SER H 454 33.65 -88.64 -40.59
C SER H 454 32.93 -87.91 -41.73
N GLU H 455 32.30 -86.79 -41.41
CA GLU H 455 31.57 -85.99 -42.42
C GLU H 455 32.44 -84.84 -42.98
N VAL H 456 32.91 -84.98 -44.22
CA VAL H 456 33.88 -84.08 -44.81
C VAL H 456 33.15 -83.34 -45.94
N TYR H 457 33.61 -82.12 -46.25
CA TYR H 457 33.08 -81.32 -47.33
C TYR H 457 34.23 -80.76 -48.21
N LEU H 458 34.09 -80.88 -49.54
CA LEU H 458 34.94 -80.22 -50.54
C LEU H 458 34.11 -79.15 -51.18
N PHE H 459 34.69 -77.98 -51.43
CA PHE H 459 34.00 -76.88 -52.13
C PHE H 459 34.88 -76.41 -53.30
N ALA H 460 34.31 -76.37 -54.50
CA ALA H 460 35.06 -75.99 -55.69
C ALA H 460 34.88 -74.49 -55.95
N PHE H 461 35.95 -73.81 -56.39
CA PHE H 461 35.91 -72.37 -56.71
C PHE H 461 36.61 -71.98 -58.00
N ASP H 462 35.86 -71.23 -58.82
CA ASP H 462 36.34 -70.73 -60.10
C ASP H 462 37.43 -69.67 -59.91
N GLN H 463 37.27 -68.83 -58.89
CA GLN H 463 38.32 -67.92 -58.42
C GLN H 463 38.25 -67.89 -56.88
N THR H 464 39.29 -67.36 -56.24
CA THR H 464 39.29 -67.20 -54.78
C THR H 464 38.00 -66.46 -54.35
N PRO H 465 37.17 -67.10 -53.52
CA PRO H 465 35.91 -66.51 -53.14
C PRO H 465 36.10 -65.45 -52.06
N THR H 466 35.03 -64.73 -51.74
CA THR H 466 35.08 -63.76 -50.63
C THR H 466 35.23 -64.52 -49.27
N SER H 467 35.87 -63.85 -48.32
CA SER H 467 35.91 -64.34 -46.96
C SER H 467 34.50 -64.56 -46.36
N ASP H 468 33.56 -63.67 -46.67
CA ASP H 468 32.18 -63.85 -46.20
C ASP H 468 31.58 -65.16 -46.70
N LYS H 469 31.92 -65.54 -47.93
CA LYS H 469 31.50 -66.82 -48.49
C LYS H 469 32.14 -68.03 -47.75
N LEU H 470 33.47 -68.03 -47.60
CA LEU H 470 34.16 -69.08 -46.91
C LEU H 470 33.65 -69.26 -45.51
N ALA H 471 33.40 -68.14 -44.85
CA ALA H 471 32.76 -68.18 -43.52
C ALA H 471 31.37 -68.81 -43.58
N SER H 472 30.62 -68.41 -44.57
CA SER H 472 29.26 -68.94 -44.73
C SER H 472 29.21 -70.47 -45.04
N LEU H 473 30.21 -71.01 -45.75
CA LEU H 473 30.29 -72.46 -46.04
C LEU H 473 30.80 -73.17 -44.80
N THR H 474 31.67 -72.48 -44.09
CA THR H 474 32.19 -73.02 -42.85
C THR H 474 31.02 -73.22 -41.92
N ALA H 475 30.14 -72.24 -41.83
CA ALA H 475 28.98 -72.36 -40.94
C ALA H 475 28.02 -73.42 -41.47
N TYR H 476 27.91 -73.53 -42.80
CA TYR H 476 27.10 -74.61 -43.48
C TYR H 476 27.58 -75.98 -43.03
N MET H 477 28.85 -76.25 -43.29
CA MET H 477 29.49 -77.53 -42.97
C MET H 477 29.25 -77.97 -41.54
N ASN H 478 29.37 -77.04 -40.58
CA ASN H 478 29.16 -77.38 -39.16
C ASN H 478 27.70 -77.46 -38.77
N ASP H 479 26.80 -76.91 -39.56
CA ASP H 479 25.38 -77.04 -39.26
C ASP H 479 24.59 -77.35 -40.54
N PRO H 480 24.78 -78.55 -41.09
CA PRO H 480 24.22 -78.82 -42.41
C PRO H 480 22.70 -78.88 -42.37
N PRO H 481 22.01 -77.99 -43.11
CA PRO H 481 20.55 -77.91 -43.11
C PRO H 481 19.86 -79.22 -43.36
N VAL H 482 18.77 -79.40 -42.60
CA VAL H 482 17.96 -80.59 -42.59
C VAL H 482 16.51 -80.18 -42.81
N LEU H 483 15.78 -81.01 -43.53
CA LEU H 483 14.34 -80.89 -43.68
C LEU H 483 13.69 -82.12 -43.05
N VAL H 484 12.75 -81.87 -42.13
CA VAL H 484 11.97 -82.92 -41.46
C VAL H 484 10.47 -82.64 -41.54
N ALA H 485 9.70 -83.70 -41.39
CA ALA H 485 8.27 -83.70 -41.45
C ALA H 485 7.69 -83.24 -40.13
N GLU H 486 6.45 -82.75 -40.19
CA GLU H 486 5.79 -82.26 -38.99
C GLU H 486 5.62 -83.41 -37.98
N PRO H 487 6.07 -83.23 -36.71
CA PRO H 487 5.87 -84.24 -35.67
C PRO H 487 4.46 -84.85 -35.67
N LYS H 488 3.46 -83.99 -35.69
CA LYS H 488 2.04 -84.37 -35.77
C LYS H 488 1.80 -85.33 -36.95
N TYR H 489 2.38 -85.03 -38.11
CA TYR H 489 2.22 -85.91 -39.28
C TYR H 489 2.92 -87.29 -39.09
N ILE H 490 4.20 -87.31 -38.70
CA ILE H 490 4.90 -88.57 -38.41
C ILE H 490 4.06 -89.44 -37.47
N HIS H 491 3.46 -88.82 -36.47
CA HIS H 491 2.60 -89.56 -35.56
C HIS H 491 1.35 -90.17 -36.21
N GLU H 492 0.63 -89.39 -37.03
CA GLU H 492 -0.58 -89.84 -37.75
C GLU H 492 -0.31 -91.06 -38.62
N THR H 493 0.84 -91.03 -39.29
CA THR H 493 1.19 -92.08 -40.23
C THR H 493 1.52 -93.43 -39.55
N GLN H 494 1.80 -93.41 -38.26
CA GLN H 494 2.16 -94.60 -37.50
C GLN H 494 3.36 -95.28 -38.09
N ALA H 495 4.16 -94.55 -38.88
CA ALA H 495 5.30 -95.12 -39.58
C ALA H 495 6.58 -95.10 -38.79
N LEU H 496 6.55 -94.70 -37.54
CA LEU H 496 7.75 -94.79 -36.77
C LEU H 496 7.44 -95.19 -35.31
N GLY H 497 6.44 -96.06 -35.15
CA GLY H 497 5.96 -96.45 -33.82
C GLY H 497 4.60 -95.91 -33.35
N GLU H 498 3.91 -96.76 -32.62
CA GLU H 498 2.67 -96.39 -31.94
C GLU H 498 2.93 -96.01 -30.48
N TYR H 499 4.19 -96.09 -30.03
CA TYR H 499 4.59 -96.00 -28.59
C TYR H 499 4.98 -94.54 -28.11
N TRP H 500 4.52 -93.51 -28.84
CA TRP H 500 4.87 -92.12 -28.54
C TRP H 500 3.83 -91.18 -29.09
N ALA H 501 3.57 -90.10 -28.36
CA ALA H 501 2.58 -89.10 -28.77
C ALA H 501 3.16 -87.74 -28.45
N LEU H 502 2.55 -86.69 -28.98
CA LEU H 502 3.00 -85.33 -28.66
C LEU H 502 2.71 -84.99 -27.19
N PRO H 503 3.37 -83.95 -26.67
CA PRO H 503 2.92 -83.33 -25.39
C PRO H 503 1.75 -82.33 -25.55
N GLY H 504 1.24 -81.84 -24.42
CA GLY H 504 0.53 -80.53 -24.36
C GLY H 504 -0.95 -80.48 -24.01
N SER H 505 -1.34 -81.23 -22.98
CA SER H 505 -2.72 -81.17 -22.45
C SER H 505 -2.73 -81.48 -20.96
N SER H 507 -3.58 -80.64 -18.02
CA SER H 507 -3.07 -81.59 -17.03
C SER H 507 -1.76 -81.09 -16.43
N PRO H 508 -1.80 -80.60 -15.17
CA PRO H 508 -0.55 -80.05 -14.60
C PRO H 508 0.57 -81.10 -14.41
N ALA H 509 0.20 -82.34 -14.13
CA ALA H 509 1.19 -83.38 -13.81
C ALA H 509 2.01 -83.81 -15.03
N ALA H 510 1.36 -83.85 -16.20
CA ALA H 510 2.05 -84.14 -17.45
C ALA H 510 3.01 -83.03 -17.84
N ALA H 511 2.54 -81.76 -17.78
CA ALA H 511 3.42 -80.60 -17.98
C ALA H 511 4.66 -80.68 -17.08
N THR H 512 4.50 -81.12 -15.85
CA THR H 512 5.63 -81.35 -14.98
C THR H 512 6.56 -82.44 -15.54
N LEU H 513 6.01 -83.54 -16.07
CA LEU H 513 6.83 -84.58 -16.74
C LEU H 513 7.60 -84.03 -17.99
N GLU H 514 6.99 -83.12 -18.74
CA GLU H 514 7.68 -82.50 -19.87
C GLU H 514 8.88 -81.67 -19.43
N ASP H 515 8.69 -80.91 -18.36
CA ASP H 515 9.75 -80.09 -17.75
C ASP H 515 10.90 -80.95 -17.30
N ARG H 516 10.59 -82.15 -16.80
CA ARG H 516 11.61 -83.08 -16.33
C ARG H 516 12.39 -83.76 -17.49
N LEU H 517 11.71 -83.99 -18.61
CA LEU H 517 12.38 -84.45 -19.83
C LEU H 517 13.33 -83.38 -20.32
N GLN H 518 12.83 -82.15 -20.36
CA GLN H 518 13.60 -80.97 -20.75
C GLN H 518 14.79 -80.80 -19.83
N PHE H 519 14.55 -81.02 -18.55
CA PHE H 519 15.57 -80.83 -17.57
C PHE H 519 16.71 -81.82 -17.84
N ILE H 520 16.34 -83.08 -18.07
CA ILE H 520 17.29 -84.14 -18.38
C ILE H 520 18.07 -83.84 -19.65
N PHE H 521 17.35 -83.42 -20.70
CA PHE H 521 18.02 -83.18 -21.97
C PHE H 521 19.05 -82.05 -21.86
N ASP H 522 18.60 -80.90 -21.33
CA ASP H 522 19.46 -79.72 -21.03
C ASP H 522 20.73 -80.02 -20.26
N PHE H 523 20.63 -80.94 -19.31
CA PHE H 523 21.75 -81.33 -18.47
C PHE H 523 22.76 -82.18 -19.27
N TYR H 524 22.26 -83.21 -19.95
CA TYR H 524 23.09 -84.03 -20.84
C TYR H 524 23.78 -83.22 -21.98
N LYS H 525 23.04 -82.37 -22.68
CA LYS H 525 23.66 -81.50 -23.67
C LYS H 525 24.76 -80.63 -23.05
N GLY H 526 24.48 -80.15 -21.84
CA GLY H 526 25.42 -79.34 -21.09
C GLY H 526 26.69 -80.09 -20.79
N GLN H 527 26.51 -81.37 -20.39
CA GLN H 527 27.59 -82.19 -19.89
C GLN H 527 28.62 -82.53 -20.98
N ILE H 528 28.15 -82.68 -22.23
CA ILE H 528 29.05 -82.87 -23.37
C ILE H 528 30.16 -81.82 -23.29
N GLU H 529 29.76 -80.55 -23.22
CA GLU H 529 30.73 -79.45 -23.20
C GLU H 529 31.54 -79.46 -21.87
N GLN H 530 30.84 -79.48 -20.74
CA GLN H 530 31.53 -79.37 -19.44
C GLN H 530 32.57 -80.46 -19.14
N ARG H 531 32.27 -81.70 -19.53
CA ARG H 531 33.21 -82.83 -19.37
C ARG H 531 34.12 -83.14 -20.58
N ARG H 532 34.00 -82.35 -21.64
CA ARG H 532 34.84 -82.46 -22.83
C ARG H 532 34.80 -83.86 -23.42
N TRP H 533 33.58 -84.35 -23.61
CA TRP H 533 33.31 -85.61 -24.28
C TRP H 533 33.35 -85.37 -25.80
N TYR H 534 34.57 -85.02 -26.22
CA TYR H 534 34.90 -84.70 -27.56
C TYR H 534 36.04 -85.65 -27.89
N GLY H 535 36.36 -85.75 -29.18
CA GLY H 535 37.46 -86.57 -29.58
C GLY H 535 37.09 -87.40 -30.75
N PHE H 536 38.13 -87.87 -31.43
CA PHE H 536 38.05 -88.56 -32.70
C PHE H 536 37.08 -89.72 -32.63
N LEU H 537 37.20 -90.59 -31.67
CA LEU H 537 36.27 -91.69 -31.47
C LEU H 537 35.21 -91.39 -30.42
N ASP H 538 35.55 -90.58 -29.42
CA ASP H 538 34.66 -90.39 -28.29
C ASP H 538 33.39 -89.59 -28.62
N TYR H 539 33.47 -88.67 -29.58
CA TYR H 539 32.46 -87.64 -29.69
C TYR H 539 31.12 -88.21 -30.08
N GLY H 540 30.19 -88.15 -29.14
CA GLY H 540 28.84 -88.67 -29.36
C GLY H 540 28.36 -89.44 -28.18
N ASP H 541 29.25 -90.13 -27.48
CA ASP H 541 28.84 -90.90 -26.30
C ASP H 541 28.77 -89.96 -25.09
N PHE H 542 28.28 -90.53 -24.00
CA PHE H 542 28.32 -89.90 -22.67
C PHE H 542 28.53 -91.04 -21.71
N MET H 543 28.55 -90.78 -20.41
CA MET H 543 28.98 -91.76 -19.44
C MET H 543 27.82 -92.28 -18.61
N HIS H 544 28.11 -93.28 -17.81
CA HIS H 544 27.09 -94.14 -17.21
C HIS H 544 26.70 -93.70 -15.81
N THR H 545 27.70 -93.49 -14.94
CA THR H 545 27.47 -93.20 -13.53
C THR H 545 28.47 -92.20 -12.93
N TYR H 546 27.97 -91.36 -12.02
CA TYR H 546 28.74 -90.29 -11.39
C TYR H 546 29.48 -90.70 -10.11
N ASP H 547 30.70 -90.21 -9.94
CA ASP H 547 31.43 -90.28 -8.68
C ASP H 547 31.17 -88.99 -7.90
N PRO H 548 30.23 -89.03 -6.91
CA PRO H 548 29.86 -87.80 -6.18
C PRO H 548 30.97 -87.19 -5.33
N ASP H 549 31.99 -87.96 -4.96
CA ASP H 549 33.09 -87.44 -4.14
C ASP H 549 34.13 -86.65 -4.92
N ARG H 550 34.53 -87.20 -6.07
CA ARG H 550 35.46 -86.51 -7.00
C ARG H 550 34.79 -85.47 -7.88
N HIS H 551 33.46 -85.53 -8.01
CA HIS H 551 32.71 -84.68 -8.93
C HIS H 551 33.17 -84.89 -10.42
N THR H 552 33.41 -86.16 -10.78
CA THR H 552 33.61 -86.63 -12.17
C THR H 552 32.55 -87.69 -12.45
N TRP H 553 32.26 -87.88 -13.73
CA TRP H 553 31.61 -89.12 -14.17
C TRP H 553 32.71 -90.20 -13.99
N ARG H 554 32.31 -91.45 -13.90
CA ARG H 554 33.24 -92.54 -13.55
C ARG H 554 34.09 -93.08 -14.73
N TYR H 555 34.79 -92.18 -15.40
CA TYR H 555 35.61 -92.48 -16.58
C TYR H 555 36.73 -93.54 -16.39
N ASP H 556 37.10 -93.81 -15.13
CA ASP H 556 38.22 -94.68 -14.80
C ASP H 556 37.81 -95.91 -13.99
N VAL H 557 36.51 -96.17 -13.89
CA VAL H 557 35.98 -97.31 -13.12
C VAL H 557 35.08 -98.21 -13.98
N GLY H 558 35.74 -99.22 -14.56
CA GLY H 558 35.08 -100.35 -15.21
C GLY H 558 33.86 -99.98 -16.05
N GLY H 559 32.68 -100.41 -15.61
CA GLY H 559 31.46 -100.22 -16.41
C GLY H 559 30.69 -98.97 -16.13
N TYR H 560 31.31 -98.06 -15.40
CA TYR H 560 30.63 -96.85 -15.04
C TYR H 560 31.02 -95.69 -15.97
N ALA H 561 31.86 -95.98 -16.98
CA ALA H 561 32.41 -94.94 -17.88
C ALA H 561 31.53 -94.77 -19.15
N TRP H 562 32.08 -95.00 -20.34
CA TRP H 562 31.30 -94.76 -21.55
C TRP H 562 29.98 -95.55 -21.57
N ASP H 563 28.89 -94.89 -21.88
CA ASP H 563 27.55 -95.52 -21.76
C ASP H 563 27.16 -96.59 -22.83
N ASN H 564 27.55 -96.41 -24.09
CA ASN H 564 27.43 -97.46 -25.10
C ASN H 564 25.98 -98.03 -25.13
N SER H 565 25.03 -97.10 -25.18
CA SER H 565 23.63 -97.40 -25.36
C SER H 565 22.99 -98.31 -24.28
N GLU H 566 23.58 -98.35 -23.08
CA GLU H 566 23.07 -99.12 -21.95
C GLU H 566 21.73 -98.57 -21.48
N LEU H 567 20.77 -99.46 -21.30
CA LEU H 567 19.33 -99.13 -21.15
C LEU H 567 18.80 -98.09 -22.12
N SER H 568 19.32 -98.09 -23.35
CA SER H 568 18.64 -97.47 -24.50
C SER H 568 18.42 -95.98 -24.45
N PRO H 569 19.47 -95.23 -24.12
CA PRO H 569 19.28 -93.79 -24.24
C PRO H 569 18.94 -93.44 -25.69
N ASP H 570 19.53 -94.16 -26.65
CA ASP H 570 19.24 -93.93 -28.09
C ASP H 570 17.71 -93.87 -28.37
N LEU H 571 16.95 -94.79 -27.78
CA LEU H 571 15.51 -94.75 -27.95
C LEU H 571 14.91 -93.50 -27.31
N PHE H 572 15.36 -93.14 -26.10
CA PHE H 572 14.83 -91.94 -25.44
C PHE H 572 15.02 -90.68 -26.24
N PHE H 573 16.26 -90.41 -26.61
CA PHE H 573 16.59 -89.18 -27.35
C PHE H 573 15.95 -89.05 -28.73
N TRP H 574 15.86 -90.13 -29.47
CA TRP H 574 15.19 -90.07 -30.75
C TRP H 574 13.69 -89.88 -30.59
N LEU H 575 13.10 -90.49 -29.57
CA LEU H 575 11.68 -90.28 -29.30
C LEU H 575 11.46 -88.87 -28.79
N TYR H 576 12.38 -88.38 -27.97
CA TYR H 576 12.33 -86.98 -27.56
C TYR H 576 12.38 -86.00 -28.77
N PHE H 577 13.17 -86.35 -29.82
CA PHE H 577 13.18 -85.52 -31.04
C PHE H 577 11.81 -85.60 -31.76
N LEU H 578 11.30 -86.82 -31.90
CA LEU H 578 10.07 -87.04 -32.64
C LEU H 578 8.86 -86.28 -32.11
N ARG H 579 8.79 -86.17 -30.79
CA ARG H 579 7.70 -85.51 -30.10
C ARG H 579 7.75 -83.99 -30.19
N THR H 580 8.98 -83.46 -30.17
CA THR H 580 9.24 -82.03 -29.97
C THR H 580 9.59 -81.27 -31.24
N GLY H 581 10.34 -81.90 -32.16
CA GLY H 581 10.86 -81.20 -33.37
C GLY H 581 12.15 -80.39 -33.20
N SER H 582 12.77 -80.51 -32.01
CA SER H 582 13.89 -79.66 -31.57
C SER H 582 15.18 -79.92 -32.36
N LYS H 583 15.77 -78.83 -32.87
CA LYS H 583 17.06 -78.87 -33.56
C LYS H 583 18.16 -79.44 -32.65
N ASP H 584 18.24 -78.89 -31.43
CA ASP H 584 19.12 -79.39 -30.38
C ASP H 584 18.93 -80.89 -30.17
N ALA H 585 17.67 -81.37 -30.16
CA ALA H 585 17.38 -82.79 -29.94
C ALA H 585 17.83 -83.70 -31.07
N TYR H 586 17.52 -83.34 -32.30
CA TYR H 586 17.95 -84.10 -33.45
C TYR H 586 19.45 -84.15 -33.46
N ARG H 587 20.08 -82.99 -33.32
CA ARG H 587 21.55 -82.91 -33.34
C ARG H 587 22.26 -83.68 -32.26
N PHE H 588 21.64 -83.86 -31.11
CA PHE H 588 22.21 -84.61 -29.99
C PHE H 588 22.07 -86.13 -30.21
N ALA H 589 20.91 -86.53 -30.72
CA ALA H 589 20.64 -87.91 -31.08
C ALA H 589 21.44 -88.36 -32.33
N GLU H 590 21.56 -87.47 -33.32
CA GLU H 590 22.37 -87.73 -34.50
C GLU H 590 23.83 -87.98 -34.11
N ALA H 591 24.38 -87.19 -33.19
CA ALA H 591 25.78 -87.38 -32.76
C ALA H 591 25.96 -88.69 -32.01
N LEU H 592 25.03 -88.97 -31.10
CA LEU H 592 24.99 -90.25 -30.41
C LEU H 592 25.04 -91.43 -31.43
N THR H 593 24.09 -91.41 -32.34
CA THR H 593 23.93 -92.44 -33.35
C THR H 593 25.17 -92.61 -34.22
N ARG H 594 25.79 -91.52 -34.67
CA ARG H 594 27.05 -91.63 -35.43
C ARG H 594 28.21 -92.27 -34.63
N HIS H 595 28.04 -92.29 -33.31
CA HIS H 595 29.05 -92.88 -32.44
C HIS H 595 28.73 -94.30 -32.06
N THR H 596 27.54 -94.54 -31.49
CA THR H 596 27.24 -95.84 -30.92
C THR H 596 27.09 -96.90 -32.01
N GLY H 597 26.55 -96.50 -33.15
CA GLY H 597 26.42 -97.42 -34.27
C GLY H 597 27.74 -97.82 -34.95
N GLU H 598 28.81 -97.05 -34.69
CA GLU H 598 30.07 -97.18 -35.39
C GLU H 598 31.17 -97.67 -34.44
N VAL H 599 31.46 -96.89 -33.40
CA VAL H 599 32.60 -97.14 -32.51
C VAL H 599 32.24 -98.26 -31.54
N ASP H 600 30.99 -98.32 -31.09
CA ASP H 600 30.60 -99.29 -30.05
C ASP H 600 30.11 -100.63 -30.63
N VAL H 601 30.19 -100.83 -31.94
CA VAL H 601 29.82 -102.12 -32.56
C VAL H 601 30.90 -102.65 -33.49
N TYR H 602 30.94 -103.98 -33.68
CA TYR H 602 31.92 -104.69 -34.52
C TYR H 602 31.31 -104.97 -35.92
N HIS H 603 32.10 -104.68 -36.95
CA HIS H 603 31.66 -104.70 -38.36
C HIS H 603 32.39 -105.75 -39.22
N ILE H 604 33.36 -106.44 -38.64
CA ILE H 604 33.98 -107.61 -39.28
C ILE H 604 34.33 -108.68 -38.26
N GLY H 605 34.72 -109.84 -38.76
CA GLY H 605 35.18 -110.93 -37.92
C GLY H 605 34.06 -111.69 -37.20
N ASP H 606 34.52 -112.49 -36.25
CA ASP H 606 33.73 -113.51 -35.60
C ASP H 606 32.60 -112.88 -34.79
N TRP H 607 32.90 -111.71 -34.23
CA TRP H 607 31.90 -110.95 -33.44
C TRP H 607 30.99 -110.00 -34.24
N LYS H 608 31.12 -110.03 -35.57
CA LYS H 608 30.36 -109.13 -36.45
C LYS H 608 28.90 -109.08 -36.07
N GLY H 609 28.41 -107.90 -35.75
CA GLY H 609 27.01 -107.73 -35.42
C GLY H 609 26.79 -107.56 -33.94
N LEU H 610 27.85 -107.74 -33.16
CA LEU H 610 27.84 -107.46 -31.70
C LEU H 610 28.48 -106.13 -31.36
N GLY H 611 28.01 -105.58 -30.26
CA GLY H 611 28.58 -104.37 -29.69
C GLY H 611 29.08 -104.65 -28.30
N THR H 612 29.85 -103.72 -27.77
CA THR H 612 30.45 -103.84 -26.46
C THR H 612 29.65 -103.07 -25.38
N ARG H 613 29.42 -103.76 -24.27
CA ARG H 613 28.85 -103.20 -23.04
C ARG H 613 29.69 -102.04 -22.51
N HIS H 614 29.02 -100.99 -22.07
CA HIS H 614 29.68 -99.89 -21.38
C HIS H 614 30.99 -100.20 -20.62
N GLY H 615 32.00 -99.38 -20.88
CA GLY H 615 33.34 -99.61 -20.33
C GLY H 615 34.21 -98.39 -20.42
N VAL H 616 35.36 -98.49 -19.77
CA VAL H 616 36.37 -97.42 -19.76
C VAL H 616 36.86 -97.05 -21.16
N GLN H 617 37.12 -98.07 -22.01
CA GLN H 617 37.21 -97.94 -23.48
C GLN H 617 35.88 -98.43 -24.06
N HIS H 618 35.63 -98.05 -25.30
CA HIS H 618 34.35 -98.37 -25.98
C HIS H 618 34.24 -99.86 -26.36
N TRP H 619 35.36 -100.54 -26.26
CA TRP H 619 35.51 -101.92 -26.69
C TRP H 619 36.21 -102.82 -25.63
N SER H 620 36.30 -102.36 -24.36
CA SER H 620 37.10 -103.02 -23.30
C SER H 620 36.37 -104.19 -22.60
N ASP H 621 35.04 -104.16 -22.56
CA ASP H 621 34.31 -105.11 -21.76
C ASP H 621 34.03 -106.41 -22.54
N SER H 622 34.10 -107.55 -21.87
CA SER H 622 34.01 -108.84 -22.53
C SER H 622 32.59 -109.17 -22.94
N ALA H 623 31.58 -108.45 -22.42
CA ALA H 623 30.18 -108.69 -22.78
C ALA H 623 29.87 -108.14 -24.15
N LYS H 624 30.15 -108.92 -25.18
CA LYS H 624 29.77 -108.59 -26.54
C LYS H 624 28.35 -109.14 -26.80
N GLN H 625 27.47 -108.27 -27.29
CA GLN H 625 26.04 -108.60 -27.37
C GLN H 625 25.27 -107.79 -28.43
N ALA H 626 24.17 -108.36 -28.89
CA ALA H 626 23.29 -107.70 -29.83
C ALA H 626 22.51 -106.51 -29.29
N ARG H 627 22.42 -106.35 -27.97
CA ARG H 627 21.65 -105.22 -27.37
C ARG H 627 22.33 -103.85 -27.49
N ILE H 628 23.64 -103.89 -27.75
CA ILE H 628 24.38 -102.71 -28.04
C ILE H 628 24.14 -102.37 -29.52
N SER H 629 24.45 -103.30 -30.41
CA SER H 629 24.27 -103.12 -31.86
C SER H 629 22.81 -102.86 -32.31
N GLN H 630 21.87 -103.43 -31.59
CA GLN H 630 20.43 -103.18 -31.70
C GLN H 630 20.05 -102.17 -32.74
N PRO H 631 19.63 -102.61 -33.94
CA PRO H 631 19.18 -101.74 -35.05
C PRO H 631 18.03 -100.82 -34.75
N GLN H 632 17.27 -101.18 -33.72
CA GLN H 632 16.15 -100.37 -33.28
C GLN H 632 16.69 -99.02 -32.92
N TYR H 633 17.95 -98.96 -32.47
CA TYR H 633 18.58 -97.64 -32.15
C TYR H 633 18.94 -96.74 -33.34
N ARG H 634 19.13 -97.33 -34.52
CA ARG H 634 19.44 -96.58 -35.74
C ARG H 634 18.21 -96.33 -36.63
N LYS H 635 17.08 -96.94 -36.29
CA LYS H 635 15.96 -97.00 -37.22
C LYS H 635 15.37 -95.61 -37.49
N TYR H 636 15.18 -94.85 -36.42
CA TYR H 636 14.52 -93.52 -36.44
C TYR H 636 15.31 -92.61 -37.39
N PHE H 637 16.63 -92.59 -37.19
CA PHE H 637 17.51 -91.78 -38.00
C PHE H 637 17.54 -92.26 -39.44
N PHE H 638 17.63 -93.59 -39.65
CA PHE H 638 17.65 -94.14 -41.01
C PHE H 638 16.55 -93.53 -41.88
N TYR H 639 15.34 -93.46 -41.34
CA TYR H 639 14.22 -92.98 -42.11
C TYR H 639 14.11 -91.47 -42.17
N LEU H 640 14.34 -90.81 -41.04
CA LEU H 640 14.33 -89.32 -41.00
C LEU H 640 15.43 -88.67 -41.84
N SER H 641 16.62 -89.27 -41.90
CA SER H 641 17.70 -88.84 -42.78
C SER H 641 17.45 -89.04 -44.26
N GLY H 642 16.33 -89.69 -44.57
CA GLY H 642 16.01 -90.10 -45.95
C GLY H 642 16.88 -91.22 -46.45
N GLY H 643 17.04 -92.25 -45.62
CA GLY H 643 17.81 -93.43 -45.96
C GLY H 643 19.31 -93.28 -45.96
N ASP H 644 19.88 -92.52 -45.04
CA ASP H 644 21.34 -92.36 -44.97
C ASP H 644 22.06 -93.68 -45.31
N GLU H 645 22.88 -93.64 -46.34
CA GLU H 645 23.34 -94.85 -46.98
C GLU H 645 24.33 -95.64 -46.14
N ARG H 646 25.13 -94.93 -45.35
CA ARG H 646 26.03 -95.55 -44.39
C ARG H 646 25.30 -96.26 -43.28
N VAL H 647 24.22 -95.68 -42.75
CA VAL H 647 23.41 -96.38 -41.71
C VAL H 647 22.64 -97.56 -42.34
N GLY H 648 22.31 -97.45 -43.61
CA GLY H 648 21.72 -98.53 -44.36
C GLY H 648 22.65 -99.70 -44.46
N GLU H 649 23.90 -99.44 -44.82
CA GLU H 649 24.96 -100.46 -44.80
C GLU H 649 25.11 -101.05 -43.37
N LEU H 650 25.18 -100.20 -42.35
CA LEU H 650 25.27 -100.70 -40.96
C LEU H 650 24.15 -101.66 -40.63
N LEU H 651 22.93 -101.28 -41.01
CA LEU H 651 21.75 -102.08 -40.79
C LEU H 651 21.80 -103.46 -41.45
N GLU H 652 22.31 -103.53 -42.69
CA GLU H 652 22.46 -104.79 -43.43
C GLU H 652 23.55 -105.73 -42.86
N GLU H 653 24.67 -105.16 -42.39
CA GLU H 653 25.71 -105.86 -41.64
C GLU H 653 25.18 -106.71 -40.47
N LEU H 654 24.12 -106.23 -39.84
CA LEU H 654 23.58 -106.80 -38.60
C LEU H 654 22.73 -108.04 -38.81
N LEU H 655 22.36 -108.30 -40.07
CA LEU H 655 21.68 -109.54 -40.46
C LEU H 655 22.53 -110.80 -40.20
N ASP H 656 23.82 -110.60 -40.01
CA ASP H 656 24.76 -111.65 -39.64
C ASP H 656 24.87 -111.87 -38.13
N THR H 657 24.09 -111.18 -37.32
CA THR H 657 24.24 -111.30 -35.86
C THR H 657 23.95 -112.74 -35.29
N ASP H 658 22.86 -113.38 -35.74
CA ASP H 658 22.57 -114.81 -35.43
C ASP H 658 23.73 -115.80 -35.56
N LYS H 659 24.64 -115.54 -36.49
CA LYS H 659 25.82 -116.37 -36.63
C LYS H 659 26.66 -116.34 -35.38
N THR H 660 26.64 -115.22 -34.63
CA THR H 660 27.57 -115.06 -33.51
C THR H 660 27.32 -116.06 -32.39
N TYR H 661 26.08 -116.48 -32.18
CA TYR H 661 25.78 -117.37 -31.07
C TYR H 661 26.47 -118.74 -31.20
N GLY H 662 26.87 -119.13 -32.41
CA GLY H 662 27.69 -120.31 -32.63
C GLY H 662 29.20 -120.15 -32.41
N GLU H 663 29.65 -118.90 -32.30
CA GLU H 663 31.03 -118.60 -31.95
C GLU H 663 31.16 -118.17 -30.48
N LEU H 664 30.11 -117.57 -29.90
CA LEU H 664 30.19 -116.88 -28.61
C LEU H 664 28.87 -116.92 -27.88
N ASP H 665 28.91 -117.39 -26.64
CA ASP H 665 27.74 -117.47 -25.79
C ASP H 665 27.73 -116.23 -24.89
N PRO H 666 26.68 -115.37 -25.02
CA PRO H 666 26.62 -114.24 -24.10
C PRO H 666 26.49 -114.66 -22.62
N GLN H 667 25.83 -115.80 -22.38
CA GLN H 667 25.64 -116.29 -21.02
C GLN H 667 26.73 -117.27 -20.55
N ARG H 668 27.88 -117.30 -21.23
CA ARG H 668 28.94 -118.29 -20.96
C ARG H 668 29.47 -118.35 -19.51
N LYS H 669 29.38 -117.24 -18.78
CA LYS H 669 29.92 -117.18 -17.43
C LYS H 669 28.89 -117.44 -16.33
N VAL H 670 27.59 -117.25 -16.60
CA VAL H 670 26.55 -117.24 -15.54
C VAL H 670 25.44 -118.30 -15.67
N ARG H 671 25.64 -119.24 -16.57
CA ARG H 671 24.61 -120.17 -17.08
C ARG H 671 24.69 -121.50 -16.30
N THR H 672 23.55 -121.94 -15.72
CA THR H 672 23.39 -123.17 -14.89
C THR H 672 23.54 -124.51 -15.63
N ASP H 673 23.16 -124.53 -16.90
CA ASP H 673 22.72 -125.77 -17.55
C ASP H 673 23.78 -126.60 -18.30
N GLY H 674 25.07 -126.30 -18.10
CA GLY H 674 26.19 -127.06 -18.69
C GLY H 674 26.34 -127.00 -20.21
N TRP H 675 25.61 -126.07 -20.84
CA TRP H 675 25.56 -125.93 -22.30
C TRP H 675 26.78 -125.15 -22.84
N GLU H 676 27.14 -125.41 -24.09
CA GLU H 676 28.28 -124.78 -24.76
C GLU H 676 28.01 -124.87 -26.28
N PRO H 677 28.51 -123.92 -27.11
CA PRO H 677 28.29 -124.12 -28.54
C PRO H 677 29.28 -125.15 -29.08
N SER H 678 28.74 -126.23 -29.63
CA SER H 678 29.52 -127.20 -30.40
C SER H 678 29.26 -126.95 -31.92
N PRO H 679 30.10 -127.53 -32.82
CA PRO H 679 29.88 -127.31 -34.26
C PRO H 679 28.55 -127.88 -34.84
N ASN H 680 28.11 -127.29 -35.95
CA ASN H 680 26.87 -127.67 -36.68
C ASN H 680 25.69 -127.93 -35.72
N SER H 681 25.44 -127.04 -34.76
CA SER H 681 24.32 -127.25 -33.82
C SER H 681 23.50 -126.02 -33.49
N THR H 682 22.36 -126.28 -32.85
CA THR H 682 21.53 -125.24 -32.26
C THR H 682 22.40 -124.30 -31.43
N VAL H 683 22.04 -123.01 -31.47
CA VAL H 683 22.76 -121.96 -30.74
C VAL H 683 21.81 -121.30 -29.79
N SER H 684 22.34 -120.84 -28.64
CA SER H 684 21.52 -120.29 -27.56
C SER H 684 21.62 -118.77 -27.44
N PHE H 685 20.44 -118.15 -27.36
CA PHE H 685 20.31 -116.73 -27.17
C PHE H 685 19.06 -116.43 -26.37
N GLY H 686 19.04 -115.28 -25.70
CA GLY H 686 17.92 -114.88 -24.84
C GLY H 686 16.77 -114.31 -25.64
N LEU H 687 15.55 -114.35 -25.08
CA LEU H 687 14.34 -113.84 -25.76
C LEU H 687 14.04 -112.40 -25.43
N GLY H 688 14.88 -111.78 -24.61
CA GLY H 688 14.68 -110.39 -24.24
C GLY H 688 15.75 -109.57 -24.93
N THR H 689 16.93 -109.56 -24.34
CA THR H 689 18.00 -108.75 -24.88
C THR H 689 18.35 -109.15 -26.32
N ASP H 690 18.93 -110.34 -26.45
CA ASP H 690 19.45 -110.89 -27.72
C ASP H 690 18.44 -110.92 -28.85
N TRP H 691 17.31 -111.58 -28.63
CA TRP H 691 16.23 -111.64 -29.61
C TRP H 691 15.66 -110.28 -29.99
N SER H 692 15.48 -109.38 -29.04
CA SER H 692 14.93 -108.01 -29.36
C SER H 692 15.82 -107.33 -30.40
N GLY H 693 17.13 -107.51 -30.27
CA GLY H 693 18.11 -107.00 -31.25
C GLY H 693 18.05 -107.67 -32.61
N LEU H 694 17.94 -109.00 -32.64
CA LEU H 694 17.85 -109.75 -33.90
C LEU H 694 16.59 -109.41 -34.67
N ALA H 695 15.47 -109.39 -33.95
CA ALA H 695 14.15 -109.15 -34.53
C ALA H 695 14.04 -107.76 -35.13
N ALA H 696 14.72 -106.79 -34.52
CA ALA H 696 14.66 -105.44 -35.01
C ALA H 696 15.36 -105.39 -36.36
N GLY H 697 16.53 -105.99 -36.40
CA GLY H 697 17.31 -106.14 -37.63
C GLY H 697 16.57 -106.86 -38.74
N TRP H 698 15.86 -107.95 -38.38
CA TRP H 698 15.06 -108.70 -39.37
C TRP H 698 13.89 -107.88 -39.86
N LEU H 699 13.17 -107.25 -38.93
CA LEU H 699 12.02 -106.46 -39.31
C LEU H 699 12.40 -105.31 -40.24
N ILE H 700 13.55 -104.68 -40.00
CA ILE H 700 14.07 -103.58 -40.85
C ILE H 700 14.36 -104.05 -42.30
N GLU H 701 15.08 -105.17 -42.49
CA GLU H 701 15.32 -105.69 -43.84
C GLU H 701 14.03 -106.00 -44.55
N TRP H 702 13.07 -106.55 -43.83
CA TRP H 702 11.75 -106.83 -44.40
C TRP H 702 11.06 -105.52 -44.86
N GLU H 703 10.90 -104.56 -43.96
CA GLU H 703 10.35 -103.25 -44.30
C GLU H 703 11.01 -102.57 -45.51
N ARG H 704 12.34 -102.67 -45.57
CA ARG H 704 13.15 -102.12 -46.67
C ARG H 704 13.04 -102.87 -48.02
N ARG H 705 12.60 -104.13 -47.97
CA ARG H 705 12.68 -105.07 -49.11
C ARG H 705 14.10 -105.14 -49.70
N GLY H 706 15.08 -105.25 -48.81
CA GLY H 706 16.47 -105.45 -49.19
C GLY H 706 16.77 -106.85 -49.72
N PRO H 707 18.04 -107.08 -50.13
CA PRO H 707 18.45 -108.35 -50.74
C PRO H 707 18.10 -109.57 -49.93
N ARG H 708 18.03 -109.42 -48.60
CA ARG H 708 17.76 -110.53 -47.69
C ARG H 708 16.39 -110.47 -47.00
N TRP H 709 15.44 -109.79 -47.64
CA TRP H 709 14.14 -109.55 -47.01
C TRP H 709 13.34 -110.82 -46.77
N GLU H 710 13.40 -111.78 -47.70
CA GLU H 710 12.59 -112.99 -47.55
C GLU H 710 13.14 -113.82 -46.39
N GLU H 711 14.47 -113.87 -46.28
CA GLU H 711 15.18 -114.51 -45.13
C GLU H 711 14.77 -113.90 -43.80
N ALA H 712 14.74 -112.58 -43.80
CA ALA H 712 14.40 -111.82 -42.64
C ALA H 712 12.94 -112.02 -42.25
N LYS H 713 12.02 -111.91 -43.20
CA LYS H 713 10.62 -112.22 -42.96
C LYS H 713 10.47 -113.62 -42.31
N THR H 714 11.25 -114.56 -42.83
CA THR H 714 11.17 -115.94 -42.38
C THR H 714 11.75 -116.05 -40.96
N LYS H 715 12.95 -115.49 -40.74
CA LYS H 715 13.56 -115.58 -39.39
C LYS H 715 12.70 -114.89 -38.33
N LEU H 716 12.17 -113.72 -38.63
CA LEU H 716 11.29 -113.03 -37.68
C LEU H 716 10.07 -113.87 -37.39
N THR H 717 9.34 -114.27 -38.43
CA THR H 717 8.10 -115.07 -38.22
C THR H 717 8.36 -116.41 -37.46
N ASN H 718 9.37 -117.17 -37.88
CA ASN H 718 9.63 -118.43 -37.21
C ASN H 718 9.93 -118.27 -35.71
N THR H 719 10.87 -117.36 -35.39
CA THR H 719 11.30 -117.17 -34.00
C THR H 719 10.16 -116.58 -33.17
N ILE H 720 9.32 -115.71 -33.75
CA ILE H 720 8.08 -115.33 -33.07
C ILE H 720 7.21 -116.56 -32.80
N ALA H 721 7.02 -117.41 -33.83
CA ALA H 721 6.23 -118.65 -33.68
C ALA H 721 6.81 -119.51 -32.55
N GLY H 722 8.11 -119.76 -32.58
CA GLY H 722 8.81 -120.54 -31.56
C GLY H 722 8.59 -120.06 -30.12
N ILE H 723 8.72 -118.75 -29.94
CA ILE H 723 8.46 -118.13 -28.65
C ILE H 723 7.02 -118.43 -28.23
N ALA H 724 6.07 -118.33 -29.14
CA ALA H 724 4.67 -118.60 -28.82
C ALA H 724 4.42 -120.09 -28.53
N ASN H 725 5.29 -120.97 -29.03
CA ASN H 725 5.19 -122.43 -28.80
C ASN H 725 5.96 -122.91 -27.59
N LEU H 726 6.70 -122.03 -26.93
CA LEU H 726 7.24 -122.30 -25.60
C LEU H 726 6.08 -122.17 -24.57
N THR H 727 5.94 -123.14 -23.63
CA THR H 727 4.73 -123.15 -22.79
C THR H 727 4.70 -121.87 -21.94
N ASN H 728 5.85 -121.46 -21.41
CA ASN H 728 5.93 -120.20 -20.64
C ASN H 728 6.11 -118.91 -21.47
N GLY H 729 6.64 -119.05 -22.68
CA GLY H 729 6.60 -117.97 -23.65
C GLY H 729 7.82 -117.12 -23.46
N PHE H 730 7.63 -115.82 -23.29
CA PHE H 730 8.75 -114.94 -23.01
C PHE H 730 9.38 -115.31 -21.66
N VAL H 731 8.54 -115.76 -20.74
CA VAL H 731 9.02 -116.05 -19.39
C VAL H 731 10.14 -117.13 -19.37
N THR H 732 10.30 -117.88 -20.45
CA THR H 732 11.36 -118.91 -20.46
C THR H 732 12.75 -118.29 -20.68
N GLY H 733 12.80 -117.02 -21.12
CA GLY H 733 14.07 -116.26 -21.17
C GLY H 733 15.17 -116.72 -22.12
N SER H 734 14.99 -117.87 -22.76
CA SER H 734 16.05 -118.47 -23.55
C SER H 734 15.42 -119.44 -24.56
N GLY H 735 16.28 -119.98 -25.41
CA GLY H 735 15.84 -120.75 -26.54
C GLY H 735 17.04 -121.27 -27.27
N LEU H 736 16.81 -122.38 -27.98
CA LEU H 736 17.78 -122.94 -28.90
C LEU H 736 17.23 -122.72 -30.30
N TYR H 737 18.10 -122.22 -31.16
CA TYR H 737 17.71 -121.74 -32.47
C TYR H 737 18.59 -122.47 -33.48
N ASP H 738 17.93 -123.01 -34.52
CA ASP H 738 18.62 -123.80 -35.53
C ASP H 738 19.17 -122.90 -36.67
N PRO H 739 20.50 -122.90 -36.89
CA PRO H 739 20.98 -121.99 -37.97
C PRO H 739 20.54 -122.30 -39.41
N VAL H 740 19.96 -123.49 -39.69
CA VAL H 740 19.66 -123.92 -41.07
C VAL H 740 18.16 -123.93 -41.34
N THR H 741 17.38 -124.38 -40.38
CA THR H 741 15.91 -124.30 -40.46
C THR H 741 15.35 -123.01 -39.93
N TRP H 742 16.15 -122.26 -39.17
CA TRP H 742 15.75 -120.94 -38.63
C TRP H 742 14.53 -121.03 -37.71
N THR H 743 14.49 -122.06 -36.90
CA THR H 743 13.41 -122.22 -35.95
C THR H 743 13.99 -122.04 -34.58
N LEU H 744 13.07 -121.90 -33.63
CA LEU H 744 13.39 -121.69 -32.24
C LEU H 744 12.67 -122.68 -31.30
N GLY H 745 13.47 -123.51 -30.63
CA GLY H 745 12.98 -124.45 -29.61
C GLY H 745 13.27 -124.00 -28.17
N PRO H 746 12.91 -124.85 -27.19
CA PRO H 746 13.16 -124.52 -25.77
C PRO H 746 14.63 -124.65 -25.36
N PRO H 747 14.98 -124.22 -24.12
CA PRO H 747 16.38 -124.21 -23.68
C PRO H 747 16.96 -125.58 -23.42
N PRO H 748 18.29 -125.66 -23.24
CA PRO H 748 18.92 -126.98 -23.06
C PRO H 748 18.47 -127.79 -21.81
N SER H 749 18.12 -127.09 -20.73
CA SER H 749 17.58 -127.71 -19.50
C SER H 749 16.06 -128.06 -19.55
N ASP H 750 15.37 -127.72 -20.64
CA ASP H 750 13.95 -128.05 -20.82
C ASP H 750 13.65 -128.52 -22.25
N PRO H 751 14.27 -129.65 -22.70
CA PRO H 751 13.76 -130.22 -23.96
C PRO H 751 12.36 -130.71 -23.67
N GLY H 752 11.55 -130.85 -24.69
CA GLY H 752 10.20 -131.31 -24.44
C GLY H 752 9.34 -130.29 -23.75
N ASN H 753 9.81 -129.04 -23.71
CA ASN H 753 8.93 -127.89 -23.50
C ASN H 753 7.89 -128.05 -22.38
N ARG H 754 8.39 -128.59 -21.26
CA ARG H 754 7.67 -128.80 -19.99
C ARG H 754 7.23 -127.47 -19.31
N GLY H 755 8.07 -126.44 -19.45
CA GLY H 755 7.93 -125.17 -18.72
C GLY H 755 9.26 -124.81 -18.07
N ASN H 756 9.72 -123.59 -18.31
CA ASN H 756 10.96 -123.10 -17.71
C ASN H 756 10.75 -121.67 -17.26
N VAL H 757 11.28 -121.28 -16.11
CA VAL H 757 11.17 -119.87 -15.65
C VAL H 757 12.52 -119.28 -15.37
N SER H 758 12.85 -118.25 -16.12
CA SER H 758 14.08 -117.49 -15.97
C SER H 758 13.87 -116.04 -16.43
N ILE H 759 13.69 -115.15 -15.47
CA ILE H 759 13.50 -113.72 -15.70
C ILE H 759 14.82 -112.95 -15.66
N SER H 760 14.86 -111.83 -16.37
CA SER H 760 15.94 -110.85 -16.20
C SER H 760 15.42 -109.43 -16.25
N HIS H 761 15.94 -108.61 -15.33
CA HIS H 761 15.62 -107.18 -15.27
C HIS H 761 16.04 -106.49 -16.59
N LEU H 762 17.09 -107.00 -17.22
CA LEU H 762 17.54 -106.49 -18.51
C LEU H 762 16.65 -106.77 -19.75
N ASN H 763 15.82 -107.82 -19.74
CA ASN H 763 15.16 -108.29 -20.98
C ASN H 763 14.37 -107.29 -21.77
N ALA H 764 13.69 -106.37 -21.10
CA ALA H 764 12.69 -105.53 -21.78
C ALA H 764 13.12 -104.08 -22.11
N VAL H 765 14.34 -103.74 -21.72
CA VAL H 765 14.77 -102.35 -21.70
C VAL H 765 15.68 -101.94 -22.86
N PHE H 766 16.19 -102.92 -23.61
CA PHE H 766 17.02 -102.66 -24.77
C PHE H 766 16.22 -102.86 -26.06
N GLY H 767 15.01 -102.31 -26.12
CA GLY H 767 14.26 -102.30 -27.36
C GLY H 767 13.11 -103.28 -27.49
N LEU H 768 13.03 -104.28 -26.62
CA LEU H 768 11.96 -105.32 -26.73
C LEU H 768 10.50 -104.87 -27.02
N PRO H 769 9.86 -104.06 -26.15
CA PRO H 769 8.52 -103.56 -26.46
C PRO H 769 8.38 -102.70 -27.72
N GLU H 770 9.39 -101.93 -28.07
CA GLU H 770 9.34 -101.14 -29.30
C GLU H 770 9.34 -102.09 -30.54
N VAL H 771 10.24 -103.09 -30.55
CA VAL H 771 10.37 -104.04 -31.69
C VAL H 771 9.11 -104.91 -31.83
N VAL H 772 8.68 -105.48 -30.71
CA VAL H 772 7.49 -106.33 -30.62
C VAL H 772 6.20 -105.59 -30.99
N SER H 773 6.04 -104.36 -30.54
CA SER H 773 4.86 -103.54 -30.93
C SER H 773 4.77 -103.31 -32.46
N GLU H 774 5.92 -103.04 -33.08
CA GLU H 774 6.01 -102.75 -34.53
C GLU H 774 5.82 -104.11 -35.27
N ALA H 775 6.40 -105.17 -34.71
CA ALA H 775 6.33 -106.49 -35.32
C ALA H 775 4.93 -107.08 -35.29
N ILE H 776 4.24 -106.95 -34.18
CA ILE H 776 2.86 -107.37 -34.10
C ILE H 776 2.05 -106.62 -35.17
N ALA H 777 2.27 -105.33 -35.33
CA ALA H 777 1.44 -104.52 -36.23
C ALA H 777 1.71 -104.88 -37.71
N TYR H 778 2.96 -105.23 -37.98
CA TYR H 778 3.45 -105.53 -39.30
C TYR H 778 2.96 -106.87 -39.77
N LEU H 779 2.91 -107.84 -38.86
CA LEU H 779 2.44 -109.19 -39.18
C LEU H 779 0.91 -109.29 -39.31
N ALA H 780 0.19 -108.30 -38.74
CA ALA H 780 -1.29 -108.19 -38.87
C ALA H 780 -2.02 -109.56 -38.64
N ASP H 781 -2.95 -109.92 -39.52
CA ASP H 781 -3.61 -111.25 -39.44
C ASP H 781 -2.73 -112.48 -39.75
N ASP H 782 -1.51 -112.29 -40.24
CA ASP H 782 -0.54 -113.41 -40.35
C ASP H 782 0.25 -113.74 -39.07
N ILE H 783 0.03 -113.03 -37.98
CA ILE H 783 0.76 -113.30 -36.73
C ILE H 783 0.47 -114.70 -36.16
N PRO H 784 1.53 -115.44 -35.71
CA PRO H 784 1.24 -116.76 -35.10
C PRO H 784 0.17 -116.75 -33.95
N LYS H 785 -0.69 -117.76 -33.87
CA LYS H 785 -1.76 -117.81 -32.82
C LYS H 785 -1.13 -117.73 -31.41
N GLY H 786 -1.64 -116.81 -30.59
CA GLY H 786 -1.17 -116.62 -29.22
C GLY H 786 0.26 -116.15 -28.97
N PHE H 787 0.85 -115.38 -29.90
CA PHE H 787 2.10 -114.64 -29.63
C PHE H 787 1.80 -113.31 -28.92
N LYS H 788 0.77 -112.61 -29.37
CA LYS H 788 0.32 -111.43 -28.70
C LYS H 788 -0.01 -111.68 -27.23
N GLN H 789 -0.69 -112.79 -26.94
CA GLN H 789 -0.98 -113.12 -25.53
C GLN H 789 0.31 -113.42 -24.76
N ALA H 790 1.24 -114.17 -25.34
CA ALA H 790 2.53 -114.40 -24.65
C ALA H 790 3.28 -113.10 -24.26
N TRP H 791 3.07 -112.04 -25.04
CA TRP H 791 3.72 -110.78 -24.80
C TRP H 791 3.03 -110.08 -23.64
N LEU H 792 1.71 -109.92 -23.78
CA LEU H 792 0.87 -109.32 -22.74
C LEU H 792 1.12 -110.06 -21.44
N ASP H 793 1.37 -111.37 -21.55
CA ASP H 793 1.74 -112.15 -20.40
C ASP H 793 2.97 -111.53 -19.71
N TYR H 794 4.09 -111.32 -20.42
CA TYR H 794 5.30 -110.80 -19.78
C TYR H 794 5.01 -109.41 -19.26
N CYS H 795 4.17 -108.65 -19.97
CA CYS H 795 3.83 -107.30 -19.54
C CYS H 795 3.06 -107.32 -18.27
N TYR H 796 2.03 -108.14 -18.20
CA TYR H 796 1.22 -108.27 -16.97
C TYR H 796 2.05 -108.83 -15.81
N TYR H 797 2.51 -110.05 -15.92
CA TYR H 797 3.07 -110.75 -14.77
C TYR H 797 4.45 -110.24 -14.33
N TYR H 798 5.02 -109.23 -15.00
CA TYR H 798 6.38 -108.79 -14.65
C TYR H 798 6.49 -108.30 -13.19
N HIS H 799 5.58 -107.39 -12.83
CA HIS H 799 5.46 -106.86 -11.49
C HIS H 799 4.03 -107.03 -11.02
N ALA H 800 3.53 -108.23 -11.19
CA ALA H 800 2.29 -108.63 -10.52
C ALA H 800 2.70 -109.14 -9.16
N SER H 801 1.71 -109.50 -8.34
CA SER H 801 2.00 -110.01 -7.01
C SER H 801 2.70 -111.35 -7.20
N ALA H 802 3.71 -111.61 -6.36
CA ALA H 802 4.34 -112.92 -6.25
C ALA H 802 3.35 -114.08 -6.05
N SER H 803 2.14 -113.77 -5.59
CA SER H 803 1.00 -114.70 -5.59
C SER H 803 0.60 -115.10 -7.03
N GLU H 804 0.17 -114.11 -7.84
CA GLU H 804 -0.21 -114.35 -9.26
C GLU H 804 0.89 -115.00 -10.10
N GLN H 805 2.14 -114.61 -9.88
CA GLN H 805 3.27 -115.21 -10.58
C GLN H 805 3.38 -116.71 -10.32
N LYS H 806 3.14 -117.13 -9.08
CA LYS H 806 3.13 -118.55 -8.72
C LYS H 806 1.95 -119.27 -9.38
N ASP H 807 0.73 -118.73 -9.25
CA ASP H 807 -0.48 -119.41 -9.73
C ASP H 807 -0.61 -119.51 -11.29
N ARG H 808 0.28 -118.83 -12.03
CA ARG H 808 0.36 -118.86 -13.50
C ARG H 808 1.52 -119.65 -14.03
N TYR H 809 2.67 -119.58 -13.36
CA TYR H 809 3.92 -120.20 -13.84
C TYR H 809 4.55 -121.26 -12.89
N GLY H 810 3.98 -121.40 -11.67
CA GLY H 810 4.41 -122.41 -10.68
C GLY H 810 5.64 -122.04 -9.86
N VAL H 811 5.95 -120.75 -9.85
CA VAL H 811 6.97 -120.19 -8.98
C VAL H 811 6.80 -118.67 -9.08
N SER H 812 7.28 -117.91 -8.10
CA SER H 812 7.34 -116.46 -8.24
C SER H 812 8.72 -116.06 -8.82
N PHE H 813 8.84 -114.79 -9.27
CA PHE H 813 10.07 -114.30 -9.96
C PHE H 813 11.09 -113.71 -8.98
N SER H 814 12.34 -114.16 -9.06
CA SER H 814 13.43 -113.74 -8.12
C SER H 814 14.10 -112.37 -8.43
N LYS H 815 14.72 -112.26 -9.60
CA LYS H 815 15.56 -111.10 -9.91
C LYS H 815 14.86 -109.78 -10.27
N ILE H 816 13.53 -109.75 -10.15
CA ILE H 816 12.71 -108.55 -10.43
C ILE H 816 13.27 -107.19 -9.92
N SER H 817 13.50 -106.25 -10.84
CA SER H 817 13.86 -104.86 -10.52
C SER H 817 13.63 -103.96 -11.76
N LEU H 818 14.20 -102.74 -11.77
CA LEU H 818 13.89 -101.72 -12.79
C LEU H 818 12.38 -101.57 -13.00
N LEU H 819 11.68 -101.40 -11.89
CA LEU H 819 10.24 -101.36 -11.88
C LEU H 819 9.68 -100.11 -12.54
N GLN H 820 10.40 -98.99 -12.48
CA GLN H 820 9.95 -97.75 -13.13
C GLN H 820 10.04 -97.89 -14.65
N ALA H 821 11.18 -98.40 -15.08
CA ALA H 821 11.41 -98.79 -16.49
C ALA H 821 10.31 -99.68 -17.05
N HIS H 822 9.97 -100.74 -16.32
CA HIS H 822 8.96 -101.66 -16.80
C HIS H 822 7.55 -101.16 -16.61
N SER H 823 7.35 -100.04 -15.92
CA SER H 823 5.99 -99.50 -15.87
C SER H 823 5.37 -99.43 -17.28
N ARG H 824 6.18 -99.04 -18.27
CA ARG H 824 5.72 -98.89 -19.68
C ARG H 824 5.24 -100.18 -20.35
N LEU H 825 5.68 -101.33 -19.86
CA LEU H 825 5.09 -102.62 -20.31
C LEU H 825 3.66 -102.74 -19.83
N ALA H 826 3.42 -102.39 -18.56
CA ALA H 826 2.05 -102.37 -17.99
C ALA H 826 1.14 -101.39 -18.73
N ALA H 827 1.72 -100.29 -19.19
CA ALA H 827 0.98 -99.25 -19.90
C ALA H 827 0.49 -99.73 -21.26
N TYR H 828 1.35 -100.49 -21.93
CA TYR H 828 1.03 -101.03 -23.25
C TYR H 828 -0.13 -102.03 -23.12
N ALA H 829 0.05 -103.00 -22.23
CA ALA H 829 -0.94 -104.05 -21.99
C ALA H 829 -2.28 -103.52 -21.50
N ALA H 830 -2.27 -102.40 -20.78
CA ALA H 830 -3.50 -101.83 -20.27
C ALA H 830 -4.30 -101.16 -21.38
N TYR H 831 -3.61 -100.50 -22.31
CA TYR H 831 -4.25 -99.90 -23.50
C TYR H 831 -4.79 -100.98 -24.43
N GLU H 832 -4.01 -102.03 -24.67
CA GLU H 832 -4.41 -103.14 -25.54
C GLU H 832 -5.52 -104.01 -24.93
N THR H 833 -5.54 -104.21 -23.59
CA THR H 833 -6.63 -104.95 -22.88
C THR H 833 -7.77 -104.04 -22.29
N LYS H 834 -7.71 -102.72 -22.52
CA LYS H 834 -8.69 -101.70 -22.01
C LYS H 834 -9.05 -101.90 -20.52
N ASN H 835 -8.04 -101.74 -19.68
CA ASN H 835 -7.98 -102.26 -18.29
C ASN H 835 -7.50 -101.16 -17.28
N LYS H 836 -8.46 -100.34 -16.79
CA LYS H 836 -8.22 -99.24 -15.85
C LYS H 836 -7.31 -99.61 -14.67
N THR H 837 -7.45 -100.84 -14.15
CA THR H 837 -6.67 -101.30 -12.99
C THR H 837 -5.16 -101.34 -13.23
N LEU H 838 -4.76 -101.87 -14.40
CA LEU H 838 -3.34 -102.04 -14.77
C LEU H 838 -2.69 -100.69 -15.13
N ALA H 839 -3.47 -99.78 -15.71
CA ALA H 839 -3.01 -98.41 -15.96
C ALA H 839 -2.53 -97.78 -14.65
N LEU H 840 -3.33 -97.94 -13.59
CA LEU H 840 -3.03 -97.42 -12.29
C LEU H 840 -1.73 -98.07 -11.76
N ARG H 841 -1.58 -99.37 -11.96
CA ARG H 841 -0.35 -100.07 -11.55
C ARG H 841 0.90 -99.62 -12.34
N ALA H 842 0.70 -99.26 -13.60
CA ALA H 842 1.75 -98.64 -14.40
C ALA H 842 2.19 -97.33 -13.77
N TRP H 843 1.23 -96.42 -13.57
CA TRP H 843 1.54 -95.13 -12.98
C TRP H 843 2.06 -95.24 -11.53
N LYS H 844 1.65 -96.27 -10.78
CA LYS H 844 2.15 -96.47 -9.40
C LYS H 844 3.61 -96.96 -9.40
N ASP H 845 3.95 -97.83 -10.34
CA ASP H 845 5.33 -98.22 -10.56
C ASP H 845 6.16 -97.04 -11.06
N PHE H 846 5.58 -96.19 -11.89
CA PHE H 846 6.30 -95.04 -12.37
C PHE H 846 6.67 -94.07 -11.23
N TYR H 847 5.66 -93.46 -10.61
CA TYR H 847 5.85 -92.48 -9.52
C TYR H 847 6.29 -93.02 -8.14
N ALA H 848 6.26 -94.31 -7.91
CA ALA H 848 6.37 -94.79 -6.54
C ALA H 848 7.07 -96.11 -6.47
N SER H 849 8.20 -96.25 -7.16
CA SER H 849 9.05 -97.45 -7.00
C SER H 849 10.56 -97.11 -6.97
N ASP H 850 11.24 -97.13 -8.12
CA ASP H 850 12.69 -96.97 -8.16
C ASP H 850 13.00 -96.04 -9.32
N GLY H 851 14.25 -96.01 -9.77
CA GLY H 851 14.65 -95.07 -10.79
C GLY H 851 14.58 -93.67 -10.20
N LEU H 852 13.70 -92.82 -10.75
CA LEU H 852 13.69 -91.41 -10.41
C LEU H 852 12.35 -91.06 -9.81
N LEU H 853 12.32 -90.94 -8.49
CA LEU H 853 11.06 -90.67 -7.79
C LEU H 853 10.67 -89.21 -8.08
N PRO H 854 9.40 -88.86 -7.91
CA PRO H 854 8.96 -87.49 -8.26
C PRO H 854 9.35 -86.42 -7.23
N ASP H 855 9.95 -86.83 -6.12
CA ASP H 855 10.44 -85.91 -5.08
C ASP H 855 11.91 -86.23 -4.80
N ALA H 856 12.63 -86.71 -5.83
CA ALA H 856 14.08 -86.64 -5.86
C ALA H 856 14.46 -85.14 -6.09
N PRO H 857 15.74 -84.77 -5.97
CA PRO H 857 16.07 -83.34 -5.97
C PRO H 857 15.62 -82.50 -7.19
N TRP H 858 15.74 -83.08 -8.40
CA TRP H 858 15.37 -82.43 -9.68
C TRP H 858 15.95 -81.06 -9.87
N ASN H 859 17.25 -80.97 -9.59
CA ASN H 859 18.02 -79.74 -9.76
C ASN H 859 19.50 -80.08 -9.96
N ILE H 860 20.24 -79.09 -10.45
CA ILE H 860 21.68 -79.22 -10.61
C ILE H 860 22.31 -78.44 -9.48
N THR H 861 23.48 -78.89 -9.03
CA THR H 861 24.32 -78.20 -8.07
C THR H 861 25.58 -77.76 -8.83
N HIS H 862 26.14 -76.59 -8.53
CA HIS H 862 27.38 -76.12 -9.18
C HIS H 862 28.52 -76.33 -8.21
N VAL H 863 29.66 -76.76 -8.75
CA VAL H 863 30.84 -77.13 -7.97
C VAL H 863 32.03 -76.46 -8.62
N ASP H 864 32.86 -75.85 -7.80
CA ASP H 864 33.97 -75.07 -8.29
C ASP H 864 35.11 -75.05 -7.28
N GLY H 865 36.06 -74.15 -7.45
CA GLY H 865 37.12 -73.97 -6.49
C GLY H 865 38.05 -75.15 -6.55
N SER H 866 38.69 -75.46 -5.43
CA SER H 866 39.74 -76.49 -5.40
C SER H 866 39.23 -77.92 -5.33
N ASP H 867 37.91 -78.14 -5.35
CA ASP H 867 37.37 -79.52 -5.43
C ASP H 867 37.55 -80.21 -6.81
N VAL H 868 37.58 -79.41 -7.88
CA VAL H 868 37.55 -79.93 -9.21
C VAL H 868 38.45 -79.17 -10.19
N LEU H 869 38.79 -79.84 -11.28
CA LEU H 869 39.73 -79.32 -12.24
C LEU H 869 39.16 -78.06 -12.85
N VAL H 870 37.91 -78.15 -13.25
CA VAL H 870 37.22 -77.05 -13.85
C VAL H 870 35.84 -76.99 -13.29
N PRO H 871 35.22 -75.82 -13.31
CA PRO H 871 33.85 -75.76 -12.75
C PRO H 871 32.79 -76.60 -13.53
N VAL H 872 31.97 -77.32 -12.79
CA VAL H 872 30.97 -78.20 -13.40
C VAL H 872 29.64 -78.22 -12.68
N ASP H 873 28.57 -78.44 -13.45
CA ASP H 873 27.26 -78.72 -12.92
C ASP H 873 27.18 -80.23 -12.75
N GLU H 874 26.45 -80.62 -11.69
CA GLU H 874 26.22 -82.02 -11.35
C GLU H 874 24.79 -82.30 -10.88
N ALA H 875 24.42 -83.56 -11.06
CA ALA H 875 23.17 -84.13 -10.58
C ALA H 875 23.52 -85.52 -10.14
N ALA H 876 24.13 -85.61 -8.95
CA ALA H 876 24.71 -86.86 -8.42
C ALA H 876 23.65 -87.90 -8.09
N TRP H 877 22.44 -87.43 -7.85
CA TRP H 877 21.23 -88.23 -7.61
C TRP H 877 20.66 -89.02 -8.82
N LEU H 878 21.30 -88.89 -9.99
CA LEU H 878 20.92 -89.68 -11.16
C LEU H 878 22.11 -90.30 -11.83
N ALA H 879 21.77 -91.26 -12.66
CA ALA H 879 22.70 -91.90 -13.55
C ALA H 879 21.96 -92.12 -14.89
N THR H 880 22.72 -92.52 -15.91
CA THR H 880 22.20 -92.51 -17.26
C THR H 880 21.06 -93.53 -17.41
N ASN H 881 21.18 -94.67 -16.74
CA ASN H 881 20.12 -95.69 -16.74
C ASN H 881 18.81 -95.13 -16.23
N ASP H 882 18.90 -94.30 -15.21
CA ASP H 882 17.73 -93.71 -14.57
C ASP H 882 17.02 -92.80 -15.60
N ILE H 883 17.75 -91.87 -16.22
CA ILE H 883 17.16 -90.87 -17.18
C ILE H 883 16.62 -91.45 -18.49
N ALA H 884 17.29 -92.47 -19.01
CA ALA H 884 16.90 -93.14 -20.24
C ALA H 884 15.57 -93.81 -20.04
N GLN H 885 15.55 -94.74 -19.10
CA GLN H 885 14.32 -95.43 -18.75
C GLN H 885 13.25 -94.50 -18.15
N TYR H 886 13.63 -93.51 -17.33
CA TYR H 886 12.66 -92.48 -16.92
C TYR H 886 12.01 -91.86 -18.12
N GLY H 887 12.80 -91.47 -19.11
CA GLY H 887 12.28 -90.76 -20.30
C GLY H 887 11.37 -91.60 -21.18
N LEU H 888 11.80 -92.82 -21.46
CA LEU H 888 10.97 -93.77 -22.19
C LEU H 888 9.65 -93.99 -21.49
N ALA H 889 9.69 -94.13 -20.16
CA ALA H 889 8.47 -94.29 -19.34
C ALA H 889 7.49 -93.13 -19.46
N VAL H 890 7.98 -91.90 -19.25
CA VAL H 890 7.18 -90.69 -19.48
C VAL H 890 6.51 -90.77 -20.86
N ILE H 891 7.34 -91.00 -21.86
CA ILE H 891 6.92 -90.95 -23.24
C ILE H 891 5.88 -92.06 -23.52
N GLN H 892 6.18 -93.27 -23.06
CA GLN H 892 5.32 -94.39 -23.34
C GLN H 892 4.03 -94.41 -22.48
N ASN H 893 4.17 -94.14 -21.19
CA ASN H 893 3.02 -94.12 -20.29
C ASN H 893 2.03 -93.02 -20.71
N LEU H 894 2.51 -91.83 -21.07
CA LEU H 894 1.62 -90.78 -21.62
C LEU H 894 0.92 -91.21 -22.90
N ALA H 895 1.65 -91.87 -23.77
CA ALA H 895 1.13 -92.23 -25.08
C ALA H 895 -0.02 -93.22 -24.94
N TYR H 896 0.20 -94.20 -24.07
CA TYR H 896 -0.73 -95.29 -23.87
C TYR H 896 -1.86 -95.04 -22.84
N VAL H 897 -1.51 -94.45 -21.69
CA VAL H 897 -2.41 -94.33 -20.52
C VAL H 897 -2.50 -92.93 -19.87
N SER H 898 -2.58 -91.88 -20.69
CA SER H 898 -2.73 -90.50 -20.17
C SER H 898 -4.14 -90.27 -19.61
N ASP H 899 -5.11 -91.06 -20.08
CA ASP H 899 -6.46 -91.00 -19.55
C ASP H 899 -6.46 -91.35 -18.07
N SER H 900 -5.66 -92.33 -17.68
CA SER H 900 -5.55 -92.70 -16.25
C SER H 900 -4.51 -91.89 -15.43
N LEU H 901 -4.06 -90.73 -15.90
CA LEU H 901 -3.10 -89.96 -15.10
C LEU H 901 -3.80 -89.15 -14.01
N ASP H 902 -4.87 -88.41 -14.35
CA ASP H 902 -5.63 -87.63 -13.34
C ASP H 902 -6.22 -88.58 -12.29
N ASP H 903 -6.75 -89.71 -12.77
CA ASP H 903 -7.31 -90.75 -11.90
C ASP H 903 -6.27 -91.28 -10.87
N TYR H 904 -5.02 -91.51 -11.30
CA TYR H 904 -3.94 -91.87 -10.35
C TYR H 904 -3.64 -90.77 -9.29
N GLN H 905 -3.66 -89.49 -9.69
CA GLN H 905 -3.16 -88.39 -8.83
C GLN H 905 -4.13 -88.04 -7.67
N SER H 906 -3.89 -88.69 -6.51
CA SER H 906 -4.70 -88.56 -5.28
C SER H 906 -4.28 -87.33 -4.40
C1 RAM I . -40.88 11.25 36.43
C2 RAM I . -41.33 12.37 35.51
C3 RAM I . -41.93 11.86 34.21
C4 RAM I . -43.06 10.87 34.47
C5 RAM I . -42.59 9.82 35.50
C6 RAM I . -43.74 8.98 35.99
O1 RAM I . -39.79 10.64 35.77
O2 RAM I . -42.28 13.18 36.24
O3 RAM I . -42.42 12.95 33.43
O4 RAM I . -43.44 10.42 33.17
O5 RAM I . -42.01 10.40 36.68
C1 GAD I . -41.92 14.27 36.98
C2 GAD I . -43.11 14.92 37.66
O2 GAD I . -43.55 14.05 38.67
C3 GAD I . -44.24 15.16 36.68
O3 GAD I . -45.21 15.94 37.37
C4 GAD I . -43.74 15.90 35.45
C5 GAD I . -42.47 15.77 35.05
C6 GAD I . -41.97 16.29 33.81
O6A GAD I . -42.72 16.84 32.98
O6B GAD I . -40.77 16.14 33.60
O5 GAD I . -41.51 15.05 35.84
C1 RAM J . 43.32 -13.81 35.08
C2 RAM J . 43.66 -14.91 34.09
C3 RAM J . 44.32 -14.38 32.82
C4 RAM J . 45.47 -13.42 33.07
C5 RAM J . 45.06 -12.40 34.12
C6 RAM J . 46.22 -11.54 34.57
O1 RAM J . 42.23 -13.02 34.60
O2 RAM J . 44.58 -15.85 34.69
O3 RAM J . 44.81 -15.49 32.07
O4 RAM J . 45.82 -12.86 31.81
O5 RAM J . 44.50 -13.06 35.26
C1 GAD J . 44.38 -17.04 35.31
C2 GAD J . 45.64 -17.66 35.90
O2 GAD J . 46.08 -16.82 36.94
C3 GAD J . 46.73 -17.79 34.84
O3 GAD J . 47.76 -18.57 35.43
C4 GAD J . 46.20 -18.41 33.55
C5 GAD J . 44.90 -18.35 33.23
C6 GAD J . 44.34 -18.78 31.98
O6A GAD J . 45.05 -19.03 30.97
O6B GAD J . 43.11 -18.84 31.95
O5 GAD J . 43.95 -17.74 34.14
C1 RAM K . -24.44 -40.78 15.40
C2 RAM K . -23.55 -42.00 15.40
C3 RAM K . -23.82 -42.95 16.54
C4 RAM K . -25.29 -43.29 16.61
C5 RAM K . -26.13 -42.03 16.59
C6 RAM K . -27.59 -42.39 16.45
O1 RAM K . -24.13 -39.90 16.47
O2 RAM K . -23.86 -42.74 14.21
O3 RAM K . -23.10 -44.17 16.38
O4 RAM K . -25.45 -44.00 17.83
O5 RAM K . -25.80 -41.23 15.46
C1 GAD K . -23.08 -43.07 13.16
C2 GAD K . -23.18 -43.80 11.85
O2 GAD K . -24.17 -43.18 11.03
C3 GAD K . -23.38 -45.28 12.18
O3 GAD K . -23.25 -46.09 11.03
C4 GAD K . -22.28 -45.73 13.09
C5 GAD K . -21.56 -44.86 13.85
C6 GAD K . -20.54 -45.29 14.79
O6A GAD K . -20.56 -46.46 15.25
O6B GAD K . -19.66 -44.47 15.15
O5 GAD K . -21.83 -43.43 13.74
C1 RAM L . 25.47 39.68 13.81
C2 RAM L . 24.59 40.91 13.93
C3 RAM L . 24.93 41.78 15.12
C4 RAM L . 26.43 42.05 15.18
C5 RAM L . 27.20 40.73 15.08
C6 RAM L . 28.68 40.95 15.08
O1 RAM L . 25.06 38.78 14.83
O2 RAM L . 24.73 41.68 12.71
O3 RAM L . 24.19 42.99 14.98
O4 RAM L . 26.79 42.78 16.36
O5 RAM L . 26.85 40.08 13.86
C1 GAD L . 23.72 42.11 11.95
C2 GAD L . 23.83 42.96 10.70
O2 GAD L . 24.76 42.30 9.86
C3 GAD L . 24.24 44.34 11.18
O3 GAD L . 24.36 45.29 10.16
C4 GAD L . 23.18 44.85 12.14
C5 GAD L . 22.46 43.97 12.88
C6 GAD L . 21.54 44.37 13.92
O6A GAD L . 21.60 45.53 14.36
O6B GAD L . 20.72 43.53 14.36
O5 GAD L . 22.59 42.55 12.68
C1 RAM M . 70.41 -51.31 -40.28
C2 RAM M . 69.43 -50.65 -39.35
C3 RAM M . 70.06 -50.20 -38.04
C4 RAM M . 71.32 -49.43 -38.34
C5 RAM M . 72.23 -50.18 -39.29
C6 RAM M . 73.41 -49.31 -39.61
O1 RAM M . 70.73 -52.51 -39.60
O2 RAM M . 68.88 -49.48 -40.00
O3 RAM M . 69.15 -49.31 -37.38
O4 RAM M . 71.97 -49.17 -37.11
O5 RAM M . 71.55 -50.48 -40.51
C1 GAD M . 67.58 -49.32 -40.30
C2 GAD M . 67.19 -47.98 -40.92
O2 GAD M . 68.06 -47.71 -41.99
C3 GAD M . 67.30 -46.86 -39.87
O3 GAD M . 66.82 -45.61 -40.39
C4 GAD M . 66.52 -47.28 -38.64
C5 GAD M . 66.38 -48.57 -38.28
C6 GAD M . 65.92 -48.94 -36.95
O6A GAD M . 65.79 -48.06 -36.07
O6B GAD M . 65.69 -50.16 -36.72
O5 GAD M . 66.75 -49.65 -39.19
C1 RAM N . -73.16 53.98 -33.65
C2 RAM N . -72.12 53.26 -32.77
C3 RAM N . -72.75 52.67 -31.50
C4 RAM N . -73.98 51.81 -31.83
C5 RAM N . -74.95 52.67 -32.62
C6 RAM N . -76.07 51.83 -33.19
O1 RAM N . -73.49 55.23 -33.05
O2 RAM N . -71.43 52.25 -33.57
O3 RAM N . -71.71 51.97 -30.79
O4 RAM N . -74.60 51.17 -30.67
O5 RAM N . -74.36 53.25 -33.79
C1 GAD N . -70.26 52.15 -34.30
C2 GAD N . -69.94 50.84 -35.04
O2 GAD N . -70.91 50.65 -36.06
C3 GAD N . -69.94 49.63 -34.09
O3 GAD N . -69.41 48.43 -34.69
C4 GAD N . -69.17 49.98 -32.82
C5 GAD N . -68.97 51.24 -32.37
C6 GAD N . -68.35 51.48 -31.06
O6A GAD N . -67.93 50.53 -30.37
O6B GAD N . -68.23 52.64 -30.63
O5 GAD N . -69.40 52.38 -33.16
C1 RAM O . -28.39 110.70 -9.72
C2 RAM O . -27.63 109.39 -10.00
C3 RAM O . -26.68 109.44 -11.19
C4 RAM O . -25.88 110.74 -11.21
C5 RAM O . -26.88 111.88 -11.29
C6 RAM O . -26.16 113.19 -11.10
O1 RAM O . -29.71 110.56 -10.26
O2 RAM O . -26.92 108.98 -8.82
O3 RAM O . -25.76 108.36 -11.16
O4 RAM O . -24.93 110.82 -12.29
O5 RAM O . -27.82 111.92 -10.23
C1 GAD O . -27.03 108.14 -7.75
C2 GAD O . -26.03 108.13 -6.57
O2 GAD O . -26.35 109.20 -5.66
C3 GAD O . -24.58 108.11 -7.07
O3 GAD O . -23.62 107.97 -6.01
C4 GAD O . -24.39 106.96 -8.03
C5 GAD O . -25.42 106.52 -8.79
C6 GAD O . -25.27 105.55 -9.85
O6A GAD O . -24.11 105.27 -10.26
O6B GAD O . -26.34 105.09 -10.29
O5 GAD O . -26.77 107.04 -8.66
C1 RAM P . 27.66 -109.52 -17.55
C2 RAM P . 26.67 -108.37 -17.72
C3 RAM P . 25.64 -108.57 -18.83
C4 RAM P . 24.97 -109.92 -18.67
C5 RAM P . 26.04 -111.00 -18.66
C6 RAM P . 25.36 -112.32 -18.32
O1 RAM P . 28.71 -109.34 -18.51
O2 RAM P . 25.98 -108.21 -16.50
O3 RAM P . 24.66 -107.52 -18.80
O4 RAM P . 24.05 -110.12 -19.76
O5 RAM P . 27.06 -110.81 -17.67
C1 GAD P . 26.18 -107.22 -15.59
C2 GAD P . 25.45 -107.33 -14.23
O2 GAD P . 25.88 -108.47 -13.47
C3 GAD P . 23.97 -107.37 -14.53
O3 GAD P . 23.22 -107.12 -13.36
C4 GAD P . 23.62 -106.27 -15.53
C5 GAD P . 24.55 -105.58 -16.24
C6 GAD P . 24.20 -104.52 -17.17
O6A GAD P . 23.05 -104.01 -17.16
O6B GAD P . 25.13 -104.15 -17.93
O5 GAD P . 25.95 -105.90 -16.09
CA CA Q . -30.45 17.64 24.97
CA CA R . 32.26 -19.55 23.94
CA CA S . -10.11 -41.05 24.21
CA CA T . 11.84 39.30 23.69
CA CA U . 62.44 -60.27 -28.59
CA CA V . -64.30 62.23 -21.99
CA CA W . -32.61 97.46 -19.83
CA CA X . 30.89 -95.66 -26.95
#